data_6XQJ
#
_entry.id   6XQJ
#
loop_
_entity.id
_entity.type
_entity.pdbx_description
1 polymer 'Protein Vpr,UV excision repair protein RAD23 homolog A'
2 non-polymer 'ZINC ION'
#
_entity_poly.entity_id   1
_entity_poly.type   'polypeptide(L)'
_entity_poly.pdbx_seq_one_letter_code
;MEQAPEDQGPQREPYNEWTLELLEELKSEAVRHFPRIWLHNLGQHIYETYGDTWAGVEAIIRILQQLLFIHFRIGCRHSG
GSGGSATEAAGENPLEFLRDQPQFQNMRQVIQQNPALLPALLQQLGQENPQLLQQISRHQEQFIQMLNEPPGELADISDV
EGEVGAIGEEAPQMNYIQVTPQEKEAIERLKALGFPESLVIQAYFACEKNENLAANFLLSQNFDDELEHHHHHH
;
_entity_poly.pdbx_strand_id   A
#
loop_
_chem_comp.id
_chem_comp.type
_chem_comp.name
_chem_comp.formula
ZN non-polymer 'ZINC ION' 'Zn 2'
#
# COMPACT_ATOMS: atom_id res chain seq x y z
N GLU A 13 23.10 -1.00 -10.78
CA GLU A 13 22.04 -1.98 -10.94
C GLU A 13 21.79 -2.73 -9.63
N PRO A 14 21.28 -2.04 -8.64
CA PRO A 14 20.99 -2.63 -7.31
C PRO A 14 19.79 -3.58 -7.35
N TYR A 15 18.78 -3.20 -8.12
CA TYR A 15 17.58 -4.01 -8.24
C TYR A 15 17.94 -5.50 -8.40
N ASN A 16 19.20 -5.76 -8.73
CA ASN A 16 19.65 -7.14 -8.91
C ASN A 16 19.93 -7.80 -7.57
N GLU A 17 21.04 -7.42 -6.93
CA GLU A 17 21.40 -7.98 -5.64
C GLU A 17 20.78 -7.16 -4.52
N TRP A 18 20.94 -5.85 -4.63
CA TRP A 18 20.41 -4.92 -3.63
C TRP A 18 18.95 -5.18 -3.32
N THR A 19 18.13 -5.25 -4.35
CA THR A 19 16.70 -5.47 -4.18
C THR A 19 16.43 -6.57 -3.14
N LEU A 20 17.37 -7.51 -3.03
CA LEU A 20 17.20 -8.59 -2.06
C LEU A 20 17.58 -8.12 -0.66
N GLU A 21 18.49 -7.15 -0.59
CA GLU A 21 18.92 -6.62 0.69
C GLU A 21 17.83 -5.75 1.31
N LEU A 22 17.21 -4.92 0.47
CA LEU A 22 16.15 -4.03 0.94
C LEU A 22 14.82 -4.78 1.00
N LEU A 23 14.47 -5.46 -0.09
CA LEU A 23 13.22 -6.21 -0.15
C LEU A 23 13.02 -6.99 1.14
N GLU A 24 13.99 -7.83 1.47
CA GLU A 24 13.91 -8.64 2.68
C GLU A 24 13.32 -7.82 3.83
N GLU A 25 13.70 -6.55 3.88
CA GLU A 25 13.21 -5.67 4.94
C GLU A 25 11.80 -5.18 4.61
N LEU A 26 11.53 -4.99 3.33
CA LEU A 26 10.21 -4.52 2.89
C LEU A 26 9.15 -5.57 3.21
N LYS A 27 9.53 -6.84 3.13
CA LYS A 27 8.59 -7.92 3.41
C LYS A 27 8.39 -8.07 4.91
N SER A 28 9.47 -7.94 5.67
CA SER A 28 9.40 -8.05 7.12
C SER A 28 8.26 -7.20 7.67
N GLU A 29 8.09 -6.01 7.11
CA GLU A 29 7.03 -5.11 7.55
C GLU A 29 5.72 -5.43 6.82
N ALA A 30 5.80 -5.58 5.51
CA ALA A 30 4.63 -5.89 4.70
C ALA A 30 4.10 -7.27 5.04
N VAL A 31 4.93 -8.29 4.84
CA VAL A 31 4.54 -9.66 5.12
C VAL A 31 3.88 -9.76 6.50
N ARG A 32 4.30 -8.90 7.42
CA ARG A 32 3.75 -8.90 8.77
C ARG A 32 2.39 -8.21 8.80
N HIS A 33 2.23 -7.19 7.95
CA HIS A 33 0.98 -6.45 7.89
C HIS A 33 0.17 -6.87 6.67
N PHE A 34 0.68 -7.85 5.94
CA PHE A 34 -0.01 -8.34 4.74
C PHE A 34 -0.53 -9.75 4.97
N PRO A 35 -1.67 -10.06 4.42
CA PRO A 35 -2.30 -11.40 4.55
C PRO A 35 -1.51 -12.48 3.81
N ARG A 36 -1.15 -13.54 4.53
CA ARG A 36 -0.39 -14.63 3.94
C ARG A 36 -0.98 -15.03 2.58
N ILE A 37 -2.28 -15.32 2.57
CA ILE A 37 -2.95 -15.71 1.34
C ILE A 37 -2.55 -14.78 0.19
N TRP A 38 -2.84 -13.50 0.36
CA TRP A 38 -2.51 -12.52 -0.67
C TRP A 38 -1.06 -12.64 -1.09
N LEU A 39 -0.16 -12.57 -0.12
CA LEU A 39 1.27 -12.69 -0.41
C LEU A 39 1.56 -13.94 -1.23
N HIS A 40 0.68 -14.93 -1.11
CA HIS A 40 0.84 -16.17 -1.86
C HIS A 40 0.38 -16.00 -3.30
N ASN A 41 -0.63 -15.16 -3.50
CA ASN A 41 -1.16 -14.91 -4.83
C ASN A 41 -0.32 -13.86 -5.55
N LEU A 42 -0.15 -12.71 -4.92
CA LEU A 42 0.62 -11.62 -5.51
C LEU A 42 1.86 -12.18 -6.22
N GLY A 43 2.57 -13.07 -5.54
CA GLY A 43 3.77 -13.66 -6.12
C GLY A 43 3.40 -14.69 -7.19
N GLN A 44 2.20 -15.24 -7.09
CA GLN A 44 1.74 -16.24 -8.06
C GLN A 44 1.32 -15.55 -9.35
N HIS A 45 0.43 -14.56 -9.23
CA HIS A 45 -0.06 -13.83 -10.40
C HIS A 45 1.06 -12.99 -11.00
N ILE A 46 1.65 -12.14 -10.17
CA ILE A 46 2.74 -11.28 -10.63
C ILE A 46 3.86 -12.12 -11.24
N TYR A 47 3.88 -13.39 -10.89
CA TYR A 47 4.90 -14.30 -11.41
C TYR A 47 4.51 -14.82 -12.79
N GLU A 48 3.20 -14.99 -12.99
CA GLU A 48 2.70 -15.48 -14.28
C GLU A 48 2.60 -14.34 -15.28
N THR A 49 2.47 -13.11 -14.77
CA THR A 49 2.37 -11.95 -15.64
C THR A 49 3.69 -11.68 -16.36
N TYR A 50 4.74 -11.40 -15.58
CA TYR A 50 6.05 -11.13 -16.15
C TYR A 50 6.85 -12.42 -16.30
N GLY A 51 6.53 -13.41 -15.48
CA GLY A 51 7.22 -14.69 -15.53
C GLY A 51 8.40 -14.71 -14.56
N ASP A 52 9.52 -15.24 -15.02
CA ASP A 52 10.72 -15.33 -14.18
C ASP A 52 11.54 -14.04 -14.31
N THR A 53 11.24 -13.25 -15.31
CA THR A 53 11.95 -12.00 -15.53
C THR A 53 12.13 -11.24 -14.23
N TRP A 54 13.18 -10.43 -14.14
CA TRP A 54 13.43 -9.65 -12.94
C TRP A 54 12.42 -8.53 -12.78
N ALA A 55 11.81 -8.13 -13.90
CA ALA A 55 10.80 -7.07 -13.88
C ALA A 55 9.66 -7.42 -12.94
N GLY A 56 9.38 -8.72 -12.82
CA GLY A 56 8.31 -9.18 -11.96
C GLY A 56 8.60 -8.86 -10.50
N VAL A 57 9.73 -9.35 -10.01
CA VAL A 57 10.12 -9.10 -8.62
C VAL A 57 10.34 -7.61 -8.38
N GLU A 58 10.65 -6.89 -9.45
CA GLU A 58 10.88 -5.44 -9.35
C GLU A 58 9.58 -4.71 -9.10
N ALA A 59 8.52 -5.15 -9.77
CA ALA A 59 7.21 -4.52 -9.62
C ALA A 59 6.59 -4.88 -8.27
N ILE A 60 7.06 -5.99 -7.70
CA ILE A 60 6.54 -6.44 -6.41
C ILE A 60 6.96 -5.49 -5.30
N ILE A 61 8.13 -4.88 -5.47
CA ILE A 61 8.64 -3.95 -4.46
C ILE A 61 7.79 -2.68 -4.43
N ARG A 62 7.50 -2.13 -5.61
CA ARG A 62 6.69 -0.92 -5.70
C ARG A 62 5.24 -1.21 -5.32
N ILE A 63 4.73 -2.35 -5.80
CA ILE A 63 3.35 -2.72 -5.50
C ILE A 63 3.19 -3.04 -4.02
N LEU A 64 4.28 -3.45 -3.38
CA LEU A 64 4.24 -3.78 -1.96
C LEU A 64 4.12 -2.51 -1.11
N GLN A 65 4.88 -1.48 -1.48
CA GLN A 65 4.84 -0.22 -0.75
C GLN A 65 3.46 0.41 -0.85
N GLN A 66 3.03 0.73 -2.06
CA GLN A 66 1.73 1.34 -2.27
C GLN A 66 0.65 0.56 -1.54
N LEU A 67 0.89 -0.73 -1.34
CA LEU A 67 -0.07 -1.58 -0.64
C LEU A 67 -0.06 -1.30 0.85
N LEU A 68 1.13 -1.06 1.40
CA LEU A 68 1.26 -0.77 2.82
C LEU A 68 0.42 0.44 3.21
N PHE A 69 0.49 1.48 2.38
CA PHE A 69 -0.27 2.70 2.64
C PHE A 69 -1.73 2.37 2.92
N ILE A 70 -2.30 1.51 2.09
CA ILE A 70 -3.69 1.11 2.27
C ILE A 70 -3.89 0.39 3.59
N HIS A 71 -2.96 -0.50 3.92
CA HIS A 71 -3.03 -1.24 5.17
C HIS A 71 -3.28 -0.31 6.34
N PHE A 72 -2.91 0.95 6.17
CA PHE A 72 -3.10 1.96 7.22
C PHE A 72 -4.57 2.36 7.31
N ARG A 73 -5.10 2.87 6.21
CA ARG A 73 -6.50 3.30 6.18
C ARG A 73 -7.43 2.17 6.59
N ILE A 74 -7.34 1.06 5.88
CA ILE A 74 -8.19 -0.10 6.18
C ILE A 74 -8.26 -0.34 7.68
N GLY A 75 -7.10 -0.46 8.32
CA GLY A 75 -7.05 -0.69 9.75
C GLY A 75 -6.10 -1.83 10.09
N CYS A 76 -4.98 -1.50 10.73
CA CYS A 76 -3.99 -2.50 11.11
C CYS A 76 -4.52 -3.36 12.25
N ARG A 77 -4.99 -4.56 11.92
CA ARG A 77 -5.51 -5.47 12.94
C ARG A 77 -4.38 -5.99 13.82
N HIS A 78 -3.15 -5.71 13.42
CA HIS A 78 -1.98 -6.14 14.19
C HIS A 78 -1.62 -5.12 15.25
N SER A 79 -1.46 -5.59 16.49
CA SER A 79 -1.11 -4.70 17.59
C SER A 79 -2.08 -3.52 17.65
N ASN A 93 16.10 12.24 3.58
CA ASN A 93 14.77 11.69 3.33
C ASN A 93 13.75 12.81 3.13
N PRO A 94 13.05 12.79 2.03
CA PRO A 94 12.02 13.82 1.72
C PRO A 94 10.78 13.65 2.58
N LEU A 95 10.83 12.69 3.50
CA LEU A 95 9.71 12.44 4.40
C LEU A 95 10.13 12.67 5.84
N GLU A 96 11.42 12.49 6.12
CA GLU A 96 11.92 12.70 7.48
C GLU A 96 11.51 14.07 8.01
N PHE A 97 11.43 15.05 7.11
CA PHE A 97 11.05 16.40 7.50
C PHE A 97 9.58 16.44 7.90
N LEU A 98 8.86 15.36 7.57
CA LEU A 98 7.44 15.29 7.89
C LEU A 98 7.19 15.71 9.34
N ARG A 99 8.07 15.27 10.24
CA ARG A 99 7.93 15.62 11.65
C ARG A 99 7.65 17.10 11.82
N ASP A 100 8.02 17.89 10.82
CA ASP A 100 7.82 19.33 10.87
C ASP A 100 6.38 19.67 10.46
N GLN A 101 5.53 18.66 10.39
CA GLN A 101 4.14 18.87 9.99
C GLN A 101 3.20 18.37 11.09
N PRO A 102 2.10 19.06 11.28
CA PRO A 102 1.09 18.68 12.32
C PRO A 102 0.35 17.41 11.93
N GLN A 103 0.09 17.23 10.64
CA GLN A 103 -0.62 16.06 10.17
C GLN A 103 0.08 14.78 10.64
N PHE A 104 1.41 14.83 10.72
CA PHE A 104 2.17 13.68 11.17
C PHE A 104 1.92 13.41 12.65
N GLN A 105 2.21 14.41 13.47
CA GLN A 105 2.02 14.27 14.92
C GLN A 105 0.55 14.09 15.24
N ASN A 106 -0.33 14.63 14.39
CA ASN A 106 -1.76 14.53 14.60
C ASN A 106 -2.29 13.21 14.05
N MET A 107 -2.17 13.04 12.73
CA MET A 107 -2.65 11.82 12.09
C MET A 107 -2.01 10.60 12.73
N ARG A 108 -0.79 10.75 13.20
CA ARG A 108 -0.08 9.65 13.85
C ARG A 108 -0.66 9.37 15.23
N GLN A 109 -1.21 10.41 15.85
CA GLN A 109 -1.80 10.27 17.18
C GLN A 109 -3.15 9.57 17.07
N VAL A 110 -3.85 9.83 15.98
CA VAL A 110 -5.16 9.22 15.76
C VAL A 110 -5.02 7.91 14.99
N ILE A 111 -4.30 7.95 13.87
CA ILE A 111 -4.11 6.76 13.05
C ILE A 111 -3.69 5.57 13.90
N GLN A 112 -2.64 5.76 14.71
CA GLN A 112 -2.15 4.70 15.56
C GLN A 112 -3.23 4.23 16.53
N GLN A 113 -4.13 5.13 16.88
CA GLN A 113 -5.22 4.79 17.80
C GLN A 113 -6.39 4.18 17.05
N ASN A 114 -6.57 4.60 15.80
CA ASN A 114 -7.66 4.09 14.97
C ASN A 114 -7.41 4.40 13.50
N PRO A 115 -6.66 3.56 12.84
CA PRO A 115 -6.34 3.74 11.39
C PRO A 115 -7.58 3.99 10.55
N ALA A 116 -8.75 3.83 11.18
CA ALA A 116 -10.02 4.04 10.49
C ALA A 116 -10.20 5.52 10.15
N LEU A 117 -9.41 6.37 10.78
CA LEU A 117 -9.50 7.81 10.55
C LEU A 117 -8.52 8.24 9.46
N LEU A 118 -7.88 7.26 8.83
CA LEU A 118 -6.91 7.55 7.77
C LEU A 118 -7.63 8.02 6.51
N PRO A 119 -8.51 7.21 5.98
CA PRO A 119 -9.28 7.53 4.75
C PRO A 119 -9.65 9.00 4.67
N ALA A 120 -10.01 9.59 5.81
CA ALA A 120 -10.38 10.99 5.85
C ALA A 120 -9.14 11.87 6.03
N LEU A 121 -8.13 11.34 6.71
CA LEU A 121 -6.90 12.07 6.95
C LEU A 121 -6.02 12.08 5.70
N LEU A 122 -5.59 10.89 5.27
CA LEU A 122 -4.76 10.78 4.08
C LEU A 122 -5.26 11.70 2.98
N GLN A 123 -6.55 12.02 3.03
CA GLN A 123 -7.15 12.89 2.03
C GLN A 123 -6.76 14.34 2.28
N GLN A 124 -6.90 14.78 3.52
CA GLN A 124 -6.55 16.15 3.90
C GLN A 124 -5.05 16.37 3.77
N LEU A 125 -4.29 15.28 3.77
CA LEU A 125 -2.84 15.38 3.66
C LEU A 125 -2.44 15.68 2.21
N GLY A 126 -3.07 15.01 1.26
CA GLY A 126 -2.78 15.22 -0.15
C GLY A 126 -3.38 16.52 -0.64
N GLN A 127 -4.32 17.06 0.13
CA GLN A 127 -4.97 18.31 -0.25
C GLN A 127 -4.17 19.50 0.27
N GLU A 128 -3.41 19.29 1.34
CA GLU A 128 -2.61 20.36 1.91
C GLU A 128 -1.15 20.24 1.47
N ASN A 129 -0.56 19.06 1.70
CA ASN A 129 0.82 18.82 1.32
C ASN A 129 0.91 17.77 0.23
N PRO A 130 0.79 18.16 -1.00
CA PRO A 130 0.85 17.24 -2.17
C PRO A 130 2.26 16.71 -2.40
N GLN A 131 3.26 17.48 -1.98
CA GLN A 131 4.65 17.08 -2.15
C GLN A 131 4.99 15.94 -1.20
N LEU A 132 4.50 16.03 0.02
CA LEU A 132 4.77 15.00 1.03
C LEU A 132 3.98 13.73 0.71
N LEU A 133 2.71 13.91 0.37
CA LEU A 133 1.85 12.78 0.04
C LEU A 133 2.53 11.87 -0.98
N GLN A 134 3.27 12.47 -1.90
CA GLN A 134 3.97 11.71 -2.92
C GLN A 134 5.14 10.94 -2.33
N GLN A 135 5.66 11.44 -1.21
CA GLN A 135 6.78 10.79 -0.54
C GLN A 135 6.29 9.69 0.38
N ILE A 136 5.42 10.05 1.32
CA ILE A 136 4.89 9.08 2.26
C ILE A 136 4.47 7.80 1.54
N SER A 137 4.17 7.92 0.26
CA SER A 137 3.76 6.76 -0.53
C SER A 137 4.98 5.95 -0.98
N ARG A 138 6.10 6.64 -1.17
CA ARG A 138 7.33 5.97 -1.60
C ARG A 138 8.19 5.60 -0.40
N HIS A 139 7.68 5.83 0.80
CA HIS A 139 8.41 5.52 2.01
C HIS A 139 7.47 5.03 3.11
N GLN A 140 6.71 3.98 2.81
CA GLN A 140 5.78 3.43 3.78
C GLN A 140 6.52 2.98 5.03
N GLU A 141 7.39 1.98 4.88
CA GLU A 141 8.14 1.48 6.02
C GLU A 141 8.65 2.62 6.88
N GLN A 142 9.54 3.44 6.32
CA GLN A 142 10.10 4.57 7.05
C GLN A 142 8.96 5.47 7.55
N PHE A 143 7.82 5.42 6.87
CA PHE A 143 6.67 6.22 7.25
C PHE A 143 5.87 5.51 8.33
N ILE A 144 5.97 4.19 8.36
CA ILE A 144 5.25 3.39 9.35
C ILE A 144 6.03 3.33 10.66
N GLN A 145 7.29 2.91 10.56
CA GLN A 145 8.14 2.80 11.74
C GLN A 145 7.90 3.99 12.67
N MET A 146 7.85 5.19 12.09
CA MET A 146 7.62 6.39 12.87
C MET A 146 6.15 6.48 13.28
N LEU A 147 5.28 6.03 12.38
CA LEU A 147 3.84 6.05 12.67
C LEU A 147 3.46 4.87 13.55
N ASN A 148 4.40 3.96 13.76
CA ASN A 148 4.15 2.80 14.59
C ASN A 148 5.07 2.81 15.81
N GLU A 149 6.06 3.70 15.79
CA GLU A 149 7.00 3.80 16.89
C GLU A 149 7.15 5.27 17.32
N PRO A 150 7.95 5.51 18.32
CA PRO A 150 8.18 6.89 18.84
C PRO A 150 8.55 7.86 17.72
N PRO A 151 7.94 9.01 17.71
CA PRO A 151 8.20 10.05 16.66
C PRO A 151 9.69 10.30 16.47
N ILE A 177 -5.34 6.59 -11.13
CA ILE A 177 -6.29 6.18 -12.15
C ILE A 177 -5.56 5.48 -13.31
N GLN A 178 -5.71 6.01 -14.51
CA GLN A 178 -5.06 5.42 -15.68
C GLN A 178 -5.88 4.25 -16.23
N VAL A 179 -7.10 4.11 -15.74
CA VAL A 179 -7.98 3.02 -16.19
C VAL A 179 -8.90 3.52 -17.30
N THR A 180 -9.71 2.61 -17.82
CA THR A 180 -10.64 2.97 -18.88
C THR A 180 -11.98 2.29 -18.64
N PRO A 181 -12.88 2.37 -19.58
CA PRO A 181 -14.23 1.75 -19.48
C PRO A 181 -14.14 0.23 -19.51
N GLN A 182 -13.00 -0.28 -19.98
CA GLN A 182 -12.78 -1.72 -20.05
C GLN A 182 -12.25 -2.25 -18.74
N GLU A 183 -11.37 -1.49 -18.09
CA GLU A 183 -10.80 -1.90 -16.82
C GLU A 183 -11.68 -1.45 -15.67
N LYS A 184 -12.18 -0.22 -15.77
CA LYS A 184 -13.05 0.33 -14.75
C LYS A 184 -14.03 -0.71 -14.25
N GLU A 185 -14.91 -1.14 -15.15
CA GLU A 185 -15.91 -2.15 -14.82
C GLU A 185 -15.30 -3.25 -13.97
N ALA A 186 -13.98 -3.40 -14.05
CA ALA A 186 -13.28 -4.43 -13.28
C ALA A 186 -13.00 -3.93 -11.87
N ILE A 187 -12.74 -2.63 -11.74
CA ILE A 187 -12.45 -2.04 -10.45
C ILE A 187 -13.71 -2.01 -9.58
N GLU A 188 -14.73 -1.29 -10.04
CA GLU A 188 -15.97 -1.19 -9.30
C GLU A 188 -16.54 -2.58 -9.01
N ARG A 189 -16.08 -3.57 -9.76
CA ARG A 189 -16.55 -4.94 -9.57
C ARG A 189 -16.20 -5.40 -8.16
N LEU A 190 -15.11 -4.86 -7.62
CA LEU A 190 -14.67 -5.21 -6.28
C LEU A 190 -15.42 -4.37 -5.25
N LYS A 191 -15.82 -3.17 -5.67
CA LYS A 191 -16.55 -2.27 -4.78
C LYS A 191 -17.82 -2.92 -4.27
N ALA A 192 -18.66 -3.38 -5.21
CA ALA A 192 -19.91 -4.03 -4.84
C ALA A 192 -19.69 -5.01 -3.70
N LEU A 193 -18.44 -5.39 -3.47
CA LEU A 193 -18.11 -6.33 -2.40
C LEU A 193 -18.19 -5.64 -1.04
N GLY A 194 -18.60 -4.38 -1.05
CA GLY A 194 -18.73 -3.63 0.19
C GLY A 194 -17.44 -2.87 0.50
N PHE A 195 -16.96 -2.09 -0.46
CA PHE A 195 -15.73 -1.32 -0.29
C PHE A 195 -15.84 0.02 -1.01
N PRO A 196 -15.21 1.03 -0.46
CA PRO A 196 -15.23 2.40 -1.05
C PRO A 196 -14.87 2.39 -2.54
N GLU A 197 -15.29 3.43 -3.25
CA GLU A 197 -15.01 3.53 -4.68
C GLU A 197 -13.52 3.77 -4.91
N SER A 198 -12.90 4.54 -4.02
CA SER A 198 -11.48 4.85 -4.14
C SER A 198 -10.64 3.66 -3.69
N LEU A 199 -11.09 2.97 -2.64
CA LEU A 199 -10.36 1.82 -2.13
C LEU A 199 -10.16 0.77 -3.23
N VAL A 200 -11.02 0.82 -4.25
CA VAL A 200 -10.91 -0.12 -5.36
C VAL A 200 -9.87 0.35 -6.37
N ILE A 201 -9.96 1.62 -6.75
CA ILE A 201 -9.01 2.17 -7.71
C ILE A 201 -7.58 1.92 -7.26
N GLN A 202 -7.37 1.95 -5.95
CA GLN A 202 -6.04 1.73 -5.40
C GLN A 202 -5.68 0.24 -5.45
N ALA A 203 -6.51 -0.59 -4.81
CA ALA A 203 -6.28 -2.02 -4.78
C ALA A 203 -6.04 -2.56 -6.20
N TYR A 204 -7.03 -2.37 -7.06
CA TYR A 204 -6.92 -2.83 -8.44
C TYR A 204 -5.53 -2.52 -9.01
N PHE A 205 -5.13 -1.26 -8.90
CA PHE A 205 -3.82 -0.84 -9.40
C PHE A 205 -2.71 -1.37 -8.50
N ALA A 206 -3.06 -1.65 -7.25
CA ALA A 206 -2.08 -2.16 -6.29
C ALA A 206 -1.79 -3.64 -6.56
N CYS A 207 -2.80 -4.36 -7.04
CA CYS A 207 -2.65 -5.78 -7.33
C CYS A 207 -2.23 -5.98 -8.79
N GLU A 208 -1.71 -4.93 -9.41
CA GLU A 208 -1.28 -5.01 -10.80
C GLU A 208 -2.48 -5.07 -11.73
N LYS A 209 -3.57 -4.40 -11.35
CA LYS A 209 -4.78 -4.39 -12.16
C LYS A 209 -5.39 -5.79 -12.24
N ASN A 210 -4.93 -6.68 -11.35
CA ASN A 210 -5.44 -8.04 -11.32
C ASN A 210 -6.74 -8.13 -10.53
N GLU A 211 -7.86 -8.17 -11.25
CA GLU A 211 -9.17 -8.25 -10.61
C GLU A 211 -9.27 -9.54 -9.81
N ASN A 212 -8.50 -10.55 -10.22
CA ASN A 212 -8.51 -11.83 -9.54
C ASN A 212 -7.73 -11.75 -8.24
N LEU A 213 -6.70 -10.91 -8.22
CA LEU A 213 -5.88 -10.74 -7.03
C LEU A 213 -6.54 -9.77 -6.04
N ALA A 214 -6.90 -8.60 -6.55
CA ALA A 214 -7.55 -7.58 -5.71
C ALA A 214 -8.62 -8.22 -4.84
N ALA A 215 -9.44 -9.09 -5.43
CA ALA A 215 -10.51 -9.75 -4.69
C ALA A 215 -10.01 -10.24 -3.34
N ASN A 216 -8.86 -10.93 -3.35
CA ASN A 216 -8.29 -11.44 -2.11
C ASN A 216 -7.65 -10.32 -1.31
N PHE A 217 -7.11 -9.32 -2.01
CA PHE A 217 -6.46 -8.19 -1.35
C PHE A 217 -7.50 -7.36 -0.59
N LEU A 218 -8.74 -7.39 -1.06
CA LEU A 218 -9.80 -6.63 -0.41
C LEU A 218 -10.37 -7.41 0.78
N LEU A 219 -10.52 -8.71 0.60
CA LEU A 219 -11.05 -9.57 1.67
C LEU A 219 -9.96 -9.95 2.65
N SER A 220 -8.71 -9.72 2.26
CA SER A 220 -7.57 -10.05 3.14
C SER A 220 -6.95 -8.79 3.71
N GLN A 221 -7.59 -7.65 3.48
CA GLN A 221 -7.08 -6.37 3.99
C GLN A 221 -7.47 -6.18 5.46
N ASN A 222 -7.22 -7.21 6.27
CA ASN A 222 -7.54 -7.15 7.70
C ASN A 222 -8.98 -7.57 7.96
N PHE A 223 -9.62 -6.93 8.93
CA PHE A 223 -10.99 -7.25 9.28
C PHE A 223 -11.19 -8.76 9.33
ZN ZN B . -0.84 -4.40 10.45
N GLU A 13 23.62 -2.57 -13.39
CA GLU A 13 22.33 -2.34 -12.77
C GLU A 13 22.25 -3.05 -11.42
N PRO A 14 22.66 -2.38 -10.38
CA PRO A 14 22.65 -2.93 -9.00
C PRO A 14 21.29 -3.53 -8.63
N TYR A 15 20.23 -2.97 -9.21
CA TYR A 15 18.88 -3.45 -8.94
C TYR A 15 18.75 -4.95 -9.14
N ASN A 16 19.84 -5.59 -9.58
CA ASN A 16 19.83 -7.03 -9.80
C ASN A 16 19.93 -7.77 -8.47
N GLU A 17 21.11 -7.74 -7.86
CA GLU A 17 21.32 -8.42 -6.59
C GLU A 17 20.95 -7.50 -5.43
N TRP A 18 21.01 -6.20 -5.70
CA TRP A 18 20.70 -5.21 -4.68
C TRP A 18 19.21 -5.22 -4.31
N THR A 19 18.36 -5.12 -5.32
CA THR A 19 16.92 -5.11 -5.07
C THR A 19 16.53 -6.17 -4.06
N LEU A 20 17.34 -7.22 -3.95
CA LEU A 20 17.07 -8.30 -3.01
C LEU A 20 17.46 -7.87 -1.59
N GLU A 21 18.51 -7.05 -1.49
CA GLU A 21 18.96 -6.58 -0.19
C GLU A 21 17.85 -5.79 0.51
N LEU A 22 17.23 -4.87 -0.21
CA LEU A 22 16.15 -4.07 0.35
C LEU A 22 14.83 -4.83 0.30
N LEU A 23 14.66 -5.65 -0.73
CA LEU A 23 13.45 -6.43 -0.88
C LEU A 23 13.21 -7.30 0.34
N GLU A 24 14.30 -7.76 0.97
CA GLU A 24 14.20 -8.59 2.15
C GLU A 24 13.41 -7.89 3.25
N GLU A 25 13.82 -6.66 3.57
CA GLU A 25 13.15 -5.89 4.60
C GLU A 25 11.71 -5.58 4.19
N LEU A 26 11.52 -5.25 2.91
CA LEU A 26 10.20 -4.94 2.39
C LEU A 26 9.21 -6.03 2.78
N LYS A 27 9.65 -7.28 2.71
CA LYS A 27 8.79 -8.41 3.05
C LYS A 27 8.62 -8.52 4.55
N SER A 28 9.64 -8.07 5.30
CA SER A 28 9.59 -8.13 6.75
C SER A 28 8.40 -7.32 7.28
N GLU A 29 8.24 -6.12 6.74
CA GLU A 29 7.14 -5.25 7.17
C GLU A 29 5.89 -5.54 6.36
N ALA A 30 6.06 -6.12 5.19
CA ALA A 30 4.93 -6.45 4.32
C ALA A 30 4.31 -7.78 4.73
N VAL A 31 5.12 -8.84 4.70
CA VAL A 31 4.64 -10.16 5.08
C VAL A 31 4.03 -10.14 6.48
N ARG A 32 4.43 -9.15 7.27
CA ARG A 32 3.91 -9.03 8.64
C ARG A 32 2.59 -8.28 8.64
N HIS A 33 2.40 -7.42 7.64
CA HIS A 33 1.17 -6.64 7.54
C HIS A 33 0.39 -7.03 6.29
N PHE A 34 0.71 -8.19 5.73
CA PHE A 34 0.03 -8.67 4.53
C PHE A 34 -0.42 -10.10 4.71
N PRO A 35 -1.55 -10.44 4.14
CA PRO A 35 -2.12 -11.82 4.23
C PRO A 35 -1.27 -12.84 3.46
N ARG A 36 -0.83 -13.87 4.17
CA ARG A 36 -0.01 -14.91 3.55
C ARG A 36 -0.62 -15.35 2.22
N ILE A 37 -1.92 -15.59 2.22
CA ILE A 37 -2.60 -16.03 1.01
C ILE A 37 -2.30 -15.07 -0.15
N TRP A 38 -2.67 -13.81 0.03
CA TRP A 38 -2.45 -12.81 -1.00
C TRP A 38 -0.98 -12.80 -1.41
N LEU A 39 -0.09 -12.59 -0.44
CA LEU A 39 1.34 -12.57 -0.72
C LEU A 39 1.73 -13.77 -1.57
N HIS A 40 0.94 -14.83 -1.49
CA HIS A 40 1.20 -16.04 -2.25
C HIS A 40 0.71 -15.89 -3.68
N ASN A 41 -0.49 -15.32 -3.84
CA ASN A 41 -1.06 -15.12 -5.15
C ASN A 41 -0.34 -13.98 -5.88
N LEU A 42 0.16 -13.02 -5.11
CA LEU A 42 0.86 -11.89 -5.69
C LEU A 42 2.07 -12.36 -6.49
N GLY A 43 3.00 -13.02 -5.81
CA GLY A 43 4.20 -13.53 -6.47
C GLY A 43 3.85 -14.71 -7.38
N GLN A 44 2.71 -15.34 -7.11
CA GLN A 44 2.28 -16.47 -7.91
C GLN A 44 1.70 -16.00 -9.24
N HIS A 45 0.94 -14.90 -9.19
CA HIS A 45 0.33 -14.35 -10.40
C HIS A 45 1.33 -13.47 -11.14
N ILE A 46 1.85 -12.47 -10.45
CA ILE A 46 2.81 -11.55 -11.06
C ILE A 46 3.96 -12.33 -11.71
N TYR A 47 4.29 -13.48 -11.12
CA TYR A 47 5.37 -14.30 -11.65
C TYR A 47 4.97 -14.91 -12.99
N GLU A 48 3.76 -15.46 -13.05
CA GLU A 48 3.27 -16.05 -14.29
C GLU A 48 2.88 -14.98 -15.29
N THR A 49 2.51 -13.81 -14.78
CA THR A 49 2.11 -12.70 -15.64
C THR A 49 3.32 -12.07 -16.30
N TYR A 50 4.31 -11.70 -15.48
CA TYR A 50 5.52 -11.09 -16.00
C TYR A 50 6.57 -12.15 -16.33
N GLY A 51 6.46 -13.30 -15.69
CA GLY A 51 7.40 -14.39 -15.92
C GLY A 51 8.52 -14.38 -14.88
N ASP A 52 9.76 -14.50 -15.36
CA ASP A 52 10.90 -14.50 -14.45
C ASP A 52 11.76 -13.26 -14.68
N THR A 53 11.36 -12.43 -15.64
CA THR A 53 12.10 -11.22 -15.95
C THR A 53 12.38 -10.43 -14.67
N TRP A 54 13.17 -9.37 -14.80
CA TRP A 54 13.50 -8.53 -13.65
C TRP A 54 12.37 -7.56 -13.34
N ALA A 55 11.54 -7.28 -14.35
CA ALA A 55 10.42 -6.37 -14.17
C ALA A 55 9.44 -6.92 -13.13
N GLY A 56 9.27 -8.23 -13.11
CA GLY A 56 8.37 -8.87 -12.15
C GLY A 56 8.86 -8.65 -10.72
N VAL A 57 10.12 -9.01 -10.48
CA VAL A 57 10.69 -8.85 -9.14
C VAL A 57 10.71 -7.38 -8.74
N GLU A 58 10.70 -6.50 -9.73
CA GLU A 58 10.71 -5.06 -9.46
C GLU A 58 9.31 -4.55 -9.13
N ALA A 59 8.33 -5.02 -9.89
CA ALA A 59 6.94 -4.61 -9.68
C ALA A 59 6.49 -5.00 -8.28
N ILE A 60 6.73 -6.25 -7.89
CA ILE A 60 6.35 -6.72 -6.58
C ILE A 60 6.86 -5.79 -5.49
N ILE A 61 7.94 -5.08 -5.80
CA ILE A 61 8.53 -4.15 -4.83
C ILE A 61 7.78 -2.81 -4.85
N ARG A 62 7.82 -2.13 -5.99
CA ARG A 62 7.15 -0.85 -6.13
C ARG A 62 5.66 -1.00 -5.89
N ILE A 63 5.15 -2.22 -6.08
CA ILE A 63 3.73 -2.48 -5.88
C ILE A 63 3.44 -2.74 -4.40
N LEU A 64 4.43 -3.21 -3.67
CA LEU A 64 4.26 -3.49 -2.25
C LEU A 64 4.27 -2.20 -1.45
N GLN A 65 5.05 -1.22 -1.91
CA GLN A 65 5.13 0.06 -1.22
C GLN A 65 3.76 0.74 -1.19
N GLN A 66 3.21 1.01 -2.37
CA GLN A 66 1.92 1.66 -2.47
C GLN A 66 0.85 0.83 -1.74
N LEU A 67 1.09 -0.48 -1.65
CA LEU A 67 0.14 -1.36 -0.99
C LEU A 67 0.18 -1.16 0.51
N LEU A 68 1.37 -0.91 1.04
CA LEU A 68 1.53 -0.70 2.48
C LEU A 68 0.67 0.46 2.94
N PHE A 69 0.47 1.44 2.06
CA PHE A 69 -0.35 2.59 2.39
C PHE A 69 -1.78 2.18 2.67
N ILE A 70 -2.32 1.31 1.82
CA ILE A 70 -3.69 0.83 1.98
C ILE A 70 -3.86 0.19 3.35
N HIS A 71 -2.80 -0.45 3.83
CA HIS A 71 -2.83 -1.09 5.14
C HIS A 71 -3.18 -0.08 6.23
N PHE A 72 -2.92 1.19 5.95
CA PHE A 72 -3.21 2.25 6.90
C PHE A 72 -4.66 2.69 6.80
N ARG A 73 -5.09 3.00 5.58
CA ARG A 73 -6.46 3.44 5.35
C ARG A 73 -7.45 2.56 6.12
N ILE A 74 -7.46 1.26 5.81
CA ILE A 74 -8.35 0.33 6.48
C ILE A 74 -8.00 0.23 7.95
N GLY A 75 -6.72 0.00 8.24
CA GLY A 75 -6.26 -0.13 9.62
C GLY A 75 -5.53 -1.44 9.84
N CYS A 76 -4.39 -1.36 10.51
CA CYS A 76 -3.58 -2.54 10.78
C CYS A 76 -4.35 -3.52 11.67
N ARG A 77 -4.79 -4.63 11.08
CA ARG A 77 -5.54 -5.63 11.83
C ARG A 77 -4.59 -6.47 12.69
N HIS A 78 -3.34 -6.04 12.76
CA HIS A 78 -2.35 -6.75 13.55
C HIS A 78 -2.07 -6.02 14.86
N SER A 79 -1.47 -6.73 15.82
CA SER A 79 -1.15 -6.13 17.11
C SER A 79 0.23 -5.49 17.07
N ASN A 93 15.31 11.02 5.14
CA ASN A 93 13.86 10.93 4.99
C ASN A 93 13.25 12.33 4.90
N PRO A 94 12.82 12.72 3.73
CA PRO A 94 12.22 14.07 3.51
C PRO A 94 10.99 14.30 4.39
N LEU A 95 10.44 13.22 4.92
CA LEU A 95 9.27 13.31 5.77
C LEU A 95 9.68 13.29 7.24
N GLU A 96 10.93 13.62 7.52
CA GLU A 96 11.44 13.62 8.88
C GLU A 96 10.85 14.81 9.65
N PHE A 97 10.76 15.95 8.98
CA PHE A 97 10.21 17.15 9.60
C PHE A 97 8.73 16.98 9.90
N LEU A 98 8.13 15.95 9.31
CA LEU A 98 6.70 15.69 9.52
C LEU A 98 6.38 15.66 11.01
N ARG A 99 7.32 15.14 11.80
CA ARG A 99 7.12 15.06 13.24
C ARG A 99 6.79 16.44 13.81
N ASP A 100 7.09 17.48 13.04
CA ASP A 100 6.83 18.84 13.47
C ASP A 100 5.56 19.39 12.82
N GLN A 101 4.99 18.61 11.91
CA GLN A 101 3.77 19.02 11.21
C GLN A 101 2.55 18.46 11.91
N PRO A 102 1.41 19.08 11.73
CA PRO A 102 0.13 18.64 12.35
C PRO A 102 -0.37 17.34 11.73
N GLN A 103 -0.35 17.28 10.40
CA GLN A 103 -0.80 16.08 9.70
C GLN A 103 -0.18 14.83 10.29
N PHE A 104 1.14 14.85 10.45
CA PHE A 104 1.84 13.71 11.01
C PHE A 104 1.45 13.50 12.48
N GLN A 105 1.75 14.49 13.30
CA GLN A 105 1.41 14.42 14.72
C GLN A 105 -0.08 14.18 14.91
N ASN A 106 -0.85 14.53 13.89
CA ASN A 106 -2.30 14.35 13.94
C ASN A 106 -2.69 12.92 13.56
N MET A 107 -2.35 12.53 12.33
CA MET A 107 -2.66 11.19 11.86
C MET A 107 -1.87 10.15 12.64
N ARG A 108 -0.74 10.56 13.19
CA ARG A 108 0.11 9.65 13.96
C ARG A 108 -0.71 8.97 15.06
N GLN A 109 -1.35 9.79 15.91
CA GLN A 109 -2.17 9.25 16.98
C GLN A 109 -3.58 8.93 16.49
N VAL A 110 -4.03 9.66 15.48
CA VAL A 110 -5.36 9.45 14.92
C VAL A 110 -5.43 8.11 14.19
N ILE A 111 -4.56 7.94 13.20
CA ILE A 111 -4.54 6.70 12.43
C ILE A 111 -4.19 5.51 13.33
N GLN A 112 -3.09 5.64 14.06
CA GLN A 112 -2.65 4.57 14.95
C GLN A 112 -3.78 4.18 15.92
N GLN A 113 -4.76 5.06 16.04
CA GLN A 113 -5.89 4.81 16.93
C GLN A 113 -7.08 4.26 16.14
N ASN A 114 -7.51 5.02 15.13
CA ASN A 114 -8.64 4.62 14.30
C ASN A 114 -8.33 4.83 12.83
N PRO A 115 -7.60 3.92 12.24
CA PRO A 115 -7.22 4.00 10.81
C PRO A 115 -8.38 4.49 9.93
N ALA A 116 -9.59 4.42 10.47
CA ALA A 116 -10.77 4.86 9.73
C ALA A 116 -10.69 6.35 9.46
N LEU A 117 -9.74 7.03 10.10
CA LEU A 117 -9.57 8.46 9.91
C LEU A 117 -8.41 8.74 8.95
N LEU A 118 -7.88 7.68 8.35
CA LEU A 118 -6.77 7.83 7.42
C LEU A 118 -7.29 8.20 6.03
N PRO A 119 -8.30 7.52 5.55
CA PRO A 119 -8.88 7.80 4.21
C PRO A 119 -9.00 9.30 3.93
N ALA A 120 -9.41 10.05 4.95
CA ALA A 120 -9.57 11.49 4.80
C ALA A 120 -8.24 12.20 5.05
N LEU A 121 -7.55 11.81 6.11
CA LEU A 121 -6.27 12.41 6.46
C LEU A 121 -5.37 12.49 5.23
N LEU A 122 -5.02 11.33 4.68
CA LEU A 122 -4.16 11.28 3.50
C LEU A 122 -4.68 12.21 2.41
N GLN A 123 -6.01 12.23 2.24
CA GLN A 123 -6.62 13.09 1.22
C GLN A 123 -6.23 14.54 1.45
N GLN A 124 -6.56 15.07 2.63
CA GLN A 124 -6.25 16.45 2.95
C GLN A 124 -4.74 16.64 3.05
N LEU A 125 -4.02 15.55 3.26
CA LEU A 125 -2.56 15.61 3.37
C LEU A 125 -1.93 15.75 1.99
N GLY A 126 -2.08 14.73 1.16
CA GLY A 126 -1.51 14.75 -0.18
C GLY A 126 -2.06 15.93 -0.98
N GLN A 127 -3.13 16.53 -0.48
CA GLN A 127 -3.75 17.66 -1.16
C GLN A 127 -3.06 18.96 -0.75
N GLU A 128 -2.58 19.02 0.49
CA GLU A 128 -1.90 20.20 0.98
C GLU A 128 -0.41 20.15 0.66
N ASN A 129 0.19 18.97 0.89
CA ASN A 129 1.62 18.81 0.62
C ASN A 129 1.84 17.64 -0.34
N PRO A 130 1.40 17.78 -1.56
CA PRO A 130 1.55 16.72 -2.60
C PRO A 130 2.98 16.19 -2.68
N GLN A 131 3.94 17.04 -2.30
CA GLN A 131 5.34 16.65 -2.34
C GLN A 131 5.63 15.60 -1.28
N LEU A 132 4.83 15.59 -0.22
CA LEU A 132 5.01 14.64 0.87
C LEU A 132 4.56 13.25 0.43
N LEU A 133 3.45 13.20 -0.30
CA LEU A 133 2.92 11.93 -0.77
C LEU A 133 4.04 11.06 -1.34
N GLN A 134 5.15 11.69 -1.71
CA GLN A 134 6.29 10.97 -2.27
C GLN A 134 7.20 10.47 -1.15
N GLN A 135 7.24 11.21 -0.04
CA GLN A 135 8.07 10.83 1.08
C GLN A 135 7.34 9.82 1.98
N ILE A 136 6.01 9.84 1.91
CA ILE A 136 5.21 8.93 2.71
C ILE A 136 5.18 7.54 2.09
N SER A 137 5.06 7.50 0.77
CA SER A 137 5.02 6.22 0.05
C SER A 137 6.43 5.67 -0.14
N ARG A 138 7.31 6.48 -0.70
CA ARG A 138 8.69 6.07 -0.93
C ARG A 138 9.35 5.64 0.37
N HIS A 139 8.84 6.16 1.48
CA HIS A 139 9.39 5.83 2.79
C HIS A 139 8.32 5.22 3.68
N GLN A 140 7.47 4.37 3.10
CA GLN A 140 6.41 3.72 3.86
C GLN A 140 6.97 3.13 5.15
N GLU A 141 7.86 2.15 5.01
CA GLU A 141 8.46 1.53 6.18
C GLU A 141 8.83 2.58 7.22
N GLN A 142 9.78 3.44 6.86
CA GLN A 142 10.22 4.49 7.76
C GLN A 142 9.04 5.39 8.12
N PHE A 143 8.01 5.37 7.28
CA PHE A 143 6.82 6.18 7.52
C PHE A 143 5.86 5.45 8.46
N ILE A 144 5.96 4.12 8.47
CA ILE A 144 5.09 3.31 9.32
C ILE A 144 5.65 3.21 10.73
N GLN A 145 6.94 2.89 10.84
CA GLN A 145 7.57 2.76 12.15
C GLN A 145 7.26 3.99 13.00
N MET A 146 7.25 5.15 12.36
CA MET A 146 6.95 6.39 13.07
C MET A 146 5.45 6.63 13.13
N LEU A 147 4.83 6.70 11.96
CA LEU A 147 3.38 6.92 11.89
C LEU A 147 2.63 5.88 12.71
N ASN A 148 3.26 4.74 12.94
CA ASN A 148 2.63 3.67 13.72
C ASN A 148 3.14 3.68 15.15
N GLU A 149 3.92 4.69 15.50
CA GLU A 149 4.46 4.79 16.85
C GLU A 149 4.22 6.20 17.41
N PRO A 150 3.94 6.29 18.68
CA PRO A 150 3.69 7.60 19.35
C PRO A 150 4.77 8.62 19.03
N PRO A 151 4.38 9.82 18.69
CA PRO A 151 5.34 10.91 18.35
C PRO A 151 6.46 11.04 19.38
N ILE A 177 -5.11 5.60 -11.13
CA ILE A 177 -6.36 5.36 -11.83
C ILE A 177 -6.09 4.86 -13.25
N GLN A 178 -5.81 5.79 -14.15
CA GLN A 178 -5.54 5.43 -15.54
C GLN A 178 -6.37 4.22 -15.95
N VAL A 179 -7.55 4.11 -15.37
CA VAL A 179 -8.44 3.00 -15.67
C VAL A 179 -9.46 3.39 -16.73
N THR A 180 -10.29 2.44 -17.10
CA THR A 180 -11.30 2.67 -18.11
C THR A 180 -12.56 1.89 -17.75
N PRO A 181 -13.64 2.16 -18.41
CA PRO A 181 -14.93 1.45 -18.16
C PRO A 181 -14.76 -0.04 -18.44
N GLN A 182 -13.65 -0.35 -19.11
CA GLN A 182 -13.33 -1.71 -19.47
C GLN A 182 -12.53 -2.40 -18.36
N GLU A 183 -11.54 -1.70 -17.82
CA GLU A 183 -10.71 -2.27 -16.76
C GLU A 183 -11.29 -2.00 -15.37
N LYS A 184 -11.79 -0.78 -15.17
CA LYS A 184 -12.35 -0.43 -13.87
C LYS A 184 -13.74 -1.03 -13.67
N GLU A 185 -14.44 -1.31 -14.77
CA GLU A 185 -15.77 -1.89 -14.67
C GLU A 185 -15.83 -2.91 -13.54
N ALA A 186 -14.71 -3.58 -13.31
CA ALA A 186 -14.63 -4.58 -12.26
C ALA A 186 -14.32 -3.92 -10.91
N ILE A 187 -13.54 -2.84 -10.97
CA ILE A 187 -13.16 -2.12 -9.76
C ILE A 187 -14.39 -1.77 -8.95
N GLU A 188 -15.27 -0.96 -9.53
CA GLU A 188 -16.50 -0.55 -8.82
C GLU A 188 -17.23 -1.77 -8.29
N ARG A 189 -16.90 -2.94 -8.83
CA ARG A 189 -17.55 -4.18 -8.39
C ARG A 189 -17.03 -4.59 -7.01
N LEU A 190 -15.77 -4.24 -6.73
CA LEU A 190 -15.17 -4.57 -5.45
C LEU A 190 -15.66 -3.60 -4.38
N LYS A 191 -15.98 -2.39 -4.80
CA LYS A 191 -16.47 -1.37 -3.87
C LYS A 191 -17.89 -1.72 -3.41
N ALA A 192 -18.60 -2.51 -4.21
CA ALA A 192 -19.95 -2.90 -3.87
C ALA A 192 -19.96 -3.84 -2.67
N LEU A 193 -18.79 -4.38 -2.34
CA LEU A 193 -18.67 -5.28 -1.21
C LEU A 193 -18.63 -4.51 0.10
N GLY A 194 -18.94 -3.22 0.03
CA GLY A 194 -18.93 -2.37 1.21
C GLY A 194 -17.73 -1.44 1.22
N PHE A 195 -16.93 -1.49 0.15
CA PHE A 195 -15.75 -0.64 0.05
C PHE A 195 -15.99 0.50 -0.92
N PRO A 196 -15.27 1.58 -0.77
CA PRO A 196 -15.40 2.77 -1.65
C PRO A 196 -15.07 2.46 -3.11
N GLU A 197 -15.55 3.30 -4.01
CA GLU A 197 -15.31 3.10 -5.43
C GLU A 197 -13.83 3.33 -5.77
N SER A 198 -13.25 4.36 -5.16
CA SER A 198 -11.85 4.68 -5.40
C SER A 198 -10.94 3.75 -4.59
N LEU A 199 -11.36 3.45 -3.37
CA LEU A 199 -10.59 2.57 -2.50
C LEU A 199 -10.23 1.27 -3.22
N VAL A 200 -11.01 0.94 -4.25
CA VAL A 200 -10.76 -0.27 -5.02
C VAL A 200 -9.67 -0.05 -6.06
N ILE A 201 -9.80 1.02 -6.83
CA ILE A 201 -8.83 1.34 -7.86
C ILE A 201 -7.41 1.09 -7.36
N GLN A 202 -7.24 1.15 -6.04
CA GLN A 202 -5.93 0.92 -5.45
C GLN A 202 -5.65 -0.57 -5.34
N ALA A 203 -6.56 -1.31 -4.73
CA ALA A 203 -6.41 -2.75 -4.58
C ALA A 203 -6.20 -3.42 -5.93
N TYR A 204 -7.09 -3.11 -6.87
CA TYR A 204 -7.00 -3.69 -8.20
C TYR A 204 -5.59 -3.58 -8.75
N PHE A 205 -5.08 -2.35 -8.82
CA PHE A 205 -3.73 -2.10 -9.32
C PHE A 205 -2.70 -2.61 -8.32
N ALA A 206 -3.07 -2.64 -7.05
CA ALA A 206 -2.14 -3.11 -6.01
C ALA A 206 -1.75 -4.55 -6.28
N CYS A 207 -2.56 -5.26 -7.06
CA CYS A 207 -2.28 -6.65 -7.37
C CYS A 207 -2.02 -6.82 -8.87
N GLU A 208 -1.82 -5.69 -9.55
CA GLU A 208 -1.55 -5.73 -10.98
C GLU A 208 -2.83 -6.01 -11.78
N LYS A 209 -3.85 -5.19 -11.54
CA LYS A 209 -5.12 -5.36 -12.23
C LYS A 209 -5.65 -6.77 -12.05
N ASN A 210 -5.36 -7.37 -10.90
CA ASN A 210 -5.82 -8.73 -10.62
C ASN A 210 -7.01 -8.71 -9.67
N GLU A 211 -8.20 -8.94 -10.23
CA GLU A 211 -9.41 -8.95 -9.41
C GLU A 211 -9.39 -10.10 -8.42
N ASN A 212 -8.92 -11.26 -8.87
CA ASN A 212 -8.84 -12.44 -8.01
C ASN A 212 -7.99 -12.14 -6.79
N LEU A 213 -6.99 -11.29 -6.96
CA LEU A 213 -6.10 -10.93 -5.84
C LEU A 213 -6.76 -9.85 -4.98
N ALA A 214 -7.38 -8.87 -5.64
CA ALA A 214 -8.04 -7.78 -4.93
C ALA A 214 -9.02 -8.34 -3.89
N ALA A 215 -9.80 -9.34 -4.30
CA ALA A 215 -10.76 -9.95 -3.40
C ALA A 215 -10.08 -10.47 -2.15
N ASN A 216 -8.83 -10.90 -2.29
CA ASN A 216 -8.07 -11.41 -1.16
C ASN A 216 -7.42 -10.28 -0.38
N PHE A 217 -6.77 -9.37 -1.11
CA PHE A 217 -6.11 -8.23 -0.47
C PHE A 217 -7.14 -7.29 0.15
N LEU A 218 -8.35 -7.30 -0.40
CA LEU A 218 -9.42 -6.45 0.11
C LEU A 218 -10.06 -7.07 1.34
N LEU A 219 -10.40 -8.36 1.24
CA LEU A 219 -11.02 -9.07 2.34
C LEU A 219 -9.97 -9.53 3.35
N SER A 220 -8.73 -9.65 2.88
CA SER A 220 -7.64 -10.07 3.76
C SER A 220 -6.70 -8.91 4.07
N GLN A 221 -7.14 -7.69 3.71
CA GLN A 221 -6.32 -6.50 3.95
C GLN A 221 -6.09 -6.29 5.44
N ASN A 222 -7.18 -6.26 6.21
CA ASN A 222 -7.08 -6.06 7.66
C ASN A 222 -8.34 -5.38 8.18
N PHE A 223 -8.99 -6.01 9.15
CA PHE A 223 -10.21 -5.45 9.75
C PHE A 223 -10.62 -6.24 10.97
ZN ZN B . -0.66 -4.73 10.14
N GLU A 13 22.73 -2.11 -12.87
CA GLU A 13 21.57 -1.86 -12.02
C GLU A 13 21.68 -2.69 -10.73
N PRO A 14 21.49 -2.05 -9.61
CA PRO A 14 21.56 -2.73 -8.28
C PRO A 14 20.34 -3.60 -8.01
N TYR A 15 19.19 -3.18 -8.55
CA TYR A 15 17.94 -3.92 -8.36
C TYR A 15 18.11 -5.40 -8.69
N ASN A 16 19.28 -5.77 -9.17
CA ASN A 16 19.53 -7.16 -9.52
C ASN A 16 19.73 -8.00 -8.27
N GLU A 17 20.88 -7.83 -7.62
CA GLU A 17 21.18 -8.57 -6.40
C GLU A 17 20.63 -7.83 -5.19
N TRP A 18 20.53 -6.51 -5.32
CA TRP A 18 20.04 -5.67 -4.23
C TRP A 18 18.59 -6.00 -3.89
N THR A 19 17.72 -5.97 -4.90
CA THR A 19 16.32 -6.25 -4.69
C THR A 19 16.13 -7.45 -3.77
N LEU A 20 17.08 -8.39 -3.82
CA LEU A 20 17.02 -9.57 -2.98
C LEU A 20 17.31 -9.21 -1.52
N GLU A 21 18.30 -8.36 -1.32
CA GLU A 21 18.67 -7.93 0.02
C GLU A 21 17.60 -7.01 0.60
N LEU A 22 16.92 -6.27 -0.27
CA LEU A 22 15.87 -5.35 0.16
C LEU A 22 14.56 -6.11 0.36
N LEU A 23 14.29 -7.07 -0.51
CA LEU A 23 13.07 -7.86 -0.41
C LEU A 23 12.82 -8.30 1.02
N GLU A 24 13.73 -9.11 1.55
CA GLU A 24 13.61 -9.60 2.92
C GLU A 24 13.22 -8.47 3.86
N GLU A 25 13.70 -7.28 3.58
CA GLU A 25 13.39 -6.12 4.39
C GLU A 25 11.98 -5.62 4.12
N LEU A 26 11.68 -5.41 2.83
CA LEU A 26 10.36 -4.93 2.44
C LEU A 26 9.28 -5.87 2.95
N LYS A 27 9.55 -7.18 2.87
CA LYS A 27 8.58 -8.18 3.33
C LYS A 27 8.50 -8.19 4.84
N SER A 28 9.65 -7.94 5.49
CA SER A 28 9.70 -7.93 6.95
C SER A 28 8.49 -7.19 7.53
N GLU A 29 8.25 -5.99 7.03
CA GLU A 29 7.12 -5.19 7.50
C GLU A 29 5.86 -5.54 6.72
N ALA A 30 5.95 -5.46 5.40
CA ALA A 30 4.81 -5.78 4.55
C ALA A 30 4.29 -7.18 4.84
N VAL A 31 5.15 -8.17 4.65
CA VAL A 31 4.76 -9.56 4.90
C VAL A 31 4.12 -9.69 6.28
N ARG A 32 4.50 -8.81 7.19
CA ARG A 32 3.95 -8.84 8.54
C ARG A 32 2.66 -8.02 8.62
N HIS A 33 2.44 -7.17 7.63
CA HIS A 33 1.25 -6.34 7.59
C HIS A 33 0.36 -6.71 6.41
N PHE A 34 0.67 -7.86 5.79
CA PHE A 34 -0.10 -8.31 4.64
C PHE A 34 -0.44 -9.80 4.79
N PRO A 35 -1.54 -10.21 4.23
CA PRO A 35 -1.99 -11.63 4.29
C PRO A 35 -1.07 -12.55 3.50
N ARG A 36 -0.71 -13.68 4.10
CA ARG A 36 0.16 -14.64 3.44
C ARG A 36 -0.33 -14.93 2.02
N ILE A 37 -1.58 -15.35 1.91
CA ILE A 37 -2.16 -15.66 0.61
C ILE A 37 -1.80 -14.58 -0.41
N TRP A 38 -2.22 -13.35 -0.13
CA TRP A 38 -1.95 -12.23 -1.02
C TRP A 38 -0.46 -12.14 -1.32
N LEU A 39 0.35 -12.16 -0.27
CA LEU A 39 1.79 -12.08 -0.42
C LEU A 39 2.31 -13.26 -1.24
N HIS A 40 1.55 -14.35 -1.22
CA HIS A 40 1.92 -15.55 -1.95
C HIS A 40 1.46 -15.46 -3.41
N ASN A 41 0.25 -14.95 -3.61
CA ASN A 41 -0.30 -14.81 -4.95
C ASN A 41 0.35 -13.64 -5.67
N LEU A 42 0.69 -12.59 -4.93
CA LEU A 42 1.31 -11.41 -5.52
C LEU A 42 2.48 -11.82 -6.41
N GLY A 43 3.27 -12.79 -5.95
CA GLY A 43 4.41 -13.26 -6.73
C GLY A 43 3.98 -14.23 -7.81
N GLN A 44 2.87 -14.94 -7.57
CA GLN A 44 2.36 -15.89 -8.54
C GLN A 44 1.73 -15.18 -9.73
N HIS A 45 0.79 -14.29 -9.44
CA HIS A 45 0.11 -13.54 -10.50
C HIS A 45 1.11 -12.68 -11.27
N ILE A 46 1.88 -11.88 -10.56
CA ILE A 46 2.86 -11.01 -11.18
C ILE A 46 3.93 -11.84 -11.90
N TYR A 47 4.05 -13.11 -11.51
CA TYR A 47 5.03 -13.99 -12.12
C TYR A 47 4.48 -14.57 -13.42
N GLU A 48 3.19 -14.90 -13.42
CA GLU A 48 2.56 -15.46 -14.60
C GLU A 48 2.21 -14.35 -15.61
N THR A 49 2.02 -13.14 -15.09
CA THR A 49 1.68 -12.01 -15.95
C THR A 49 2.94 -11.44 -16.61
N TYR A 50 3.91 -11.06 -15.78
CA TYR A 50 5.15 -10.50 -16.29
C TYR A 50 6.14 -11.61 -16.61
N GLY A 51 5.93 -12.78 -16.02
CA GLY A 51 6.81 -13.91 -16.26
C GLY A 51 7.92 -13.97 -15.21
N ASP A 52 8.96 -14.74 -15.51
CA ASP A 52 10.08 -14.87 -14.58
C ASP A 52 11.06 -13.72 -14.77
N THR A 53 10.79 -12.86 -15.74
CA THR A 53 11.65 -11.72 -16.00
C THR A 53 11.98 -10.98 -14.72
N TRP A 54 12.92 -10.04 -14.80
CA TRP A 54 13.31 -9.25 -13.63
C TRP A 54 12.24 -8.22 -13.30
N ALA A 55 11.62 -7.65 -14.33
CA ALA A 55 10.58 -6.66 -14.13
C ALA A 55 9.55 -7.15 -13.12
N GLY A 56 9.30 -8.46 -13.12
CA GLY A 56 8.33 -9.03 -12.21
C GLY A 56 8.75 -8.81 -10.76
N VAL A 57 10.01 -9.10 -10.46
CA VAL A 57 10.52 -8.94 -9.10
C VAL A 57 10.79 -7.46 -8.81
N GLU A 58 11.00 -6.68 -9.87
CA GLU A 58 11.26 -5.26 -9.71
C GLU A 58 9.96 -4.48 -9.54
N ALA A 59 8.86 -5.10 -9.95
CA ALA A 59 7.55 -4.46 -9.83
C ALA A 59 6.97 -4.67 -8.44
N ILE A 60 7.00 -5.93 -7.99
CA ILE A 60 6.47 -6.26 -6.67
C ILE A 60 7.04 -5.33 -5.60
N ILE A 61 8.33 -5.05 -5.70
CA ILE A 61 8.98 -4.17 -4.74
C ILE A 61 8.39 -2.77 -4.80
N ARG A 62 7.94 -2.37 -6.00
CA ARG A 62 7.35 -1.06 -6.18
C ARG A 62 5.95 -1.01 -5.58
N ILE A 63 5.07 -1.88 -6.07
CA ILE A 63 3.70 -1.93 -5.57
C ILE A 63 3.68 -2.08 -4.06
N LEU A 64 4.50 -2.99 -3.55
CA LEU A 64 4.57 -3.24 -2.11
C LEU A 64 4.51 -1.92 -1.35
N GLN A 65 5.10 -0.87 -1.92
CA GLN A 65 5.11 0.43 -1.27
C GLN A 65 3.72 1.05 -1.30
N GLN A 66 3.03 0.86 -2.43
CA GLN A 66 1.68 1.40 -2.58
C GLN A 66 0.69 0.62 -1.71
N LEU A 67 1.01 -0.64 -1.44
CA LEU A 67 0.15 -1.48 -0.62
C LEU A 67 0.26 -1.10 0.86
N LEU A 68 1.48 -0.83 1.30
CA LEU A 68 1.71 -0.45 2.69
C LEU A 68 0.80 0.70 3.09
N PHE A 69 0.56 1.61 2.15
CA PHE A 69 -0.30 2.75 2.41
C PHE A 69 -1.74 2.30 2.65
N ILE A 70 -2.28 1.52 1.72
CA ILE A 70 -3.64 1.03 1.84
C ILE A 70 -3.82 0.28 3.16
N HIS A 71 -2.72 -0.28 3.66
CA HIS A 71 -2.77 -1.02 4.91
C HIS A 71 -3.17 -0.11 6.07
N PHE A 72 -2.91 1.19 5.90
CA PHE A 72 -3.26 2.17 6.93
C PHE A 72 -4.72 2.59 6.78
N ARG A 73 -5.10 2.97 5.57
CA ARG A 73 -6.47 3.41 5.30
C ARG A 73 -7.48 2.48 5.98
N ILE A 74 -7.46 1.22 5.59
CA ILE A 74 -8.38 0.25 6.15
C ILE A 74 -8.12 0.08 7.65
N GLY A 75 -6.84 0.08 8.03
CA GLY A 75 -6.48 -0.07 9.43
C GLY A 75 -5.63 -1.32 9.65
N CYS A 76 -4.61 -1.20 10.49
CA CYS A 76 -3.74 -2.33 10.77
C CYS A 76 -4.34 -3.22 11.87
N ARG A 77 -4.90 -4.35 11.46
CA ARG A 77 -5.51 -5.27 12.41
C ARG A 77 -4.44 -5.90 13.31
N HIS A 78 -3.21 -5.91 12.84
CA HIS A 78 -2.11 -6.47 13.62
C HIS A 78 -1.88 -5.67 14.89
N SER A 79 -1.92 -6.35 16.03
CA SER A 79 -1.71 -5.69 17.31
C SER A 79 -0.24 -5.32 17.49
N ASN A 93 16.53 10.75 5.68
CA ASN A 93 15.10 10.87 5.45
C ASN A 93 14.70 12.34 5.40
N PRO A 94 14.39 12.84 4.24
CA PRO A 94 13.98 14.25 4.05
C PRO A 94 12.61 14.52 4.68
N LEU A 95 11.92 13.44 5.01
CA LEU A 95 10.60 13.55 5.62
C LEU A 95 10.70 13.50 7.15
N GLU A 96 11.93 13.51 7.65
CA GLU A 96 12.15 13.48 9.09
C GLU A 96 11.41 14.62 9.77
N PHE A 97 11.61 15.84 9.26
CA PHE A 97 10.94 17.00 9.81
C PHE A 97 9.45 16.73 10.00
N LEU A 98 8.95 15.71 9.30
CA LEU A 98 7.54 15.35 9.39
C LEU A 98 7.09 15.33 10.85
N ARG A 99 7.96 14.87 11.74
CA ARG A 99 7.64 14.80 13.16
C ARG A 99 7.11 16.14 13.65
N ASP A 100 7.58 17.22 13.02
CA ASP A 100 7.16 18.56 13.40
C ASP A 100 5.94 18.99 12.59
N GLN A 101 5.57 18.19 11.61
CA GLN A 101 4.40 18.51 10.78
C GLN A 101 3.11 18.18 11.52
N PRO A 102 2.17 19.08 11.46
CA PRO A 102 0.84 18.89 12.15
C PRO A 102 0.05 17.75 11.51
N GLN A 103 0.08 17.67 10.19
CA GLN A 103 -0.63 16.63 9.48
C GLN A 103 -0.09 15.25 9.87
N PHE A 104 1.16 15.22 10.30
CA PHE A 104 1.78 13.96 10.72
C PHE A 104 1.34 13.57 12.11
N GLN A 105 1.25 14.57 13.00
CA GLN A 105 0.82 14.32 14.38
C GLN A 105 -0.70 14.25 14.46
N ASN A 106 -1.37 14.84 13.47
CA ASN A 106 -2.82 14.85 13.44
C ASN A 106 -3.35 13.56 12.81
N MET A 107 -2.68 13.10 11.75
CA MET A 107 -3.10 11.88 11.08
C MET A 107 -2.62 10.65 11.84
N ARG A 108 -1.55 10.81 12.61
CA ARG A 108 -1.00 9.71 13.39
C ARG A 108 -2.03 9.21 14.41
N GLN A 109 -2.49 10.12 15.25
CA GLN A 109 -3.48 9.76 16.28
C GLN A 109 -4.82 9.44 15.64
N VAL A 110 -5.03 9.93 14.43
CA VAL A 110 -6.28 9.68 13.72
C VAL A 110 -6.17 8.46 12.82
N ILE A 111 -4.95 8.14 12.41
CA ILE A 111 -4.71 6.99 11.55
C ILE A 111 -4.52 5.71 12.36
N GLN A 112 -3.62 5.76 13.33
CA GLN A 112 -3.33 4.60 14.16
C GLN A 112 -4.49 4.34 15.12
N GLN A 113 -5.04 5.40 15.70
CA GLN A 113 -6.16 5.25 16.64
C GLN A 113 -7.36 4.62 15.94
N ASN A 114 -7.81 5.25 14.86
CA ASN A 114 -8.95 4.73 14.11
C ASN A 114 -8.72 4.91 12.61
N PRO A 115 -8.07 3.96 12.00
CA PRO A 115 -7.78 3.99 10.54
C PRO A 115 -8.98 4.41 9.70
N ALA A 116 -10.15 4.44 10.34
CA ALA A 116 -11.37 4.84 9.65
C ALA A 116 -11.35 6.32 9.33
N LEU A 117 -10.30 7.01 9.78
CA LEU A 117 -10.17 8.44 9.55
C LEU A 117 -8.99 8.74 8.62
N LEU A 118 -8.37 7.68 8.10
CA LEU A 118 -7.23 7.85 7.21
C LEU A 118 -7.68 8.33 5.84
N PRO A 119 -8.65 7.66 5.24
CA PRO A 119 -9.17 8.02 3.90
C PRO A 119 -9.23 9.53 3.70
N ALA A 120 -9.68 10.25 4.73
CA ALA A 120 -9.79 11.70 4.65
C ALA A 120 -8.47 12.37 5.00
N LEU A 121 -7.77 11.79 5.99
CA LEU A 121 -6.50 12.34 6.42
C LEU A 121 -5.51 12.44 5.25
N LEU A 122 -5.18 11.28 4.68
CA LEU A 122 -4.24 11.24 3.56
C LEU A 122 -4.67 12.22 2.47
N GLN A 123 -5.98 12.44 2.36
CA GLN A 123 -6.50 13.37 1.35
C GLN A 123 -6.05 14.80 1.65
N GLN A 124 -5.90 15.10 2.93
CA GLN A 124 -5.47 16.44 3.34
C GLN A 124 -3.95 16.54 3.34
N LEU A 125 -3.29 15.46 3.76
CA LEU A 125 -1.83 15.45 3.79
C LEU A 125 -1.25 15.81 2.44
N GLY A 126 -1.87 15.30 1.38
CA GLY A 126 -1.40 15.58 0.02
C GLY A 126 -1.85 16.97 -0.43
N GLN A 127 -2.81 17.54 0.29
CA GLN A 127 -3.31 18.86 -0.04
C GLN A 127 -2.46 19.94 0.60
N GLU A 128 -1.98 19.67 1.81
CA GLU A 128 -1.15 20.63 2.53
C GLU A 128 0.32 20.22 2.47
N ASN A 129 0.57 19.01 1.98
CA ASN A 129 1.93 18.51 1.86
C ASN A 129 2.05 17.55 0.69
N PRO A 130 2.10 18.07 -0.50
CA PRO A 130 2.23 17.25 -1.74
C PRO A 130 3.62 16.63 -1.88
N GLN A 131 4.63 17.34 -1.39
CA GLN A 131 6.00 16.84 -1.47
C GLN A 131 6.18 15.63 -0.55
N LEU A 132 5.41 15.59 0.52
CA LEU A 132 5.50 14.48 1.46
C LEU A 132 4.65 13.30 0.99
N LEU A 133 3.42 13.59 0.61
CA LEU A 133 2.51 12.56 0.14
C LEU A 133 3.22 11.61 -0.83
N GLN A 134 3.96 12.20 -1.77
CA GLN A 134 4.70 11.42 -2.75
C GLN A 134 5.82 10.63 -2.08
N GLN A 135 6.25 11.11 -0.91
CA GLN A 135 7.31 10.45 -0.16
C GLN A 135 6.74 9.33 0.70
N ILE A 136 5.67 9.63 1.42
CA ILE A 136 5.03 8.65 2.29
C ILE A 136 4.90 7.30 1.58
N SER A 137 4.28 7.32 0.40
CA SER A 137 4.09 6.11 -0.37
C SER A 137 5.44 5.51 -0.76
N ARG A 138 6.48 6.34 -0.77
CA ARG A 138 7.82 5.87 -1.14
C ARG A 138 8.55 5.32 0.08
N HIS A 139 8.35 5.94 1.23
CA HIS A 139 9.01 5.50 2.45
C HIS A 139 8.01 4.94 3.44
N GLN A 140 7.14 4.05 2.96
CA GLN A 140 6.14 3.45 3.83
C GLN A 140 6.77 2.96 5.12
N GLU A 141 7.69 2.00 5.01
CA GLU A 141 8.36 1.46 6.17
C GLU A 141 8.74 2.57 7.14
N GLN A 142 9.53 3.52 6.67
CA GLN A 142 9.95 4.64 7.50
C GLN A 142 8.73 5.44 7.96
N PHE A 143 7.66 5.38 7.18
CA PHE A 143 6.44 6.09 7.51
C PHE A 143 5.59 5.29 8.49
N ILE A 144 5.77 3.97 8.48
CA ILE A 144 5.02 3.10 9.37
C ILE A 144 5.69 3.03 10.73
N GLN A 145 7.02 3.05 10.73
CA GLN A 145 7.77 2.99 11.98
C GLN A 145 7.47 4.22 12.85
N MET A 146 7.50 5.39 12.24
CA MET A 146 7.23 6.63 12.96
C MET A 146 5.76 6.71 13.35
N LEU A 147 4.88 6.23 12.47
CA LEU A 147 3.46 6.27 12.75
C LEU A 147 3.09 5.24 13.81
N ASN A 148 3.47 3.98 13.56
CA ASN A 148 3.17 2.91 14.52
C ASN A 148 3.85 3.19 15.85
N GLU A 149 4.80 4.12 15.85
CA GLU A 149 5.51 4.49 17.06
C GLU A 149 5.33 5.96 17.36
N PRO A 150 5.76 6.40 18.51
CA PRO A 150 5.64 7.83 18.92
C PRO A 150 6.20 8.77 17.85
N PRO A 151 5.46 9.81 17.54
CA PRO A 151 5.88 10.80 16.50
C PRO A 151 7.14 11.56 16.91
N ILE A 177 -7.48 6.15 -11.63
CA ILE A 177 -8.39 6.42 -12.72
C ILE A 177 -7.85 5.87 -14.03
N GLN A 178 -6.70 5.20 -13.96
CA GLN A 178 -6.08 4.62 -15.13
C GLN A 178 -6.91 3.44 -15.64
N VAL A 179 -8.12 3.28 -15.10
CA VAL A 179 -8.98 2.18 -15.51
C VAL A 179 -9.96 2.65 -16.57
N THR A 180 -10.76 1.73 -17.08
CA THR A 180 -11.74 2.06 -18.11
C THR A 180 -13.02 1.25 -17.90
N PRO A 181 -13.99 1.46 -18.74
CA PRO A 181 -15.29 0.73 -18.66
C PRO A 181 -15.08 -0.77 -18.81
N GLN A 182 -13.91 -1.14 -19.30
CA GLN A 182 -13.56 -2.53 -19.51
C GLN A 182 -13.09 -3.17 -18.21
N GLU A 183 -12.15 -2.52 -17.52
CA GLU A 183 -11.64 -3.04 -16.26
C GLU A 183 -12.50 -2.58 -15.10
N LYS A 184 -12.93 -1.32 -15.17
CA LYS A 184 -13.77 -0.75 -14.13
C LYS A 184 -14.81 -1.77 -13.64
N GLU A 185 -15.70 -2.15 -14.54
CA GLU A 185 -16.74 -3.11 -14.21
C GLU A 185 -16.18 -4.21 -13.30
N ALA A 186 -14.87 -4.44 -13.41
CA ALA A 186 -14.23 -5.46 -12.60
C ALA A 186 -13.85 -4.90 -11.23
N ILE A 187 -13.43 -3.64 -11.21
CA ILE A 187 -13.04 -2.99 -9.96
C ILE A 187 -14.21 -2.96 -8.99
N GLU A 188 -15.29 -2.29 -9.38
CA GLU A 188 -16.46 -2.19 -8.53
C GLU A 188 -16.88 -3.57 -8.04
N ARG A 189 -16.79 -4.56 -8.92
CA ARG A 189 -17.17 -5.92 -8.55
C ARG A 189 -16.64 -6.25 -7.16
N LEU A 190 -15.51 -5.66 -6.80
CA LEU A 190 -14.92 -5.90 -5.49
C LEU A 190 -15.54 -4.98 -4.45
N LYS A 191 -15.82 -3.75 -4.86
CA LYS A 191 -16.43 -2.77 -3.95
C LYS A 191 -17.83 -3.22 -3.54
N ALA A 192 -18.52 -3.90 -4.45
CA ALA A 192 -19.86 -4.38 -4.16
C ALA A 192 -19.87 -5.25 -2.90
N LEU A 193 -18.68 -5.69 -2.48
CA LEU A 193 -18.57 -6.52 -1.29
C LEU A 193 -18.74 -5.67 -0.04
N GLY A 194 -18.99 -4.38 -0.23
CA GLY A 194 -19.18 -3.48 0.90
C GLY A 194 -17.97 -2.57 1.07
N PHE A 195 -17.22 -2.39 -0.01
CA PHE A 195 -16.04 -1.53 0.02
C PHE A 195 -16.22 -0.33 -0.90
N PRO A 196 -15.63 0.78 -0.54
CA PRO A 196 -15.72 2.04 -1.33
C PRO A 196 -15.36 1.81 -2.80
N GLU A 197 -15.86 2.70 -3.67
CA GLU A 197 -15.58 2.59 -5.09
C GLU A 197 -14.11 2.89 -5.38
N SER A 198 -13.60 3.94 -4.75
CA SER A 198 -12.21 4.32 -4.95
C SER A 198 -11.28 3.38 -4.20
N LEU A 199 -11.66 3.03 -2.97
CA LEU A 199 -10.85 2.13 -2.16
C LEU A 199 -10.42 0.91 -2.97
N VAL A 200 -11.28 0.49 -3.90
CA VAL A 200 -10.98 -0.66 -4.74
C VAL A 200 -10.10 -0.25 -5.92
N ILE A 201 -10.32 0.97 -6.42
CA ILE A 201 -9.53 1.47 -7.54
C ILE A 201 -8.04 1.46 -7.20
N GLN A 202 -7.71 1.99 -6.02
CA GLN A 202 -6.32 2.04 -5.59
C GLN A 202 -5.73 0.63 -5.50
N ALA A 203 -6.35 -0.21 -4.67
CA ALA A 203 -5.87 -1.57 -4.50
C ALA A 203 -5.65 -2.23 -5.85
N TYR A 204 -6.60 -2.08 -6.76
CA TYR A 204 -6.49 -2.66 -8.09
C TYR A 204 -5.15 -2.29 -8.73
N PHE A 205 -4.96 -0.99 -8.95
CA PHE A 205 -3.71 -0.51 -9.56
C PHE A 205 -2.53 -0.83 -8.67
N ALA A 206 -2.80 -1.09 -7.39
CA ALA A 206 -1.75 -1.41 -6.43
C ALA A 206 -1.42 -2.90 -6.47
N CYS A 207 -2.39 -3.69 -6.94
CA CYS A 207 -2.20 -5.14 -7.02
C CYS A 207 -1.88 -5.55 -8.45
N GLU A 208 -1.40 -4.60 -9.25
CA GLU A 208 -1.06 -4.87 -10.64
C GLU A 208 -2.31 -5.20 -11.45
N LYS A 209 -3.25 -4.27 -11.48
CA LYS A 209 -4.50 -4.46 -12.23
C LYS A 209 -5.03 -5.88 -12.03
N ASN A 210 -4.56 -6.55 -10.98
CA ASN A 210 -5.00 -7.91 -10.69
C ASN A 210 -6.23 -7.89 -9.79
N GLU A 211 -7.40 -8.11 -10.38
CA GLU A 211 -8.64 -8.11 -9.63
C GLU A 211 -8.62 -9.23 -8.59
N ASN A 212 -8.11 -10.39 -8.99
CA ASN A 212 -8.04 -11.54 -8.09
C ASN A 212 -7.25 -11.18 -6.84
N LEU A 213 -6.04 -10.67 -7.04
CA LEU A 213 -5.19 -10.29 -5.91
C LEU A 213 -5.85 -9.19 -5.09
N ALA A 214 -6.40 -8.20 -5.76
CA ALA A 214 -7.06 -7.09 -5.08
C ALA A 214 -8.21 -7.61 -4.22
N ALA A 215 -9.11 -8.36 -4.84
CA ALA A 215 -10.26 -8.92 -4.13
C ALA A 215 -9.81 -9.56 -2.82
N ASN A 216 -8.68 -10.27 -2.87
CA ASN A 216 -8.15 -10.92 -1.68
C ASN A 216 -7.45 -9.90 -0.77
N PHE A 217 -6.88 -8.87 -1.38
CA PHE A 217 -6.19 -7.84 -0.63
C PHE A 217 -7.17 -7.07 0.25
N LEU A 218 -8.32 -6.74 -0.31
CA LEU A 218 -9.34 -6.00 0.42
C LEU A 218 -10.00 -6.89 1.47
N LEU A 219 -10.17 -8.17 1.12
CA LEU A 219 -10.78 -9.12 2.04
C LEU A 219 -9.75 -9.64 3.04
N SER A 220 -8.49 -9.67 2.63
CA SER A 220 -7.42 -10.14 3.49
C SER A 220 -6.57 -8.97 3.99
N GLN A 221 -7.05 -7.75 3.74
CA GLN A 221 -6.33 -6.56 4.16
C GLN A 221 -6.24 -6.49 5.68
N ASN A 222 -7.01 -7.35 6.35
CA ASN A 222 -7.01 -7.38 7.81
C ASN A 222 -8.01 -6.37 8.36
N PHE A 223 -8.91 -6.84 9.22
CA PHE A 223 -9.92 -5.96 9.81
C PHE A 223 -10.62 -6.66 10.97
ZN ZN B . -0.58 -4.42 10.06
N GLU A 13 22.49 -0.28 -11.69
CA GLU A 13 21.46 -1.27 -11.99
C GLU A 13 21.66 -2.52 -11.13
N PRO A 14 21.87 -2.33 -9.86
CA PRO A 14 22.08 -3.45 -8.90
C PRO A 14 20.79 -4.20 -8.61
N TYR A 15 19.70 -3.76 -9.24
CA TYR A 15 18.39 -4.39 -9.03
C TYR A 15 18.45 -5.89 -9.25
N ASN A 16 19.61 -6.40 -9.63
CA ASN A 16 19.77 -7.83 -9.86
C ASN A 16 19.84 -8.58 -8.52
N GLU A 17 20.96 -8.45 -7.83
CA GLU A 17 21.15 -9.11 -6.54
C GLU A 17 20.61 -8.23 -5.42
N TRP A 18 20.63 -6.92 -5.65
CA TRP A 18 20.18 -5.96 -4.65
C TRP A 18 18.68 -6.10 -4.38
N THR A 19 17.89 -6.03 -5.44
CA THR A 19 16.44 -6.12 -5.29
C THR A 19 16.06 -7.22 -4.32
N LEU A 20 16.94 -8.20 -4.15
CA LEU A 20 16.68 -9.31 -3.24
C LEU A 20 16.99 -8.90 -1.81
N GLU A 21 18.00 -8.04 -1.65
CA GLU A 21 18.39 -7.57 -0.32
C GLU A 21 17.30 -6.70 0.28
N LEU A 22 16.55 -6.02 -0.58
CA LEU A 22 15.47 -5.16 -0.12
C LEU A 22 14.21 -5.97 0.16
N LEU A 23 13.92 -6.92 -0.71
CA LEU A 23 12.74 -7.76 -0.56
C LEU A 23 12.73 -8.39 0.84
N GLU A 24 13.81 -9.07 1.19
CA GLU A 24 13.90 -9.71 2.49
C GLU A 24 13.52 -8.74 3.60
N GLU A 25 14.23 -7.62 3.66
CA GLU A 25 13.95 -6.60 4.68
C GLU A 25 12.53 -6.07 4.52
N LEU A 26 12.06 -6.04 3.28
CA LEU A 26 10.71 -5.54 3.02
C LEU A 26 9.67 -6.47 3.63
N LYS A 27 9.82 -7.77 3.39
CA LYS A 27 8.88 -8.73 3.93
C LYS A 27 8.77 -8.60 5.45
N SER A 28 9.90 -8.35 6.10
CA SER A 28 9.91 -8.20 7.54
C SER A 28 8.77 -7.29 7.99
N GLU A 29 8.59 -6.17 7.28
CA GLU A 29 7.54 -5.22 7.62
C GLU A 29 6.24 -5.60 6.92
N ALA A 30 6.34 -5.98 5.64
CA ALA A 30 5.17 -6.36 4.87
C ALA A 30 4.63 -7.71 5.33
N VAL A 31 5.46 -8.73 5.23
CA VAL A 31 5.05 -10.08 5.63
C VAL A 31 4.37 -10.04 6.99
N ARG A 32 4.66 -9.01 7.78
CA ARG A 32 4.07 -8.87 9.11
C ARG A 32 2.79 -8.04 9.04
N HIS A 33 2.73 -7.12 8.08
CA HIS A 33 1.56 -6.27 7.93
C HIS A 33 0.79 -6.64 6.67
N PHE A 34 1.14 -7.76 6.06
CA PHE A 34 0.48 -8.22 4.85
C PHE A 34 -0.13 -9.62 5.05
N PRO A 35 -1.38 -9.76 4.72
CA PRO A 35 -2.09 -11.08 4.87
C PRO A 35 -1.39 -12.19 4.10
N ARG A 36 -1.12 -13.30 4.78
CA ARG A 36 -0.46 -14.43 4.16
C ARG A 36 -1.06 -14.70 2.78
N ILE A 37 -2.39 -14.68 2.71
CA ILE A 37 -3.08 -14.94 1.45
C ILE A 37 -2.62 -13.96 0.37
N TRP A 38 -2.82 -12.68 0.62
CA TRP A 38 -2.42 -11.65 -0.34
C TRP A 38 -0.93 -11.76 -0.66
N LEU A 39 -0.11 -11.65 0.38
CA LEU A 39 1.33 -11.75 0.20
C LEU A 39 1.69 -12.96 -0.66
N HIS A 40 0.80 -13.95 -0.66
CA HIS A 40 1.02 -15.17 -1.44
C HIS A 40 0.65 -14.94 -2.90
N ASN A 41 -0.54 -14.37 -3.12
CA ASN A 41 -1.01 -14.10 -4.48
C ASN A 41 -0.20 -12.98 -5.12
N LEU A 42 0.41 -12.15 -4.28
CA LEU A 42 1.22 -11.04 -4.77
C LEU A 42 2.34 -11.54 -5.68
N GLY A 43 3.14 -12.46 -5.15
CA GLY A 43 4.25 -13.01 -5.91
C GLY A 43 3.75 -14.06 -6.91
N GLN A 44 2.58 -14.62 -6.63
CA GLN A 44 2.00 -15.63 -7.50
C GLN A 44 1.39 -14.98 -8.74
N HIS A 45 0.79 -13.81 -8.55
CA HIS A 45 0.15 -13.09 -9.66
C HIS A 45 1.20 -12.28 -10.42
N ILE A 46 1.76 -11.28 -9.76
CA ILE A 46 2.77 -10.42 -10.39
C ILE A 46 3.78 -11.27 -11.15
N TYR A 47 4.13 -12.42 -10.58
CA TYR A 47 5.09 -13.31 -11.21
C TYR A 47 4.50 -13.93 -12.48
N GLU A 48 3.18 -14.11 -12.49
CA GLU A 48 2.51 -14.68 -13.65
C GLU A 48 2.32 -13.62 -14.73
N THR A 49 2.28 -12.36 -14.33
CA THR A 49 2.10 -11.26 -15.27
C THR A 49 3.28 -11.19 -16.23
N TYR A 50 4.47 -10.96 -15.68
CA TYR A 50 5.68 -10.87 -16.51
C TYR A 50 6.38 -12.21 -16.58
N GLY A 51 6.18 -13.04 -15.56
CA GLY A 51 6.81 -14.36 -15.53
C GLY A 51 8.10 -14.32 -14.70
N ASP A 52 9.13 -14.98 -15.21
CA ASP A 52 10.40 -15.02 -14.51
C ASP A 52 11.20 -13.74 -14.77
N THR A 53 10.73 -12.94 -15.73
CA THR A 53 11.40 -11.69 -16.06
C THR A 53 11.77 -10.92 -14.80
N TRP A 54 12.80 -10.09 -14.89
CA TRP A 54 13.24 -9.30 -13.74
C TRP A 54 12.23 -8.20 -13.43
N ALA A 55 11.54 -7.73 -14.46
CA ALA A 55 10.54 -6.67 -14.27
C ALA A 55 9.60 -7.02 -13.14
N GLY A 56 9.15 -8.27 -13.10
CA GLY A 56 8.23 -8.72 -12.06
C GLY A 56 8.82 -8.47 -10.67
N VAL A 57 10.02 -9.01 -10.44
CA VAL A 57 10.68 -8.84 -9.15
C VAL A 57 10.94 -7.36 -8.88
N GLU A 58 11.00 -6.56 -9.94
CA GLU A 58 11.26 -5.13 -9.80
C GLU A 58 9.97 -4.40 -9.40
N ALA A 59 8.91 -4.63 -10.16
CA ALA A 59 7.63 -3.98 -9.87
C ALA A 59 7.06 -4.48 -8.55
N ILE A 60 7.52 -5.64 -8.12
CA ILE A 60 7.04 -6.22 -6.86
C ILE A 60 7.54 -5.41 -5.68
N ILE A 61 8.78 -4.93 -5.77
CA ILE A 61 9.37 -4.13 -4.69
C ILE A 61 8.57 -2.85 -4.48
N ARG A 62 8.28 -2.15 -5.58
CA ARG A 62 7.53 -0.91 -5.50
C ARG A 62 6.04 -1.19 -5.34
N ILE A 63 5.61 -2.38 -5.75
CA ILE A 63 4.21 -2.76 -5.65
C ILE A 63 3.82 -2.98 -4.19
N LEU A 64 4.69 -3.67 -3.45
CA LEU A 64 4.43 -3.95 -2.04
C LEU A 64 4.76 -2.73 -1.19
N GLN A 65 5.69 -1.91 -1.67
CA GLN A 65 6.10 -0.72 -0.94
C GLN A 65 4.93 0.26 -0.81
N GLN A 66 4.34 0.62 -1.94
CA GLN A 66 3.22 1.55 -1.94
C GLN A 66 1.98 0.89 -1.34
N LEU A 67 1.89 -0.43 -1.48
CA LEU A 67 0.74 -1.16 -0.95
C LEU A 67 0.66 -0.99 0.56
N LEU A 68 1.81 -0.91 1.22
CA LEU A 68 1.84 -0.74 2.67
C LEU A 68 1.00 0.46 3.09
N PHE A 69 0.82 1.40 2.15
CA PHE A 69 0.03 2.59 2.44
C PHE A 69 -1.42 2.21 2.73
N ILE A 70 -1.96 1.27 1.94
CA ILE A 70 -3.33 0.83 2.11
C ILE A 70 -3.50 0.12 3.44
N HIS A 71 -2.41 -0.42 3.97
CA HIS A 71 -2.45 -1.12 5.25
C HIS A 71 -3.00 -0.20 6.34
N PHE A 72 -2.78 1.10 6.16
CA PHE A 72 -3.25 2.08 7.14
C PHE A 72 -4.70 2.44 6.86
N ARG A 73 -5.04 2.57 5.58
CA ARG A 73 -6.40 2.92 5.19
C ARG A 73 -7.43 2.13 5.99
N ILE A 74 -7.34 0.80 5.90
CA ILE A 74 -8.26 -0.06 6.63
C ILE A 74 -7.90 -0.12 8.11
N GLY A 75 -6.60 -0.19 8.39
CA GLY A 75 -6.14 -0.25 9.77
C GLY A 75 -5.25 -1.46 10.00
N CYS A 76 -4.20 -1.28 10.79
CA CYS A 76 -3.28 -2.37 11.08
C CYS A 76 -3.89 -3.33 12.10
N ARG A 77 -4.19 -4.55 11.65
CA ARG A 77 -4.78 -5.55 12.53
C ARG A 77 -3.71 -6.15 13.43
N HIS A 78 -2.47 -5.75 13.23
CA HIS A 78 -1.36 -6.26 14.03
C HIS A 78 -1.02 -5.28 15.15
N SER A 79 -0.36 -5.79 16.19
CA SER A 79 0.03 -4.94 17.32
C SER A 79 -1.20 -4.48 18.09
N ASN A 93 16.04 12.94 5.63
CA ASN A 93 14.88 12.32 5.00
C ASN A 93 13.80 13.36 4.71
N PRO A 94 13.36 13.44 3.49
CA PRO A 94 12.30 14.41 3.08
C PRO A 94 10.96 14.08 3.72
N LEU A 95 10.96 13.04 4.56
CA LEU A 95 9.75 12.63 5.25
C LEU A 95 9.91 12.77 6.76
N GLU A 96 11.16 12.67 7.21
CA GLU A 96 11.45 12.79 8.64
C GLU A 96 10.84 14.06 9.21
N PHE A 97 11.19 15.20 8.60
CA PHE A 97 10.67 16.49 9.06
C PHE A 97 9.15 16.46 9.12
N LEU A 98 8.55 15.44 8.52
CA LEU A 98 7.09 15.32 8.51
C LEU A 98 6.52 15.61 9.89
N ARG A 99 7.13 15.03 10.92
CA ARG A 99 6.67 15.22 12.29
C ARG A 99 6.44 16.70 12.56
N ASP A 100 7.19 17.55 11.86
CA ASP A 100 7.06 19.00 12.03
C ASP A 100 5.68 19.47 11.58
N GLN A 101 4.88 18.54 11.09
CA GLN A 101 3.53 18.88 10.62
C GLN A 101 2.48 18.33 11.58
N PRO A 102 1.40 19.04 11.72
CA PRO A 102 0.28 18.62 12.62
C PRO A 102 -0.45 17.39 12.09
N GLN A 103 -0.57 17.31 10.77
CA GLN A 103 -1.25 16.19 10.13
C GLN A 103 -0.59 14.86 10.54
N PHE A 104 0.74 14.81 10.47
CA PHE A 104 1.45 13.59 10.83
C PHE A 104 1.22 13.27 12.31
N GLN A 105 1.28 14.30 13.15
CA GLN A 105 1.08 14.11 14.58
C GLN A 105 -0.39 13.83 14.87
N ASN A 106 -1.28 14.37 14.04
CA ASN A 106 -2.71 14.16 14.22
C ASN A 106 -3.15 12.85 13.58
N MET A 107 -2.99 12.77 12.26
CA MET A 107 -3.37 11.57 11.52
C MET A 107 -2.77 10.32 12.18
N ARG A 108 -1.54 10.47 12.68
CA ARG A 108 -0.87 9.35 13.32
C ARG A 108 -1.56 8.98 14.62
N GLN A 109 -2.22 9.96 15.24
CA GLN A 109 -2.92 9.72 16.50
C GLN A 109 -4.29 9.10 16.23
N VAL A 110 -4.94 9.56 15.17
CA VAL A 110 -6.25 9.04 14.80
C VAL A 110 -6.12 7.78 13.96
N ILE A 111 -5.02 7.67 13.23
CA ILE A 111 -4.78 6.51 12.38
C ILE A 111 -4.44 5.29 13.23
N GLN A 112 -3.44 5.44 14.10
CA GLN A 112 -3.02 4.34 14.95
C GLN A 112 -4.16 3.89 15.85
N GLN A 113 -5.10 4.80 16.13
CA GLN A 113 -6.24 4.49 16.97
C GLN A 113 -7.40 3.98 16.12
N ASN A 114 -7.81 4.78 15.15
CA ASN A 114 -8.91 4.40 14.27
C ASN A 114 -8.54 4.69 12.81
N PRO A 115 -7.73 3.85 12.23
CA PRO A 115 -7.29 4.00 10.81
C PRO A 115 -8.44 4.38 9.90
N ALA A 116 -9.67 4.21 10.39
CA ALA A 116 -10.85 4.53 9.61
C ALA A 116 -10.83 6.00 9.19
N LEU A 117 -9.90 6.76 9.75
CA LEU A 117 -9.78 8.17 9.43
C LEU A 117 -8.61 8.41 8.47
N LEU A 118 -8.00 7.33 8.00
CA LEU A 118 -6.87 7.43 7.08
C LEU A 118 -7.36 7.71 5.67
N PRO A 119 -8.40 7.04 5.24
CA PRO A 119 -8.97 7.24 3.87
C PRO A 119 -9.14 8.70 3.51
N ALA A 120 -9.63 9.49 4.48
CA ALA A 120 -9.83 10.91 4.24
C ALA A 120 -8.55 11.69 4.52
N LEU A 121 -7.89 11.36 5.64
CA LEU A 121 -6.66 12.04 6.01
C LEU A 121 -5.70 12.11 4.82
N LEU A 122 -5.28 10.94 4.34
CA LEU A 122 -4.37 10.88 3.21
C LEU A 122 -4.77 11.90 2.14
N GLN A 123 -6.07 11.96 1.85
CA GLN A 123 -6.56 12.89 0.85
C GLN A 123 -6.17 14.33 1.20
N GLN A 124 -6.44 14.72 2.44
CA GLN A 124 -6.11 16.07 2.89
C GLN A 124 -4.60 16.26 2.97
N LEU A 125 -3.88 15.14 3.06
CA LEU A 125 -2.43 15.19 3.14
C LEU A 125 -1.82 15.55 1.77
N GLY A 126 -2.06 14.69 0.79
CA GLY A 126 -1.53 14.93 -0.56
C GLY A 126 -2.19 16.15 -1.18
N GLN A 127 -3.29 16.60 -0.59
CA GLN A 127 -4.00 17.76 -1.10
C GLN A 127 -3.43 19.05 -0.50
N GLU A 128 -2.76 18.91 0.64
CA GLU A 128 -2.17 20.07 1.31
C GLU A 128 -0.65 19.98 1.29
N ASN A 129 -0.14 18.83 0.86
CA ASN A 129 1.30 18.63 0.79
C ASN A 129 1.65 17.61 -0.30
N PRO A 130 1.38 17.94 -1.52
CA PRO A 130 1.66 17.04 -2.69
C PRO A 130 3.08 16.47 -2.64
N GLN A 131 4.05 17.35 -2.38
CA GLN A 131 5.44 16.93 -2.31
C GLN A 131 5.59 15.71 -1.41
N LEU A 132 5.00 15.79 -0.22
CA LEU A 132 5.07 14.68 0.73
C LEU A 132 4.41 13.43 0.16
N LEU A 133 3.21 13.62 -0.40
CA LEU A 133 2.48 12.50 -0.98
C LEU A 133 3.39 11.66 -1.86
N GLN A 134 4.43 12.28 -2.41
CA GLN A 134 5.37 11.58 -3.27
C GLN A 134 6.42 10.85 -2.43
N GLN A 135 6.67 11.37 -1.24
CA GLN A 135 7.65 10.74 -0.35
C GLN A 135 7.01 9.63 0.46
N ILE A 136 5.88 9.93 1.11
CA ILE A 136 5.19 8.93 1.91
C ILE A 136 4.97 7.65 1.10
N SER A 137 4.56 7.81 -0.15
CA SER A 137 4.31 6.68 -1.02
C SER A 137 5.58 5.86 -1.21
N ARG A 138 6.73 6.51 -1.05
CA ARG A 138 8.01 5.84 -1.22
C ARG A 138 8.75 5.78 0.12
N HIS A 139 8.01 5.94 1.21
CA HIS A 139 8.60 5.90 2.54
C HIS A 139 7.68 5.18 3.51
N GLN A 140 6.81 4.32 2.99
CA GLN A 140 5.87 3.60 3.84
C GLN A 140 6.58 3.04 5.07
N GLU A 141 7.52 2.14 4.86
CA GLU A 141 8.25 1.56 5.98
C GLU A 141 8.66 2.64 6.97
N GLN A 142 9.52 3.54 6.53
CA GLN A 142 9.98 4.63 7.39
C GLN A 142 8.79 5.48 7.83
N PHE A 143 7.70 5.37 7.08
CA PHE A 143 6.49 6.12 7.39
C PHE A 143 5.67 5.38 8.42
N ILE A 144 5.82 4.06 8.46
CA ILE A 144 5.08 3.22 9.40
C ILE A 144 5.82 3.17 10.73
N GLN A 145 7.11 2.88 10.69
CA GLN A 145 7.92 2.80 11.90
C GLN A 145 7.52 3.91 12.87
N MET A 146 7.28 5.10 12.32
CA MET A 146 6.90 6.24 13.14
C MET A 146 5.39 6.23 13.40
N LEU A 147 4.62 5.88 12.38
CA LEU A 147 3.17 5.83 12.52
C LEU A 147 2.76 4.62 13.34
N ASN A 148 3.71 3.75 13.64
CA ASN A 148 3.44 2.56 14.43
C ASN A 148 4.08 2.69 15.80
N GLU A 149 4.91 3.71 15.97
CA GLU A 149 5.59 3.94 17.23
C GLU A 149 5.61 5.44 17.54
N PRO A 150 6.20 5.82 18.64
CA PRO A 150 6.28 7.25 19.05
C PRO A 150 6.80 8.13 17.92
N PRO A 151 6.22 9.27 17.74
CA PRO A 151 6.61 10.23 16.67
C PRO A 151 8.00 10.82 16.91
N ILE A 177 -6.88 6.24 -10.70
CA ILE A 177 -7.91 6.19 -11.72
C ILE A 177 -7.34 5.57 -12.98
N GLN A 178 -6.78 6.42 -13.83
CA GLN A 178 -6.17 5.95 -15.07
C GLN A 178 -6.82 4.66 -15.52
N VAL A 179 -8.14 4.60 -15.37
CA VAL A 179 -8.89 3.41 -15.76
C VAL A 179 -9.88 3.74 -16.86
N THR A 180 -10.60 2.72 -17.31
CA THR A 180 -11.59 2.88 -18.36
C THR A 180 -12.81 2.02 -18.06
N PRO A 181 -13.83 2.12 -18.86
CA PRO A 181 -15.08 1.33 -18.68
C PRO A 181 -14.78 -0.16 -18.73
N GLN A 182 -13.61 -0.50 -19.26
CA GLN A 182 -13.19 -1.88 -19.38
C GLN A 182 -12.49 -2.35 -18.10
N GLU A 183 -11.57 -1.54 -17.59
CA GLU A 183 -10.83 -1.90 -16.38
C GLU A 183 -11.56 -1.41 -15.13
N LYS A 184 -11.80 -0.11 -15.05
CA LYS A 184 -12.48 0.47 -13.90
C LYS A 184 -13.75 -0.31 -13.56
N GLU A 185 -14.39 -0.87 -14.59
CA GLU A 185 -15.61 -1.66 -14.36
C GLU A 185 -15.34 -2.78 -13.38
N ALA A 186 -14.31 -3.56 -13.65
CA ALA A 186 -13.94 -4.68 -12.78
C ALA A 186 -13.66 -4.18 -11.37
N ILE A 187 -13.17 -2.95 -11.26
CA ILE A 187 -12.85 -2.37 -9.96
C ILE A 187 -14.12 -2.24 -9.11
N GLU A 188 -15.07 -1.45 -9.60
CA GLU A 188 -16.31 -1.24 -8.86
C GLU A 188 -16.90 -2.57 -8.41
N ARG A 189 -16.69 -3.61 -9.23
CA ARG A 189 -17.21 -4.93 -8.90
C ARG A 189 -16.71 -5.37 -7.53
N LEU A 190 -15.55 -4.88 -7.14
CA LEU A 190 -14.96 -5.24 -5.85
C LEU A 190 -15.55 -4.36 -4.75
N LYS A 191 -15.92 -3.14 -5.09
CA LYS A 191 -16.49 -2.21 -4.12
C LYS A 191 -17.86 -2.68 -3.68
N ALA A 192 -18.51 -3.48 -4.53
CA ALA A 192 -19.84 -3.99 -4.23
C ALA A 192 -19.79 -4.97 -3.04
N LEU A 193 -18.58 -5.42 -2.73
CA LEU A 193 -18.40 -6.36 -1.62
C LEU A 193 -18.45 -5.62 -0.29
N GLY A 194 -19.00 -4.41 -0.30
CA GLY A 194 -19.11 -3.61 0.91
C GLY A 194 -17.94 -2.63 1.02
N PHE A 195 -17.08 -2.64 0.01
CA PHE A 195 -15.94 -1.73 -0.01
C PHE A 195 -16.22 -0.52 -0.89
N PRO A 196 -15.73 0.63 -0.50
CA PRO A 196 -15.93 1.89 -1.26
C PRO A 196 -15.58 1.74 -2.73
N GLU A 197 -16.06 2.67 -3.55
CA GLU A 197 -15.80 2.63 -4.99
C GLU A 197 -14.32 2.91 -5.25
N SER A 198 -13.80 3.95 -4.62
CA SER A 198 -12.40 4.32 -4.79
C SER A 198 -11.50 3.39 -3.98
N LEU A 199 -11.92 3.08 -2.77
CA LEU A 199 -11.14 2.20 -1.90
C LEU A 199 -10.65 0.99 -2.68
N VAL A 200 -11.39 0.62 -3.72
CA VAL A 200 -11.01 -0.53 -4.54
C VAL A 200 -9.97 -0.12 -5.58
N ILE A 201 -10.14 1.06 -6.15
CA ILE A 201 -9.21 1.55 -7.15
C ILE A 201 -7.77 1.41 -6.67
N GLN A 202 -7.55 1.67 -5.39
CA GLN A 202 -6.22 1.58 -4.80
C GLN A 202 -5.71 0.14 -4.89
N ALA A 203 -6.52 -0.80 -4.39
CA ALA A 203 -6.14 -2.20 -4.42
C ALA A 203 -5.93 -2.69 -5.85
N TYR A 204 -6.91 -2.42 -6.71
CA TYR A 204 -6.82 -2.84 -8.11
C TYR A 204 -5.45 -2.50 -8.67
N PHE A 205 -5.10 -1.21 -8.65
CA PHE A 205 -3.81 -0.77 -9.18
C PHE A 205 -2.68 -1.29 -8.30
N ALA A 206 -2.75 -1.00 -7.00
CA ALA A 206 -1.72 -1.44 -6.08
C ALA A 206 -1.42 -2.92 -6.27
N CYS A 207 -2.32 -3.62 -6.96
CA CYS A 207 -2.13 -5.04 -7.21
C CYS A 207 -1.88 -5.30 -8.70
N GLU A 208 -1.31 -4.32 -9.37
CA GLU A 208 -1.01 -4.45 -10.80
C GLU A 208 -2.30 -4.64 -11.59
N LYS A 209 -3.37 -3.99 -11.15
CA LYS A 209 -4.66 -4.09 -11.82
C LYS A 209 -5.19 -5.52 -11.75
N ASN A 210 -4.50 -6.37 -10.99
CA ASN A 210 -4.91 -7.76 -10.84
C ASN A 210 -6.23 -7.85 -10.09
N GLU A 211 -7.32 -8.01 -10.83
CA GLU A 211 -8.64 -8.11 -10.23
C GLU A 211 -8.69 -9.27 -9.24
N ASN A 212 -7.93 -10.33 -9.53
CA ASN A 212 -7.90 -11.50 -8.66
C ASN A 212 -7.17 -11.16 -7.36
N LEU A 213 -6.06 -10.44 -7.47
CA LEU A 213 -5.28 -10.07 -6.29
C LEU A 213 -6.09 -9.13 -5.40
N ALA A 214 -6.67 -8.10 -6.01
CA ALA A 214 -7.46 -7.12 -5.26
C ALA A 214 -8.53 -7.83 -4.43
N ALA A 215 -9.28 -8.72 -5.07
CA ALA A 215 -10.33 -9.46 -4.39
C ALA A 215 -9.82 -9.99 -3.05
N ASN A 216 -8.74 -10.75 -3.10
CA ASN A 216 -8.16 -11.31 -1.88
C ASN A 216 -7.64 -10.20 -0.97
N PHE A 217 -7.08 -9.16 -1.57
CA PHE A 217 -6.55 -8.03 -0.80
C PHE A 217 -7.67 -7.40 0.03
N LEU A 218 -8.78 -7.09 -0.62
CA LEU A 218 -9.91 -6.48 0.07
C LEU A 218 -10.43 -7.39 1.17
N LEU A 219 -10.47 -8.69 0.88
CA LEU A 219 -10.95 -9.67 1.86
C LEU A 219 -9.91 -9.89 2.94
N SER A 220 -8.64 -9.67 2.61
CA SER A 220 -7.56 -9.85 3.57
C SER A 220 -7.01 -8.49 4.01
N GLN A 221 -7.70 -7.43 3.63
CA GLN A 221 -7.26 -6.08 3.99
C GLN A 221 -7.46 -5.81 5.48
N ASN A 222 -7.01 -6.76 6.31
CA ASN A 222 -7.14 -6.61 7.75
C ASN A 222 -8.52 -7.05 8.23
N PHE A 223 -9.08 -6.30 9.17
CA PHE A 223 -10.41 -6.64 9.71
C PHE A 223 -10.53 -8.13 9.95
ZN ZN B . -0.17 -4.39 10.46
N GLU A 13 21.92 -1.94 -13.46
CA GLU A 13 21.42 -1.40 -12.20
C GLU A 13 21.50 -2.46 -11.10
N PRO A 14 21.55 -2.02 -9.87
CA PRO A 14 21.62 -2.94 -8.70
C PRO A 14 20.29 -3.66 -8.45
N TYR A 15 19.25 -3.25 -9.16
CA TYR A 15 17.93 -3.85 -9.01
C TYR A 15 17.99 -5.35 -9.24
N ASN A 16 19.17 -5.87 -9.56
CA ASN A 16 19.33 -7.30 -9.80
C ASN A 16 19.54 -8.06 -8.49
N GLU A 17 20.73 -7.91 -7.90
CA GLU A 17 21.03 -8.60 -6.65
C GLU A 17 20.59 -7.74 -5.47
N TRP A 18 21.00 -6.49 -5.50
CA TRP A 18 20.66 -5.56 -4.44
C TRP A 18 19.17 -5.54 -4.17
N THR A 19 18.39 -5.44 -5.23
CA THR A 19 16.94 -5.41 -5.11
C THR A 19 16.45 -6.45 -4.10
N LEU A 20 17.20 -7.54 -3.97
CA LEU A 20 16.82 -8.60 -3.03
C LEU A 20 17.18 -8.19 -1.60
N GLU A 21 18.36 -7.60 -1.44
CA GLU A 21 18.80 -7.16 -0.12
C GLU A 21 17.72 -6.36 0.58
N LEU A 22 17.12 -5.42 -0.15
CA LEU A 22 16.06 -4.59 0.41
C LEU A 22 14.73 -5.35 0.42
N LEU A 23 14.50 -6.13 -0.63
CA LEU A 23 13.27 -6.90 -0.73
C LEU A 23 13.07 -7.77 0.50
N GLU A 24 14.18 -8.18 1.11
CA GLU A 24 14.12 -9.02 2.31
C GLU A 24 13.42 -8.28 3.45
N GLU A 25 13.78 -7.01 3.63
CA GLU A 25 13.18 -6.21 4.69
C GLU A 25 11.85 -5.62 4.21
N LEU A 26 11.83 -5.13 2.99
CA LEU A 26 10.62 -4.53 2.44
C LEU A 26 9.45 -5.51 2.53
N LYS A 27 9.69 -6.76 2.13
CA LYS A 27 8.66 -7.79 2.19
C LYS A 27 8.35 -8.17 3.63
N SER A 28 9.37 -8.07 4.49
CA SER A 28 9.20 -8.41 5.89
C SER A 28 8.16 -7.49 6.55
N GLU A 29 8.44 -6.20 6.55
CA GLU A 29 7.53 -5.23 7.14
C GLU A 29 6.11 -5.42 6.60
N ALA A 30 6.01 -5.70 5.30
CA ALA A 30 4.71 -5.90 4.68
C ALA A 30 4.05 -7.16 5.22
N VAL A 31 4.72 -8.29 5.05
CA VAL A 31 4.18 -9.57 5.54
C VAL A 31 3.64 -9.42 6.95
N ARG A 32 4.40 -8.73 7.80
CA ARG A 32 3.98 -8.52 9.18
C ARG A 32 2.62 -7.82 9.23
N HIS A 33 2.35 -6.98 8.23
CA HIS A 33 1.10 -6.26 8.18
C HIS A 33 0.29 -6.68 6.94
N PHE A 34 0.71 -7.78 6.33
CA PHE A 34 0.02 -8.28 5.15
C PHE A 34 -0.33 -9.76 5.31
N PRO A 35 -1.40 -10.19 4.70
CA PRO A 35 -1.85 -11.61 4.76
C PRO A 35 -0.95 -12.54 3.97
N ARG A 36 -0.40 -13.55 4.64
CA ARG A 36 0.47 -14.52 3.97
C ARG A 36 -0.19 -14.96 2.67
N ILE A 37 -1.49 -14.72 2.58
CA ILE A 37 -2.25 -15.09 1.39
C ILE A 37 -1.79 -14.27 0.19
N TRP A 38 -1.91 -12.95 0.31
CA TRP A 38 -1.50 -12.05 -0.78
C TRP A 38 -0.02 -12.22 -1.10
N LEU A 39 0.78 -12.42 -0.06
CA LEU A 39 2.22 -12.59 -0.24
C LEU A 39 2.52 -13.89 -0.98
N HIS A 40 1.62 -14.85 -0.86
CA HIS A 40 1.79 -16.14 -1.52
C HIS A 40 1.30 -16.08 -2.97
N ASN A 41 0.17 -15.43 -3.17
CA ASN A 41 -0.41 -15.31 -4.50
C ASN A 41 0.25 -14.17 -5.28
N LEU A 42 0.73 -13.16 -4.54
CA LEU A 42 1.37 -12.01 -5.17
C LEU A 42 2.55 -12.47 -6.02
N GLY A 43 3.39 -13.31 -5.46
CA GLY A 43 4.56 -13.81 -6.18
C GLY A 43 4.15 -14.79 -7.28
N GLN A 44 2.96 -15.36 -7.13
CA GLN A 44 2.45 -16.31 -8.12
C GLN A 44 1.90 -15.58 -9.33
N HIS A 45 0.98 -14.65 -9.08
CA HIS A 45 0.38 -13.88 -10.17
C HIS A 45 1.42 -12.98 -10.83
N ILE A 46 1.99 -12.07 -10.04
CA ILE A 46 3.00 -11.16 -10.55
C ILE A 46 4.09 -11.93 -11.28
N TYR A 47 4.20 -13.22 -10.98
CA TYR A 47 5.20 -14.06 -11.62
C TYR A 47 4.72 -14.54 -12.98
N GLU A 48 3.42 -14.80 -13.09
CA GLU A 48 2.84 -15.26 -14.34
C GLU A 48 2.57 -14.09 -15.28
N THR A 49 2.09 -12.98 -14.71
CA THR A 49 1.79 -11.79 -15.50
C THR A 49 3.07 -11.23 -16.11
N TYR A 50 4.18 -11.41 -15.41
CA TYR A 50 5.46 -10.91 -15.88
C TYR A 50 6.41 -12.06 -16.20
N GLY A 51 6.00 -13.27 -15.83
CA GLY A 51 6.82 -14.45 -16.08
C GLY A 51 8.02 -14.49 -15.13
N ASP A 52 9.20 -14.66 -15.70
CA ASP A 52 10.42 -14.72 -14.89
C ASP A 52 11.27 -13.46 -15.11
N THR A 53 10.83 -12.62 -16.04
CA THR A 53 11.56 -11.38 -16.34
C THR A 53 11.84 -10.61 -15.06
N TRP A 54 12.98 -9.92 -15.03
CA TRP A 54 13.36 -9.14 -13.87
C TRP A 54 12.28 -8.11 -13.54
N ALA A 55 11.62 -7.60 -14.57
CA ALA A 55 10.56 -6.61 -14.38
C ALA A 55 9.56 -7.08 -13.33
N GLY A 56 9.29 -8.39 -13.33
CA GLY A 56 8.34 -8.95 -12.37
C GLY A 56 8.74 -8.63 -10.94
N VAL A 57 9.95 -9.02 -10.57
CA VAL A 57 10.45 -8.76 -9.23
C VAL A 57 10.58 -7.26 -8.98
N GLU A 58 10.78 -6.50 -10.05
CA GLU A 58 10.92 -5.05 -9.94
C GLU A 58 9.57 -4.41 -9.60
N ALA A 59 8.51 -4.90 -10.23
CA ALA A 59 7.18 -4.36 -9.99
C ALA A 59 6.64 -4.86 -8.64
N ILE A 60 7.16 -6.00 -8.18
CA ILE A 60 6.73 -6.56 -6.92
C ILE A 60 7.12 -5.65 -5.76
N ILE A 61 8.21 -4.92 -5.93
CA ILE A 61 8.68 -4.02 -4.88
C ILE A 61 7.94 -2.69 -4.95
N ARG A 62 7.51 -2.32 -6.15
CA ARG A 62 6.79 -1.06 -6.35
C ARG A 62 5.48 -1.08 -5.57
N ILE A 63 4.68 -2.11 -5.81
CA ILE A 63 3.39 -2.23 -5.13
C ILE A 63 3.59 -2.65 -3.67
N LEU A 64 4.69 -3.34 -3.40
CA LEU A 64 4.98 -3.79 -2.05
C LEU A 64 4.77 -2.66 -1.05
N GLN A 65 5.28 -1.48 -1.38
CA GLN A 65 5.14 -0.32 -0.50
C GLN A 65 3.78 0.33 -0.70
N GLN A 66 3.46 0.67 -1.94
CA GLN A 66 2.18 1.30 -2.26
C GLN A 66 1.04 0.56 -1.57
N LEU A 67 1.16 -0.77 -1.49
CA LEU A 67 0.13 -1.58 -0.86
C LEU A 67 0.04 -1.28 0.64
N LEU A 68 1.20 -1.24 1.29
CA LEU A 68 1.23 -0.96 2.72
C LEU A 68 0.37 0.24 3.05
N PHE A 69 0.46 1.28 2.23
CA PHE A 69 -0.32 2.50 2.44
C PHE A 69 -1.78 2.14 2.71
N ILE A 70 -2.33 1.25 1.90
CA ILE A 70 -3.72 0.83 2.05
C ILE A 70 -3.92 0.18 3.42
N HIS A 71 -2.89 -0.52 3.89
CA HIS A 71 -2.97 -1.19 5.19
C HIS A 71 -3.30 -0.19 6.28
N PHE A 72 -2.96 1.08 6.04
CA PHE A 72 -3.23 2.14 7.00
C PHE A 72 -4.66 2.65 6.84
N ARG A 73 -5.01 3.04 5.61
CA ARG A 73 -6.34 3.55 5.33
C ARG A 73 -7.42 2.64 5.93
N ILE A 74 -7.44 1.39 5.49
CA ILE A 74 -8.43 0.44 5.98
C ILE A 74 -8.31 0.29 7.50
N GLY A 75 -7.08 0.24 7.99
CA GLY A 75 -6.85 0.10 9.41
C GLY A 75 -6.11 -1.20 9.73
N CYS A 76 -5.10 -1.11 10.59
CA CYS A 76 -4.32 -2.29 10.97
C CYS A 76 -5.04 -3.10 12.03
N ARG A 77 -5.46 -4.31 11.67
CA ARG A 77 -6.16 -5.18 12.60
C ARG A 77 -5.17 -5.84 13.54
N HIS A 78 -3.93 -5.96 13.10
CA HIS A 78 -2.89 -6.59 13.92
C HIS A 78 -2.80 -5.90 15.27
N SER A 79 -2.94 -6.68 16.35
CA SER A 79 -2.87 -6.13 17.69
C SER A 79 -1.48 -5.58 17.98
N ASN A 93 15.75 12.79 4.97
CA ASN A 93 14.58 12.17 4.35
C ASN A 93 13.42 13.16 4.30
N PRO A 94 12.87 13.38 3.15
CA PRO A 94 11.72 14.32 2.96
C PRO A 94 10.53 13.92 3.81
N LEU A 95 10.66 12.77 4.47
CA LEU A 95 9.60 12.26 5.31
C LEU A 95 10.06 12.22 6.77
N GLU A 96 11.34 12.50 6.98
CA GLU A 96 11.90 12.50 8.33
C GLU A 96 11.44 13.72 9.11
N PHE A 97 11.39 14.86 8.44
CA PHE A 97 10.96 16.11 9.07
C PHE A 97 9.46 16.11 9.27
N LEU A 98 8.79 15.06 8.80
CA LEU A 98 7.35 14.96 8.93
C LEU A 98 6.92 15.21 10.39
N ARG A 99 7.50 14.45 11.31
CA ARG A 99 7.17 14.61 12.72
C ARG A 99 7.08 16.08 13.09
N ASP A 100 7.69 16.94 12.27
CA ASP A 100 7.67 18.37 12.52
C ASP A 100 6.42 19.00 11.91
N GLN A 101 5.43 18.17 11.59
CA GLN A 101 4.20 18.66 11.00
C GLN A 101 3.00 18.25 11.85
N PRO A 102 1.96 19.04 11.83
CA PRO A 102 0.72 18.76 12.62
C PRO A 102 -0.05 17.58 12.05
N GLN A 103 -0.27 17.60 10.74
CA GLN A 103 -1.01 16.53 10.08
C GLN A 103 -0.48 15.17 10.51
N PHE A 104 0.84 15.04 10.57
CA PHE A 104 1.45 13.78 10.97
C PHE A 104 1.23 13.53 12.46
N GLN A 105 1.59 14.50 13.29
CA GLN A 105 1.41 14.37 14.73
C GLN A 105 -0.07 14.18 15.06
N ASN A 106 -0.92 14.66 14.17
CA ASN A 106 -2.36 14.53 14.37
C ASN A 106 -2.85 13.19 13.87
N MET A 107 -2.50 12.85 12.63
CA MET A 107 -2.90 11.59 12.04
C MET A 107 -2.29 10.42 12.81
N ARG A 108 -1.18 10.68 13.48
CA ARG A 108 -0.51 9.64 14.25
C ARG A 108 -1.50 8.89 15.13
N GLN A 109 -2.30 9.65 15.90
CA GLN A 109 -3.29 9.05 16.78
C GLN A 109 -4.58 8.75 16.03
N VAL A 110 -4.99 9.67 15.18
CA VAL A 110 -6.23 9.50 14.41
C VAL A 110 -6.14 8.27 13.51
N ILE A 111 -4.93 7.94 13.08
CA ILE A 111 -4.73 6.78 12.22
C ILE A 111 -4.53 5.51 13.06
N GLN A 112 -3.61 5.56 14.01
CA GLN A 112 -3.35 4.41 14.86
C GLN A 112 -4.55 4.12 15.75
N GLN A 113 -5.26 5.17 16.15
CA GLN A 113 -6.43 5.02 17.00
C GLN A 113 -7.61 4.49 16.19
N ASN A 114 -7.97 5.21 15.13
CA ASN A 114 -9.08 4.79 14.29
C ASN A 114 -8.79 5.12 12.83
N PRO A 115 -8.08 4.26 12.16
CA PRO A 115 -7.72 4.46 10.72
C PRO A 115 -8.93 4.87 9.88
N ALA A 116 -10.11 4.76 10.47
CA ALA A 116 -11.34 5.13 9.78
C ALA A 116 -11.30 6.59 9.36
N LEU A 117 -10.50 7.38 10.06
CA LEU A 117 -10.38 8.80 9.75
C LEU A 117 -9.12 9.07 8.94
N LEU A 118 -8.41 8.02 8.58
CA LEU A 118 -7.18 8.16 7.80
C LEU A 118 -7.51 8.51 6.35
N PRO A 119 -8.25 7.66 5.68
CA PRO A 119 -8.65 7.89 4.27
C PRO A 119 -8.94 9.36 3.97
N ALA A 120 -9.42 10.07 4.98
CA ALA A 120 -9.73 11.48 4.82
C ALA A 120 -8.49 12.34 5.04
N LEU A 121 -7.67 11.94 6.00
CA LEU A 121 -6.45 12.69 6.30
C LEU A 121 -5.51 12.69 5.09
N LEU A 122 -5.06 11.51 4.69
CA LEU A 122 -4.16 11.39 3.56
C LEU A 122 -4.63 12.27 2.40
N GLN A 123 -5.93 12.55 2.37
CA GLN A 123 -6.50 13.38 1.32
C GLN A 123 -6.04 14.83 1.48
N GLN A 124 -6.09 15.34 2.70
CA GLN A 124 -5.68 16.70 2.97
C GLN A 124 -4.15 16.80 3.03
N LEU A 125 -3.50 15.67 3.26
CA LEU A 125 -2.04 15.64 3.34
C LEU A 125 -1.43 15.94 1.97
N GLY A 126 -1.82 15.15 0.96
CA GLY A 126 -1.30 15.35 -0.39
C GLY A 126 -1.67 16.73 -0.92
N GLN A 127 -2.60 17.39 -0.25
CA GLN A 127 -3.03 18.71 -0.67
C GLN A 127 -2.11 19.78 -0.09
N GLU A 128 -1.95 19.76 1.23
CA GLU A 128 -1.09 20.73 1.90
C GLU A 128 0.37 20.53 1.49
N ASN A 129 0.74 19.27 1.28
CA ASN A 129 2.12 18.96 0.90
C ASN A 129 2.14 17.85 -0.16
N PRO A 130 1.63 18.13 -1.33
CA PRO A 130 1.59 17.15 -2.45
C PRO A 130 2.94 16.46 -2.67
N GLN A 131 4.00 17.10 -2.19
CA GLN A 131 5.34 16.53 -2.33
C GLN A 131 5.55 15.38 -1.36
N LEU A 132 5.13 15.58 -0.11
CA LEU A 132 5.27 14.55 0.91
C LEU A 132 4.47 13.31 0.54
N LEU A 133 3.29 13.53 -0.04
CA LEU A 133 2.43 12.42 -0.44
C LEU A 133 3.23 11.37 -1.21
N GLN A 134 4.07 11.82 -2.12
CA GLN A 134 4.89 10.92 -2.92
C GLN A 134 5.93 10.23 -2.05
N GLN A 135 6.33 10.89 -0.98
CA GLN A 135 7.33 10.33 -0.07
C GLN A 135 6.68 9.31 0.87
N ILE A 136 5.59 9.70 1.50
CA ILE A 136 4.88 8.82 2.42
C ILE A 136 4.69 7.45 1.80
N SER A 137 4.34 7.43 0.51
CA SER A 137 4.13 6.17 -0.19
C SER A 137 5.45 5.56 -0.61
N ARG A 138 6.45 6.41 -0.82
CA ARG A 138 7.77 5.94 -1.22
C ARG A 138 8.60 5.52 -0.02
N HIS A 139 8.00 5.65 1.17
CA HIS A 139 8.69 5.29 2.40
C HIS A 139 7.71 4.74 3.42
N GLN A 140 7.02 3.66 3.06
CA GLN A 140 6.05 3.05 3.96
C GLN A 140 6.72 2.66 5.28
N GLU A 141 7.64 1.72 5.19
CA GLU A 141 8.35 1.26 6.39
C GLU A 141 8.72 2.43 7.28
N GLN A 142 9.54 3.34 6.75
CA GLN A 142 9.96 4.52 7.50
C GLN A 142 8.75 5.33 7.92
N PHE A 143 7.66 5.20 7.18
CA PHE A 143 6.44 5.94 7.47
C PHE A 143 5.62 5.20 8.52
N ILE A 144 5.77 3.88 8.59
CA ILE A 144 5.04 3.07 9.54
C ILE A 144 5.75 3.08 10.90
N GLN A 145 7.07 2.93 10.86
CA GLN A 145 7.85 2.94 12.09
C GLN A 145 7.33 4.00 13.05
N MET A 146 7.02 5.18 12.50
CA MET A 146 6.51 6.29 13.31
C MET A 146 5.00 6.18 13.48
N LEU A 147 4.29 6.00 12.37
CA LEU A 147 2.84 5.89 12.41
C LEU A 147 2.41 4.68 13.23
N ASN A 148 3.36 3.84 13.59
CA ASN A 148 3.07 2.65 14.39
C ASN A 148 3.62 2.82 15.79
N GLU A 149 4.52 3.77 15.97
CA GLU A 149 5.12 4.04 17.27
C GLU A 149 4.75 5.43 17.76
N PRO A 150 4.72 5.62 19.04
CA PRO A 150 4.37 6.93 19.66
C PRO A 150 5.17 8.08 19.04
N PRO A 151 4.51 9.15 18.70
CA PRO A 151 5.15 10.35 18.09
C PRO A 151 6.37 10.81 18.87
N ILE A 177 -5.97 6.22 -11.80
CA ILE A 177 -7.16 5.92 -12.60
C ILE A 177 -6.75 5.28 -13.92
N GLN A 178 -5.70 4.47 -13.87
CA GLN A 178 -5.21 3.79 -15.06
C GLN A 178 -6.18 2.70 -15.51
N VAL A 179 -7.48 3.01 -15.48
CA VAL A 179 -8.50 2.06 -15.88
C VAL A 179 -9.36 2.64 -16.99
N THR A 180 -10.31 1.83 -17.46
CA THR A 180 -11.21 2.25 -18.51
C THR A 180 -12.61 1.70 -18.24
N PRO A 181 -13.55 1.94 -19.12
CA PRO A 181 -14.94 1.43 -18.93
C PRO A 181 -14.97 -0.08 -19.03
N GLN A 182 -13.88 -0.63 -19.57
CA GLN A 182 -13.76 -2.07 -19.74
C GLN A 182 -13.36 -2.73 -18.42
N GLU A 183 -12.34 -2.18 -17.76
CA GLU A 183 -11.88 -2.72 -16.50
C GLU A 183 -12.63 -2.07 -15.33
N LYS A 184 -13.04 -0.82 -15.53
CA LYS A 184 -13.77 -0.10 -14.50
C LYS A 184 -14.76 -1.01 -13.80
N GLU A 185 -15.74 -1.48 -14.55
CA GLU A 185 -16.77 -2.36 -14.00
C GLU A 185 -16.14 -3.33 -13.00
N ALA A 186 -15.03 -3.94 -13.39
CA ALA A 186 -14.33 -4.88 -12.51
C ALA A 186 -13.87 -4.18 -11.25
N ILE A 187 -13.49 -2.91 -11.39
CA ILE A 187 -13.03 -2.12 -10.26
C ILE A 187 -14.16 -1.95 -9.25
N GLU A 188 -15.23 -1.29 -9.66
CA GLU A 188 -16.37 -1.09 -8.76
C GLU A 188 -16.74 -2.40 -8.08
N ARG A 189 -16.32 -3.50 -8.69
CA ARG A 189 -16.59 -4.81 -8.13
C ARG A 189 -16.12 -4.88 -6.69
N LEU A 190 -14.83 -4.65 -6.47
CA LEU A 190 -14.29 -4.68 -5.11
C LEU A 190 -15.13 -3.78 -4.22
N LYS A 191 -15.81 -2.83 -4.84
CA LYS A 191 -16.67 -1.91 -4.11
C LYS A 191 -17.94 -2.61 -3.65
N ALA A 192 -18.43 -3.53 -4.47
CA ALA A 192 -19.64 -4.28 -4.13
C ALA A 192 -19.44 -5.06 -2.84
N LEU A 193 -18.22 -5.57 -2.65
CA LEU A 193 -17.92 -6.33 -1.45
C LEU A 193 -17.97 -5.42 -0.22
N GLY A 194 -18.18 -4.13 -0.46
CA GLY A 194 -18.25 -3.16 0.63
C GLY A 194 -16.92 -2.44 0.80
N PHE A 195 -16.44 -1.82 -0.28
CA PHE A 195 -15.18 -1.10 -0.23
C PHE A 195 -15.35 0.32 -0.78
N PRO A 196 -14.65 1.26 -0.21
CA PRO A 196 -14.73 2.69 -0.64
C PRO A 196 -14.48 2.84 -2.14
N GLU A 197 -14.94 3.96 -2.70
CA GLU A 197 -14.75 4.21 -4.12
C GLU A 197 -13.28 4.39 -4.45
N SER A 198 -12.51 4.88 -3.48
CA SER A 198 -11.09 5.08 -3.68
C SER A 198 -10.33 3.76 -3.53
N LEU A 199 -10.99 2.78 -2.91
CA LEU A 199 -10.37 1.47 -2.72
C LEU A 199 -10.46 0.63 -3.98
N VAL A 200 -11.68 0.50 -4.51
CA VAL A 200 -11.89 -0.28 -5.72
C VAL A 200 -10.79 0.00 -6.75
N ILE A 201 -10.52 1.28 -6.97
CA ILE A 201 -9.49 1.66 -7.93
C ILE A 201 -8.09 1.45 -7.35
N GLN A 202 -7.87 1.96 -6.14
CA GLN A 202 -6.58 1.81 -5.49
C GLN A 202 -6.19 0.35 -5.39
N ALA A 203 -7.01 -0.44 -4.70
CA ALA A 203 -6.74 -1.86 -4.54
C ALA A 203 -6.34 -2.49 -5.88
N TYR A 204 -7.22 -2.38 -6.86
CA TYR A 204 -6.95 -2.93 -8.19
C TYR A 204 -5.56 -2.54 -8.65
N PHE A 205 -5.35 -1.25 -8.88
CA PHE A 205 -4.05 -0.76 -9.33
C PHE A 205 -2.96 -1.13 -8.33
N ALA A 206 -3.36 -1.45 -7.11
CA ALA A 206 -2.42 -1.82 -6.07
C ALA A 206 -1.95 -3.27 -6.26
N CYS A 207 -2.89 -4.13 -6.65
CA CYS A 207 -2.57 -5.54 -6.85
C CYS A 207 -2.17 -5.80 -8.30
N GLU A 208 -1.89 -4.72 -9.04
CA GLU A 208 -1.49 -4.85 -10.43
C GLU A 208 -2.70 -5.17 -11.31
N LYS A 209 -3.74 -4.35 -11.19
CA LYS A 209 -4.95 -4.54 -11.99
C LYS A 209 -5.35 -6.02 -12.00
N ASN A 210 -5.06 -6.71 -10.90
CA ASN A 210 -5.40 -8.13 -10.79
C ASN A 210 -6.66 -8.32 -9.95
N GLU A 211 -7.78 -8.51 -10.63
CA GLU A 211 -9.05 -8.71 -9.93
C GLU A 211 -8.98 -9.94 -9.04
N ASN A 212 -8.10 -10.87 -9.39
CA ASN A 212 -7.93 -12.08 -8.61
C ASN A 212 -7.14 -11.80 -7.34
N LEU A 213 -6.00 -11.13 -7.49
CA LEU A 213 -5.15 -10.81 -6.35
C LEU A 213 -5.80 -9.73 -5.49
N ALA A 214 -6.30 -8.69 -6.15
CA ALA A 214 -6.95 -7.59 -5.44
C ALA A 214 -7.89 -8.13 -4.36
N ALA A 215 -8.70 -9.13 -4.73
CA ALA A 215 -9.64 -9.73 -3.79
C ALA A 215 -8.89 -10.41 -2.65
N ASN A 216 -7.64 -10.80 -2.91
CA ASN A 216 -6.83 -11.46 -1.90
C ASN A 216 -6.33 -10.46 -0.87
N PHE A 217 -5.60 -9.45 -1.34
CA PHE A 217 -5.07 -8.42 -0.44
C PHE A 217 -6.20 -7.55 0.10
N LEU A 218 -7.11 -7.15 -0.78
CA LEU A 218 -8.23 -6.30 -0.38
C LEU A 218 -9.07 -7.01 0.67
N LEU A 219 -9.57 -8.19 0.34
CA LEU A 219 -10.39 -8.96 1.26
C LEU A 219 -9.56 -9.44 2.45
N SER A 220 -8.25 -9.54 2.25
CA SER A 220 -7.36 -9.99 3.32
C SER A 220 -6.59 -8.81 3.90
N GLN A 221 -6.99 -7.60 3.52
CA GLN A 221 -6.32 -6.40 4.02
C GLN A 221 -6.68 -6.13 5.47
N ASN A 222 -7.11 -7.18 6.18
CA ASN A 222 -7.47 -7.03 7.59
C ASN A 222 -8.53 -5.95 7.77
N PHE A 223 -9.52 -6.23 8.59
CA PHE A 223 -10.59 -5.28 8.85
C PHE A 223 -11.36 -5.66 10.11
ZN ZN B . -1.09 -4.46 10.49
N GLU A 13 22.28 -3.99 -13.74
CA GLU A 13 21.54 -3.36 -12.65
C GLU A 13 21.87 -4.03 -11.32
N PRO A 14 22.01 -3.23 -10.29
CA PRO A 14 22.34 -3.75 -8.93
C PRO A 14 21.13 -4.43 -8.28
N TYR A 15 19.94 -3.96 -8.59
CA TYR A 15 18.72 -4.53 -8.02
C TYR A 15 18.80 -6.05 -8.03
N ASN A 16 19.39 -6.60 -9.09
CA ASN A 16 19.51 -8.04 -9.21
C ASN A 16 19.88 -8.68 -7.87
N GLU A 17 21.11 -8.50 -7.45
CA GLU A 17 21.57 -9.06 -6.18
C GLU A 17 21.28 -8.10 -5.04
N TRP A 18 21.09 -6.83 -5.40
CA TRP A 18 20.82 -5.81 -4.40
C TRP A 18 19.36 -5.79 -3.98
N THR A 19 18.48 -5.58 -4.95
CA THR A 19 17.05 -5.52 -4.67
C THR A 19 16.63 -6.66 -3.74
N LEU A 20 17.08 -7.87 -4.05
CA LEU A 20 16.74 -9.03 -3.23
C LEU A 20 17.07 -8.77 -1.77
N GLU A 21 18.28 -8.31 -1.51
CA GLU A 21 18.70 -8.02 -0.14
C GLU A 21 17.88 -6.88 0.45
N LEU A 22 17.39 -6.01 -0.42
CA LEU A 22 16.58 -4.88 0.01
C LEU A 22 15.13 -5.30 0.21
N LEU A 23 14.76 -6.41 -0.42
CA LEU A 23 13.39 -6.91 -0.31
C LEU A 23 13.18 -7.60 1.03
N GLU A 24 14.06 -8.55 1.35
CA GLU A 24 13.95 -9.29 2.60
C GLU A 24 13.48 -8.37 3.73
N GLU A 25 13.92 -7.11 3.69
CA GLU A 25 13.52 -6.15 4.71
C GLU A 25 12.10 -5.65 4.47
N LEU A 26 11.81 -5.30 3.21
CA LEU A 26 10.49 -4.82 2.86
C LEU A 26 9.43 -5.89 3.13
N LYS A 27 9.67 -7.10 2.63
CA LYS A 27 8.73 -8.20 2.83
C LYS A 27 8.60 -8.54 4.31
N SER A 28 9.60 -8.13 5.09
CA SER A 28 9.59 -8.41 6.52
C SER A 28 8.45 -7.66 7.20
N GLU A 29 8.43 -6.34 7.05
CA GLU A 29 7.38 -5.52 7.65
C GLU A 29 6.06 -5.75 6.94
N ALA A 30 6.10 -5.75 5.61
CA ALA A 30 4.88 -5.95 4.82
C ALA A 30 4.20 -7.25 5.22
N VAL A 31 4.92 -8.37 5.05
CA VAL A 31 4.37 -9.68 5.38
C VAL A 31 3.80 -9.67 6.81
N ARG A 32 4.47 -8.96 7.70
CA ARG A 32 4.02 -8.88 9.09
C ARG A 32 2.65 -8.21 9.17
N HIS A 33 2.33 -7.39 8.16
CA HIS A 33 1.05 -6.70 8.14
C HIS A 33 0.22 -7.17 6.95
N PHE A 34 0.83 -7.96 6.07
CA PHE A 34 0.14 -8.47 4.89
C PHE A 34 -0.26 -9.92 5.10
N PRO A 35 -1.37 -10.31 4.52
CA PRO A 35 -1.89 -11.71 4.64
C PRO A 35 -1.03 -12.70 3.86
N ARG A 36 -0.54 -13.72 4.55
CA ARG A 36 0.30 -14.73 3.91
C ARG A 36 -0.27 -15.12 2.55
N ILE A 37 -1.54 -15.53 2.54
CA ILE A 37 -2.19 -15.92 1.29
C ILE A 37 -1.86 -14.93 0.18
N TRP A 38 -2.23 -13.67 0.39
CA TRP A 38 -1.97 -12.64 -0.60
C TRP A 38 -0.50 -12.65 -1.02
N LEU A 39 0.38 -12.49 -0.04
CA LEU A 39 1.81 -12.47 -0.31
C LEU A 39 2.19 -13.67 -1.19
N HIS A 40 1.39 -14.72 -1.12
CA HIS A 40 1.65 -15.92 -1.92
C HIS A 40 1.16 -15.74 -3.34
N ASN A 41 -0.03 -15.16 -3.49
CA ASN A 41 -0.61 -14.94 -4.81
C ASN A 41 0.09 -13.78 -5.51
N LEU A 42 0.15 -12.63 -4.85
CA LEU A 42 0.80 -11.46 -5.42
C LEU A 42 2.07 -11.85 -6.16
N GLY A 43 2.87 -12.72 -5.55
CA GLY A 43 4.10 -13.19 -6.16
C GLY A 43 3.83 -14.21 -7.25
N GLN A 44 2.67 -14.87 -7.15
CA GLN A 44 2.30 -15.88 -8.13
C GLN A 44 1.68 -15.24 -9.37
N HIS A 45 0.62 -14.47 -9.14
CA HIS A 45 -0.06 -13.80 -10.25
C HIS A 45 0.89 -12.86 -10.97
N ILE A 46 1.68 -12.10 -10.21
CA ILE A 46 2.63 -11.17 -10.80
C ILE A 46 3.69 -11.92 -11.60
N TYR A 47 3.99 -13.14 -11.18
CA TYR A 47 4.98 -13.95 -11.87
C TYR A 47 4.45 -14.41 -13.23
N GLU A 48 3.31 -15.08 -13.21
CA GLU A 48 2.71 -15.57 -14.45
C GLU A 48 2.35 -14.40 -15.37
N THR A 49 2.14 -13.23 -14.78
CA THR A 49 1.80 -12.06 -15.56
C THR A 49 3.03 -11.47 -16.23
N TYR A 50 3.99 -11.04 -15.43
CA TYR A 50 5.22 -10.46 -15.95
C TYR A 50 6.20 -11.55 -16.36
N GLY A 51 5.91 -12.78 -15.96
CA GLY A 51 6.78 -13.91 -16.29
C GLY A 51 7.95 -14.00 -15.32
N ASP A 52 9.16 -14.11 -15.85
CA ASP A 52 10.35 -14.21 -15.03
C ASP A 52 11.21 -12.96 -15.18
N THR A 53 10.76 -12.03 -16.02
CA THR A 53 11.50 -10.79 -16.24
C THR A 53 11.80 -10.11 -14.92
N TRP A 54 12.95 -9.42 -14.87
CA TRP A 54 13.35 -8.72 -13.65
C TRP A 54 12.27 -7.73 -13.22
N ALA A 55 11.62 -7.12 -14.20
CA ALA A 55 10.56 -6.15 -13.91
C ALA A 55 9.51 -6.77 -13.01
N GLY A 56 9.10 -7.99 -13.34
CA GLY A 56 8.08 -8.69 -12.55
C GLY A 56 8.42 -8.63 -11.06
N VAL A 57 9.68 -8.85 -10.73
CA VAL A 57 10.11 -8.81 -9.34
C VAL A 57 10.14 -7.38 -8.82
N GLU A 58 10.56 -6.45 -9.67
CA GLU A 58 10.62 -5.04 -9.29
C GLU A 58 9.22 -4.45 -9.21
N ALA A 59 8.24 -5.16 -9.75
CA ALA A 59 6.86 -4.70 -9.73
C ALA A 59 6.21 -4.98 -8.38
N ILE A 60 6.54 -6.13 -7.81
CA ILE A 60 5.98 -6.51 -6.52
C ILE A 60 6.60 -5.67 -5.40
N ILE A 61 7.83 -5.22 -5.62
CA ILE A 61 8.53 -4.42 -4.63
C ILE A 61 7.79 -3.10 -4.40
N ARG A 62 7.61 -2.33 -5.47
CA ARG A 62 6.93 -1.04 -5.38
C ARG A 62 5.44 -1.26 -5.09
N ILE A 63 4.97 -2.48 -5.30
CA ILE A 63 3.57 -2.81 -5.07
C ILE A 63 3.33 -3.09 -3.59
N LEU A 64 4.34 -3.62 -2.92
CA LEU A 64 4.23 -3.93 -1.49
C LEU A 64 4.12 -2.64 -0.67
N GLN A 65 5.13 -1.79 -0.78
CA GLN A 65 5.14 -0.53 -0.05
C GLN A 65 3.85 0.24 -0.29
N GLN A 66 3.62 0.60 -1.55
CA GLN A 66 2.42 1.35 -1.91
C GLN A 66 1.18 0.69 -1.31
N LEU A 67 1.26 -0.61 -1.07
CA LEU A 67 0.14 -1.35 -0.49
C LEU A 67 0.11 -1.17 1.03
N LEU A 68 1.29 -1.00 1.62
CA LEU A 68 1.38 -0.82 3.07
C LEU A 68 0.47 0.32 3.53
N PHE A 69 0.39 1.36 2.70
CA PHE A 69 -0.44 2.52 3.03
C PHE A 69 -1.89 2.08 3.26
N ILE A 70 -2.41 1.27 2.34
CA ILE A 70 -3.78 0.79 2.46
C ILE A 70 -3.98 0.09 3.80
N HIS A 71 -2.98 -0.68 4.21
CA HIS A 71 -3.05 -1.40 5.48
C HIS A 71 -3.30 -0.42 6.63
N PHE A 72 -2.92 0.84 6.42
CA PHE A 72 -3.08 1.86 7.44
C PHE A 72 -4.51 2.37 7.46
N ARG A 73 -4.96 2.94 6.35
CA ARG A 73 -6.31 3.48 6.25
C ARG A 73 -7.32 2.50 6.84
N ILE A 74 -7.40 1.31 6.27
CA ILE A 74 -8.33 0.30 6.74
C ILE A 74 -8.17 0.08 8.24
N GLY A 75 -6.93 -0.13 8.67
CA GLY A 75 -6.64 -0.35 10.08
C GLY A 75 -5.80 -1.61 10.29
N CYS A 76 -4.74 -1.47 11.07
CA CYS A 76 -3.85 -2.60 11.34
C CYS A 76 -4.52 -3.59 12.30
N ARG A 77 -4.84 -4.76 11.79
CA ARG A 77 -5.48 -5.79 12.61
C ARG A 77 -4.46 -6.49 13.50
N HIS A 78 -3.22 -6.00 13.45
CA HIS A 78 -2.15 -6.58 14.25
C HIS A 78 -1.79 -5.66 15.41
N SER A 79 -1.60 -6.25 16.59
CA SER A 79 -1.26 -5.48 17.78
C SER A 79 -2.45 -4.64 18.24
N ASN A 93 15.24 12.78 3.72
CA ASN A 93 14.03 12.13 3.20
C ASN A 93 12.89 13.13 3.15
N PRO A 94 12.25 13.25 2.01
CA PRO A 94 11.10 14.19 1.82
C PRO A 94 9.97 13.90 2.79
N LEU A 95 10.06 12.75 3.47
CA LEU A 95 9.06 12.35 4.43
C LEU A 95 9.62 12.41 5.84
N GLU A 96 10.93 12.54 5.95
CA GLU A 96 11.58 12.61 7.25
C GLU A 96 11.13 13.86 8.01
N PHE A 97 11.28 15.01 7.38
CA PHE A 97 10.89 16.26 8.00
C PHE A 97 9.38 16.28 8.29
N LEU A 98 8.71 15.20 7.90
CA LEU A 98 7.27 15.09 8.12
C LEU A 98 6.90 15.48 9.55
N ARG A 99 7.73 15.07 10.51
CA ARG A 99 7.47 15.37 11.91
C ARG A 99 7.29 16.87 12.11
N ASP A 100 7.73 17.65 11.12
CA ASP A 100 7.61 19.10 11.20
C ASP A 100 6.24 19.56 10.72
N GLN A 101 5.41 18.60 10.34
CA GLN A 101 4.06 18.91 9.86
C GLN A 101 3.01 18.46 10.87
N PRO A 102 1.96 19.23 11.02
CA PRO A 102 0.87 18.90 11.97
C PRO A 102 0.12 17.63 11.57
N GLN A 103 -0.22 17.53 10.29
CA GLN A 103 -0.93 16.37 9.78
C GLN A 103 -0.33 15.08 10.32
N PHE A 104 1.00 15.02 10.34
CA PHE A 104 1.69 13.83 10.81
C PHE A 104 1.34 13.54 12.28
N GLN A 105 1.72 14.46 13.16
CA GLN A 105 1.45 14.29 14.59
C GLN A 105 -0.06 14.28 14.87
N ASN A 106 -0.83 14.92 14.00
CA ASN A 106 -2.28 14.96 14.18
C ASN A 106 -2.91 13.64 13.75
N MET A 107 -2.46 13.11 12.62
CA MET A 107 -2.98 11.85 12.12
C MET A 107 -2.37 10.68 12.87
N ARG A 108 -1.10 10.79 13.21
CA ARG A 108 -0.41 9.73 13.93
C ARG A 108 -1.20 9.30 15.16
N GLN A 109 -1.95 10.24 15.73
CA GLN A 109 -2.74 9.94 16.91
C GLN A 109 -4.10 9.34 16.51
N VAL A 110 -4.57 9.74 15.34
CA VAL A 110 -5.84 9.25 14.83
C VAL A 110 -5.64 7.95 14.06
N ILE A 111 -4.40 7.71 13.64
CA ILE A 111 -4.07 6.50 12.88
C ILE A 111 -3.76 5.35 13.83
N GLN A 112 -2.86 5.59 14.77
CA GLN A 112 -2.49 4.56 15.73
C GLN A 112 -3.63 4.31 16.72
N GLN A 113 -4.44 5.35 16.95
CA GLN A 113 -5.56 5.24 17.88
C GLN A 113 -6.79 4.71 17.17
N ASN A 114 -6.98 5.12 15.92
CA ASN A 114 -8.14 4.68 15.15
C ASN A 114 -7.94 4.93 13.66
N PRO A 115 -7.35 3.98 12.97
CA PRO A 115 -7.10 4.09 11.52
C PRO A 115 -8.34 4.57 10.75
N ALA A 116 -9.48 4.58 11.45
CA ALA A 116 -10.73 5.03 10.83
C ALA A 116 -10.66 6.53 10.51
N LEU A 117 -9.78 7.23 11.20
CA LEU A 117 -9.63 8.66 10.97
C LEU A 117 -8.63 8.94 9.86
N LEU A 118 -8.17 7.88 9.20
CA LEU A 118 -7.20 8.02 8.13
C LEU A 118 -7.88 8.46 6.84
N PRO A 119 -8.81 7.68 6.35
CA PRO A 119 -9.55 7.98 5.10
C PRO A 119 -9.85 9.47 4.96
N ALA A 120 -9.96 10.16 6.09
CA ALA A 120 -10.24 11.59 6.08
C ALA A 120 -8.95 12.39 5.94
N LEU A 121 -8.02 12.19 6.87
CA LEU A 121 -6.74 12.90 6.83
C LEU A 121 -6.01 12.65 5.52
N LEU A 122 -5.66 11.39 5.28
CA LEU A 122 -4.93 11.03 4.06
C LEU A 122 -5.51 11.76 2.86
N GLN A 123 -6.77 12.20 2.97
CA GLN A 123 -7.41 12.91 1.88
C GLN A 123 -7.07 14.40 1.94
N GLN A 124 -7.01 14.94 3.15
CA GLN A 124 -6.70 16.36 3.32
C GLN A 124 -5.18 16.56 3.31
N LEU A 125 -4.44 15.49 3.55
CA LEU A 125 -2.98 15.57 3.56
C LEU A 125 -2.44 15.71 2.15
N GLY A 126 -2.96 14.92 1.22
CA GLY A 126 -2.52 14.97 -0.16
C GLY A 126 -2.97 16.25 -0.84
N GLN A 127 -3.93 16.94 -0.21
CA GLN A 127 -4.45 18.19 -0.76
C GLN A 127 -3.59 19.36 -0.29
N GLU A 128 -2.92 19.19 0.84
CA GLU A 128 -2.08 20.24 1.40
C GLU A 128 -0.68 20.18 0.81
N ASN A 129 0.02 19.07 1.08
CA ASN A 129 1.38 18.90 0.57
C ASN A 129 1.43 17.73 -0.41
N PRO A 130 0.85 17.91 -1.57
CA PRO A 130 0.82 16.86 -2.62
C PRO A 130 2.20 16.22 -2.85
N GLN A 131 3.24 16.93 -2.40
CA GLN A 131 4.60 16.43 -2.55
C GLN A 131 4.90 15.37 -1.50
N LEU A 132 4.57 15.66 -0.25
CA LEU A 132 4.80 14.72 0.84
C LEU A 132 3.93 13.48 0.68
N LEU A 133 2.72 13.69 0.19
CA LEU A 133 1.79 12.58 -0.01
C LEU A 133 2.42 11.51 -0.91
N GLN A 134 2.97 11.95 -2.04
CA GLN A 134 3.60 11.03 -2.98
C GLN A 134 4.75 10.30 -2.31
N GLN A 135 5.50 11.01 -1.48
CA GLN A 135 6.64 10.42 -0.78
C GLN A 135 6.15 9.42 0.27
N ILE A 136 5.25 9.87 1.13
CA ILE A 136 4.72 9.00 2.18
C ILE A 136 4.29 7.65 1.60
N SER A 137 3.89 7.66 0.33
CA SER A 137 3.46 6.44 -0.33
C SER A 137 4.66 5.62 -0.79
N ARG A 138 5.80 6.29 -0.96
CA ARG A 138 7.02 5.60 -1.40
C ARG A 138 7.94 5.35 -0.22
N HIS A 139 7.41 5.52 0.99
CA HIS A 139 8.21 5.29 2.19
C HIS A 139 7.33 4.78 3.33
N GLN A 140 6.64 3.68 3.08
CA GLN A 140 5.78 3.09 4.10
C GLN A 140 6.56 2.79 5.37
N GLU A 141 7.52 1.87 5.27
CA GLU A 141 8.33 1.51 6.43
C GLU A 141 8.72 2.75 7.24
N GLN A 142 9.52 3.61 6.63
CA GLN A 142 9.96 4.83 7.29
C GLN A 142 8.75 5.64 7.76
N PHE A 143 7.62 5.45 7.08
CA PHE A 143 6.40 6.17 7.43
C PHE A 143 5.66 5.44 8.55
N ILE A 144 5.87 4.13 8.63
CA ILE A 144 5.21 3.31 9.65
C ILE A 144 6.01 3.36 10.96
N GLN A 145 7.29 3.05 10.87
CA GLN A 145 8.15 3.05 12.04
C GLN A 145 7.82 4.24 12.96
N MET A 146 7.60 5.40 12.35
CA MET A 146 7.26 6.59 13.11
C MET A 146 5.79 6.58 13.50
N LEU A 147 4.95 6.13 12.56
CA LEU A 147 3.51 6.06 12.82
C LEU A 147 3.18 4.87 13.71
N ASN A 148 4.19 4.03 13.96
CA ASN A 148 4.01 2.86 14.80
C ASN A 148 4.87 2.97 16.05
N GLU A 149 5.76 3.96 16.05
CA GLU A 149 6.65 4.17 17.18
C GLU A 149 6.66 5.64 17.58
N PRO A 150 7.41 5.99 18.60
CA PRO A 150 7.51 7.38 19.08
C PRO A 150 7.81 8.37 17.94
N PRO A 151 7.11 9.47 17.92
CA PRO A 151 7.29 10.51 16.87
C PRO A 151 8.76 10.89 16.67
N ILE A 177 -6.23 6.58 -10.40
CA ILE A 177 -6.85 6.77 -11.70
C ILE A 177 -6.19 5.90 -12.76
N GLN A 178 -5.33 6.52 -13.58
CA GLN A 178 -4.64 5.80 -14.64
C GLN A 178 -5.46 4.59 -15.07
N VAL A 179 -6.76 4.76 -15.14
CA VAL A 179 -7.64 3.66 -15.51
C VAL A 179 -8.57 4.07 -16.65
N THR A 180 -9.05 3.07 -17.38
CA THR A 180 -9.96 3.31 -18.49
C THR A 180 -11.23 2.52 -18.28
N PRO A 181 -12.29 2.86 -18.95
CA PRO A 181 -13.60 2.15 -18.79
C PRO A 181 -13.40 0.64 -18.96
N GLN A 182 -12.24 0.30 -19.49
CA GLN A 182 -11.89 -1.10 -19.72
C GLN A 182 -11.41 -1.75 -18.42
N GLU A 183 -10.43 -1.11 -17.76
CA GLU A 183 -9.90 -1.64 -16.51
C GLU A 183 -10.70 -1.11 -15.34
N LYS A 184 -11.42 -0.02 -15.57
CA LYS A 184 -12.23 0.60 -14.54
C LYS A 184 -13.48 -0.24 -14.27
N GLU A 185 -14.20 -0.58 -15.33
CA GLU A 185 -15.41 -1.38 -15.19
C GLU A 185 -15.19 -2.50 -14.18
N ALA A 186 -13.93 -2.91 -14.04
CA ALA A 186 -13.59 -3.96 -13.10
C ALA A 186 -13.38 -3.39 -11.69
N ILE A 187 -12.89 -2.16 -11.65
CA ILE A 187 -12.66 -1.49 -10.36
C ILE A 187 -13.94 -1.44 -9.55
N GLU A 188 -14.95 -0.77 -10.07
CA GLU A 188 -16.22 -0.65 -9.38
C GLU A 188 -16.79 -2.04 -9.07
N ARG A 189 -16.33 -3.04 -9.83
CA ARG A 189 -16.80 -4.40 -9.63
C ARG A 189 -16.42 -4.91 -8.24
N LEU A 190 -15.25 -4.49 -7.76
CA LEU A 190 -14.79 -4.90 -6.44
C LEU A 190 -15.39 -4.02 -5.36
N LYS A 191 -15.83 -2.82 -5.76
CA LYS A 191 -16.43 -1.88 -4.82
C LYS A 191 -17.82 -2.35 -4.41
N ALA A 192 -18.44 -3.16 -5.26
CA ALA A 192 -19.78 -3.67 -4.98
C ALA A 192 -19.74 -4.66 -3.82
N LEU A 193 -18.54 -5.13 -3.50
CA LEU A 193 -18.37 -6.09 -2.41
C LEU A 193 -18.56 -5.41 -1.06
N GLY A 194 -18.98 -4.15 -1.09
CA GLY A 194 -19.19 -3.40 0.14
C GLY A 194 -18.08 -2.37 0.35
N PHE A 195 -17.25 -2.18 -0.67
CA PHE A 195 -16.15 -1.23 -0.58
C PHE A 195 -16.32 -0.12 -1.62
N PRO A 196 -15.81 1.05 -1.33
CA PRO A 196 -15.90 2.22 -2.25
C PRO A 196 -15.16 1.98 -3.56
N GLU A 197 -15.59 2.68 -4.60
CA GLU A 197 -14.95 2.54 -5.91
C GLU A 197 -13.54 3.12 -5.88
N SER A 198 -13.37 4.22 -5.14
CA SER A 198 -12.06 4.86 -5.04
C SER A 198 -11.06 3.93 -4.36
N LEU A 199 -11.49 3.28 -3.28
CA LEU A 199 -10.61 2.37 -2.57
C LEU A 199 -10.30 1.13 -3.41
N VAL A 200 -11.15 0.86 -4.39
CA VAL A 200 -10.95 -0.29 -5.26
C VAL A 200 -9.79 -0.07 -6.21
N ILE A 201 -9.93 0.93 -7.08
CA ILE A 201 -8.88 1.24 -8.05
C ILE A 201 -7.51 1.14 -7.40
N GLN A 202 -7.46 1.38 -6.09
CA GLN A 202 -6.20 1.31 -5.35
C GLN A 202 -5.79 -0.14 -5.13
N ALA A 203 -6.76 -0.99 -4.82
CA ALA A 203 -6.48 -2.40 -4.59
C ALA A 203 -6.33 -3.13 -5.92
N TYR A 204 -6.94 -2.58 -6.97
CA TYR A 204 -6.85 -3.19 -8.29
C TYR A 204 -5.52 -2.87 -8.95
N PHE A 205 -5.03 -1.65 -8.70
CA PHE A 205 -3.75 -1.23 -9.27
C PHE A 205 -2.58 -1.79 -8.47
N ALA A 206 -2.66 -1.64 -7.15
CA ALA A 206 -1.61 -2.14 -6.28
C ALA A 206 -1.46 -3.65 -6.41
N CYS A 207 -2.46 -4.29 -7.02
CA CYS A 207 -2.43 -5.73 -7.22
C CYS A 207 -2.14 -6.07 -8.66
N GLU A 208 -1.71 -5.07 -9.43
CA GLU A 208 -1.39 -5.28 -10.84
C GLU A 208 -2.66 -5.60 -11.62
N LYS A 209 -3.73 -4.89 -11.32
CA LYS A 209 -5.00 -5.10 -12.00
C LYS A 209 -5.50 -6.53 -11.78
N ASN A 210 -4.80 -7.27 -10.94
CA ASN A 210 -5.18 -8.64 -10.64
C ASN A 210 -6.48 -8.68 -9.84
N GLU A 211 -7.60 -8.91 -10.54
CA GLU A 211 -8.89 -8.98 -9.89
C GLU A 211 -8.93 -10.13 -8.91
N ASN A 212 -8.10 -11.15 -9.17
CA ASN A 212 -8.04 -12.32 -8.31
C ASN A 212 -7.27 -12.00 -7.03
N LEU A 213 -6.27 -11.12 -7.15
CA LEU A 213 -5.45 -10.74 -6.01
C LEU A 213 -6.17 -9.69 -5.17
N ALA A 214 -6.80 -8.74 -5.84
CA ALA A 214 -7.53 -7.68 -5.15
C ALA A 214 -8.61 -8.26 -4.25
N ALA A 215 -9.26 -9.33 -4.74
CA ALA A 215 -10.31 -9.98 -3.97
C ALA A 215 -9.78 -10.48 -2.64
N ASN A 216 -8.65 -11.19 -2.68
CA ASN A 216 -8.04 -11.73 -1.47
C ASN A 216 -7.45 -10.61 -0.63
N PHE A 217 -6.79 -9.66 -1.30
CA PHE A 217 -6.17 -8.53 -0.61
C PHE A 217 -7.22 -7.73 0.14
N LEU A 218 -8.28 -7.36 -0.56
CA LEU A 218 -9.36 -6.58 0.05
C LEU A 218 -9.94 -7.33 1.24
N LEU A 219 -10.17 -8.63 1.06
CA LEU A 219 -10.73 -9.45 2.13
C LEU A 219 -9.63 -9.87 3.11
N SER A 220 -8.39 -9.80 2.65
CA SER A 220 -7.26 -10.17 3.50
C SER A 220 -6.50 -8.94 3.97
N GLN A 221 -7.09 -7.77 3.75
CA GLN A 221 -6.46 -6.51 4.14
C GLN A 221 -6.21 -6.48 5.65
N ASN A 222 -7.25 -6.74 6.43
CA ASN A 222 -7.11 -6.73 7.89
C ASN A 222 -8.48 -6.66 8.56
N PHE A 223 -8.99 -5.44 8.72
CA PHE A 223 -10.29 -5.24 9.37
C PHE A 223 -10.42 -6.15 10.59
ZN ZN B . -0.84 -4.70 10.69
N GLU A 13 23.38 -2.61 -12.35
CA GLU A 13 22.59 -3.81 -12.11
C GLU A 13 22.53 -4.14 -10.63
N PRO A 14 22.29 -3.14 -9.81
CA PRO A 14 22.21 -3.31 -8.33
C PRO A 14 20.96 -4.09 -7.91
N TYR A 15 19.80 -3.61 -8.34
CA TYR A 15 18.55 -4.27 -8.01
C TYR A 15 18.69 -5.79 -8.05
N ASN A 16 19.55 -6.26 -8.95
CA ASN A 16 19.77 -7.70 -9.09
C ASN A 16 20.00 -8.35 -7.74
N GLU A 17 21.18 -8.13 -7.18
CA GLU A 17 21.52 -8.70 -5.87
C GLU A 17 21.06 -7.77 -4.76
N TRP A 18 20.87 -6.51 -5.11
CA TRP A 18 20.45 -5.50 -4.16
C TRP A 18 18.95 -5.60 -3.88
N THR A 19 18.15 -5.44 -4.92
CA THR A 19 16.70 -5.50 -4.77
C THR A 19 16.29 -6.76 -4.02
N LEU A 20 17.17 -7.76 -4.03
CA LEU A 20 16.87 -9.02 -3.35
C LEU A 20 17.13 -8.90 -1.85
N GLU A 21 18.20 -8.19 -1.49
CA GLU A 21 18.54 -8.01 -0.08
C GLU A 21 17.59 -7.02 0.58
N LEU A 22 17.07 -6.10 -0.22
CA LEU A 22 16.14 -5.08 0.30
C LEU A 22 14.72 -5.65 0.37
N LEU A 23 14.46 -6.67 -0.43
CA LEU A 23 13.14 -7.29 -0.45
C LEU A 23 12.80 -7.89 0.92
N GLU A 24 13.58 -8.89 1.33
CA GLU A 24 13.36 -9.54 2.60
C GLU A 24 13.19 -8.51 3.71
N GLU A 25 14.08 -7.53 3.75
CA GLU A 25 14.02 -6.48 4.76
C GLU A 25 12.91 -5.48 4.43
N LEU A 26 12.49 -5.48 3.17
CA LEU A 26 11.43 -4.56 2.74
C LEU A 26 10.06 -5.07 3.20
N LYS A 27 9.77 -6.33 2.87
CA LYS A 27 8.48 -6.92 3.25
C LYS A 27 8.52 -7.37 4.70
N SER A 28 9.73 -7.60 5.23
CA SER A 28 9.89 -8.04 6.61
C SER A 28 8.94 -7.28 7.52
N GLU A 29 8.61 -6.05 7.14
CA GLU A 29 7.72 -5.23 7.94
C GLU A 29 6.26 -5.55 7.63
N ALA A 30 5.89 -5.39 6.35
CA ALA A 30 4.52 -5.66 5.92
C ALA A 30 4.22 -7.15 6.02
N VAL A 31 5.02 -7.96 5.35
CA VAL A 31 4.84 -9.41 5.37
C VAL A 31 4.53 -9.90 6.79
N ARG A 32 4.92 -9.11 7.78
CA ARG A 32 4.68 -9.49 9.17
C ARG A 32 3.21 -9.32 9.54
N HIS A 33 2.61 -8.23 9.08
CA HIS A 33 1.20 -7.98 9.37
C HIS A 33 0.39 -7.94 8.08
N PHE A 34 0.96 -8.49 7.02
CA PHE A 34 0.27 -8.53 5.72
C PHE A 34 -0.22 -9.94 5.42
N PRO A 35 -1.48 -10.07 5.09
CA PRO A 35 -2.08 -11.40 4.76
C PRO A 35 -1.16 -12.24 3.89
N ARG A 36 -0.82 -13.43 4.36
CA ARG A 36 0.05 -14.31 3.60
C ARG A 36 -0.61 -14.67 2.28
N ILE A 37 -1.93 -14.45 2.22
CA ILE A 37 -2.69 -14.74 1.03
C ILE A 37 -2.26 -13.83 -0.13
N TRP A 38 -2.32 -12.52 0.11
CA TRP A 38 -1.92 -11.56 -0.91
C TRP A 38 -0.40 -11.58 -1.11
N LEU A 39 0.31 -12.11 -0.12
CA LEU A 39 1.76 -12.17 -0.21
C LEU A 39 2.20 -13.43 -0.94
N HIS A 40 1.47 -14.52 -0.74
CA HIS A 40 1.81 -15.78 -1.40
C HIS A 40 1.41 -15.73 -2.86
N ASN A 41 0.19 -15.26 -3.13
CA ASN A 41 -0.31 -15.17 -4.50
C ASN A 41 0.42 -14.04 -5.24
N LEU A 42 0.61 -12.92 -4.56
CA LEU A 42 1.28 -11.78 -5.17
C LEU A 42 2.45 -12.25 -6.05
N GLY A 43 3.32 -13.08 -5.48
CA GLY A 43 4.47 -13.59 -6.22
C GLY A 43 4.02 -14.56 -7.30
N GLN A 44 2.83 -15.13 -7.12
CA GLN A 44 2.28 -16.07 -8.09
C GLN A 44 1.62 -15.33 -9.25
N HIS A 45 0.99 -14.20 -8.93
CA HIS A 45 0.32 -13.41 -9.96
C HIS A 45 1.30 -12.50 -10.68
N ILE A 46 1.88 -11.56 -9.95
CA ILE A 46 2.85 -10.64 -10.52
C ILE A 46 3.91 -11.39 -11.31
N TYR A 47 4.18 -12.62 -10.90
CA TYR A 47 5.18 -13.44 -11.58
C TYR A 47 4.64 -13.96 -12.91
N GLU A 48 3.35 -14.29 -12.93
CA GLU A 48 2.72 -14.79 -14.14
C GLU A 48 2.41 -13.64 -15.10
N THR A 49 2.26 -12.44 -14.55
CA THR A 49 1.96 -11.27 -15.36
C THR A 49 3.25 -10.65 -15.90
N TYR A 50 4.36 -10.92 -15.23
CA TYR A 50 5.66 -10.40 -15.65
C TYR A 50 6.63 -11.52 -15.96
N GLY A 51 6.21 -12.76 -15.68
CA GLY A 51 7.05 -13.92 -15.93
C GLY A 51 8.26 -13.92 -15.00
N ASP A 52 9.45 -13.97 -15.59
CA ASP A 52 10.68 -13.97 -14.81
C ASP A 52 11.48 -12.68 -15.04
N THR A 53 11.07 -11.92 -16.05
CA THR A 53 11.76 -10.67 -16.38
C THR A 53 12.01 -9.87 -15.11
N TRP A 54 12.98 -8.96 -15.18
CA TRP A 54 13.32 -8.13 -14.03
C TRP A 54 12.25 -7.06 -13.80
N ALA A 55 11.51 -6.74 -14.87
CA ALA A 55 10.45 -5.74 -14.77
C ALA A 55 9.41 -6.15 -13.73
N GLY A 56 9.18 -7.45 -13.62
CA GLY A 56 8.21 -7.96 -12.65
C GLY A 56 8.71 -7.78 -11.22
N VAL A 57 9.95 -8.19 -10.98
CA VAL A 57 10.53 -8.07 -9.65
C VAL A 57 10.49 -6.62 -9.18
N GLU A 58 10.47 -5.69 -10.12
CA GLU A 58 10.44 -4.27 -9.79
C GLU A 58 9.05 -3.87 -9.29
N ALA A 59 8.02 -4.17 -10.10
CA ALA A 59 6.66 -3.84 -9.72
C ALA A 59 6.27 -4.54 -8.42
N ILE A 60 6.75 -5.76 -8.24
CA ILE A 60 6.44 -6.51 -7.03
C ILE A 60 6.83 -5.71 -5.79
N ILE A 61 8.03 -5.15 -5.80
CA ILE A 61 8.51 -4.36 -4.68
C ILE A 61 7.78 -3.02 -4.62
N ARG A 62 7.44 -2.49 -5.78
CA ARG A 62 6.75 -1.21 -5.85
C ARG A 62 5.37 -1.31 -5.21
N ILE A 63 4.56 -2.24 -5.71
CA ILE A 63 3.21 -2.43 -5.17
C ILE A 63 3.27 -2.93 -3.73
N LEU A 64 4.32 -3.69 -3.41
CA LEU A 64 4.49 -4.22 -2.06
C LEU A 64 4.22 -3.14 -1.02
N GLN A 65 4.96 -2.03 -1.12
CA GLN A 65 4.79 -0.92 -0.18
C GLN A 65 3.52 -0.14 -0.50
N GLN A 66 3.35 0.23 -1.76
CA GLN A 66 2.16 0.98 -2.17
C GLN A 66 0.90 0.39 -1.53
N LEU A 67 0.94 -0.90 -1.25
CA LEU A 67 -0.21 -1.57 -0.64
C LEU A 67 -0.32 -1.19 0.83
N LEU A 68 0.82 -1.05 1.49
CA LEU A 68 0.84 -0.68 2.91
C LEU A 68 0.22 0.69 3.12
N PHE A 69 0.23 1.51 2.06
CA PHE A 69 -0.34 2.84 2.14
C PHE A 69 -1.81 2.79 2.53
N ILE A 70 -2.63 2.26 1.62
CA ILE A 70 -4.07 2.15 1.88
C ILE A 70 -4.32 1.37 3.15
N HIS A 71 -3.48 0.37 3.41
CA HIS A 71 -3.62 -0.47 4.60
C HIS A 71 -3.86 0.40 5.83
N PHE A 72 -3.43 1.66 5.74
CA PHE A 72 -3.61 2.59 6.86
C PHE A 72 -5.04 3.11 6.91
N ARG A 73 -5.57 3.46 5.74
CA ARG A 73 -6.93 3.97 5.65
C ARG A 73 -7.88 3.13 6.49
N ILE A 74 -7.98 1.85 6.15
CA ILE A 74 -8.85 0.95 6.89
C ILE A 74 -8.41 0.84 8.35
N GLY A 75 -7.11 0.72 8.56
CA GLY A 75 -6.58 0.62 9.91
C GLY A 75 -5.85 -0.70 10.12
N CYS A 76 -4.69 -0.64 10.75
CA CYS A 76 -3.90 -1.85 11.01
C CYS A 76 -4.38 -2.53 12.29
N ARG A 77 -5.16 -3.59 12.14
CA ARG A 77 -5.67 -4.32 13.29
C ARG A 77 -4.59 -5.28 13.78
N HIS A 78 -3.53 -5.42 13.00
CA HIS A 78 -2.42 -6.28 13.35
C HIS A 78 -1.67 -5.75 14.56
N SER A 79 -1.23 -6.65 15.43
CA SER A 79 -0.50 -6.26 16.62
C SER A 79 1.00 -6.41 16.41
N ASN A 93 15.33 10.08 5.16
CA ASN A 93 14.17 9.88 4.30
C ASN A 93 13.66 11.22 3.78
N PRO A 94 12.82 11.18 2.78
CA PRO A 94 12.23 12.41 2.20
C PRO A 94 11.16 13.01 3.11
N LEU A 95 10.79 12.26 4.14
CA LEU A 95 9.78 12.72 5.08
C LEU A 95 10.34 12.72 6.50
N GLU A 96 11.65 12.83 6.61
CA GLU A 96 12.31 12.84 7.92
C GLU A 96 11.84 14.04 8.73
N PHE A 97 11.48 15.11 8.04
CA PHE A 97 11.02 16.33 8.71
C PHE A 97 9.56 16.19 9.14
N LEU A 98 8.90 15.13 8.67
CA LEU A 98 7.51 14.91 9.03
C LEU A 98 7.32 14.96 10.53
N ARG A 99 8.39 14.66 11.26
CA ARG A 99 8.34 14.67 12.72
C ARG A 99 8.01 16.08 13.23
N ASP A 100 8.18 17.06 12.36
CA ASP A 100 7.90 18.44 12.73
C ASP A 100 6.62 18.94 12.08
N GLN A 101 5.83 18.01 11.55
CA GLN A 101 4.57 18.36 10.90
C GLN A 101 3.39 17.91 11.74
N PRO A 102 2.31 18.65 11.70
CA PRO A 102 1.09 18.33 12.48
C PRO A 102 0.37 17.10 11.92
N GLN A 103 0.32 17.01 10.59
CA GLN A 103 -0.33 15.89 9.94
C GLN A 103 0.22 14.57 10.46
N PHE A 104 1.54 14.51 10.62
CA PHE A 104 2.18 13.29 11.12
C PHE A 104 1.81 13.05 12.58
N GLN A 105 2.22 13.97 13.44
CA GLN A 105 1.93 13.85 14.87
C GLN A 105 0.42 13.79 15.11
N ASN A 106 -0.34 14.36 14.18
CA ASN A 106 -1.80 14.37 14.31
C ASN A 106 -2.38 13.08 13.75
N MET A 107 -2.18 12.86 12.45
CA MET A 107 -2.70 11.66 11.80
C MET A 107 -2.12 10.41 12.46
N ARG A 108 -0.87 10.50 12.89
CA ARG A 108 -0.21 9.37 13.54
C ARG A 108 -0.90 9.04 14.87
N GLN A 109 -1.54 10.05 15.47
CA GLN A 109 -2.22 9.85 16.73
C GLN A 109 -3.62 9.29 16.50
N VAL A 110 -4.26 9.72 15.41
CA VAL A 110 -5.60 9.26 15.08
C VAL A 110 -5.53 8.02 14.20
N ILE A 111 -4.38 7.82 13.57
CA ILE A 111 -4.20 6.66 12.69
C ILE A 111 -4.01 5.39 13.52
N GLN A 112 -3.07 5.44 14.45
CA GLN A 112 -2.80 4.29 15.31
C GLN A 112 -3.93 4.06 16.29
N GLN A 113 -4.69 5.12 16.57
CA GLN A 113 -5.80 5.03 17.51
C GLN A 113 -7.07 4.56 16.80
N ASN A 114 -7.46 5.29 15.76
CA ASN A 114 -8.66 4.94 14.99
C ASN A 114 -8.47 5.28 13.52
N PRO A 115 -7.75 4.46 12.81
CA PRO A 115 -7.49 4.66 11.36
C PRO A 115 -8.74 5.11 10.61
N ALA A 116 -9.90 4.94 11.24
CA ALA A 116 -11.16 5.34 10.62
C ALA A 116 -11.14 6.82 10.30
N LEU A 117 -10.08 7.51 10.72
CA LEU A 117 -9.96 8.94 10.46
C LEU A 117 -8.80 9.21 9.50
N LEU A 118 -8.20 8.14 8.99
CA LEU A 118 -7.09 8.29 8.06
C LEU A 118 -7.60 8.56 6.64
N PRO A 119 -8.61 7.85 6.22
CA PRO A 119 -9.19 8.02 4.85
C PRO A 119 -9.39 9.49 4.50
N ALA A 120 -9.83 10.27 5.48
CA ALA A 120 -10.06 11.70 5.27
C ALA A 120 -8.78 12.49 5.45
N LEU A 121 -8.04 12.17 6.51
CA LEU A 121 -6.77 12.85 6.80
C LEU A 121 -5.86 12.81 5.58
N LEU A 122 -5.55 11.60 5.13
CA LEU A 122 -4.67 11.44 3.97
C LEU A 122 -5.03 12.46 2.88
N GLN A 123 -6.32 12.69 2.70
CA GLN A 123 -6.78 13.65 1.70
C GLN A 123 -6.29 15.05 2.04
N GLN A 124 -6.41 15.42 3.31
CA GLN A 124 -5.98 16.75 3.76
C GLN A 124 -4.45 16.82 3.80
N LEU A 125 -3.81 15.67 3.98
CA LEU A 125 -2.36 15.60 4.04
C LEU A 125 -1.77 15.83 2.65
N GLY A 126 -2.47 15.35 1.62
CA GLY A 126 -2.01 15.49 0.26
C GLY A 126 -2.33 16.89 -0.29
N GLN A 127 -3.22 17.59 0.40
CA GLN A 127 -3.60 18.93 -0.02
C GLN A 127 -2.51 19.94 0.34
N GLU A 128 -2.19 20.02 1.63
CA GLU A 128 -1.17 20.95 2.09
C GLU A 128 0.17 20.63 1.44
N ASN A 129 0.60 19.38 1.57
CA ASN A 129 1.87 18.97 0.98
C ASN A 129 1.66 17.77 0.05
N PRO A 130 1.07 18.00 -1.08
CA PRO A 130 0.80 16.93 -2.09
C PRO A 130 2.01 16.05 -2.32
N GLN A 131 3.20 16.59 -2.03
CA GLN A 131 4.44 15.84 -2.22
C GLN A 131 4.49 14.65 -1.27
N LEU A 132 3.85 14.80 -0.11
CA LEU A 132 3.84 13.74 0.89
C LEU A 132 3.08 12.53 0.35
N LEU A 133 1.83 12.74 -0.04
CA LEU A 133 1.01 11.65 -0.57
C LEU A 133 1.81 10.80 -1.55
N GLN A 134 2.87 11.38 -2.10
CA GLN A 134 3.71 10.66 -3.06
C GLN A 134 4.79 9.86 -2.33
N GLN A 135 5.37 10.46 -1.29
CA GLN A 135 6.42 9.80 -0.52
C GLN A 135 5.81 8.80 0.47
N ILE A 136 4.57 9.06 0.87
CA ILE A 136 3.88 8.19 1.81
C ILE A 136 3.87 6.75 1.30
N SER A 137 3.50 6.58 0.03
CA SER A 137 3.45 5.26 -0.56
C SER A 137 4.86 4.81 -0.98
N ARG A 138 5.71 5.78 -1.28
CA ARG A 138 7.08 5.47 -1.69
C ARG A 138 7.89 4.93 -0.52
N HIS A 139 7.67 5.51 0.66
CA HIS A 139 8.38 5.07 1.85
C HIS A 139 7.41 4.59 2.92
N GLN A 140 6.51 3.68 2.53
CA GLN A 140 5.52 3.16 3.46
C GLN A 140 6.20 2.62 4.72
N GLU A 141 7.03 1.59 4.55
CA GLU A 141 7.73 1.00 5.69
C GLU A 141 8.24 2.09 6.61
N GLN A 142 9.15 2.93 6.12
CA GLN A 142 9.69 4.01 6.92
C GLN A 142 8.58 4.91 7.42
N PHE A 143 7.45 4.89 6.70
CA PHE A 143 6.30 5.70 7.07
C PHE A 143 5.47 5.00 8.13
N ILE A 144 5.51 3.67 8.13
CA ILE A 144 4.74 2.89 9.09
C ILE A 144 5.51 2.77 10.41
N GLN A 145 6.72 2.23 10.34
CA GLN A 145 7.54 2.06 11.54
C GLN A 145 7.39 3.28 12.44
N MET A 146 7.24 4.46 11.83
CA MET A 146 7.09 5.69 12.59
C MET A 146 5.63 5.90 12.98
N LEU A 147 4.73 5.59 12.05
CA LEU A 147 3.30 5.75 12.31
C LEU A 147 2.78 4.60 13.17
N ASN A 148 3.63 3.60 13.37
CA ASN A 148 3.24 2.44 14.17
C ASN A 148 3.84 2.54 15.57
N GLU A 149 4.77 3.46 15.74
CA GLU A 149 5.42 3.65 17.04
C GLU A 149 5.18 5.06 17.56
N PRO A 150 5.49 5.31 18.79
CA PRO A 150 5.30 6.65 19.43
C PRO A 150 6.16 7.72 18.75
N PRO A 151 5.59 8.88 18.55
CA PRO A 151 6.30 10.01 17.90
C PRO A 151 7.73 10.16 18.41
N ILE A 177 -5.88 6.07 -12.99
CA ILE A 177 -6.95 5.42 -13.73
C ILE A 177 -6.41 4.59 -14.88
N GLN A 178 -5.95 5.27 -15.93
CA GLN A 178 -5.43 4.57 -17.11
C GLN A 178 -6.19 3.29 -17.35
N VAL A 179 -7.51 3.35 -17.16
CA VAL A 179 -8.36 2.18 -17.36
C VAL A 179 -9.57 2.55 -18.20
N THR A 180 -10.39 1.56 -18.49
CA THR A 180 -11.60 1.77 -19.28
C THR A 180 -12.73 0.97 -18.67
N PRO A 181 -13.95 1.24 -19.05
CA PRO A 181 -15.13 0.50 -18.52
C PRO A 181 -14.97 -0.98 -18.75
N GLN A 182 -14.03 -1.32 -19.62
CA GLN A 182 -13.74 -2.71 -19.94
C GLN A 182 -13.03 -3.39 -18.78
N GLU A 183 -11.92 -2.81 -18.33
CA GLU A 183 -11.16 -3.37 -17.23
C GLU A 183 -11.67 -2.81 -15.90
N LYS A 184 -12.17 -1.57 -15.95
CA LYS A 184 -12.69 -0.92 -14.76
C LYS A 184 -13.89 -1.69 -14.20
N GLU A 185 -14.78 -2.11 -15.09
CA GLU A 185 -15.97 -2.85 -14.67
C GLU A 185 -15.58 -3.96 -13.71
N ALA A 186 -14.32 -4.37 -13.75
CA ALA A 186 -13.84 -5.42 -12.87
C ALA A 186 -13.46 -4.86 -11.51
N ILE A 187 -13.06 -3.59 -11.48
CA ILE A 187 -12.67 -2.95 -10.23
C ILE A 187 -13.88 -2.84 -9.30
N GLU A 188 -14.89 -2.09 -9.73
CA GLU A 188 -16.08 -1.92 -8.91
C GLU A 188 -16.55 -3.26 -8.34
N ARG A 189 -16.46 -4.30 -9.16
CA ARG A 189 -16.86 -5.63 -8.71
C ARG A 189 -16.38 -5.89 -7.29
N LEU A 190 -15.25 -5.31 -6.95
CA LEU A 190 -14.69 -5.48 -5.60
C LEU A 190 -15.34 -4.50 -4.64
N LYS A 191 -15.75 -3.35 -5.15
CA LYS A 191 -16.38 -2.33 -4.32
C LYS A 191 -17.73 -2.84 -3.79
N ALA A 192 -18.29 -3.82 -4.48
CA ALA A 192 -19.56 -4.39 -4.06
C ALA A 192 -19.43 -5.14 -2.73
N LEU A 193 -18.18 -5.42 -2.36
CA LEU A 193 -17.93 -6.13 -1.11
C LEU A 193 -18.14 -5.21 0.09
N GLY A 194 -18.71 -4.03 -0.17
CA GLY A 194 -18.98 -3.07 0.89
C GLY A 194 -18.00 -1.91 0.83
N PHE A 195 -17.06 -1.98 -0.11
CA PHE A 195 -16.06 -0.92 -0.26
C PHE A 195 -16.40 -0.04 -1.46
N PRO A 196 -15.99 1.20 -1.42
CA PRO A 196 -16.26 2.17 -2.52
C PRO A 196 -15.48 1.83 -3.79
N GLU A 197 -15.99 2.30 -4.92
CA GLU A 197 -15.34 2.04 -6.20
C GLU A 197 -14.02 2.78 -6.28
N SER A 198 -13.91 3.86 -5.52
CA SER A 198 -12.68 4.66 -5.52
C SER A 198 -11.59 3.95 -4.72
N LEU A 199 -11.94 3.46 -3.54
CA LEU A 199 -10.97 2.76 -2.70
C LEU A 199 -10.45 1.52 -3.40
N VAL A 200 -11.25 0.99 -4.33
CA VAL A 200 -10.86 -0.21 -5.07
C VAL A 200 -9.91 0.14 -6.20
N ILE A 201 -10.31 1.11 -7.03
CA ILE A 201 -9.49 1.55 -8.14
C ILE A 201 -8.02 1.61 -7.73
N GLN A 202 -7.79 1.87 -6.45
CA GLN A 202 -6.42 1.96 -5.94
C GLN A 202 -5.81 0.57 -5.78
N ALA A 203 -6.55 -0.32 -5.13
CA ALA A 203 -6.07 -1.68 -4.92
C ALA A 203 -5.76 -2.35 -6.25
N TYR A 204 -6.68 -2.21 -7.20
CA TYR A 204 -6.49 -2.81 -8.51
C TYR A 204 -5.14 -2.42 -9.10
N PHE A 205 -4.87 -1.12 -9.12
CA PHE A 205 -3.61 -0.61 -9.66
C PHE A 205 -2.47 -0.87 -8.68
N ALA A 206 -2.82 -1.11 -7.41
CA ALA A 206 -1.82 -1.36 -6.39
C ALA A 206 -1.39 -2.83 -6.41
N CYS A 207 -2.22 -3.67 -7.03
CA CYS A 207 -1.91 -5.09 -7.11
C CYS A 207 -1.65 -5.49 -8.56
N GLU A 208 -1.33 -4.52 -9.40
CA GLU A 208 -1.06 -4.78 -10.80
C GLU A 208 -2.33 -5.16 -11.54
N LYS A 209 -3.37 -4.36 -11.38
CA LYS A 209 -4.64 -4.62 -12.03
C LYS A 209 -5.08 -6.07 -11.80
N ASN A 210 -4.49 -6.71 -10.81
CA ASN A 210 -4.82 -8.09 -10.49
C ASN A 210 -6.14 -8.16 -9.73
N GLU A 211 -7.23 -8.44 -10.45
CA GLU A 211 -8.54 -8.52 -9.82
C GLU A 211 -8.55 -9.64 -8.79
N ASN A 212 -7.67 -10.61 -8.98
CA ASN A 212 -7.58 -11.73 -8.06
C ASN A 212 -6.80 -11.34 -6.81
N LEU A 213 -5.71 -10.61 -7.02
CA LEU A 213 -4.87 -10.17 -5.90
C LEU A 213 -5.54 -9.02 -5.18
N ALA A 214 -5.87 -7.97 -5.92
CA ALA A 214 -6.52 -6.80 -5.33
C ALA A 214 -7.70 -7.22 -4.46
N ALA A 215 -8.39 -8.27 -4.87
CA ALA A 215 -9.52 -8.77 -4.12
C ALA A 215 -9.06 -9.45 -2.83
N ASN A 216 -7.82 -9.91 -2.83
CA ASN A 216 -7.27 -10.57 -1.65
C ASN A 216 -6.70 -9.54 -0.69
N PHE A 217 -5.82 -8.67 -1.18
CA PHE A 217 -5.22 -7.64 -0.36
C PHE A 217 -6.29 -6.72 0.22
N LEU A 218 -7.16 -6.21 -0.64
CA LEU A 218 -8.23 -5.33 -0.20
C LEU A 218 -9.13 -6.05 0.81
N LEU A 219 -9.46 -7.30 0.51
CA LEU A 219 -10.31 -8.08 1.40
C LEU A 219 -9.50 -8.67 2.54
N SER A 220 -8.18 -8.65 2.41
CA SER A 220 -7.31 -9.19 3.45
C SER A 220 -6.59 -8.06 4.20
N GLN A 221 -6.85 -6.82 3.78
CA GLN A 221 -6.22 -5.66 4.43
C GLN A 221 -6.83 -5.38 5.79
N ASN A 222 -7.12 -6.44 6.54
CA ASN A 222 -7.71 -6.29 7.87
C ASN A 222 -8.96 -5.42 7.82
N PHE A 223 -9.93 -5.72 8.68
CA PHE A 223 -11.16 -4.96 8.73
C PHE A 223 -11.89 -5.19 10.06
ZN ZN B . -1.31 -4.21 9.52
N GLU A 13 21.03 -2.38 -14.04
CA GLU A 13 20.03 -2.03 -13.05
C GLU A 13 20.42 -2.58 -11.68
N PRO A 14 20.89 -1.74 -10.80
CA PRO A 14 21.31 -2.15 -9.43
C PRO A 14 20.28 -3.06 -8.76
N TYR A 15 19.02 -2.90 -9.13
CA TYR A 15 17.95 -3.71 -8.56
C TYR A 15 18.38 -5.18 -8.46
N ASN A 16 19.12 -5.63 -9.47
CA ASN A 16 19.59 -7.01 -9.49
C ASN A 16 20.06 -7.46 -8.11
N GLU A 17 21.22 -6.94 -7.69
CA GLU A 17 21.78 -7.29 -6.39
C GLU A 17 21.22 -6.38 -5.31
N TRP A 18 20.71 -5.23 -5.75
CA TRP A 18 20.17 -4.26 -4.82
C TRP A 18 18.73 -4.60 -4.44
N THR A 19 17.86 -4.68 -5.44
CA THR A 19 16.46 -4.99 -5.20
C THR A 19 16.33 -6.21 -4.30
N LEU A 20 17.10 -7.25 -4.60
CA LEU A 20 17.06 -8.47 -3.81
C LEU A 20 17.48 -8.20 -2.36
N GLU A 21 18.25 -7.13 -2.17
CA GLU A 21 18.70 -6.77 -0.84
C GLU A 21 17.63 -5.97 -0.09
N LEU A 22 16.90 -5.15 -0.84
CA LEU A 22 15.84 -4.33 -0.24
C LEU A 22 14.58 -5.16 -0.04
N LEU A 23 14.21 -5.93 -1.06
CA LEU A 23 13.02 -6.76 -0.98
C LEU A 23 12.97 -7.51 0.34
N GLU A 24 14.09 -8.13 0.72
CA GLU A 24 14.17 -8.87 1.96
C GLU A 24 13.55 -8.07 3.10
N GLU A 25 14.05 -6.84 3.28
CA GLU A 25 13.53 -5.98 4.35
C GLU A 25 12.09 -5.58 4.07
N LEU A 26 11.76 -5.39 2.80
CA LEU A 26 10.41 -5.01 2.41
C LEU A 26 9.39 -5.93 3.06
N LYS A 27 9.56 -7.23 2.86
CA LYS A 27 8.64 -8.21 3.43
C LYS A 27 8.61 -8.09 4.95
N SER A 28 9.74 -7.69 5.53
CA SER A 28 9.84 -7.54 6.98
C SER A 28 8.65 -6.74 7.51
N GLU A 29 8.42 -5.57 6.92
CA GLU A 29 7.32 -4.72 7.34
C GLU A 29 6.04 -5.10 6.62
N ALA A 30 6.18 -5.53 5.37
CA ALA A 30 5.02 -5.92 4.57
C ALA A 30 4.47 -7.26 5.04
N VAL A 31 5.31 -8.30 4.97
CA VAL A 31 4.90 -9.63 5.39
C VAL A 31 4.30 -9.58 6.80
N ARG A 32 4.69 -8.57 7.57
CA ARG A 32 4.18 -8.41 8.92
C ARG A 32 2.87 -7.63 8.93
N HIS A 33 2.68 -6.81 7.90
CA HIS A 33 1.47 -6.01 7.79
C HIS A 33 0.66 -6.42 6.56
N PHE A 34 0.90 -7.63 6.08
CA PHE A 34 0.19 -8.13 4.91
C PHE A 34 -0.37 -9.52 5.17
N PRO A 35 -1.49 -9.83 4.58
CA PRO A 35 -2.14 -11.16 4.75
C PRO A 35 -1.36 -12.27 4.04
N ARG A 36 -1.00 -13.30 4.80
CA ARG A 36 -0.26 -14.42 4.24
C ARG A 36 -0.88 -14.88 2.92
N ILE A 37 -2.19 -15.07 2.93
CA ILE A 37 -2.90 -15.51 1.74
C ILE A 37 -2.50 -14.67 0.53
N TRP A 38 -2.76 -13.36 0.63
CA TRP A 38 -2.43 -12.44 -0.46
C TRP A 38 -0.97 -12.61 -0.87
N LEU A 39 -0.07 -12.47 0.09
CA LEU A 39 1.36 -12.60 -0.18
C LEU A 39 1.64 -13.91 -0.92
N HIS A 40 0.75 -14.88 -0.74
CA HIS A 40 0.91 -16.18 -1.40
C HIS A 40 0.44 -16.10 -2.85
N ASN A 41 -0.66 -15.38 -3.08
CA ASN A 41 -1.21 -15.24 -4.42
C ASN A 41 -0.47 -14.14 -5.18
N LEU A 42 0.14 -13.22 -4.46
CA LEU A 42 0.88 -12.13 -5.08
C LEU A 42 2.07 -12.67 -5.86
N GLY A 43 2.90 -13.46 -5.19
CA GLY A 43 4.07 -14.04 -5.83
C GLY A 43 3.66 -15.18 -6.76
N GLN A 44 2.48 -15.72 -6.52
CA GLN A 44 1.98 -16.82 -7.34
C GLN A 44 1.41 -16.27 -8.65
N HIS A 45 0.48 -15.33 -8.55
CA HIS A 45 -0.13 -14.74 -9.72
C HIS A 45 0.88 -13.90 -10.49
N ILE A 46 1.54 -12.98 -9.80
CA ILE A 46 2.53 -12.12 -10.44
C ILE A 46 3.65 -12.96 -11.05
N TYR A 47 3.80 -14.19 -10.55
CA TYR A 47 4.83 -15.08 -11.06
C TYR A 47 4.36 -15.79 -12.33
N GLU A 48 3.05 -16.07 -12.39
CA GLU A 48 2.48 -16.73 -13.55
C GLU A 48 2.20 -15.74 -14.66
N THR A 49 2.00 -14.47 -14.29
CA THR A 49 1.72 -13.43 -15.26
C THR A 49 3.01 -12.84 -15.83
N TYR A 50 3.82 -12.24 -14.95
CA TYR A 50 5.08 -11.65 -15.38
C TYR A 50 6.13 -12.72 -15.61
N GLY A 51 5.97 -13.85 -14.94
CA GLY A 51 6.92 -14.96 -15.10
C GLY A 51 8.15 -14.75 -14.21
N ASP A 52 9.32 -15.01 -14.76
CA ASP A 52 10.56 -14.84 -14.02
C ASP A 52 11.22 -13.51 -14.37
N THR A 53 10.73 -12.89 -15.43
CA THR A 53 11.28 -11.60 -15.87
C THR A 53 11.47 -10.67 -14.68
N TRP A 54 12.47 -9.81 -14.77
CA TRP A 54 12.77 -8.86 -13.70
C TRP A 54 11.56 -7.96 -13.44
N ALA A 55 10.88 -7.57 -14.51
CA ALA A 55 9.71 -6.71 -14.39
C ALA A 55 8.88 -7.09 -13.17
N GLY A 56 8.44 -8.35 -13.12
CA GLY A 56 7.64 -8.82 -12.01
C GLY A 56 8.27 -8.44 -10.67
N VAL A 57 9.57 -8.66 -10.55
CA VAL A 57 10.28 -8.33 -9.33
C VAL A 57 10.32 -6.82 -9.11
N GLU A 58 10.18 -6.07 -10.19
CA GLU A 58 10.20 -4.61 -10.12
C GLU A 58 8.83 -4.08 -9.70
N ALA A 59 7.80 -4.88 -9.91
CA ALA A 59 6.44 -4.49 -9.55
C ALA A 59 6.16 -4.79 -8.07
N ILE A 60 6.45 -6.02 -7.67
CA ILE A 60 6.23 -6.42 -6.29
C ILE A 60 6.77 -5.39 -5.31
N ILE A 61 7.79 -4.65 -5.76
CA ILE A 61 8.39 -3.62 -4.92
C ILE A 61 7.59 -2.32 -5.00
N ARG A 62 6.96 -2.09 -6.14
CA ARG A 62 6.17 -0.88 -6.34
C ARG A 62 4.81 -1.01 -5.65
N ILE A 63 4.13 -2.12 -5.90
CA ILE A 63 2.82 -2.34 -5.31
C ILE A 63 2.90 -2.30 -3.78
N LEU A 64 3.99 -2.84 -3.24
CA LEU A 64 4.18 -2.85 -1.79
C LEU A 64 4.27 -1.43 -1.25
N GLN A 65 5.07 -0.60 -1.90
CA GLN A 65 5.23 0.79 -1.47
C GLN A 65 3.88 1.49 -1.42
N GLN A 66 3.06 1.25 -2.44
CA GLN A 66 1.74 1.87 -2.50
C GLN A 66 0.73 1.07 -1.65
N LEU A 67 1.01 -0.22 -1.49
CA LEU A 67 0.12 -1.07 -0.71
C LEU A 67 0.19 -0.72 0.77
N LEU A 68 1.41 -0.64 1.30
CA LEU A 68 1.61 -0.30 2.71
C LEU A 68 0.71 0.87 3.10
N PHE A 69 0.49 1.78 2.17
CA PHE A 69 -0.35 2.94 2.42
C PHE A 69 -1.77 2.49 2.78
N ILE A 70 -2.38 1.72 1.89
CA ILE A 70 -3.74 1.23 2.12
C ILE A 70 -3.83 0.56 3.48
N HIS A 71 -2.71 0.00 3.92
CA HIS A 71 -2.67 -0.68 5.21
C HIS A 71 -2.98 0.31 6.34
N PHE A 72 -2.74 1.59 6.06
CA PHE A 72 -2.99 2.64 7.04
C PHE A 72 -4.46 3.07 7.00
N ARG A 73 -4.90 3.54 5.85
CA ARG A 73 -6.27 4.00 5.68
C ARG A 73 -7.25 3.01 6.31
N ILE A 74 -7.25 1.78 5.81
CA ILE A 74 -8.14 0.75 6.33
C ILE A 74 -7.91 0.55 7.83
N GLY A 75 -6.65 0.52 8.23
CA GLY A 75 -6.30 0.35 9.63
C GLY A 75 -5.49 -0.93 9.85
N CYS A 76 -4.43 -0.81 10.64
CA CYS A 76 -3.57 -1.96 10.93
C CYS A 76 -4.16 -2.80 12.06
N ARG A 77 -4.79 -3.90 11.70
CA ARG A 77 -5.39 -4.80 12.69
C ARG A 77 -4.32 -5.34 13.62
N HIS A 78 -3.13 -5.58 13.07
CA HIS A 78 -2.02 -6.11 13.85
C HIS A 78 -1.82 -5.29 15.12
N SER A 79 -1.60 -5.96 16.24
CA SER A 79 -1.40 -5.29 17.51
C SER A 79 -2.56 -4.37 17.83
N ASN A 93 15.90 11.85 3.98
CA ASN A 93 14.46 11.62 3.93
C ASN A 93 13.70 12.95 3.98
N PRO A 94 13.16 13.36 2.87
CA PRO A 94 12.40 14.64 2.77
C PRO A 94 11.17 14.65 3.68
N LEU A 95 10.81 13.49 4.19
CA LEU A 95 9.65 13.37 5.07
C LEU A 95 10.08 13.26 6.52
N GLU A 96 11.34 13.58 6.78
CA GLU A 96 11.88 13.51 8.14
C GLU A 96 11.21 14.56 9.03
N PHE A 97 11.25 15.81 8.60
CA PHE A 97 10.66 16.90 9.37
C PHE A 97 9.17 16.63 9.59
N LEU A 98 8.66 15.58 8.98
CA LEU A 98 7.26 15.22 9.11
C LEU A 98 6.85 15.24 10.59
N ARG A 99 7.54 14.45 11.40
CA ARG A 99 7.24 14.37 12.83
C ARG A 99 7.06 15.77 13.41
N ASP A 100 7.63 16.76 12.73
CA ASP A 100 7.53 18.14 13.20
C ASP A 100 6.30 18.82 12.62
N GLN A 101 5.35 18.01 12.15
CA GLN A 101 4.13 18.53 11.56
C GLN A 101 2.91 17.97 12.30
N PRO A 102 1.83 18.72 12.31
CA PRO A 102 0.57 18.29 12.98
C PRO A 102 -0.11 17.15 12.25
N GLN A 103 -0.06 17.19 10.91
CA GLN A 103 -0.68 16.16 10.09
C GLN A 103 -0.21 14.78 10.54
N PHE A 104 1.08 14.65 10.83
CA PHE A 104 1.64 13.38 11.25
C PHE A 104 1.17 13.04 12.67
N GLN A 105 1.51 13.91 13.62
CA GLN A 105 1.11 13.69 15.01
C GLN A 105 -0.40 13.61 15.12
N ASN A 106 -1.10 14.21 14.16
CA ASN A 106 -2.55 14.20 14.15
C ASN A 106 -3.08 12.92 13.50
N MET A 107 -2.67 12.67 12.26
CA MET A 107 -3.09 11.49 11.53
C MET A 107 -2.54 10.24 12.20
N ARG A 108 -1.41 10.37 12.86
CA ARG A 108 -0.79 9.24 13.53
C ARG A 108 -1.67 8.72 14.66
N GLN A 109 -1.94 9.58 15.64
CA GLN A 109 -2.78 9.18 16.77
C GLN A 109 -4.19 8.84 16.30
N VAL A 110 -4.65 9.52 15.26
CA VAL A 110 -5.98 9.26 14.72
C VAL A 110 -6.02 7.96 13.93
N ILE A 111 -4.99 7.73 13.12
CA ILE A 111 -4.93 6.52 12.32
C ILE A 111 -4.53 5.32 13.17
N GLN A 112 -3.46 5.49 13.96
CA GLN A 112 -3.00 4.42 14.83
C GLN A 112 -4.10 4.03 15.81
N GLN A 113 -5.00 4.97 16.09
CA GLN A 113 -6.10 4.71 17.01
C GLN A 113 -7.35 4.28 16.25
N ASN A 114 -7.78 5.13 15.31
CA ASN A 114 -8.96 4.83 14.51
C ASN A 114 -8.70 5.17 13.05
N PRO A 115 -8.02 4.30 12.35
CA PRO A 115 -7.70 4.49 10.90
C PRO A 115 -8.92 4.90 10.10
N ALA A 116 -10.09 4.80 10.74
CA ALA A 116 -11.34 5.15 10.09
C ALA A 116 -11.30 6.61 9.60
N LEU A 117 -10.72 7.48 10.40
CA LEU A 117 -10.62 8.89 10.04
C LEU A 117 -9.44 9.13 9.11
N LEU A 118 -8.75 8.06 8.74
CA LEU A 118 -7.61 8.19 7.84
C LEU A 118 -8.06 8.67 6.47
N PRO A 119 -9.02 8.03 5.87
CA PRO A 119 -9.54 8.42 4.53
C PRO A 119 -9.56 9.93 4.35
N ALA A 120 -9.92 10.65 5.42
CA ALA A 120 -9.99 12.10 5.36
C ALA A 120 -8.62 12.70 5.68
N LEU A 121 -7.85 12.00 6.51
CA LEU A 121 -6.52 12.49 6.89
C LEU A 121 -5.60 12.54 5.68
N LEU A 122 -5.34 11.38 5.08
CA LEU A 122 -4.48 11.31 3.91
C LEU A 122 -4.95 12.28 2.83
N GLN A 123 -6.22 12.17 2.46
CA GLN A 123 -6.78 13.05 1.43
C GLN A 123 -6.48 14.51 1.75
N GLN A 124 -6.45 14.83 3.04
CA GLN A 124 -6.18 16.19 3.47
C GLN A 124 -4.67 16.43 3.56
N LEU A 125 -3.92 15.35 3.73
CA LEU A 125 -2.47 15.45 3.84
C LEU A 125 -1.85 15.74 2.46
N GLY A 126 -1.97 14.78 1.55
CA GLY A 126 -1.42 14.94 0.21
C GLY A 126 -1.93 16.23 -0.43
N GLN A 127 -2.99 16.79 0.14
CA GLN A 127 -3.56 18.01 -0.40
C GLN A 127 -2.87 19.23 0.21
N GLU A 128 -2.43 19.09 1.47
CA GLU A 128 -1.75 20.19 2.15
C GLU A 128 -0.27 20.21 1.81
N ASN A 129 0.36 19.04 1.87
CA ASN A 129 1.78 18.94 1.57
C ASN A 129 2.04 17.83 0.55
N PRO A 130 1.54 18.00 -0.65
CA PRO A 130 1.71 17.00 -1.74
C PRO A 130 3.15 16.55 -1.88
N GLN A 131 4.08 17.49 -1.79
CA GLN A 131 5.50 17.17 -1.91
C GLN A 131 5.90 16.14 -0.86
N LEU A 132 5.16 16.10 0.24
CA LEU A 132 5.45 15.15 1.30
C LEU A 132 4.88 13.76 0.97
N LEU A 133 3.68 13.76 0.40
CA LEU A 133 3.04 12.51 0.03
C LEU A 133 3.97 11.65 -0.83
N GLN A 134 4.57 12.29 -1.84
CA GLN A 134 5.49 11.59 -2.73
C GLN A 134 6.54 10.82 -1.93
N GLN A 135 6.90 11.37 -0.76
CA GLN A 135 7.90 10.74 0.09
C GLN A 135 7.25 9.69 0.98
N ILE A 136 6.11 10.04 1.58
CA ILE A 136 5.41 9.12 2.46
C ILE A 136 5.32 7.73 1.81
N SER A 137 4.87 7.71 0.56
CA SER A 137 4.74 6.44 -0.16
C SER A 137 6.11 5.92 -0.58
N ARG A 138 7.07 6.84 -0.69
CA ARG A 138 8.42 6.47 -1.09
C ARG A 138 9.16 5.81 0.07
N HIS A 139 8.76 6.16 1.28
CA HIS A 139 9.39 5.59 2.47
C HIS A 139 8.35 4.96 3.39
N GLN A 140 7.53 4.08 2.82
CA GLN A 140 6.48 3.42 3.59
C GLN A 140 7.02 2.97 4.95
N GLU A 141 8.00 2.08 4.93
CA GLU A 141 8.58 1.57 6.17
C GLU A 141 8.94 2.73 7.10
N GLN A 142 9.88 3.56 6.68
CA GLN A 142 10.30 4.70 7.49
C GLN A 142 9.09 5.53 7.89
N PHE A 143 8.05 5.50 7.05
CA PHE A 143 6.83 6.26 7.33
C PHE A 143 5.91 5.46 8.24
N ILE A 144 6.03 4.14 8.19
CA ILE A 144 5.18 3.27 9.01
C ILE A 144 5.79 3.09 10.39
N GLN A 145 7.07 2.72 10.44
CA GLN A 145 7.75 2.52 11.72
C GLN A 145 7.33 3.59 12.71
N MET A 146 7.21 4.83 12.22
CA MET A 146 6.82 5.94 13.07
C MET A 146 5.30 5.95 13.25
N LEU A 147 4.60 5.80 12.14
CA LEU A 147 3.13 5.79 12.17
C LEU A 147 2.64 4.54 12.90
N ASN A 148 3.57 3.63 13.19
CA ASN A 148 3.22 2.39 13.88
C ASN A 148 3.88 2.36 15.26
N GLU A 149 4.82 3.27 15.48
CA GLU A 149 5.52 3.34 16.76
C GLU A 149 5.62 4.78 17.24
N PRO A 150 6.18 4.98 18.40
CA PRO A 150 6.34 6.34 19.00
C PRO A 150 6.96 7.33 18.01
N PRO A 151 6.47 8.54 17.99
CA PRO A 151 6.97 9.60 17.08
C PRO A 151 8.50 9.72 17.13
N ILE A 177 -6.21 5.50 -11.33
CA ILE A 177 -7.18 6.12 -12.22
C ILE A 177 -6.77 5.94 -13.68
N GLN A 178 -5.62 5.32 -13.89
CA GLN A 178 -5.12 5.08 -15.24
C GLN A 178 -6.02 4.09 -15.99
N VAL A 179 -7.18 3.79 -15.39
CA VAL A 179 -8.13 2.87 -16.01
C VAL A 179 -9.17 3.63 -16.80
N THR A 180 -10.07 2.89 -17.41
CA THR A 180 -11.11 3.49 -18.20
C THR A 180 -12.40 2.69 -18.08
N PRO A 181 -13.40 3.05 -18.83
CA PRO A 181 -14.72 2.35 -18.80
C PRO A 181 -14.56 0.87 -19.14
N GLN A 182 -13.40 0.53 -19.68
CA GLN A 182 -13.11 -0.85 -20.05
C GLN A 182 -12.68 -1.67 -18.84
N GLU A 183 -11.59 -1.25 -18.19
CA GLU A 183 -11.10 -1.95 -17.02
C GLU A 183 -11.93 -1.57 -15.81
N LYS A 184 -12.34 -0.30 -15.75
CA LYS A 184 -13.14 0.19 -14.65
C LYS A 184 -14.21 -0.83 -14.26
N GLU A 185 -15.13 -1.09 -15.18
CA GLU A 185 -16.20 -2.05 -14.92
C GLU A 185 -15.67 -3.25 -14.14
N ALA A 186 -14.38 -3.52 -14.28
CA ALA A 186 -13.77 -4.64 -13.58
C ALA A 186 -13.41 -4.24 -12.15
N ILE A 187 -12.99 -3.00 -11.99
CA ILE A 187 -12.61 -2.49 -10.67
C ILE A 187 -13.82 -2.44 -9.75
N GLU A 188 -14.83 -1.68 -10.14
CA GLU A 188 -16.04 -1.55 -9.34
C GLU A 188 -16.61 -2.93 -9.01
N ARG A 189 -16.19 -3.94 -9.75
CA ARG A 189 -16.65 -5.29 -9.51
C ARG A 189 -16.15 -5.78 -8.16
N LEU A 190 -15.00 -5.29 -7.75
CA LEU A 190 -14.42 -5.66 -6.47
C LEU A 190 -15.01 -4.82 -5.34
N LYS A 191 -15.18 -3.53 -5.62
CA LYS A 191 -15.74 -2.62 -4.61
C LYS A 191 -17.12 -3.09 -4.17
N ALA A 192 -17.86 -3.69 -5.10
CA ALA A 192 -19.20 -4.19 -4.78
C ALA A 192 -19.14 -5.21 -3.65
N LEU A 193 -17.94 -5.69 -3.36
CA LEU A 193 -17.76 -6.67 -2.29
C LEU A 193 -17.71 -5.97 -0.94
N GLY A 194 -18.20 -4.73 -0.89
CA GLY A 194 -18.21 -3.98 0.35
C GLY A 194 -16.93 -3.18 0.52
N PHE A 195 -16.57 -2.42 -0.52
CA PHE A 195 -15.36 -1.61 -0.47
C PHE A 195 -15.50 -0.37 -1.35
N PRO A 196 -14.98 0.74 -0.91
CA PRO A 196 -15.04 2.02 -1.67
C PRO A 196 -14.66 1.84 -3.13
N GLU A 197 -15.12 2.75 -3.97
CA GLU A 197 -14.82 2.69 -5.40
C GLU A 197 -13.34 2.97 -5.64
N SER A 198 -12.83 4.01 -5.00
CA SER A 198 -11.42 4.37 -5.16
C SER A 198 -10.52 3.40 -4.38
N LEU A 199 -11.08 2.83 -3.32
CA LEU A 199 -10.32 1.88 -2.50
C LEU A 199 -9.94 0.66 -3.32
N VAL A 200 -10.71 0.37 -4.37
CA VAL A 200 -10.44 -0.77 -5.22
C VAL A 200 -9.36 -0.43 -6.24
N ILE A 201 -9.43 0.79 -6.77
CA ILE A 201 -8.46 1.23 -7.77
C ILE A 201 -7.04 1.04 -7.25
N GLN A 202 -6.90 0.99 -5.92
CA GLN A 202 -5.59 0.81 -5.30
C GLN A 202 -5.18 -0.66 -5.37
N ALA A 203 -5.97 -1.52 -4.75
CA ALA A 203 -5.69 -2.96 -4.74
C ALA A 203 -5.68 -3.50 -6.16
N TYR A 204 -6.40 -2.85 -7.05
CA TYR A 204 -6.48 -3.28 -8.44
C TYR A 204 -5.11 -3.15 -9.12
N PHE A 205 -4.56 -1.94 -9.11
CA PHE A 205 -3.26 -1.69 -9.71
C PHE A 205 -2.13 -2.16 -8.79
N ALA A 206 -2.44 -2.27 -7.50
CA ALA A 206 -1.45 -2.71 -6.53
C ALA A 206 -1.34 -4.23 -6.52
N CYS A 207 -2.34 -4.89 -7.11
CA CYS A 207 -2.34 -6.35 -7.16
C CYS A 207 -2.18 -6.83 -8.61
N GLU A 208 -1.70 -5.94 -9.47
CA GLU A 208 -1.50 -6.28 -10.87
C GLU A 208 -2.83 -6.34 -11.62
N LYS A 209 -3.64 -5.30 -11.45
CA LYS A 209 -4.94 -5.24 -12.10
C LYS A 209 -5.64 -6.59 -12.04
N ASN A 210 -5.19 -7.44 -11.13
CA ASN A 210 -5.78 -8.77 -10.98
C ASN A 210 -7.04 -8.70 -10.11
N GLU A 211 -8.17 -8.43 -10.74
CA GLU A 211 -9.43 -8.33 -10.02
C GLU A 211 -9.55 -9.48 -9.01
N ASN A 212 -9.02 -10.63 -9.37
CA ASN A 212 -9.07 -11.79 -8.49
C ASN A 212 -8.10 -11.62 -7.32
N LEU A 213 -7.00 -10.93 -7.57
CA LEU A 213 -5.99 -10.71 -6.53
C LEU A 213 -6.45 -9.57 -5.61
N ALA A 214 -7.02 -8.53 -6.20
CA ALA A 214 -7.48 -7.39 -5.42
C ALA A 214 -8.54 -7.83 -4.41
N ALA A 215 -9.39 -8.75 -4.83
CA ALA A 215 -10.45 -9.24 -3.95
C ALA A 215 -9.86 -9.79 -2.66
N ASN A 216 -8.79 -10.58 -2.79
CA ASN A 216 -8.14 -11.16 -1.62
C ASN A 216 -7.53 -10.06 -0.74
N PHE A 217 -6.65 -9.26 -1.34
CA PHE A 217 -6.01 -8.17 -0.61
C PHE A 217 -7.04 -7.32 0.10
N LEU A 218 -8.05 -6.87 -0.64
CA LEU A 218 -9.10 -6.03 -0.08
C LEU A 218 -9.79 -6.74 1.08
N LEU A 219 -10.09 -8.03 0.90
CA LEU A 219 -10.74 -8.81 1.94
C LEU A 219 -9.73 -9.32 2.96
N SER A 220 -8.46 -9.24 2.60
CA SER A 220 -7.39 -9.72 3.50
C SER A 220 -6.70 -8.54 4.17
N GLN A 221 -7.27 -7.35 4.03
CA GLN A 221 -6.68 -6.16 4.64
C GLN A 221 -6.63 -6.28 6.17
N ASN A 222 -7.08 -7.42 6.68
CA ASN A 222 -7.06 -7.66 8.12
C ASN A 222 -8.39 -7.23 8.76
N PHE A 223 -8.64 -5.92 8.78
CA PHE A 223 -9.87 -5.38 9.37
C PHE A 223 -10.66 -6.46 10.08
ZN ZN B . -0.40 -4.12 10.25
N GLU A 13 21.27 -2.54 -12.75
CA GLU A 13 20.16 -2.34 -11.81
C GLU A 13 20.55 -2.86 -10.43
N PRO A 14 20.94 -1.99 -9.55
CA PRO A 14 21.34 -2.35 -8.17
C PRO A 14 20.32 -3.27 -7.50
N TYR A 15 19.05 -3.05 -7.80
CA TYR A 15 17.98 -3.86 -7.23
C TYR A 15 18.36 -5.34 -7.23
N ASN A 16 19.08 -5.75 -8.27
CA ASN A 16 19.50 -7.14 -8.38
C ASN A 16 20.00 -7.68 -7.05
N GLU A 17 21.19 -7.23 -6.63
CA GLU A 17 21.75 -7.67 -5.36
C GLU A 17 21.28 -6.77 -4.22
N TRP A 18 20.83 -5.57 -4.58
CA TRP A 18 20.35 -4.61 -3.60
C TRP A 18 18.93 -4.92 -3.17
N THR A 19 18.02 -4.91 -4.13
CA THR A 19 16.61 -5.17 -3.84
C THR A 19 16.48 -6.38 -2.92
N LEU A 20 17.28 -7.41 -3.19
CA LEU A 20 17.24 -8.63 -2.38
C LEU A 20 17.63 -8.32 -0.94
N GLU A 21 18.51 -7.34 -0.76
CA GLU A 21 18.95 -6.96 0.58
C GLU A 21 17.88 -6.15 1.30
N LEU A 22 17.30 -5.18 0.59
CA LEU A 22 16.26 -4.34 1.17
C LEU A 22 14.90 -5.04 1.10
N LEU A 23 14.80 -6.04 0.22
CA LEU A 23 13.56 -6.77 0.06
C LEU A 23 13.20 -7.52 1.35
N GLU A 24 14.06 -8.47 1.72
CA GLU A 24 13.83 -9.26 2.94
C GLU A 24 13.22 -8.38 4.03
N GLU A 25 13.93 -7.31 4.39
CA GLU A 25 13.45 -6.41 5.43
C GLU A 25 12.17 -5.72 4.99
N LEU A 26 12.07 -5.43 3.69
CA LEU A 26 10.89 -4.78 3.15
C LEU A 26 9.64 -5.62 3.40
N LYS A 27 9.80 -6.94 3.33
CA LYS A 27 8.69 -7.85 3.55
C LYS A 27 8.38 -7.98 5.04
N SER A 28 9.42 -8.30 5.82
CA SER A 28 9.26 -8.46 7.26
C SER A 28 8.38 -7.36 7.82
N GLU A 29 8.31 -6.24 7.11
CA GLU A 29 7.49 -5.11 7.55
C GLU A 29 6.02 -5.37 7.25
N ALA A 30 5.69 -5.59 5.99
CA ALA A 30 4.32 -5.85 5.59
C ALA A 30 3.97 -7.32 5.79
N VAL A 31 4.82 -8.20 5.26
CA VAL A 31 4.60 -9.63 5.38
C VAL A 31 4.29 -10.01 6.82
N ARG A 32 4.86 -9.27 7.76
CA ARG A 32 4.63 -9.55 9.18
C ARG A 32 3.16 -9.34 9.54
N HIS A 33 2.57 -8.28 9.01
CA HIS A 33 1.17 -7.99 9.28
C HIS A 33 0.35 -8.04 7.99
N PHE A 34 0.87 -8.74 6.99
CA PHE A 34 0.19 -8.86 5.71
C PHE A 34 -0.58 -10.18 5.65
N PRO A 35 -1.68 -10.19 4.96
CA PRO A 35 -2.53 -11.41 4.81
C PRO A 35 -1.80 -12.51 4.04
N ARG A 36 -1.68 -13.67 4.67
CA ARG A 36 -1.00 -14.80 4.03
C ARG A 36 -1.55 -15.03 2.63
N ILE A 37 -2.87 -14.99 2.51
CA ILE A 37 -3.52 -15.19 1.23
C ILE A 37 -2.90 -14.30 0.16
N TRP A 38 -2.94 -12.99 0.39
CA TRP A 38 -2.38 -12.04 -0.56
C TRP A 38 -0.96 -12.44 -0.95
N LEU A 39 -0.09 -12.54 0.04
CA LEU A 39 1.30 -12.92 -0.20
C LEU A 39 1.36 -14.14 -1.11
N HIS A 40 0.29 -14.93 -1.10
CA HIS A 40 0.23 -16.13 -1.93
C HIS A 40 -0.17 -15.78 -3.35
N ASN A 41 -1.20 -14.94 -3.49
CA ASN A 41 -1.68 -14.54 -4.81
C ASN A 41 -0.74 -13.51 -5.44
N LEU A 42 0.02 -12.83 -4.59
CA LEU A 42 0.95 -11.82 -5.08
C LEU A 42 2.07 -12.48 -5.88
N GLY A 43 2.80 -13.39 -5.23
CA GLY A 43 3.89 -14.09 -5.90
C GLY A 43 3.34 -14.98 -7.01
N GLN A 44 2.06 -15.33 -6.92
CA GLN A 44 1.43 -16.17 -7.92
C GLN A 44 1.01 -15.35 -9.13
N HIS A 45 0.20 -14.33 -8.90
CA HIS A 45 -0.27 -13.47 -9.98
C HIS A 45 0.88 -12.63 -10.52
N ILE A 46 1.55 -11.91 -9.65
CA ILE A 46 2.67 -11.07 -10.06
C ILE A 46 3.73 -11.91 -10.77
N TYR A 47 3.69 -13.22 -10.55
CA TYR A 47 4.64 -14.12 -11.17
C TYR A 47 4.19 -14.47 -12.59
N GLU A 48 2.90 -14.72 -12.74
CA GLU A 48 2.35 -15.08 -14.05
C GLU A 48 2.09 -13.83 -14.88
N THR A 49 1.90 -12.70 -14.20
CA THR A 49 1.65 -11.44 -14.89
C THR A 49 2.93 -10.85 -15.45
N TYR A 50 3.94 -10.72 -14.59
CA TYR A 50 5.22 -10.17 -15.01
C TYR A 50 6.17 -11.28 -15.45
N GLY A 51 5.95 -12.48 -14.94
CA GLY A 51 6.80 -13.62 -15.30
C GLY A 51 8.06 -13.65 -14.44
N ASP A 52 9.14 -14.18 -15.00
CA ASP A 52 10.40 -14.27 -14.29
C ASP A 52 11.19 -12.97 -14.42
N THR A 53 10.77 -12.14 -15.37
CA THR A 53 11.44 -10.86 -15.59
C THR A 53 11.73 -10.15 -14.27
N TRP A 54 12.78 -9.35 -14.25
CA TRP A 54 13.15 -8.62 -13.05
C TRP A 54 12.08 -7.58 -12.69
N ALA A 55 11.39 -7.09 -13.71
CA ALA A 55 10.33 -6.09 -13.49
C ALA A 55 9.39 -6.55 -12.38
N GLY A 56 9.03 -7.84 -12.41
CA GLY A 56 8.12 -8.38 -11.40
C GLY A 56 8.67 -8.15 -9.99
N VAL A 57 9.89 -8.61 -9.76
CA VAL A 57 10.52 -8.46 -8.46
C VAL A 57 10.73 -6.99 -8.13
N GLU A 58 10.92 -6.18 -9.17
CA GLU A 58 11.13 -4.74 -8.98
C GLU A 58 9.79 -4.02 -8.84
N ALA A 59 8.72 -4.69 -9.21
CA ALA A 59 7.39 -4.10 -9.14
C ALA A 59 6.81 -4.26 -7.74
N ILE A 60 6.90 -5.47 -7.20
CA ILE A 60 6.38 -5.74 -5.86
C ILE A 60 6.92 -4.73 -4.86
N ILE A 61 8.20 -4.40 -4.99
CA ILE A 61 8.82 -3.44 -4.08
C ILE A 61 8.12 -2.09 -4.17
N ARG A 62 7.86 -1.64 -5.40
CA ARG A 62 7.20 -0.35 -5.60
C ARG A 62 5.69 -0.49 -5.41
N ILE A 63 5.18 -1.70 -5.57
CA ILE A 63 3.75 -1.94 -5.42
C ILE A 63 3.40 -2.16 -3.94
N LEU A 64 4.36 -2.66 -3.17
CA LEU A 64 4.14 -2.91 -1.75
C LEU A 64 3.84 -1.60 -1.02
N GLN A 65 4.71 -0.61 -1.21
CA GLN A 65 4.52 0.68 -0.55
C GLN A 65 3.06 1.13 -0.65
N GLN A 66 2.58 1.31 -1.87
CA GLN A 66 1.20 1.74 -2.09
C GLN A 66 0.22 0.71 -1.55
N LEU A 67 0.66 -0.55 -1.50
CA LEU A 67 -0.19 -1.62 -0.99
C LEU A 67 -0.37 -1.51 0.52
N LEU A 68 0.70 -1.08 1.20
CA LEU A 68 0.65 -0.94 2.65
C LEU A 68 -0.19 0.27 3.05
N PHE A 69 -0.22 1.27 2.18
CA PHE A 69 -0.98 2.49 2.45
C PHE A 69 -2.48 2.17 2.53
N ILE A 70 -2.99 1.50 1.51
CA ILE A 70 -4.41 1.14 1.48
C ILE A 70 -4.80 0.43 2.77
N HIS A 71 -4.15 -0.69 3.04
CA HIS A 71 -4.43 -1.45 4.25
C HIS A 71 -4.25 -0.58 5.48
N PHE A 72 -3.45 0.47 5.33
CA PHE A 72 -3.19 1.40 6.42
C PHE A 72 -4.47 2.14 6.80
N ARG A 73 -5.02 2.89 5.85
CA ARG A 73 -6.25 3.65 6.09
C ARG A 73 -7.40 2.71 6.43
N ILE A 74 -7.41 1.55 5.80
CA ILE A 74 -8.48 0.58 6.05
C ILE A 74 -8.54 0.19 7.52
N GLY A 75 -7.37 0.06 8.15
CA GLY A 75 -7.32 -0.30 9.56
C GLY A 75 -6.42 -1.50 9.78
N CYS A 76 -5.33 -1.31 10.54
CA CYS A 76 -4.40 -2.39 10.82
C CYS A 76 -4.72 -3.02 12.17
N ARG A 77 -5.39 -4.17 12.14
CA ARG A 77 -5.73 -4.86 13.38
C ARG A 77 -4.56 -5.73 13.83
N HIS A 78 -3.47 -5.65 13.07
CA HIS A 78 -2.28 -6.42 13.38
C HIS A 78 -1.52 -5.80 14.54
N SER A 79 -1.28 -6.58 15.59
CA SER A 79 -0.57 -6.08 16.76
C SER A 79 -1.39 -5.03 17.49
N ASN A 93 15.78 11.73 3.97
CA ASN A 93 14.50 11.30 3.41
C ASN A 93 13.56 12.49 3.25
N PRO A 94 12.98 12.64 2.09
CA PRO A 94 12.04 13.75 1.80
C PRO A 94 10.74 13.61 2.59
N LEU A 95 10.68 12.58 3.43
CA LEU A 95 9.50 12.33 4.24
C LEU A 95 9.87 12.36 5.73
N GLU A 96 11.15 12.14 6.02
CA GLU A 96 11.62 12.14 7.40
C GLU A 96 11.28 13.46 8.08
N PHE A 97 11.75 14.56 7.49
CA PHE A 97 11.49 15.89 8.04
C PHE A 97 10.01 16.05 8.38
N LEU A 98 9.17 15.17 7.84
CA LEU A 98 7.74 15.25 8.09
C LEU A 98 7.47 15.41 9.59
N ARG A 99 8.35 14.86 10.41
CA ARG A 99 8.19 14.97 11.85
C ARG A 99 7.94 16.42 12.27
N ASP A 100 8.37 17.34 11.42
CA ASP A 100 8.18 18.76 11.72
C ASP A 100 6.80 19.22 11.27
N GLN A 101 5.93 18.25 10.98
CA GLN A 101 4.57 18.57 10.56
C GLN A 101 3.55 17.84 11.43
N PRO A 102 2.60 18.55 11.96
CA PRO A 102 1.55 17.95 12.83
C PRO A 102 0.80 16.82 12.13
N GLN A 103 0.41 17.06 10.89
CA GLN A 103 -0.31 16.06 10.12
C GLN A 103 0.35 14.69 10.28
N PHE A 104 1.62 14.69 10.66
CA PHE A 104 2.34 13.43 10.86
C PHE A 104 2.09 12.92 12.28
N GLN A 105 2.36 13.78 13.27
CA GLN A 105 2.15 13.41 14.66
C GLN A 105 0.68 13.07 14.91
N ASN A 106 -0.20 13.92 14.39
CA ASN A 106 -1.63 13.71 14.54
C ASN A 106 -2.07 12.47 13.79
N MET A 107 -1.61 12.34 12.56
CA MET A 107 -1.95 11.20 11.73
C MET A 107 -1.44 9.92 12.37
N ARG A 108 -0.21 9.98 12.88
CA ARG A 108 0.39 8.83 13.52
C ARG A 108 -0.37 8.44 14.78
N GLN A 109 -1.04 9.43 15.38
CA GLN A 109 -1.82 9.19 16.58
C GLN A 109 -3.22 8.70 16.22
N VAL A 110 -3.85 9.38 15.26
CA VAL A 110 -5.18 8.99 14.83
C VAL A 110 -5.13 7.72 14.00
N ILE A 111 -3.94 7.40 13.49
CA ILE A 111 -3.78 6.19 12.68
C ILE A 111 -3.47 4.99 13.56
N GLN A 112 -2.48 5.13 14.43
CA GLN A 112 -2.10 4.05 15.33
C GLN A 112 -3.22 3.75 16.31
N GLN A 113 -4.07 4.75 16.56
CA GLN A 113 -5.19 4.56 17.49
C GLN A 113 -6.43 4.11 16.74
N ASN A 114 -6.64 4.64 15.54
CA ASN A 114 -7.79 4.26 14.73
C ASN A 114 -7.60 4.74 13.29
N PRO A 115 -6.95 3.93 12.49
CA PRO A 115 -6.69 4.26 11.05
C PRO A 115 -7.96 4.72 10.33
N ALA A 116 -9.10 4.56 10.99
CA ALA A 116 -10.37 4.97 10.41
C ALA A 116 -10.35 6.46 10.08
N LEU A 117 -9.37 7.17 10.62
CA LEU A 117 -9.24 8.60 10.38
C LEU A 117 -8.19 8.87 9.32
N LEU A 118 -7.56 7.81 8.82
CA LEU A 118 -6.53 7.94 7.80
C LEU A 118 -7.13 8.50 6.51
N PRO A 119 -8.16 7.88 6.01
CA PRO A 119 -8.84 8.34 4.76
C PRO A 119 -9.10 9.84 4.76
N ALA A 120 -9.48 10.36 5.92
CA ALA A 120 -9.76 11.79 6.04
C ALA A 120 -8.48 12.57 6.31
N LEU A 121 -7.50 11.90 6.92
CA LEU A 121 -6.23 12.54 7.24
C LEU A 121 -5.43 12.80 5.97
N LEU A 122 -5.08 11.72 5.27
CA LEU A 122 -4.31 11.84 4.04
C LEU A 122 -4.87 12.95 3.16
N GLN A 123 -6.20 13.08 3.16
CA GLN A 123 -6.86 14.11 2.37
C GLN A 123 -6.32 15.50 2.72
N GLN A 124 -6.43 15.85 3.99
CA GLN A 124 -5.94 17.15 4.45
C GLN A 124 -4.42 17.23 4.33
N LEU A 125 -3.77 16.07 4.39
CA LEU A 125 -2.32 16.02 4.30
C LEU A 125 -1.87 16.35 2.88
N GLY A 126 -2.41 15.61 1.92
CA GLY A 126 -2.05 15.82 0.51
C GLY A 126 -2.74 17.08 -0.03
N GLN A 127 -3.74 17.56 0.69
CA GLN A 127 -4.47 18.74 0.27
C GLN A 127 -3.62 20.00 0.47
N GLU A 128 -2.89 20.04 1.58
CA GLU A 128 -2.04 21.18 1.88
C GLU A 128 -0.68 21.03 1.19
N ASN A 129 0.00 19.93 1.48
CA ASN A 129 1.31 19.67 0.88
C ASN A 129 1.24 18.47 -0.06
N PRO A 130 0.84 18.70 -1.28
CA PRO A 130 0.74 17.62 -2.30
C PRO A 130 2.09 17.03 -2.66
N GLN A 131 3.15 17.69 -2.23
CA GLN A 131 4.51 17.22 -2.50
C GLN A 131 4.80 15.95 -1.72
N LEU A 132 4.32 15.90 -0.48
CA LEU A 132 4.54 14.73 0.37
C LEU A 132 3.68 13.57 -0.10
N LEU A 133 2.40 13.84 -0.34
CA LEU A 133 1.49 12.80 -0.79
C LEU A 133 2.13 11.96 -1.89
N GLN A 134 3.11 12.55 -2.58
CA GLN A 134 3.79 11.84 -3.66
C GLN A 134 4.93 11.00 -3.10
N GLN A 135 5.53 11.46 -2.00
CA GLN A 135 6.62 10.73 -1.37
C GLN A 135 6.10 9.66 -0.43
N ILE A 136 5.33 10.07 0.56
CA ILE A 136 4.76 9.14 1.53
C ILE A 136 4.18 7.92 0.82
N SER A 137 3.75 8.11 -0.43
CA SER A 137 3.17 7.03 -1.19
C SER A 137 4.21 5.94 -1.46
N ARG A 138 5.40 6.36 -1.87
CA ARG A 138 6.48 5.41 -2.14
C ARG A 138 7.40 5.27 -0.94
N HIS A 139 6.94 5.74 0.21
CA HIS A 139 7.73 5.67 1.43
C HIS A 139 6.92 5.06 2.57
N GLN A 140 6.01 4.16 2.23
CA GLN A 140 5.18 3.51 3.24
C GLN A 140 6.04 2.97 4.37
N GLU A 141 6.89 2.00 4.06
CA GLU A 141 7.76 1.41 5.07
C GLU A 141 8.34 2.52 5.96
N GLN A 142 9.12 3.40 5.38
CA GLN A 142 9.72 4.50 6.14
C GLN A 142 8.63 5.30 6.82
N PHE A 143 7.42 5.22 6.26
CA PHE A 143 6.28 5.95 6.82
C PHE A 143 5.64 5.14 7.93
N ILE A 144 5.79 3.82 7.87
CA ILE A 144 5.23 2.94 8.87
C ILE A 144 6.15 2.83 10.08
N GLN A 145 7.41 2.46 9.82
CA GLN A 145 8.39 2.32 10.90
C GLN A 145 8.21 3.44 11.91
N MET A 146 7.89 4.63 11.43
CA MET A 146 7.69 5.77 12.30
C MET A 146 6.26 5.79 12.82
N LEU A 147 5.32 5.39 11.96
CA LEU A 147 3.90 5.37 12.32
C LEU A 147 3.62 4.15 13.19
N ASN A 148 4.60 3.27 13.33
CA ASN A 148 4.44 2.07 14.14
C ASN A 148 5.29 2.18 15.40
N GLU A 149 6.01 3.30 15.53
CA GLU A 149 6.86 3.51 16.69
C GLU A 149 6.89 4.99 17.06
N PRO A 150 7.62 5.34 18.08
CA PRO A 150 7.74 6.76 18.54
C PRO A 150 8.06 7.71 17.39
N PRO A 151 7.39 8.82 17.33
CA PRO A 151 7.61 9.84 16.26
C PRO A 151 8.96 10.53 16.39
N ILE A 177 -5.80 6.33 -11.75
CA ILE A 177 -6.97 5.97 -12.53
C ILE A 177 -6.56 5.56 -13.93
N GLN A 178 -5.42 4.91 -14.03
CA GLN A 178 -4.90 4.46 -15.32
C GLN A 178 -5.75 3.31 -15.86
N VAL A 179 -7.07 3.41 -15.70
CA VAL A 179 -7.98 2.38 -16.17
C VAL A 179 -8.91 2.95 -17.24
N THR A 180 -9.76 2.11 -17.78
CA THR A 180 -10.69 2.55 -18.81
C THR A 180 -12.06 1.88 -18.61
N PRO A 181 -12.96 2.04 -19.55
CA PRO A 181 -14.32 1.44 -19.45
C PRO A 181 -14.28 -0.08 -19.53
N GLN A 182 -13.16 -0.61 -20.01
CA GLN A 182 -13.00 -2.05 -20.13
C GLN A 182 -12.50 -2.65 -18.82
N GLU A 183 -11.57 -1.96 -18.16
CA GLU A 183 -11.02 -2.44 -16.90
C GLU A 183 -11.86 -1.93 -15.74
N LYS A 184 -12.31 -0.68 -15.84
CA LYS A 184 -13.13 -0.08 -14.81
C LYS A 184 -14.16 -1.06 -14.29
N GLU A 185 -15.08 -1.46 -15.17
CA GLU A 185 -16.12 -2.40 -14.81
C GLU A 185 -15.56 -3.50 -13.92
N ALA A 186 -14.25 -3.70 -13.99
CA ALA A 186 -13.61 -4.74 -13.18
C ALA A 186 -13.35 -4.23 -11.77
N ILE A 187 -13.00 -2.96 -11.66
CA ILE A 187 -12.73 -2.36 -10.36
C ILE A 187 -13.99 -2.30 -9.51
N GLU A 188 -14.99 -1.56 -10.00
CA GLU A 188 -16.26 -1.44 -9.29
C GLU A 188 -16.79 -2.81 -8.89
N ARG A 189 -16.47 -3.82 -9.70
CA ARG A 189 -16.92 -5.18 -9.42
C ARG A 189 -16.49 -5.60 -8.03
N LEU A 190 -15.24 -5.33 -7.69
CA LEU A 190 -14.71 -5.70 -6.38
C LEU A 190 -15.36 -4.86 -5.28
N LYS A 191 -15.61 -3.58 -5.59
CA LYS A 191 -16.22 -2.70 -4.62
C LYS A 191 -17.61 -3.19 -4.23
N ALA A 192 -18.23 -3.97 -5.11
CA ALA A 192 -19.55 -4.51 -4.85
C ALA A 192 -19.51 -5.49 -3.69
N LEU A 193 -18.31 -5.99 -3.38
CA LEU A 193 -18.14 -6.94 -2.30
C LEU A 193 -18.24 -6.22 -0.95
N GLY A 194 -18.74 -4.99 -0.96
CA GLY A 194 -18.89 -4.22 0.26
C GLY A 194 -17.75 -3.21 0.40
N PHE A 195 -16.86 -3.17 -0.60
CA PHE A 195 -15.74 -2.25 -0.57
C PHE A 195 -16.00 -1.06 -1.47
N PRO A 196 -15.55 0.10 -1.07
CA PRO A 196 -15.74 1.36 -1.85
C PRO A 196 -15.24 1.22 -3.29
N GLU A 197 -15.75 2.06 -4.18
CA GLU A 197 -15.35 2.04 -5.57
C GLU A 197 -13.89 2.49 -5.72
N SER A 198 -13.56 3.58 -5.04
CA SER A 198 -12.20 4.11 -5.09
C SER A 198 -11.24 3.19 -4.35
N LEU A 199 -11.73 2.54 -3.31
CA LEU A 199 -10.91 1.64 -2.52
C LEU A 199 -10.35 0.52 -3.40
N VAL A 200 -11.11 0.15 -4.43
CA VAL A 200 -10.68 -0.90 -5.34
C VAL A 200 -9.73 -0.33 -6.40
N ILE A 201 -10.02 0.88 -6.86
CA ILE A 201 -9.19 1.52 -7.86
C ILE A 201 -7.74 1.61 -7.39
N GLN A 202 -7.55 1.90 -6.11
CA GLN A 202 -6.21 2.01 -5.55
C GLN A 202 -5.54 0.64 -5.50
N ALA A 203 -6.15 -0.30 -4.78
CA ALA A 203 -5.60 -1.64 -4.66
C ALA A 203 -5.44 -2.28 -6.04
N TYR A 204 -6.51 -2.23 -6.83
CA TYR A 204 -6.48 -2.82 -8.17
C TYR A 204 -5.17 -2.45 -8.88
N PHE A 205 -4.83 -1.16 -8.84
CA PHE A 205 -3.60 -0.70 -9.48
C PHE A 205 -2.39 -1.04 -8.63
N ALA A 206 -2.62 -1.29 -7.34
CA ALA A 206 -1.54 -1.63 -6.43
C ALA A 206 -1.21 -3.11 -6.54
N CYS A 207 -2.11 -3.88 -7.14
CA CYS A 207 -1.90 -5.31 -7.29
C CYS A 207 -1.69 -5.67 -8.76
N GLU A 208 -1.31 -4.68 -9.56
CA GLU A 208 -1.07 -4.89 -10.98
C GLU A 208 -2.40 -5.12 -11.71
N LYS A 209 -3.41 -4.34 -11.35
CA LYS A 209 -4.72 -4.46 -11.98
C LYS A 209 -5.18 -5.92 -11.97
N ASN A 210 -4.49 -6.74 -11.19
CA ASN A 210 -4.85 -8.15 -11.10
C ASN A 210 -6.06 -8.34 -10.19
N GLU A 211 -7.24 -8.43 -10.80
CA GLU A 211 -8.47 -8.61 -10.03
C GLU A 211 -8.28 -9.68 -8.97
N ASN A 212 -7.93 -10.89 -9.42
CA ASN A 212 -7.72 -11.99 -8.50
C ASN A 212 -6.96 -11.53 -7.26
N LEU A 213 -5.86 -10.81 -7.48
CA LEU A 213 -5.06 -10.31 -6.38
C LEU A 213 -5.82 -9.22 -5.61
N ALA A 214 -6.37 -8.25 -6.35
CA ALA A 214 -7.11 -7.17 -5.72
C ALA A 214 -8.17 -7.72 -4.77
N ALA A 215 -8.92 -8.71 -5.24
CA ALA A 215 -9.96 -9.32 -4.42
C ALA A 215 -9.37 -9.89 -3.14
N ASN A 216 -8.38 -10.78 -3.29
CA ASN A 216 -7.74 -11.39 -2.14
C ASN A 216 -7.10 -10.31 -1.25
N PHE A 217 -6.77 -9.19 -1.85
CA PHE A 217 -6.15 -8.09 -1.12
C PHE A 217 -7.20 -7.33 -0.32
N LEU A 218 -8.27 -6.93 -1.00
CA LEU A 218 -9.35 -6.20 -0.36
C LEU A 218 -10.14 -7.11 0.58
N LEU A 219 -10.10 -8.42 0.30
CA LEU A 219 -10.82 -9.39 1.12
C LEU A 219 -10.01 -9.77 2.36
N SER A 220 -8.69 -9.62 2.27
CA SER A 220 -7.82 -9.96 3.39
C SER A 220 -7.25 -8.72 4.07
N GLN A 221 -7.78 -7.55 3.69
CA GLN A 221 -7.31 -6.29 4.28
C GLN A 221 -7.96 -6.02 5.63
N ASN A 222 -7.96 -7.03 6.50
CA ASN A 222 -8.54 -6.89 7.84
C ASN A 222 -10.00 -7.34 7.84
N PHE A 223 -10.88 -6.47 8.35
CA PHE A 223 -12.31 -6.79 8.41
C PHE A 223 -12.51 -8.29 8.55
ZN ZN B . -1.64 -4.54 9.33
N GLU A 13 23.35 -3.61 -13.20
CA GLU A 13 22.07 -3.85 -12.52
C GLU A 13 22.31 -4.31 -11.09
N PRO A 14 22.42 -3.38 -10.18
CA PRO A 14 22.66 -3.69 -8.74
C PRO A 14 21.44 -4.32 -8.07
N TYR A 15 20.25 -3.92 -8.50
CA TYR A 15 19.02 -4.45 -7.94
C TYR A 15 19.14 -5.95 -7.69
N ASN A 16 19.76 -6.65 -8.62
CA ASN A 16 19.93 -8.09 -8.50
C ASN A 16 20.29 -8.47 -7.07
N GLU A 17 21.50 -8.16 -6.65
CA GLU A 17 21.93 -8.49 -5.29
C GLU A 17 21.53 -7.37 -4.33
N TRP A 18 21.28 -6.21 -4.89
CA TRP A 18 20.90 -5.05 -4.09
C TRP A 18 19.41 -5.04 -3.76
N THR A 19 18.58 -5.03 -4.81
CA THR A 19 17.14 -5.01 -4.61
C THR A 19 16.70 -6.17 -3.71
N LEU A 20 17.55 -7.18 -3.60
CA LEU A 20 17.24 -8.34 -2.76
C LEU A 20 17.46 -8.01 -1.29
N GLU A 21 18.60 -7.38 -0.99
CA GLU A 21 18.92 -7.02 0.38
C GLU A 21 17.95 -5.95 0.89
N LEU A 22 17.61 -5.01 0.02
CA LEU A 22 16.67 -3.94 0.38
C LEU A 22 15.25 -4.48 0.49
N LEU A 23 15.03 -5.65 -0.13
CA LEU A 23 13.71 -6.26 -0.11
C LEU A 23 13.48 -6.99 1.22
N GLU A 24 14.52 -7.66 1.71
CA GLU A 24 14.42 -8.40 2.97
C GLU A 24 13.87 -7.49 4.07
N GLU A 25 14.44 -6.29 4.18
CA GLU A 25 14.00 -5.34 5.19
C GLU A 25 12.59 -4.84 4.89
N LEU A 26 12.21 -4.89 3.61
CA LEU A 26 10.89 -4.44 3.20
C LEU A 26 9.81 -5.39 3.73
N LYS A 27 9.88 -6.64 3.29
CA LYS A 27 8.91 -7.65 3.71
C LYS A 27 8.79 -7.66 5.24
N SER A 28 9.92 -7.80 5.92
CA SER A 28 9.94 -7.82 7.38
C SER A 28 8.99 -6.76 7.94
N GLU A 29 8.75 -5.71 7.15
CA GLU A 29 7.87 -4.64 7.59
C GLU A 29 6.42 -4.98 7.27
N ALA A 30 6.12 -5.17 5.99
CA ALA A 30 4.76 -5.51 5.58
C ALA A 30 4.50 -7.00 5.74
N VAL A 31 5.33 -7.81 5.09
CA VAL A 31 5.18 -9.27 5.16
C VAL A 31 4.91 -9.72 6.59
N ARG A 32 5.28 -8.88 7.56
CA ARG A 32 5.07 -9.21 8.96
C ARG A 32 3.58 -9.12 9.32
N HIS A 33 2.91 -8.09 8.81
CA HIS A 33 1.49 -7.91 9.08
C HIS A 33 0.69 -8.00 7.78
N PHE A 34 1.25 -8.66 6.78
CA PHE A 34 0.56 -8.81 5.50
C PHE A 34 -0.12 -10.17 5.41
N PRO A 35 -1.32 -10.19 4.89
CA PRO A 35 -2.10 -11.44 4.74
C PRO A 35 -1.35 -12.49 3.91
N ARG A 36 -1.16 -13.68 4.50
CA ARG A 36 -0.45 -14.75 3.81
C ARG A 36 -0.98 -14.92 2.39
N ILE A 37 -2.30 -15.02 2.26
CA ILE A 37 -2.92 -15.18 0.95
C ILE A 37 -2.39 -14.13 -0.02
N TRP A 38 -2.62 -12.86 0.30
CA TRP A 38 -2.16 -11.78 -0.56
C TRP A 38 -0.70 -11.97 -0.94
N LEU A 39 0.15 -12.17 0.06
CA LEU A 39 1.57 -12.36 -0.19
C LEU A 39 1.80 -13.63 -1.01
N HIS A 40 0.84 -14.56 -0.92
CA HIS A 40 0.93 -15.81 -1.66
C HIS A 40 0.43 -15.63 -3.09
N ASN A 41 -0.58 -14.79 -3.26
CA ASN A 41 -1.15 -14.53 -4.57
C ASN A 41 -0.37 -13.43 -5.28
N LEU A 42 0.25 -12.56 -4.50
CA LEU A 42 1.03 -11.46 -5.07
C LEU A 42 2.19 -12.01 -5.91
N GLY A 43 2.99 -12.88 -5.30
CA GLY A 43 4.12 -13.48 -5.99
C GLY A 43 3.65 -14.55 -6.97
N GLN A 44 2.45 -15.08 -6.72
CA GLN A 44 1.89 -16.12 -7.58
C GLN A 44 1.30 -15.51 -8.84
N HIS A 45 0.65 -14.36 -8.70
CA HIS A 45 0.05 -13.70 -9.84
C HIS A 45 1.09 -12.88 -10.60
N ILE A 46 1.70 -11.93 -9.90
CA ILE A 46 2.71 -11.07 -10.52
C ILE A 46 3.76 -11.92 -11.23
N TYR A 47 4.09 -13.07 -10.65
CA TYR A 47 5.08 -13.96 -11.23
C TYR A 47 4.59 -14.52 -12.57
N GLU A 48 3.28 -14.63 -12.71
CA GLU A 48 2.69 -15.15 -13.94
C GLU A 48 2.61 -14.05 -15.00
N THR A 49 2.39 -12.82 -14.56
CA THR A 49 2.30 -11.70 -15.47
C THR A 49 3.68 -11.09 -15.74
N TYR A 50 4.61 -11.33 -14.82
CA TYR A 50 5.96 -10.81 -14.96
C TYR A 50 6.97 -11.94 -15.06
N GLY A 51 6.46 -13.17 -15.09
CA GLY A 51 7.33 -14.34 -15.18
C GLY A 51 8.54 -14.21 -14.27
N ASP A 52 9.68 -14.73 -14.71
CA ASP A 52 10.91 -14.66 -13.92
C ASP A 52 11.63 -13.34 -14.18
N THR A 53 11.25 -12.66 -15.25
CA THR A 53 11.87 -11.39 -15.60
C THR A 53 12.03 -10.51 -14.36
N TRP A 54 13.12 -9.76 -14.32
CA TRP A 54 13.38 -8.88 -13.18
C TRP A 54 12.28 -7.82 -13.06
N ALA A 55 11.67 -7.48 -14.19
CA ALA A 55 10.60 -6.48 -14.19
C ALA A 55 9.68 -6.68 -12.99
N GLY A 56 9.01 -7.83 -12.95
CA GLY A 56 8.10 -8.12 -11.85
C GLY A 56 8.80 -7.97 -10.50
N VAL A 57 10.12 -8.04 -10.52
CA VAL A 57 10.90 -7.91 -9.29
C VAL A 57 11.11 -6.44 -8.94
N GLU A 58 11.03 -5.58 -9.95
CA GLU A 58 11.21 -4.14 -9.75
C GLU A 58 9.93 -3.52 -9.21
N ALA A 59 8.79 -4.01 -9.68
CA ALA A 59 7.50 -3.48 -9.25
C ALA A 59 7.17 -3.97 -7.84
N ILE A 60 7.43 -5.25 -7.59
CA ILE A 60 7.15 -5.83 -6.29
C ILE A 60 7.64 -4.91 -5.17
N ILE A 61 8.73 -4.19 -5.44
CA ILE A 61 9.27 -3.27 -4.44
C ILE A 61 8.45 -1.98 -4.39
N ARG A 62 7.83 -1.63 -5.52
CA ARG A 62 7.02 -0.42 -5.59
C ARG A 62 5.64 -0.68 -5.00
N ILE A 63 4.92 -1.64 -5.57
CA ILE A 63 3.59 -1.98 -5.09
C ILE A 63 3.61 -2.30 -3.60
N LEU A 64 4.63 -3.05 -3.18
CA LEU A 64 4.76 -3.42 -1.78
C LEU A 64 4.38 -2.24 -0.87
N GLN A 65 5.07 -1.12 -1.06
CA GLN A 65 4.80 0.06 -0.25
C GLN A 65 3.48 0.70 -0.67
N GLN A 66 3.33 0.94 -1.97
CA GLN A 66 2.10 1.56 -2.49
C GLN A 66 0.88 0.86 -1.91
N LEU A 67 1.02 -0.42 -1.59
CA LEU A 67 -0.10 -1.18 -1.04
C LEU A 67 -0.29 -0.85 0.44
N LEU A 68 0.80 -0.85 1.19
CA LEU A 68 0.76 -0.55 2.61
C LEU A 68 -0.05 0.73 2.86
N PHE A 69 -0.11 1.58 1.83
CA PHE A 69 -0.84 2.84 1.95
C PHE A 69 -2.32 2.59 2.21
N ILE A 70 -3.01 2.03 1.23
CA ILE A 70 -4.43 1.74 1.37
C ILE A 70 -4.69 0.93 2.64
N HIS A 71 -3.73 0.09 3.00
CA HIS A 71 -3.85 -0.73 4.20
C HIS A 71 -3.92 0.15 5.45
N PHE A 72 -3.37 1.36 5.33
CA PHE A 72 -3.37 2.30 6.45
C PHE A 72 -4.75 2.90 6.64
N ARG A 73 -5.39 3.26 5.53
CA ARG A 73 -6.72 3.86 5.58
C ARG A 73 -7.68 2.95 6.33
N ILE A 74 -7.89 1.74 5.82
CA ILE A 74 -8.77 0.78 6.45
C ILE A 74 -8.42 0.61 7.92
N GLY A 75 -7.11 0.55 8.20
CA GLY A 75 -6.65 0.39 9.57
C GLY A 75 -5.87 -0.90 9.74
N CYS A 76 -4.76 -0.83 10.45
CA CYS A 76 -3.92 -2.01 10.70
C CYS A 76 -4.31 -2.67 12.01
N ARG A 77 -5.08 -3.75 11.94
CA ARG A 77 -5.48 -4.46 13.14
C ARG A 77 -4.35 -5.38 13.59
N HIS A 78 -3.44 -5.65 12.67
CA HIS A 78 -2.29 -6.51 12.96
C HIS A 78 -1.59 -6.04 14.23
N SER A 79 -1.44 -6.95 15.19
CA SER A 79 -0.77 -6.62 16.44
C SER A 79 0.64 -7.18 16.47
N ASN A 93 15.41 10.60 4.16
CA ASN A 93 14.12 10.50 3.49
C ASN A 93 13.48 11.86 3.35
N PRO A 94 12.61 12.02 2.38
CA PRO A 94 11.90 13.30 2.13
C PRO A 94 10.75 13.51 3.11
N LEU A 95 10.56 12.56 4.01
CA LEU A 95 9.49 12.65 5.00
C LEU A 95 10.06 12.55 6.42
N GLU A 96 11.32 12.93 6.57
CA GLU A 96 11.96 12.87 7.88
C GLU A 96 11.42 13.95 8.79
N PHE A 97 11.27 15.15 8.24
CA PHE A 97 10.76 16.29 9.01
C PHE A 97 9.29 16.07 9.39
N LEU A 98 8.65 15.12 8.74
CA LEU A 98 7.25 14.83 9.02
C LEU A 98 7.02 14.68 10.52
N ARG A 99 7.95 14.02 11.19
CA ARG A 99 7.83 13.82 12.64
C ARG A 99 7.67 15.17 13.36
N ASP A 100 8.01 16.25 12.66
CA ASP A 100 7.90 17.58 13.25
C ASP A 100 6.67 18.31 12.71
N GLN A 101 5.79 17.56 12.05
CA GLN A 101 4.57 18.14 11.50
C GLN A 101 3.34 17.41 12.02
N PRO A 102 2.29 18.15 12.30
CA PRO A 102 1.02 17.56 12.81
C PRO A 102 0.48 16.46 11.90
N GLN A 103 0.54 16.70 10.59
CA GLN A 103 0.06 15.72 9.63
C GLN A 103 0.59 14.32 9.98
N PHE A 104 1.84 14.26 10.41
CA PHE A 104 2.44 12.98 10.77
C PHE A 104 2.02 12.58 12.18
N GLN A 105 2.37 13.41 13.15
CA GLN A 105 2.02 13.13 14.54
C GLN A 105 0.50 13.03 14.69
N ASN A 106 -0.19 14.09 14.29
CA ASN A 106 -1.64 14.12 14.37
C ASN A 106 -2.23 12.85 13.78
N MET A 107 -2.00 12.63 12.49
CA MET A 107 -2.52 11.46 11.81
C MET A 107 -1.97 10.19 12.44
N ARG A 108 -0.70 10.23 12.85
CA ARG A 108 -0.06 9.07 13.46
C ARG A 108 -0.73 8.75 14.80
N GLN A 109 -1.39 9.75 15.38
CA GLN A 109 -2.08 9.56 16.65
C GLN A 109 -3.47 8.99 16.43
N VAL A 110 -4.13 9.46 15.37
CA VAL A 110 -5.47 8.99 15.06
C VAL A 110 -5.41 7.77 14.15
N ILE A 111 -4.26 7.58 13.50
CA ILE A 111 -4.08 6.45 12.60
C ILE A 111 -3.90 5.16 13.39
N GLN A 112 -2.98 5.18 14.35
CA GLN A 112 -2.73 4.00 15.16
C GLN A 112 -3.88 3.76 16.13
N GLN A 113 -4.41 4.84 16.70
CA GLN A 113 -5.51 4.73 17.64
C GLN A 113 -6.80 4.30 16.94
N ASN A 114 -7.04 4.87 15.76
CA ASN A 114 -8.24 4.52 14.99
C ASN A 114 -8.11 5.00 13.55
N PRO A 115 -7.47 4.22 12.72
CA PRO A 115 -7.27 4.55 11.28
C PRO A 115 -8.56 5.03 10.63
N ALA A 116 -9.68 4.85 11.32
CA ALA A 116 -10.98 5.26 10.79
C ALA A 116 -10.97 6.77 10.51
N LEU A 117 -9.95 7.45 11.02
CA LEU A 117 -9.84 8.89 10.81
C LEU A 117 -8.73 9.20 9.80
N LEU A 118 -8.18 8.15 9.20
CA LEU A 118 -7.12 8.34 8.22
C LEU A 118 -7.68 8.77 6.87
N PRO A 119 -8.62 8.03 6.34
CA PRO A 119 -9.25 8.35 5.03
C PRO A 119 -9.41 9.86 4.82
N ALA A 120 -9.55 10.59 5.93
CA ALA A 120 -9.72 12.03 5.86
C ALA A 120 -8.35 12.72 5.82
N LEU A 121 -7.54 12.48 6.85
CA LEU A 121 -6.21 13.09 6.92
C LEU A 121 -5.46 12.87 5.61
N LEU A 122 -5.21 11.62 5.28
CA LEU A 122 -4.49 11.29 4.04
C LEU A 122 -5.02 12.13 2.89
N GLN A 123 -6.31 12.02 2.61
CA GLN A 123 -6.92 12.78 1.52
C GLN A 123 -6.62 14.26 1.67
N GLN A 124 -6.88 14.80 2.86
CA GLN A 124 -6.63 16.22 3.12
C GLN A 124 -5.14 16.51 3.12
N LEU A 125 -4.34 15.47 3.32
CA LEU A 125 -2.88 15.63 3.36
C LEU A 125 -2.33 15.80 1.95
N GLY A 126 -2.69 14.86 1.07
CA GLY A 126 -2.22 14.92 -0.31
C GLY A 126 -2.79 16.15 -1.03
N GLN A 127 -3.80 16.75 -0.43
CA GLN A 127 -4.43 17.93 -1.01
C GLN A 127 -3.68 19.19 -0.60
N GLU A 128 -3.21 19.21 0.66
CA GLU A 128 -2.47 20.36 1.16
C GLU A 128 -0.97 20.10 1.12
N ASN A 129 -0.59 18.95 0.58
CA ASN A 129 0.81 18.60 0.48
C ASN A 129 1.00 17.40 -0.44
N PRO A 130 0.61 17.55 -1.69
CA PRO A 130 0.74 16.46 -2.70
C PRO A 130 2.12 15.81 -2.68
N GLN A 131 3.16 16.64 -2.64
CA GLN A 131 4.52 16.13 -2.62
C GLN A 131 4.69 15.10 -1.51
N LEU A 132 3.85 15.21 -0.49
CA LEU A 132 3.92 14.28 0.64
C LEU A 132 3.23 12.97 0.30
N LEU A 133 1.93 13.06 -0.01
CA LEU A 133 1.15 11.87 -0.35
C LEU A 133 1.92 10.99 -1.33
N GLN A 134 2.90 11.59 -2.00
CA GLN A 134 3.71 10.85 -2.96
C GLN A 134 4.79 10.04 -2.26
N GLN A 135 5.61 10.72 -1.46
CA GLN A 135 6.67 10.04 -0.72
C GLN A 135 6.10 8.98 0.22
N ILE A 136 5.07 9.37 0.96
CA ILE A 136 4.43 8.46 1.91
C ILE A 136 4.17 7.11 1.25
N SER A 137 3.35 7.11 0.20
CA SER A 137 3.03 5.88 -0.51
C SER A 137 4.28 5.29 -1.16
N ARG A 138 5.25 6.15 -1.45
CA ARG A 138 6.49 5.71 -2.07
C ARG A 138 7.34 4.93 -1.07
N HIS A 139 7.25 5.30 0.20
CA HIS A 139 8.00 4.61 1.24
C HIS A 139 7.08 4.19 2.39
N GLN A 140 5.99 3.55 2.04
CA GLN A 140 5.03 3.09 3.06
C GLN A 140 5.76 2.52 4.27
N GLU A 141 6.63 1.54 4.03
CA GLU A 141 7.39 0.94 5.11
C GLU A 141 7.94 2.00 6.05
N GLN A 142 8.85 2.83 5.53
CA GLN A 142 9.43 3.90 6.33
C GLN A 142 8.34 4.76 6.96
N PHE A 143 7.18 4.81 6.30
CA PHE A 143 6.06 5.58 6.80
C PHE A 143 5.27 4.79 7.82
N ILE A 144 5.35 3.46 7.72
CA ILE A 144 4.63 2.58 8.63
C ILE A 144 5.44 2.37 9.91
N GLN A 145 6.61 1.76 9.77
CA GLN A 145 7.46 1.49 10.92
C GLN A 145 7.43 2.67 11.90
N MET A 146 7.27 3.87 11.35
CA MET A 146 7.22 5.07 12.19
C MET A 146 5.80 5.30 12.70
N LEU A 147 4.81 5.07 11.83
CA LEU A 147 3.42 5.25 12.21
C LEU A 147 2.93 4.05 13.01
N ASN A 148 3.76 3.01 13.07
CA ASN A 148 3.39 1.81 13.81
C ASN A 148 4.24 1.69 15.08
N GLU A 149 5.16 2.62 15.25
CA GLU A 149 6.03 2.62 16.42
C GLU A 149 6.18 4.02 16.99
N PRO A 150 6.84 4.15 18.11
CA PRO A 150 7.05 5.46 18.78
C PRO A 150 7.61 6.50 17.81
N PRO A 151 7.05 7.68 17.84
CA PRO A 151 7.49 8.81 16.95
C PRO A 151 9.00 9.03 17.00
N ILE A 177 -7.72 6.04 -13.97
CA ILE A 177 -7.64 6.34 -15.38
C ILE A 177 -7.01 5.17 -16.13
N GLN A 178 -5.89 4.69 -15.62
CA GLN A 178 -5.19 3.57 -16.23
C GLN A 178 -6.18 2.50 -16.68
N VAL A 179 -7.40 2.56 -16.16
CA VAL A 179 -8.43 1.58 -16.51
C VAL A 179 -9.31 2.11 -17.64
N THR A 180 -10.25 1.29 -18.07
CA THR A 180 -11.16 1.68 -19.14
C THR A 180 -12.57 1.18 -18.84
N PRO A 181 -13.48 1.36 -19.76
CA PRO A 181 -14.90 0.91 -19.58
C PRO A 181 -14.99 -0.60 -19.43
N GLN A 182 -13.91 -1.28 -19.81
CA GLN A 182 -13.86 -2.74 -19.72
C GLN A 182 -13.43 -3.18 -18.33
N GLU A 183 -12.31 -2.62 -17.85
CA GLU A 183 -11.80 -2.97 -16.53
C GLU A 183 -12.55 -2.19 -15.45
N LYS A 184 -12.83 -0.93 -15.74
CA LYS A 184 -13.54 -0.08 -14.80
C LYS A 184 -14.65 -0.86 -14.09
N GLU A 185 -15.62 -1.30 -14.86
CA GLU A 185 -16.75 -2.05 -14.31
C GLU A 185 -16.26 -2.98 -13.20
N ALA A 186 -15.15 -3.67 -13.46
CA ALA A 186 -14.59 -4.58 -12.48
C ALA A 186 -14.25 -3.84 -11.19
N ILE A 187 -13.42 -2.80 -11.30
CA ILE A 187 -13.03 -2.01 -10.14
C ILE A 187 -14.25 -1.72 -9.28
N GLU A 188 -15.20 -0.99 -9.86
CA GLU A 188 -16.43 -0.65 -9.15
C GLU A 188 -17.05 -1.89 -8.54
N ARG A 189 -16.62 -3.05 -9.04
CA ARG A 189 -17.14 -4.31 -8.54
C ARG A 189 -16.46 -4.69 -7.24
N LEU A 190 -15.14 -4.70 -7.24
CA LEU A 190 -14.39 -5.02 -6.04
C LEU A 190 -14.91 -4.20 -4.87
N LYS A 191 -15.45 -3.02 -5.19
CA LYS A 191 -15.99 -2.14 -4.17
C LYS A 191 -17.40 -2.57 -3.78
N ALA A 192 -18.07 -3.28 -4.68
CA ALA A 192 -19.43 -3.75 -4.42
C ALA A 192 -19.45 -4.67 -3.20
N LEU A 193 -18.27 -5.13 -2.80
CA LEU A 193 -18.16 -6.02 -1.65
C LEU A 193 -18.33 -5.23 -0.35
N GLY A 194 -18.73 -3.97 -0.48
CA GLY A 194 -18.93 -3.12 0.70
C GLY A 194 -17.82 -2.09 0.82
N PHE A 195 -16.90 -2.09 -0.15
CA PHE A 195 -15.79 -1.16 -0.13
C PHE A 195 -16.06 0.03 -1.05
N PRO A 196 -15.38 1.11 -0.84
CA PRO A 196 -15.54 2.35 -1.66
C PRO A 196 -15.13 2.12 -3.12
N GLU A 197 -15.64 2.96 -4.01
CA GLU A 197 -15.30 2.85 -5.43
C GLU A 197 -13.85 3.23 -5.67
N SER A 198 -13.50 4.46 -5.29
CA SER A 198 -12.13 4.93 -5.47
C SER A 198 -11.16 4.04 -4.69
N LEU A 199 -11.60 3.59 -3.52
CA LEU A 199 -10.77 2.74 -2.68
C LEU A 199 -10.29 1.52 -3.47
N VAL A 200 -11.07 1.11 -4.46
CA VAL A 200 -10.71 -0.04 -5.27
C VAL A 200 -9.73 0.35 -6.37
N ILE A 201 -9.98 1.50 -6.97
CA ILE A 201 -9.11 1.99 -8.04
C ILE A 201 -7.65 1.94 -7.60
N GLN A 202 -7.43 2.08 -6.30
CA GLN A 202 -6.06 2.05 -5.76
C GLN A 202 -5.56 0.61 -5.66
N ALA A 203 -6.36 -0.25 -5.07
CA ALA A 203 -5.98 -1.66 -4.92
C ALA A 203 -5.82 -2.31 -6.29
N TYR A 204 -6.81 -2.10 -7.15
CA TYR A 204 -6.77 -2.67 -8.50
C TYR A 204 -5.42 -2.41 -9.15
N PHE A 205 -5.04 -1.15 -9.23
CA PHE A 205 -3.76 -0.78 -9.84
C PHE A 205 -2.61 -1.12 -8.89
N ALA A 206 -2.89 -1.16 -7.60
CA ALA A 206 -1.88 -1.48 -6.61
C ALA A 206 -1.51 -2.96 -6.67
N CYS A 207 -2.36 -3.74 -7.35
CA CYS A 207 -2.11 -5.17 -7.48
C CYS A 207 -1.85 -5.54 -8.93
N GLU A 208 -1.33 -4.58 -9.70
CA GLU A 208 -1.04 -4.81 -11.10
C GLU A 208 -2.31 -5.08 -11.89
N LYS A 209 -3.40 -4.44 -11.47
CA LYS A 209 -4.68 -4.62 -12.14
C LYS A 209 -5.21 -6.04 -11.93
N ASN A 210 -4.51 -6.82 -11.11
CA ASN A 210 -4.91 -8.18 -10.84
C ASN A 210 -6.17 -8.21 -9.99
N GLU A 211 -7.32 -8.01 -10.62
CA GLU A 211 -8.59 -8.02 -9.90
C GLU A 211 -8.64 -9.16 -8.90
N ASN A 212 -7.94 -10.25 -9.22
CA ASN A 212 -7.91 -11.40 -8.33
C ASN A 212 -7.15 -11.07 -7.04
N LEU A 213 -6.02 -10.40 -7.19
CA LEU A 213 -5.21 -10.01 -6.04
C LEU A 213 -5.88 -8.89 -5.26
N ALA A 214 -6.29 -7.85 -5.97
CA ALA A 214 -6.94 -6.71 -5.33
C ALA A 214 -8.09 -7.19 -4.46
N ALA A 215 -8.95 -8.03 -5.02
CA ALA A 215 -10.09 -8.56 -4.27
C ALA A 215 -9.64 -9.09 -2.92
N ASN A 216 -8.61 -9.94 -2.93
CA ASN A 216 -8.10 -10.52 -1.70
C ASN A 216 -7.43 -9.43 -0.84
N PHE A 217 -6.67 -8.57 -1.49
CA PHE A 217 -5.98 -7.49 -0.77
C PHE A 217 -6.96 -6.72 0.11
N LEU A 218 -8.02 -6.20 -0.52
CA LEU A 218 -9.02 -5.44 0.21
C LEU A 218 -9.75 -6.32 1.21
N LEU A 219 -9.94 -7.60 0.85
CA LEU A 219 -10.63 -8.54 1.72
C LEU A 219 -9.68 -9.11 2.77
N SER A 220 -8.39 -8.93 2.55
CA SER A 220 -7.39 -9.45 3.49
C SER A 220 -6.76 -8.32 4.32
N GLN A 221 -7.34 -7.13 4.23
CA GLN A 221 -6.82 -5.98 4.98
C GLN A 221 -6.92 -6.23 6.48
N ASN A 222 -7.44 -7.39 6.86
CA ASN A 222 -7.58 -7.72 8.27
C ASN A 222 -8.84 -7.09 8.86
N PHE A 223 -8.93 -5.76 8.76
CA PHE A 223 -10.09 -5.05 9.29
C PHE A 223 -10.33 -5.41 10.75
ZN ZN B . -1.28 -4.31 9.11
N GLU A 13 21.34 -0.71 -12.77
CA GLU A 13 20.23 -1.47 -12.22
C GLU A 13 20.65 -2.20 -10.96
N PRO A 14 21.21 -1.49 -10.01
CA PRO A 14 21.67 -2.08 -8.72
C PRO A 14 20.62 -2.99 -8.10
N TYR A 15 19.35 -2.73 -8.42
CA TYR A 15 18.25 -3.54 -7.89
C TYR A 15 18.58 -5.03 -7.96
N ASN A 16 19.31 -5.40 -9.01
CA ASN A 16 19.69 -6.80 -9.19
C ASN A 16 20.14 -7.42 -7.87
N GLU A 17 21.31 -7.04 -7.40
CA GLU A 17 21.83 -7.57 -6.15
C GLU A 17 21.35 -6.72 -4.98
N TRP A 18 20.94 -5.50 -5.29
CA TRP A 18 20.46 -4.58 -4.27
C TRP A 18 19.02 -4.85 -3.90
N THR A 19 18.14 -4.77 -4.89
CA THR A 19 16.72 -5.01 -4.65
C THR A 19 16.50 -6.26 -3.82
N LEU A 20 17.24 -7.32 -4.15
CA LEU A 20 17.12 -8.58 -3.43
C LEU A 20 17.54 -8.41 -1.98
N GLU A 21 18.32 -7.36 -1.71
CA GLU A 21 18.78 -7.09 -0.36
C GLU A 21 17.73 -6.32 0.43
N LEU A 22 17.22 -5.26 -0.18
CA LEU A 22 16.20 -4.44 0.47
C LEU A 22 14.84 -5.13 0.44
N LEU A 23 14.72 -6.11 -0.44
CA LEU A 23 13.46 -6.86 -0.57
C LEU A 23 13.13 -7.56 0.74
N GLU A 24 14.15 -8.07 1.42
CA GLU A 24 13.95 -8.76 2.68
C GLU A 24 13.27 -7.85 3.70
N GLU A 25 13.95 -6.77 4.06
CA GLU A 25 13.41 -5.82 5.02
C GLU A 25 12.05 -5.29 4.55
N LEU A 26 11.79 -5.43 3.26
CA LEU A 26 10.52 -4.97 2.69
C LEU A 26 9.43 -6.01 2.92
N LYS A 27 9.79 -7.27 2.81
CA LYS A 27 8.83 -8.35 3.01
C LYS A 27 8.54 -8.55 4.50
N SER A 28 9.59 -8.58 5.30
CA SER A 28 9.44 -8.76 6.74
C SER A 28 8.36 -7.83 7.29
N GLU A 29 8.30 -6.62 6.75
CA GLU A 29 7.30 -5.65 7.18
C GLU A 29 6.00 -5.83 6.41
N ALA A 30 6.09 -6.43 5.23
CA ALA A 30 4.92 -6.66 4.40
C ALA A 30 4.15 -7.88 4.88
N VAL A 31 4.82 -9.03 4.87
CA VAL A 31 4.18 -10.28 5.31
C VAL A 31 3.58 -10.11 6.70
N ARG A 32 4.32 -9.43 7.58
CA ARG A 32 3.85 -9.22 8.94
C ARG A 32 2.65 -8.26 8.94
N HIS A 33 2.56 -7.43 7.91
CA HIS A 33 1.46 -6.48 7.80
C HIS A 33 0.58 -6.80 6.60
N PHE A 34 0.62 -8.05 6.17
CA PHE A 34 -0.17 -8.48 5.02
C PHE A 34 -0.52 -9.95 5.13
N PRO A 35 -1.58 -10.36 4.46
CA PRO A 35 -2.04 -11.78 4.47
C PRO A 35 -1.11 -12.68 3.65
N ARG A 36 -0.59 -13.72 4.29
CA ARG A 36 0.29 -14.65 3.60
C ARG A 36 -0.36 -15.11 2.31
N ILE A 37 -1.67 -14.90 2.22
CA ILE A 37 -2.42 -15.29 1.03
C ILE A 37 -2.12 -14.33 -0.12
N TRP A 38 -2.42 -13.06 0.09
CA TRP A 38 -2.18 -12.05 -0.94
C TRP A 38 -0.74 -12.12 -1.42
N LEU A 39 0.20 -12.30 -0.49
CA LEU A 39 1.60 -12.39 -0.83
C LEU A 39 1.89 -13.68 -1.58
N HIS A 40 1.19 -14.74 -1.21
CA HIS A 40 1.37 -16.04 -1.85
C HIS A 40 0.76 -16.03 -3.25
N ASN A 41 -0.37 -15.33 -3.39
CA ASN A 41 -1.05 -15.24 -4.67
C ASN A 41 -0.47 -14.12 -5.52
N LEU A 42 0.14 -13.15 -4.85
CA LEU A 42 0.74 -12.00 -5.54
C LEU A 42 2.01 -12.43 -6.28
N GLY A 43 2.98 -12.93 -5.52
CA GLY A 43 4.25 -13.37 -6.11
C GLY A 43 4.02 -14.58 -7.01
N GLN A 44 2.93 -15.30 -6.78
CA GLN A 44 2.61 -16.48 -7.57
C GLN A 44 2.03 -16.07 -8.92
N HIS A 45 1.03 -15.19 -8.88
CA HIS A 45 0.39 -14.72 -10.12
C HIS A 45 1.30 -13.75 -10.85
N ILE A 46 1.75 -12.72 -10.15
CA ILE A 46 2.62 -11.71 -10.74
C ILE A 46 3.84 -12.38 -11.38
N TYR A 47 4.33 -13.43 -10.74
CA TYR A 47 5.50 -14.15 -11.25
C TYR A 47 5.17 -14.80 -12.58
N GLU A 48 3.94 -15.24 -12.74
CA GLU A 48 3.51 -15.89 -13.98
C GLU A 48 3.18 -14.85 -15.04
N THR A 49 2.81 -13.65 -14.60
CA THR A 49 2.47 -12.58 -15.51
C THR A 49 3.70 -12.13 -16.30
N TYR A 50 4.71 -11.64 -15.58
CA TYR A 50 5.93 -11.19 -16.23
C TYR A 50 6.95 -12.33 -16.34
N GLY A 51 6.82 -13.31 -15.46
CA GLY A 51 7.72 -14.45 -15.46
C GLY A 51 8.89 -14.22 -14.51
N ASP A 52 10.11 -14.38 -15.03
CA ASP A 52 11.30 -14.18 -14.22
C ASP A 52 11.92 -12.81 -14.48
N THR A 53 11.44 -12.15 -15.53
CA THR A 53 11.95 -10.83 -15.89
C THR A 53 12.06 -9.95 -14.64
N TRP A 54 12.72 -8.80 -14.80
CA TRP A 54 12.89 -7.87 -13.68
C TRP A 54 11.61 -7.08 -13.45
N ALA A 55 10.91 -6.75 -14.53
CA ALA A 55 9.68 -5.99 -14.43
C ALA A 55 8.86 -6.45 -13.22
N GLY A 56 9.03 -7.71 -12.85
CA GLY A 56 8.31 -8.27 -11.71
C GLY A 56 8.97 -7.85 -10.40
N VAL A 57 10.24 -8.23 -10.24
CA VAL A 57 10.98 -7.89 -9.03
C VAL A 57 10.82 -6.41 -8.70
N GLU A 58 10.55 -5.60 -9.73
CA GLU A 58 10.37 -4.17 -9.53
C GLU A 58 8.94 -3.85 -9.13
N ALA A 59 7.99 -4.54 -9.77
CA ALA A 59 6.58 -4.32 -9.46
C ALA A 59 6.24 -4.84 -8.07
N ILE A 60 6.64 -6.09 -7.81
CA ILE A 60 6.37 -6.70 -6.51
C ILE A 60 6.88 -5.81 -5.38
N ILE A 61 7.97 -5.09 -5.64
CA ILE A 61 8.55 -4.20 -4.63
C ILE A 61 7.82 -2.86 -4.64
N ARG A 62 7.22 -2.51 -5.76
CA ARG A 62 6.50 -1.25 -5.89
C ARG A 62 5.15 -1.35 -5.17
N ILE A 63 4.33 -2.30 -5.60
CA ILE A 63 3.01 -2.48 -4.99
C ILE A 63 3.15 -2.75 -3.50
N LEU A 64 4.19 -3.47 -3.12
CA LEU A 64 4.42 -3.78 -1.70
C LEU A 64 4.39 -2.50 -0.87
N GLN A 65 4.95 -1.42 -1.40
CA GLN A 65 4.98 -0.15 -0.69
C GLN A 65 3.66 0.59 -0.87
N GLN A 66 3.34 0.92 -2.12
CA GLN A 66 2.10 1.63 -2.41
C GLN A 66 0.93 1.00 -1.66
N LEU A 67 1.05 -0.28 -1.34
CA LEU A 67 0.00 -0.98 -0.63
C LEU A 67 0.06 -0.66 0.87
N LEU A 68 1.26 -0.66 1.42
CA LEU A 68 1.45 -0.37 2.84
C LEU A 68 0.68 0.88 3.23
N PHE A 69 0.65 1.86 2.32
CA PHE A 69 -0.06 3.11 2.59
C PHE A 69 -1.50 2.81 2.99
N ILE A 70 -2.14 1.91 2.27
CA ILE A 70 -3.53 1.54 2.56
C ILE A 70 -3.62 0.86 3.91
N HIS A 71 -2.51 0.24 4.33
CA HIS A 71 -2.47 -0.44 5.61
C HIS A 71 -2.99 0.46 6.72
N PHE A 72 -2.72 1.75 6.59
CA PHE A 72 -3.16 2.72 7.59
C PHE A 72 -4.61 3.15 7.33
N ARG A 73 -5.03 3.01 6.08
CA ARG A 73 -6.39 3.38 5.70
C ARG A 73 -7.41 2.53 6.45
N ILE A 74 -7.35 1.22 6.22
CA ILE A 74 -8.28 0.31 6.87
C ILE A 74 -7.91 0.12 8.34
N GLY A 75 -6.61 -0.07 8.59
CA GLY A 75 -6.14 -0.26 9.96
C GLY A 75 -5.19 -1.46 10.05
N CYS A 76 -4.22 -1.36 10.94
CA CYS A 76 -3.25 -2.44 11.12
C CYS A 76 -3.75 -3.45 12.15
N ARG A 77 -4.22 -4.60 11.67
CA ARG A 77 -4.72 -5.64 12.56
C ARG A 77 -3.58 -6.22 13.40
N HIS A 78 -2.36 -5.92 13.01
CA HIS A 78 -1.19 -6.42 13.73
C HIS A 78 -0.72 -5.40 14.76
N SER A 79 -0.24 -5.89 15.90
CA SER A 79 0.24 -5.01 16.95
C SER A 79 0.81 -5.82 18.11
N ASN A 93 15.56 9.72 6.06
CA ASN A 93 14.42 9.70 5.17
C ASN A 93 14.05 11.11 4.73
N PRO A 94 13.42 11.23 3.59
CA PRO A 94 13.00 12.56 3.03
C PRO A 94 11.79 13.13 3.76
N LEU A 95 11.29 12.39 4.75
CA LEU A 95 10.13 12.84 5.52
C LEU A 95 10.46 12.87 7.01
N GLU A 96 11.74 12.99 7.32
CA GLU A 96 12.17 13.04 8.71
C GLU A 96 11.55 14.24 9.42
N PHE A 97 11.24 15.28 8.64
CA PHE A 97 10.63 16.48 9.20
C PHE A 97 9.11 16.36 9.24
N LEU A 98 8.59 15.28 8.66
CA LEU A 98 7.15 15.05 8.64
C LEU A 98 6.56 15.27 10.03
N ARG A 99 7.36 14.99 11.06
CA ARG A 99 6.91 15.16 12.43
C ARG A 99 6.64 16.64 12.71
N ASP A 100 7.41 17.51 12.06
CA ASP A 100 7.25 18.94 12.25
C ASP A 100 5.90 19.41 11.71
N GLN A 101 5.26 18.56 10.90
CA GLN A 101 3.97 18.90 10.34
C GLN A 101 2.84 18.44 11.26
N PRO A 102 1.92 19.31 11.56
CA PRO A 102 0.77 18.99 12.46
C PRO A 102 -0.06 17.82 11.93
N GLN A 103 -0.15 17.73 10.60
CA GLN A 103 -0.92 16.66 9.97
C GLN A 103 -0.37 15.30 10.38
N PHE A 104 0.93 15.25 10.64
CA PHE A 104 1.56 13.99 11.05
C PHE A 104 1.18 13.66 12.49
N GLN A 105 1.31 14.65 13.37
CA GLN A 105 0.97 14.45 14.78
C GLN A 105 -0.53 14.30 14.94
N ASN A 106 -1.30 14.87 14.01
CA ASN A 106 -2.74 14.78 14.06
C ASN A 106 -3.23 13.48 13.41
N MET A 107 -2.61 13.12 12.30
CA MET A 107 -2.98 11.90 11.60
C MET A 107 -2.40 10.68 12.30
N ARG A 108 -1.21 10.82 12.86
CA ARG A 108 -0.57 9.72 13.56
C ARG A 108 -1.57 9.02 14.47
N GLN A 109 -2.09 9.76 15.45
CA GLN A 109 -3.07 9.21 16.38
C GLN A 109 -4.36 8.85 15.66
N VAL A 110 -4.83 9.75 14.81
CA VAL A 110 -6.05 9.52 14.05
C VAL A 110 -5.94 8.24 13.23
N ILE A 111 -4.72 7.92 12.82
CA ILE A 111 -4.49 6.71 12.03
C ILE A 111 -4.25 5.51 12.94
N GLN A 112 -3.31 5.66 13.87
CA GLN A 112 -2.98 4.57 14.79
C GLN A 112 -4.11 4.34 15.78
N GLN A 113 -4.99 5.33 15.92
CA GLN A 113 -6.11 5.21 16.86
C GLN A 113 -7.33 4.61 16.16
N ASN A 114 -7.76 5.26 15.07
CA ASN A 114 -8.90 4.78 14.32
C ASN A 114 -8.69 4.99 12.83
N PRO A 115 -7.99 4.08 12.19
CA PRO A 115 -7.71 4.14 10.74
C PRO A 115 -8.92 4.59 9.93
N ALA A 116 -10.09 4.54 10.55
CA ALA A 116 -11.33 4.94 9.89
C ALA A 116 -11.31 6.43 9.59
N LEU A 117 -10.27 7.10 10.06
CA LEU A 117 -10.14 8.54 9.84
C LEU A 117 -8.97 8.86 8.91
N LEU A 118 -8.36 7.81 8.36
CA LEU A 118 -7.22 7.99 7.46
C LEU A 118 -7.70 8.37 6.06
N PRO A 119 -8.71 7.70 5.57
CA PRO A 119 -9.27 7.97 4.21
C PRO A 119 -9.49 9.46 3.96
N ALA A 120 -9.90 10.18 5.00
CA ALA A 120 -10.13 11.61 4.88
C ALA A 120 -8.84 12.39 5.08
N LEU A 121 -7.96 11.84 5.91
CA LEU A 121 -6.68 12.50 6.20
C LEU A 121 -5.73 12.36 5.02
N LEU A 122 -5.38 11.12 4.71
CA LEU A 122 -4.45 10.87 3.60
C LEU A 122 -4.79 11.75 2.40
N GLN A 123 -6.07 12.12 2.28
CA GLN A 123 -6.50 12.97 1.19
C GLN A 123 -6.06 14.41 1.43
N GLN A 124 -6.06 14.83 2.69
CA GLN A 124 -5.66 16.18 3.03
C GLN A 124 -4.13 16.28 3.12
N LEU A 125 -3.50 15.16 3.44
CA LEU A 125 -2.04 15.14 3.56
C LEU A 125 -1.39 15.35 2.20
N GLY A 126 -1.92 14.66 1.18
CA GLY A 126 -1.38 14.80 -0.17
C GLY A 126 -1.83 16.10 -0.80
N GLN A 127 -2.86 16.71 -0.23
CA GLN A 127 -3.39 17.96 -0.76
C GLN A 127 -2.64 19.14 -0.15
N GLU A 128 -2.33 19.05 1.14
CA GLU A 128 -1.61 20.11 1.83
C GLU A 128 -0.10 19.92 1.69
N ASN A 129 0.29 18.83 1.06
CA ASN A 129 1.72 18.55 0.88
C ASN A 129 1.91 17.45 -0.17
N PRO A 130 1.40 17.67 -1.35
CA PRO A 130 1.52 16.69 -2.47
C PRO A 130 2.96 16.20 -2.65
N GLN A 131 3.91 16.95 -2.11
CA GLN A 131 5.31 16.58 -2.23
C GLN A 131 5.68 15.50 -1.21
N LEU A 132 4.91 15.46 -0.12
CA LEU A 132 5.16 14.47 0.92
C LEU A 132 4.57 13.12 0.54
N LEU A 133 3.34 13.13 0.05
CA LEU A 133 2.67 11.91 -0.36
C LEU A 133 3.55 11.10 -1.30
N GLN A 134 4.17 11.80 -2.26
CA GLN A 134 5.03 11.14 -3.23
C GLN A 134 6.18 10.44 -2.53
N GLN A 135 6.62 11.01 -1.40
CA GLN A 135 7.72 10.43 -0.63
C GLN A 135 7.20 9.32 0.29
N ILE A 136 6.21 9.66 1.10
CA ILE A 136 5.63 8.70 2.03
C ILE A 136 5.38 7.37 1.33
N SER A 137 5.04 7.43 0.04
CA SER A 137 4.79 6.22 -0.73
C SER A 137 6.09 5.48 -1.04
N ARG A 138 7.19 6.23 -1.11
CA ARG A 138 8.49 5.65 -1.40
C ARG A 138 9.21 5.27 -0.10
N HIS A 139 8.55 5.52 1.03
CA HIS A 139 9.14 5.20 2.33
C HIS A 139 8.08 4.64 3.27
N GLN A 140 7.54 3.48 2.92
CA GLN A 140 6.53 2.84 3.74
C GLN A 140 7.11 2.40 5.07
N GLU A 141 8.13 1.54 5.03
CA GLU A 141 8.77 1.06 6.25
C GLU A 141 9.31 2.21 7.08
N GLN A 142 9.68 3.30 6.41
CA GLN A 142 10.22 4.47 7.11
C GLN A 142 9.09 5.37 7.60
N PHE A 143 8.04 5.50 6.80
CA PHE A 143 6.91 6.34 7.16
C PHE A 143 5.93 5.57 8.06
N ILE A 144 5.98 4.25 7.96
CA ILE A 144 5.09 3.40 8.75
C ILE A 144 5.60 3.27 10.18
N GLN A 145 6.82 2.77 10.33
CA GLN A 145 7.40 2.58 11.66
C GLN A 145 7.02 3.76 12.57
N MET A 146 6.93 4.95 11.98
CA MET A 146 6.56 6.13 12.74
C MET A 146 5.05 6.27 12.82
N LEU A 147 4.39 6.06 11.68
CA LEU A 147 2.94 6.15 11.62
C LEU A 147 2.29 5.00 12.38
N ASN A 148 3.11 4.03 12.80
CA ASN A 148 2.61 2.89 13.54
C ASN A 148 3.03 2.98 15.00
N GLU A 149 4.15 3.64 15.25
CA GLU A 149 4.65 3.80 16.61
C GLU A 149 4.20 5.14 17.18
N PRO A 150 4.15 5.26 18.48
CA PRO A 150 3.72 6.52 19.15
C PRO A 150 4.69 7.66 18.87
N PRO A 151 4.17 8.82 18.54
CA PRO A 151 5.00 10.02 18.24
C PRO A 151 6.02 10.30 19.34
N ILE A 177 -6.57 6.10 -10.69
CA ILE A 177 -7.54 5.91 -11.75
C ILE A 177 -7.04 4.94 -12.80
N GLN A 178 -6.07 5.39 -13.60
CA GLN A 178 -5.51 4.55 -14.65
C GLN A 178 -6.50 3.49 -15.08
N VAL A 179 -7.76 3.88 -15.21
CA VAL A 179 -8.81 2.97 -15.62
C VAL A 179 -9.68 3.61 -16.69
N THR A 180 -10.65 2.85 -17.16
CA THR A 180 -11.55 3.32 -18.19
C THR A 180 -12.95 2.77 -17.95
N PRO A 181 -13.89 3.04 -18.82
CA PRO A 181 -15.28 2.53 -18.65
C PRO A 181 -15.36 1.03 -18.83
N GLN A 182 -14.32 0.48 -19.43
CA GLN A 182 -14.24 -0.96 -19.67
C GLN A 182 -13.67 -1.68 -18.46
N GLU A 183 -12.65 -1.09 -17.84
CA GLU A 183 -12.03 -1.70 -16.66
C GLU A 183 -12.75 -1.26 -15.40
N LYS A 184 -13.16 0.00 -15.37
CA LYS A 184 -13.85 0.54 -14.21
C LYS A 184 -14.89 -0.44 -13.68
N GLU A 185 -15.89 -0.74 -14.51
CA GLU A 185 -16.94 -1.68 -14.12
C GLU A 185 -16.36 -2.84 -13.33
N ALA A 186 -15.07 -3.10 -13.51
CA ALA A 186 -14.41 -4.19 -12.81
C ALA A 186 -13.95 -3.74 -11.43
N ILE A 187 -13.51 -2.49 -11.34
CA ILE A 187 -13.04 -1.93 -10.08
C ILE A 187 -14.17 -1.92 -9.05
N GLU A 188 -15.21 -1.17 -9.34
CA GLU A 188 -16.36 -1.07 -8.42
C GLU A 188 -16.85 -2.45 -8.01
N ARG A 189 -16.86 -3.38 -8.97
CA ARG A 189 -17.31 -4.73 -8.69
C ARG A 189 -16.78 -5.21 -7.34
N LEU A 190 -15.54 -4.85 -7.04
CA LEU A 190 -14.93 -5.24 -5.79
C LEU A 190 -15.33 -4.26 -4.67
N LYS A 191 -15.73 -3.06 -5.06
CA LYS A 191 -16.14 -2.06 -4.08
C LYS A 191 -17.48 -2.43 -3.46
N ALA A 192 -18.25 -3.25 -4.17
CA ALA A 192 -19.56 -3.68 -3.68
C ALA A 192 -19.40 -4.58 -2.47
N LEU A 193 -18.19 -5.08 -2.27
CA LEU A 193 -17.91 -5.97 -1.14
C LEU A 193 -17.93 -5.19 0.17
N GLY A 194 -18.31 -3.92 0.08
CA GLY A 194 -18.37 -3.07 1.27
C GLY A 194 -17.21 -2.08 1.29
N PHE A 195 -16.66 -1.79 0.11
CA PHE A 195 -15.55 -0.85 0.01
C PHE A 195 -15.82 0.17 -1.10
N PRO A 196 -15.17 1.29 -1.02
CA PRO A 196 -15.34 2.39 -2.03
C PRO A 196 -14.68 2.05 -3.36
N GLU A 197 -15.15 2.68 -4.43
CA GLU A 197 -14.61 2.44 -5.75
C GLU A 197 -13.15 2.89 -5.81
N SER A 198 -12.80 3.82 -4.94
CA SER A 198 -11.43 4.33 -4.89
C SER A 198 -10.50 3.34 -4.20
N LEU A 199 -10.95 2.83 -3.05
CA LEU A 199 -10.16 1.87 -2.29
C LEU A 199 -9.76 0.69 -3.16
N VAL A 200 -10.67 0.27 -4.05
CA VAL A 200 -10.40 -0.85 -4.93
C VAL A 200 -9.28 -0.51 -5.90
N ILE A 201 -9.44 0.58 -6.64
CA ILE A 201 -8.43 1.00 -7.61
C ILE A 201 -7.04 0.82 -7.01
N GLN A 202 -6.94 0.97 -5.69
CA GLN A 202 -5.66 0.81 -5.02
C GLN A 202 -5.15 -0.63 -5.14
N ALA A 203 -6.00 -1.58 -4.76
CA ALA A 203 -5.63 -2.98 -4.84
C ALA A 203 -5.59 -3.46 -6.28
N TYR A 204 -6.58 -3.02 -7.06
CA TYR A 204 -6.66 -3.41 -8.47
C TYR A 204 -5.29 -3.28 -9.14
N PHE A 205 -4.79 -2.05 -9.19
CA PHE A 205 -3.48 -1.80 -9.82
C PHE A 205 -2.35 -2.28 -8.92
N ALA A 206 -2.55 -2.17 -7.60
CA ALA A 206 -1.53 -2.60 -6.66
C ALA A 206 -1.30 -4.11 -6.76
N CYS A 207 -2.28 -4.81 -7.32
CA CYS A 207 -2.18 -6.25 -7.48
C CYS A 207 -2.04 -6.63 -8.95
N GLU A 208 -1.69 -5.65 -9.77
CA GLU A 208 -1.53 -5.90 -11.20
C GLU A 208 -2.89 -6.04 -11.89
N LYS A 209 -3.79 -5.11 -11.59
CA LYS A 209 -5.12 -5.12 -12.18
C LYS A 209 -5.80 -6.47 -11.95
N ASN A 210 -5.18 -7.31 -11.14
CA ASN A 210 -5.74 -8.63 -10.85
C ASN A 210 -7.04 -8.51 -10.06
N GLU A 211 -8.16 -8.62 -10.76
CA GLU A 211 -9.47 -8.51 -10.11
C GLU A 211 -9.59 -9.54 -9.00
N ASN A 212 -8.94 -10.69 -9.19
CA ASN A 212 -8.99 -11.75 -8.18
C ASN A 212 -8.20 -11.35 -6.94
N LEU A 213 -6.93 -11.01 -7.13
CA LEU A 213 -6.08 -10.61 -6.02
C LEU A 213 -6.62 -9.35 -5.36
N ALA A 214 -7.03 -8.38 -6.17
CA ALA A 214 -7.57 -7.13 -5.64
C ALA A 214 -8.62 -7.41 -4.59
N ALA A 215 -9.48 -8.39 -4.84
CA ALA A 215 -10.53 -8.76 -3.90
C ALA A 215 -9.93 -9.42 -2.66
N ASN A 216 -8.93 -10.25 -2.87
CA ASN A 216 -8.28 -10.94 -1.77
C ASN A 216 -7.64 -9.93 -0.81
N PHE A 217 -7.00 -8.91 -1.37
CA PHE A 217 -6.35 -7.89 -0.56
C PHE A 217 -7.39 -7.14 0.26
N LEU A 218 -8.52 -6.81 -0.36
CA LEU A 218 -9.58 -6.08 0.33
C LEU A 218 -10.13 -6.91 1.48
N LEU A 219 -10.39 -8.19 1.22
CA LEU A 219 -10.92 -9.08 2.25
C LEU A 219 -9.80 -9.62 3.14
N SER A 220 -8.57 -9.56 2.63
CA SER A 220 -7.43 -10.05 3.38
C SER A 220 -6.59 -8.88 3.92
N GLN A 221 -7.15 -7.68 3.82
CA GLN A 221 -6.45 -6.49 4.28
C GLN A 221 -6.16 -6.58 5.78
N ASN A 222 -7.19 -6.87 6.58
CA ASN A 222 -7.00 -6.97 8.02
C ASN A 222 -8.35 -6.91 8.75
N PHE A 223 -8.83 -5.69 8.97
CA PHE A 223 -10.10 -5.49 9.66
C PHE A 223 -10.30 -6.53 10.76
ZN ZN B . -0.15 -4.39 10.25
N GLU A 13 20.97 -1.53 -13.79
CA GLU A 13 20.01 -1.19 -12.75
C GLU A 13 20.41 -1.82 -11.42
N PRO A 14 20.92 -1.02 -10.51
CA PRO A 14 21.36 -1.50 -9.17
C PRO A 14 20.34 -2.46 -8.55
N TYR A 15 19.09 -2.33 -8.95
CA TYR A 15 18.03 -3.18 -8.42
C TYR A 15 18.48 -4.64 -8.37
N ASN A 16 19.31 -5.03 -9.34
CA ASN A 16 19.80 -6.40 -9.38
C ASN A 16 20.16 -6.90 -7.99
N GLU A 17 21.27 -6.40 -7.46
CA GLU A 17 21.71 -6.80 -6.13
C GLU A 17 21.07 -5.90 -5.08
N TRP A 18 20.71 -4.70 -5.50
CA TRP A 18 20.10 -3.74 -4.58
C TRP A 18 18.65 -4.09 -4.28
N THR A 19 17.83 -4.15 -5.32
CA THR A 19 16.42 -4.46 -5.15
C THR A 19 16.23 -5.63 -4.18
N LEU A 20 17.17 -6.56 -4.21
CA LEU A 20 17.10 -7.72 -3.33
C LEU A 20 17.41 -7.33 -1.88
N GLU A 21 18.21 -6.28 -1.72
CA GLU A 21 18.58 -5.82 -0.39
C GLU A 21 17.39 -5.15 0.29
N LEU A 22 16.81 -4.16 -0.39
CA LEU A 22 15.66 -3.45 0.16
C LEU A 22 14.44 -4.36 0.23
N LEU A 23 14.33 -5.27 -0.74
CA LEU A 23 13.21 -6.20 -0.78
C LEU A 23 13.17 -7.06 0.48
N GLU A 24 14.26 -7.78 0.74
CA GLU A 24 14.34 -8.63 1.92
C GLU A 24 13.74 -7.94 3.13
N GLU A 25 14.28 -6.76 3.46
CA GLU A 25 13.79 -6.00 4.60
C GLU A 25 12.36 -5.54 4.36
N LEU A 26 11.99 -5.40 3.09
CA LEU A 26 10.64 -4.97 2.75
C LEU A 26 9.62 -6.05 3.07
N LYS A 27 9.92 -7.28 2.67
CA LYS A 27 9.02 -8.40 2.94
C LYS A 27 8.83 -8.59 4.44
N SER A 28 9.91 -8.48 5.19
CA SER A 28 9.85 -8.65 6.64
C SER A 28 8.75 -7.77 7.22
N GLU A 29 8.79 -6.49 6.90
CA GLU A 29 7.80 -5.55 7.40
C GLU A 29 6.46 -5.74 6.68
N ALA A 30 6.50 -5.71 5.35
CA ALA A 30 5.30 -5.88 4.56
C ALA A 30 4.58 -7.17 4.93
N VAL A 31 5.28 -8.30 4.78
CA VAL A 31 4.70 -9.59 5.10
C VAL A 31 4.16 -9.59 6.53
N ARG A 32 4.75 -8.76 7.39
CA ARG A 32 4.32 -8.68 8.78
C ARG A 32 2.98 -7.96 8.88
N HIS A 33 2.74 -7.02 7.97
CA HIS A 33 1.49 -6.28 7.97
C HIS A 33 0.65 -6.64 6.77
N PHE A 34 1.10 -7.63 6.00
CA PHE A 34 0.37 -8.06 4.82
C PHE A 34 -0.02 -9.54 4.95
N PRO A 35 -1.28 -9.83 4.75
CA PRO A 35 -1.81 -11.23 4.85
C PRO A 35 -0.96 -12.22 4.06
N ARG A 36 -0.59 -13.32 4.71
CA ARG A 36 0.21 -14.34 4.06
C ARG A 36 -0.42 -14.75 2.73
N ILE A 37 -1.73 -14.98 2.74
CA ILE A 37 -2.43 -15.37 1.53
C ILE A 37 -2.16 -14.39 0.40
N TRP A 38 -2.53 -13.13 0.63
CA TRP A 38 -2.31 -12.09 -0.37
C TRP A 38 -0.84 -11.97 -0.70
N LEU A 39 0.00 -12.02 0.33
CA LEU A 39 1.44 -11.92 0.14
C LEU A 39 1.95 -13.14 -0.63
N HIS A 40 1.23 -14.24 -0.53
CA HIS A 40 1.60 -15.47 -1.22
C HIS A 40 1.13 -15.43 -2.67
N ASN A 41 -0.11 -14.97 -2.86
CA ASN A 41 -0.67 -14.88 -4.21
C ASN A 41 -0.05 -13.71 -4.97
N LEU A 42 0.44 -12.72 -4.23
CA LEU A 42 1.05 -11.56 -4.86
C LEU A 42 2.26 -11.98 -5.70
N GLY A 43 3.22 -12.64 -5.06
CA GLY A 43 4.42 -13.09 -5.76
C GLY A 43 4.10 -14.29 -6.65
N GLN A 44 3.00 -14.98 -6.33
CA GLN A 44 2.59 -16.14 -7.11
C GLN A 44 1.91 -15.71 -8.40
N HIS A 45 1.10 -14.65 -8.32
CA HIS A 45 0.40 -14.15 -9.49
C HIS A 45 1.30 -13.21 -10.30
N ILE A 46 1.85 -12.21 -9.61
CA ILE A 46 2.73 -11.23 -10.27
C ILE A 46 3.92 -11.95 -10.91
N TYR A 47 4.24 -13.13 -10.40
CA TYR A 47 5.36 -13.90 -10.94
C TYR A 47 4.95 -14.61 -12.23
N GLU A 48 3.70 -15.04 -12.29
CA GLU A 48 3.20 -15.74 -13.47
C GLU A 48 2.83 -14.73 -14.57
N THR A 49 2.23 -13.63 -14.17
CA THR A 49 1.84 -12.60 -15.13
C THR A 49 3.04 -12.12 -15.93
N TYR A 50 4.06 -11.62 -15.22
CA TYR A 50 5.26 -11.12 -15.87
C TYR A 50 6.29 -12.25 -16.03
N GLY A 51 6.15 -13.29 -15.22
CA GLY A 51 7.06 -14.43 -15.27
C GLY A 51 8.22 -14.24 -14.30
N ASP A 52 9.44 -14.35 -14.81
CA ASP A 52 10.62 -14.19 -13.98
C ASP A 52 11.35 -12.90 -14.32
N THR A 53 10.89 -12.23 -15.38
CA THR A 53 11.50 -10.97 -15.79
C THR A 53 11.76 -10.06 -14.60
N TRP A 54 12.63 -9.09 -14.78
CA TRP A 54 12.95 -8.15 -13.70
C TRP A 54 11.77 -7.22 -13.43
N ALA A 55 10.98 -6.97 -14.46
CA ALA A 55 9.82 -6.10 -14.32
C ALA A 55 8.99 -6.50 -13.10
N GLY A 56 8.46 -7.73 -13.13
CA GLY A 56 7.66 -8.22 -12.02
C GLY A 56 8.32 -7.93 -10.69
N VAL A 57 9.65 -7.98 -10.68
CA VAL A 57 10.40 -7.72 -9.46
C VAL A 57 10.28 -6.26 -9.04
N GLU A 58 10.08 -5.38 -10.03
CA GLU A 58 9.94 -3.96 -9.76
C GLU A 58 8.54 -3.65 -9.25
N ALA A 59 7.54 -4.27 -9.86
CA ALA A 59 6.15 -4.04 -9.47
C ALA A 59 5.91 -4.57 -8.05
N ILE A 60 6.45 -5.75 -7.77
CA ILE A 60 6.28 -6.37 -6.46
C ILE A 60 6.82 -5.44 -5.37
N ILE A 61 7.95 -4.79 -5.65
CA ILE A 61 8.56 -3.88 -4.68
C ILE A 61 7.77 -2.58 -4.61
N ARG A 62 7.29 -2.12 -5.76
CA ARG A 62 6.51 -0.88 -5.82
C ARG A 62 5.07 -1.13 -5.40
N ILE A 63 4.67 -2.40 -5.42
CA ILE A 63 3.30 -2.76 -5.05
C ILE A 63 3.18 -2.91 -3.54
N LEU A 64 4.06 -3.72 -2.95
CA LEU A 64 4.05 -3.94 -1.51
C LEU A 64 3.99 -2.60 -0.77
N GLN A 65 4.63 -1.60 -1.34
CA GLN A 65 4.65 -0.27 -0.72
C GLN A 65 3.31 0.43 -0.90
N GLN A 66 2.90 0.61 -2.15
CA GLN A 66 1.64 1.27 -2.44
C GLN A 66 0.51 0.65 -1.63
N LEU A 67 0.66 -0.63 -1.29
CA LEU A 67 -0.36 -1.32 -0.51
C LEU A 67 -0.19 -1.01 0.97
N LEU A 68 1.04 -0.80 1.40
CA LEU A 68 1.33 -0.50 2.80
C LEU A 68 0.54 0.73 3.25
N PHE A 69 0.51 1.74 2.40
CA PHE A 69 -0.21 2.98 2.71
C PHE A 69 -1.66 2.66 3.06
N ILE A 70 -2.29 1.83 2.23
CA ILE A 70 -3.68 1.45 2.47
C ILE A 70 -3.82 0.73 3.81
N HIS A 71 -2.76 0.05 4.23
CA HIS A 71 -2.78 -0.68 5.49
C HIS A 71 -3.18 0.25 6.62
N PHE A 72 -2.87 1.54 6.47
CA PHE A 72 -3.20 2.53 7.49
C PHE A 72 -4.63 3.02 7.29
N ARG A 73 -5.09 2.99 6.04
CA ARG A 73 -6.43 3.44 5.71
C ARG A 73 -7.48 2.49 6.28
N ILE A 74 -7.44 1.25 5.83
CA ILE A 74 -8.39 0.25 6.30
C ILE A 74 -8.20 -0.01 7.79
N GLY A 75 -6.95 -0.01 8.23
CA GLY A 75 -6.63 -0.24 9.64
C GLY A 75 -5.79 -1.51 9.80
N CYS A 76 -4.92 -1.51 10.79
CA CYS A 76 -4.08 -2.67 11.05
C CYS A 76 -4.73 -3.61 12.04
N ARG A 77 -5.25 -4.73 11.55
CA ARG A 77 -5.90 -5.71 12.40
C ARG A 77 -4.85 -6.43 13.25
N HIS A 78 -3.65 -6.55 12.70
CA HIS A 78 -2.56 -7.23 13.41
C HIS A 78 -2.47 -6.73 14.85
N SER A 79 -1.65 -7.40 15.65
CA SER A 79 -1.49 -7.01 17.04
C SER A 79 -0.03 -7.18 17.47
N ASN A 93 16.48 11.36 5.54
CA ASN A 93 15.20 11.00 4.94
C ASN A 93 14.35 12.24 4.72
N PRO A 94 13.89 12.45 3.52
CA PRO A 94 13.03 13.63 3.17
C PRO A 94 11.65 13.50 3.80
N LEU A 95 11.45 12.44 4.56
CA LEU A 95 10.18 12.21 5.22
C LEU A 95 10.35 12.26 6.73
N GLU A 96 11.58 12.03 7.20
CA GLU A 96 11.86 12.05 8.62
C GLU A 96 11.43 13.38 9.23
N PHE A 97 11.59 14.46 8.47
CA PHE A 97 11.21 15.78 8.94
C PHE A 97 9.70 15.90 9.06
N LEU A 98 9.00 14.83 8.65
CA LEU A 98 7.55 14.82 8.72
C LEU A 98 7.06 15.15 10.13
N ARG A 99 7.45 14.32 11.09
CA ARG A 99 7.05 14.53 12.48
C ARG A 99 7.13 16.02 12.83
N ASP A 100 7.96 16.75 12.11
CA ASP A 100 8.10 18.18 12.36
C ASP A 100 6.86 18.93 11.90
N GLN A 101 5.82 18.17 11.54
CA GLN A 101 4.57 18.78 11.09
C GLN A 101 3.41 18.33 11.97
N PRO A 102 2.39 19.14 12.06
CA PRO A 102 1.19 18.83 12.89
C PRO A 102 0.36 17.71 12.27
N GLN A 103 0.18 17.77 10.96
CA GLN A 103 -0.60 16.76 10.26
C GLN A 103 -0.15 15.36 10.65
N PHE A 104 1.16 15.16 10.72
CA PHE A 104 1.70 13.85 11.08
C PHE A 104 1.38 13.53 12.53
N GLN A 105 1.91 14.33 13.44
CA GLN A 105 1.67 14.12 14.87
C GLN A 105 0.19 13.92 15.13
N ASN A 106 -0.64 14.47 14.24
CA ASN A 106 -2.09 14.34 14.38
C ASN A 106 -2.57 13.03 13.76
N MET A 107 -2.30 12.86 12.47
CA MET A 107 -2.72 11.65 11.76
C MET A 107 -2.17 10.42 12.47
N ARG A 108 -1.07 10.58 13.19
CA ARG A 108 -0.45 9.47 13.90
C ARG A 108 -1.43 8.86 14.89
N GLN A 109 -1.86 9.66 15.86
CA GLN A 109 -2.80 9.19 16.87
C GLN A 109 -4.17 8.95 16.25
N VAL A 110 -4.45 9.62 15.13
CA VAL A 110 -5.72 9.47 14.45
C VAL A 110 -5.71 8.25 13.55
N ILE A 111 -4.52 7.89 13.07
CA ILE A 111 -4.38 6.74 12.19
C ILE A 111 -4.18 5.46 13.00
N GLN A 112 -3.20 5.49 13.91
CA GLN A 112 -2.91 4.34 14.75
C GLN A 112 -4.06 4.06 15.71
N GLN A 113 -4.89 5.06 15.95
CA GLN A 113 -6.03 4.90 16.86
C GLN A 113 -7.27 4.43 16.10
N ASN A 114 -7.67 5.20 15.09
CA ASN A 114 -8.84 4.86 14.30
C ASN A 114 -8.55 5.03 12.81
N PRO A 115 -7.91 4.07 12.22
CA PRO A 115 -7.58 4.10 10.77
C PRO A 115 -8.74 4.62 9.94
N ALA A 116 -9.93 4.64 10.54
CA ALA A 116 -11.12 5.13 9.86
C ALA A 116 -11.02 6.63 9.61
N LEU A 117 -9.97 7.24 10.13
CA LEU A 117 -9.77 8.67 9.97
C LEU A 117 -8.63 8.96 9.00
N LEU A 118 -8.10 7.90 8.40
CA LEU A 118 -7.00 8.06 7.44
C LEU A 118 -7.53 8.47 6.07
N PRO A 119 -8.48 7.76 5.54
CA PRO A 119 -9.07 8.07 4.21
C PRO A 119 -9.21 9.57 3.98
N ALA A 120 -9.52 10.30 5.04
CA ALA A 120 -9.67 11.75 4.95
C ALA A 120 -8.31 12.44 5.08
N LEU A 121 -7.66 12.22 6.22
CA LEU A 121 -6.36 12.82 6.47
C LEU A 121 -5.46 12.68 5.26
N LEU A 122 -5.23 11.45 4.84
CA LEU A 122 -4.37 11.19 3.68
C LEU A 122 -4.77 12.09 2.52
N GLN A 123 -6.07 12.35 2.39
CA GLN A 123 -6.56 13.20 1.31
C GLN A 123 -6.13 14.65 1.53
N GLN A 124 -6.14 15.08 2.78
CA GLN A 124 -5.74 16.45 3.11
C GLN A 124 -4.22 16.55 3.22
N LEU A 125 -3.57 15.41 3.41
CA LEU A 125 -2.11 15.38 3.53
C LEU A 125 -1.46 15.60 2.16
N GLY A 126 -1.87 14.80 1.19
CA GLY A 126 -1.32 14.91 -0.15
C GLY A 126 -1.80 16.18 -0.84
N GLN A 127 -2.84 16.80 -0.27
CA GLN A 127 -3.39 18.03 -0.84
C GLN A 127 -2.53 19.22 -0.46
N GLU A 128 -2.12 19.27 0.81
CA GLU A 128 -1.30 20.37 1.30
C GLU A 128 0.12 20.26 0.76
N ASN A 129 0.77 19.13 1.05
CA ASN A 129 2.13 18.91 0.59
C ASN A 129 2.20 17.73 -0.38
N PRO A 130 1.61 17.87 -1.53
CA PRO A 130 1.59 16.80 -2.57
C PRO A 130 2.96 16.16 -2.78
N GLN A 131 4.01 16.87 -2.34
CA GLN A 131 5.36 16.36 -2.48
C GLN A 131 5.64 15.25 -1.48
N LEU A 132 5.33 15.51 -0.21
CA LEU A 132 5.54 14.52 0.84
C LEU A 132 4.77 13.24 0.52
N LEU A 133 3.52 13.39 0.11
CA LEU A 133 2.69 12.24 -0.22
C LEU A 133 3.45 11.28 -1.13
N GLN A 134 4.10 11.82 -2.15
CA GLN A 134 4.87 11.00 -3.08
C GLN A 134 6.04 10.32 -2.38
N GLN A 135 6.49 10.92 -1.27
CA GLN A 135 7.60 10.36 -0.51
C GLN A 135 7.10 9.30 0.47
N ILE A 136 6.08 9.66 1.25
CA ILE A 136 5.52 8.74 2.22
C ILE A 136 5.19 7.39 1.56
N SER A 137 4.70 7.46 0.33
CA SER A 137 4.34 6.25 -0.40
C SER A 137 5.58 5.40 -0.67
N ARG A 138 6.70 6.06 -0.98
CA ARG A 138 7.94 5.36 -1.26
C ARG A 138 8.66 5.02 0.04
N HIS A 139 8.31 5.74 1.11
CA HIS A 139 8.94 5.51 2.41
C HIS A 139 7.97 4.81 3.35
N GLN A 140 7.29 3.79 2.83
CA GLN A 140 6.33 3.03 3.63
C GLN A 140 6.97 2.57 4.94
N GLU A 141 7.99 1.73 4.84
CA GLU A 141 8.67 1.22 6.02
C GLU A 141 9.03 2.37 6.97
N GLN A 142 9.87 3.28 6.50
CA GLN A 142 10.29 4.41 7.31
C GLN A 142 9.10 5.26 7.73
N PHE A 143 8.05 5.26 6.93
CA PHE A 143 6.86 6.03 7.23
C PHE A 143 5.93 5.25 8.16
N ILE A 144 6.04 3.93 8.12
CA ILE A 144 5.20 3.07 8.94
C ILE A 144 5.78 2.92 10.34
N GLN A 145 7.03 2.48 10.41
CA GLN A 145 7.68 2.30 11.71
C GLN A 145 7.28 3.44 12.65
N MET A 146 7.13 4.63 12.09
CA MET A 146 6.73 5.80 12.87
C MET A 146 5.22 5.85 13.00
N LEU A 147 4.52 5.65 11.89
CA LEU A 147 3.07 5.67 11.88
C LEU A 147 2.51 4.46 12.63
N ASN A 148 3.40 3.53 12.98
CA ASN A 148 2.99 2.33 13.69
C ASN A 148 3.41 2.41 15.16
N GLU A 149 4.42 3.24 15.43
CA GLU A 149 4.91 3.40 16.79
C GLU A 149 4.53 4.77 17.34
N PRO A 150 4.66 4.95 18.63
CA PRO A 150 4.31 6.24 19.30
C PRO A 150 5.26 7.37 18.90
N PRO A 151 4.71 8.51 18.58
CA PRO A 151 5.51 9.70 18.17
C PRO A 151 6.69 9.95 19.11
N ILE A 177 -4.88 6.14 -12.78
CA ILE A 177 -5.95 5.21 -13.08
C ILE A 177 -5.67 4.47 -14.38
N GLN A 178 -5.30 5.22 -15.41
CA GLN A 178 -4.99 4.64 -16.71
C GLN A 178 -5.82 3.37 -16.92
N VAL A 179 -7.13 3.52 -16.92
CA VAL A 179 -8.02 2.38 -17.12
C VAL A 179 -9.08 2.70 -18.16
N THR A 180 -9.93 1.72 -18.45
CA THR A 180 -10.99 1.89 -19.42
C THR A 180 -12.30 1.34 -18.84
N PRO A 181 -13.41 1.74 -19.36
CA PRO A 181 -14.74 1.26 -18.85
C PRO A 181 -14.78 -0.25 -18.84
N GLN A 182 -13.83 -0.85 -19.55
CA GLN A 182 -13.73 -2.29 -19.64
C GLN A 182 -13.03 -2.86 -18.41
N GLU A 183 -11.90 -2.27 -18.04
CA GLU A 183 -11.16 -2.71 -16.87
C GLU A 183 -11.63 -1.97 -15.63
N LYS A 184 -12.28 -0.84 -15.84
CA LYS A 184 -12.79 -0.03 -14.75
C LYS A 184 -14.10 -0.62 -14.21
N GLU A 185 -15.03 -0.88 -15.12
CA GLU A 185 -16.32 -1.44 -14.72
C GLU A 185 -16.12 -2.49 -13.62
N ALA A 186 -14.97 -3.16 -13.64
CA ALA A 186 -14.68 -4.18 -12.65
C ALA A 186 -14.16 -3.53 -11.36
N ILE A 187 -13.37 -2.47 -11.52
CA ILE A 187 -12.82 -1.77 -10.37
C ILE A 187 -13.93 -1.43 -9.39
N GLU A 188 -14.91 -0.66 -9.85
CA GLU A 188 -16.04 -0.30 -9.00
C GLU A 188 -16.80 -1.53 -8.56
N ARG A 189 -16.62 -2.63 -9.30
CA ARG A 189 -17.30 -3.86 -8.96
C ARG A 189 -16.79 -4.38 -7.61
N LEU A 190 -15.47 -4.44 -7.48
CA LEU A 190 -14.87 -4.92 -6.24
C LEU A 190 -15.30 -4.03 -5.09
N LYS A 191 -15.70 -2.80 -5.41
CA LYS A 191 -16.13 -1.85 -4.38
C LYS A 191 -17.59 -2.11 -4.02
N ALA A 192 -18.34 -2.71 -4.96
CA ALA A 192 -19.75 -3.00 -4.72
C ALA A 192 -19.89 -3.98 -3.56
N LEU A 193 -18.79 -4.63 -3.20
CA LEU A 193 -18.81 -5.60 -2.12
C LEU A 193 -18.84 -4.89 -0.76
N GLY A 194 -19.04 -3.57 -0.80
CA GLY A 194 -19.11 -2.78 0.43
C GLY A 194 -17.85 -1.95 0.61
N PHE A 195 -16.88 -2.14 -0.28
CA PHE A 195 -15.63 -1.39 -0.20
C PHE A 195 -15.73 -0.10 -1.02
N PRO A 196 -15.12 0.95 -0.55
CA PRO A 196 -15.13 2.27 -1.23
C PRO A 196 -14.74 2.16 -2.70
N GLU A 197 -15.15 3.15 -3.49
CA GLU A 197 -14.84 3.17 -4.93
C GLU A 197 -13.34 3.39 -5.14
N SER A 198 -12.77 4.33 -4.39
CA SER A 198 -11.35 4.64 -4.51
C SER A 198 -10.50 3.51 -3.94
N LEU A 199 -10.94 2.96 -2.82
CA LEU A 199 -10.21 1.86 -2.18
C LEU A 199 -10.22 0.62 -3.06
N VAL A 200 -11.20 0.55 -3.97
CA VAL A 200 -11.31 -0.60 -4.86
C VAL A 200 -10.38 -0.44 -6.06
N ILE A 201 -10.16 0.80 -6.47
CA ILE A 201 -9.29 1.07 -7.61
C ILE A 201 -7.82 0.94 -7.20
N GLN A 202 -7.55 1.15 -5.92
CA GLN A 202 -6.19 1.05 -5.42
C GLN A 202 -5.77 -0.40 -5.28
N ALA A 203 -6.69 -1.25 -4.84
CA ALA A 203 -6.41 -2.66 -4.68
C ALA A 203 -6.14 -3.32 -6.02
N TYR A 204 -6.88 -2.90 -7.04
CA TYR A 204 -6.71 -3.45 -8.38
C TYR A 204 -5.32 -3.11 -8.91
N PHE A 205 -5.04 -1.82 -9.04
CA PHE A 205 -3.74 -1.38 -9.53
C PHE A 205 -2.62 -1.91 -8.65
N ALA A 206 -2.87 -1.93 -7.34
CA ALA A 206 -1.87 -2.42 -6.39
C ALA A 206 -1.73 -3.93 -6.50
N CYS A 207 -2.74 -4.57 -7.08
CA CYS A 207 -2.72 -6.02 -7.26
C CYS A 207 -2.27 -6.38 -8.66
N GLU A 208 -1.91 -5.37 -9.45
CA GLU A 208 -1.46 -5.59 -10.82
C GLU A 208 -2.64 -5.95 -11.72
N LYS A 209 -3.63 -5.07 -11.77
CA LYS A 209 -4.80 -5.29 -12.60
C LYS A 209 -5.36 -6.70 -12.40
N ASN A 210 -4.88 -7.38 -11.36
CA ASN A 210 -5.34 -8.74 -11.09
C ASN A 210 -6.41 -8.72 -9.98
N GLU A 211 -7.59 -9.23 -10.29
CA GLU A 211 -8.68 -9.27 -9.33
C GLU A 211 -8.39 -10.31 -8.24
N ASN A 212 -8.03 -11.52 -8.67
CA ASN A 212 -7.74 -12.59 -7.73
C ASN A 212 -6.93 -12.06 -6.56
N LEU A 213 -5.97 -11.20 -6.84
CA LEU A 213 -5.12 -10.62 -5.80
C LEU A 213 -5.84 -9.46 -5.12
N ALA A 214 -6.77 -8.84 -5.85
CA ALA A 214 -7.51 -7.71 -5.31
C ALA A 214 -8.67 -8.18 -4.43
N ALA A 215 -9.58 -8.95 -5.03
CA ALA A 215 -10.72 -9.47 -4.28
C ALA A 215 -10.26 -10.17 -3.01
N ASN A 216 -9.16 -10.91 -3.11
CA ASN A 216 -8.63 -11.63 -1.96
C ASN A 216 -8.06 -10.65 -0.94
N PHE A 217 -7.74 -9.44 -1.41
CA PHE A 217 -7.19 -8.42 -0.54
C PHE A 217 -8.28 -7.82 0.36
N LEU A 218 -9.41 -7.48 -0.25
CA LEU A 218 -10.52 -6.90 0.50
C LEU A 218 -10.93 -7.81 1.65
N LEU A 219 -11.11 -9.10 1.35
CA LEU A 219 -11.50 -10.06 2.37
C LEU A 219 -10.31 -10.42 3.25
N SER A 220 -9.17 -10.66 2.62
CA SER A 220 -7.95 -11.01 3.35
C SER A 220 -7.27 -9.75 3.87
N GLN A 221 -7.98 -8.63 3.80
CA GLN A 221 -7.42 -7.36 4.26
C GLN A 221 -7.07 -7.43 5.74
N ASN A 222 -7.57 -8.45 6.42
CA ASN A 222 -7.28 -8.61 7.84
C ASN A 222 -8.07 -7.60 8.67
N PHE A 223 -8.57 -6.55 8.01
CA PHE A 223 -9.33 -5.51 8.69
C PHE A 223 -10.64 -5.25 7.96
ZN ZN B . -0.73 -4.58 10.29
N GLU A 13 24.18 -3.58 -10.83
CA GLU A 13 23.06 -4.50 -10.85
C GLU A 13 22.50 -4.70 -9.43
N PRO A 14 22.04 -3.64 -8.84
CA PRO A 14 21.47 -3.67 -7.46
C PRO A 14 20.09 -4.34 -7.42
N TYR A 15 19.13 -3.75 -8.12
CA TYR A 15 17.78 -4.30 -8.17
C TYR A 15 17.82 -5.80 -8.44
N ASN A 16 18.97 -6.29 -8.85
CA ASN A 16 19.13 -7.72 -9.14
C ASN A 16 19.54 -8.50 -7.90
N GLU A 17 20.79 -8.31 -7.46
CA GLU A 17 21.28 -9.01 -6.28
C GLU A 17 20.95 -8.22 -5.02
N TRP A 18 21.11 -6.92 -5.11
CA TRP A 18 20.86 -6.03 -3.98
C TRP A 18 19.39 -6.08 -3.56
N THR A 19 18.50 -5.95 -4.53
CA THR A 19 17.07 -5.96 -4.25
C THR A 19 16.72 -7.07 -3.27
N LEU A 20 17.51 -8.14 -3.25
CA LEU A 20 17.25 -9.25 -2.34
C LEU A 20 17.55 -8.84 -0.90
N GLU A 21 18.56 -7.99 -0.73
CA GLU A 21 18.94 -7.52 0.60
C GLU A 21 17.98 -6.43 1.07
N LEU A 22 17.70 -5.47 0.20
CA LEU A 22 16.80 -4.38 0.54
C LEU A 22 15.38 -4.90 0.73
N LEU A 23 14.91 -5.69 -0.22
CA LEU A 23 13.56 -6.25 -0.14
C LEU A 23 13.36 -6.97 1.19
N GLU A 24 14.45 -7.48 1.75
CA GLU A 24 14.39 -8.19 3.03
C GLU A 24 13.69 -7.33 4.07
N GLU A 25 14.05 -6.06 4.13
CA GLU A 25 13.45 -5.13 5.09
C GLU A 25 12.03 -4.79 4.68
N LEU A 26 11.73 -4.94 3.40
CA LEU A 26 10.39 -4.64 2.89
C LEU A 26 9.40 -5.72 3.33
N LYS A 27 9.90 -6.94 3.47
CA LYS A 27 9.05 -8.05 3.89
C LYS A 27 8.85 -8.05 5.40
N SER A 28 9.95 -8.17 6.14
CA SER A 28 9.89 -8.17 7.59
C SER A 28 8.96 -7.07 8.10
N GLU A 29 8.85 -6.01 7.32
CA GLU A 29 7.98 -4.89 7.69
C GLU A 29 6.54 -5.17 7.30
N ALA A 30 6.31 -5.37 6.00
CA ALA A 30 4.97 -5.65 5.51
C ALA A 30 4.63 -7.13 5.65
N VAL A 31 5.47 -7.98 5.08
CA VAL A 31 5.25 -9.42 5.15
C VAL A 31 5.01 -9.85 6.60
N ARG A 32 5.46 -9.04 7.54
CA ARG A 32 5.28 -9.36 8.95
C ARG A 32 3.80 -9.30 9.33
N HIS A 33 3.10 -8.30 8.82
CA HIS A 33 1.68 -8.16 9.11
C HIS A 33 0.85 -8.31 7.84
N PHE A 34 1.53 -8.57 6.73
CA PHE A 34 0.84 -8.73 5.44
C PHE A 34 0.18 -10.10 5.37
N PRO A 35 -0.96 -10.17 4.74
CA PRO A 35 -1.72 -11.44 4.59
C PRO A 35 -0.98 -12.44 3.69
N ARG A 36 -0.71 -13.63 4.22
CA ARG A 36 -0.02 -14.66 3.45
C ARG A 36 -0.64 -14.80 2.07
N ILE A 37 -1.96 -14.94 2.05
CA ILE A 37 -2.68 -15.09 0.78
C ILE A 37 -2.21 -14.05 -0.23
N TRP A 38 -2.39 -12.78 0.11
CA TRP A 38 -1.99 -11.70 -0.78
C TRP A 38 -0.55 -11.89 -1.24
N LEU A 39 0.37 -11.94 -0.29
CA LEU A 39 1.78 -12.13 -0.61
C LEU A 39 1.97 -13.40 -1.44
N HIS A 40 1.05 -14.33 -1.29
CA HIS A 40 1.11 -15.60 -2.02
C HIS A 40 0.51 -15.45 -3.40
N ASN A 41 -0.52 -14.60 -3.51
CA ASN A 41 -1.19 -14.38 -4.78
C ASN A 41 -0.41 -13.36 -5.63
N LEU A 42 0.26 -12.43 -4.96
CA LEU A 42 1.03 -11.42 -5.65
C LEU A 42 2.20 -12.06 -6.40
N GLY A 43 3.06 -12.76 -5.65
CA GLY A 43 4.20 -13.43 -6.25
C GLY A 43 3.75 -14.53 -7.19
N GLN A 44 2.51 -15.00 -6.99
CA GLN A 44 1.96 -16.06 -7.82
C GLN A 44 1.42 -15.49 -9.13
N HIS A 45 0.46 -14.58 -9.02
CA HIS A 45 -0.14 -13.97 -10.19
C HIS A 45 0.89 -13.12 -10.95
N ILE A 46 1.53 -12.21 -10.24
CA ILE A 46 2.53 -11.35 -10.86
C ILE A 46 3.62 -12.19 -11.53
N TYR A 47 3.74 -13.45 -11.11
CA TYR A 47 4.74 -14.33 -11.68
C TYR A 47 4.22 -14.96 -12.97
N GLU A 48 2.94 -15.31 -12.99
CA GLU A 48 2.33 -15.91 -14.17
C GLU A 48 2.02 -14.84 -15.22
N THR A 49 1.81 -13.62 -14.76
CA THR A 49 1.49 -12.51 -15.66
C THR A 49 2.77 -11.93 -16.26
N TYR A 50 3.74 -11.63 -15.41
CA TYR A 50 5.00 -11.07 -15.87
C TYR A 50 6.01 -12.18 -16.16
N GLY A 51 5.84 -13.31 -15.49
CA GLY A 51 6.74 -14.44 -15.68
C GLY A 51 7.86 -14.42 -14.66
N ASP A 52 8.97 -15.08 -14.98
CA ASP A 52 10.12 -15.14 -14.07
C ASP A 52 10.99 -13.91 -14.25
N THR A 53 10.71 -13.13 -15.29
CA THR A 53 11.49 -11.92 -15.56
C THR A 53 11.69 -11.12 -14.28
N TRP A 54 12.79 -10.36 -14.23
CA TRP A 54 13.10 -9.56 -13.07
C TRP A 54 11.99 -8.53 -12.81
N ALA A 55 11.51 -7.92 -13.89
CA ALA A 55 10.46 -6.92 -13.77
C ALA A 55 9.42 -7.34 -12.72
N GLY A 56 9.09 -8.63 -12.72
CA GLY A 56 8.11 -9.14 -11.76
C GLY A 56 8.53 -8.81 -10.33
N VAL A 57 9.73 -9.26 -9.95
CA VAL A 57 10.23 -9.01 -8.61
C VAL A 57 10.33 -7.50 -8.34
N GLU A 58 10.49 -6.73 -9.41
CA GLU A 58 10.61 -5.29 -9.28
C GLU A 58 9.23 -4.64 -9.18
N ALA A 59 8.20 -5.39 -9.57
CA ALA A 59 6.83 -4.89 -9.52
C ALA A 59 6.26 -5.03 -8.12
N ILE A 60 6.69 -6.08 -7.41
CA ILE A 60 6.20 -6.33 -6.06
C ILE A 60 6.67 -5.22 -5.11
N ILE A 61 7.91 -4.78 -5.30
CA ILE A 61 8.47 -3.73 -4.44
C ILE A 61 7.74 -2.41 -4.68
N ARG A 62 7.69 -1.99 -5.94
CA ARG A 62 7.01 -0.74 -6.28
C ARG A 62 5.62 -0.68 -5.65
N ILE A 63 4.81 -1.70 -5.92
CA ILE A 63 3.46 -1.76 -5.38
C ILE A 63 3.50 -2.05 -3.88
N LEU A 64 4.49 -2.82 -3.46
CA LEU A 64 4.64 -3.16 -2.05
C LEU A 64 4.48 -1.91 -1.17
N GLN A 65 4.96 -0.79 -1.67
CA GLN A 65 4.87 0.47 -0.93
C GLN A 65 3.47 1.05 -1.05
N GLN A 66 3.06 1.33 -2.27
CA GLN A 66 1.73 1.90 -2.50
C GLN A 66 0.64 1.02 -1.86
N LEU A 67 0.95 -0.25 -1.73
CA LEU A 67 0.00 -1.20 -1.13
C LEU A 67 -0.18 -0.92 0.36
N LEU A 68 0.91 -1.01 1.11
CA LEU A 68 0.87 -0.76 2.54
C LEU A 68 0.11 0.54 2.84
N PHE A 69 0.08 1.43 1.87
CA PHE A 69 -0.61 2.71 2.03
C PHE A 69 -2.09 2.48 2.30
N ILE A 70 -2.80 1.96 1.30
CA ILE A 70 -4.22 1.69 1.44
C ILE A 70 -4.49 0.87 2.69
N HIS A 71 -3.52 0.05 3.07
CA HIS A 71 -3.66 -0.79 4.26
C HIS A 71 -3.75 0.08 5.51
N PHE A 72 -3.25 1.30 5.43
CA PHE A 72 -3.28 2.21 6.57
C PHE A 72 -4.68 2.78 6.75
N ARG A 73 -5.26 3.30 5.67
CA ARG A 73 -6.60 3.86 5.73
C ARG A 73 -7.53 2.98 6.54
N ILE A 74 -7.74 1.75 6.07
CA ILE A 74 -8.61 0.82 6.76
C ILE A 74 -8.16 0.63 8.21
N GLY A 75 -6.86 0.47 8.40
CA GLY A 75 -6.31 0.29 9.74
C GLY A 75 -5.62 -1.08 9.86
N CYS A 76 -4.41 -1.07 10.42
CA CYS A 76 -3.67 -2.31 10.59
C CYS A 76 -4.26 -3.14 11.71
N ARG A 77 -5.04 -4.15 11.34
CA ARG A 77 -5.66 -5.03 12.33
C ARG A 77 -4.67 -6.11 12.76
N HIS A 78 -3.41 -5.92 12.36
CA HIS A 78 -2.37 -6.88 12.70
C HIS A 78 -1.71 -6.50 14.02
N SER A 79 -1.22 -7.50 14.74
CA SER A 79 -0.56 -7.26 16.02
C SER A 79 -0.60 -8.51 16.89
N ASN A 93 15.16 13.37 5.16
CA ASN A 93 13.99 12.80 4.49
C ASN A 93 12.82 13.77 4.55
N PRO A 94 12.25 14.09 3.42
CA PRO A 94 11.10 15.04 3.33
C PRO A 94 9.93 14.57 4.18
N LEU A 95 10.08 13.37 4.75
CA LEU A 95 9.04 12.79 5.58
C LEU A 95 9.56 12.61 7.00
N GLU A 96 10.85 12.88 7.20
CA GLU A 96 11.47 12.75 8.50
C GLU A 96 11.09 13.90 9.41
N PHE A 97 10.97 15.09 8.80
CA PHE A 97 10.61 16.28 9.56
C PHE A 97 9.12 16.28 9.87
N LEU A 98 8.40 15.34 9.26
CA LEU A 98 6.96 15.23 9.47
C LEU A 98 6.63 15.24 10.96
N ARG A 99 7.54 14.69 11.76
CA ARG A 99 7.33 14.62 13.21
C ARG A 99 7.16 16.03 13.78
N ASP A 100 7.69 17.02 13.07
CA ASP A 100 7.58 18.40 13.52
C ASP A 100 6.30 19.04 13.01
N GLN A 101 5.48 18.25 12.32
CA GLN A 101 4.22 18.75 11.78
C GLN A 101 3.05 17.91 12.29
N PRO A 102 2.00 18.55 12.74
CA PRO A 102 0.79 17.85 13.25
C PRO A 102 0.30 16.77 12.29
N GLN A 103 0.38 17.07 11.00
CA GLN A 103 -0.06 16.13 9.98
C GLN A 103 0.47 14.73 10.28
N PHE A 104 1.74 14.66 10.68
CA PHE A 104 2.35 13.38 11.00
C PHE A 104 1.94 12.94 12.40
N GLN A 105 2.26 13.76 13.39
CA GLN A 105 1.92 13.44 14.78
C GLN A 105 0.42 13.19 14.91
N ASN A 106 -0.38 14.19 14.55
CA ASN A 106 -1.83 14.06 14.63
C ASN A 106 -2.27 12.71 14.06
N MET A 107 -1.94 12.47 12.80
CA MET A 107 -2.31 11.21 12.15
C MET A 107 -1.52 10.05 12.75
N ARG A 108 -0.35 10.36 13.30
CA ARG A 108 0.49 9.33 13.90
C ARG A 108 -0.24 8.66 15.05
N GLN A 109 -0.81 9.46 15.95
CA GLN A 109 -1.54 8.93 17.09
C GLN A 109 -2.98 8.61 16.70
N VAL A 110 -3.48 9.35 15.71
CA VAL A 110 -4.85 9.15 15.24
C VAL A 110 -4.92 7.91 14.35
N ILE A 111 -4.16 7.91 13.27
CA ILE A 111 -4.15 6.79 12.34
C ILE A 111 -3.84 5.49 13.08
N GLN A 112 -2.75 5.50 13.85
CA GLN A 112 -2.35 4.31 14.61
C GLN A 112 -3.47 3.86 15.55
N GLN A 113 -3.91 4.78 16.41
CA GLN A 113 -4.98 4.45 17.36
C GLN A 113 -6.24 4.00 16.63
N ASN A 114 -6.73 4.84 15.73
CA ASN A 114 -7.94 4.52 14.96
C ASN A 114 -7.77 4.95 13.51
N PRO A 115 -7.09 4.15 12.72
CA PRO A 115 -6.87 4.45 11.28
C PRO A 115 -8.15 4.89 10.59
N ALA A 116 -9.27 4.69 11.25
CA ALA A 116 -10.56 5.08 10.70
C ALA A 116 -10.59 6.57 10.40
N LEU A 117 -9.65 7.30 10.97
CA LEU A 117 -9.57 8.74 10.77
C LEU A 117 -8.59 9.08 9.66
N LEU A 118 -7.84 8.08 9.20
CA LEU A 118 -6.87 8.29 8.14
C LEU A 118 -7.56 8.78 6.87
N PRO A 119 -8.57 8.08 6.42
CA PRO A 119 -9.32 8.46 5.20
C PRO A 119 -9.46 9.97 5.05
N ALA A 120 -9.71 10.64 6.16
CA ALA A 120 -9.85 12.10 6.15
C ALA A 120 -8.49 12.78 6.27
N LEU A 121 -7.77 12.46 7.33
CA LEU A 121 -6.44 13.05 7.55
C LEU A 121 -5.62 13.00 6.27
N LEU A 122 -5.37 11.79 5.77
CA LEU A 122 -4.60 11.62 4.56
C LEU A 122 -5.07 12.58 3.47
N GLN A 123 -6.37 12.55 3.18
CA GLN A 123 -6.94 13.43 2.17
C GLN A 123 -6.57 14.88 2.44
N GLN A 124 -6.77 15.31 3.68
CA GLN A 124 -6.45 16.68 4.06
C GLN A 124 -4.94 16.90 4.07
N LEU A 125 -4.19 15.81 4.17
CA LEU A 125 -2.74 15.88 4.19
C LEU A 125 -2.21 16.29 2.82
N GLY A 126 -2.42 15.44 1.82
CA GLY A 126 -1.95 15.72 0.47
C GLY A 126 -2.56 17.01 -0.06
N GLN A 127 -3.61 17.48 0.62
CA GLN A 127 -4.27 18.71 0.21
C GLN A 127 -3.47 19.93 0.64
N GLU A 128 -2.78 19.80 1.77
CA GLU A 128 -1.97 20.90 2.29
C GLU A 128 -0.58 20.88 1.68
N ASN A 129 0.07 19.72 1.75
CA ASN A 129 1.42 19.57 1.21
C ASN A 129 1.44 18.49 0.13
N PRO A 130 0.92 18.80 -1.03
CA PRO A 130 0.88 17.84 -2.17
C PRO A 130 2.24 17.18 -2.43
N GLN A 131 3.31 17.90 -2.10
CA GLN A 131 4.65 17.38 -2.29
C GLN A 131 4.92 16.24 -1.33
N LEU A 132 4.23 16.24 -0.20
CA LEU A 132 4.40 15.18 0.80
C LEU A 132 3.62 13.93 0.40
N LEU A 133 2.41 14.13 -0.09
CA LEU A 133 1.57 13.00 -0.50
C LEU A 133 2.37 12.03 -1.36
N GLN A 134 3.44 12.53 -1.98
CA GLN A 134 4.27 11.69 -2.84
C GLN A 134 5.34 10.99 -2.01
N GLN A 135 5.69 11.59 -0.88
CA GLN A 135 6.71 11.01 0.00
C GLN A 135 6.09 9.97 0.93
N ILE A 136 4.90 10.26 1.43
CA ILE A 136 4.21 9.34 2.33
C ILE A 136 4.04 7.98 1.68
N SER A 137 3.67 7.98 0.40
CA SER A 137 3.47 6.74 -0.34
C SER A 137 4.81 6.17 -0.78
N ARG A 138 5.57 6.97 -1.52
CA ARG A 138 6.87 6.54 -2.01
C ARG A 138 7.77 6.12 -0.85
N HIS A 139 7.43 6.59 0.34
CA HIS A 139 8.22 6.25 1.53
C HIS A 139 7.35 5.52 2.55
N GLN A 140 6.42 4.71 2.06
CA GLN A 140 5.53 3.96 2.95
C GLN A 140 6.34 3.29 4.05
N GLU A 141 7.19 2.35 3.68
CA GLU A 141 8.00 1.65 4.65
C GLU A 141 8.54 2.62 5.69
N GLN A 142 9.30 3.61 5.24
CA GLN A 142 9.86 4.61 6.15
C GLN A 142 8.73 5.36 6.85
N PHE A 143 7.56 5.35 6.22
CA PHE A 143 6.40 6.04 6.78
C PHE A 143 5.69 5.13 7.79
N ILE A 144 5.84 3.82 7.61
CA ILE A 144 5.20 2.85 8.50
C ILE A 144 6.07 2.63 9.74
N GLN A 145 7.34 2.30 9.51
CA GLN A 145 8.25 2.07 10.64
C GLN A 145 7.99 3.09 11.74
N MET A 146 7.68 4.31 11.34
CA MET A 146 7.41 5.36 12.32
C MET A 146 5.95 5.32 12.74
N LEU A 147 5.06 5.12 11.77
CA LEU A 147 3.63 5.06 12.05
C LEU A 147 3.30 3.77 12.80
N ASN A 148 4.26 2.87 12.89
CA ASN A 148 4.06 1.61 13.59
C ASN A 148 4.66 1.68 14.98
N GLU A 149 5.26 2.83 15.29
CA GLU A 149 5.87 3.03 16.61
C GLU A 149 5.59 4.44 17.11
N PRO A 150 5.83 4.69 18.37
CA PRO A 150 5.61 6.03 18.99
C PRO A 150 6.46 7.11 18.34
N PRO A 151 5.87 8.23 18.03
CA PRO A 151 6.59 9.38 17.39
C PRO A 151 7.62 10.00 18.32
N ILE A 177 -7.99 5.73 -14.50
CA ILE A 177 -7.52 5.99 -15.86
C ILE A 177 -6.89 4.77 -16.51
N GLN A 178 -5.74 4.36 -16.00
CA GLN A 178 -5.03 3.20 -16.54
C GLN A 178 -6.01 2.12 -16.95
N VAL A 179 -7.23 2.17 -16.41
CA VAL A 179 -8.25 1.20 -16.73
C VAL A 179 -9.14 1.73 -17.85
N THR A 180 -10.10 0.91 -18.25
CA THR A 180 -11.02 1.29 -19.31
C THR A 180 -12.41 0.72 -19.02
N PRO A 181 -13.32 0.80 -19.96
CA PRO A 181 -14.70 0.29 -19.78
C PRO A 181 -14.75 -1.23 -19.68
N GLN A 182 -13.69 -1.88 -20.15
CA GLN A 182 -13.62 -3.34 -20.10
C GLN A 182 -13.05 -3.81 -18.76
N GLU A 183 -12.06 -3.08 -18.25
CA GLU A 183 -11.44 -3.43 -16.98
C GLU A 183 -12.21 -2.79 -15.83
N LYS A 184 -12.60 -1.54 -16.02
CA LYS A 184 -13.35 -0.83 -15.00
C LYS A 184 -14.39 -1.73 -14.35
N GLU A 185 -15.36 -2.16 -15.15
CA GLU A 185 -16.41 -3.03 -14.66
C GLU A 185 -15.86 -4.06 -13.69
N ALA A 186 -14.55 -4.33 -13.81
CA ALA A 186 -13.91 -5.30 -12.94
C ALA A 186 -13.51 -4.65 -11.61
N ILE A 187 -13.06 -3.40 -11.69
CA ILE A 187 -12.66 -2.67 -10.50
C ILE A 187 -13.84 -2.47 -9.56
N GLU A 188 -14.85 -1.76 -10.02
CA GLU A 188 -16.03 -1.50 -9.22
C GLU A 188 -16.60 -2.80 -8.67
N ARG A 189 -16.63 -3.83 -9.50
CA ARG A 189 -17.15 -5.13 -9.08
C ARG A 189 -16.67 -5.46 -7.67
N LEU A 190 -15.46 -5.00 -7.35
CA LEU A 190 -14.89 -5.24 -6.03
C LEU A 190 -15.41 -4.23 -5.02
N LYS A 191 -15.76 -3.05 -5.51
CA LYS A 191 -16.27 -1.99 -4.64
C LYS A 191 -17.63 -2.37 -4.08
N ALA A 192 -18.33 -3.26 -4.77
CA ALA A 192 -19.65 -3.70 -4.34
C ALA A 192 -19.54 -4.53 -3.08
N LEU A 193 -18.32 -4.98 -2.76
CA LEU A 193 -18.11 -5.79 -1.57
C LEU A 193 -18.19 -4.92 -0.31
N GLY A 194 -18.63 -3.67 -0.49
CA GLY A 194 -18.75 -2.76 0.64
C GLY A 194 -17.65 -1.71 0.62
N PHE A 195 -16.81 -1.76 -0.41
CA PHE A 195 -15.71 -0.81 -0.54
C PHE A 195 -15.98 0.16 -1.69
N PRO A 196 -15.51 1.37 -1.56
CA PRO A 196 -15.69 2.43 -2.60
C PRO A 196 -14.92 2.11 -3.88
N GLU A 197 -15.37 2.68 -4.99
CA GLU A 197 -14.71 2.46 -6.27
C GLU A 197 -13.34 3.12 -6.28
N SER A 198 -13.18 4.14 -5.45
CA SER A 198 -11.92 4.85 -5.35
C SER A 198 -10.89 4.02 -4.60
N LEU A 199 -11.32 3.40 -3.50
CA LEU A 199 -10.43 2.58 -2.70
C LEU A 199 -10.06 1.31 -3.45
N VAL A 200 -10.94 0.88 -4.35
CA VAL A 200 -10.69 -0.33 -5.12
C VAL A 200 -9.78 -0.03 -6.31
N ILE A 201 -10.15 0.97 -7.09
CA ILE A 201 -9.36 1.35 -8.25
C ILE A 201 -7.87 1.30 -7.93
N GLN A 202 -7.51 1.78 -6.73
CA GLN A 202 -6.12 1.80 -6.31
C GLN A 202 -5.61 0.36 -6.12
N ALA A 203 -6.27 -0.38 -5.25
CA ALA A 203 -5.87 -1.77 -4.98
C ALA A 203 -5.79 -2.55 -6.28
N TYR A 204 -6.77 -2.36 -7.15
CA TYR A 204 -6.80 -3.06 -8.43
C TYR A 204 -5.48 -2.88 -9.17
N PHE A 205 -5.01 -1.63 -9.24
CA PHE A 205 -3.76 -1.34 -9.92
C PHE A 205 -2.57 -1.78 -9.07
N ALA A 206 -2.60 -1.41 -7.80
CA ALA A 206 -1.52 -1.77 -6.89
C ALA A 206 -1.33 -3.28 -6.86
N CYS A 207 -2.32 -4.00 -7.36
CA CYS A 207 -2.26 -5.46 -7.39
C CYS A 207 -2.14 -5.98 -8.83
N GLU A 208 -1.62 -5.12 -9.71
CA GLU A 208 -1.46 -5.49 -11.11
C GLU A 208 -2.82 -5.70 -11.77
N LYS A 209 -3.75 -4.79 -11.50
CA LYS A 209 -5.10 -4.88 -12.07
C LYS A 209 -5.59 -6.33 -12.05
N ASN A 210 -4.97 -7.15 -11.22
CA ASN A 210 -5.37 -8.54 -11.11
C ASN A 210 -6.54 -8.70 -10.15
N GLU A 211 -7.74 -8.60 -10.68
CA GLU A 211 -8.95 -8.74 -9.86
C GLU A 211 -8.79 -9.87 -8.86
N ASN A 212 -7.94 -10.84 -9.20
CA ASN A 212 -7.69 -11.98 -8.32
C ASN A 212 -6.86 -11.56 -7.12
N LEU A 213 -5.91 -10.68 -7.34
CA LEU A 213 -5.05 -10.19 -6.28
C LEU A 213 -5.72 -9.06 -5.51
N ALA A 214 -6.48 -8.24 -6.24
CA ALA A 214 -7.19 -7.12 -5.62
C ALA A 214 -8.27 -7.63 -4.68
N ALA A 215 -9.08 -8.57 -5.16
CA ALA A 215 -10.16 -9.13 -4.35
C ALA A 215 -9.61 -9.63 -3.01
N ASN A 216 -8.39 -10.14 -3.03
CA ASN A 216 -7.76 -10.64 -1.82
C ASN A 216 -7.20 -9.48 -0.99
N PHE A 217 -6.52 -8.56 -1.65
CA PHE A 217 -5.94 -7.41 -0.97
C PHE A 217 -7.02 -6.65 -0.19
N LEU A 218 -8.13 -6.36 -0.87
CA LEU A 218 -9.22 -5.64 -0.24
C LEU A 218 -9.84 -6.47 0.88
N LEU A 219 -9.91 -7.78 0.66
CA LEU A 219 -10.48 -8.69 1.66
C LEU A 219 -9.45 -9.04 2.72
N SER A 220 -8.17 -8.84 2.39
CA SER A 220 -7.09 -9.13 3.33
C SER A 220 -6.49 -7.86 3.89
N GLN A 221 -7.09 -6.72 3.55
CA GLN A 221 -6.59 -5.43 4.03
C GLN A 221 -6.97 -5.21 5.49
N ASN A 222 -7.18 -6.31 6.22
CA ASN A 222 -7.54 -6.21 7.63
C ASN A 222 -8.80 -5.36 7.82
N PHE A 223 -9.67 -5.78 8.72
CA PHE A 223 -10.90 -5.05 8.98
C PHE A 223 -11.51 -5.47 10.32
ZN ZN B . -1.13 -4.58 9.06
N GLU A 13 21.66 -4.45 -13.35
CA GLU A 13 21.57 -3.55 -12.21
C GLU A 13 21.78 -4.30 -10.90
N PRO A 14 22.39 -3.65 -9.94
CA PRO A 14 22.67 -4.27 -8.60
C PRO A 14 21.44 -4.95 -8.02
N TYR A 15 20.26 -4.52 -8.45
CA TYR A 15 19.02 -5.10 -7.97
C TYR A 15 19.11 -6.62 -7.91
N ASN A 16 19.81 -7.20 -8.88
CA ASN A 16 19.96 -8.64 -8.94
C ASN A 16 20.23 -9.22 -7.55
N GLU A 17 21.44 -8.98 -7.04
CA GLU A 17 21.81 -9.47 -5.71
C GLU A 17 21.39 -8.48 -4.65
N TRP A 18 21.18 -7.24 -5.07
CA TRP A 18 20.78 -6.19 -4.14
C TRP A 18 19.28 -6.23 -3.87
N THR A 19 18.49 -6.09 -4.94
CA THR A 19 17.04 -6.12 -4.80
C THR A 19 16.60 -7.29 -3.94
N LEU A 20 17.21 -8.46 -4.17
CA LEU A 20 16.86 -9.65 -3.41
C LEU A 20 17.32 -9.52 -1.97
N GLU A 21 18.29 -8.63 -1.74
CA GLU A 21 18.81 -8.42 -0.39
C GLU A 21 17.84 -7.58 0.43
N LEU A 22 17.45 -6.42 -0.11
CA LEU A 22 16.53 -5.54 0.60
C LEU A 22 15.12 -6.12 0.58
N LEU A 23 14.84 -6.97 -0.40
CA LEU A 23 13.52 -7.59 -0.52
C LEU A 23 13.14 -8.29 0.78
N GLU A 24 14.08 -9.04 1.34
CA GLU A 24 13.82 -9.75 2.59
C GLU A 24 13.50 -8.76 3.71
N GLU A 25 14.39 -7.80 3.92
CA GLU A 25 14.19 -6.80 4.97
C GLU A 25 13.05 -5.86 4.59
N LEU A 26 12.76 -5.79 3.30
CA LEU A 26 11.69 -4.91 2.82
C LEU A 26 10.33 -5.61 2.94
N LYS A 27 10.32 -6.92 2.73
CA LYS A 27 9.09 -7.69 2.82
C LYS A 27 8.76 -8.01 4.27
N SER A 28 9.78 -8.03 5.12
CA SER A 28 9.59 -8.33 6.53
C SER A 28 8.46 -7.47 7.11
N GLU A 29 8.40 -6.22 6.67
CA GLU A 29 7.37 -5.30 7.15
C GLU A 29 6.03 -5.61 6.48
N ALA A 30 6.09 -6.07 5.23
CA ALA A 30 4.87 -6.39 4.50
C ALA A 30 4.29 -7.72 4.98
N VAL A 31 5.08 -8.78 4.86
CA VAL A 31 4.63 -10.10 5.29
C VAL A 31 4.06 -10.05 6.70
N ARG A 32 4.52 -9.08 7.48
CA ARG A 32 4.05 -8.92 8.85
C ARG A 32 2.77 -8.09 8.88
N HIS A 33 2.62 -7.22 7.88
CA HIS A 33 1.44 -6.36 7.80
C HIS A 33 0.58 -6.74 6.60
N PHE A 34 0.77 -7.96 6.11
CA PHE A 34 0.01 -8.44 4.96
C PHE A 34 -0.37 -9.90 5.13
N PRO A 35 -1.49 -10.29 4.59
CA PRO A 35 -1.99 -11.70 4.67
C PRO A 35 -1.14 -12.65 3.84
N ARG A 36 -0.72 -13.76 4.45
CA ARG A 36 0.10 -14.75 3.74
C ARG A 36 -0.49 -15.05 2.37
N ILE A 37 -1.77 -15.39 2.34
CA ILE A 37 -2.43 -15.70 1.08
C ILE A 37 -2.09 -14.67 0.01
N TRP A 38 -2.43 -13.42 0.28
CA TRP A 38 -2.16 -12.33 -0.65
C TRP A 38 -0.66 -12.27 -0.97
N LEU A 39 0.14 -12.08 0.07
CA LEU A 39 1.59 -12.00 -0.09
C LEU A 39 2.10 -13.21 -0.88
N HIS A 40 1.35 -14.30 -0.83
CA HIS A 40 1.74 -15.52 -1.53
C HIS A 40 1.35 -15.43 -3.01
N ASN A 41 0.21 -14.79 -3.27
CA ASN A 41 -0.26 -14.64 -4.65
C ASN A 41 0.44 -13.48 -5.34
N LEU A 42 0.77 -12.45 -4.57
CA LEU A 42 1.45 -11.28 -5.11
C LEU A 42 2.63 -11.70 -5.98
N GLY A 43 3.35 -12.72 -5.53
CA GLY A 43 4.49 -13.23 -6.28
C GLY A 43 4.06 -14.17 -7.38
N GLN A 44 2.86 -14.73 -7.23
CA GLN A 44 2.33 -15.65 -8.23
C GLN A 44 1.79 -14.89 -9.44
N HIS A 45 0.87 -13.96 -9.18
CA HIS A 45 0.28 -13.17 -10.26
C HIS A 45 1.36 -12.33 -10.96
N ILE A 46 1.98 -11.43 -10.20
CA ILE A 46 3.01 -10.57 -10.76
C ILE A 46 4.07 -11.40 -11.47
N TYR A 47 4.16 -12.68 -11.10
CA TYR A 47 5.14 -13.58 -11.70
C TYR A 47 4.61 -14.14 -13.02
N GLU A 48 3.31 -14.37 -13.07
CA GLU A 48 2.69 -14.90 -14.28
C GLU A 48 2.42 -13.78 -15.28
N THR A 49 2.25 -12.57 -14.79
CA THR A 49 1.98 -11.42 -15.64
C THR A 49 3.26 -10.98 -16.36
N TYR A 50 4.25 -10.57 -15.59
CA TYR A 50 5.51 -10.12 -16.16
C TYR A 50 6.42 -11.31 -16.45
N GLY A 51 6.23 -12.40 -15.71
CA GLY A 51 7.03 -13.60 -15.90
C GLY A 51 8.22 -13.61 -14.93
N ASP A 52 9.33 -14.19 -15.37
CA ASP A 52 10.52 -14.26 -14.54
C ASP A 52 11.39 -13.03 -14.74
N THR A 53 11.12 -12.28 -15.80
CA THR A 53 11.89 -11.08 -16.10
C THR A 53 12.07 -10.24 -14.84
N TRP A 54 12.99 -9.28 -14.90
CA TRP A 54 13.26 -8.41 -13.76
C TRP A 54 12.10 -7.44 -13.53
N ALA A 55 11.46 -7.03 -14.63
CA ALA A 55 10.35 -6.10 -14.54
C ALA A 55 9.26 -6.65 -13.61
N GLY A 56 9.33 -7.95 -13.34
CA GLY A 56 8.35 -8.59 -12.46
C GLY A 56 8.64 -8.27 -11.00
N VAL A 57 9.91 -8.37 -10.62
CA VAL A 57 10.31 -8.10 -9.24
C VAL A 57 10.31 -6.59 -8.98
N GLU A 58 10.82 -5.83 -9.94
CA GLU A 58 10.88 -4.38 -9.81
C GLU A 58 9.51 -3.82 -9.43
N ALA A 59 8.46 -4.43 -9.98
CA ALA A 59 7.10 -3.98 -9.69
C ALA A 59 6.64 -4.50 -8.33
N ILE A 60 6.98 -5.75 -8.04
CA ILE A 60 6.60 -6.35 -6.76
C ILE A 60 7.29 -5.65 -5.60
N ILE A 61 8.44 -5.04 -5.88
CA ILE A 61 9.20 -4.34 -4.86
C ILE A 61 8.60 -2.96 -4.60
N ARG A 62 8.12 -2.32 -5.67
CA ARG A 62 7.53 -1.00 -5.54
C ARG A 62 6.12 -1.09 -4.96
N ILE A 63 5.25 -1.82 -5.65
CA ILE A 63 3.87 -1.98 -5.19
C ILE A 63 3.84 -2.42 -3.73
N LEU A 64 4.81 -3.24 -3.34
CA LEU A 64 4.89 -3.73 -1.97
C LEU A 64 4.89 -2.57 -0.99
N GLN A 65 5.49 -1.45 -1.39
CA GLN A 65 5.55 -0.27 -0.53
C GLN A 65 4.29 0.56 -0.67
N GLN A 66 3.67 0.50 -1.84
CA GLN A 66 2.44 1.25 -2.09
C GLN A 66 1.25 0.55 -1.46
N LEU A 67 1.34 -0.77 -1.30
CA LEU A 67 0.26 -1.55 -0.71
C LEU A 67 0.15 -1.26 0.78
N LEU A 68 1.29 -1.18 1.46
CA LEU A 68 1.30 -0.90 2.89
C LEU A 68 0.59 0.41 3.20
N PHE A 69 0.66 1.34 2.24
CA PHE A 69 0.02 2.64 2.41
C PHE A 69 -1.45 2.46 2.79
N ILE A 70 -2.16 1.63 2.02
CA ILE A 70 -3.57 1.38 2.28
C ILE A 70 -3.74 0.64 3.60
N HIS A 71 -2.67 0.02 4.07
CA HIS A 71 -2.71 -0.71 5.33
C HIS A 71 -3.34 0.13 6.42
N PHE A 72 -3.09 1.45 6.37
CA PHE A 72 -3.65 2.36 7.36
C PHE A 72 -5.08 2.72 6.99
N ARG A 73 -5.42 2.55 5.73
CA ARG A 73 -6.76 2.87 5.25
C ARG A 73 -7.83 2.24 6.14
N ILE A 74 -7.82 0.92 6.21
CA ILE A 74 -8.81 0.21 7.04
C ILE A 74 -8.34 0.15 8.49
N GLY A 75 -7.09 -0.25 8.69
CA GLY A 75 -6.55 -0.34 10.05
C GLY A 75 -5.67 -1.59 10.20
N CYS A 76 -4.60 -1.46 10.97
CA CYS A 76 -3.69 -2.58 11.20
C CYS A 76 -4.21 -3.47 12.32
N ARG A 77 -4.73 -4.64 11.94
CA ARG A 77 -5.26 -5.58 12.92
C ARG A 77 -4.12 -6.31 13.63
N HIS A 78 -2.93 -6.24 13.06
CA HIS A 78 -1.77 -6.90 13.64
C HIS A 78 -1.42 -6.25 14.98
N SER A 79 -1.19 -7.10 15.99
CA SER A 79 -0.85 -6.60 17.32
C SER A 79 0.26 -7.45 17.94
N ASN A 93 16.46 13.25 4.42
CA ASN A 93 15.25 12.53 4.07
C ASN A 93 14.11 13.51 3.80
N PRO A 94 13.51 13.44 2.64
CA PRO A 94 12.38 14.33 2.27
C PRO A 94 11.12 13.98 3.07
N LEU A 95 11.27 13.01 3.96
CA LEU A 95 10.16 12.56 4.79
C LEU A 95 10.41 12.92 6.25
N GLU A 96 11.68 13.04 6.61
CA GLU A 96 12.05 13.37 7.99
C GLU A 96 11.33 14.64 8.45
N PHE A 97 11.19 15.59 7.54
CA PHE A 97 10.52 16.85 7.87
C PHE A 97 9.03 16.63 8.12
N LEU A 98 8.59 15.40 7.90
CA LEU A 98 7.18 15.07 8.11
C LEU A 98 6.78 15.32 9.56
N ARG A 99 7.49 14.69 10.49
CA ARG A 99 7.20 14.87 11.91
C ARG A 99 7.00 16.34 12.24
N ASP A 100 7.66 17.20 11.47
CA ASP A 100 7.56 18.64 11.69
C ASP A 100 6.23 19.18 11.17
N GLN A 101 5.32 18.27 10.83
CA GLN A 101 4.01 18.66 10.32
C GLN A 101 2.90 18.14 11.22
N PRO A 102 1.85 18.90 11.37
CA PRO A 102 0.69 18.51 12.22
C PRO A 102 -0.11 17.35 11.61
N GLN A 103 -0.22 17.34 10.29
CA GLN A 103 -0.94 16.30 9.58
C GLN A 103 -0.41 14.92 9.98
N PHE A 104 0.89 14.86 10.24
CA PHE A 104 1.52 13.60 10.63
C PHE A 104 1.13 13.22 12.05
N GLN A 105 1.52 14.05 13.01
CA GLN A 105 1.21 13.78 14.41
C GLN A 105 -0.31 13.70 14.60
N ASN A 106 -1.05 14.36 13.73
CA ASN A 106 -2.51 14.37 13.81
C ASN A 106 -3.07 13.08 13.22
N MET A 107 -2.84 12.87 11.93
CA MET A 107 -3.34 11.67 11.27
C MET A 107 -2.78 10.43 11.93
N ARG A 108 -1.60 10.54 12.51
CA ARG A 108 -0.96 9.41 13.17
C ARG A 108 -1.83 8.91 14.32
N GLN A 109 -2.06 9.78 15.31
CA GLN A 109 -2.87 9.41 16.45
C GLN A 109 -4.31 9.12 16.02
N VAL A 110 -4.73 9.73 14.92
CA VAL A 110 -6.07 9.52 14.41
C VAL A 110 -6.14 8.27 13.54
N ILE A 111 -5.00 7.92 12.94
CA ILE A 111 -4.94 6.74 12.08
C ILE A 111 -4.64 5.50 12.90
N GLN A 112 -3.61 5.56 13.72
CA GLN A 112 -3.24 4.43 14.56
C GLN A 112 -4.35 4.11 15.56
N GLN A 113 -5.14 5.12 15.90
CA GLN A 113 -6.24 4.93 16.84
C GLN A 113 -7.48 4.43 16.13
N ASN A 114 -7.93 5.18 15.13
CA ASN A 114 -9.12 4.81 14.37
C ASN A 114 -8.87 5.02 12.88
N PRO A 115 -8.17 4.12 12.26
CA PRO A 115 -7.86 4.20 10.80
C PRO A 115 -9.07 4.64 9.99
N ALA A 116 -10.24 4.55 10.62
CA ALA A 116 -11.49 4.94 9.97
C ALA A 116 -11.46 6.43 9.63
N LEU A 117 -10.41 7.10 10.09
CA LEU A 117 -10.26 8.53 9.83
C LEU A 117 -9.18 8.79 8.79
N LEU A 118 -8.48 7.73 8.40
CA LEU A 118 -7.43 7.85 7.40
C LEU A 118 -8.01 8.18 6.03
N PRO A 119 -9.06 7.50 5.64
CA PRO A 119 -9.73 7.72 4.33
C PRO A 119 -9.91 9.21 4.03
N ALA A 120 -10.31 9.97 5.04
CA ALA A 120 -10.51 11.40 4.87
C ALA A 120 -9.21 12.16 5.05
N LEU A 121 -8.51 11.87 6.15
CA LEU A 121 -7.25 12.54 6.43
C LEU A 121 -6.26 12.35 5.27
N LEU A 122 -5.91 11.10 5.00
CA LEU A 122 -4.97 10.81 3.92
C LEU A 122 -5.29 11.66 2.70
N GLN A 123 -6.55 11.63 2.28
CA GLN A 123 -6.97 12.40 1.11
C GLN A 123 -6.57 13.87 1.26
N GLN A 124 -6.59 14.35 2.51
CA GLN A 124 -6.23 15.74 2.78
C GLN A 124 -4.72 15.88 2.96
N LEU A 125 -4.08 14.82 3.42
CA LEU A 125 -2.63 14.84 3.62
C LEU A 125 -1.92 15.29 2.35
N GLY A 126 -2.25 14.65 1.24
CA GLY A 126 -1.62 14.99 -0.04
C GLY A 126 -2.16 16.32 -0.57
N GLN A 127 -3.28 16.76 0.00
CA GLN A 127 -3.89 18.02 -0.42
C GLN A 127 -3.16 19.21 0.21
N GLU A 128 -2.52 18.97 1.35
CA GLU A 128 -1.79 20.01 2.05
C GLU A 128 -0.34 20.08 1.56
N ASN A 129 0.28 18.91 1.42
CA ASN A 129 1.66 18.85 0.97
C ASN A 129 1.85 17.67 0.01
N PRO A 130 1.33 17.79 -1.17
CA PRO A 130 1.44 16.72 -2.21
C PRO A 130 2.87 16.21 -2.36
N GLN A 131 3.82 16.97 -1.82
CA GLN A 131 5.23 16.58 -1.90
C GLN A 131 5.51 15.40 -0.97
N LEU A 132 4.78 15.34 0.14
CA LEU A 132 4.96 14.27 1.11
C LEU A 132 4.16 13.04 0.70
N LEU A 133 2.92 13.26 0.27
CA LEU A 133 2.06 12.16 -0.15
C LEU A 133 2.80 11.26 -1.14
N GLN A 134 3.61 11.87 -1.99
CA GLN A 134 4.37 11.12 -2.98
C GLN A 134 5.51 10.35 -2.32
N GLN A 135 5.97 10.86 -1.18
CA GLN A 135 7.06 10.22 -0.45
C GLN A 135 6.52 9.12 0.45
N ILE A 136 5.44 9.43 1.17
CA ILE A 136 4.83 8.45 2.08
C ILE A 136 4.68 7.10 1.38
N SER A 137 4.32 7.13 0.10
CA SER A 137 4.14 5.90 -0.67
C SER A 137 5.49 5.33 -1.06
N ARG A 138 6.52 6.18 -1.09
CA ARG A 138 7.86 5.74 -1.47
C ARG A 138 8.60 5.20 -0.24
N HIS A 139 8.32 5.79 0.92
CA HIS A 139 8.98 5.36 2.15
C HIS A 139 7.94 4.79 3.12
N GLN A 140 7.09 3.90 2.62
CA GLN A 140 6.07 3.29 3.46
C GLN A 140 6.70 2.69 4.71
N GLU A 141 7.55 1.70 4.55
CA GLU A 141 8.21 1.07 5.68
C GLU A 141 8.69 2.11 6.67
N GLN A 142 9.35 3.14 6.15
CA GLN A 142 9.86 4.22 7.00
C GLN A 142 8.71 5.11 7.47
N PHE A 143 7.60 5.06 6.73
CA PHE A 143 6.44 5.86 7.08
C PHE A 143 5.60 5.14 8.14
N ILE A 144 5.60 3.82 8.09
CA ILE A 144 4.84 3.01 9.04
C ILE A 144 5.48 3.10 10.41
N GLN A 145 6.79 2.93 10.47
CA GLN A 145 7.51 2.99 11.73
C GLN A 145 6.99 4.15 12.58
N MET A 146 6.89 5.32 11.96
CA MET A 146 6.40 6.50 12.66
C MET A 146 4.88 6.51 12.72
N LEU A 147 4.25 6.19 11.60
CA LEU A 147 2.79 6.16 11.54
C LEU A 147 2.25 5.02 12.41
N ASN A 148 3.14 4.15 12.86
CA ASN A 148 2.74 3.02 13.69
C ASN A 148 3.39 3.10 15.07
N GLU A 149 4.47 3.88 15.16
CA GLU A 149 5.18 4.03 16.42
C GLU A 149 5.18 5.49 16.86
N PRO A 150 5.72 5.77 18.01
CA PRO A 150 5.80 7.16 18.55
C PRO A 150 6.34 8.14 17.52
N PRO A 151 5.81 9.33 17.49
CA PRO A 151 6.24 10.39 16.53
C PRO A 151 7.76 10.48 16.42
N ILE A 177 -6.41 7.57 -10.75
CA ILE A 177 -7.31 6.71 -11.52
C ILE A 177 -6.85 6.59 -12.96
N GLN A 178 -5.90 5.68 -13.18
CA GLN A 178 -5.36 5.46 -14.52
C GLN A 178 -6.05 4.26 -15.18
N VAL A 179 -7.34 4.09 -14.86
CA VAL A 179 -8.10 2.99 -15.43
C VAL A 179 -8.98 3.49 -16.57
N THR A 180 -9.64 2.56 -17.25
CA THR A 180 -10.53 2.91 -18.34
C THR A 180 -11.89 2.26 -18.12
N PRO A 181 -12.79 2.37 -19.05
CA PRO A 181 -14.15 1.79 -18.90
C PRO A 181 -14.14 0.27 -18.95
N GLN A 182 -13.07 -0.31 -19.45
CA GLN A 182 -12.96 -1.77 -19.52
C GLN A 182 -12.39 -2.34 -18.23
N GLU A 183 -11.63 -1.52 -17.50
CA GLU A 183 -11.05 -1.95 -16.24
C GLU A 183 -11.99 -1.63 -15.08
N LYS A 184 -12.63 -0.47 -15.17
CA LYS A 184 -13.55 -0.04 -14.14
C LYS A 184 -14.40 -1.20 -13.65
N GLU A 185 -15.21 -1.72 -14.55
CA GLU A 185 -16.10 -2.83 -14.23
C GLU A 185 -15.37 -3.86 -13.36
N ALA A 186 -14.04 -3.84 -13.43
CA ALA A 186 -13.24 -4.77 -12.65
C ALA A 186 -13.03 -4.26 -11.23
N ILE A 187 -12.90 -2.95 -11.09
CA ILE A 187 -12.69 -2.35 -9.77
C ILE A 187 -14.01 -2.26 -9.02
N GLU A 188 -14.98 -1.56 -9.60
CA GLU A 188 -16.29 -1.41 -8.97
C GLU A 188 -16.85 -2.76 -8.58
N ARG A 189 -16.40 -3.80 -9.27
CA ARG A 189 -16.86 -5.15 -8.97
C ARG A 189 -16.53 -5.48 -7.52
N LEU A 190 -15.46 -4.88 -7.03
CA LEU A 190 -15.03 -5.08 -5.66
C LEU A 190 -15.80 -4.16 -4.73
N LYS A 191 -16.21 -3.01 -5.27
CA LYS A 191 -16.97 -2.04 -4.49
C LYS A 191 -18.18 -2.70 -3.86
N ALA A 192 -19.02 -3.26 -4.72
CA ALA A 192 -20.23 -3.94 -4.26
C ALA A 192 -19.92 -4.91 -3.12
N LEU A 193 -18.64 -5.29 -3.02
CA LEU A 193 -18.22 -6.21 -1.96
C LEU A 193 -18.12 -5.48 -0.63
N GLY A 194 -18.77 -4.32 -0.55
CA GLY A 194 -18.74 -3.53 0.69
C GLY A 194 -17.47 -2.70 0.77
N PHE A 195 -17.04 -2.17 -0.37
CA PHE A 195 -15.83 -1.35 -0.40
C PHE A 195 -16.06 -0.09 -1.24
N PRO A 196 -15.62 1.03 -0.76
CA PRO A 196 -15.77 2.33 -1.46
C PRO A 196 -15.03 2.35 -2.80
N GLU A 197 -15.47 3.22 -3.71
CA GLU A 197 -14.84 3.32 -5.01
C GLU A 197 -13.37 3.68 -4.85
N SER A 198 -13.10 4.82 -4.23
CA SER A 198 -11.73 5.26 -4.02
C SER A 198 -10.96 4.21 -3.21
N LEU A 199 -11.69 3.33 -2.55
CA LEU A 199 -11.07 2.29 -1.75
C LEU A 199 -10.52 1.18 -2.62
N VAL A 200 -11.31 0.72 -3.60
CA VAL A 200 -10.88 -0.34 -4.50
C VAL A 200 -10.03 0.23 -5.63
N ILE A 201 -10.29 1.48 -5.99
CA ILE A 201 -9.54 2.13 -7.06
C ILE A 201 -8.05 2.15 -6.73
N GLN A 202 -7.74 2.27 -5.45
CA GLN A 202 -6.35 2.31 -5.00
C GLN A 202 -5.78 0.89 -4.91
N ALA A 203 -6.42 0.06 -4.11
CA ALA A 203 -5.98 -1.32 -3.93
C ALA A 203 -5.93 -2.04 -5.28
N TYR A 204 -6.93 -1.80 -6.12
CA TYR A 204 -6.98 -2.43 -7.43
C TYR A 204 -5.74 -2.09 -8.23
N PHE A 205 -5.29 -0.85 -8.13
CA PHE A 205 -4.10 -0.41 -8.85
C PHE A 205 -2.84 -0.91 -8.16
N ALA A 206 -2.88 -0.95 -6.83
CA ALA A 206 -1.74 -1.41 -6.06
C ALA A 206 -1.45 -2.88 -6.33
N CYS A 207 -2.49 -3.61 -6.75
CA CYS A 207 -2.35 -5.03 -7.04
C CYS A 207 -2.21 -5.27 -8.54
N GLU A 208 -1.65 -4.29 -9.24
CA GLU A 208 -1.46 -4.40 -10.69
C GLU A 208 -2.80 -4.54 -11.40
N LYS A 209 -3.84 -3.97 -10.79
CA LYS A 209 -5.18 -4.04 -11.37
C LYS A 209 -5.71 -5.47 -11.34
N ASN A 210 -4.99 -6.35 -10.65
CA ASN A 210 -5.41 -7.74 -10.54
C ASN A 210 -6.56 -7.88 -9.56
N GLU A 211 -7.76 -8.13 -10.08
CA GLU A 211 -8.93 -8.29 -9.23
C GLU A 211 -8.70 -9.36 -8.19
N ASN A 212 -8.33 -10.56 -8.65
CA ASN A 212 -8.08 -11.67 -7.75
C ASN A 212 -7.30 -11.20 -6.52
N LEU A 213 -6.11 -10.66 -6.75
CA LEU A 213 -5.28 -10.18 -5.65
C LEU A 213 -6.02 -9.11 -4.85
N ALA A 214 -6.74 -8.24 -5.55
CA ALA A 214 -7.49 -7.18 -4.90
C ALA A 214 -8.50 -7.76 -3.93
N ALA A 215 -9.38 -8.62 -4.45
CA ALA A 215 -10.41 -9.25 -3.62
C ALA A 215 -9.77 -9.93 -2.41
N ASN A 216 -8.57 -10.46 -2.61
CA ASN A 216 -7.86 -11.14 -1.53
C ASN A 216 -7.29 -10.14 -0.55
N PHE A 217 -6.76 -9.04 -1.08
CA PHE A 217 -6.18 -7.99 -0.23
C PHE A 217 -7.28 -7.25 0.53
N LEU A 218 -8.41 -7.06 -0.13
CA LEU A 218 -9.53 -6.36 0.50
C LEU A 218 -10.12 -7.19 1.62
N LEU A 219 -10.32 -8.49 1.36
CA LEU A 219 -10.87 -9.38 2.37
C LEU A 219 -9.80 -9.81 3.36
N SER A 220 -8.55 -9.78 2.92
CA SER A 220 -7.43 -10.16 3.78
C SER A 220 -6.65 -8.93 4.23
N GLN A 221 -7.20 -7.75 3.95
CA GLN A 221 -6.55 -6.51 4.32
C GLN A 221 -6.47 -6.37 5.84
N ASN A 222 -6.97 -7.38 6.54
CA ASN A 222 -6.95 -7.38 8.00
C ASN A 222 -7.95 -6.36 8.54
N PHE A 223 -8.87 -6.83 9.36
CA PHE A 223 -9.88 -5.95 9.94
C PHE A 223 -10.76 -6.72 10.93
ZN ZN B . -0.42 -4.46 10.20
N GLU A 13 24.15 -3.82 -13.01
CA GLU A 13 22.79 -4.28 -12.78
C GLU A 13 22.61 -4.74 -11.34
N PRO A 14 22.43 -3.81 -10.44
CA PRO A 14 22.24 -4.12 -8.98
C PRO A 14 20.86 -4.71 -8.70
N TYR A 15 19.82 -4.08 -9.24
CA TYR A 15 18.46 -4.54 -9.04
C TYR A 15 18.35 -6.05 -9.20
N ASN A 16 19.40 -6.66 -9.74
CA ASN A 16 19.42 -8.11 -9.94
C ASN A 16 19.47 -8.82 -8.59
N GLU A 17 20.64 -8.79 -7.96
CA GLU A 17 20.80 -9.43 -6.66
C GLU A 17 20.43 -8.46 -5.54
N TRP A 18 20.45 -7.17 -5.86
CA TRP A 18 20.14 -6.13 -4.89
C TRP A 18 18.66 -6.10 -4.56
N THR A 19 17.82 -5.97 -5.57
CA THR A 19 16.38 -5.90 -5.37
C THR A 19 15.93 -6.93 -4.33
N LEU A 20 16.70 -8.00 -4.18
CA LEU A 20 16.36 -9.04 -3.22
C LEU A 20 16.70 -8.59 -1.80
N GLU A 21 17.82 -7.87 -1.67
CA GLU A 21 18.25 -7.38 -0.37
C GLU A 21 17.17 -6.50 0.26
N LEU A 22 16.86 -5.39 -0.40
CA LEU A 22 15.85 -4.46 0.11
C LEU A 22 14.49 -5.16 0.16
N LEU A 23 14.26 -6.09 -0.75
CA LEU A 23 12.99 -6.82 -0.79
C LEU A 23 12.85 -7.72 0.43
N GLU A 24 13.91 -8.44 0.75
CA GLU A 24 13.88 -9.34 1.90
C GLU A 24 13.31 -8.64 3.11
N GLU A 25 13.71 -7.39 3.32
CA GLU A 25 13.23 -6.61 4.46
C GLU A 25 11.85 -6.02 4.16
N LEU A 26 11.57 -5.82 2.87
CA LEU A 26 10.28 -5.27 2.47
C LEU A 26 9.14 -6.20 2.86
N LYS A 27 9.43 -7.49 2.94
CA LYS A 27 8.44 -8.48 3.32
C LYS A 27 8.25 -8.51 4.82
N SER A 28 9.32 -8.20 5.55
CA SER A 28 9.26 -8.20 7.01
C SER A 28 8.10 -7.35 7.51
N GLU A 29 8.03 -6.11 7.01
CA GLU A 29 6.97 -5.21 7.40
C GLU A 29 5.69 -5.49 6.61
N ALA A 30 5.84 -5.59 5.29
CA ALA A 30 4.69 -5.86 4.43
C ALA A 30 3.96 -7.13 4.88
N VAL A 31 4.68 -8.25 4.87
CA VAL A 31 4.09 -9.52 5.28
C VAL A 31 3.46 -9.40 6.66
N ARG A 32 4.23 -8.87 7.60
CA ARG A 32 3.75 -8.71 8.97
C ARG A 32 2.40 -7.99 8.98
N HIS A 33 2.16 -7.19 7.96
CA HIS A 33 0.90 -6.44 7.86
C HIS A 33 0.11 -6.89 6.64
N PHE A 34 0.65 -7.84 5.89
CA PHE A 34 -0.02 -8.36 4.71
C PHE A 34 -0.45 -9.81 4.92
N PRO A 35 -1.58 -10.17 4.40
CA PRO A 35 -2.13 -11.55 4.52
C PRO A 35 -1.29 -12.56 3.73
N ARG A 36 -0.82 -13.59 4.42
CA ARG A 36 -0.02 -14.63 3.77
C ARG A 36 -0.61 -15.00 2.41
N ILE A 37 -1.90 -15.32 2.40
CA ILE A 37 -2.57 -15.70 1.17
C ILE A 37 -2.24 -14.71 0.06
N TRP A 38 -2.59 -13.45 0.28
CA TRP A 38 -2.33 -12.40 -0.71
C TRP A 38 -0.86 -12.42 -1.12
N LEU A 39 0.03 -12.25 -0.14
CA LEU A 39 1.45 -12.24 -0.42
C LEU A 39 1.85 -13.50 -1.19
N HIS A 40 1.12 -14.58 -0.96
CA HIS A 40 1.39 -15.84 -1.64
C HIS A 40 1.00 -15.75 -3.11
N ASN A 41 -0.20 -15.25 -3.36
CA ASN A 41 -0.70 -15.11 -4.73
C ASN A 41 0.12 -14.05 -5.49
N LEU A 42 0.51 -13.00 -4.77
CA LEU A 42 1.30 -11.94 -5.39
C LEU A 42 2.43 -12.52 -6.22
N GLY A 43 3.29 -13.32 -5.58
CA GLY A 43 4.41 -13.94 -6.26
C GLY A 43 3.92 -14.92 -7.31
N GLN A 44 2.70 -15.38 -7.16
CA GLN A 44 2.11 -16.34 -8.10
C GLN A 44 1.68 -15.62 -9.38
N HIS A 45 0.77 -14.67 -9.23
CA HIS A 45 0.27 -13.92 -10.38
C HIS A 45 1.40 -13.12 -11.02
N ILE A 46 1.98 -12.20 -10.25
CA ILE A 46 3.07 -11.38 -10.75
C ILE A 46 4.10 -12.24 -11.49
N TYR A 47 4.13 -13.53 -11.15
CA TYR A 47 5.05 -14.45 -11.79
C TYR A 47 4.50 -14.94 -13.12
N GLU A 48 3.18 -15.09 -13.19
CA GLU A 48 2.53 -15.56 -14.41
C GLU A 48 2.34 -14.40 -15.39
N THR A 49 2.15 -13.21 -14.84
CA THR A 49 1.95 -12.02 -15.68
C THR A 49 3.28 -11.52 -16.21
N TYR A 50 4.35 -11.79 -15.47
CA TYR A 50 5.68 -11.36 -15.88
C TYR A 50 6.61 -12.57 -16.07
N GLY A 51 6.05 -13.76 -15.89
CA GLY A 51 6.84 -14.98 -16.05
C GLY A 51 8.10 -14.93 -15.22
N ASP A 52 9.25 -14.90 -15.89
CA ASP A 52 10.53 -14.84 -15.20
C ASP A 52 11.16 -13.46 -15.33
N THR A 53 10.48 -12.57 -16.06
CA THR A 53 10.98 -11.22 -16.25
C THR A 53 11.47 -10.62 -14.93
N TRP A 54 12.40 -9.68 -15.02
CA TRP A 54 12.94 -9.04 -13.82
C TRP A 54 12.00 -7.96 -13.31
N ALA A 55 11.19 -7.42 -14.22
CA ALA A 55 10.24 -6.36 -13.85
C ALA A 55 9.33 -6.83 -12.73
N GLY A 56 8.74 -8.02 -12.91
CA GLY A 56 7.84 -8.56 -11.91
C GLY A 56 8.41 -8.38 -10.50
N VAL A 57 9.67 -8.77 -10.32
CA VAL A 57 10.32 -8.63 -9.02
C VAL A 57 10.53 -7.16 -8.68
N GLU A 58 10.89 -6.38 -9.68
CA GLU A 58 11.13 -4.95 -9.47
C GLU A 58 9.84 -4.25 -9.04
N ALA A 59 8.84 -4.29 -9.89
CA ALA A 59 7.56 -3.66 -9.59
C ALA A 59 7.03 -4.14 -8.24
N ILE A 60 7.20 -5.43 -7.97
CA ILE A 60 6.74 -6.01 -6.71
C ILE A 60 7.14 -5.12 -5.54
N ILE A 61 8.35 -4.59 -5.59
CA ILE A 61 8.85 -3.72 -4.53
C ILE A 61 8.03 -2.44 -4.46
N ARG A 62 7.54 -1.99 -5.60
CA ARG A 62 6.74 -0.78 -5.66
C ARG A 62 5.33 -1.04 -5.15
N ILE A 63 4.65 -2.00 -5.76
CA ILE A 63 3.29 -2.34 -5.35
C ILE A 63 3.26 -2.80 -3.90
N LEU A 64 4.10 -3.78 -3.57
CA LEU A 64 4.17 -4.30 -2.21
C LEU A 64 4.24 -3.15 -1.21
N GLN A 65 4.92 -2.08 -1.59
CA GLN A 65 5.05 -0.92 -0.71
C GLN A 65 3.78 -0.09 -0.73
N GLN A 66 3.22 0.10 -1.93
CA GLN A 66 2.00 0.89 -2.07
C GLN A 66 0.84 0.19 -1.36
N LEU A 67 0.92 -1.13 -1.24
CA LEU A 67 -0.13 -1.90 -0.60
C LEU A 67 -0.28 -1.48 0.86
N LEU A 68 0.86 -1.17 1.51
CA LEU A 68 0.84 -0.76 2.90
C LEU A 68 0.05 0.53 3.07
N PHE A 69 0.26 1.46 2.15
CA PHE A 69 -0.44 2.74 2.21
C PHE A 69 -1.91 2.53 2.53
N ILE A 70 -2.50 1.49 1.94
CA ILE A 70 -3.90 1.19 2.17
C ILE A 70 -4.09 0.53 3.54
N HIS A 71 -3.01 -0.06 4.06
CA HIS A 71 -3.04 -0.71 5.35
C HIS A 71 -3.30 0.32 6.45
N PHE A 72 -2.97 1.57 6.18
CA PHE A 72 -3.16 2.64 7.15
C PHE A 72 -4.62 3.10 7.16
N ARG A 73 -5.10 3.53 6.00
CA ARG A 73 -6.48 4.00 5.90
C ARG A 73 -7.43 3.05 6.62
N ILE A 74 -7.48 1.80 6.17
CA ILE A 74 -8.34 0.80 6.78
C ILE A 74 -8.05 0.70 8.28
N GLY A 75 -6.78 0.56 8.61
CA GLY A 75 -6.38 0.45 10.01
C GLY A 75 -5.71 -0.89 10.29
N CYS A 76 -4.54 -0.83 10.91
CA CYS A 76 -3.79 -2.05 11.23
C CYS A 76 -4.54 -2.88 12.26
N ARG A 77 -5.15 -3.96 11.81
CA ARG A 77 -5.90 -4.85 12.71
C ARG A 77 -4.95 -5.77 13.46
N HIS A 78 -3.66 -5.60 13.21
CA HIS A 78 -2.65 -6.42 13.87
C HIS A 78 -2.33 -5.88 15.26
N SER A 79 -2.02 -6.78 16.19
CA SER A 79 -1.70 -6.38 17.55
C SER A 79 -1.06 -7.54 18.31
N ASN A 93 16.23 11.72 4.77
CA ASN A 93 14.81 11.49 4.67
C ASN A 93 14.07 12.81 4.44
N PRO A 94 13.58 13.02 3.25
CA PRO A 94 12.85 14.26 2.89
C PRO A 94 11.50 14.36 3.58
N LEU A 95 11.19 13.37 4.43
CA LEU A 95 9.92 13.37 5.13
C LEU A 95 10.13 13.36 6.64
N GLU A 96 11.37 13.55 7.06
CA GLU A 96 11.69 13.56 8.49
C GLU A 96 11.07 14.78 9.15
N PHE A 97 11.23 15.94 8.52
CA PHE A 97 10.67 17.18 9.05
C PHE A 97 9.16 17.06 9.21
N LEU A 98 8.61 15.97 8.69
CA LEU A 98 7.17 15.75 8.77
C LEU A 98 6.68 15.89 10.21
N ARG A 99 7.30 15.13 11.12
CA ARG A 99 6.92 15.17 12.53
C ARG A 99 6.62 16.61 12.96
N ASP A 100 7.13 17.57 12.20
CA ASP A 100 6.92 18.98 12.53
C ASP A 100 5.62 19.48 11.91
N GLN A 101 4.76 18.55 11.50
CA GLN A 101 3.49 18.94 10.88
C GLN A 101 2.33 18.32 11.65
N PRO A 102 1.20 18.96 11.64
CA PRO A 102 -0.02 18.47 12.34
C PRO A 102 -0.61 17.24 11.67
N GLN A 103 -0.64 17.26 10.34
CA GLN A 103 -1.17 16.14 9.58
C GLN A 103 -0.55 14.83 10.06
N PHE A 104 0.77 14.82 10.17
CA PHE A 104 1.48 13.63 10.62
C PHE A 104 1.20 13.37 12.10
N GLN A 105 1.54 14.35 12.94
CA GLN A 105 1.31 14.22 14.37
C GLN A 105 -0.17 13.96 14.65
N ASN A 106 -1.01 14.34 13.69
CA ASN A 106 -2.45 14.15 13.82
C ASN A 106 -2.85 12.75 13.39
N MET A 107 -2.62 12.44 12.11
CA MET A 107 -2.96 11.12 11.58
C MET A 107 -2.18 10.03 12.30
N ARG A 108 -0.98 10.37 12.76
CA ARG A 108 -0.15 9.40 13.47
C ARG A 108 -0.87 8.87 14.70
N GLN A 109 -1.58 9.77 15.39
CA GLN A 109 -2.32 9.39 16.58
C GLN A 109 -3.69 8.82 16.19
N VAL A 110 -4.19 9.26 15.04
CA VAL A 110 -5.49 8.80 14.55
C VAL A 110 -5.36 7.45 13.87
N ILE A 111 -4.17 7.21 13.31
CA ILE A 111 -3.91 5.96 12.61
C ILE A 111 -3.66 4.83 13.59
N GLN A 112 -2.72 5.05 14.52
CA GLN A 112 -2.40 4.02 15.50
C GLN A 112 -3.50 3.91 16.55
N GLN A 113 -4.35 4.93 16.63
CA GLN A 113 -5.44 4.93 17.59
C GLN A 113 -6.75 4.48 16.94
N ASN A 114 -7.15 5.19 15.88
CA ASN A 114 -8.38 4.85 15.18
C ASN A 114 -8.26 5.14 13.68
N PRO A 115 -7.66 4.23 12.96
CA PRO A 115 -7.47 4.38 11.49
C PRO A 115 -8.76 4.79 10.79
N ALA A 116 -9.87 4.71 11.52
CA ALA A 116 -11.17 5.07 10.98
C ALA A 116 -11.18 6.53 10.56
N LEU A 117 -10.49 7.37 11.33
CA LEU A 117 -10.44 8.79 11.04
C LEU A 117 -9.33 9.09 10.02
N LEU A 118 -8.71 8.02 9.51
CA LEU A 118 -7.65 8.17 8.53
C LEU A 118 -8.21 8.52 7.15
N PRO A 119 -9.10 7.70 6.65
CA PRO A 119 -9.72 7.92 5.32
C PRO A 119 -9.94 9.42 5.03
N ALA A 120 -10.27 10.16 6.08
CA ALA A 120 -10.51 11.59 5.95
C ALA A 120 -9.20 12.36 6.05
N LEU A 121 -8.27 11.84 6.84
CA LEU A 121 -6.98 12.48 7.03
C LEU A 121 -6.09 12.30 5.80
N LEU A 122 -5.76 11.05 5.49
CA LEU A 122 -4.92 10.75 4.34
C LEU A 122 -5.34 11.60 3.13
N GLN A 123 -6.63 11.88 3.05
CA GLN A 123 -7.15 12.68 1.94
C GLN A 123 -6.76 14.15 2.13
N GLN A 124 -6.68 14.59 3.37
CA GLN A 124 -6.32 15.96 3.67
C GLN A 124 -4.80 16.13 3.71
N LEU A 125 -4.10 15.03 3.97
CA LEU A 125 -2.64 15.06 4.03
C LEU A 125 -2.06 15.36 2.66
N GLY A 126 -2.27 14.45 1.72
CA GLY A 126 -1.75 14.61 0.37
C GLY A 126 -2.27 15.91 -0.25
N GLN A 127 -3.32 16.47 0.34
CA GLN A 127 -3.91 17.70 -0.16
C GLN A 127 -3.20 18.92 0.44
N GLU A 128 -2.79 18.78 1.70
CA GLU A 128 -2.10 19.88 2.39
C GLU A 128 -0.58 19.72 2.24
N ASN A 129 -0.16 18.63 1.62
CA ASN A 129 1.26 18.38 1.44
C ASN A 129 1.48 17.47 0.23
N PRO A 130 0.98 17.87 -0.91
CA PRO A 130 1.12 17.08 -2.17
C PRO A 130 2.56 16.64 -2.41
N GLN A 131 3.51 17.35 -1.81
CA GLN A 131 4.92 17.02 -1.96
C GLN A 131 5.30 15.84 -1.06
N LEU A 132 4.54 15.66 0.02
CA LEU A 132 4.81 14.57 0.95
C LEU A 132 4.19 13.27 0.44
N LEU A 133 2.94 13.37 -0.03
CA LEU A 133 2.25 12.18 -0.55
C LEU A 133 3.17 11.37 -1.44
N GLN A 134 3.78 12.03 -2.42
CA GLN A 134 4.70 11.35 -3.33
C GLN A 134 5.75 10.57 -2.55
N GLN A 135 6.14 11.12 -1.39
CA GLN A 135 7.15 10.46 -0.56
C GLN A 135 6.48 9.42 0.35
N ILE A 136 5.26 9.70 0.75
CA ILE A 136 4.53 8.78 1.62
C ILE A 136 4.67 7.35 1.13
N SER A 137 4.17 7.09 -0.08
CA SER A 137 4.24 5.75 -0.66
C SER A 137 5.68 5.43 -1.07
N ARG A 138 6.47 6.47 -1.30
CA ARG A 138 7.86 6.28 -1.70
C ARG A 138 8.70 5.77 -0.53
N HIS A 139 8.26 6.09 0.69
CA HIS A 139 8.98 5.67 1.89
C HIS A 139 8.01 5.14 2.93
N GLN A 140 7.01 4.38 2.47
CA GLN A 140 6.02 3.80 3.38
C GLN A 140 6.69 3.34 4.67
N GLU A 141 7.60 2.39 4.55
CA GLU A 141 8.30 1.87 5.72
C GLU A 141 8.70 3.01 6.65
N GLN A 142 9.58 3.88 6.18
CA GLN A 142 10.03 5.02 6.98
C GLN A 142 8.83 5.82 7.46
N PHE A 143 7.75 5.76 6.70
CA PHE A 143 6.53 6.48 7.05
C PHE A 143 5.70 5.68 8.04
N ILE A 144 5.88 4.36 8.00
CA ILE A 144 5.13 3.48 8.89
C ILE A 144 5.81 3.36 10.24
N GLN A 145 7.07 2.92 10.24
CA GLN A 145 7.83 2.77 11.49
C GLN A 145 7.52 3.94 12.42
N MET A 146 7.29 5.11 11.85
CA MET A 146 6.99 6.30 12.65
C MET A 146 5.50 6.36 12.96
N LEU A 147 4.67 6.12 11.94
CA LEU A 147 3.23 6.15 12.12
C LEU A 147 2.76 4.90 12.88
N ASN A 148 3.68 3.97 13.08
CA ASN A 148 3.35 2.73 13.80
C ASN A 148 3.98 2.74 15.18
N GLU A 149 4.73 3.80 15.48
CA GLU A 149 5.39 3.92 16.78
C GLU A 149 5.48 5.38 17.19
N PRO A 150 6.02 5.65 18.36
CA PRO A 150 6.16 7.03 18.88
C PRO A 150 6.82 7.97 17.87
N PRO A 151 6.31 9.17 17.77
CA PRO A 151 6.85 10.18 16.80
C PRO A 151 8.23 10.67 17.21
N ILE A 177 -5.91 6.24 -11.99
CA ILE A 177 -6.98 6.58 -12.90
C ILE A 177 -6.63 6.18 -14.33
N GLN A 178 -5.42 5.64 -14.50
CA GLN A 178 -4.97 5.22 -15.82
C GLN A 178 -5.73 3.98 -16.27
N VAL A 179 -7.03 3.97 -16.00
CA VAL A 179 -7.88 2.85 -16.39
C VAL A 179 -9.06 3.33 -17.20
N THR A 180 -9.86 2.40 -17.68
CA THR A 180 -11.04 2.74 -18.46
C THR A 180 -12.15 1.75 -18.13
N PRO A 181 -13.28 1.89 -18.77
CA PRO A 181 -14.45 0.98 -18.53
C PRO A 181 -14.10 -0.47 -18.83
N GLN A 182 -13.00 -0.65 -19.54
CA GLN A 182 -12.54 -1.98 -19.91
C GLN A 182 -11.90 -2.68 -18.71
N GLU A 183 -10.91 -2.04 -18.10
CA GLU A 183 -10.24 -2.60 -16.94
C GLU A 183 -10.96 -2.17 -15.67
N LYS A 184 -11.73 -1.08 -15.79
CA LYS A 184 -12.47 -0.54 -14.67
C LYS A 184 -13.46 -1.57 -14.12
N GLU A 185 -14.19 -2.21 -15.02
CA GLU A 185 -15.17 -3.22 -14.62
C GLU A 185 -14.62 -4.06 -13.47
N ALA A 186 -13.31 -4.11 -13.34
CA ALA A 186 -12.67 -4.88 -12.28
C ALA A 186 -12.60 -4.06 -11.00
N ILE A 187 -12.35 -2.76 -11.13
CA ILE A 187 -12.26 -1.89 -9.98
C ILE A 187 -13.54 -1.92 -9.16
N GLU A 188 -14.65 -1.50 -9.77
CA GLU A 188 -15.93 -1.49 -9.08
C GLU A 188 -16.33 -2.90 -8.67
N ARG A 189 -15.74 -3.89 -9.34
CA ARG A 189 -16.05 -5.28 -9.02
C ARG A 189 -15.77 -5.56 -7.55
N LEU A 190 -14.73 -4.93 -7.01
CA LEU A 190 -14.39 -5.11 -5.60
C LEU A 190 -15.24 -4.19 -4.74
N LYS A 191 -15.77 -3.13 -5.36
CA LYS A 191 -16.61 -2.18 -4.65
C LYS A 191 -17.81 -2.89 -4.03
N ALA A 192 -18.59 -3.56 -4.89
CA ALA A 192 -19.77 -4.28 -4.43
C ALA A 192 -19.43 -5.18 -3.24
N LEU A 193 -18.13 -5.42 -3.04
CA LEU A 193 -17.68 -6.27 -1.94
C LEU A 193 -17.81 -5.54 -0.61
N GLY A 194 -18.20 -4.27 -0.67
CA GLY A 194 -18.36 -3.47 0.54
C GLY A 194 -17.23 -2.46 0.69
N PHE A 195 -16.86 -1.83 -0.42
CA PHE A 195 -15.78 -0.84 -0.41
C PHE A 195 -16.02 0.21 -1.49
N PRO A 196 -15.58 1.42 -1.26
CA PRO A 196 -15.74 2.54 -2.23
C PRO A 196 -14.96 2.30 -3.51
N GLU A 197 -15.40 2.94 -4.59
CA GLU A 197 -14.74 2.79 -5.88
C GLU A 197 -13.37 3.45 -5.85
N SER A 198 -13.24 4.49 -5.05
CA SER A 198 -11.97 5.21 -4.93
C SER A 198 -10.94 4.35 -4.22
N LEU A 199 -11.39 3.60 -3.21
CA LEU A 199 -10.50 2.73 -2.45
C LEU A 199 -10.13 1.49 -3.26
N VAL A 200 -10.96 1.16 -4.24
CA VAL A 200 -10.70 -0.01 -5.07
C VAL A 200 -9.71 0.33 -6.19
N ILE A 201 -10.11 1.25 -7.06
CA ILE A 201 -9.26 1.64 -8.17
C ILE A 201 -7.81 1.78 -7.71
N GLN A 202 -7.64 2.00 -6.41
CA GLN A 202 -6.30 2.15 -5.84
C GLN A 202 -5.69 0.78 -5.58
N ALA A 203 -6.47 -0.10 -4.97
CA ALA A 203 -5.99 -1.45 -4.66
C ALA A 203 -5.74 -2.23 -5.95
N TYR A 204 -6.63 -2.05 -6.93
CA TYR A 204 -6.49 -2.74 -8.21
C TYR A 204 -5.22 -2.31 -8.91
N PHE A 205 -4.87 -1.03 -8.75
CA PHE A 205 -3.66 -0.49 -9.38
C PHE A 205 -2.43 -0.86 -8.57
N ALA A 206 -2.61 -1.11 -7.28
CA ALA A 206 -1.50 -1.47 -6.41
C ALA A 206 -1.26 -2.97 -6.44
N CYS A 207 -2.34 -3.74 -6.56
CA CYS A 207 -2.23 -5.20 -6.60
C CYS A 207 -1.88 -5.66 -8.01
N GLU A 208 -1.32 -4.76 -8.81
CA GLU A 208 -0.94 -5.09 -10.18
C GLU A 208 -2.18 -5.39 -11.02
N LYS A 209 -3.18 -4.51 -10.95
CA LYS A 209 -4.40 -4.69 -11.71
C LYS A 209 -4.91 -6.12 -11.56
N ASN A 210 -4.39 -6.83 -10.57
CA ASN A 210 -4.80 -8.21 -10.33
C ASN A 210 -6.17 -8.26 -9.67
N GLU A 211 -7.22 -8.36 -10.47
CA GLU A 211 -8.57 -8.41 -9.96
C GLU A 211 -8.69 -9.44 -8.84
N ASN A 212 -7.83 -10.45 -8.90
CA ASN A 212 -7.84 -11.50 -7.88
C ASN A 212 -7.06 -11.05 -6.65
N LEU A 213 -5.83 -10.60 -6.87
CA LEU A 213 -4.98 -10.15 -5.77
C LEU A 213 -5.59 -8.93 -5.10
N ALA A 214 -6.38 -8.18 -5.86
CA ALA A 214 -7.01 -6.97 -5.33
C ALA A 214 -8.10 -7.35 -4.32
N ALA A 215 -8.86 -8.39 -4.64
CA ALA A 215 -9.93 -8.83 -3.76
C ALA A 215 -9.36 -9.39 -2.46
N ASN A 216 -8.38 -10.28 -2.58
CA ASN A 216 -7.75 -10.87 -1.41
C ASN A 216 -7.23 -9.80 -0.46
N PHE A 217 -6.42 -8.89 -1.00
CA PHE A 217 -5.87 -7.81 -0.19
C PHE A 217 -6.99 -7.00 0.45
N LEU A 218 -8.10 -6.87 -0.26
CA LEU A 218 -9.24 -6.11 0.25
C LEU A 218 -9.84 -6.80 1.45
N LEU A 219 -10.36 -8.01 1.25
CA LEU A 219 -10.97 -8.77 2.33
C LEU A 219 -9.90 -9.24 3.31
N SER A 220 -8.66 -9.29 2.85
CA SER A 220 -7.56 -9.72 3.70
C SER A 220 -6.69 -8.52 4.10
N GLN A 221 -7.18 -7.33 3.81
CA GLN A 221 -6.45 -6.12 4.14
C GLN A 221 -6.25 -6.00 5.65
N ASN A 222 -6.82 -6.95 6.39
CA ASN A 222 -6.71 -6.94 7.83
C ASN A 222 -7.65 -5.89 8.45
N PHE A 223 -8.52 -6.34 9.35
CA PHE A 223 -9.46 -5.44 10.00
C PHE A 223 -10.15 -6.14 11.16
ZN ZN B . -0.90 -4.33 10.40
N GLU A 13 23.53 -3.55 -11.69
CA GLU A 13 22.76 -2.62 -10.87
C GLU A 13 22.25 -3.30 -9.61
N PRO A 14 22.23 -2.60 -8.52
CA PRO A 14 21.75 -3.14 -7.22
C PRO A 14 20.37 -3.80 -7.34
N TYR A 15 19.48 -3.17 -8.10
CA TYR A 15 18.15 -3.70 -8.29
C TYR A 15 18.21 -5.20 -8.59
N ASN A 16 19.40 -5.70 -8.90
CA ASN A 16 19.56 -7.12 -9.21
C ASN A 16 19.72 -7.94 -7.94
N GLU A 17 20.89 -7.83 -7.30
CA GLU A 17 21.15 -8.54 -6.06
C GLU A 17 20.70 -7.71 -4.87
N TRP A 18 21.10 -6.45 -4.88
CA TRP A 18 20.77 -5.53 -3.81
C TRP A 18 19.27 -5.51 -3.54
N THR A 19 18.49 -5.38 -4.59
CA THR A 19 17.03 -5.34 -4.44
C THR A 19 16.55 -6.40 -3.46
N LEU A 20 17.20 -7.56 -3.47
CA LEU A 20 16.81 -8.64 -2.57
C LEU A 20 17.25 -8.31 -1.14
N GLU A 21 18.35 -7.57 -1.01
CA GLU A 21 18.87 -7.20 0.30
C GLU A 21 17.90 -6.26 1.01
N LEU A 22 17.42 -5.25 0.28
CA LEU A 22 16.49 -4.27 0.84
C LEU A 22 15.08 -4.84 0.85
N LEU A 23 14.84 -5.85 0.02
CA LEU A 23 13.52 -6.47 -0.05
C LEU A 23 13.26 -7.34 1.17
N GLU A 24 14.26 -8.14 1.54
CA GLU A 24 14.13 -9.02 2.70
C GLU A 24 13.50 -8.27 3.88
N GLU A 25 14.14 -7.18 4.29
CA GLU A 25 13.64 -6.38 5.40
C GLU A 25 12.43 -5.56 4.97
N LEU A 26 12.41 -5.18 3.69
CA LEU A 26 11.30 -4.39 3.16
C LEU A 26 9.96 -4.98 3.60
N LYS A 27 9.73 -6.23 3.24
CA LYS A 27 8.49 -6.91 3.60
C LYS A 27 8.50 -7.33 5.06
N SER A 28 9.71 -7.54 5.59
CA SER A 28 9.85 -7.95 6.99
C SER A 28 8.91 -7.16 7.88
N GLU A 29 8.54 -5.97 7.44
CA GLU A 29 7.64 -5.12 8.21
C GLU A 29 6.19 -5.45 7.88
N ALA A 30 5.86 -5.42 6.59
CA ALA A 30 4.49 -5.71 6.15
C ALA A 30 4.24 -7.21 6.20
N VAL A 31 5.07 -7.97 5.50
CA VAL A 31 4.92 -9.42 5.45
C VAL A 31 4.62 -9.99 6.84
N ARG A 32 4.97 -9.24 7.87
CA ARG A 32 4.72 -9.70 9.24
C ARG A 32 3.24 -9.60 9.59
N HIS A 33 2.62 -8.50 9.17
CA HIS A 33 1.20 -8.29 9.44
C HIS A 33 0.41 -8.22 8.14
N PHE A 34 1.08 -8.51 7.02
CA PHE A 34 0.42 -8.47 5.72
C PHE A 34 -0.21 -9.82 5.41
N PRO A 35 -1.45 -9.81 4.99
CA PRO A 35 -2.18 -11.06 4.65
C PRO A 35 -1.37 -11.96 3.72
N ARG A 36 -1.13 -13.20 4.16
CA ARG A 36 -0.37 -14.14 3.35
C ARG A 36 -1.08 -14.39 2.03
N ILE A 37 -2.36 -14.07 1.99
CA ILE A 37 -3.14 -14.26 0.78
C ILE A 37 -2.63 -13.36 -0.34
N TRP A 38 -2.64 -12.06 -0.09
CA TRP A 38 -2.17 -11.10 -1.09
C TRP A 38 -0.68 -11.31 -1.37
N LEU A 39 0.06 -11.69 -0.33
CA LEU A 39 1.49 -11.93 -0.47
C LEU A 39 1.75 -13.18 -1.30
N HIS A 40 0.87 -14.17 -1.15
CA HIS A 40 1.02 -15.42 -1.90
C HIS A 40 0.59 -15.24 -3.35
N ASN A 41 -0.56 -14.61 -3.55
CA ASN A 41 -1.07 -14.38 -4.90
C ASN A 41 -0.32 -13.23 -5.56
N LEU A 42 0.26 -12.36 -4.76
CA LEU A 42 1.01 -11.22 -5.29
C LEU A 42 2.20 -11.71 -6.11
N GLY A 43 3.05 -12.50 -5.47
CA GLY A 43 4.23 -13.03 -6.15
C GLY A 43 3.82 -14.04 -7.23
N GLN A 44 2.63 -14.59 -7.10
CA GLN A 44 2.13 -15.57 -8.06
C GLN A 44 1.63 -14.86 -9.31
N HIS A 45 0.67 -13.96 -9.15
CA HIS A 45 0.11 -13.23 -10.27
C HIS A 45 1.17 -12.32 -10.90
N ILE A 46 1.65 -11.35 -10.14
CA ILE A 46 2.66 -10.44 -10.64
C ILE A 46 3.80 -11.20 -11.29
N TYR A 47 3.92 -12.48 -10.96
CA TYR A 47 4.97 -13.31 -11.53
C TYR A 47 4.55 -13.85 -12.89
N GLU A 48 3.26 -14.15 -13.04
CA GLU A 48 2.74 -14.67 -14.30
C GLU A 48 2.47 -13.52 -15.28
N THR A 49 2.17 -12.35 -14.73
CA THR A 49 1.88 -11.18 -15.56
C THR A 49 3.17 -10.65 -16.19
N TYR A 50 4.27 -10.76 -15.44
CA TYR A 50 5.55 -10.27 -15.93
C TYR A 50 6.51 -11.45 -16.15
N GLY A 51 6.10 -12.63 -15.72
CA GLY A 51 6.93 -13.81 -15.86
C GLY A 51 8.05 -13.84 -14.83
N ASP A 52 9.28 -14.06 -15.30
CA ASP A 52 10.43 -14.10 -14.41
C ASP A 52 11.29 -12.85 -14.59
N THR A 53 10.98 -12.07 -15.61
CA THR A 53 11.73 -10.85 -15.88
C THR A 53 11.97 -10.06 -14.60
N TRP A 54 12.89 -9.11 -14.65
CA TRP A 54 13.20 -8.30 -13.48
C TRP A 54 12.16 -7.19 -13.31
N ALA A 55 11.54 -6.80 -14.42
CA ALA A 55 10.52 -5.74 -14.38
C ALA A 55 9.38 -6.13 -13.45
N GLY A 56 9.19 -7.43 -13.27
CA GLY A 56 8.13 -7.93 -12.41
C GLY A 56 8.56 -7.93 -10.94
N VAL A 57 9.86 -8.02 -10.73
CA VAL A 57 10.40 -8.04 -9.37
C VAL A 57 10.46 -6.62 -8.79
N GLU A 58 10.81 -5.66 -9.65
CA GLU A 58 10.90 -4.27 -9.22
C GLU A 58 9.52 -3.68 -9.03
N ALA A 59 8.50 -4.40 -9.50
CA ALA A 59 7.12 -3.92 -9.38
C ALA A 59 6.54 -4.30 -8.02
N ILE A 60 6.63 -5.58 -7.68
CA ILE A 60 6.11 -6.06 -6.41
C ILE A 60 6.80 -5.36 -5.24
N ILE A 61 8.08 -5.03 -5.43
CA ILE A 61 8.85 -4.36 -4.39
C ILE A 61 8.14 -3.08 -3.95
N ARG A 62 7.93 -2.17 -4.88
CA ARG A 62 7.26 -0.91 -4.57
C ARG A 62 5.75 -1.11 -4.45
N ILE A 63 5.22 -2.01 -5.27
CA ILE A 63 3.78 -2.28 -5.25
C ILE A 63 3.34 -2.74 -3.86
N LEU A 64 3.98 -3.79 -3.37
CA LEU A 64 3.65 -4.32 -2.04
C LEU A 64 3.62 -3.19 -1.01
N GLN A 65 4.54 -2.25 -1.15
CA GLN A 65 4.61 -1.12 -0.22
C GLN A 65 3.34 -0.27 -0.30
N GLN A 66 3.06 0.24 -1.50
CA GLN A 66 1.88 1.07 -1.71
C GLN A 66 0.66 0.43 -1.04
N LEU A 67 0.69 -0.88 -0.90
CA LEU A 67 -0.42 -1.60 -0.28
C LEU A 67 -0.47 -1.32 1.23
N LEU A 68 0.70 -1.16 1.83
CA LEU A 68 0.78 -0.89 3.26
C LEU A 68 -0.05 0.35 3.61
N PHE A 69 -0.19 1.26 2.66
CA PHE A 69 -0.97 2.47 2.88
C PHE A 69 -2.45 2.14 2.98
N ILE A 70 -3.00 1.59 1.90
CA ILE A 70 -4.41 1.23 1.88
C ILE A 70 -4.79 0.43 3.11
N HIS A 71 -3.82 -0.34 3.62
CA HIS A 71 -4.06 -1.16 4.81
C HIS A 71 -4.06 -0.29 6.07
N PHE A 72 -3.41 0.85 5.98
CA PHE A 72 -3.34 1.77 7.11
C PHE A 72 -4.72 2.32 7.44
N ARG A 73 -5.31 3.02 6.47
CA ARG A 73 -6.64 3.60 6.66
C ARG A 73 -7.60 2.57 7.24
N ILE A 74 -7.77 1.46 6.53
CA ILE A 74 -8.67 0.40 6.99
C ILE A 74 -8.48 0.17 8.49
N GLY A 75 -7.22 0.10 8.92
CA GLY A 75 -6.92 -0.13 10.33
C GLY A 75 -6.16 -1.43 10.51
N CYS A 76 -4.94 -1.32 11.03
CA CYS A 76 -4.11 -2.50 11.25
C CYS A 76 -4.66 -3.34 12.40
N ARG A 77 -5.36 -4.40 12.06
CA ARG A 77 -5.92 -5.29 13.07
C ARG A 77 -4.85 -6.25 13.56
N HIS A 78 -3.63 -6.02 13.12
CA HIS A 78 -2.51 -6.87 13.51
C HIS A 78 -1.80 -6.29 14.73
N SER A 79 -1.20 -7.16 15.53
CA SER A 79 -0.50 -6.74 16.73
C SER A 79 0.98 -6.52 16.44
N ASN A 93 15.24 8.40 3.41
CA ASN A 93 13.81 8.70 3.45
C ASN A 93 13.58 10.19 3.31
N PRO A 94 13.10 10.62 2.17
CA PRO A 94 12.82 12.06 1.89
C PRO A 94 11.60 12.56 2.65
N LEU A 95 11.01 11.69 3.46
CA LEU A 95 9.83 12.06 4.23
C LEU A 95 10.16 12.07 5.73
N GLU A 96 11.44 11.95 6.05
CA GLU A 96 11.88 11.96 7.44
C GLU A 96 11.45 13.25 8.12
N PHE A 97 11.72 14.37 7.48
CA PHE A 97 11.36 15.68 8.03
C PHE A 97 9.88 15.71 8.40
N LEU A 98 9.14 14.69 7.97
CA LEU A 98 7.72 14.61 8.25
C LEU A 98 7.46 14.83 9.74
N ARG A 99 8.33 14.29 10.58
CA ARG A 99 8.18 14.44 12.03
C ARG A 99 8.10 15.91 12.40
N ASP A 100 8.51 16.78 11.48
CA ASP A 100 8.48 18.21 11.74
C ASP A 100 7.22 18.84 11.14
N GLN A 101 6.28 18.00 10.74
CA GLN A 101 5.03 18.48 10.16
C GLN A 101 3.86 18.17 11.08
N PRO A 102 2.85 19.01 11.07
CA PRO A 102 1.64 18.84 11.92
C PRO A 102 0.79 17.66 11.46
N GLN A 103 0.51 17.61 10.15
CA GLN A 103 -0.30 16.53 9.60
C GLN A 103 0.18 15.18 10.12
N PHE A 104 1.50 15.04 10.25
CA PHE A 104 2.07 13.79 10.74
C PHE A 104 1.77 13.61 12.23
N GLN A 105 2.30 14.51 13.04
CA GLN A 105 2.08 14.44 14.49
C GLN A 105 0.59 14.39 14.79
N ASN A 106 -0.22 14.93 13.87
CA ASN A 106 -1.66 14.93 14.05
C ASN A 106 -2.26 13.62 13.56
N MET A 107 -2.10 13.34 12.27
CA MET A 107 -2.63 12.11 11.69
C MET A 107 -2.06 10.90 12.41
N ARG A 108 -0.88 11.05 13.00
CA ARG A 108 -0.25 9.96 13.72
C ARG A 108 -1.11 9.54 14.90
N GLN A 109 -1.35 10.46 15.82
CA GLN A 109 -2.17 10.18 16.99
C GLN A 109 -3.61 9.87 16.56
N VAL A 110 -3.97 10.32 15.37
CA VAL A 110 -5.31 10.08 14.86
C VAL A 110 -5.33 8.78 14.04
N ILE A 111 -4.17 8.39 13.53
CA ILE A 111 -4.07 7.17 12.73
C ILE A 111 -3.84 5.97 13.64
N GLN A 112 -2.84 6.06 14.51
CA GLN A 112 -2.53 4.97 15.42
C GLN A 112 -3.70 4.74 16.39
N GLN A 113 -4.25 5.84 16.91
CA GLN A 113 -5.38 5.75 17.82
C GLN A 113 -6.58 5.12 17.12
N ASN A 114 -6.77 5.48 15.86
CA ASN A 114 -7.88 4.95 15.08
C ASN A 114 -7.67 5.21 13.59
N PRO A 115 -7.01 4.30 12.92
CA PRO A 115 -6.73 4.42 11.46
C PRO A 115 -8.00 4.76 10.68
N ALA A 116 -9.14 4.68 11.36
CA ALA A 116 -10.42 4.98 10.73
C ALA A 116 -10.46 6.45 10.29
N LEU A 117 -9.67 7.28 10.96
CA LEU A 117 -9.63 8.70 10.65
C LEU A 117 -8.66 8.98 9.50
N LEU A 118 -8.01 7.91 9.02
CA LEU A 118 -7.04 8.05 7.93
C LEU A 118 -7.76 8.43 6.63
N PRO A 119 -8.71 7.63 6.22
CA PRO A 119 -9.48 7.87 4.98
C PRO A 119 -9.74 9.35 4.73
N ALA A 120 -10.01 10.08 5.81
CA ALA A 120 -10.28 11.51 5.72
C ALA A 120 -8.99 12.30 5.74
N LEU A 121 -8.07 11.90 6.62
CA LEU A 121 -6.78 12.59 6.73
C LEU A 121 -5.94 12.36 5.48
N LEU A 122 -5.62 11.11 5.20
CA LEU A 122 -4.81 10.78 4.04
C LEU A 122 -5.26 11.59 2.83
N GLN A 123 -6.53 11.99 2.83
CA GLN A 123 -7.07 12.77 1.72
C GLN A 123 -6.62 14.23 1.83
N GLN A 124 -6.52 14.71 3.07
CA GLN A 124 -6.10 16.10 3.31
C GLN A 124 -4.58 16.21 3.26
N LEU A 125 -3.89 15.09 3.47
CA LEU A 125 -2.44 15.09 3.45
C LEU A 125 -1.92 15.50 2.08
N GLY A 126 -2.26 14.71 1.06
CA GLY A 126 -1.83 15.01 -0.30
C GLY A 126 -2.39 16.34 -0.77
N GLN A 127 -3.38 16.85 -0.05
CA GLN A 127 -4.00 18.11 -0.41
C GLN A 127 -3.11 19.29 0.02
N GLU A 128 -2.41 19.11 1.13
CA GLU A 128 -1.52 20.15 1.63
C GLU A 128 -0.12 20.00 1.06
N ASN A 129 0.43 18.79 1.17
CA ASN A 129 1.77 18.53 0.65
C ASN A 129 1.75 17.34 -0.31
N PRO A 130 1.28 17.56 -1.52
CA PRO A 130 1.21 16.49 -2.56
C PRO A 130 2.50 15.69 -2.65
N GLN A 131 3.63 16.40 -2.69
CA GLN A 131 4.93 15.73 -2.79
C GLN A 131 5.10 14.73 -1.65
N LEU A 132 4.84 15.17 -0.42
CA LEU A 132 4.98 14.30 0.73
C LEU A 132 4.14 13.03 0.55
N LEU A 133 2.94 13.20 0.01
CA LEU A 133 2.05 12.07 -0.21
C LEU A 133 2.72 11.04 -1.12
N GLN A 134 3.39 11.51 -2.16
CA GLN A 134 4.07 10.62 -3.08
C GLN A 134 5.19 9.86 -2.39
N GLN A 135 5.74 10.48 -1.34
CA GLN A 135 6.83 9.85 -0.59
C GLN A 135 6.27 8.91 0.47
N ILE A 136 5.38 9.43 1.31
CA ILE A 136 4.77 8.63 2.36
C ILE A 136 4.33 7.28 1.82
N SER A 137 3.89 7.26 0.57
CA SER A 137 3.45 6.02 -0.06
C SER A 137 4.63 5.20 -0.54
N ARG A 138 5.63 5.88 -1.10
CA ARG A 138 6.83 5.21 -1.60
C ARG A 138 7.70 4.75 -0.43
N HIS A 139 7.43 5.29 0.75
CA HIS A 139 8.19 4.92 1.94
C HIS A 139 7.27 4.47 3.06
N GLN A 140 6.44 3.47 2.76
CA GLN A 140 5.50 2.95 3.77
C GLN A 140 6.26 2.54 5.03
N GLU A 141 7.11 1.54 4.90
CA GLU A 141 7.88 1.06 6.04
C GLU A 141 8.39 2.23 6.87
N GLN A 142 9.26 3.04 6.27
CA GLN A 142 9.81 4.20 6.97
C GLN A 142 8.68 5.08 7.47
N PHE A 143 7.53 5.01 6.81
CA PHE A 143 6.37 5.80 7.20
C PHE A 143 5.60 5.11 8.31
N ILE A 144 5.70 3.78 8.36
CA ILE A 144 5.00 3.01 9.37
C ILE A 144 5.82 2.96 10.66
N GLN A 145 7.09 2.58 10.53
CA GLN A 145 7.96 2.51 11.70
C GLN A 145 7.80 3.75 12.57
N MET A 146 7.52 4.87 11.92
CA MET A 146 7.34 6.13 12.63
C MET A 146 5.89 6.26 13.10
N LEU A 147 4.96 5.87 12.24
CA LEU A 147 3.54 5.93 12.58
C LEU A 147 3.14 4.76 13.47
N ASN A 148 4.06 3.82 13.65
CA ASN A 148 3.80 2.65 14.48
C ASN A 148 4.42 2.84 15.87
N GLU A 149 5.24 3.87 16.00
CA GLU A 149 5.89 4.16 17.28
C GLU A 149 6.00 5.67 17.48
N PRO A 150 6.56 6.09 18.58
CA PRO A 150 6.73 7.53 18.90
C PRO A 150 7.35 8.31 17.74
N PRO A 151 6.84 9.48 17.47
CA PRO A 151 7.36 10.33 16.36
C PRO A 151 8.75 10.87 16.64
N ILE A 177 -6.31 6.96 -11.05
CA ILE A 177 -7.28 6.14 -11.75
C ILE A 177 -6.64 5.45 -12.95
N GLN A 178 -6.84 6.00 -14.13
CA GLN A 178 -6.28 5.43 -15.36
C GLN A 178 -7.02 4.15 -15.73
N VAL A 179 -8.34 4.15 -15.55
CA VAL A 179 -9.15 2.99 -15.88
C VAL A 179 -9.90 3.22 -17.19
N THR A 180 -10.65 2.21 -17.60
CA THR A 180 -11.42 2.30 -18.84
C THR A 180 -12.74 1.56 -18.69
N PRO A 181 -13.57 1.60 -19.70
CA PRO A 181 -14.87 0.90 -19.66
C PRO A 181 -14.67 -0.60 -19.60
N GLN A 182 -13.45 -1.01 -19.90
CA GLN A 182 -13.08 -2.42 -19.89
C GLN A 182 -12.65 -2.85 -18.48
N GLU A 183 -11.85 -2.02 -17.83
CA GLU A 183 -11.38 -2.33 -16.47
C GLU A 183 -12.43 -1.90 -15.44
N LYS A 184 -13.02 -0.73 -15.67
CA LYS A 184 -14.02 -0.20 -14.76
C LYS A 184 -14.93 -1.31 -14.27
N GLU A 185 -15.68 -1.90 -15.21
CA GLU A 185 -16.60 -2.97 -14.87
C GLU A 185 -16.01 -3.87 -13.79
N ALA A 186 -14.72 -4.16 -13.91
CA ALA A 186 -14.04 -5.01 -12.94
C ALA A 186 -13.66 -4.19 -11.71
N ILE A 187 -13.19 -2.97 -11.94
CA ILE A 187 -12.79 -2.10 -10.84
C ILE A 187 -13.90 -2.02 -9.79
N GLU A 188 -15.06 -1.51 -10.21
CA GLU A 188 -16.19 -1.39 -9.30
C GLU A 188 -16.64 -2.78 -8.84
N ARG A 189 -16.46 -3.77 -9.73
CA ARG A 189 -16.84 -5.13 -9.40
C ARG A 189 -16.35 -5.49 -8.01
N LEU A 190 -15.03 -5.47 -7.83
CA LEU A 190 -14.45 -5.79 -6.54
C LEU A 190 -15.16 -4.99 -5.45
N LYS A 191 -15.71 -3.84 -5.86
CA LYS A 191 -16.43 -2.98 -4.93
C LYS A 191 -17.79 -3.58 -4.59
N ALA A 192 -18.36 -4.33 -5.54
CA ALA A 192 -19.65 -4.96 -5.31
C ALA A 192 -19.54 -6.03 -4.24
N LEU A 193 -18.31 -6.43 -3.93
CA LEU A 193 -18.07 -7.45 -2.92
C LEU A 193 -18.27 -6.88 -1.53
N GLY A 194 -18.70 -5.62 -1.47
CA GLY A 194 -18.93 -4.97 -0.18
C GLY A 194 -17.84 -3.94 0.12
N PHE A 195 -17.15 -3.51 -0.93
CA PHE A 195 -16.08 -2.53 -0.78
C PHE A 195 -16.33 -1.32 -1.68
N PRO A 196 -15.88 -0.16 -1.26
CA PRO A 196 -16.06 1.09 -2.05
C PRO A 196 -15.33 1.04 -3.39
N GLU A 197 -15.92 1.69 -4.38
CA GLU A 197 -15.32 1.72 -5.72
C GLU A 197 -14.06 2.57 -5.72
N SER A 198 -14.07 3.65 -4.96
CA SER A 198 -12.91 4.54 -4.89
C SER A 198 -11.71 3.82 -4.27
N LEU A 199 -11.97 2.98 -3.27
CA LEU A 199 -10.90 2.26 -2.60
C LEU A 199 -10.42 1.09 -3.47
N VAL A 200 -11.26 0.67 -4.41
CA VAL A 200 -10.90 -0.43 -5.29
C VAL A 200 -9.87 0.02 -6.32
N ILE A 201 -10.17 1.10 -7.03
CA ILE A 201 -9.25 1.61 -8.04
C ILE A 201 -7.81 1.55 -7.54
N GLN A 202 -7.62 1.84 -6.26
CA GLN A 202 -6.28 1.82 -5.67
C GLN A 202 -5.75 0.38 -5.60
N ALA A 203 -6.51 -0.48 -4.93
CA ALA A 203 -6.11 -1.88 -4.79
C ALA A 203 -5.91 -2.53 -6.15
N TYR A 204 -6.54 -1.95 -7.19
CA TYR A 204 -6.42 -2.48 -8.53
C TYR A 204 -5.11 -2.04 -9.18
N PHE A 205 -4.81 -0.74 -9.08
CA PHE A 205 -3.59 -0.20 -9.66
C PHE A 205 -2.40 -0.48 -8.76
N ALA A 206 -2.66 -0.78 -7.49
CA ALA A 206 -1.60 -1.06 -6.54
C ALA A 206 -1.22 -2.53 -6.59
N CYS A 207 -2.08 -3.34 -7.20
CA CYS A 207 -1.83 -4.78 -7.31
C CYS A 207 -1.47 -5.15 -8.74
N GLU A 208 -1.23 -4.14 -9.57
CA GLU A 208 -0.87 -4.38 -10.97
C GLU A 208 -2.09 -4.79 -11.78
N LYS A 209 -3.08 -3.89 -11.82
CA LYS A 209 -4.31 -4.17 -12.57
C LYS A 209 -4.83 -5.57 -12.28
N ASN A 210 -4.30 -6.20 -11.23
CA ASN A 210 -4.71 -7.54 -10.86
C ASN A 210 -6.05 -7.50 -10.13
N GLU A 211 -7.07 -8.12 -10.73
CA GLU A 211 -8.39 -8.15 -10.12
C GLU A 211 -8.42 -9.16 -8.97
N ASN A 212 -7.85 -10.33 -9.20
CA ASN A 212 -7.81 -11.36 -8.16
C ASN A 212 -7.07 -10.86 -6.94
N LEU A 213 -5.85 -10.36 -7.15
CA LEU A 213 -5.04 -9.85 -6.04
C LEU A 213 -5.80 -8.77 -5.29
N ALA A 214 -6.27 -7.76 -6.01
CA ALA A 214 -7.02 -6.67 -5.40
C ALA A 214 -8.07 -7.21 -4.44
N ALA A 215 -8.89 -8.13 -4.93
CA ALA A 215 -9.93 -8.73 -4.11
C ALA A 215 -9.31 -9.47 -2.93
N ASN A 216 -8.12 -10.03 -3.14
CA ASN A 216 -7.43 -10.76 -2.08
C ASN A 216 -7.03 -9.81 -0.96
N PHE A 217 -6.25 -8.79 -1.31
CA PHE A 217 -5.80 -7.81 -0.32
C PHE A 217 -6.98 -7.05 0.26
N LEU A 218 -7.98 -6.78 -0.59
CA LEU A 218 -9.16 -6.06 -0.14
C LEU A 218 -9.95 -6.90 0.86
N LEU A 219 -10.09 -8.19 0.57
CA LEU A 219 -10.81 -9.09 1.45
C LEU A 219 -9.92 -9.58 2.58
N SER A 220 -8.60 -9.44 2.38
CA SER A 220 -7.64 -9.87 3.39
C SER A 220 -7.14 -8.68 4.20
N GLN A 221 -7.79 -7.54 4.02
CA GLN A 221 -7.40 -6.31 4.73
C GLN A 221 -7.72 -6.40 6.22
N ASN A 222 -7.31 -7.50 6.84
CA ASN A 222 -7.54 -7.70 8.28
C ASN A 222 -9.02 -7.59 8.64
N PHE A 223 -9.49 -6.35 8.80
CA PHE A 223 -10.89 -6.10 9.17
C PHE A 223 -11.62 -7.40 9.51
ZN ZN B . -1.49 -4.67 9.79
N GLU A 13 23.47 -0.96 -12.42
CA GLU A 13 22.66 -2.18 -12.46
C GLU A 13 22.33 -2.64 -11.05
N PRO A 14 21.80 -1.75 -10.24
CA PRO A 14 21.43 -2.07 -8.83
C PRO A 14 20.17 -2.93 -8.76
N TYR A 15 19.12 -2.50 -9.45
CA TYR A 15 17.85 -3.24 -9.46
C TYR A 15 18.10 -4.74 -9.51
N ASN A 16 19.31 -5.13 -9.92
CA ASN A 16 19.64 -6.54 -10.01
C ASN A 16 19.83 -7.13 -8.62
N GLU A 17 20.95 -6.79 -7.98
CA GLU A 17 21.24 -7.30 -6.63
C GLU A 17 20.65 -6.36 -5.58
N TRP A 18 20.69 -5.07 -5.88
CA TRP A 18 20.18 -4.06 -4.96
C TRP A 18 18.71 -4.29 -4.61
N THR A 19 17.87 -4.39 -5.64
CA THR A 19 16.45 -4.59 -5.41
C THR A 19 16.20 -5.63 -4.32
N LEU A 20 17.18 -6.50 -4.12
CA LEU A 20 17.04 -7.54 -3.09
C LEU A 20 17.42 -6.98 -1.72
N GLU A 21 18.47 -6.17 -1.68
CA GLU A 21 18.93 -5.58 -0.43
C GLU A 21 17.77 -4.90 0.29
N LEU A 22 17.02 -4.06 -0.45
CA LEU A 22 15.90 -3.36 0.13
C LEU A 22 14.67 -4.27 0.22
N LEU A 23 14.43 -5.01 -0.86
CA LEU A 23 13.29 -5.93 -0.89
C LEU A 23 13.23 -6.76 0.39
N GLU A 24 14.27 -7.55 0.63
CA GLU A 24 14.32 -8.39 1.82
C GLU A 24 13.69 -7.66 3.00
N GLU A 25 13.91 -6.35 3.07
CA GLU A 25 13.36 -5.55 4.16
C GLU A 25 11.90 -5.21 3.90
N LEU A 26 11.61 -4.80 2.66
CA LEU A 26 10.25 -4.45 2.29
C LEU A 26 9.28 -5.57 2.67
N LYS A 27 9.72 -6.81 2.47
CA LYS A 27 8.88 -7.96 2.78
C LYS A 27 8.76 -8.14 4.29
N SER A 28 9.88 -8.01 4.99
CA SER A 28 9.89 -8.16 6.44
C SER A 28 8.72 -7.39 7.06
N GLU A 29 8.50 -6.18 6.56
CA GLU A 29 7.41 -5.35 7.07
C GLU A 29 6.10 -5.68 6.37
N ALA A 30 6.16 -5.76 5.04
CA ALA A 30 4.96 -6.08 4.26
C ALA A 30 4.40 -7.43 4.66
N VAL A 31 5.21 -8.48 4.51
CA VAL A 31 4.77 -9.82 4.87
C VAL A 31 4.21 -9.85 6.28
N ARG A 32 4.65 -8.90 7.11
CA ARG A 32 4.19 -8.81 8.49
C ARG A 32 2.84 -8.11 8.56
N HIS A 33 2.55 -7.30 7.54
CA HIS A 33 1.29 -6.57 7.50
C HIS A 33 0.45 -7.02 6.32
N PHE A 34 0.97 -7.96 5.54
CA PHE A 34 0.26 -8.48 4.38
C PHE A 34 -0.36 -9.84 4.69
N PRO A 35 -1.61 -10.01 4.36
CA PRO A 35 -2.34 -11.28 4.61
C PRO A 35 -1.65 -12.48 3.94
N ARG A 36 -1.41 -13.52 4.71
CA ARG A 36 -0.75 -14.72 4.19
C ARG A 36 -1.33 -15.09 2.83
N ILE A 37 -2.66 -15.08 2.73
CA ILE A 37 -3.33 -15.42 1.48
C ILE A 37 -2.84 -14.52 0.35
N TRP A 38 -3.04 -13.22 0.50
CA TRP A 38 -2.62 -12.27 -0.51
C TRP A 38 -1.13 -12.39 -0.78
N LEU A 39 -0.32 -12.22 0.27
CA LEU A 39 1.13 -12.34 0.13
C LEU A 39 1.49 -13.61 -0.62
N HIS A 40 0.64 -14.62 -0.52
CA HIS A 40 0.87 -15.89 -1.19
C HIS A 40 0.53 -15.78 -2.68
N ASN A 41 -0.64 -15.21 -2.96
CA ASN A 41 -1.08 -15.05 -4.34
C ASN A 41 -0.25 -13.97 -5.04
N LEU A 42 0.37 -13.10 -4.26
CA LEU A 42 1.19 -12.04 -4.82
C LEU A 42 2.29 -12.61 -5.71
N GLY A 43 3.02 -13.57 -5.19
CA GLY A 43 4.10 -14.19 -5.95
C GLY A 43 3.55 -15.21 -6.95
N GLN A 44 2.34 -15.69 -6.68
CA GLN A 44 1.71 -16.67 -7.57
C GLN A 44 1.11 -15.98 -8.78
N HIS A 45 0.58 -14.78 -8.57
CA HIS A 45 -0.02 -14.02 -9.66
C HIS A 45 1.04 -13.25 -10.45
N ILE A 46 1.66 -12.28 -9.79
CA ILE A 46 2.70 -11.48 -10.44
C ILE A 46 3.70 -12.37 -11.15
N TYR A 47 3.88 -13.59 -10.65
CA TYR A 47 4.81 -14.52 -11.26
C TYR A 47 4.23 -15.11 -12.54
N GLU A 48 2.98 -15.54 -12.48
CA GLU A 48 2.32 -16.12 -13.64
C GLU A 48 2.17 -15.07 -14.75
N THR A 49 2.15 -13.79 -14.36
CA THR A 49 2.00 -12.72 -15.33
C THR A 49 3.36 -12.30 -15.87
N TYR A 50 4.27 -11.93 -14.98
CA TYR A 50 5.60 -11.49 -15.40
C TYR A 50 6.60 -12.65 -15.30
N GLY A 51 6.09 -13.87 -15.14
CA GLY A 51 6.94 -15.03 -15.05
C GLY A 51 7.97 -14.87 -13.93
N ASP A 52 9.22 -15.19 -14.23
CA ASP A 52 10.28 -15.07 -13.24
C ASP A 52 11.28 -13.99 -13.65
N THR A 53 10.99 -13.32 -14.76
CA THR A 53 11.87 -12.26 -15.24
C THR A 53 12.15 -11.24 -14.14
N TRP A 54 13.07 -10.32 -14.41
CA TRP A 54 13.40 -9.29 -13.43
C TRP A 54 12.29 -8.25 -13.33
N ALA A 55 11.53 -8.10 -14.41
CA ALA A 55 10.44 -7.14 -14.43
C ALA A 55 9.45 -7.43 -13.30
N GLY A 56 9.19 -8.71 -13.06
CA GLY A 56 8.27 -9.12 -12.00
C GLY A 56 8.76 -8.65 -10.63
N VAL A 57 9.97 -9.07 -10.28
CA VAL A 57 10.55 -8.69 -8.99
C VAL A 57 10.70 -7.18 -8.90
N GLU A 58 10.78 -6.52 -10.05
CA GLU A 58 10.93 -5.07 -10.09
C GLU A 58 9.60 -4.39 -9.77
N ALA A 59 8.52 -4.90 -10.33
CA ALA A 59 7.20 -4.34 -10.10
C ALA A 59 6.63 -4.84 -8.77
N ILE A 60 7.14 -5.98 -8.31
CA ILE A 60 6.68 -6.56 -7.07
C ILE A 60 7.06 -5.67 -5.88
N ILE A 61 8.23 -5.04 -5.97
CA ILE A 61 8.70 -4.17 -4.91
C ILE A 61 7.80 -2.95 -4.77
N ARG A 62 7.75 -2.14 -5.83
CA ARG A 62 6.91 -0.94 -5.82
C ARG A 62 5.51 -1.27 -5.37
N ILE A 63 5.12 -2.54 -5.52
CA ILE A 63 3.79 -2.98 -5.13
C ILE A 63 3.75 -3.30 -3.63
N LEU A 64 4.71 -4.11 -3.19
CA LEU A 64 4.79 -4.50 -1.79
C LEU A 64 4.66 -3.28 -0.88
N GLN A 65 5.17 -2.15 -1.35
CA GLN A 65 5.11 -0.91 -0.58
C GLN A 65 3.77 -0.22 -0.78
N GLN A 66 3.41 0.00 -2.04
CA GLN A 66 2.14 0.65 -2.37
C GLN A 66 1.00 0.03 -1.55
N LEU A 67 1.17 -1.22 -1.16
CA LEU A 67 0.15 -1.91 -0.38
C LEU A 67 0.15 -1.40 1.06
N LEU A 68 1.33 -1.19 1.62
CA LEU A 68 1.45 -0.71 2.99
C LEU A 68 0.49 0.46 3.22
N PHE A 69 0.37 1.32 2.23
CA PHE A 69 -0.50 2.48 2.33
C PHE A 69 -1.93 2.03 2.68
N ILE A 70 -2.55 1.30 1.77
CA ILE A 70 -3.90 0.81 1.99
C ILE A 70 -4.00 0.13 3.35
N HIS A 71 -2.95 -0.57 3.74
CA HIS A 71 -2.92 -1.26 5.01
C HIS A 71 -3.19 -0.28 6.16
N PHE A 72 -2.91 1.00 5.90
CA PHE A 72 -3.12 2.03 6.90
C PHE A 72 -4.59 2.47 6.91
N ARG A 73 -5.07 2.92 5.76
CA ARG A 73 -6.45 3.37 5.65
C ARG A 73 -7.39 2.41 6.34
N ILE A 74 -7.41 1.16 5.87
CA ILE A 74 -8.28 0.15 6.46
C ILE A 74 -7.97 0.00 7.94
N GLY A 75 -6.68 -0.02 8.28
CA GLY A 75 -6.28 -0.15 9.68
C GLY A 75 -5.46 -1.42 9.89
N CYS A 76 -4.37 -1.29 10.64
CA CYS A 76 -3.51 -2.43 10.93
C CYS A 76 -4.11 -3.29 12.03
N ARG A 77 -4.53 -4.50 11.67
CA ARG A 77 -5.12 -5.42 12.64
C ARG A 77 -4.03 -6.09 13.47
N HIS A 78 -2.79 -5.98 13.02
CA HIS A 78 -1.67 -6.58 13.73
C HIS A 78 -1.34 -5.77 14.99
N SER A 79 -0.76 -6.44 15.97
CA SER A 79 -0.39 -5.77 17.22
C SER A 79 -1.55 -4.93 17.73
N ASN A 93 16.03 12.01 5.23
CA ASN A 93 14.79 11.53 4.63
C ASN A 93 13.86 12.70 4.31
N PRO A 94 13.38 12.77 3.10
CA PRO A 94 12.46 13.87 2.67
C PRO A 94 11.09 13.72 3.33
N LEU A 95 10.97 12.72 4.20
CA LEU A 95 9.72 12.48 4.89
C LEU A 95 9.90 12.66 6.40
N GLU A 96 11.15 12.53 6.85
CA GLU A 96 11.46 12.69 8.26
C GLU A 96 10.87 14.00 8.79
N PHE A 97 11.22 15.10 8.13
CA PHE A 97 10.73 16.41 8.55
C PHE A 97 9.22 16.39 8.72
N LEU A 98 8.59 15.33 8.22
CA LEU A 98 7.14 15.19 8.32
C LEU A 98 6.67 15.48 9.75
N ARG A 99 7.34 14.87 10.72
CA ARG A 99 6.99 15.07 12.12
C ARG A 99 6.67 16.54 12.39
N ASP A 100 7.30 17.42 11.61
CA ASP A 100 7.09 18.85 11.79
C ASP A 100 5.74 19.28 11.20
N GLN A 101 4.90 18.30 10.90
CA GLN A 101 3.58 18.59 10.32
C GLN A 101 2.49 18.02 11.22
N PRO A 102 1.36 18.68 11.26
CA PRO A 102 0.20 18.24 12.09
C PRO A 102 -0.45 16.98 11.52
N GLN A 103 -0.48 16.89 10.19
CA GLN A 103 -1.07 15.74 9.53
C GLN A 103 -0.46 14.44 10.05
N PHE A 104 0.85 14.46 10.26
CA PHE A 104 1.54 13.27 10.76
C PHE A 104 1.16 13.01 12.22
N GLN A 105 1.50 13.94 13.09
CA GLN A 105 1.20 13.79 14.51
C GLN A 105 -0.31 13.63 14.71
N ASN A 106 -1.08 14.18 13.79
CA ASN A 106 -2.54 14.08 13.88
C ASN A 106 -3.03 12.77 13.27
N MET A 107 -2.79 12.61 11.97
CA MET A 107 -3.21 11.40 11.28
C MET A 107 -2.60 10.17 11.94
N ARG A 108 -1.44 10.35 12.56
CA ARG A 108 -0.76 9.25 13.23
C ARG A 108 -1.35 9.02 14.62
N GLN A 109 -1.90 10.08 15.20
CA GLN A 109 -2.50 9.97 16.53
C GLN A 109 -3.88 9.32 16.45
N VAL A 110 -4.56 9.53 15.33
CA VAL A 110 -5.89 8.96 15.14
C VAL A 110 -5.80 7.62 14.43
N ILE A 111 -5.19 7.63 13.24
CA ILE A 111 -5.06 6.40 12.45
C ILE A 111 -4.60 5.22 13.32
N GLN A 112 -3.50 5.42 14.04
CA GLN A 112 -2.97 4.36 14.89
C GLN A 112 -4.04 3.87 15.86
N GLN A 113 -5.06 4.69 16.07
CA GLN A 113 -6.15 4.33 16.97
C GLN A 113 -7.34 3.80 16.18
N ASN A 114 -7.82 4.61 15.25
CA ASN A 114 -8.95 4.22 14.41
C ASN A 114 -8.68 4.56 12.95
N PRO A 115 -7.88 3.75 12.30
CA PRO A 115 -7.54 3.96 10.86
C PRO A 115 -8.78 4.16 10.00
N ALA A 116 -9.95 3.96 10.61
CA ALA A 116 -11.22 4.11 9.91
C ALA A 116 -11.38 5.53 9.36
N LEU A 117 -10.93 6.51 10.15
CA LEU A 117 -11.05 7.90 9.73
C LEU A 117 -9.83 8.31 8.91
N LEU A 118 -8.94 7.36 8.65
CA LEU A 118 -7.73 7.64 7.87
C LEU A 118 -8.10 8.10 6.46
N PRO A 119 -9.01 7.40 5.82
CA PRO A 119 -9.44 7.76 4.43
C PRO A 119 -9.63 9.25 4.25
N ALA A 120 -9.93 9.96 5.34
CA ALA A 120 -10.13 11.39 5.28
C ALA A 120 -8.80 12.12 5.43
N LEU A 121 -7.96 11.62 6.33
CA LEU A 121 -6.64 12.23 6.56
C LEU A 121 -5.78 12.14 5.31
N LEU A 122 -5.47 10.91 4.89
CA LEU A 122 -4.66 10.71 3.70
C LEU A 122 -5.14 11.60 2.56
N GLN A 123 -6.39 12.03 2.64
CA GLN A 123 -6.95 12.89 1.61
C GLN A 123 -6.57 14.34 1.85
N GLN A 124 -6.66 14.78 3.11
CA GLN A 124 -6.32 16.15 3.46
C GLN A 124 -4.81 16.32 3.57
N LEU A 125 -4.11 15.20 3.76
CA LEU A 125 -2.65 15.24 3.88
C LEU A 125 -2.01 15.59 2.55
N GLY A 126 -2.46 14.93 1.49
CA GLY A 126 -1.91 15.18 0.15
C GLY A 126 -2.38 16.53 -0.37
N GLN A 127 -3.41 17.08 0.27
CA GLN A 127 -3.94 18.38 -0.15
C GLN A 127 -2.99 19.50 0.23
N GLU A 128 -2.54 19.49 1.49
CA GLU A 128 -1.63 20.52 1.97
C GLU A 128 -0.19 20.18 1.59
N ASN A 129 0.21 18.95 1.87
CA ASN A 129 1.57 18.51 1.56
C ASN A 129 1.55 17.50 0.41
N PRO A 130 1.41 17.97 -0.80
CA PRO A 130 1.38 17.10 -2.01
C PRO A 130 2.74 16.49 -2.32
N GLN A 131 3.80 17.25 -2.03
CA GLN A 131 5.16 16.78 -2.28
C GLN A 131 5.49 15.61 -1.36
N LEU A 132 4.87 15.60 -0.17
CA LEU A 132 5.12 14.54 0.79
C LEU A 132 4.36 13.27 0.40
N LEU A 133 3.09 13.44 0.06
CA LEU A 133 2.27 12.29 -0.34
C LEU A 133 2.99 11.45 -1.38
N GLN A 134 3.63 12.11 -2.34
CA GLN A 134 4.37 11.40 -3.38
C GLN A 134 5.56 10.66 -2.79
N GLN A 135 6.02 11.13 -1.63
CA GLN A 135 7.16 10.51 -0.97
C GLN A 135 6.70 9.33 -0.12
N ILE A 136 5.71 9.57 0.73
CA ILE A 136 5.19 8.53 1.59
C ILE A 136 4.94 7.24 0.80
N SER A 137 4.32 7.38 -0.36
CA SER A 137 4.03 6.24 -1.21
C SER A 137 5.28 5.38 -1.39
N ARG A 138 6.44 6.03 -1.42
CA ARG A 138 7.70 5.32 -1.59
C ARG A 138 8.40 5.13 -0.24
N HIS A 139 7.82 5.71 0.81
CA HIS A 139 8.39 5.60 2.14
C HIS A 139 7.43 4.89 3.08
N GLN A 140 6.71 3.90 2.55
CA GLN A 140 5.76 3.15 3.36
C GLN A 140 6.40 2.69 4.65
N GLU A 141 7.42 1.85 4.54
CA GLU A 141 8.11 1.34 5.73
C GLU A 141 8.50 2.48 6.65
N GLN A 142 9.38 3.35 6.18
CA GLN A 142 9.82 4.49 6.98
C GLN A 142 8.61 5.30 7.45
N PHE A 143 7.53 5.24 6.68
CA PHE A 143 6.32 5.95 7.02
C PHE A 143 5.47 5.14 7.99
N ILE A 144 5.65 3.82 7.96
CA ILE A 144 4.91 2.94 8.85
C ILE A 144 5.59 2.85 10.21
N GLN A 145 6.88 2.50 10.20
CA GLN A 145 7.62 2.39 11.44
C GLN A 145 7.25 3.52 12.41
N MET A 146 6.99 4.69 11.85
CA MET A 146 6.62 5.84 12.67
C MET A 146 5.12 5.83 12.95
N LEU A 147 4.34 5.40 11.95
CA LEU A 147 2.89 5.34 12.11
C LEU A 147 2.49 4.09 12.88
N ASN A 148 3.47 3.22 13.11
CA ASN A 148 3.21 1.98 13.84
C ASN A 148 3.87 2.03 15.21
N GLU A 149 4.72 3.05 15.41
CA GLU A 149 5.41 3.20 16.68
C GLU A 149 5.22 4.62 17.22
N PRO A 150 5.57 4.84 18.47
CA PRO A 150 5.43 6.16 19.13
C PRO A 150 6.32 7.22 18.47
N PRO A 151 5.79 8.39 18.25
CA PRO A 151 6.53 9.51 17.62
C PRO A 151 7.94 9.66 18.20
N ILE A 177 -5.76 5.95 -10.54
CA ILE A 177 -6.71 5.95 -11.64
C ILE A 177 -6.11 5.23 -12.85
N GLN A 178 -5.50 5.99 -13.75
CA GLN A 178 -4.90 5.42 -14.94
C GLN A 178 -5.72 4.24 -15.42
N VAL A 179 -7.00 4.26 -15.11
CA VAL A 179 -7.90 3.19 -15.50
C VAL A 179 -9.07 3.76 -16.28
N THR A 180 -9.92 2.88 -16.77
CA THR A 180 -11.08 3.30 -17.54
C THR A 180 -12.26 2.37 -17.26
N PRO A 181 -13.34 2.56 -17.96
CA PRO A 181 -14.57 1.73 -17.80
C PRO A 181 -14.29 0.27 -18.18
N GLN A 182 -13.18 0.07 -18.88
CA GLN A 182 -12.79 -1.27 -19.32
C GLN A 182 -12.01 -2.01 -18.25
N GLU A 183 -10.92 -1.41 -17.78
CA GLU A 183 -10.09 -2.04 -16.75
C GLU A 183 -10.58 -1.70 -15.35
N LYS A 184 -11.08 -0.48 -15.18
CA LYS A 184 -11.58 -0.04 -13.89
C LYS A 184 -12.98 -0.59 -13.63
N GLU A 185 -13.69 -0.93 -14.70
CA GLU A 185 -15.03 -1.47 -14.57
C GLU A 185 -15.10 -2.38 -13.36
N ALA A 186 -14.14 -3.28 -13.30
CA ALA A 186 -14.07 -4.23 -12.19
C ALA A 186 -13.78 -3.52 -10.87
N ILE A 187 -12.96 -2.48 -10.94
CA ILE A 187 -12.61 -1.72 -9.74
C ILE A 187 -13.88 -1.29 -8.99
N GLU A 188 -14.70 -0.48 -9.65
CA GLU A 188 -15.94 -0.03 -9.04
C GLU A 188 -16.70 -1.21 -8.45
N ARG A 189 -16.34 -2.42 -8.87
CA ARG A 189 -16.99 -3.61 -8.36
C ARG A 189 -16.40 -4.01 -7.02
N LEU A 190 -15.08 -4.16 -6.98
CA LEU A 190 -14.41 -4.53 -5.73
C LEU A 190 -14.90 -3.64 -4.61
N LYS A 191 -15.35 -2.44 -4.97
CA LYS A 191 -15.86 -1.49 -3.99
C LYS A 191 -17.32 -1.79 -3.67
N ALA A 192 -18.02 -2.43 -4.61
CA ALA A 192 -19.42 -2.77 -4.40
C ALA A 192 -19.57 -3.68 -3.18
N LEU A 193 -18.45 -4.26 -2.75
CA LEU A 193 -18.46 -5.16 -1.60
C LEU A 193 -18.57 -4.36 -0.30
N GLY A 194 -18.81 -3.07 -0.43
CA GLY A 194 -18.94 -2.21 0.74
C GLY A 194 -17.71 -1.32 0.92
N PHE A 195 -16.81 -1.35 -0.07
CA PHE A 195 -15.60 -0.55 -0.01
C PHE A 195 -15.73 0.68 -0.92
N PRO A 196 -14.92 1.67 -0.70
CA PRO A 196 -14.92 2.92 -1.50
C PRO A 196 -14.51 2.68 -2.94
N GLU A 197 -14.96 3.54 -3.85
CA GLU A 197 -14.63 3.40 -5.26
C GLU A 197 -13.15 3.71 -5.50
N SER A 198 -12.74 4.91 -5.09
CA SER A 198 -11.35 5.32 -5.26
C SER A 198 -10.43 4.44 -4.43
N LEU A 199 -10.99 3.78 -3.43
CA LEU A 199 -10.20 2.89 -2.57
C LEU A 199 -9.81 1.62 -3.31
N VAL A 200 -10.61 1.25 -4.30
CA VAL A 200 -10.34 0.04 -5.08
C VAL A 200 -9.33 0.33 -6.17
N ILE A 201 -9.52 1.43 -6.89
CA ILE A 201 -8.60 1.80 -7.97
C ILE A 201 -7.16 1.54 -7.56
N GLN A 202 -6.90 1.63 -6.25
CA GLN A 202 -5.56 1.40 -5.74
C GLN A 202 -5.28 -0.10 -5.60
N ALA A 203 -6.13 -0.78 -4.83
CA ALA A 203 -5.97 -2.21 -4.62
C ALA A 203 -5.71 -2.92 -5.95
N TYR A 204 -6.53 -2.60 -6.94
CA TYR A 204 -6.39 -3.22 -8.26
C TYR A 204 -4.95 -3.10 -8.75
N PHE A 205 -4.39 -1.89 -8.66
CA PHE A 205 -3.02 -1.67 -9.11
C PHE A 205 -2.02 -2.13 -8.05
N ALA A 206 -2.49 -2.24 -6.81
CA ALA A 206 -1.62 -2.68 -5.72
C ALA A 206 -1.14 -4.11 -5.98
N CYS A 207 -1.88 -4.83 -6.81
CA CYS A 207 -1.53 -6.21 -7.13
C CYS A 207 -1.16 -6.34 -8.60
N GLU A 208 -0.96 -5.22 -9.27
CA GLU A 208 -0.62 -5.23 -10.69
C GLU A 208 -1.84 -5.54 -11.55
N LYS A 209 -2.92 -4.79 -11.32
CA LYS A 209 -4.14 -4.99 -12.09
C LYS A 209 -4.78 -6.33 -11.75
N ASN A 210 -4.23 -7.03 -10.77
CA ASN A 210 -4.75 -8.32 -10.37
C ASN A 210 -6.03 -8.17 -9.56
N GLU A 211 -7.13 -8.69 -10.09
CA GLU A 211 -8.42 -8.61 -9.41
C GLU A 211 -8.47 -9.60 -8.25
N ASN A 212 -8.05 -10.83 -8.51
CA ASN A 212 -8.05 -11.86 -7.48
C ASN A 212 -7.30 -11.39 -6.25
N LEU A 213 -6.09 -10.87 -6.47
CA LEU A 213 -5.27 -10.38 -5.37
C LEU A 213 -5.95 -9.21 -4.67
N ALA A 214 -6.26 -8.17 -5.43
CA ALA A 214 -6.92 -7.00 -4.86
C ALA A 214 -8.05 -7.42 -3.94
N ALA A 215 -8.98 -8.22 -4.47
CA ALA A 215 -10.12 -8.68 -3.68
C ALA A 215 -9.62 -9.46 -2.46
N ASN A 216 -8.51 -10.17 -2.63
CA ASN A 216 -7.95 -10.94 -1.53
C ASN A 216 -7.41 -10.02 -0.45
N PHE A 217 -6.52 -9.11 -0.84
CA PHE A 217 -5.94 -8.16 0.11
C PHE A 217 -7.01 -7.22 0.64
N LEU A 218 -8.00 -6.93 -0.20
CA LEU A 218 -9.09 -6.04 0.20
C LEU A 218 -9.99 -6.72 1.23
N LEU A 219 -10.40 -7.95 0.93
CA LEU A 219 -11.27 -8.70 1.83
C LEU A 219 -10.44 -9.37 2.92
N SER A 220 -9.15 -9.56 2.64
CA SER A 220 -8.26 -10.21 3.60
C SER A 220 -7.30 -9.18 4.22
N GLN A 221 -7.57 -7.90 3.98
CA GLN A 221 -6.72 -6.85 4.50
C GLN A 221 -6.63 -6.89 6.02
N ASN A 222 -7.79 -6.90 6.68
CA ASN A 222 -7.80 -6.94 8.14
C ASN A 222 -9.24 -6.98 8.67
N PHE A 223 -9.81 -5.81 8.89
CA PHE A 223 -11.18 -5.71 9.39
C PHE A 223 -11.55 -6.97 10.17
ZN ZN B . -0.47 -4.57 10.09
N GLU A 13 23.20 -3.81 -12.38
CA GLU A 13 22.53 -3.07 -11.32
C GLU A 13 22.23 -3.98 -10.13
N PRO A 14 22.60 -3.55 -8.94
CA PRO A 14 22.37 -4.34 -7.70
C PRO A 14 20.92 -4.83 -7.59
N TYR A 15 20.03 -4.18 -8.33
CA TYR A 15 18.62 -4.56 -8.30
C TYR A 15 18.45 -6.06 -8.50
N ASN A 16 19.54 -6.74 -8.85
CA ASN A 16 19.49 -8.17 -9.07
C ASN A 16 19.79 -8.94 -7.79
N GLU A 17 21.03 -8.82 -7.31
CA GLU A 17 21.42 -9.50 -6.08
C GLU A 17 21.11 -8.64 -4.88
N TRP A 18 21.48 -7.37 -4.97
CA TRP A 18 21.25 -6.43 -3.90
C TRP A 18 19.77 -6.33 -3.56
N THR A 19 18.95 -6.23 -4.60
CA THR A 19 17.51 -6.11 -4.42
C THR A 19 17.01 -7.11 -3.37
N LEU A 20 17.70 -8.23 -3.26
CA LEU A 20 17.32 -9.25 -2.28
C LEU A 20 17.66 -8.80 -0.86
N GLU A 21 18.86 -8.25 -0.69
CA GLU A 21 19.30 -7.78 0.61
C GLU A 21 18.35 -6.71 1.15
N LEU A 22 17.95 -5.78 0.28
CA LEU A 22 17.04 -4.72 0.68
C LEU A 22 15.59 -5.20 0.64
N LEU A 23 15.31 -6.14 -0.26
CA LEU A 23 13.97 -6.68 -0.39
C LEU A 23 13.54 -7.38 0.89
N GLU A 24 14.52 -7.93 1.62
CA GLU A 24 14.23 -8.63 2.86
C GLU A 24 13.87 -7.63 3.96
N GLU A 25 14.41 -6.43 3.87
CA GLU A 25 14.13 -5.39 4.86
C GLU A 25 12.82 -4.68 4.54
N LEU A 26 12.60 -4.42 3.26
CA LEU A 26 11.38 -3.74 2.84
C LEU A 26 10.14 -4.55 3.24
N LYS A 27 10.07 -5.79 2.76
CA LYS A 27 8.95 -6.66 3.06
C LYS A 27 9.00 -7.12 4.51
N SER A 28 10.21 -7.12 5.08
CA SER A 28 10.38 -7.56 6.47
C SER A 28 9.35 -6.88 7.37
N GLU A 29 9.02 -5.63 7.06
CA GLU A 29 8.06 -4.88 7.86
C GLU A 29 6.65 -5.13 7.34
N ALA A 30 6.50 -5.16 6.02
CA ALA A 30 5.19 -5.38 5.41
C ALA A 30 4.79 -6.84 5.52
N VAL A 31 5.60 -7.73 4.96
CA VAL A 31 5.31 -9.16 5.00
C VAL A 31 5.01 -9.62 6.42
N ARG A 32 5.45 -8.84 7.40
CA ARG A 32 5.22 -9.18 8.80
C ARG A 32 3.74 -9.11 9.15
N HIS A 33 3.05 -8.09 8.64
CA HIS A 33 1.63 -7.93 8.91
C HIS A 33 0.82 -8.01 7.62
N PHE A 34 1.44 -8.51 6.56
CA PHE A 34 0.75 -8.63 5.27
C PHE A 34 0.08 -10.00 5.17
N PRO A 35 -1.18 -10.03 4.80
CA PRO A 35 -1.94 -11.29 4.67
C PRO A 35 -1.20 -12.31 3.80
N ARG A 36 -0.96 -13.49 4.36
CA ARG A 36 -0.24 -14.54 3.64
C ARG A 36 -0.91 -14.81 2.29
N ILE A 37 -2.24 -14.75 2.26
CA ILE A 37 -2.97 -14.99 1.03
C ILE A 37 -2.50 -14.05 -0.08
N TRP A 38 -2.63 -12.75 0.16
CA TRP A 38 -2.22 -11.76 -0.82
C TRP A 38 -0.75 -11.94 -1.20
N LEU A 39 0.12 -11.87 -0.20
CA LEU A 39 1.55 -12.04 -0.43
C LEU A 39 1.78 -13.25 -1.34
N HIS A 40 0.84 -14.18 -1.31
CA HIS A 40 0.95 -15.39 -2.12
C HIS A 40 0.49 -15.13 -3.55
N ASN A 41 -0.75 -14.64 -3.68
CA ASN A 41 -1.30 -14.34 -5.00
C ASN A 41 -0.45 -13.30 -5.72
N LEU A 42 0.12 -12.38 -4.94
CA LEU A 42 0.95 -11.32 -5.53
C LEU A 42 2.17 -11.93 -6.22
N GLY A 43 2.84 -12.83 -5.52
CA GLY A 43 4.03 -13.49 -6.08
C GLY A 43 3.62 -14.57 -7.08
N GLN A 44 2.39 -15.05 -6.95
CA GLN A 44 1.88 -16.08 -7.84
C GLN A 44 1.43 -15.47 -9.17
N HIS A 45 0.46 -14.56 -9.08
CA HIS A 45 -0.06 -13.90 -10.27
C HIS A 45 1.04 -13.12 -10.98
N ILE A 46 1.54 -12.08 -10.32
CA ILE A 46 2.60 -11.26 -10.89
C ILE A 46 3.63 -12.14 -11.59
N TYR A 47 3.67 -13.41 -11.23
CA TYR A 47 4.61 -14.34 -11.82
C TYR A 47 4.08 -14.87 -13.15
N GLU A 48 2.78 -15.11 -13.21
CA GLU A 48 2.16 -15.61 -14.43
C GLU A 48 1.88 -14.47 -15.40
N THR A 49 1.73 -13.26 -14.87
CA THR A 49 1.46 -12.09 -15.69
C THR A 49 2.76 -11.50 -16.22
N TYR A 50 3.67 -11.18 -15.31
CA TYR A 50 4.96 -10.60 -15.70
C TYR A 50 5.98 -11.71 -15.99
N GLY A 51 5.68 -12.92 -15.54
CA GLY A 51 6.57 -14.04 -15.76
C GLY A 51 7.59 -14.16 -14.63
N ASP A 52 8.74 -14.75 -14.93
CA ASP A 52 9.79 -14.93 -13.94
C ASP A 52 10.87 -13.85 -14.09
N THR A 53 10.67 -12.97 -15.07
CA THR A 53 11.64 -11.90 -15.32
C THR A 53 11.91 -11.12 -14.05
N TRP A 54 12.83 -10.17 -14.13
CA TRP A 54 13.18 -9.36 -12.97
C TRP A 54 12.14 -8.26 -12.74
N ALA A 55 11.60 -7.73 -13.85
CA ALA A 55 10.60 -6.68 -13.75
C ALA A 55 9.61 -6.97 -12.64
N GLY A 56 9.06 -8.18 -12.64
CA GLY A 56 8.10 -8.57 -11.61
C GLY A 56 8.65 -8.33 -10.22
N VAL A 57 9.78 -8.95 -9.91
CA VAL A 57 10.41 -8.79 -8.60
C VAL A 57 10.52 -7.32 -8.24
N GLU A 58 10.52 -6.46 -9.26
CA GLU A 58 10.61 -5.02 -9.02
C GLU A 58 9.24 -4.43 -8.74
N ALA A 59 8.28 -4.73 -9.62
CA ALA A 59 6.92 -4.22 -9.45
C ALA A 59 6.46 -4.37 -8.00
N ILE A 60 6.65 -5.57 -7.46
CA ILE A 60 6.24 -5.85 -6.08
C ILE A 60 6.97 -4.91 -5.11
N ILE A 61 8.13 -4.43 -5.53
CA ILE A 61 8.92 -3.52 -4.69
C ILE A 61 8.28 -2.14 -4.65
N ARG A 62 8.03 -1.57 -5.82
CA ARG A 62 7.41 -0.24 -5.91
C ARG A 62 5.97 -0.29 -5.40
N ILE A 63 5.33 -1.45 -5.55
CA ILE A 63 3.96 -1.60 -5.11
C ILE A 63 3.90 -1.93 -3.61
N LEU A 64 4.97 -2.53 -3.11
CA LEU A 64 5.04 -2.89 -1.70
C LEU A 64 4.55 -1.74 -0.83
N GLN A 65 5.16 -0.58 -1.00
CA GLN A 65 4.79 0.60 -0.22
C GLN A 65 3.43 1.13 -0.67
N GLN A 66 3.32 1.44 -1.95
CA GLN A 66 2.07 1.96 -2.49
C GLN A 66 0.88 1.18 -1.94
N LEU A 67 1.09 -0.11 -1.69
CA LEU A 67 0.02 -0.96 -1.16
C LEU A 67 -0.07 -0.82 0.35
N LEU A 68 1.08 -0.75 1.02
CA LEU A 68 1.10 -0.62 2.47
C LEU A 68 0.22 0.54 2.93
N PHE A 69 0.09 1.54 2.06
CA PHE A 69 -0.73 2.70 2.38
C PHE A 69 -2.21 2.33 2.39
N ILE A 70 -2.65 1.65 1.33
CA ILE A 70 -4.05 1.25 1.24
C ILE A 70 -4.48 0.53 2.50
N HIS A 71 -3.79 -0.57 2.82
CA HIS A 71 -4.11 -1.34 4.01
C HIS A 71 -3.99 -0.46 5.25
N PHE A 72 -3.21 0.61 5.12
CA PHE A 72 -3.02 1.56 6.22
C PHE A 72 -4.33 2.25 6.56
N ARG A 73 -5.00 2.75 5.53
CA ARG A 73 -6.27 3.44 5.72
C ARG A 73 -7.32 2.49 6.29
N ILE A 74 -7.50 1.36 5.63
CA ILE A 74 -8.47 0.37 6.08
C ILE A 74 -8.37 0.16 7.59
N GLY A 75 -7.15 -0.09 8.06
CA GLY A 75 -6.92 -0.31 9.48
C GLY A 75 -6.04 -1.53 9.71
N CYS A 76 -4.90 -1.31 10.37
CA CYS A 76 -3.98 -2.40 10.65
C CYS A 76 -4.38 -3.12 11.94
N ARG A 77 -5.04 -4.27 11.79
CA ARG A 77 -5.46 -5.05 12.95
C ARG A 77 -4.32 -5.98 13.37
N HIS A 78 -3.20 -5.84 12.68
CA HIS A 78 -2.03 -6.66 12.97
C HIS A 78 -1.30 -6.14 14.20
N SER A 79 -1.02 -7.04 15.14
CA SER A 79 -0.33 -6.67 16.37
C SER A 79 0.21 -7.91 17.07
N ASN A 93 15.23 10.51 5.07
CA ASN A 93 13.93 10.70 4.46
C ASN A 93 13.60 12.18 4.32
N PRO A 94 12.81 12.52 3.35
CA PRO A 94 12.40 13.93 3.08
C PRO A 94 11.30 14.39 4.03
N LEU A 95 10.89 13.51 4.93
CA LEU A 95 9.84 13.84 5.89
C LEU A 95 10.33 13.63 7.31
N GLU A 96 11.64 13.73 7.50
CA GLU A 96 12.23 13.55 8.82
C GLU A 96 11.74 14.63 9.77
N PHE A 97 11.24 15.72 9.20
CA PHE A 97 10.74 16.83 10.02
C PHE A 97 9.27 16.61 10.38
N LEU A 98 8.59 15.77 9.61
CA LEU A 98 7.18 15.49 9.86
C LEU A 98 6.93 15.27 11.34
N ARG A 99 7.92 14.71 12.02
CA ARG A 99 7.79 14.44 13.45
C ARG A 99 7.33 15.69 14.19
N ASP A 100 7.78 16.86 13.71
CA ASP A 100 7.41 18.12 14.34
C ASP A 100 6.22 18.75 13.61
N GLN A 101 5.78 18.10 12.53
CA GLN A 101 4.65 18.60 11.77
C GLN A 101 3.33 18.19 12.43
N PRO A 102 2.34 19.04 12.37
CA PRO A 102 1.01 18.77 12.97
C PRO A 102 0.25 17.68 12.22
N GLN A 103 0.28 17.75 10.89
CA GLN A 103 -0.41 16.76 10.08
C GLN A 103 0.18 15.37 10.27
N PHE A 104 1.42 15.32 10.75
CA PHE A 104 2.08 14.04 10.98
C PHE A 104 1.71 13.52 12.36
N GLN A 105 1.85 14.39 13.36
CA GLN A 105 1.53 14.01 14.74
C GLN A 105 0.03 13.82 14.90
N ASN A 106 -0.74 14.69 14.25
CA ASN A 106 -2.21 14.60 14.33
C ASN A 106 -2.67 13.28 13.74
N MET A 107 -2.15 12.95 12.56
CA MET A 107 -2.53 11.70 11.89
C MET A 107 -1.71 10.53 12.45
N ARG A 108 -0.54 10.83 12.99
CA ARG A 108 0.31 9.80 13.56
C ARG A 108 -0.42 9.02 14.63
N GLN A 109 -0.96 9.73 15.62
CA GLN A 109 -1.69 9.09 16.70
C GLN A 109 -3.10 8.73 16.25
N VAL A 110 -3.60 9.46 15.25
CA VAL A 110 -4.94 9.22 14.73
C VAL A 110 -4.97 7.93 13.93
N ILE A 111 -4.16 7.88 12.87
CA ILE A 111 -4.10 6.69 12.03
C ILE A 111 -3.88 5.44 12.86
N GLN A 112 -3.13 5.60 13.95
CA GLN A 112 -2.85 4.47 14.82
C GLN A 112 -4.06 4.11 15.67
N GLN A 113 -4.61 5.11 16.37
CA GLN A 113 -5.78 4.87 17.21
C GLN A 113 -6.96 4.42 16.36
N ASN A 114 -7.01 4.90 15.13
CA ASN A 114 -8.10 4.53 14.22
C ASN A 114 -7.75 4.90 12.79
N PRO A 115 -6.96 4.08 12.14
CA PRO A 115 -6.55 4.31 10.72
C PRO A 115 -7.72 4.76 9.86
N ALA A 116 -8.94 4.59 10.39
CA ALA A 116 -10.14 4.98 9.66
C ALA A 116 -10.08 6.45 9.28
N LEU A 117 -9.23 7.20 9.97
CA LEU A 117 -9.09 8.63 9.70
C LEU A 117 -8.07 8.87 8.60
N LEU A 118 -7.40 7.80 8.17
CA LEU A 118 -6.39 7.91 7.12
C LEU A 118 -7.03 8.40 5.82
N PRO A 119 -8.05 7.73 5.36
CA PRO A 119 -8.75 8.10 4.10
C PRO A 119 -8.88 9.62 3.94
N ALA A 120 -9.32 10.28 5.01
CA ALA A 120 -9.49 11.73 4.97
C ALA A 120 -8.17 12.43 5.31
N LEU A 121 -7.43 11.86 6.26
CA LEU A 121 -6.15 12.43 6.68
C LEU A 121 -5.22 12.60 5.47
N LEU A 122 -4.86 11.48 4.85
CA LEU A 122 -3.99 11.52 3.69
C LEU A 122 -4.52 12.48 2.64
N GLN A 123 -5.84 12.52 2.49
CA GLN A 123 -6.47 13.39 1.52
C GLN A 123 -6.27 14.86 1.89
N GLN A 124 -6.25 15.12 3.20
CA GLN A 124 -6.06 16.48 3.69
C GLN A 124 -4.58 16.84 3.73
N LEU A 125 -3.74 15.81 3.76
CA LEU A 125 -2.29 16.02 3.80
C LEU A 125 -1.77 16.42 2.42
N GLY A 126 -2.21 15.70 1.40
CA GLY A 126 -1.79 16.00 0.03
C GLY A 126 -2.43 17.28 -0.47
N GLN A 127 -3.47 17.73 0.22
CA GLN A 127 -4.15 18.95 -0.17
C GLN A 127 -3.36 20.18 0.24
N GLU A 128 -2.45 19.99 1.19
CA GLU A 128 -1.62 21.09 1.68
C GLU A 128 -0.18 20.90 1.21
N ASN A 129 0.36 19.71 1.43
CA ASN A 129 1.74 19.42 1.04
C ASN A 129 1.77 18.26 0.06
N PRO A 130 1.73 18.54 -1.21
CA PRO A 130 1.76 17.51 -2.28
C PRO A 130 3.13 16.84 -2.38
N GLN A 131 4.18 17.58 -2.08
CA GLN A 131 5.53 17.05 -2.14
C GLN A 131 5.71 15.91 -1.14
N LEU A 132 4.98 15.98 -0.03
CA LEU A 132 5.05 14.96 1.00
C LEU A 132 4.15 13.78 0.66
N LEU A 133 2.91 14.08 0.26
CA LEU A 133 1.96 13.04 -0.10
C LEU A 133 2.62 11.98 -0.95
N GLN A 134 3.68 12.36 -1.66
CA GLN A 134 4.39 11.43 -2.52
C GLN A 134 5.43 10.64 -1.72
N GLN A 135 6.28 11.37 -0.99
CA GLN A 135 7.31 10.74 -0.18
C GLN A 135 6.69 9.77 0.82
N ILE A 136 5.74 10.27 1.60
CA ILE A 136 5.07 9.44 2.60
C ILE A 136 4.71 8.08 2.00
N SER A 137 4.17 8.10 0.79
CA SER A 137 3.77 6.86 0.12
C SER A 137 5.00 6.15 -0.46
N ARG A 138 5.99 6.95 -0.88
CA ARG A 138 7.22 6.39 -1.44
C ARG A 138 8.07 5.75 -0.34
N HIS A 139 7.90 6.23 0.89
CA HIS A 139 8.66 5.70 2.01
C HIS A 139 7.73 5.15 3.08
N GLN A 140 6.73 4.38 2.65
CA GLN A 140 5.77 3.81 3.59
C GLN A 140 6.50 3.22 4.80
N GLU A 141 7.32 2.21 4.57
CA GLU A 141 8.06 1.58 5.67
C GLU A 141 8.59 2.63 6.62
N GLN A 142 9.48 3.49 6.12
CA GLN A 142 10.05 4.54 6.96
C GLN A 142 8.93 5.42 7.51
N PHE A 143 7.81 5.45 6.82
CA PHE A 143 6.67 6.25 7.25
C PHE A 143 5.82 5.48 8.26
N ILE A 144 5.91 4.16 8.21
CA ILE A 144 5.16 3.31 9.12
C ILE A 144 5.85 3.23 10.48
N GLN A 145 7.12 2.87 10.46
CA GLN A 145 7.88 2.76 11.71
C GLN A 145 7.51 3.91 12.64
N MET A 146 7.25 5.07 12.06
CA MET A 146 6.88 6.25 12.84
C MET A 146 5.38 6.24 13.11
N LEU A 147 4.61 5.95 12.06
CA LEU A 147 3.15 5.90 12.18
C LEU A 147 2.72 4.69 13.01
N ASN A 148 3.67 3.82 13.31
CA ASN A 148 3.38 2.62 14.09
C ASN A 148 4.07 2.70 15.45
N GLU A 149 4.92 3.71 15.64
CA GLU A 149 5.63 3.88 16.89
C GLU A 149 5.63 5.34 17.31
N PRO A 150 6.12 5.62 18.49
CA PRO A 150 6.18 7.01 19.03
C PRO A 150 6.81 7.98 18.04
N PRO A 151 6.22 9.14 17.88
CA PRO A 151 6.72 10.18 16.95
C PRO A 151 8.24 10.37 17.06
N ILE A 177 -6.51 6.78 -11.49
CA ILE A 177 -7.54 6.06 -12.24
C ILE A 177 -7.15 5.94 -13.70
N GLN A 178 -6.28 4.98 -13.98
CA GLN A 178 -5.81 4.75 -15.34
C GLN A 178 -6.59 3.60 -15.98
N VAL A 179 -7.87 3.48 -15.64
CA VAL A 179 -8.70 2.43 -16.18
C VAL A 179 -9.82 3.01 -17.04
N THR A 180 -10.61 2.12 -17.61
CA THR A 180 -11.73 2.52 -18.44
C THR A 180 -12.95 1.69 -18.07
N PRO A 181 -14.09 1.98 -18.64
CA PRO A 181 -15.34 1.22 -18.33
C PRO A 181 -15.18 -0.24 -18.71
N GLN A 182 -14.17 -0.51 -19.52
CA GLN A 182 -13.88 -1.87 -19.96
C GLN A 182 -13.20 -2.66 -18.85
N GLU A 183 -12.14 -2.09 -18.28
CA GLU A 183 -11.41 -2.73 -17.20
C GLU A 183 -12.03 -2.36 -15.87
N LYS A 184 -12.77 -1.26 -15.87
CA LYS A 184 -13.43 -0.77 -14.67
C LYS A 184 -14.46 -1.77 -14.17
N GLU A 185 -15.39 -2.15 -15.05
CA GLU A 185 -16.42 -3.11 -14.69
C GLU A 185 -15.84 -4.21 -13.81
N ALA A 186 -14.54 -4.42 -13.92
CA ALA A 186 -13.88 -5.44 -13.11
C ALA A 186 -13.64 -4.95 -11.70
N ILE A 187 -13.27 -3.67 -11.57
CA ILE A 187 -13.01 -3.09 -10.27
C ILE A 187 -14.28 -3.12 -9.41
N GLU A 188 -15.32 -2.44 -9.88
CA GLU A 188 -16.57 -2.40 -9.15
C GLU A 188 -16.95 -3.78 -8.63
N ARG A 189 -16.74 -4.79 -9.48
CA ARG A 189 -17.05 -6.16 -9.10
C ARG A 189 -16.62 -6.43 -7.66
N LEU A 190 -15.50 -5.84 -7.27
CA LEU A 190 -14.99 -6.02 -5.91
C LEU A 190 -15.73 -5.10 -4.95
N LYS A 191 -16.24 -3.99 -5.47
CA LYS A 191 -16.97 -3.04 -4.65
C LYS A 191 -18.15 -3.72 -3.96
N ALA A 192 -18.96 -4.43 -4.74
CA ALA A 192 -20.11 -5.13 -4.19
C ALA A 192 -19.72 -5.93 -2.96
N LEU A 193 -18.42 -6.13 -2.78
CA LEU A 193 -17.92 -6.88 -1.63
C LEU A 193 -18.03 -6.05 -0.35
N GLY A 194 -18.51 -4.82 -0.50
CA GLY A 194 -18.66 -3.92 0.65
C GLY A 194 -17.52 -2.94 0.72
N PHE A 195 -17.03 -2.51 -0.44
CA PHE A 195 -15.92 -1.56 -0.49
C PHE A 195 -16.29 -0.36 -1.37
N PRO A 196 -15.77 0.79 -1.05
CA PRO A 196 -16.04 2.04 -1.82
C PRO A 196 -15.68 1.89 -3.29
N GLU A 197 -16.17 2.81 -4.12
CA GLU A 197 -15.90 2.77 -5.55
C GLU A 197 -14.42 3.07 -5.82
N SER A 198 -13.96 4.22 -5.35
CA SER A 198 -12.56 4.61 -5.55
C SER A 198 -11.64 3.74 -4.71
N LEU A 199 -12.16 3.23 -3.59
CA LEU A 199 -11.36 2.39 -2.71
C LEU A 199 -10.90 1.13 -3.45
N VAL A 200 -11.70 0.70 -4.43
CA VAL A 200 -11.36 -0.49 -5.20
C VAL A 200 -10.37 -0.15 -6.31
N ILE A 201 -10.58 1.01 -6.93
CA ILE A 201 -9.70 1.44 -8.01
C ILE A 201 -8.23 1.28 -7.61
N GLN A 202 -7.93 1.61 -6.36
CA GLN A 202 -6.56 1.49 -5.87
C GLN A 202 -6.16 0.03 -5.72
N ALA A 203 -6.95 -0.73 -4.97
CA ALA A 203 -6.68 -2.14 -4.77
C ALA A 203 -6.51 -2.85 -6.11
N TYR A 204 -7.25 -2.41 -7.11
CA TYR A 204 -7.18 -3.00 -8.44
C TYR A 204 -5.82 -2.75 -9.06
N PHE A 205 -5.52 -1.49 -9.34
CA PHE A 205 -4.24 -1.12 -9.94
C PHE A 205 -3.08 -1.64 -9.09
N ALA A 206 -3.26 -1.62 -7.78
CA ALA A 206 -2.23 -2.10 -6.87
C ALA A 206 -1.99 -3.59 -7.05
N CYS A 207 -3.07 -4.34 -7.29
CA CYS A 207 -2.96 -5.77 -7.49
C CYS A 207 -2.66 -6.09 -8.95
N GLU A 208 -2.25 -5.08 -9.70
CA GLU A 208 -1.93 -5.27 -11.10
C GLU A 208 -3.21 -5.41 -11.94
N LYS A 209 -4.21 -4.60 -11.62
CA LYS A 209 -5.47 -4.65 -12.34
C LYS A 209 -5.99 -6.08 -12.41
N ASN A 210 -5.61 -6.89 -11.44
CA ASN A 210 -6.03 -8.29 -11.40
C ASN A 210 -7.20 -8.46 -10.44
N GLU A 211 -8.42 -8.39 -10.97
CA GLU A 211 -9.62 -8.54 -10.16
C GLU A 211 -9.43 -9.68 -9.15
N ASN A 212 -8.64 -10.68 -9.54
CA ASN A 212 -8.40 -11.82 -8.67
C ASN A 212 -7.46 -11.43 -7.52
N LEU A 213 -6.35 -10.78 -7.86
CA LEU A 213 -5.39 -10.36 -6.86
C LEU A 213 -5.99 -9.27 -5.96
N ALA A 214 -6.56 -8.25 -6.59
CA ALA A 214 -7.16 -7.15 -5.85
C ALA A 214 -8.21 -7.69 -4.86
N ALA A 215 -8.91 -8.74 -5.26
CA ALA A 215 -9.93 -9.33 -4.41
C ALA A 215 -9.31 -9.90 -3.14
N ASN A 216 -8.37 -10.82 -3.30
CA ASN A 216 -7.70 -11.42 -2.16
C ASN A 216 -7.17 -10.35 -1.21
N PHE A 217 -6.74 -9.22 -1.78
CA PHE A 217 -6.22 -8.13 -0.98
C PHE A 217 -7.32 -7.47 -0.17
N LEU A 218 -8.27 -6.86 -0.87
CA LEU A 218 -9.39 -6.19 -0.20
C LEU A 218 -10.15 -7.16 0.69
N LEU A 219 -10.06 -8.45 0.36
CA LEU A 219 -10.76 -9.48 1.13
C LEU A 219 -9.96 -9.88 2.36
N SER A 220 -8.64 -9.89 2.23
CA SER A 220 -7.78 -10.29 3.36
C SER A 220 -7.07 -9.09 3.98
N GLN A 221 -7.42 -7.89 3.53
CA GLN A 221 -6.79 -6.68 4.08
C GLN A 221 -7.30 -6.40 5.48
N ASN A 222 -7.30 -7.43 6.32
CA ASN A 222 -7.76 -7.28 7.71
C ASN A 222 -9.24 -7.60 7.83
N PHE A 223 -10.03 -6.63 8.31
CA PHE A 223 -11.46 -6.82 8.46
C PHE A 223 -11.80 -8.31 8.62
ZN ZN B . -1.27 -4.46 9.09
N GLU A 13 22.43 -1.18 -12.24
CA GLU A 13 21.16 -1.25 -11.54
C GLU A 13 21.22 -2.26 -10.40
N PRO A 14 21.52 -1.82 -9.21
CA PRO A 14 21.62 -2.71 -8.02
C PRO A 14 20.42 -3.64 -7.89
N TYR A 15 19.39 -3.38 -8.70
CA TYR A 15 18.18 -4.20 -8.66
C TYR A 15 18.51 -5.68 -8.89
N ASN A 16 19.79 -5.97 -9.10
CA ASN A 16 20.21 -7.36 -9.31
C ASN A 16 20.43 -8.06 -7.98
N GLU A 17 21.51 -7.71 -7.29
CA GLU A 17 21.83 -8.31 -6.00
C GLU A 17 21.15 -7.53 -4.88
N TRP A 18 21.22 -6.22 -4.97
CA TRP A 18 20.64 -5.35 -3.95
C TRP A 18 19.15 -5.60 -3.80
N THR A 19 18.40 -5.43 -4.88
CA THR A 19 16.96 -5.63 -4.84
C THR A 19 16.61 -6.90 -4.07
N LEU A 20 17.37 -7.96 -4.31
CA LEU A 20 17.13 -9.22 -3.62
C LEU A 20 17.38 -9.06 -2.12
N GLU A 21 18.54 -8.53 -1.77
CA GLU A 21 18.89 -8.34 -0.37
C GLU A 21 17.89 -7.40 0.30
N LEU A 22 17.22 -6.59 -0.50
CA LEU A 22 16.23 -5.65 0.03
C LEU A 22 14.89 -6.34 0.26
N LEU A 23 14.54 -7.26 -0.64
CA LEU A 23 13.29 -7.99 -0.53
C LEU A 23 13.08 -8.47 0.90
N GLU A 24 14.01 -9.29 1.39
CA GLU A 24 13.92 -9.81 2.75
C GLU A 24 13.41 -8.74 3.71
N GLU A 25 14.12 -7.61 3.76
CA GLU A 25 13.73 -6.52 4.63
C GLU A 25 12.33 -6.02 4.29
N LEU A 26 11.94 -6.19 3.03
CA LEU A 26 10.62 -5.76 2.60
C LEU A 26 9.54 -6.65 3.20
N LYS A 27 9.64 -7.95 2.95
CA LYS A 27 8.66 -8.90 3.48
C LYS A 27 8.51 -8.73 4.99
N SER A 28 9.61 -8.50 5.67
CA SER A 28 9.59 -8.32 7.12
C SER A 28 8.41 -7.44 7.53
N GLU A 29 8.31 -6.28 6.89
CA GLU A 29 7.22 -5.35 7.19
C GLU A 29 5.96 -5.71 6.41
N ALA A 30 6.10 -5.76 5.09
CA ALA A 30 4.97 -6.09 4.22
C ALA A 30 4.29 -7.37 4.71
N VAL A 31 5.04 -8.46 4.76
CA VAL A 31 4.50 -9.74 5.20
C VAL A 31 3.86 -9.60 6.58
N ARG A 32 4.34 -8.63 7.35
CA ARG A 32 3.81 -8.39 8.70
C ARG A 32 2.59 -7.49 8.64
N HIS A 33 2.49 -6.70 7.58
CA HIS A 33 1.36 -5.78 7.42
C HIS A 33 0.54 -6.17 6.19
N PHE A 34 0.66 -7.43 5.77
CA PHE A 34 -0.09 -7.90 4.62
C PHE A 34 -0.54 -9.34 4.83
N PRO A 35 -1.65 -9.71 4.24
CA PRO A 35 -2.21 -11.09 4.36
C PRO A 35 -1.35 -12.13 3.65
N ARG A 36 -0.92 -13.14 4.39
CA ARG A 36 -0.09 -14.19 3.82
C ARG A 36 -0.62 -14.63 2.47
N ILE A 37 -1.91 -14.93 2.42
CA ILE A 37 -2.54 -15.37 1.17
C ILE A 37 -2.17 -14.43 0.02
N TRP A 38 -2.52 -13.16 0.16
CA TRP A 38 -2.21 -12.18 -0.86
C TRP A 38 -0.72 -12.19 -1.18
N LEU A 39 0.09 -11.92 -0.16
CA LEU A 39 1.54 -11.90 -0.35
C LEU A 39 1.98 -13.12 -1.14
N HIS A 40 1.19 -14.18 -1.09
CA HIS A 40 1.51 -15.41 -1.81
C HIS A 40 1.07 -15.31 -3.26
N ASN A 41 -0.15 -14.83 -3.47
CA ASN A 41 -0.68 -14.68 -4.82
C ASN A 41 0.00 -13.52 -5.55
N LEU A 42 0.53 -12.57 -4.76
CA LEU A 42 1.20 -11.41 -5.34
C LEU A 42 2.42 -11.86 -6.16
N GLY A 43 3.35 -12.54 -5.50
CA GLY A 43 4.55 -13.02 -6.17
C GLY A 43 4.21 -14.18 -7.12
N GLN A 44 3.07 -14.82 -6.86
CA GLN A 44 2.64 -15.95 -7.68
C GLN A 44 2.03 -15.44 -8.98
N HIS A 45 1.22 -14.40 -8.89
CA HIS A 45 0.57 -13.83 -10.07
C HIS A 45 1.52 -12.87 -10.80
N ILE A 46 1.93 -11.81 -10.10
CA ILE A 46 2.82 -10.83 -10.70
C ILE A 46 3.99 -11.52 -11.37
N TYR A 47 4.25 -12.76 -10.98
CA TYR A 47 5.35 -13.53 -11.56
C TYR A 47 4.93 -14.14 -12.89
N GLU A 48 3.67 -14.54 -12.99
CA GLU A 48 3.16 -15.13 -14.22
C GLU A 48 2.79 -14.05 -15.22
N THR A 49 2.16 -12.98 -14.74
CA THR A 49 1.75 -11.88 -15.60
C THR A 49 2.97 -11.31 -16.33
N TYR A 50 4.09 -11.26 -15.64
CA TYR A 50 5.32 -10.73 -16.24
C TYR A 50 6.30 -11.85 -16.53
N GLY A 51 6.17 -12.96 -15.80
CA GLY A 51 7.05 -14.10 -15.99
C GLY A 51 8.18 -14.09 -14.97
N ASP A 52 9.39 -14.43 -15.43
CA ASP A 52 10.54 -14.46 -14.55
C ASP A 52 11.40 -13.21 -14.75
N THR A 53 11.00 -12.37 -15.69
CA THR A 53 11.73 -11.15 -15.97
C THR A 53 12.08 -10.42 -14.68
N TRP A 54 13.02 -9.48 -14.76
CA TRP A 54 13.44 -8.72 -13.60
C TRP A 54 12.36 -7.72 -13.19
N ALA A 55 11.61 -7.24 -14.17
CA ALA A 55 10.53 -6.28 -13.90
C ALA A 55 9.49 -6.89 -12.96
N GLY A 56 9.31 -8.20 -13.06
CA GLY A 56 8.34 -8.88 -12.20
C GLY A 56 8.76 -8.82 -10.74
N VAL A 57 10.05 -9.04 -10.49
CA VAL A 57 10.57 -9.00 -9.13
C VAL A 57 10.75 -7.56 -8.66
N GLU A 58 10.89 -6.64 -9.62
CA GLU A 58 11.08 -5.24 -9.30
C GLU A 58 9.75 -4.61 -8.87
N ALA A 59 8.70 -4.87 -9.64
CA ALA A 59 7.39 -4.33 -9.32
C ALA A 59 6.97 -4.70 -7.90
N ILE A 60 7.07 -5.99 -7.59
CA ILE A 60 6.71 -6.47 -6.26
C ILE A 60 7.29 -5.55 -5.18
N ILE A 61 8.38 -4.88 -5.50
CA ILE A 61 9.02 -3.98 -4.56
C ILE A 61 8.28 -2.65 -4.50
N ARG A 62 8.23 -1.96 -5.63
CA ARG A 62 7.54 -0.68 -5.70
C ARG A 62 6.05 -0.85 -5.43
N ILE A 63 5.56 -2.08 -5.57
CA ILE A 63 4.16 -2.36 -5.34
C ILE A 63 3.89 -2.58 -3.85
N LEU A 64 4.75 -3.35 -3.20
CA LEU A 64 4.60 -3.63 -1.79
C LEU A 64 4.70 -2.33 -0.97
N GLN A 65 5.57 -1.43 -1.41
CA GLN A 65 5.75 -0.16 -0.72
C GLN A 65 4.48 0.67 -0.80
N GLN A 66 3.80 0.62 -1.94
CA GLN A 66 2.57 1.38 -2.14
C GLN A 66 1.41 0.71 -1.41
N LEU A 67 1.46 -0.63 -1.34
CA LEU A 67 0.40 -1.38 -0.68
C LEU A 67 0.36 -1.04 0.81
N LEU A 68 1.53 -0.81 1.39
CA LEU A 68 1.62 -0.47 2.82
C LEU A 68 0.78 0.75 3.12
N PHE A 69 0.83 1.74 2.23
CA PHE A 69 0.07 2.97 2.42
C PHE A 69 -1.38 2.65 2.81
N ILE A 70 -2.10 2.03 1.89
CA ILE A 70 -3.49 1.67 2.14
C ILE A 70 -3.61 0.87 3.42
N HIS A 71 -2.71 -0.09 3.61
CA HIS A 71 -2.71 -0.92 4.81
C HIS A 71 -3.02 -0.08 6.04
N PHE A 72 -2.75 1.21 5.95
CA PHE A 72 -3.00 2.12 7.06
C PHE A 72 -4.46 2.54 7.10
N ARG A 73 -4.91 3.18 6.02
CA ARG A 73 -6.29 3.64 5.95
C ARG A 73 -7.25 2.56 6.44
N ILE A 74 -7.25 1.42 5.76
CA ILE A 74 -8.14 0.32 6.14
C ILE A 74 -7.99 0.01 7.63
N GLY A 75 -6.77 0.11 8.13
CA GLY A 75 -6.51 -0.17 9.54
C GLY A 75 -5.55 -1.34 9.70
N CYS A 76 -4.59 -1.19 10.60
CA CYS A 76 -3.61 -2.25 10.84
C CYS A 76 -4.00 -3.07 12.06
N ARG A 77 -4.54 -4.26 11.83
CA ARG A 77 -4.94 -5.13 12.92
C ARG A 77 -3.72 -5.59 13.72
N HIS A 78 -2.61 -5.74 13.03
CA HIS A 78 -1.37 -6.18 13.68
C HIS A 78 -1.04 -5.27 14.87
N SER A 79 -0.37 -5.83 15.87
CA SER A 79 -0.01 -5.07 17.05
C SER A 79 -1.11 -4.08 17.42
N ASN A 93 15.38 11.57 5.35
CA ASN A 93 14.31 11.14 4.46
C ASN A 93 13.58 12.34 3.87
N PRO A 94 12.78 12.13 2.87
CA PRO A 94 12.01 13.21 2.21
C PRO A 94 10.85 13.68 3.09
N LEU A 95 10.64 12.97 4.19
CA LEU A 95 9.58 13.32 5.13
C LEU A 95 10.13 13.54 6.52
N GLU A 96 11.46 13.66 6.62
CA GLU A 96 12.11 13.86 7.89
C GLU A 96 11.47 15.03 8.65
N PHE A 97 11.15 16.09 7.92
CA PHE A 97 10.53 17.27 8.53
C PHE A 97 9.07 16.99 8.87
N LEU A 98 8.60 15.80 8.53
CA LEU A 98 7.22 15.43 8.81
C LEU A 98 6.89 15.65 10.28
N ARG A 99 7.68 15.04 11.16
CA ARG A 99 7.46 15.18 12.60
C ARG A 99 7.20 16.65 12.95
N ASP A 100 7.54 17.55 12.04
CA ASP A 100 7.35 18.97 12.27
C ASP A 100 6.00 19.43 11.71
N GLN A 101 5.12 18.47 11.45
CA GLN A 101 3.79 18.78 10.92
C GLN A 101 2.70 18.22 11.81
N PRO A 102 1.60 18.92 11.92
CA PRO A 102 0.45 18.48 12.76
C PRO A 102 -0.25 17.27 12.17
N GLN A 103 -0.42 17.27 10.85
CA GLN A 103 -1.07 16.17 10.17
C GLN A 103 -0.43 14.84 10.54
N PHE A 104 0.90 14.83 10.62
CA PHE A 104 1.64 13.63 10.97
C PHE A 104 1.39 13.26 12.43
N GLN A 105 1.83 14.14 13.33
CA GLN A 105 1.67 13.91 14.76
C GLN A 105 0.18 13.74 15.09
N ASN A 106 -0.68 14.29 14.25
CA ASN A 106 -2.12 14.20 14.48
C ASN A 106 -2.65 12.89 13.90
N MET A 107 -2.54 12.75 12.58
CA MET A 107 -3.02 11.55 11.91
C MET A 107 -2.38 10.30 12.50
N ARG A 108 -1.12 10.44 12.93
CA ARG A 108 -0.39 9.31 13.51
C ARG A 108 -0.96 8.94 14.88
N GLN A 109 -1.51 9.92 15.59
CA GLN A 109 -2.07 9.66 16.91
C GLN A 109 -3.49 9.13 16.78
N VAL A 110 -4.18 9.54 15.71
CA VAL A 110 -5.54 9.10 15.48
C VAL A 110 -5.55 7.85 14.60
N ILE A 111 -4.49 7.67 13.83
CA ILE A 111 -4.39 6.51 12.94
C ILE A 111 -4.01 5.27 13.72
N GLN A 112 -2.93 5.36 14.49
CA GLN A 112 -2.48 4.23 15.29
C GLN A 112 -3.59 3.75 16.23
N GLN A 113 -4.53 4.64 16.51
CA GLN A 113 -5.66 4.31 17.38
C GLN A 113 -6.85 3.84 16.56
N ASN A 114 -7.28 4.70 15.64
CA ASN A 114 -8.42 4.37 14.78
C ASN A 114 -8.14 4.78 13.34
N PRO A 115 -7.39 3.97 12.64
CA PRO A 115 -7.04 4.24 11.21
C PRO A 115 -8.26 4.68 10.40
N ALA A 116 -9.44 4.49 10.98
CA ALA A 116 -10.67 4.88 10.30
C ALA A 116 -10.68 6.37 10.01
N LEU A 117 -9.72 7.09 10.57
CA LEU A 117 -9.62 8.53 10.37
C LEU A 117 -8.58 8.85 9.30
N LEU A 118 -8.05 7.82 8.66
CA LEU A 118 -7.05 8.01 7.62
C LEU A 118 -7.70 8.50 6.33
N PRO A 119 -8.65 7.76 5.83
CA PRO A 119 -9.37 8.10 4.58
C PRO A 119 -9.68 9.60 4.50
N ALA A 120 -10.06 10.18 5.63
CA ALA A 120 -10.38 11.60 5.69
C ALA A 120 -9.11 12.43 5.91
N LEU A 121 -8.15 11.84 6.61
CA LEU A 121 -6.89 12.53 6.87
C LEU A 121 -5.96 12.42 5.68
N LEU A 122 -5.57 11.20 5.33
CA LEU A 122 -4.68 10.97 4.21
C LEU A 122 -5.08 11.85 3.02
N GLN A 123 -6.37 11.89 2.73
CA GLN A 123 -6.86 12.70 1.63
C GLN A 123 -6.53 14.18 1.86
N GLN A 124 -6.67 14.62 3.10
CA GLN A 124 -6.38 16.01 3.44
C GLN A 124 -4.87 16.23 3.56
N LEU A 125 -4.13 15.15 3.78
CA LEU A 125 -2.68 15.23 3.90
C LEU A 125 -2.02 15.35 2.53
N GLY A 126 -2.35 14.41 1.65
CA GLY A 126 -1.79 14.42 0.30
C GLY A 126 -2.37 15.55 -0.52
N GLN A 127 -3.48 16.12 -0.04
CA GLN A 127 -4.12 17.21 -0.75
C GLN A 127 -3.48 18.55 -0.39
N GLU A 128 -3.27 18.75 0.92
CA GLU A 128 -2.66 19.99 1.39
C GLU A 128 -1.20 20.08 0.94
N ASN A 129 -0.56 18.92 0.84
CA ASN A 129 0.84 18.88 0.42
C ASN A 129 1.14 17.58 -0.31
N PRO A 130 0.60 17.42 -1.49
CA PRO A 130 0.80 16.20 -2.32
C PRO A 130 2.27 15.80 -2.40
N GLN A 131 3.15 16.70 -1.97
CA GLN A 131 4.59 16.42 -1.99
C GLN A 131 4.95 15.35 -0.97
N LEU A 132 4.20 15.33 0.13
CA LEU A 132 4.47 14.35 1.19
C LEU A 132 3.78 13.03 0.86
N LEU A 133 2.56 13.11 0.34
CA LEU A 133 1.81 11.91 -0.02
C LEU A 133 2.63 11.01 -0.93
N GLN A 134 3.47 11.63 -1.76
CA GLN A 134 4.30 10.86 -2.69
C GLN A 134 5.41 10.13 -1.93
N GLN A 135 5.99 10.79 -0.94
CA GLN A 135 7.05 10.19 -0.15
C GLN A 135 6.50 9.07 0.72
N ILE A 136 5.52 9.42 1.56
CA ILE A 136 4.91 8.43 2.45
C ILE A 136 4.61 7.14 1.69
N SER A 137 4.10 7.30 0.47
CA SER A 137 3.77 6.14 -0.36
C SER A 137 5.03 5.50 -0.93
N ARG A 138 6.10 6.31 -1.02
CA ARG A 138 7.37 5.82 -1.56
C ARG A 138 8.27 5.33 -0.43
N HIS A 139 7.91 5.67 0.81
CA HIS A 139 8.70 5.26 1.97
C HIS A 139 7.80 4.73 3.07
N GLN A 140 6.81 3.93 2.69
CA GLN A 140 5.88 3.37 3.67
C GLN A 140 6.64 2.86 4.89
N GLU A 141 7.48 1.85 4.68
CA GLU A 141 8.25 1.29 5.78
C GLU A 141 8.77 2.39 6.69
N GLN A 142 9.44 3.38 6.10
CA GLN A 142 9.97 4.49 6.87
C GLN A 142 8.84 5.34 7.44
N PHE A 143 7.68 5.29 6.78
CA PHE A 143 6.52 6.04 7.21
C PHE A 143 5.76 5.28 8.30
N ILE A 144 5.90 3.96 8.29
CA ILE A 144 5.22 3.12 9.28
C ILE A 144 5.98 3.13 10.60
N GLN A 145 7.25 2.74 10.56
CA GLN A 145 8.06 2.72 11.77
C GLN A 145 7.80 3.96 12.62
N MET A 146 7.52 5.07 11.95
CA MET A 146 7.25 6.32 12.65
C MET A 146 5.78 6.39 13.07
N LEU A 147 4.89 6.05 12.14
CA LEU A 147 3.47 6.06 12.42
C LEU A 147 3.07 4.86 13.28
N ASN A 148 4.01 3.96 13.48
CA ASN A 148 3.75 2.77 14.28
C ASN A 148 4.05 3.03 15.75
N GLU A 149 4.97 3.96 16.00
CA GLU A 149 5.33 4.30 17.37
C GLU A 149 4.50 5.49 17.85
N PRO A 150 4.11 5.48 19.10
CA PRO A 150 3.30 6.58 19.69
C PRO A 150 4.10 7.87 19.82
N PRO A 151 3.52 8.97 19.42
CA PRO A 151 4.18 10.31 19.48
C PRO A 151 4.70 10.62 20.89
N ILE A 177 -7.88 6.21 -14.01
CA ILE A 177 -7.78 6.42 -15.44
C ILE A 177 -7.15 5.21 -16.14
N GLN A 178 -6.09 4.68 -15.54
CA GLN A 178 -5.40 3.53 -16.11
C GLN A 178 -6.37 2.39 -16.43
N VAL A 179 -7.64 2.56 -16.08
CA VAL A 179 -8.63 1.53 -16.34
C VAL A 179 -9.45 1.89 -17.57
N THR A 180 -10.37 1.00 -17.93
CA THR A 180 -11.23 1.22 -19.08
C THR A 180 -12.61 0.66 -18.77
N PRO A 181 -13.57 0.94 -19.60
CA PRO A 181 -14.96 0.45 -19.39
C PRO A 181 -14.97 -1.07 -19.37
N GLN A 182 -13.86 -1.63 -19.85
CA GLN A 182 -13.69 -3.07 -19.90
C GLN A 182 -13.16 -3.60 -18.57
N GLU A 183 -12.10 -2.99 -18.06
CA GLU A 183 -11.51 -3.42 -16.79
C GLU A 183 -12.17 -2.70 -15.62
N LYS A 184 -12.37 -1.39 -15.77
CA LYS A 184 -12.98 -0.61 -14.71
C LYS A 184 -14.29 -1.23 -14.24
N GLU A 185 -15.10 -1.68 -15.17
CA GLU A 185 -16.38 -2.31 -14.83
C GLU A 185 -16.22 -3.23 -13.63
N ALA A 186 -15.26 -4.14 -13.72
CA ALA A 186 -14.99 -5.09 -12.65
C ALA A 186 -14.47 -4.38 -11.41
N ILE A 187 -13.66 -3.35 -11.62
CA ILE A 187 -13.08 -2.60 -10.51
C ILE A 187 -14.16 -2.23 -9.50
N GLU A 188 -15.13 -1.44 -9.94
CA GLU A 188 -16.21 -1.02 -9.07
C GLU A 188 -16.85 -2.23 -8.41
N ARG A 189 -17.10 -3.26 -9.19
CA ARG A 189 -17.71 -4.48 -8.67
C ARG A 189 -17.13 -4.82 -7.30
N LEU A 190 -15.88 -4.39 -7.08
CA LEU A 190 -15.22 -4.65 -5.81
C LEU A 190 -15.61 -3.60 -4.78
N LYS A 191 -15.82 -2.37 -5.25
CA LYS A 191 -16.20 -1.27 -4.37
C LYS A 191 -17.57 -1.55 -3.74
N ALA A 192 -18.37 -2.37 -4.41
CA ALA A 192 -19.69 -2.71 -3.91
C ALA A 192 -19.59 -3.48 -2.59
N LEU A 193 -18.39 -3.97 -2.30
CA LEU A 193 -18.17 -4.73 -1.07
C LEU A 193 -18.20 -3.80 0.14
N GLY A 194 -18.61 -2.55 -0.08
CA GLY A 194 -18.69 -1.58 1.00
C GLY A 194 -17.55 -0.55 0.89
N PHE A 195 -16.66 -0.76 -0.06
CA PHE A 195 -15.54 0.14 -0.26
C PHE A 195 -15.80 1.05 -1.46
N PRO A 196 -15.34 2.27 -1.39
CA PRO A 196 -15.52 3.26 -2.49
C PRO A 196 -14.73 2.89 -3.74
N GLU A 197 -15.18 3.39 -4.89
CA GLU A 197 -14.50 3.11 -6.15
C GLU A 197 -13.06 3.62 -6.08
N SER A 198 -12.87 4.73 -5.40
CA SER A 198 -11.55 5.32 -5.26
C SER A 198 -10.65 4.43 -4.42
N LEU A 199 -11.23 3.84 -3.37
CA LEU A 199 -10.47 2.96 -2.49
C LEU A 199 -10.24 1.60 -3.17
N VAL A 200 -11.13 1.23 -4.09
CA VAL A 200 -11.00 -0.03 -4.79
C VAL A 200 -10.03 0.11 -5.96
N ILE A 201 -9.92 1.32 -6.48
CA ILE A 201 -9.03 1.59 -7.60
C ILE A 201 -7.58 1.38 -7.20
N GLN A 202 -7.23 1.88 -6.00
CA GLN A 202 -5.87 1.73 -5.51
C GLN A 202 -5.46 0.27 -5.45
N ALA A 203 -6.28 -0.54 -4.78
CA ALA A 203 -6.00 -1.96 -4.66
C ALA A 203 -5.83 -2.59 -6.04
N TYR A 204 -6.78 -2.34 -6.92
CA TYR A 204 -6.73 -2.88 -8.27
C TYR A 204 -5.43 -2.48 -8.96
N PHE A 205 -5.07 -1.20 -8.84
CA PHE A 205 -3.86 -0.70 -9.45
C PHE A 205 -2.64 -1.06 -8.60
N ALA A 206 -2.89 -1.38 -7.33
CA ALA A 206 -1.80 -1.74 -6.42
C ALA A 206 -1.49 -3.23 -6.52
N CYS A 207 -2.47 -4.00 -7.01
CA CYS A 207 -2.29 -5.44 -7.14
C CYS A 207 -2.05 -5.81 -8.60
N GLU A 208 -1.75 -4.81 -9.42
CA GLU A 208 -1.49 -5.05 -10.84
C GLU A 208 -2.79 -5.32 -11.58
N LYS A 209 -3.73 -4.39 -11.49
CA LYS A 209 -5.02 -4.54 -12.17
C LYS A 209 -5.54 -5.97 -12.04
N ASN A 210 -4.99 -6.71 -11.08
CA ASN A 210 -5.40 -8.09 -10.88
C ASN A 210 -6.64 -8.15 -9.99
N GLU A 211 -7.80 -8.40 -10.59
CA GLU A 211 -9.05 -8.48 -9.84
C GLU A 211 -8.97 -9.63 -8.84
N ASN A 212 -8.42 -10.76 -9.26
CA ASN A 212 -8.31 -11.93 -8.40
C ASN A 212 -7.51 -11.57 -7.14
N LEU A 213 -6.43 -10.83 -7.32
CA LEU A 213 -5.58 -10.43 -6.20
C LEU A 213 -6.25 -9.33 -5.40
N ALA A 214 -6.65 -8.26 -6.07
CA ALA A 214 -7.30 -7.14 -5.40
C ALA A 214 -8.47 -7.63 -4.54
N ALA A 215 -9.28 -8.52 -5.11
CA ALA A 215 -10.43 -9.06 -4.39
C ALA A 215 -9.98 -9.74 -3.11
N ASN A 216 -8.77 -10.29 -3.12
CA ASN A 216 -8.23 -10.97 -1.96
C ASN A 216 -7.62 -9.98 -0.98
N PHE A 217 -6.73 -9.13 -1.49
CA PHE A 217 -6.07 -8.13 -0.65
C PHE A 217 -7.11 -7.27 0.06
N LEU A 218 -8.11 -6.82 -0.68
CA LEU A 218 -9.17 -5.99 -0.11
C LEU A 218 -9.86 -6.72 1.03
N LEU A 219 -10.21 -7.98 0.79
CA LEU A 219 -10.88 -8.78 1.81
C LEU A 219 -9.87 -9.38 2.79
N SER A 220 -8.59 -9.32 2.42
CA SER A 220 -7.55 -9.86 3.27
C SER A 220 -6.84 -8.74 4.03
N GLN A 221 -7.42 -7.55 4.00
CA GLN A 221 -6.83 -6.40 4.68
C GLN A 221 -6.93 -6.55 6.20
N ASN A 222 -6.69 -7.76 6.69
CA ASN A 222 -6.74 -8.01 8.14
C ASN A 222 -8.15 -7.78 8.68
N PHE A 223 -8.49 -6.51 8.89
CA PHE A 223 -9.81 -6.14 9.43
C PHE A 223 -10.64 -7.38 9.76
ZN ZN B . -0.27 -4.13 9.92
N GLU A 13 24.45 -3.45 -11.85
CA GLU A 13 23.11 -4.00 -11.89
C GLU A 13 22.75 -4.63 -10.54
N PRO A 14 22.63 -3.81 -9.53
CA PRO A 14 22.29 -4.28 -8.15
C PRO A 14 20.81 -4.66 -8.03
N TYR A 15 19.96 -3.98 -8.79
CA TYR A 15 18.53 -4.27 -8.76
C TYR A 15 18.27 -5.76 -8.94
N ASN A 16 19.32 -6.51 -9.27
CA ASN A 16 19.19 -7.94 -9.48
C ASN A 16 19.48 -8.71 -8.19
N GLU A 17 20.71 -8.60 -7.70
CA GLU A 17 21.10 -9.28 -6.47
C GLU A 17 20.78 -8.41 -5.27
N TRP A 18 21.14 -7.13 -5.39
CA TRP A 18 20.90 -6.19 -4.31
C TRP A 18 19.40 -6.05 -4.03
N THR A 19 18.63 -5.95 -5.10
CA THR A 19 17.18 -5.81 -4.98
C THR A 19 16.63 -6.77 -3.93
N LEU A 20 17.34 -7.87 -3.70
CA LEU A 20 16.90 -8.86 -2.72
C LEU A 20 17.21 -8.38 -1.30
N GLU A 21 18.49 -8.16 -1.03
CA GLU A 21 18.90 -7.70 0.30
C GLU A 21 17.99 -6.56 0.77
N LEU A 22 17.61 -5.69 -0.15
CA LEU A 22 16.74 -4.57 0.19
C LEU A 22 15.28 -5.01 0.24
N LEU A 23 14.86 -5.76 -0.77
CA LEU A 23 13.48 -6.25 -0.82
C LEU A 23 13.14 -7.04 0.43
N GLU A 24 13.90 -8.10 0.68
CA GLU A 24 13.68 -8.94 1.85
C GLU A 24 13.42 -8.07 3.08
N GLU A 25 14.02 -6.89 3.10
CA GLU A 25 13.85 -5.98 4.23
C GLU A 25 12.57 -5.17 4.07
N LEU A 26 12.39 -4.58 2.90
CA LEU A 26 11.20 -3.78 2.63
C LEU A 26 9.94 -4.57 2.96
N LYS A 27 9.76 -5.71 2.28
CA LYS A 27 8.59 -6.54 2.50
C LYS A 27 8.64 -7.17 3.89
N SER A 28 9.84 -7.24 4.47
CA SER A 28 10.01 -7.81 5.79
C SER A 28 9.10 -7.12 6.80
N GLU A 29 8.77 -5.86 6.53
CA GLU A 29 7.91 -5.10 7.43
C GLU A 29 6.46 -5.55 7.29
N ALA A 30 5.91 -5.37 6.10
CA ALA A 30 4.52 -5.77 5.84
C ALA A 30 4.35 -7.27 6.01
N VAL A 31 5.20 -8.03 5.32
CA VAL A 31 5.14 -9.49 5.38
C VAL A 31 4.97 -9.96 6.83
N ARG A 32 5.33 -9.11 7.78
CA ARG A 32 5.21 -9.47 9.19
C ARG A 32 3.76 -9.40 9.65
N HIS A 33 3.05 -8.37 9.20
CA HIS A 33 1.64 -8.23 9.56
C HIS A 33 0.76 -8.29 8.31
N PHE A 34 1.28 -8.92 7.26
CA PHE A 34 0.53 -9.04 6.02
C PHE A 34 -0.03 -10.45 5.87
N PRO A 35 -1.12 -10.58 5.18
CA PRO A 35 -1.78 -11.89 4.95
C PRO A 35 -0.94 -12.82 4.08
N ARG A 36 -0.63 -14.01 4.60
CA ARG A 36 0.17 -14.97 3.86
C ARG A 36 -0.39 -15.16 2.45
N ILE A 37 -1.72 -15.32 2.37
CA ILE A 37 -2.38 -15.51 1.09
C ILE A 37 -1.90 -14.48 0.08
N TRP A 38 -2.03 -13.20 0.43
CA TRP A 38 -1.61 -12.13 -0.47
C TRP A 38 -0.18 -12.34 -0.92
N LEU A 39 0.73 -12.52 0.05
CA LEU A 39 2.13 -12.73 -0.27
C LEU A 39 2.30 -13.94 -1.19
N HIS A 40 1.32 -14.85 -1.14
CA HIS A 40 1.37 -16.06 -1.97
C HIS A 40 0.81 -15.76 -3.36
N ASN A 41 -0.35 -15.13 -3.40
CA ASN A 41 -1.00 -14.81 -4.67
C ASN A 41 -0.25 -13.66 -5.36
N LEU A 42 0.46 -12.86 -4.58
CA LEU A 42 1.21 -11.75 -5.12
C LEU A 42 2.23 -12.22 -6.14
N GLY A 43 3.11 -13.13 -5.71
CA GLY A 43 4.12 -13.67 -6.60
C GLY A 43 3.52 -14.64 -7.61
N GLN A 44 2.34 -15.17 -7.27
CA GLN A 44 1.66 -16.10 -8.16
C GLN A 44 0.94 -15.36 -9.27
N HIS A 45 0.38 -14.19 -8.93
CA HIS A 45 -0.33 -13.39 -9.93
C HIS A 45 0.64 -12.55 -10.73
N ILE A 46 1.41 -11.72 -10.03
CA ILE A 46 2.38 -10.86 -10.68
C ILE A 46 3.31 -11.67 -11.59
N TYR A 47 3.63 -12.88 -11.16
CA TYR A 47 4.51 -13.75 -11.95
C TYR A 47 3.85 -14.11 -13.28
N GLU A 48 2.57 -14.45 -13.22
CA GLU A 48 1.83 -14.81 -14.43
C GLU A 48 1.66 -13.60 -15.34
N THR A 49 1.62 -12.41 -14.72
CA THR A 49 1.46 -11.18 -15.48
C THR A 49 2.79 -10.72 -16.07
N TYR A 50 3.75 -10.44 -15.19
CA TYR A 50 5.06 -9.99 -15.63
C TYR A 50 5.94 -11.18 -16.00
N GLY A 51 5.40 -12.39 -15.84
CA GLY A 51 6.14 -13.60 -16.17
C GLY A 51 7.28 -13.82 -15.17
N ASP A 52 8.46 -14.11 -15.70
CA ASP A 52 9.62 -14.35 -14.84
C ASP A 52 10.61 -13.20 -14.95
N THR A 53 10.35 -12.29 -15.89
CA THR A 53 11.23 -11.15 -16.09
C THR A 53 11.55 -10.48 -14.76
N TRP A 54 12.69 -9.80 -14.70
CA TRP A 54 13.11 -9.12 -13.49
C TRP A 54 12.12 -8.02 -13.11
N ALA A 55 11.44 -7.47 -14.12
CA ALA A 55 10.47 -6.41 -13.90
C ALA A 55 9.46 -6.83 -12.83
N GLY A 56 8.96 -8.05 -12.94
CA GLY A 56 7.99 -8.56 -11.98
C GLY A 56 8.47 -8.35 -10.55
N VAL A 57 9.68 -8.82 -10.26
CA VAL A 57 10.25 -8.68 -8.93
C VAL A 57 10.32 -7.20 -8.53
N GLU A 58 10.59 -6.35 -9.51
CA GLU A 58 10.69 -4.91 -9.25
C GLU A 58 9.32 -4.34 -8.92
N ALA A 59 8.35 -4.58 -9.80
CA ALA A 59 7.00 -4.09 -9.59
C ALA A 59 6.48 -4.51 -8.23
N ILE A 60 6.87 -5.70 -7.80
CA ILE A 60 6.43 -6.22 -6.50
C ILE A 60 6.86 -5.28 -5.38
N ILE A 61 8.05 -4.70 -5.51
CA ILE A 61 8.56 -3.79 -4.50
C ILE A 61 7.82 -2.46 -4.56
N ARG A 62 7.27 -2.14 -5.72
CA ARG A 62 6.54 -0.88 -5.89
C ARG A 62 5.12 -1.01 -5.34
N ILE A 63 4.40 -2.02 -5.83
CA ILE A 63 3.02 -2.24 -5.38
C ILE A 63 2.96 -2.34 -3.86
N LEU A 64 3.82 -3.17 -3.30
CA LEU A 64 3.85 -3.35 -1.85
C LEU A 64 4.00 -2.00 -1.14
N GLN A 65 4.96 -1.21 -1.60
CA GLN A 65 5.19 0.11 -1.00
C GLN A 65 3.86 0.84 -0.78
N GLN A 66 3.12 1.05 -1.86
CA GLN A 66 1.84 1.74 -1.76
C GLN A 66 0.81 0.86 -1.08
N LEU A 67 0.91 -0.44 -1.30
CA LEU A 67 -0.02 -1.39 -0.71
C LEU A 67 -0.08 -1.21 0.81
N LEU A 68 1.08 -1.20 1.44
CA LEU A 68 1.15 -1.03 2.89
C LEU A 68 0.47 0.27 3.31
N PHE A 69 0.41 1.22 2.37
CA PHE A 69 -0.21 2.51 2.66
C PHE A 69 -1.70 2.34 2.93
N ILE A 70 -2.44 1.91 1.91
CA ILE A 70 -3.88 1.71 2.06
C ILE A 70 -4.18 0.90 3.32
N HIS A 71 -3.32 -0.07 3.62
CA HIS A 71 -3.48 -0.90 4.80
C HIS A 71 -3.72 -0.04 6.03
N PHE A 72 -3.28 1.21 5.97
CA PHE A 72 -3.44 2.14 7.08
C PHE A 72 -4.89 2.61 7.18
N ARG A 73 -5.46 2.99 6.05
CA ARG A 73 -6.83 3.47 6.00
C ARG A 73 -7.74 2.57 6.84
N ILE A 74 -7.83 1.30 6.46
CA ILE A 74 -8.67 0.35 7.18
C ILE A 74 -8.24 0.26 8.64
N GLY A 75 -6.93 0.18 8.87
CA GLY A 75 -6.41 0.11 10.22
C GLY A 75 -5.64 -1.20 10.43
N CYS A 76 -4.45 -1.09 11.01
CA CYS A 76 -3.63 -2.28 11.26
C CYS A 76 -4.14 -3.04 12.49
N ARG A 77 -4.87 -4.11 12.24
CA ARG A 77 -5.39 -4.92 13.33
C ARG A 77 -4.34 -5.94 13.77
N HIS A 78 -3.14 -5.78 13.24
CA HIS A 78 -2.04 -6.68 13.56
C HIS A 78 -1.28 -6.17 14.78
N SER A 79 -0.76 -7.09 15.58
CA SER A 79 -0.01 -6.73 16.78
C SER A 79 1.35 -7.44 16.79
N ASN A 93 15.58 12.41 4.24
CA ASN A 93 14.39 11.77 3.69
C ASN A 93 13.26 12.79 3.53
N PRO A 94 12.70 12.87 2.35
CA PRO A 94 11.59 13.83 2.06
C PRO A 94 10.39 13.60 2.98
N LEU A 95 10.37 12.45 3.62
CA LEU A 95 9.28 12.11 4.53
C LEU A 95 9.70 12.36 5.98
N GLU A 96 11.01 12.31 6.22
CA GLU A 96 11.53 12.53 7.56
C GLU A 96 10.97 13.81 8.16
N PHE A 97 11.04 14.90 7.39
CA PHE A 97 10.53 16.18 7.87
C PHE A 97 9.03 16.10 8.15
N LEU A 98 8.45 14.93 7.90
CA LEU A 98 7.02 14.73 8.14
C LEU A 98 6.70 14.90 9.61
N ARG A 99 7.42 14.16 10.46
CA ARG A 99 7.20 14.23 11.90
C ARG A 99 7.05 15.68 12.34
N ASP A 100 7.53 16.60 11.52
CA ASP A 100 7.45 18.01 11.84
C ASP A 100 6.19 18.63 11.24
N GLN A 101 5.21 17.78 10.93
CA GLN A 101 3.96 18.25 10.35
C GLN A 101 2.77 17.77 11.19
N PRO A 102 1.74 18.55 11.25
CA PRO A 102 0.52 18.22 12.03
C PRO A 102 -0.25 17.05 11.42
N GLN A 103 -0.55 17.15 10.13
CA GLN A 103 -1.28 16.09 9.44
C GLN A 103 -0.73 14.72 9.80
N PHE A 104 0.59 14.64 9.95
CA PHE A 104 1.21 13.36 10.30
C PHE A 104 0.93 13.02 11.77
N GLN A 105 1.06 14.02 12.63
CA GLN A 105 0.82 13.82 14.05
C GLN A 105 -0.66 13.53 14.31
N ASN A 106 -1.51 14.45 13.86
CA ASN A 106 -2.96 14.28 14.04
C ASN A 106 -3.40 12.94 13.46
N MET A 107 -2.82 12.56 12.32
CA MET A 107 -3.18 11.31 11.68
C MET A 107 -2.44 10.14 12.34
N ARG A 108 -1.22 10.41 12.80
CA ARG A 108 -0.42 9.39 13.44
C ARG A 108 -1.08 8.94 14.74
N GLN A 109 -1.81 9.85 15.38
CA GLN A 109 -2.49 9.53 16.63
C GLN A 109 -3.85 8.89 16.33
N VAL A 110 -4.46 9.30 15.23
CA VAL A 110 -5.76 8.76 14.84
C VAL A 110 -5.58 7.52 13.97
N ILE A 111 -4.39 7.37 13.40
CA ILE A 111 -4.11 6.22 12.53
C ILE A 111 -3.77 4.98 13.36
N GLN A 112 -2.81 5.14 14.27
CA GLN A 112 -2.41 4.01 15.11
C GLN A 112 -3.39 3.80 16.26
N GLN A 113 -4.21 4.81 16.52
CA GLN A 113 -5.20 4.72 17.59
C GLN A 113 -6.54 4.25 17.04
N ASN A 114 -7.00 4.93 15.98
CA ASN A 114 -8.28 4.57 15.36
C ASN A 114 -8.24 4.86 13.87
N PRO A 115 -7.57 4.04 13.11
CA PRO A 115 -7.46 4.20 11.63
C PRO A 115 -8.78 4.65 11.01
N ALA A 116 -9.87 4.48 11.75
CA ALA A 116 -11.19 4.86 11.26
C ALA A 116 -11.23 6.36 10.97
N LEU A 117 -10.14 7.06 11.29
CA LEU A 117 -10.07 8.50 11.05
C LEU A 117 -8.98 8.82 10.04
N LEU A 118 -8.39 7.79 9.45
CA LEU A 118 -7.34 7.98 8.47
C LEU A 118 -7.93 8.35 7.11
N PRO A 119 -8.82 7.55 6.61
CA PRO A 119 -9.48 7.78 5.31
C PRO A 119 -9.80 9.25 5.07
N ALA A 120 -10.15 9.96 6.14
CA ALA A 120 -10.46 11.38 6.04
C ALA A 120 -9.19 12.22 6.14
N LEU A 121 -8.17 11.66 6.78
CA LEU A 121 -6.90 12.37 6.94
C LEU A 121 -6.12 12.37 5.63
N LEU A 122 -5.78 11.17 5.16
CA LEU A 122 -5.02 11.04 3.92
C LEU A 122 -5.54 12.01 2.87
N GLN A 123 -6.82 11.88 2.53
CA GLN A 123 -7.43 12.75 1.54
C GLN A 123 -7.03 14.20 1.78
N GLN A 124 -6.95 14.59 3.05
CA GLN A 124 -6.56 15.96 3.40
C GLN A 124 -5.05 16.11 3.38
N LEU A 125 -4.34 14.99 3.56
CA LEU A 125 -2.88 15.02 3.57
C LEU A 125 -2.36 15.45 2.20
N GLY A 126 -2.71 14.70 1.18
CA GLY A 126 -2.27 15.02 -0.18
C GLY A 126 -2.80 16.37 -0.62
N GLN A 127 -3.78 16.88 0.11
CA GLN A 127 -4.36 18.18 -0.22
C GLN A 127 -3.49 19.32 0.32
N GLU A 128 -2.74 19.02 1.37
CA GLU A 128 -1.87 20.01 1.98
C GLU A 128 -0.43 19.84 1.49
N ASN A 129 0.10 18.64 1.66
CA ASN A 129 1.47 18.36 1.23
C ASN A 129 1.47 17.28 0.15
N PRO A 130 1.32 17.69 -1.09
CA PRO A 130 1.31 16.74 -2.24
C PRO A 130 2.70 16.18 -2.55
N GLN A 131 3.70 17.04 -2.49
CA GLN A 131 5.07 16.63 -2.76
C GLN A 131 5.49 15.52 -1.81
N LEU A 132 4.85 15.46 -0.65
CA LEU A 132 5.16 14.44 0.34
C LEU A 132 4.43 13.14 0.02
N LEU A 133 3.16 13.26 -0.35
CA LEU A 133 2.35 12.09 -0.68
C LEU A 133 3.15 11.13 -1.56
N GLN A 134 3.88 11.68 -2.51
CA GLN A 134 4.69 10.86 -3.42
C GLN A 134 5.84 10.21 -2.66
N GLN A 135 6.27 10.85 -1.57
CA GLN A 135 7.36 10.31 -0.77
C GLN A 135 6.85 9.29 0.24
N ILE A 136 5.75 9.64 0.90
CA ILE A 136 5.16 8.74 1.90
C ILE A 136 4.98 7.34 1.32
N SER A 137 4.74 7.28 0.01
CA SER A 137 4.55 6.00 -0.66
C SER A 137 5.88 5.30 -0.90
N ARG A 138 6.93 6.11 -1.10
CA ARG A 138 8.26 5.56 -1.33
C ARG A 138 8.95 5.22 -0.01
N HIS A 139 8.61 5.98 1.03
CA HIS A 139 9.20 5.76 2.35
C HIS A 139 8.18 5.11 3.29
N GLN A 140 7.39 4.19 2.75
CA GLN A 140 6.38 3.51 3.56
C GLN A 140 6.98 3.01 4.86
N GLU A 141 7.93 2.09 4.76
CA GLU A 141 8.57 1.53 5.95
C GLU A 141 8.85 2.64 6.97
N GLN A 142 9.73 3.57 6.61
CA GLN A 142 10.06 4.67 7.51
C GLN A 142 8.80 5.46 7.86
N PHE A 143 7.79 5.37 6.99
CA PHE A 143 6.54 6.08 7.22
C PHE A 143 5.61 5.27 8.11
N ILE A 144 5.81 3.95 8.12
CA ILE A 144 4.99 3.06 8.94
C ILE A 144 5.54 2.99 10.35
N GLN A 145 6.85 2.78 10.48
CA GLN A 145 7.48 2.70 11.79
C GLN A 145 6.86 3.72 12.74
N MET A 146 6.75 4.96 12.27
CA MET A 146 6.18 6.02 13.09
C MET A 146 4.65 6.03 12.98
N LEU A 147 4.16 5.96 11.75
CA LEU A 147 2.72 5.95 11.51
C LEU A 147 2.07 4.72 12.14
N ASN A 148 2.91 3.81 12.63
CA ASN A 148 2.41 2.59 13.27
C ASN A 148 2.79 2.57 14.74
N GLU A 149 3.63 3.52 15.15
CA GLU A 149 4.06 3.61 16.54
C GLU A 149 3.73 4.98 17.13
N PRO A 150 3.25 5.01 18.33
CA PRO A 150 2.88 6.29 19.02
C PRO A 150 4.11 7.14 19.33
N PRO A 151 4.04 8.41 19.04
CA PRO A 151 5.15 9.36 19.29
C PRO A 151 5.64 9.29 20.73
N ILE A 177 -6.49 5.92 -11.69
CA ILE A 177 -7.37 5.66 -12.83
C ILE A 177 -6.62 4.81 -13.85
N GLN A 178 -5.80 5.47 -14.66
CA GLN A 178 -5.01 4.77 -15.67
C GLN A 178 -5.68 3.45 -16.05
N VAL A 179 -7.00 3.51 -16.23
CA VAL A 179 -7.76 2.33 -16.60
C VAL A 179 -8.66 2.62 -17.80
N THR A 180 -9.36 1.60 -18.24
CA THR A 180 -10.27 1.73 -19.38
C THR A 180 -11.66 1.23 -19.00
N PRO A 181 -12.58 1.28 -19.93
CA PRO A 181 -13.97 0.80 -19.67
C PRO A 181 -13.99 -0.72 -19.57
N GLN A 182 -12.92 -1.34 -20.05
CA GLN A 182 -12.79 -2.78 -20.02
C GLN A 182 -12.19 -3.23 -18.68
N GLU A 183 -11.26 -2.44 -18.16
CA GLU A 183 -10.63 -2.77 -16.88
C GLU A 183 -11.44 -2.19 -15.73
N LYS A 184 -11.89 -0.96 -15.90
CA LYS A 184 -12.67 -0.30 -14.87
C LYS A 184 -13.67 -1.26 -14.25
N GLU A 185 -14.61 -1.73 -15.05
CA GLU A 185 -15.63 -2.65 -14.58
C GLU A 185 -15.02 -3.66 -13.60
N ALA A 186 -13.71 -3.85 -13.70
CA ALA A 186 -13.03 -4.80 -12.81
C ALA A 186 -12.77 -4.15 -11.46
N ILE A 187 -12.42 -2.87 -11.47
CA ILE A 187 -12.15 -2.15 -10.23
C ILE A 187 -13.41 -2.04 -9.39
N GLU A 188 -14.42 -1.38 -9.94
CA GLU A 188 -15.69 -1.21 -9.23
C GLU A 188 -16.26 -2.55 -8.83
N ARG A 189 -15.78 -3.62 -9.45
CA ARG A 189 -16.25 -4.95 -9.14
C ARG A 189 -15.98 -5.27 -7.67
N LEU A 190 -14.90 -4.71 -7.16
CA LEU A 190 -14.52 -4.92 -5.77
C LEU A 190 -15.29 -3.95 -4.87
N LYS A 191 -15.65 -2.80 -5.43
CA LYS A 191 -16.39 -1.79 -4.68
C LYS A 191 -17.69 -2.37 -4.14
N ALA A 192 -18.46 -3.00 -5.02
CA ALA A 192 -19.73 -3.59 -4.64
C ALA A 192 -19.58 -4.40 -3.35
N LEU A 193 -18.33 -4.71 -3.01
CA LEU A 193 -18.06 -5.49 -1.79
C LEU A 193 -18.22 -4.61 -0.56
N GLY A 194 -18.59 -3.36 -0.76
CA GLY A 194 -18.78 -2.43 0.35
C GLY A 194 -17.51 -1.62 0.60
N PHE A 195 -16.71 -1.44 -0.44
CA PHE A 195 -15.47 -0.69 -0.33
C PHE A 195 -15.55 0.59 -1.14
N PRO A 196 -14.97 1.65 -0.64
CA PRO A 196 -14.98 2.98 -1.33
C PRO A 196 -14.50 2.86 -2.77
N GLU A 197 -14.88 3.85 -3.59
CA GLU A 197 -14.49 3.85 -5.00
C GLU A 197 -12.99 4.09 -5.13
N SER A 198 -12.48 5.02 -4.34
CA SER A 198 -11.05 5.34 -4.38
C SER A 198 -10.23 4.19 -3.80
N LEU A 199 -10.80 3.46 -2.86
CA LEU A 199 -10.11 2.34 -2.24
C LEU A 199 -9.86 1.23 -3.27
N VAL A 200 -10.74 1.14 -4.26
CA VAL A 200 -10.60 0.12 -5.28
C VAL A 200 -9.56 0.54 -6.32
N ILE A 201 -9.81 1.67 -6.97
CA ILE A 201 -8.89 2.18 -7.98
C ILE A 201 -7.45 2.03 -7.50
N GLN A 202 -7.18 2.46 -6.27
CA GLN A 202 -5.84 2.37 -5.71
C GLN A 202 -5.43 0.91 -5.54
N ALA A 203 -6.19 0.18 -4.73
CA ALA A 203 -5.89 -1.23 -4.49
C ALA A 203 -5.69 -1.96 -5.81
N TYR A 204 -6.71 -1.93 -6.66
CA TYR A 204 -6.63 -2.60 -7.95
C TYR A 204 -5.29 -2.32 -8.62
N PHE A 205 -4.84 -1.07 -8.55
CA PHE A 205 -3.57 -0.70 -9.15
C PHE A 205 -2.40 -1.12 -8.26
N ALA A 206 -2.71 -1.37 -6.98
CA ALA A 206 -1.68 -1.78 -6.04
C ALA A 206 -1.37 -3.27 -6.20
N CYS A 207 -2.25 -3.98 -6.89
CA CYS A 207 -2.07 -5.41 -7.11
C CYS A 207 -1.85 -5.70 -8.59
N GLU A 208 -1.41 -4.69 -9.33
CA GLU A 208 -1.18 -4.84 -10.76
C GLU A 208 -2.49 -4.99 -11.51
N LYS A 209 -3.55 -4.43 -10.95
CA LYS A 209 -4.87 -4.51 -11.57
C LYS A 209 -5.39 -5.95 -11.58
N ASN A 210 -4.89 -6.74 -10.63
CA ASN A 210 -5.30 -8.14 -10.53
C ASN A 210 -6.58 -8.26 -9.69
N GLU A 211 -7.73 -8.14 -10.34
CA GLU A 211 -9.00 -8.24 -9.64
C GLU A 211 -8.98 -9.40 -8.65
N ASN A 212 -8.22 -10.44 -8.98
CA ASN A 212 -8.13 -11.61 -8.11
C ASN A 212 -7.31 -11.29 -6.86
N LEU A 213 -6.22 -10.55 -7.04
CA LEU A 213 -5.37 -10.18 -5.92
C LEU A 213 -5.99 -9.04 -5.12
N ALA A 214 -6.56 -8.08 -5.84
CA ALA A 214 -7.19 -6.93 -5.18
C ALA A 214 -8.16 -7.39 -4.09
N ALA A 215 -9.12 -8.23 -4.49
CA ALA A 215 -10.10 -8.74 -3.54
C ALA A 215 -9.41 -9.28 -2.29
N ASN A 216 -8.36 -10.06 -2.49
CA ASN A 216 -7.61 -10.63 -1.38
C ASN A 216 -6.92 -9.54 -0.58
N PHE A 217 -6.25 -8.62 -1.27
CA PHE A 217 -5.55 -7.53 -0.61
C PHE A 217 -6.52 -6.70 0.22
N LEU A 218 -7.75 -6.56 -0.26
CA LEU A 218 -8.76 -5.79 0.45
C LEU A 218 -9.42 -6.64 1.53
N LEU A 219 -9.68 -7.90 1.21
CA LEU A 219 -10.32 -8.80 2.16
C LEU A 219 -9.28 -9.38 3.12
N SER A 220 -8.01 -9.23 2.77
CA SER A 220 -6.93 -9.74 3.61
C SER A 220 -6.20 -8.61 4.33
N GLN A 221 -6.78 -7.41 4.26
CA GLN A 221 -6.18 -6.26 4.91
C GLN A 221 -6.06 -6.48 6.42
N ASN A 222 -7.18 -6.83 7.05
CA ASN A 222 -7.20 -7.06 8.48
C ASN A 222 -8.63 -7.18 9.00
N PHE A 223 -9.24 -6.03 9.29
CA PHE A 223 -10.62 -6.01 9.78
C PHE A 223 -10.93 -7.31 10.52
ZN ZN B . -1.01 -4.52 9.77
N GLU A 13 22.38 -0.82 -11.57
CA GLU A 13 21.01 -1.08 -11.15
C GLU A 13 20.98 -2.17 -10.08
N PRO A 14 21.34 -1.83 -8.88
CA PRO A 14 21.36 -2.79 -7.74
C PRO A 14 20.07 -3.60 -7.65
N TYR A 15 19.05 -3.16 -8.38
CA TYR A 15 17.76 -3.84 -8.38
C TYR A 15 17.93 -5.32 -8.71
N ASN A 16 19.14 -5.73 -9.03
CA ASN A 16 19.42 -7.12 -9.37
C ASN A 16 19.81 -7.92 -8.13
N GLU A 17 20.95 -7.58 -7.54
CA GLU A 17 21.42 -8.28 -6.34
C GLU A 17 20.84 -7.61 -5.10
N TRP A 18 20.95 -6.29 -5.06
CA TRP A 18 20.44 -5.53 -3.93
C TRP A 18 18.96 -5.77 -3.72
N THR A 19 18.21 -5.73 -4.81
CA THR A 19 16.76 -5.94 -4.75
C THR A 19 16.43 -7.11 -3.83
N LEU A 20 17.34 -8.07 -3.73
CA LEU A 20 17.11 -9.24 -2.88
C LEU A 20 17.25 -8.86 -1.41
N GLU A 21 18.12 -7.89 -1.13
CA GLU A 21 18.33 -7.44 0.24
C GLU A 21 17.23 -6.49 0.66
N LEU A 22 16.71 -5.73 -0.30
CA LEU A 22 15.65 -4.77 -0.02
C LEU A 22 14.28 -5.47 0.01
N LEU A 23 14.00 -6.22 -1.04
CA LEU A 23 12.72 -6.94 -1.13
C LEU A 23 12.40 -7.62 0.21
N GLU A 24 13.44 -8.06 0.91
CA GLU A 24 13.26 -8.72 2.19
C GLU A 24 12.79 -7.73 3.25
N GLU A 25 13.48 -6.59 3.33
CA GLU A 25 13.13 -5.57 4.30
C GLU A 25 11.64 -5.20 4.19
N LEU A 26 11.16 -5.13 2.96
CA LEU A 26 9.76 -4.78 2.72
C LEU A 26 8.84 -5.85 3.30
N LYS A 27 9.34 -7.07 3.39
CA LYS A 27 8.56 -8.18 3.94
C LYS A 27 8.59 -8.17 5.46
N SER A 28 9.79 -8.23 6.03
CA SER A 28 9.93 -8.22 7.47
C SER A 28 8.99 -7.20 8.12
N GLU A 29 8.64 -6.17 7.35
CA GLU A 29 7.75 -5.14 7.85
C GLU A 29 6.29 -5.51 7.61
N ALA A 30 5.95 -5.71 6.34
CA ALA A 30 4.58 -6.07 5.98
C ALA A 30 4.35 -7.57 6.14
N VAL A 31 5.17 -8.37 5.46
CA VAL A 31 5.04 -9.82 5.52
C VAL A 31 4.80 -10.28 6.95
N ARG A 32 5.18 -9.46 7.91
CA ARG A 32 4.99 -9.82 9.32
C ARG A 32 3.52 -9.69 9.71
N HIS A 33 2.87 -8.63 9.23
CA HIS A 33 1.46 -8.41 9.52
C HIS A 33 0.65 -8.40 8.24
N PHE A 34 1.24 -8.92 7.16
CA PHE A 34 0.54 -8.97 5.87
C PHE A 34 -0.07 -10.34 5.64
N PRO A 35 -1.26 -10.38 5.11
CA PRO A 35 -1.97 -11.66 4.82
C PRO A 35 -1.18 -12.54 3.87
N ARG A 36 -0.89 -13.77 4.30
CA ARG A 36 -0.14 -14.71 3.47
C ARG A 36 -0.85 -14.90 2.13
N ILE A 37 -2.12 -14.53 2.10
CA ILE A 37 -2.92 -14.66 0.89
C ILE A 37 -2.40 -13.72 -0.20
N TRP A 38 -2.41 -12.43 0.08
CA TRP A 38 -1.94 -11.44 -0.87
C TRP A 38 -0.48 -11.71 -1.25
N LEU A 39 0.32 -12.08 -0.26
CA LEU A 39 1.73 -12.36 -0.50
C LEU A 39 1.88 -13.57 -1.42
N HIS A 40 0.97 -14.53 -1.28
CA HIS A 40 1.02 -15.73 -2.11
C HIS A 40 0.47 -15.43 -3.50
N ASN A 41 -0.66 -14.74 -3.56
CA ASN A 41 -1.28 -14.39 -4.82
C ASN A 41 -0.48 -13.30 -5.53
N LEU A 42 0.20 -12.47 -4.75
CA LEU A 42 1.00 -11.39 -5.31
C LEU A 42 2.11 -11.95 -6.20
N GLY A 43 3.01 -12.73 -5.59
CA GLY A 43 4.10 -13.33 -6.33
C GLY A 43 3.59 -14.31 -7.37
N GLN A 44 2.37 -14.80 -7.17
CA GLN A 44 1.78 -15.74 -8.11
C GLN A 44 1.16 -15.01 -9.29
N HIS A 45 0.54 -13.86 -9.01
CA HIS A 45 -0.09 -13.07 -10.07
C HIS A 45 0.95 -12.19 -10.76
N ILE A 46 1.51 -11.25 -10.02
CA ILE A 46 2.52 -10.35 -10.58
C ILE A 46 3.57 -11.13 -11.37
N TYR A 47 3.84 -12.35 -10.92
CA TYR A 47 4.84 -13.19 -11.58
C TYR A 47 4.25 -13.79 -12.85
N GLU A 48 2.93 -13.98 -12.87
CA GLU A 48 2.26 -14.55 -14.03
C GLU A 48 2.01 -13.47 -15.09
N THR A 49 1.83 -12.24 -14.63
CA THR A 49 1.59 -11.12 -15.55
C THR A 49 2.88 -10.69 -16.20
N TYR A 50 3.99 -10.86 -15.50
CA TYR A 50 5.30 -10.48 -16.04
C TYR A 50 6.12 -11.71 -16.38
N GLY A 51 5.80 -12.83 -15.74
CA GLY A 51 6.52 -14.08 -15.99
C GLY A 51 7.68 -14.23 -15.02
N ASP A 52 8.89 -14.39 -15.56
CA ASP A 52 10.07 -14.55 -14.73
C ASP A 52 11.00 -13.35 -14.89
N THR A 53 10.60 -12.40 -15.72
CA THR A 53 11.40 -11.21 -15.96
C THR A 53 11.79 -10.55 -14.64
N TRP A 54 12.72 -9.60 -14.69
CA TRP A 54 13.16 -8.91 -13.50
C TRP A 54 12.18 -7.80 -13.12
N ALA A 55 11.45 -7.30 -14.12
CA ALA A 55 10.48 -6.23 -13.89
C ALA A 55 9.41 -6.69 -12.89
N GLY A 56 9.35 -8.00 -12.65
CA GLY A 56 8.37 -8.55 -11.73
C GLY A 56 8.87 -8.46 -10.29
N VAL A 57 10.17 -8.68 -10.10
CA VAL A 57 10.75 -8.61 -8.76
C VAL A 57 10.97 -7.16 -8.34
N GLU A 58 11.14 -6.28 -9.33
CA GLU A 58 11.36 -4.87 -9.05
C GLU A 58 10.04 -4.15 -8.86
N ALA A 59 8.99 -4.65 -9.51
CA ALA A 59 7.67 -4.05 -9.40
C ALA A 59 7.05 -4.35 -8.03
N ILE A 60 7.36 -5.53 -7.50
CA ILE A 60 6.83 -5.93 -6.20
C ILE A 60 7.35 -5.01 -5.11
N ILE A 61 8.54 -4.45 -5.32
CA ILE A 61 9.14 -3.55 -4.34
C ILE A 61 8.22 -2.36 -4.07
N ARG A 62 7.95 -1.59 -5.12
CA ARG A 62 7.08 -0.41 -4.99
C ARG A 62 5.63 -0.85 -4.81
N ILE A 63 5.28 -2.00 -5.36
CA ILE A 63 3.92 -2.52 -5.26
C ILE A 63 3.60 -2.90 -3.82
N LEU A 64 4.44 -3.76 -3.24
CA LEU A 64 4.24 -4.20 -1.87
C LEU A 64 3.96 -3.01 -0.96
N GLN A 65 4.91 -2.07 -0.93
CA GLN A 65 4.75 -0.88 -0.09
C GLN A 65 3.54 -0.07 -0.52
N GLN A 66 3.25 -0.10 -1.82
CA GLN A 66 2.12 0.64 -2.35
C GLN A 66 0.81 0.16 -1.71
N LEU A 67 0.81 -1.10 -1.30
CA LEU A 67 -0.39 -1.67 -0.66
C LEU A 67 -0.42 -1.33 0.83
N LEU A 68 0.72 -1.52 1.49
CA LEU A 68 0.80 -1.23 2.91
C LEU A 68 0.16 0.11 3.23
N PHE A 69 0.10 0.99 2.24
CA PHE A 69 -0.51 2.30 2.43
C PHE A 69 -1.99 2.16 2.79
N ILE A 70 -2.78 1.70 1.84
CA ILE A 70 -4.22 1.52 2.06
C ILE A 70 -4.44 0.75 3.37
N HIS A 71 -3.52 -0.15 3.67
CA HIS A 71 -3.62 -0.95 4.89
C HIS A 71 -3.77 -0.04 6.11
N PHE A 72 -3.22 1.16 6.00
CA PHE A 72 -3.29 2.12 7.10
C PHE A 72 -4.72 2.65 7.26
N ARG A 73 -5.30 3.10 6.16
CA ARG A 73 -6.66 3.62 6.19
C ARG A 73 -7.58 2.70 6.98
N ILE A 74 -7.72 1.47 6.51
CA ILE A 74 -8.57 0.50 7.19
C ILE A 74 -8.18 0.37 8.65
N GLY A 75 -6.88 0.25 8.90
CA GLY A 75 -6.39 0.13 10.27
C GLY A 75 -5.67 -1.21 10.47
N CYS A 76 -4.47 -1.15 11.05
CA CYS A 76 -3.70 -2.36 11.28
C CYS A 76 -4.19 -3.09 12.53
N ARG A 77 -4.98 -4.14 12.32
CA ARG A 77 -5.49 -4.92 13.44
C ARG A 77 -4.43 -5.89 13.93
N HIS A 78 -3.34 -5.97 13.17
CA HIS A 78 -2.23 -6.85 13.52
C HIS A 78 -1.50 -6.34 14.76
N SER A 79 -1.05 -7.26 15.60
CA SER A 79 -0.34 -6.88 16.82
C SER A 79 1.17 -6.86 16.57
N ASN A 93 15.45 9.58 4.80
CA ASN A 93 14.17 9.64 4.13
C ASN A 93 13.80 11.06 3.76
N PRO A 94 13.02 11.23 2.73
CA PRO A 94 12.59 12.57 2.24
C PRO A 94 11.45 13.14 3.07
N LEU A 95 11.02 12.38 4.08
CA LEU A 95 9.94 12.83 4.95
C LEU A 95 10.38 12.84 6.40
N GLU A 96 11.69 12.98 6.62
CA GLU A 96 12.24 13.01 7.97
C GLU A 96 11.71 14.21 8.74
N PHE A 97 11.35 15.26 8.01
CA PHE A 97 10.84 16.48 8.64
C PHE A 97 9.37 16.32 9.00
N LEU A 98 8.71 15.36 8.37
CA LEU A 98 7.30 15.12 8.64
C LEU A 98 7.03 15.10 10.14
N ARG A 99 7.98 14.57 10.91
CA ARG A 99 7.84 14.50 12.36
C ARG A 99 7.49 15.88 12.92
N ASP A 100 7.99 16.92 12.25
CA ASP A 100 7.73 18.28 12.68
C ASP A 100 6.51 18.86 11.98
N GLN A 101 5.95 18.09 11.05
CA GLN A 101 4.79 18.54 10.30
C GLN A 101 3.51 18.11 11.01
N PRO A 102 2.51 18.95 11.02
CA PRO A 102 1.21 18.66 11.66
C PRO A 102 0.47 17.52 10.96
N GLN A 103 0.24 17.70 9.66
CA GLN A 103 -0.46 16.69 8.87
C GLN A 103 0.08 15.30 9.20
N PHE A 104 1.33 15.24 9.67
CA PHE A 104 1.94 13.97 10.02
C PHE A 104 1.56 13.58 11.44
N GLN A 105 1.53 14.56 12.33
CA GLN A 105 1.17 14.31 13.72
C GLN A 105 -0.32 14.01 13.85
N ASN A 106 -1.14 14.91 13.33
CA ASN A 106 -2.58 14.73 13.38
C ASN A 106 -2.97 13.35 12.86
N MET A 107 -2.26 12.89 11.83
CA MET A 107 -2.54 11.58 11.25
C MET A 107 -1.83 10.49 12.04
N ARG A 108 -0.54 10.68 12.29
CA ARG A 108 0.24 9.70 13.04
C ARG A 108 -0.57 9.17 14.22
N GLN A 109 -1.17 10.08 14.98
CA GLN A 109 -1.97 9.69 16.14
C GLN A 109 -3.35 9.22 15.70
N VAL A 110 -4.00 10.03 14.87
CA VAL A 110 -5.33 9.68 14.37
C VAL A 110 -5.30 8.36 13.62
N ILE A 111 -4.09 7.96 13.21
CA ILE A 111 -3.92 6.70 12.48
C ILE A 111 -3.81 5.53 13.45
N GLN A 112 -2.90 5.64 14.41
CA GLN A 112 -2.70 4.58 15.39
C GLN A 112 -3.86 4.55 16.38
N GLN A 113 -4.49 5.69 16.60
CA GLN A 113 -5.62 5.78 17.52
C GLN A 113 -6.87 5.16 16.89
N ASN A 114 -7.15 5.55 15.65
CA ASN A 114 -8.31 5.03 14.96
C ASN A 114 -8.16 5.20 13.45
N PRO A 115 -7.54 4.26 12.79
CA PRO A 115 -7.33 4.30 11.32
C PRO A 115 -8.61 4.65 10.58
N ALA A 116 -9.73 4.63 11.30
CA ALA A 116 -11.03 4.95 10.71
C ALA A 116 -11.09 6.43 10.33
N LEU A 117 -10.23 7.22 10.96
CA LEU A 117 -10.19 8.66 10.69
C LEU A 117 -9.12 8.96 9.63
N LEU A 118 -8.40 7.93 9.22
CA LEU A 118 -7.35 8.11 8.22
C LEU A 118 -7.95 8.49 6.86
N PRO A 119 -8.94 7.77 6.41
CA PRO A 119 -9.61 8.04 5.11
C PRO A 119 -9.77 9.54 4.85
N ALA A 120 -10.01 10.29 5.92
CA ALA A 120 -10.19 11.74 5.81
C ALA A 120 -8.84 12.44 5.86
N LEU A 121 -8.09 12.20 6.92
CA LEU A 121 -6.78 12.82 7.08
C LEU A 121 -5.93 12.63 5.82
N LEU A 122 -5.63 11.37 5.51
CA LEU A 122 -4.83 11.06 4.34
C LEU A 122 -5.34 11.83 3.12
N GLN A 123 -6.65 12.01 3.05
CA GLN A 123 -7.26 12.72 1.94
C GLN A 123 -6.76 14.17 1.89
N GLN A 124 -6.49 14.73 3.06
CA GLN A 124 -6.00 16.10 3.14
C GLN A 124 -4.48 16.14 2.99
N LEU A 125 -3.82 15.06 3.39
CA LEU A 125 -2.37 14.98 3.29
C LEU A 125 -1.92 15.13 1.84
N GLY A 126 -2.49 14.30 0.96
CA GLY A 126 -2.14 14.35 -0.45
C GLY A 126 -2.81 15.52 -1.13
N GLN A 127 -3.81 16.10 -0.47
CA GLN A 127 -4.51 17.25 -1.03
C GLN A 127 -3.79 18.55 -0.69
N GLU A 128 -3.16 18.59 0.47
CA GLU A 128 -2.44 19.78 0.90
C GLU A 128 -0.95 19.64 0.61
N ASN A 129 -0.54 18.44 0.19
CA ASN A 129 0.85 18.18 -0.13
C ASN A 129 0.99 16.86 -0.88
N PRO A 130 0.63 16.86 -2.13
CA PRO A 130 0.72 15.63 -3.00
C PRO A 130 2.07 14.95 -2.89
N GLN A 131 3.14 15.75 -2.97
CA GLN A 131 4.49 15.20 -2.88
C GLN A 131 4.62 14.29 -1.67
N LEU A 132 3.92 14.63 -0.59
CA LEU A 132 3.97 13.83 0.63
C LEU A 132 3.29 12.48 0.41
N LEU A 133 2.04 12.52 -0.04
CA LEU A 133 1.29 11.30 -0.28
C LEU A 133 2.03 10.41 -1.26
N GLN A 134 2.82 11.02 -2.14
CA GLN A 134 3.57 10.27 -3.13
C GLN A 134 4.79 9.60 -2.50
N GLN A 135 5.42 10.31 -1.57
CA GLN A 135 6.60 9.76 -0.89
C GLN A 135 6.19 8.81 0.22
N ILE A 136 5.04 9.09 0.83
CA ILE A 136 4.54 8.26 1.92
C ILE A 136 4.53 6.79 1.50
N SER A 137 4.04 6.52 0.29
CA SER A 137 3.98 5.16 -0.22
C SER A 137 5.38 4.68 -0.62
N ARG A 138 6.18 5.59 -1.15
CA ARG A 138 7.54 5.25 -1.57
C ARG A 138 8.37 4.80 -0.37
N HIS A 139 7.99 5.25 0.81
CA HIS A 139 8.71 4.90 2.02
C HIS A 139 7.74 4.48 3.12
N GLN A 140 6.85 3.55 2.80
CA GLN A 140 5.87 3.07 3.77
C GLN A 140 6.56 2.61 5.05
N GLU A 141 7.39 1.58 4.94
CA GLU A 141 8.10 1.07 6.10
C GLU A 141 8.62 2.22 6.97
N GLN A 142 9.42 3.10 6.37
CA GLN A 142 9.96 4.24 7.09
C GLN A 142 8.83 5.16 7.52
N PHE A 143 7.71 5.08 6.82
CA PHE A 143 6.55 5.91 7.13
C PHE A 143 5.71 5.27 8.23
N ILE A 144 5.83 3.95 8.36
CA ILE A 144 5.07 3.22 9.38
C ILE A 144 5.77 3.30 10.73
N GLN A 145 7.07 3.00 10.74
CA GLN A 145 7.84 3.04 11.97
C GLN A 145 7.44 4.24 12.82
N MET A 146 7.35 5.41 12.18
CA MET A 146 6.97 6.62 12.89
C MET A 146 5.47 6.66 13.13
N LEU A 147 4.70 6.21 12.14
CA LEU A 147 3.24 6.21 12.27
C LEU A 147 2.79 5.05 13.16
N ASN A 148 3.73 4.18 13.52
CA ASN A 148 3.42 3.05 14.37
C ASN A 148 4.03 3.24 15.76
N GLU A 149 5.00 4.14 15.84
CA GLU A 149 5.67 4.42 17.10
C GLU A 149 5.61 5.92 17.42
N PRO A 150 6.16 6.31 18.52
CA PRO A 150 6.17 7.75 18.94
C PRO A 150 6.66 8.66 17.82
N PRO A 151 5.99 9.77 17.61
CA PRO A 151 6.35 10.74 16.55
C PRO A 151 7.66 11.48 16.86
N ILE A 177 -5.92 7.64 -10.41
CA ILE A 177 -6.96 6.92 -11.14
C ILE A 177 -6.69 6.98 -12.63
N GLN A 178 -5.92 6.01 -13.12
CA GLN A 178 -5.58 5.95 -14.53
C GLN A 178 -6.32 4.80 -15.22
N VAL A 179 -7.50 4.48 -14.71
CA VAL A 179 -8.31 3.40 -15.26
C VAL A 179 -9.37 3.97 -16.19
N THR A 180 -10.15 3.07 -16.78
CA THR A 180 -11.22 3.45 -17.68
C THR A 180 -12.45 2.60 -17.41
N PRO A 181 -13.53 2.87 -18.08
CA PRO A 181 -14.78 2.09 -17.89
C PRO A 181 -14.58 0.66 -18.35
N GLN A 182 -13.51 0.46 -19.11
CA GLN A 182 -13.17 -0.85 -19.64
C GLN A 182 -12.29 -1.62 -18.64
N GLU A 183 -11.36 -0.91 -18.01
CA GLU A 183 -10.46 -1.56 -17.05
C GLU A 183 -11.06 -1.55 -15.65
N LYS A 184 -11.37 -0.36 -15.14
CA LYS A 184 -11.95 -0.25 -13.81
C LYS A 184 -13.22 -1.09 -13.70
N GLU A 185 -13.87 -1.29 -14.84
CA GLU A 185 -15.09 -2.08 -14.88
C GLU A 185 -14.95 -3.31 -13.98
N ALA A 186 -13.73 -3.83 -13.90
CA ALA A 186 -13.48 -5.00 -13.07
C ALA A 186 -13.21 -4.59 -11.62
N ILE A 187 -12.69 -3.38 -11.45
CA ILE A 187 -12.40 -2.87 -10.12
C ILE A 187 -13.66 -2.76 -9.28
N GLU A 188 -14.60 -1.91 -9.73
CA GLU A 188 -15.85 -1.72 -9.00
C GLU A 188 -16.44 -3.08 -8.61
N ARG A 189 -16.28 -4.06 -9.48
CA ARG A 189 -16.81 -5.40 -9.19
C ARG A 189 -16.41 -5.84 -7.80
N LEU A 190 -15.24 -5.38 -7.36
CA LEU A 190 -14.73 -5.74 -6.04
C LEU A 190 -15.33 -4.83 -4.97
N LYS A 191 -15.57 -3.57 -5.35
CA LYS A 191 -16.14 -2.60 -4.42
C LYS A 191 -17.50 -3.08 -3.92
N ALA A 192 -18.12 -3.97 -4.68
CA ALA A 192 -19.42 -4.50 -4.30
C ALA A 192 -19.29 -5.53 -3.18
N LEU A 193 -18.07 -6.02 -2.99
CA LEU A 193 -17.82 -7.02 -1.94
C LEU A 193 -17.95 -6.39 -0.56
N GLY A 194 -18.35 -5.13 -0.53
CA GLY A 194 -18.51 -4.41 0.73
C GLY A 194 -17.40 -3.40 0.93
N PHE A 195 -16.96 -2.78 -0.15
CA PHE A 195 -15.89 -1.80 -0.10
C PHE A 195 -16.13 -0.69 -1.12
N PRO A 196 -15.57 0.47 -0.88
CA PRO A 196 -15.72 1.64 -1.80
C PRO A 196 -15.02 1.41 -3.14
N GLU A 197 -15.53 2.06 -4.17
CA GLU A 197 -14.95 1.93 -5.50
C GLU A 197 -13.58 2.60 -5.55
N SER A 198 -13.37 3.58 -4.67
CA SER A 198 -12.11 4.29 -4.61
C SER A 198 -11.02 3.43 -4.00
N LEU A 199 -11.34 2.79 -2.88
CA LEU A 199 -10.38 1.92 -2.21
C LEU A 199 -9.98 0.75 -3.10
N VAL A 200 -10.84 0.43 -4.06
CA VAL A 200 -10.57 -0.67 -4.98
C VAL A 200 -9.67 -0.21 -6.12
N ILE A 201 -9.88 1.02 -6.58
CA ILE A 201 -9.08 1.57 -7.67
C ILE A 201 -7.60 1.55 -7.31
N GLN A 202 -7.29 1.97 -6.09
CA GLN A 202 -5.90 2.00 -5.63
C GLN A 202 -5.32 0.59 -5.56
N ALA A 203 -6.08 -0.33 -4.97
CA ALA A 203 -5.63 -1.72 -4.86
C ALA A 203 -5.41 -2.32 -6.24
N TYR A 204 -6.36 -2.10 -7.14
CA TYR A 204 -6.26 -2.64 -8.49
C TYR A 204 -4.95 -2.20 -9.14
N PHE A 205 -4.64 -0.91 -9.08
CA PHE A 205 -3.41 -0.39 -9.66
C PHE A 205 -2.20 -0.97 -8.94
N ALA A 206 -2.27 -1.02 -7.61
CA ALA A 206 -1.18 -1.55 -6.82
C ALA A 206 -1.06 -3.07 -7.00
N CYS A 207 -2.17 -3.70 -7.40
CA CYS A 207 -2.17 -5.14 -7.61
C CYS A 207 -1.78 -5.47 -9.04
N GLU A 208 -1.36 -4.46 -9.79
CA GLU A 208 -0.96 -4.65 -11.18
C GLU A 208 -2.17 -4.97 -12.05
N LYS A 209 -3.13 -4.04 -12.05
CA LYS A 209 -4.34 -4.23 -12.84
C LYS A 209 -4.92 -5.63 -12.63
N ASN A 210 -4.44 -6.31 -11.60
CA ASN A 210 -4.91 -7.65 -11.30
C ASN A 210 -6.16 -7.60 -10.42
N GLU A 211 -7.31 -7.94 -11.00
CA GLU A 211 -8.56 -7.93 -10.26
C GLU A 211 -8.57 -9.05 -9.22
N ASN A 212 -7.89 -10.15 -9.53
CA ASN A 212 -7.83 -11.29 -8.63
C ASN A 212 -7.08 -10.91 -7.36
N LEU A 213 -6.01 -10.14 -7.51
CA LEU A 213 -5.21 -9.72 -6.37
C LEU A 213 -5.91 -8.58 -5.62
N ALA A 214 -6.36 -7.58 -6.37
CA ALA A 214 -7.04 -6.44 -5.77
C ALA A 214 -8.09 -6.92 -4.77
N ALA A 215 -8.93 -7.86 -5.20
CA ALA A 215 -9.97 -8.39 -4.33
C ALA A 215 -9.36 -9.01 -3.08
N ASN A 216 -8.24 -9.71 -3.26
CA ASN A 216 -7.57 -10.35 -2.13
C ASN A 216 -7.13 -9.29 -1.12
N PHE A 217 -6.31 -8.35 -1.58
CA PHE A 217 -5.82 -7.28 -0.70
C PHE A 217 -6.97 -6.65 0.06
N LEU A 218 -8.05 -6.33 -0.66
CA LEU A 218 -9.21 -5.71 -0.04
C LEU A 218 -9.82 -6.65 0.99
N LEU A 219 -9.91 -7.93 0.65
CA LEU A 219 -10.48 -8.92 1.55
C LEU A 219 -9.44 -9.39 2.55
N SER A 220 -8.17 -9.08 2.29
CA SER A 220 -7.09 -9.48 3.18
C SER A 220 -6.56 -8.28 3.97
N GLN A 221 -7.27 -7.15 3.88
CA GLN A 221 -6.85 -5.95 4.58
C GLN A 221 -6.82 -6.18 6.09
N ASN A 222 -7.93 -6.69 6.63
CA ASN A 222 -7.99 -6.96 8.07
C ASN A 222 -9.44 -7.00 8.55
N PHE A 223 -10.11 -5.84 8.54
CA PHE A 223 -11.50 -5.76 8.98
C PHE A 223 -11.68 -6.55 10.28
ZN ZN B . -1.15 -4.69 9.75
N GLU A 13 22.12 -4.19 -13.06
CA GLU A 13 21.09 -3.77 -12.12
C GLU A 13 21.30 -4.44 -10.76
N PRO A 14 21.92 -3.74 -9.84
CA PRO A 14 22.20 -4.26 -8.47
C PRO A 14 20.97 -4.92 -7.85
N TYR A 15 19.81 -4.35 -8.13
CA TYR A 15 18.56 -4.90 -7.59
C TYR A 15 18.55 -6.42 -7.67
N ASN A 16 19.11 -6.95 -8.74
CA ASN A 16 19.16 -8.40 -8.94
C ASN A 16 19.50 -9.11 -7.63
N GLU A 17 20.76 -9.01 -7.22
CA GLU A 17 21.20 -9.65 -5.99
C GLU A 17 20.96 -8.73 -4.80
N TRP A 18 20.83 -7.44 -5.09
CA TRP A 18 20.61 -6.45 -4.05
C TRP A 18 19.15 -6.39 -3.63
N THR A 19 18.28 -6.09 -4.58
CA THR A 19 16.86 -5.99 -4.29
C THR A 19 16.39 -7.17 -3.45
N LEU A 20 16.95 -8.35 -3.73
CA LEU A 20 16.59 -9.55 -3.00
C LEU A 20 17.00 -9.45 -1.54
N GLU A 21 18.25 -9.03 -1.31
CA GLU A 21 18.76 -8.89 0.06
C GLU A 21 18.08 -7.71 0.76
N LEU A 22 17.74 -6.69 0.00
CA LEU A 22 17.09 -5.51 0.57
C LEU A 22 15.59 -5.76 0.76
N LEU A 23 15.00 -6.51 -0.16
CA LEU A 23 13.57 -6.82 -0.08
C LEU A 23 13.27 -7.63 1.18
N GLU A 24 14.15 -8.58 1.49
CA GLU A 24 13.96 -9.42 2.66
C GLU A 24 13.54 -8.57 3.86
N GLU A 25 14.13 -7.38 3.98
CA GLU A 25 13.80 -6.49 5.08
C GLU A 25 12.55 -5.68 4.77
N LEU A 26 12.59 -4.93 3.68
CA LEU A 26 11.45 -4.11 3.28
C LEU A 26 10.15 -4.92 3.37
N LYS A 27 10.16 -6.11 2.77
CA LYS A 27 8.99 -6.97 2.79
C LYS A 27 8.73 -7.50 4.20
N SER A 28 9.80 -7.66 4.97
CA SER A 28 9.67 -8.16 6.33
C SER A 28 8.67 -7.33 7.12
N GLU A 29 8.65 -6.03 6.85
CA GLU A 29 7.74 -5.13 7.55
C GLU A 29 6.28 -5.53 7.30
N ALA A 30 5.95 -5.76 6.03
CA ALA A 30 4.59 -6.14 5.68
C ALA A 30 4.37 -7.64 5.91
N VAL A 31 5.22 -8.45 5.29
CA VAL A 31 5.11 -9.90 5.43
C VAL A 31 4.87 -10.29 6.87
N ARG A 32 5.21 -9.40 7.81
CA ARG A 32 5.00 -9.68 9.22
C ARG A 32 3.53 -9.55 9.60
N HIS A 33 2.87 -8.54 9.07
CA HIS A 33 1.45 -8.34 9.34
C HIS A 33 0.62 -8.45 8.08
N PHE A 34 1.27 -8.88 6.99
CA PHE A 34 0.57 -9.04 5.72
C PHE A 34 0.03 -10.46 5.58
N PRO A 35 -1.10 -10.60 4.94
CA PRO A 35 -1.75 -11.93 4.73
C PRO A 35 -0.92 -12.82 3.80
N ARG A 36 -0.55 -14.00 4.28
CA ARG A 36 0.24 -14.92 3.48
C ARG A 36 -0.37 -15.08 2.09
N ILE A 37 -1.68 -15.29 2.04
CA ILE A 37 -2.37 -15.46 0.77
C ILE A 37 -1.93 -14.38 -0.22
N TRP A 38 -2.17 -13.12 0.13
CA TRP A 38 -1.80 -12.02 -0.75
C TRP A 38 -0.32 -12.08 -1.10
N LEU A 39 0.52 -12.20 -0.07
CA LEU A 39 1.96 -12.28 -0.29
C LEU A 39 2.29 -13.46 -1.19
N HIS A 40 1.41 -14.45 -1.20
CA HIS A 40 1.60 -15.63 -2.03
C HIS A 40 1.10 -15.39 -3.45
N ASN A 41 -0.10 -14.83 -3.56
CA ASN A 41 -0.69 -14.55 -4.86
C ASN A 41 -0.01 -13.36 -5.51
N LEU A 42 0.60 -12.51 -4.69
CA LEU A 42 1.29 -11.34 -5.20
C LEU A 42 2.47 -11.75 -6.06
N GLY A 43 3.30 -12.65 -5.53
CA GLY A 43 4.46 -13.13 -6.26
C GLY A 43 4.04 -14.14 -7.32
N GLN A 44 2.88 -14.77 -7.11
CA GLN A 44 2.37 -15.76 -8.04
C GLN A 44 1.78 -15.07 -9.27
N HIS A 45 0.84 -14.17 -9.04
CA HIS A 45 0.19 -13.44 -10.13
C HIS A 45 1.22 -12.57 -10.85
N ILE A 46 1.88 -11.69 -10.11
CA ILE A 46 2.88 -10.81 -10.70
C ILE A 46 3.94 -11.61 -11.44
N TYR A 47 4.07 -12.89 -11.07
CA TYR A 47 5.05 -13.76 -11.71
C TYR A 47 4.50 -14.32 -13.02
N GLU A 48 3.20 -14.62 -13.02
CA GLU A 48 2.56 -15.18 -14.20
C GLU A 48 2.18 -14.06 -15.17
N THR A 49 1.99 -12.85 -14.64
CA THR A 49 1.62 -11.72 -15.46
C THR A 49 2.79 -11.27 -16.34
N TYR A 50 3.88 -10.87 -15.69
CA TYR A 50 5.06 -10.43 -16.43
C TYR A 50 6.01 -11.59 -16.66
N GLY A 51 5.89 -12.63 -15.85
CA GLY A 51 6.74 -13.80 -15.98
C GLY A 51 7.90 -13.74 -15.00
N ASP A 52 9.04 -14.32 -15.38
CA ASP A 52 10.22 -14.31 -14.52
C ASP A 52 11.03 -13.04 -14.71
N THR A 53 10.72 -12.31 -15.78
CA THR A 53 11.42 -11.06 -16.08
C THR A 53 11.56 -10.22 -14.82
N TRP A 54 12.70 -9.53 -14.70
CA TRP A 54 12.94 -8.68 -13.53
C TRP A 54 11.80 -7.70 -13.32
N ALA A 55 11.28 -7.17 -14.43
CA ALA A 55 10.18 -6.22 -14.35
C ALA A 55 9.18 -6.63 -13.28
N GLY A 56 8.77 -7.90 -13.30
CA GLY A 56 7.82 -8.41 -12.33
C GLY A 56 8.32 -8.19 -10.90
N VAL A 57 9.63 -8.35 -10.72
CA VAL A 57 10.22 -8.16 -9.39
C VAL A 57 10.35 -6.68 -9.06
N GLU A 58 10.92 -5.92 -10.00
CA GLU A 58 11.11 -4.49 -9.81
C GLU A 58 9.81 -3.84 -9.33
N ALA A 59 8.68 -4.43 -9.72
CA ALA A 59 7.39 -3.90 -9.33
C ALA A 59 6.97 -4.42 -7.96
N ILE A 60 7.12 -5.73 -7.76
CA ILE A 60 6.75 -6.34 -6.50
C ILE A 60 7.28 -5.51 -5.33
N ILE A 61 8.53 -5.06 -5.46
CA ILE A 61 9.15 -4.26 -4.41
C ILE A 61 8.28 -3.05 -4.06
N ARG A 62 7.91 -2.29 -5.08
CA ARG A 62 7.07 -1.11 -4.88
C ARG A 62 5.67 -1.51 -4.46
N ILE A 63 5.12 -2.51 -5.14
CA ILE A 63 3.77 -2.98 -4.83
C ILE A 63 3.63 -3.26 -3.34
N LEU A 64 4.71 -3.74 -2.72
CA LEU A 64 4.70 -4.05 -1.30
C LEU A 64 4.52 -2.77 -0.48
N GLN A 65 4.96 -1.64 -1.03
CA GLN A 65 4.84 -0.37 -0.34
C GLN A 65 3.47 0.25 -0.57
N GLN A 66 3.14 0.52 -1.82
CA GLN A 66 1.85 1.12 -2.16
C GLN A 66 0.72 0.27 -1.60
N LEU A 67 0.97 -1.02 -1.42
CA LEU A 67 -0.03 -1.93 -0.88
C LEU A 67 -0.25 -1.68 0.60
N LEU A 68 0.82 -1.28 1.30
CA LEU A 68 0.74 -1.00 2.73
C LEU A 68 0.01 0.32 2.97
N PHE A 69 0.02 1.20 1.98
CA PHE A 69 -0.64 2.48 2.10
C PHE A 69 -2.14 2.31 2.33
N ILE A 70 -2.80 1.60 1.42
CA ILE A 70 -4.23 1.37 1.54
C ILE A 70 -4.53 0.61 2.83
N HIS A 71 -3.65 -0.32 3.17
CA HIS A 71 -3.82 -1.12 4.38
C HIS A 71 -3.89 -0.21 5.61
N PHE A 72 -3.34 0.99 5.49
CA PHE A 72 -3.35 1.95 6.59
C PHE A 72 -4.75 2.52 6.79
N ARG A 73 -5.31 3.07 5.72
CA ARG A 73 -6.65 3.65 5.78
C ARG A 73 -7.60 2.72 6.54
N ILE A 74 -7.70 1.48 6.08
CA ILE A 74 -8.57 0.52 6.73
C ILE A 74 -8.21 0.39 8.20
N GLY A 75 -6.92 0.27 8.48
CA GLY A 75 -6.45 0.14 9.86
C GLY A 75 -5.74 -1.18 10.06
N CYS A 76 -4.53 -1.13 10.63
CA CYS A 76 -3.77 -2.34 10.88
C CYS A 76 -4.29 -3.07 12.11
N ARG A 77 -5.07 -4.12 11.88
CA ARG A 77 -5.63 -4.89 12.99
C ARG A 77 -4.62 -5.97 13.40
N HIS A 78 -3.42 -5.87 12.84
CA HIS A 78 -2.37 -6.83 13.14
C HIS A 78 -1.63 -6.44 14.42
N SER A 79 -0.94 -7.41 15.02
CA SER A 79 -0.20 -7.15 16.24
C SER A 79 1.29 -7.06 15.95
N ASN A 93 15.11 10.25 5.04
CA ASN A 93 13.86 10.30 4.31
C ASN A 93 13.49 11.75 3.99
N PRO A 94 12.75 11.95 2.93
CA PRO A 94 12.31 13.29 2.49
C PRO A 94 11.13 13.81 3.31
N LEU A 95 10.70 13.01 4.28
CA LEU A 95 9.58 13.40 5.13
C LEU A 95 9.99 13.35 6.60
N GLU A 96 11.28 13.54 6.85
CA GLU A 96 11.79 13.52 8.21
C GLU A 96 11.25 14.71 9.00
N PHE A 97 10.84 15.74 8.28
CA PHE A 97 10.30 16.94 8.92
C PHE A 97 8.84 16.75 9.27
N LEU A 98 8.19 15.80 8.61
CA LEU A 98 6.78 15.52 8.86
C LEU A 98 6.52 15.38 10.36
N ARG A 99 7.43 14.72 11.05
CA ARG A 99 7.29 14.53 12.49
C ARG A 99 7.12 15.87 13.19
N ASP A 100 7.59 16.94 12.55
CA ASP A 100 7.48 18.28 13.13
C ASP A 100 6.25 18.99 12.60
N GLN A 101 5.44 18.29 11.83
CA GLN A 101 4.23 18.88 11.26
C GLN A 101 2.99 18.21 11.84
N PRO A 102 1.91 18.95 11.93
CA PRO A 102 0.63 18.44 12.48
C PRO A 102 -0.03 17.41 11.55
N GLN A 103 0.04 17.68 10.25
CA GLN A 103 -0.54 16.77 9.27
C GLN A 103 -0.06 15.35 9.52
N PHE A 104 1.19 15.22 9.96
CA PHE A 104 1.76 13.90 10.23
C PHE A 104 1.38 13.45 11.64
N GLN A 105 1.72 14.25 12.63
CA GLN A 105 1.40 13.92 14.02
C GLN A 105 -0.11 13.87 14.22
N ASN A 106 -0.77 14.96 13.86
CA ASN A 106 -2.23 15.03 14.00
C ASN A 106 -2.89 13.76 13.47
N MET A 107 -2.52 13.39 12.24
CA MET A 107 -3.09 12.20 11.62
C MET A 107 -2.51 10.93 12.27
N ARG A 108 -1.24 10.99 12.65
CA ARG A 108 -0.60 9.86 13.29
C ARG A 108 -1.53 9.20 14.30
N GLN A 109 -1.92 9.97 15.31
CA GLN A 109 -2.82 9.46 16.33
C GLN A 109 -4.11 8.94 15.70
N VAL A 110 -4.64 9.72 14.76
CA VAL A 110 -5.87 9.34 14.07
C VAL A 110 -5.68 8.04 13.31
N ILE A 111 -4.45 7.79 12.87
CA ILE A 111 -4.15 6.57 12.12
C ILE A 111 -3.89 5.41 13.07
N GLN A 112 -2.99 5.60 14.02
CA GLN A 112 -2.66 4.56 14.98
C GLN A 112 -3.82 4.33 15.96
N GLN A 113 -4.37 5.43 16.47
CA GLN A 113 -5.48 5.34 17.41
C GLN A 113 -6.68 4.66 16.75
N ASN A 114 -7.10 5.20 15.60
CA ASN A 114 -8.23 4.64 14.87
C ASN A 114 -8.13 4.97 13.39
N PRO A 115 -7.41 4.16 12.65
CA PRO A 115 -7.23 4.37 11.19
C PRO A 115 -8.53 4.76 10.49
N ALA A 116 -9.64 4.51 11.15
CA ALA A 116 -10.95 4.85 10.59
C ALA A 116 -11.01 6.35 10.29
N LEU A 117 -10.09 7.11 10.88
CA LEU A 117 -10.04 8.55 10.67
C LEU A 117 -8.88 8.91 9.75
N LEU A 118 -8.18 7.89 9.26
CA LEU A 118 -7.05 8.11 8.36
C LEU A 118 -7.53 8.52 6.97
N PRO A 119 -8.35 7.71 6.36
CA PRO A 119 -8.90 7.98 5.00
C PRO A 119 -9.24 9.46 4.82
N ALA A 120 -9.56 10.13 5.92
CA ALA A 120 -9.90 11.55 5.86
C ALA A 120 -8.65 12.40 5.92
N LEU A 121 -7.82 12.18 6.94
CA LEU A 121 -6.58 12.93 7.10
C LEU A 121 -5.77 12.89 5.82
N LEU A 122 -5.51 11.68 5.32
CA LEU A 122 -4.74 11.51 4.10
C LEU A 122 -5.18 12.51 3.04
N GLN A 123 -6.48 12.61 2.83
CA GLN A 123 -7.03 13.53 1.84
C GLN A 123 -6.62 14.96 2.18
N GLN A 124 -6.66 15.31 3.45
CA GLN A 124 -6.29 16.64 3.89
C GLN A 124 -4.77 16.80 3.91
N LEU A 125 -4.07 15.67 3.95
CA LEU A 125 -2.61 15.68 3.98
C LEU A 125 -2.06 15.97 2.59
N GLY A 126 -2.39 15.11 1.63
CA GLY A 126 -1.92 15.28 0.26
C GLY A 126 -2.51 16.54 -0.36
N GLN A 127 -3.54 17.08 0.27
CA GLN A 127 -4.19 18.28 -0.23
C GLN A 127 -3.35 19.51 0.08
N GLU A 128 -2.57 19.43 1.16
CA GLU A 128 -1.72 20.54 1.57
C GLU A 128 -0.29 20.33 1.09
N ASN A 129 0.05 19.08 0.79
CA ASN A 129 1.39 18.75 0.32
C ASN A 129 1.34 17.56 -0.63
N PRO A 130 0.87 17.79 -1.84
CA PRO A 130 0.77 16.73 -2.88
C PRO A 130 2.06 15.93 -3.02
N GLN A 131 3.20 16.61 -2.85
CA GLN A 131 4.49 15.95 -2.95
C GLN A 131 4.65 14.90 -1.86
N LEU A 132 4.35 15.30 -0.62
CA LEU A 132 4.46 14.38 0.51
C LEU A 132 3.79 13.06 0.18
N LEU A 133 2.54 13.12 -0.26
CA LEU A 133 1.80 11.91 -0.60
C LEU A 133 2.67 10.95 -1.39
N GLN A 134 3.33 11.46 -2.43
CA GLN A 134 4.18 10.63 -3.27
C GLN A 134 5.27 9.97 -2.42
N GLN A 135 5.89 10.75 -1.54
CA GLN A 135 6.94 10.23 -0.68
C GLN A 135 6.38 9.21 0.31
N ILE A 136 5.23 9.54 0.90
CA ILE A 136 4.59 8.64 1.85
C ILE A 136 4.24 7.32 1.19
N SER A 137 3.77 7.38 -0.05
CA SER A 137 3.40 6.18 -0.78
C SER A 137 4.65 5.46 -1.30
N ARG A 138 5.73 6.22 -1.47
CA ARG A 138 6.97 5.65 -1.97
C ARG A 138 7.87 5.23 -0.80
N HIS A 139 7.47 5.59 0.41
CA HIS A 139 8.24 5.24 1.60
C HIS A 139 7.33 4.72 2.70
N GLN A 140 6.38 3.87 2.32
CA GLN A 140 5.45 3.30 3.30
C GLN A 140 6.20 2.80 4.52
N GLU A 141 7.04 1.79 4.32
CA GLU A 141 7.82 1.23 5.44
C GLU A 141 8.35 2.35 6.33
N GLN A 142 9.20 3.19 5.77
CA GLN A 142 9.76 4.30 6.54
C GLN A 142 8.64 5.20 7.07
N PHE A 143 7.50 5.18 6.38
CA PHE A 143 6.37 5.99 6.78
C PHE A 143 5.55 5.28 7.84
N ILE A 144 5.66 3.94 7.86
CA ILE A 144 4.92 3.14 8.82
C ILE A 144 5.68 3.07 10.15
N GLN A 145 6.95 2.70 10.08
CA GLN A 145 7.77 2.60 11.28
C GLN A 145 7.47 3.76 12.23
N MET A 146 7.24 4.94 11.66
CA MET A 146 6.94 6.12 12.47
C MET A 146 5.45 6.18 12.79
N LEU A 147 4.62 5.94 11.78
CA LEU A 147 3.17 5.96 11.97
C LEU A 147 2.72 4.73 12.75
N ASN A 148 3.63 3.80 12.97
CA ASN A 148 3.31 2.58 13.70
C ASN A 148 4.00 2.56 15.06
N GLU A 149 4.88 3.53 15.27
CA GLU A 149 5.60 3.63 16.54
C GLU A 149 5.34 4.97 17.21
N PRO A 150 5.21 4.98 18.51
CA PRO A 150 4.95 6.22 19.29
C PRO A 150 5.92 7.33 18.92
N PRO A 151 5.41 8.52 18.71
CA PRO A 151 6.23 9.71 18.35
C PRO A 151 7.45 9.87 19.27
N ILE A 177 -7.65 6.53 -11.35
CA ILE A 177 -8.53 6.82 -12.46
C ILE A 177 -7.86 6.41 -13.78
N GLN A 178 -6.66 5.86 -13.67
CA GLN A 178 -5.92 5.42 -14.84
C GLN A 178 -6.62 4.22 -15.49
N VAL A 179 -7.81 3.91 -15.00
CA VAL A 179 -8.58 2.79 -15.54
C VAL A 179 -9.57 3.28 -16.59
N THR A 180 -10.29 2.34 -17.17
CA THR A 180 -11.28 2.67 -18.17
C THR A 180 -12.55 1.87 -17.91
N PRO A 181 -13.59 2.12 -18.63
CA PRO A 181 -14.88 1.39 -18.45
C PRO A 181 -14.69 -0.09 -18.73
N GLN A 182 -13.57 -0.38 -19.38
CA GLN A 182 -13.23 -1.76 -19.74
C GLN A 182 -12.47 -2.45 -18.61
N GLU A 183 -11.48 -1.78 -18.05
CA GLU A 183 -10.67 -2.36 -16.99
C GLU A 183 -11.27 -2.07 -15.61
N LYS A 184 -11.82 -0.88 -15.44
CA LYS A 184 -12.40 -0.49 -14.16
C LYS A 184 -13.52 -1.44 -13.76
N GLU A 185 -14.25 -1.93 -14.74
CA GLU A 185 -15.36 -2.85 -14.49
C GLU A 185 -15.00 -3.82 -13.38
N ALA A 186 -13.78 -4.37 -13.45
CA ALA A 186 -13.33 -5.31 -12.45
C ALA A 186 -13.19 -4.63 -11.09
N ILE A 187 -12.84 -3.35 -11.11
CA ILE A 187 -12.68 -2.58 -9.88
C ILE A 187 -14.00 -2.50 -9.12
N GLU A 188 -15.00 -1.88 -9.73
CA GLU A 188 -16.30 -1.73 -9.10
C GLU A 188 -16.74 -3.06 -8.49
N ARG A 189 -16.51 -4.14 -9.21
CA ARG A 189 -16.89 -5.47 -8.73
C ARG A 189 -16.49 -5.64 -7.28
N LEU A 190 -15.36 -5.06 -6.91
CA LEU A 190 -14.86 -5.14 -5.55
C LEU A 190 -15.55 -4.08 -4.68
N LYS A 191 -16.06 -3.04 -5.33
CA LYS A 191 -16.73 -1.96 -4.62
C LYS A 191 -17.94 -2.49 -3.87
N ALA A 192 -18.85 -3.13 -4.60
CA ALA A 192 -20.06 -3.69 -3.99
C ALA A 192 -19.69 -4.72 -2.92
N LEU A 193 -18.44 -5.17 -2.94
CA LEU A 193 -17.97 -6.15 -1.97
C LEU A 193 -17.81 -5.51 -0.60
N GLY A 194 -18.12 -4.22 -0.51
CA GLY A 194 -18.02 -3.51 0.75
C GLY A 194 -16.81 -2.57 0.75
N PHE A 195 -16.54 -1.97 -0.40
CA PHE A 195 -15.40 -1.06 -0.51
C PHE A 195 -15.75 0.10 -1.44
N PRO A 196 -15.36 1.29 -1.07
CA PRO A 196 -15.63 2.51 -1.89
C PRO A 196 -15.15 2.36 -3.33
N GLU A 197 -15.76 3.13 -4.23
CA GLU A 197 -15.40 3.07 -5.64
C GLU A 197 -13.95 3.54 -5.82
N SER A 198 -13.55 4.52 -5.04
CA SER A 198 -12.19 5.05 -5.11
C SER A 198 -11.23 4.15 -4.37
N LEU A 199 -11.77 3.29 -3.51
CA LEU A 199 -10.95 2.37 -2.73
C LEU A 199 -10.54 1.18 -3.59
N VAL A 200 -11.46 0.71 -4.43
CA VAL A 200 -11.18 -0.44 -5.29
C VAL A 200 -10.32 -0.01 -6.47
N ILE A 201 -10.57 1.20 -6.99
CA ILE A 201 -9.81 1.71 -8.11
C ILE A 201 -8.34 1.86 -7.75
N GLN A 202 -8.07 2.41 -6.58
CA GLN A 202 -6.70 2.60 -6.13
C GLN A 202 -6.01 1.27 -5.91
N ALA A 203 -6.67 0.38 -5.18
CA ALA A 203 -6.10 -0.94 -4.90
C ALA A 203 -5.90 -1.71 -6.21
N TYR A 204 -6.94 -1.76 -7.03
CA TYR A 204 -6.86 -2.46 -8.31
C TYR A 204 -5.60 -2.08 -9.06
N PHE A 205 -5.22 -0.80 -8.97
CA PHE A 205 -4.03 -0.32 -9.65
C PHE A 205 -2.77 -0.67 -8.86
N ALA A 206 -2.93 -0.83 -7.55
CA ALA A 206 -1.82 -1.17 -6.69
C ALA A 206 -1.35 -2.60 -6.93
N CYS A 207 -2.30 -3.52 -7.05
CA CYS A 207 -1.97 -4.92 -7.29
C CYS A 207 -1.74 -5.18 -8.78
N GLU A 208 -1.46 -4.11 -9.52
CA GLU A 208 -1.23 -4.25 -10.96
C GLU A 208 -2.51 -4.67 -11.68
N LYS A 209 -3.61 -3.98 -11.36
CA LYS A 209 -4.89 -4.30 -11.98
C LYS A 209 -5.26 -5.76 -11.74
N ASN A 210 -4.46 -6.44 -10.94
CA ASN A 210 -4.72 -7.85 -10.63
C ASN A 210 -5.94 -7.99 -9.72
N GLU A 211 -7.08 -8.30 -10.31
CA GLU A 211 -8.31 -8.47 -9.54
C GLU A 211 -8.11 -9.52 -8.45
N ASN A 212 -7.71 -10.72 -8.85
CA ASN A 212 -7.49 -11.80 -7.90
C ASN A 212 -6.78 -11.27 -6.66
N LEU A 213 -5.75 -10.45 -6.88
CA LEU A 213 -4.99 -9.89 -5.78
C LEU A 213 -5.78 -8.79 -5.09
N ALA A 214 -6.27 -7.84 -5.88
CA ALA A 214 -7.06 -6.74 -5.33
C ALA A 214 -8.08 -7.25 -4.33
N ALA A 215 -8.66 -8.41 -4.63
CA ALA A 215 -9.66 -9.01 -3.74
C ALA A 215 -8.99 -9.67 -2.55
N ASN A 216 -7.72 -10.05 -2.73
CA ASN A 216 -6.97 -10.70 -1.66
C ASN A 216 -6.39 -9.65 -0.71
N PHE A 217 -5.58 -8.76 -1.25
CA PHE A 217 -4.97 -7.71 -0.43
C PHE A 217 -6.03 -6.84 0.22
N LEU A 218 -7.17 -6.71 -0.45
CA LEU A 218 -8.26 -5.90 0.07
C LEU A 218 -9.08 -6.70 1.09
N LEU A 219 -9.41 -7.94 0.72
CA LEU A 219 -10.19 -8.80 1.59
C LEU A 219 -9.31 -9.44 2.66
N SER A 220 -7.99 -9.37 2.44
CA SER A 220 -7.04 -9.94 3.39
C SER A 220 -6.33 -8.84 4.16
N GLN A 221 -6.82 -7.62 4.03
CA GLN A 221 -6.23 -6.48 4.71
C GLN A 221 -6.25 -6.68 6.23
N ASN A 222 -7.43 -6.99 6.76
CA ASN A 222 -7.57 -7.21 8.21
C ASN A 222 -9.02 -7.13 8.63
N PHE A 223 -9.55 -5.93 8.72
CA PHE A 223 -10.93 -5.72 9.13
C PHE A 223 -11.32 -6.72 10.22
ZN ZN B . -1.25 -4.67 9.35
N GLU A 13 21.53 -3.71 -13.20
CA GLU A 13 21.92 -5.12 -13.16
C GLU A 13 22.08 -5.61 -11.72
N PRO A 14 22.73 -4.84 -10.91
CA PRO A 14 22.98 -5.17 -9.48
C PRO A 14 21.70 -5.61 -8.77
N TYR A 15 20.57 -5.04 -9.17
CA TYR A 15 19.29 -5.38 -8.57
C TYR A 15 19.18 -6.89 -8.36
N ASN A 16 19.70 -7.65 -9.31
CA ASN A 16 19.66 -9.10 -9.25
C ASN A 16 19.95 -9.59 -7.83
N GLU A 17 21.21 -9.50 -7.42
CA GLU A 17 21.60 -9.93 -6.09
C GLU A 17 21.41 -8.80 -5.09
N TRP A 18 21.36 -7.58 -5.61
CA TRP A 18 21.20 -6.41 -4.77
C TRP A 18 19.74 -6.18 -4.40
N THR A 19 18.89 -6.01 -5.41
CA THR A 19 17.47 -5.78 -5.17
C THR A 19 16.93 -6.77 -4.15
N LEU A 20 17.29 -8.04 -4.31
CA LEU A 20 16.83 -9.08 -3.39
C LEU A 20 17.37 -8.83 -1.99
N GLU A 21 18.50 -8.14 -1.90
CA GLU A 21 19.11 -7.84 -0.61
C GLU A 21 18.34 -6.72 0.09
N LEU A 22 17.97 -5.69 -0.67
CA LEU A 22 17.24 -4.57 -0.10
C LEU A 22 15.75 -4.91 0.03
N LEU A 23 15.32 -5.92 -0.73
CA LEU A 23 13.92 -6.33 -0.69
C LEU A 23 13.63 -7.12 0.57
N GLU A 24 14.65 -7.80 1.09
CA GLU A 24 14.49 -8.60 2.31
C GLU A 24 14.16 -7.71 3.49
N GLU A 25 14.68 -6.48 3.47
CA GLU A 25 14.44 -5.54 4.55
C GLU A 25 13.10 -4.81 4.35
N LEU A 26 12.68 -4.69 3.10
CA LEU A 26 11.43 -4.03 2.77
C LEU A 26 10.25 -4.98 2.95
N LYS A 27 10.48 -6.25 2.65
CA LYS A 27 9.43 -7.26 2.78
C LYS A 27 9.23 -7.64 4.24
N SER A 28 10.31 -7.58 5.03
CA SER A 28 10.24 -7.92 6.43
C SER A 28 9.03 -7.25 7.09
N GLU A 29 8.90 -5.94 6.87
CA GLU A 29 7.79 -5.20 7.44
C GLU A 29 6.46 -5.61 6.79
N ALA A 30 6.40 -5.48 5.47
CA ALA A 30 5.18 -5.85 4.74
C ALA A 30 4.71 -7.24 5.16
N VAL A 31 5.57 -8.23 4.95
CA VAL A 31 5.24 -9.60 5.31
C VAL A 31 4.58 -9.66 6.68
N ARG A 32 4.82 -8.63 7.49
CA ARG A 32 4.25 -8.57 8.83
C ARG A 32 2.91 -7.84 8.82
N HIS A 33 2.75 -6.93 7.85
CA HIS A 33 1.53 -6.16 7.74
C HIS A 33 0.74 -6.59 6.50
N PHE A 34 1.25 -7.60 5.80
CA PHE A 34 0.59 -8.11 4.61
C PHE A 34 0.11 -9.53 4.82
N PRO A 35 -1.16 -9.77 4.63
CA PRO A 35 -1.76 -11.13 4.81
C PRO A 35 -0.98 -12.20 4.05
N ARG A 36 -0.58 -13.25 4.76
CA ARG A 36 0.16 -14.33 4.14
C ARG A 36 -0.45 -14.73 2.81
N ILE A 37 -1.78 -14.86 2.80
CA ILE A 37 -2.49 -15.23 1.58
C ILE A 37 -2.13 -14.30 0.43
N TRP A 38 -2.41 -13.01 0.62
CA TRP A 38 -2.12 -12.01 -0.41
C TRP A 38 -0.65 -12.08 -0.81
N LEU A 39 0.24 -11.89 0.16
CA LEU A 39 1.67 -11.94 -0.11
C LEU A 39 2.04 -13.22 -0.85
N HIS A 40 1.32 -14.29 -0.56
CA HIS A 40 1.58 -15.57 -1.20
C HIS A 40 1.16 -15.53 -2.67
N ASN A 41 0.01 -14.91 -2.93
CA ASN A 41 -0.49 -14.79 -4.30
C ASN A 41 0.34 -13.78 -5.09
N LEU A 42 0.75 -12.72 -4.42
CA LEU A 42 1.55 -11.68 -5.07
C LEU A 42 2.59 -12.32 -6.00
N GLY A 43 3.25 -13.37 -5.51
CA GLY A 43 4.26 -14.05 -6.29
C GLY A 43 3.62 -14.94 -7.35
N GLN A 44 2.37 -15.31 -7.11
CA GLN A 44 1.64 -16.17 -8.05
C GLN A 44 1.09 -15.34 -9.20
N HIS A 45 0.40 -14.26 -8.87
CA HIS A 45 -0.17 -13.39 -9.88
C HIS A 45 0.92 -12.65 -10.65
N ILE A 46 1.87 -12.10 -9.92
CA ILE A 46 2.97 -11.38 -10.54
C ILE A 46 3.88 -12.34 -11.32
N TYR A 47 3.79 -13.62 -10.99
CA TYR A 47 4.61 -14.63 -11.67
C TYR A 47 3.95 -15.05 -12.97
N GLU A 48 2.63 -15.11 -12.97
CA GLU A 48 1.88 -15.49 -14.18
C GLU A 48 1.73 -14.31 -15.12
N THR A 49 1.78 -13.10 -14.56
CA THR A 49 1.63 -11.89 -15.36
C THR A 49 2.99 -11.44 -15.91
N TYR A 50 3.92 -11.16 -15.01
CA TYR A 50 5.25 -10.72 -15.42
C TYR A 50 6.10 -11.90 -15.88
N GLY A 51 5.77 -13.09 -15.38
CA GLY A 51 6.51 -14.29 -15.75
C GLY A 51 7.79 -14.42 -14.93
N ASP A 52 8.91 -14.65 -15.61
CA ASP A 52 10.19 -14.80 -14.94
C ASP A 52 11.03 -13.55 -15.14
N THR A 53 10.66 -12.74 -16.12
CA THR A 53 11.39 -11.51 -16.41
C THR A 53 11.70 -10.75 -15.13
N TRP A 54 12.88 -10.13 -15.09
CA TRP A 54 13.29 -9.37 -13.91
C TRP A 54 12.21 -8.37 -13.52
N ALA A 55 11.71 -7.64 -14.51
CA ALA A 55 10.67 -6.64 -14.25
C ALA A 55 9.55 -7.24 -13.40
N GLY A 56 9.54 -8.56 -13.29
CA GLY A 56 8.52 -9.24 -12.51
C GLY A 56 8.81 -9.12 -11.01
N VAL A 57 10.08 -9.21 -10.65
CA VAL A 57 10.48 -9.11 -9.25
C VAL A 57 10.60 -7.65 -8.83
N GLU A 58 11.01 -6.80 -9.76
CA GLU A 58 11.16 -5.38 -9.47
C GLU A 58 9.79 -4.70 -9.38
N ALA A 59 8.83 -5.22 -10.12
CA ALA A 59 7.49 -4.67 -10.10
C ALA A 59 6.79 -4.94 -8.78
N ILE A 60 7.28 -5.95 -8.06
CA ILE A 60 6.71 -6.31 -6.77
C ILE A 60 7.28 -5.43 -5.66
N ILE A 61 8.48 -4.92 -5.90
CA ILE A 61 9.14 -4.06 -4.91
C ILE A 61 8.53 -2.66 -4.92
N ARG A 62 8.40 -2.09 -6.11
CA ARG A 62 7.83 -0.75 -6.25
C ARG A 62 6.35 -0.76 -5.88
N ILE A 63 5.75 -1.95 -5.90
CA ILE A 63 4.34 -2.09 -5.56
C ILE A 63 4.15 -2.15 -4.05
N LEU A 64 4.93 -3.01 -3.40
CA LEU A 64 4.84 -3.16 -1.95
C LEU A 64 4.70 -1.79 -1.28
N GLN A 65 5.62 -0.88 -1.60
CA GLN A 65 5.58 0.45 -1.03
C GLN A 65 4.23 1.10 -1.24
N GLN A 66 3.71 0.97 -2.46
CA GLN A 66 2.41 1.55 -2.79
C GLN A 66 1.28 0.77 -2.12
N LEU A 67 1.50 -0.52 -1.89
CA LEU A 67 0.50 -1.36 -1.26
C LEU A 67 0.45 -1.09 0.24
N LEU A 68 1.61 -0.92 0.87
CA LEU A 68 1.68 -0.64 2.29
C LEU A 68 0.86 0.61 2.62
N PHE A 69 0.69 1.46 1.63
CA PHE A 69 -0.07 2.70 1.83
C PHE A 69 -1.53 2.38 2.13
N ILE A 70 -2.07 1.40 1.43
CA ILE A 70 -3.46 1.00 1.63
C ILE A 70 -3.64 0.38 3.01
N HIS A 71 -2.54 -0.09 3.59
CA HIS A 71 -2.58 -0.69 4.92
C HIS A 71 -3.14 0.29 5.94
N PHE A 72 -2.87 1.57 5.71
CA PHE A 72 -3.34 2.63 6.61
C PHE A 72 -4.77 3.03 6.25
N ARG A 73 -5.08 2.99 4.96
CA ARG A 73 -6.41 3.36 4.49
C ARG A 73 -7.49 2.74 5.38
N ILE A 74 -7.51 1.41 5.43
CA ILE A 74 -8.50 0.71 6.26
C ILE A 74 -8.10 0.75 7.73
N GLY A 75 -6.83 0.43 7.99
CA GLY A 75 -6.33 0.42 9.37
C GLY A 75 -5.53 -0.84 9.66
N CYS A 76 -4.45 -0.69 10.41
CA CYS A 76 -3.61 -1.83 10.75
C CYS A 76 -4.18 -2.59 11.94
N ARG A 77 -4.81 -3.73 11.66
CA ARG A 77 -5.41 -4.54 12.70
C ARG A 77 -4.32 -5.16 13.59
N HIS A 78 -3.14 -5.33 13.03
CA HIS A 78 -2.03 -5.90 13.79
C HIS A 78 -1.74 -5.08 15.03
N SER A 79 -1.27 -5.74 16.08
CA SER A 79 -0.96 -5.06 17.33
C SER A 79 -2.23 -4.60 18.03
N ASN A 93 15.16 10.31 5.34
CA ASN A 93 13.93 10.36 4.55
C ASN A 93 13.51 11.80 4.32
N PRO A 94 12.80 12.05 3.25
CA PRO A 94 12.31 13.41 2.90
C PRO A 94 11.17 13.85 3.80
N LEU A 95 10.79 12.99 4.73
CA LEU A 95 9.70 13.29 5.66
C LEU A 95 10.18 13.18 7.10
N GLU A 96 11.48 13.36 7.31
CA GLU A 96 12.05 13.29 8.65
C GLU A 96 11.52 14.42 9.52
N PHE A 97 11.15 15.53 8.88
CA PHE A 97 10.63 16.69 9.61
C PHE A 97 9.18 16.47 9.98
N LEU A 98 8.51 15.56 9.28
CA LEU A 98 7.11 15.27 9.55
C LEU A 98 6.88 15.05 11.04
N ARG A 99 7.85 14.41 11.69
CA ARG A 99 7.74 14.14 13.12
C ARG A 99 7.43 15.42 13.88
N ASP A 100 7.84 16.55 13.31
CA ASP A 100 7.61 17.85 13.94
C ASP A 100 6.37 18.52 13.37
N GLN A 101 5.78 17.90 12.35
CA GLN A 101 4.59 18.44 11.71
C GLN A 101 3.35 18.09 12.54
N PRO A 102 2.37 18.96 12.52
CA PRO A 102 1.10 18.75 13.27
C PRO A 102 0.27 17.63 12.67
N GLN A 103 0.16 17.63 11.34
CA GLN A 103 -0.62 16.61 10.65
C GLN A 103 -0.08 15.22 10.98
N PHE A 104 1.24 15.07 10.93
CA PHE A 104 1.86 13.78 11.23
C PHE A 104 1.55 13.36 12.66
N GLN A 105 1.77 14.28 13.60
CA GLN A 105 1.51 13.98 15.00
C GLN A 105 0.02 13.75 15.23
N ASN A 106 -0.81 14.52 14.54
CA ASN A 106 -2.25 14.39 14.67
C ASN A 106 -2.75 13.11 14.00
N MET A 107 -2.55 13.03 12.68
CA MET A 107 -2.96 11.86 11.93
C MET A 107 -2.43 10.58 12.58
N ARG A 108 -1.33 10.72 13.32
CA ARG A 108 -0.73 9.57 13.98
C ARG A 108 -1.72 8.93 14.95
N GLN A 109 -2.13 9.71 15.95
CA GLN A 109 -3.08 9.21 16.94
C GLN A 109 -4.44 8.96 16.32
N VAL A 110 -4.69 9.60 15.19
CA VAL A 110 -5.96 9.44 14.50
C VAL A 110 -5.88 8.29 13.49
N ILE A 111 -4.65 7.97 13.07
CA ILE A 111 -4.45 6.89 12.11
C ILE A 111 -4.32 5.55 12.82
N GLN A 112 -3.43 5.48 13.80
CA GLN A 112 -3.21 4.25 14.56
C GLN A 112 -4.41 3.94 15.45
N GLN A 113 -4.89 4.95 16.16
CA GLN A 113 -6.02 4.77 17.06
C GLN A 113 -7.24 4.28 16.29
N ASN A 114 -7.60 5.02 15.25
CA ASN A 114 -8.76 4.65 14.42
C ASN A 114 -8.51 5.01 12.97
N PRO A 115 -7.74 4.21 12.27
CA PRO A 115 -7.42 4.45 10.84
C PRO A 115 -8.66 4.87 10.05
N ALA A 116 -9.83 4.65 10.63
CA ALA A 116 -11.08 5.02 9.97
C ALA A 116 -11.07 6.48 9.55
N LEU A 117 -10.34 7.30 10.31
CA LEU A 117 -10.25 8.72 10.01
C LEU A 117 -9.04 9.01 9.13
N LEU A 118 -8.36 7.96 8.70
CA LEU A 118 -7.18 8.11 7.85
C LEU A 118 -7.60 8.42 6.41
N PRO A 119 -8.49 7.63 5.86
CA PRO A 119 -8.98 7.83 4.47
C PRO A 119 -9.19 9.31 4.14
N ALA A 120 -9.65 10.07 5.15
CA ALA A 120 -9.89 11.49 4.96
C ALA A 120 -8.62 12.29 5.19
N LEU A 121 -7.96 12.02 6.32
CA LEU A 121 -6.72 12.73 6.66
C LEU A 121 -5.75 12.68 5.49
N LEU A 122 -5.33 11.48 5.12
CA LEU A 122 -4.39 11.31 4.02
C LEU A 122 -4.81 12.18 2.83
N GLN A 123 -6.12 12.35 2.67
CA GLN A 123 -6.64 13.16 1.58
C GLN A 123 -6.27 14.63 1.78
N GLN A 124 -6.35 15.08 3.03
CA GLN A 124 -6.03 16.47 3.35
C GLN A 124 -4.52 16.66 3.37
N LEU A 125 -3.78 15.58 3.62
CA LEU A 125 -2.33 15.65 3.67
C LEU A 125 -1.76 15.80 2.27
N GLY A 126 -2.31 15.06 1.31
CA GLY A 126 -1.85 15.13 -0.06
C GLY A 126 -2.40 16.37 -0.76
N GLN A 127 -3.42 16.97 -0.16
CA GLN A 127 -4.03 18.17 -0.73
C GLN A 127 -3.28 19.41 -0.29
N GLU A 128 -3.20 19.61 1.03
CA GLU A 128 -2.51 20.77 1.58
C GLU A 128 -1.00 20.66 1.32
N ASN A 129 -0.47 19.45 1.50
CA ASN A 129 0.95 19.22 1.29
C ASN A 129 1.16 18.06 0.32
N PRO A 130 0.75 18.23 -0.91
CA PRO A 130 0.88 17.19 -1.96
C PRO A 130 2.26 16.53 -1.95
N GLN A 131 3.27 17.30 -1.57
CA GLN A 131 4.63 16.78 -1.52
C GLN A 131 4.70 15.56 -0.61
N LEU A 132 3.85 15.52 0.40
CA LEU A 132 3.82 14.40 1.34
C LEU A 132 3.18 13.18 0.70
N LEU A 133 1.91 13.33 0.30
CA LEU A 133 1.20 12.23 -0.33
C LEU A 133 2.08 11.53 -1.35
N GLN A 134 3.11 12.23 -1.81
CA GLN A 134 4.03 11.65 -2.79
C GLN A 134 5.13 10.86 -2.09
N GLN A 135 5.57 11.36 -0.93
CA GLN A 135 6.61 10.68 -0.17
C GLN A 135 6.01 9.60 0.72
N ILE A 136 4.73 9.74 1.03
CA ILE A 136 4.04 8.75 1.86
C ILE A 136 4.13 7.36 1.24
N SER A 137 3.58 7.22 0.04
CA SER A 137 3.60 5.94 -0.66
C SER A 137 5.02 5.59 -1.11
N ARG A 138 5.85 6.62 -1.27
CA ARG A 138 7.23 6.42 -1.69
C ARG A 138 8.05 5.79 -0.58
N HIS A 139 7.97 6.38 0.61
CA HIS A 139 8.71 5.87 1.76
C HIS A 139 7.77 5.29 2.80
N GLN A 140 6.80 4.50 2.35
CA GLN A 140 5.84 3.89 3.26
C GLN A 140 6.56 3.31 4.47
N GLU A 141 7.40 2.30 4.23
CA GLU A 141 8.14 1.67 5.31
C GLU A 141 8.66 2.72 6.28
N GLN A 142 9.46 3.66 5.77
CA GLN A 142 10.01 4.71 6.61
C GLN A 142 8.88 5.53 7.21
N PHE A 143 7.73 5.52 6.56
CA PHE A 143 6.57 6.26 7.03
C PHE A 143 5.73 5.44 8.02
N ILE A 144 5.83 4.12 7.94
CA ILE A 144 5.04 3.25 8.81
C ILE A 144 5.66 3.05 10.19
N GLN A 145 6.85 2.47 10.25
CA GLN A 145 7.49 2.21 11.55
C GLN A 145 7.24 3.39 12.50
N MET A 146 7.03 4.57 11.95
CA MET A 146 6.76 5.75 12.76
C MET A 146 5.27 5.83 13.07
N LEU A 147 4.46 5.79 12.02
CA LEU A 147 3.02 5.84 12.17
C LEU A 147 2.50 4.56 12.80
N ASN A 148 3.39 3.59 12.95
CA ASN A 148 3.02 2.31 13.55
C ASN A 148 3.33 2.33 15.05
N GLU A 149 4.09 3.32 15.48
CA GLU A 149 4.45 3.44 16.89
C GLU A 149 4.08 4.83 17.41
N PRO A 150 4.06 5.00 18.70
CA PRO A 150 3.71 6.30 19.35
C PRO A 150 4.73 7.38 19.03
N PRO A 151 4.26 8.54 18.66
CA PRO A 151 5.14 9.71 18.31
C PRO A 151 6.19 9.96 19.39
N ILE A 177 -6.81 6.25 -11.43
CA ILE A 177 -7.65 6.72 -12.50
C ILE A 177 -7.14 6.22 -13.86
N GLN A 178 -6.00 5.55 -13.86
CA GLN A 178 -5.43 5.03 -15.08
C GLN A 178 -6.28 3.89 -15.63
N VAL A 179 -7.44 3.67 -15.01
CA VAL A 179 -8.33 2.60 -15.46
C VAL A 179 -9.38 3.16 -16.41
N THR A 180 -10.19 2.25 -16.95
CA THR A 180 -11.25 2.63 -17.86
C THR A 180 -12.46 1.75 -17.65
N PRO A 181 -13.54 2.02 -18.32
CA PRO A 181 -14.78 1.22 -18.20
C PRO A 181 -14.53 -0.24 -18.57
N GLN A 182 -13.39 -0.45 -19.23
CA GLN A 182 -13.01 -1.80 -19.66
C GLN A 182 -12.23 -2.53 -18.55
N GLU A 183 -11.26 -1.85 -17.95
CA GLU A 183 -10.46 -2.45 -16.90
C GLU A 183 -11.10 -2.23 -15.53
N LYS A 184 -11.25 -0.97 -15.15
CA LYS A 184 -11.84 -0.64 -13.87
C LYS A 184 -13.17 -1.37 -13.67
N GLU A 185 -13.79 -1.75 -14.77
CA GLU A 185 -15.08 -2.44 -14.71
C GLU A 185 -15.10 -3.42 -13.53
N ALA A 186 -13.96 -4.04 -13.26
CA ALA A 186 -13.85 -4.99 -12.17
C ALA A 186 -13.76 -4.27 -10.82
N ILE A 187 -13.14 -3.09 -10.83
CA ILE A 187 -13.00 -2.31 -9.60
C ILE A 187 -14.35 -2.07 -8.95
N GLU A 188 -15.23 -1.36 -9.66
CA GLU A 188 -16.55 -1.06 -9.13
C GLU A 188 -17.21 -2.32 -8.59
N ARG A 189 -16.68 -3.47 -9.00
CA ARG A 189 -17.23 -4.75 -8.54
C ARG A 189 -16.78 -5.03 -7.11
N LEU A 190 -15.47 -5.11 -6.90
CA LEU A 190 -14.95 -5.36 -5.57
C LEU A 190 -15.59 -4.40 -4.57
N LYS A 191 -16.12 -3.30 -5.09
CA LYS A 191 -16.79 -2.32 -4.25
C LYS A 191 -18.22 -2.74 -3.97
N ALA A 192 -18.81 -3.49 -4.89
CA ALA A 192 -20.17 -3.96 -4.72
C ALA A 192 -20.29 -4.85 -3.48
N LEU A 193 -19.13 -5.28 -2.98
CA LEU A 193 -19.11 -6.13 -1.79
C LEU A 193 -19.29 -5.30 -0.53
N GLY A 194 -19.61 -4.02 -0.72
CA GLY A 194 -19.81 -3.12 0.41
C GLY A 194 -18.63 -2.16 0.56
N PHE A 195 -17.71 -2.22 -0.39
CA PHE A 195 -16.54 -1.34 -0.36
C PHE A 195 -16.71 -0.18 -1.34
N PRO A 196 -16.05 0.92 -1.08
CA PRO A 196 -16.12 2.13 -1.94
C PRO A 196 -15.65 1.84 -3.37
N GLU A 197 -16.12 2.65 -4.31
CA GLU A 197 -15.75 2.48 -5.71
C GLU A 197 -14.28 2.83 -5.92
N SER A 198 -13.86 3.94 -5.34
CA SER A 198 -12.47 4.38 -5.47
C SER A 198 -11.57 3.54 -4.57
N LEU A 199 -12.09 3.14 -3.43
CA LEU A 199 -11.32 2.33 -2.49
C LEU A 199 -10.79 1.08 -3.17
N VAL A 200 -11.53 0.58 -4.15
CA VAL A 200 -11.11 -0.62 -4.87
C VAL A 200 -10.12 -0.27 -5.97
N ILE A 201 -10.32 0.89 -6.60
CA ILE A 201 -9.43 1.34 -7.67
C ILE A 201 -7.98 1.19 -7.24
N GLN A 202 -7.68 1.61 -6.02
CA GLN A 202 -6.32 1.51 -5.50
C GLN A 202 -5.90 0.06 -5.35
N ALA A 203 -6.74 -0.72 -4.67
CA ALA A 203 -6.44 -2.14 -4.46
C ALA A 203 -6.29 -2.86 -5.80
N TYR A 204 -7.05 -2.40 -6.80
CA TYR A 204 -6.98 -3.00 -8.12
C TYR A 204 -5.68 -2.63 -8.82
N PHE A 205 -5.34 -1.34 -8.80
CA PHE A 205 -4.11 -0.88 -9.43
C PHE A 205 -2.89 -1.36 -8.65
N ALA A 206 -2.85 -1.02 -7.36
CA ALA A 206 -1.74 -1.41 -6.51
C ALA A 206 -1.48 -2.91 -6.63
N CYS A 207 -2.56 -3.69 -6.68
CA CYS A 207 -2.43 -5.14 -6.79
C CYS A 207 -2.10 -5.54 -8.23
N GLU A 208 -1.62 -4.57 -9.00
CA GLU A 208 -1.26 -4.84 -10.39
C GLU A 208 -2.50 -5.13 -11.22
N LYS A 209 -3.55 -4.34 -11.03
CA LYS A 209 -4.80 -4.53 -11.76
C LYS A 209 -5.23 -5.98 -11.72
N ASN A 210 -4.69 -6.73 -10.75
CA ASN A 210 -5.03 -8.13 -10.61
C ASN A 210 -6.26 -8.31 -9.72
N GLU A 211 -7.39 -8.66 -10.32
CA GLU A 211 -8.62 -8.84 -9.57
C GLU A 211 -8.40 -9.83 -8.43
N ASN A 212 -7.96 -11.04 -8.76
CA ASN A 212 -7.72 -12.06 -7.74
C ASN A 212 -6.84 -11.49 -6.63
N LEU A 213 -5.76 -10.82 -7.01
CA LEU A 213 -4.86 -10.25 -6.02
C LEU A 213 -5.51 -9.04 -5.34
N ALA A 214 -6.46 -8.43 -6.03
CA ALA A 214 -7.17 -7.27 -5.49
C ALA A 214 -8.29 -7.71 -4.55
N ALA A 215 -8.84 -8.89 -4.81
CA ALA A 215 -9.92 -9.43 -4.00
C ALA A 215 -9.39 -9.87 -2.63
N ASN A 216 -8.39 -10.74 -2.64
CA ASN A 216 -7.80 -11.22 -1.41
C ASN A 216 -7.15 -10.08 -0.64
N PHE A 217 -6.81 -9.02 -1.35
CA PHE A 217 -6.19 -7.85 -0.72
C PHE A 217 -7.24 -7.01 -0.01
N LEU A 218 -8.44 -6.96 -0.57
CA LEU A 218 -9.52 -6.18 0.03
C LEU A 218 -10.13 -6.93 1.21
N LEU A 219 -10.23 -8.25 1.07
CA LEU A 219 -10.80 -9.08 2.14
C LEU A 219 -9.74 -9.38 3.20
N SER A 220 -8.48 -9.30 2.81
CA SER A 220 -7.39 -9.56 3.75
C SER A 220 -6.70 -8.27 4.15
N GLN A 221 -7.29 -7.14 3.78
CA GLN A 221 -6.71 -5.83 4.10
C GLN A 221 -6.68 -5.62 5.61
N ASN A 222 -7.10 -6.62 6.38
CA ASN A 222 -7.12 -6.52 7.83
C ASN A 222 -8.30 -5.66 8.29
N PHE A 223 -9.07 -6.20 9.23
CA PHE A 223 -10.24 -5.48 9.74
C PHE A 223 -10.72 -6.11 11.04
ZN ZN B . -0.44 -4.02 10.10
N GLU A 13 22.26 -4.05 -13.35
CA GLU A 13 21.24 -3.47 -12.48
C GLU A 13 21.42 -3.97 -11.05
N PRO A 14 21.88 -3.12 -10.17
CA PRO A 14 22.11 -3.48 -8.74
C PRO A 14 20.91 -4.22 -8.15
N TYR A 15 19.72 -3.89 -8.61
CA TYR A 15 18.51 -4.53 -8.11
C TYR A 15 18.72 -6.04 -7.95
N ASN A 16 19.47 -6.61 -8.88
CA ASN A 16 19.75 -8.05 -8.85
C ASN A 16 20.04 -8.52 -7.43
N GLU A 17 21.21 -8.16 -6.92
CA GLU A 17 21.61 -8.55 -5.58
C GLU A 17 21.12 -7.54 -4.57
N TRP A 18 20.82 -6.34 -5.06
CA TRP A 18 20.35 -5.26 -4.20
C TRP A 18 18.86 -5.38 -3.93
N THR A 19 18.06 -5.35 -5.00
CA THR A 19 16.62 -5.46 -4.85
C THR A 19 16.25 -6.58 -3.90
N LEU A 20 16.94 -7.72 -4.03
CA LEU A 20 16.68 -8.86 -3.17
C LEU A 20 17.08 -8.56 -1.73
N GLU A 21 18.03 -7.65 -1.58
CA GLU A 21 18.51 -7.28 -0.25
C GLU A 21 17.51 -6.35 0.44
N LEU A 22 16.91 -5.46 -0.33
CA LEU A 22 15.94 -4.52 0.21
C LEU A 22 14.61 -5.22 0.49
N LEU A 23 14.06 -5.87 -0.55
CA LEU A 23 12.80 -6.57 -0.39
C LEU A 23 12.80 -7.43 0.86
N GLU A 24 13.98 -7.93 1.23
CA GLU A 24 14.11 -8.77 2.41
C GLU A 24 13.50 -8.07 3.63
N GLU A 25 13.69 -6.77 3.71
CA GLU A 25 13.17 -6.00 4.83
C GLU A 25 11.70 -5.64 4.59
N LEU A 26 11.43 -4.97 3.48
CA LEU A 26 10.06 -4.57 3.14
C LEU A 26 9.14 -5.77 3.22
N LYS A 27 9.63 -6.93 2.80
CA LYS A 27 8.83 -8.16 2.83
C LYS A 27 8.50 -8.53 4.27
N SER A 28 9.28 -8.03 5.21
CA SER A 28 9.06 -8.32 6.62
C SER A 28 7.86 -7.55 7.16
N GLU A 29 7.96 -6.22 7.13
CA GLU A 29 6.87 -5.37 7.60
C GLU A 29 5.58 -5.69 6.87
N ALA A 30 5.67 -5.81 5.55
CA ALA A 30 4.49 -6.11 4.73
C ALA A 30 3.91 -7.46 5.14
N VAL A 31 4.72 -8.51 5.04
CA VAL A 31 4.27 -9.85 5.40
C VAL A 31 3.48 -9.82 6.70
N ARG A 32 4.12 -9.31 7.75
CA ARG A 32 3.47 -9.23 9.06
C ARG A 32 2.30 -8.25 9.03
N HIS A 33 2.29 -7.38 8.01
CA HIS A 33 1.23 -6.40 7.87
C HIS A 33 0.41 -6.66 6.62
N PHE A 34 0.45 -7.90 6.15
CA PHE A 34 -0.30 -8.27 4.94
C PHE A 34 -0.74 -9.72 5.02
N PRO A 35 -1.84 -10.05 4.40
CA PRO A 35 -2.39 -11.44 4.39
C PRO A 35 -1.50 -12.40 3.60
N ARG A 36 -1.08 -13.47 4.26
CA ARG A 36 -0.22 -14.46 3.61
C ARG A 36 -0.79 -14.84 2.24
N ILE A 37 -2.07 -15.13 2.19
CA ILE A 37 -2.73 -15.50 0.95
C ILE A 37 -2.37 -14.50 -0.15
N TRP A 38 -2.68 -13.23 0.09
CA TRP A 38 -2.39 -12.19 -0.89
C TRP A 38 -0.94 -12.26 -1.34
N LEU A 39 -0.03 -12.36 -0.37
CA LEU A 39 1.39 -12.45 -0.68
C LEU A 39 1.66 -13.65 -1.58
N HIS A 40 0.81 -14.66 -1.47
CA HIS A 40 0.96 -15.88 -2.28
C HIS A 40 0.46 -15.64 -3.71
N ASN A 41 -0.63 -14.89 -3.82
CA ASN A 41 -1.21 -14.60 -5.13
C ASN A 41 -0.43 -13.48 -5.82
N LEU A 42 0.18 -12.60 -5.03
CA LEU A 42 0.95 -11.49 -5.58
C LEU A 42 2.11 -12.02 -6.42
N GLY A 43 2.94 -12.86 -5.80
CA GLY A 43 4.09 -13.43 -6.50
C GLY A 43 3.64 -14.51 -7.47
N GLN A 44 2.45 -15.06 -7.23
CA GLN A 44 1.91 -16.11 -8.09
C GLN A 44 1.33 -15.50 -9.36
N HIS A 45 0.65 -14.37 -9.22
CA HIS A 45 0.04 -13.71 -10.37
C HIS A 45 1.07 -12.83 -11.08
N ILE A 46 1.69 -11.93 -10.33
CA ILE A 46 2.70 -11.03 -10.90
C ILE A 46 3.78 -11.83 -11.61
N TYR A 47 4.05 -13.04 -11.11
CA TYR A 47 5.07 -13.90 -11.70
C TYR A 47 4.51 -14.59 -12.94
N GLU A 48 3.20 -14.80 -12.97
CA GLU A 48 2.55 -15.45 -14.10
C GLU A 48 2.31 -14.47 -15.23
N THR A 49 1.90 -13.26 -14.86
CA THR A 49 1.62 -12.22 -15.85
C THR A 49 2.93 -11.74 -16.49
N TYR A 50 3.96 -11.56 -15.67
CA TYR A 50 5.25 -11.09 -16.17
C TYR A 50 6.19 -12.28 -16.40
N GLY A 51 5.89 -13.40 -15.74
CA GLY A 51 6.72 -14.58 -15.87
C GLY A 51 7.89 -14.55 -14.90
N ASP A 52 9.10 -14.58 -15.45
CA ASP A 52 10.31 -14.54 -14.62
C ASP A 52 11.08 -13.24 -14.83
N THR A 53 10.59 -12.42 -15.76
CA THR A 53 11.23 -11.15 -16.05
C THR A 53 11.57 -10.40 -14.76
N TRP A 54 12.70 -9.72 -14.76
CA TRP A 54 13.13 -8.97 -13.59
C TRP A 54 12.10 -7.90 -13.23
N ALA A 55 11.31 -7.50 -14.22
CA ALA A 55 10.28 -6.49 -14.01
C ALA A 55 9.27 -6.95 -12.96
N GLY A 56 8.94 -8.23 -13.00
CA GLY A 56 7.98 -8.79 -12.05
C GLY A 56 8.56 -8.78 -10.64
N VAL A 57 9.88 -8.73 -10.54
CA VAL A 57 10.54 -8.71 -9.24
C VAL A 57 10.59 -7.30 -8.68
N GLU A 58 10.85 -6.33 -9.56
CA GLU A 58 10.92 -4.94 -9.14
C GLU A 58 9.52 -4.33 -9.04
N ALA A 59 8.56 -4.98 -9.69
CA ALA A 59 7.19 -4.49 -9.67
C ALA A 59 6.54 -4.78 -8.33
N ILE A 60 6.97 -5.86 -7.68
CA ILE A 60 6.41 -6.24 -6.39
C ILE A 60 7.04 -5.41 -5.27
N ILE A 61 8.32 -5.05 -5.46
CA ILE A 61 9.03 -4.26 -4.46
C ILE A 61 8.42 -2.86 -4.36
N ARG A 62 8.48 -2.12 -5.45
CA ARG A 62 7.93 -0.76 -5.47
C ARG A 62 6.43 -0.79 -5.21
N ILE A 63 5.82 -1.94 -5.43
CA ILE A 63 4.39 -2.10 -5.21
C ILE A 63 4.08 -2.24 -3.73
N LEU A 64 4.71 -3.23 -3.10
CA LEU A 64 4.49 -3.47 -1.67
C LEU A 64 4.62 -2.17 -0.89
N GLN A 65 5.68 -1.42 -1.16
CA GLN A 65 5.91 -0.16 -0.48
C GLN A 65 4.63 0.67 -0.45
N GLN A 66 4.10 0.98 -1.63
CA GLN A 66 2.88 1.76 -1.72
C GLN A 66 1.70 1.00 -1.12
N LEU A 67 1.80 -0.33 -1.15
CA LEU A 67 0.73 -1.17 -0.61
C LEU A 67 0.64 -1.00 0.90
N LEU A 68 1.79 -0.88 1.55
CA LEU A 68 1.83 -0.72 3.00
C LEU A 68 0.89 0.40 3.44
N PHE A 69 0.69 1.37 2.56
CA PHE A 69 -0.19 2.49 2.86
C PHE A 69 -1.62 2.00 3.12
N ILE A 70 -2.14 1.23 2.18
CA ILE A 70 -3.50 0.70 2.33
C ILE A 70 -3.66 0.00 3.68
N HIS A 71 -2.57 -0.60 4.16
CA HIS A 71 -2.59 -1.28 5.45
C HIS A 71 -3.04 -0.33 6.56
N PHE A 72 -2.86 0.96 6.32
CA PHE A 72 -3.25 1.97 7.29
C PHE A 72 -4.73 2.31 7.15
N ARG A 73 -5.14 2.61 5.92
CA ARG A 73 -6.53 2.97 5.64
C ARG A 73 -7.49 2.03 6.38
N ILE A 74 -7.32 0.73 6.16
CA ILE A 74 -8.17 -0.26 6.79
C ILE A 74 -7.91 -0.32 8.29
N GLY A 75 -6.67 -0.63 8.65
CA GLY A 75 -6.30 -0.71 10.06
C GLY A 75 -5.41 -1.91 10.32
N CYS A 76 -4.25 -1.66 10.95
CA CYS A 76 -3.32 -2.73 11.26
C CYS A 76 -3.90 -3.68 12.30
N ARG A 77 -4.39 -4.83 11.83
CA ARG A 77 -4.97 -5.82 12.74
C ARG A 77 -3.89 -6.40 13.65
N HIS A 78 -2.64 -6.12 13.33
CA HIS A 78 -1.52 -6.62 14.11
C HIS A 78 -1.18 -5.64 15.23
N SER A 79 -0.49 -6.15 16.26
CA SER A 79 -0.10 -5.30 17.38
C SER A 79 0.58 -4.03 16.90
N ASN A 93 16.04 12.02 4.57
CA ASN A 93 14.76 11.53 4.06
C ASN A 93 13.79 12.70 3.87
N PRO A 94 13.20 12.79 2.71
CA PRO A 94 12.22 13.88 2.39
C PRO A 94 10.95 13.73 3.21
N LEU A 95 10.94 12.73 4.09
CA LEU A 95 9.77 12.48 4.92
C LEU A 95 10.14 12.61 6.40
N GLU A 96 11.43 12.56 6.70
CA GLU A 96 11.90 12.67 8.07
C GLU A 96 11.42 13.99 8.70
N PHE A 97 11.34 15.03 7.88
CA PHE A 97 10.90 16.34 8.36
C PHE A 97 9.38 16.38 8.49
N LEU A 98 8.73 15.29 8.12
CA LEU A 98 7.28 15.21 8.21
C LEU A 98 6.79 15.67 9.57
N ARG A 99 7.52 15.28 10.62
CA ARG A 99 7.15 15.67 11.98
C ARG A 99 7.01 17.18 12.09
N ASP A 100 7.62 17.90 11.16
CA ASP A 100 7.56 19.36 11.17
C ASP A 100 6.18 19.84 10.73
N GLN A 101 5.32 18.90 10.37
CA GLN A 101 3.97 19.26 9.93
C GLN A 101 2.94 18.75 10.93
N PRO A 102 1.87 19.47 11.10
CA PRO A 102 0.78 19.10 12.04
C PRO A 102 0.01 17.87 11.56
N GLN A 103 -0.21 17.80 10.25
CA GLN A 103 -0.93 16.67 9.67
C GLN A 103 -0.35 15.35 10.19
N PHE A 104 0.96 15.33 10.41
CA PHE A 104 1.61 14.12 10.91
C PHE A 104 1.24 13.87 12.36
N GLN A 105 1.63 14.78 13.24
CA GLN A 105 1.33 14.64 14.66
C GLN A 105 -0.18 14.56 14.89
N ASN A 106 -0.94 15.10 13.94
CA ASN A 106 -2.40 15.09 14.05
C ASN A 106 -2.96 13.77 13.54
N MET A 107 -2.58 13.40 12.32
CA MET A 107 -3.06 12.16 11.73
C MET A 107 -2.61 10.96 12.56
N ARG A 108 -1.36 10.98 12.99
CA ARG A 108 -0.82 9.89 13.80
C ARG A 108 -1.84 9.41 14.83
N GLN A 109 -2.23 10.32 15.72
CA GLN A 109 -3.20 9.99 16.76
C GLN A 109 -4.51 9.48 16.14
N VAL A 110 -4.77 9.88 14.90
CA VAL A 110 -5.98 9.46 14.21
C VAL A 110 -5.72 8.20 13.38
N ILE A 111 -4.46 7.95 13.10
CA ILE A 111 -4.09 6.77 12.31
C ILE A 111 -3.91 5.56 13.20
N GLN A 112 -3.15 5.72 14.28
CA GLN A 112 -2.91 4.63 15.21
C GLN A 112 -4.16 4.35 16.05
N GLN A 113 -4.78 5.42 16.55
CA GLN A 113 -5.99 5.27 17.37
C GLN A 113 -7.08 4.55 16.59
N ASN A 114 -7.43 5.10 15.42
CA ASN A 114 -8.45 4.48 14.59
C ASN A 114 -8.11 4.63 13.12
N PRO A 115 -7.29 3.74 12.61
CA PRO A 115 -6.87 3.77 11.17
C PRO A 115 -8.05 3.97 10.23
N ALA A 116 -9.26 3.85 10.77
CA ALA A 116 -10.47 4.03 9.97
C ALA A 116 -10.59 5.48 9.51
N LEU A 117 -9.84 6.37 10.17
CA LEU A 117 -9.88 7.78 9.83
C LEU A 117 -8.68 8.15 8.96
N LEU A 118 -7.92 7.13 8.55
CA LEU A 118 -6.75 7.37 7.72
C LEU A 118 -7.16 7.65 6.27
N PRO A 119 -8.09 6.88 5.75
CA PRO A 119 -8.58 7.05 4.36
C PRO A 119 -8.86 8.51 4.02
N ALA A 120 -9.39 9.24 5.00
CA ALA A 120 -9.70 10.65 4.81
C ALA A 120 -8.48 11.51 5.08
N LEU A 121 -7.72 11.13 6.11
CA LEU A 121 -6.51 11.88 6.47
C LEU A 121 -5.64 12.11 5.23
N LEU A 122 -5.20 11.04 4.62
CA LEU A 122 -4.36 11.13 3.43
C LEU A 122 -4.96 12.11 2.43
N GLN A 123 -6.27 12.05 2.26
CA GLN A 123 -6.95 12.94 1.33
C GLN A 123 -6.65 14.40 1.66
N GLN A 124 -6.51 14.69 2.95
CA GLN A 124 -6.22 16.05 3.38
C GLN A 124 -4.72 16.32 3.35
N LEU A 125 -3.93 15.31 3.71
CA LEU A 125 -2.48 15.44 3.71
C LEU A 125 -1.98 15.78 2.31
N GLY A 126 -2.37 14.97 1.34
CA GLY A 126 -1.94 15.19 -0.04
C GLY A 126 -2.45 16.54 -0.56
N GLN A 127 -3.42 17.11 0.16
CA GLN A 127 -3.98 18.39 -0.24
C GLN A 127 -3.11 19.54 0.28
N GLU A 128 -2.55 19.36 1.46
CA GLU A 128 -1.69 20.38 2.06
C GLU A 128 -0.28 20.30 1.50
N ASN A 129 0.19 19.07 1.27
CA ASN A 129 1.53 18.86 0.74
C ASN A 129 1.53 17.71 -0.26
N PRO A 130 0.94 17.92 -1.40
CA PRO A 130 0.86 16.89 -2.47
C PRO A 130 2.22 16.23 -2.74
N GLN A 131 3.29 16.92 -2.36
CA GLN A 131 4.64 16.39 -2.56
C GLN A 131 4.92 15.25 -1.58
N LEU A 132 4.50 15.45 -0.33
CA LEU A 132 4.72 14.44 0.70
C LEU A 132 3.90 13.19 0.40
N LEU A 133 2.66 13.39 -0.07
CA LEU A 133 1.78 12.28 -0.39
C LEU A 133 2.52 11.24 -1.23
N GLN A 134 3.38 11.71 -2.13
CA GLN A 134 4.14 10.82 -2.99
C GLN A 134 5.29 10.17 -2.22
N GLN A 135 5.77 10.85 -1.19
CA GLN A 135 6.86 10.34 -0.38
C GLN A 135 6.34 9.29 0.61
N ILE A 136 5.37 9.69 1.44
CA ILE A 136 4.80 8.79 2.43
C ILE A 136 4.51 7.43 1.80
N SER A 137 4.17 7.43 0.51
CA SER A 137 3.87 6.19 -0.18
C SER A 137 5.16 5.48 -0.59
N ARG A 138 6.23 6.25 -0.76
CA ARG A 138 7.52 5.69 -1.16
C ARG A 138 8.37 5.39 0.08
N HIS A 139 7.90 5.83 1.25
CA HIS A 139 8.63 5.60 2.48
C HIS A 139 7.70 5.04 3.56
N GLN A 140 6.77 4.20 3.15
CA GLN A 140 5.82 3.61 4.09
C GLN A 140 6.54 3.16 5.36
N GLU A 141 7.45 2.22 5.22
CA GLU A 141 8.20 1.72 6.37
C GLU A 141 8.61 2.88 7.28
N GLN A 142 9.48 3.75 6.77
CA GLN A 142 9.93 4.90 7.54
C GLN A 142 8.74 5.74 7.99
N PHE A 143 7.63 5.61 7.26
CA PHE A 143 6.42 6.36 7.58
C PHE A 143 5.62 5.63 8.66
N ILE A 144 5.78 4.30 8.72
CA ILE A 144 5.07 3.50 9.70
C ILE A 144 5.83 3.49 11.03
N GLN A 145 7.15 3.30 10.95
CA GLN A 145 7.98 3.27 12.14
C GLN A 145 7.60 4.40 13.09
N MET A 146 7.34 5.57 12.52
CA MET A 146 6.97 6.73 13.33
C MET A 146 5.47 6.71 13.63
N LEU A 147 4.67 6.34 12.64
CA LEU A 147 3.22 6.29 12.81
C LEU A 147 2.83 5.06 13.62
N ASN A 148 3.80 4.19 13.87
CA ASN A 148 3.54 2.97 14.63
C ASN A 148 4.25 3.05 15.98
N GLU A 149 5.12 4.03 16.14
CA GLU A 149 5.85 4.22 17.39
C GLU A 149 5.81 5.67 17.82
N PRO A 150 6.35 5.96 18.98
CA PRO A 150 6.39 7.35 19.52
C PRO A 150 6.92 8.35 18.50
N PRO A 151 6.27 9.46 18.35
CA PRO A 151 6.69 10.53 17.39
C PRO A 151 8.18 10.81 17.46
N ILE A 177 -1.99 5.91 -14.81
CA ILE A 177 -2.83 5.35 -15.85
C ILE A 177 -4.26 5.18 -15.34
N GLN A 178 -4.41 4.42 -14.25
CA GLN A 178 -5.71 4.18 -13.66
C GLN A 178 -6.47 3.15 -14.47
N VAL A 179 -7.63 3.53 -14.99
CA VAL A 179 -8.43 2.60 -15.76
C VAL A 179 -9.45 3.34 -16.61
N THR A 180 -10.21 2.58 -17.37
CA THR A 180 -11.22 3.15 -18.24
C THR A 180 -12.54 2.40 -18.09
N PRO A 181 -13.49 2.65 -18.95
CA PRO A 181 -14.82 1.98 -18.89
C PRO A 181 -14.67 0.46 -18.97
N GLN A 182 -13.49 0.03 -19.37
CA GLN A 182 -13.20 -1.39 -19.50
C GLN A 182 -12.87 -2.00 -18.14
N GLU A 183 -11.83 -1.47 -17.48
CA GLU A 183 -11.44 -1.98 -16.17
C GLU A 183 -12.30 -1.36 -15.08
N LYS A 184 -12.70 -0.11 -15.28
CA LYS A 184 -13.52 0.59 -14.32
C LYS A 184 -14.59 -0.33 -13.72
N GLU A 185 -15.47 -0.81 -14.58
CA GLU A 185 -16.54 -1.70 -14.14
C GLU A 185 -16.03 -2.66 -13.08
N ALA A 186 -14.73 -2.96 -13.13
CA ALA A 186 -14.13 -3.88 -12.18
C ALA A 186 -13.74 -3.13 -10.91
N ILE A 187 -13.26 -1.90 -11.07
CA ILE A 187 -12.85 -1.10 -9.93
C ILE A 187 -14.02 -0.87 -8.98
N GLU A 188 -15.17 -0.49 -9.55
CA GLU A 188 -16.37 -0.25 -8.74
C GLU A 188 -17.08 -1.55 -8.41
N ARG A 189 -16.79 -2.60 -9.17
CA ARG A 189 -17.41 -3.89 -8.93
C ARG A 189 -16.67 -4.63 -7.82
N LEU A 190 -15.34 -4.51 -7.85
CA LEU A 190 -14.51 -5.14 -6.83
C LEU A 190 -15.03 -4.75 -5.45
N LYS A 191 -15.29 -3.47 -5.28
CA LYS A 191 -15.80 -2.95 -4.02
C LYS A 191 -17.25 -3.35 -3.84
N ALA A 192 -17.89 -3.77 -4.93
CA ALA A 192 -19.28 -4.17 -4.88
C ALA A 192 -19.51 -5.13 -3.73
N LEU A 193 -18.42 -5.67 -3.19
CA LEU A 193 -18.50 -6.61 -2.08
C LEU A 193 -18.65 -5.85 -0.76
N GLY A 194 -18.83 -4.54 -0.85
CA GLY A 194 -19.00 -3.71 0.34
C GLY A 194 -17.74 -2.90 0.63
N PHE A 195 -17.31 -2.11 -0.35
CA PHE A 195 -16.11 -1.30 -0.18
C PHE A 195 -16.22 -0.01 -1.01
N PRO A 196 -15.31 0.91 -0.80
CA PRO A 196 -15.29 2.20 -1.53
C PRO A 196 -14.78 2.03 -2.96
N GLU A 197 -15.23 2.89 -3.86
CA GLU A 197 -14.82 2.83 -5.26
C GLU A 197 -13.35 3.22 -5.41
N SER A 198 -12.89 4.11 -4.53
CA SER A 198 -11.49 4.55 -4.59
C SER A 198 -10.56 3.51 -3.99
N LEU A 199 -10.99 2.91 -2.89
CA LEU A 199 -10.18 1.89 -2.22
C LEU A 199 -9.84 0.76 -3.17
N VAL A 200 -10.63 0.61 -4.24
CA VAL A 200 -10.40 -0.45 -5.21
C VAL A 200 -9.26 -0.08 -6.15
N ILE A 201 -9.48 0.95 -6.96
CA ILE A 201 -8.45 1.39 -7.91
C ILE A 201 -7.09 1.45 -7.21
N GLN A 202 -7.12 1.58 -5.89
CA GLN A 202 -5.88 1.64 -5.12
C GLN A 202 -5.21 0.27 -5.07
N ALA A 203 -5.97 -0.74 -4.62
CA ALA A 203 -5.45 -2.09 -4.54
C ALA A 203 -5.36 -2.71 -5.94
N TYR A 204 -6.47 -2.66 -6.67
CA TYR A 204 -6.50 -3.21 -8.01
C TYR A 204 -5.24 -2.83 -8.78
N PHE A 205 -4.72 -1.64 -8.48
CA PHE A 205 -3.51 -1.17 -9.16
C PHE A 205 -2.27 -1.80 -8.54
N ALA A 206 -2.12 -1.63 -7.23
CA ALA A 206 -0.97 -2.18 -6.52
C ALA A 206 -0.89 -3.69 -6.73
N CYS A 207 -2.00 -4.27 -7.20
CA CYS A 207 -2.04 -5.71 -7.44
C CYS A 207 -1.87 -6.00 -8.93
N GLU A 208 -1.46 -5.00 -9.69
CA GLU A 208 -1.26 -5.16 -11.12
C GLU A 208 -2.61 -5.32 -11.83
N LYS A 209 -3.55 -4.45 -11.49
CA LYS A 209 -4.87 -4.50 -12.11
C LYS A 209 -5.39 -5.93 -12.15
N ASN A 210 -4.93 -6.76 -11.22
CA ASN A 210 -5.35 -8.15 -11.16
C ASN A 210 -6.52 -8.32 -10.19
N GLU A 211 -7.72 -8.50 -10.74
CA GLU A 211 -8.90 -8.67 -9.90
C GLU A 211 -8.65 -9.73 -8.83
N ASN A 212 -8.31 -10.94 -9.27
CA ASN A 212 -8.04 -12.03 -8.33
C ASN A 212 -7.23 -11.54 -7.15
N LEU A 213 -6.10 -10.90 -7.44
CA LEU A 213 -5.24 -10.37 -6.38
C LEU A 213 -5.93 -9.21 -5.65
N ALA A 214 -6.86 -8.56 -6.33
CA ALA A 214 -7.58 -7.45 -5.75
C ALA A 214 -8.52 -7.92 -4.65
N ALA A 215 -9.35 -8.91 -4.98
CA ALA A 215 -10.29 -9.45 -4.01
C ALA A 215 -9.55 -10.03 -2.81
N ASN A 216 -8.56 -10.88 -3.08
CA ASN A 216 -7.78 -11.50 -2.03
C ASN A 216 -7.08 -10.44 -1.18
N PHE A 217 -6.90 -9.25 -1.76
CA PHE A 217 -6.25 -8.16 -1.05
C PHE A 217 -7.25 -7.41 -0.16
N LEU A 218 -8.39 -7.06 -0.74
CA LEU A 218 -9.42 -6.34 0.00
C LEU A 218 -10.10 -7.25 1.01
N LEU A 219 -10.23 -8.53 0.66
CA LEU A 219 -10.86 -9.50 1.55
C LEU A 219 -9.90 -9.92 2.64
N SER A 220 -8.61 -9.90 2.32
CA SER A 220 -7.58 -10.28 3.28
C SER A 220 -6.87 -9.04 3.81
N GLN A 221 -7.42 -7.87 3.49
CA GLN A 221 -6.83 -6.61 3.93
C GLN A 221 -7.04 -6.41 5.43
N ASN A 222 -6.78 -7.47 6.20
CA ASN A 222 -6.94 -7.39 7.66
C ASN A 222 -8.38 -7.67 8.06
N PHE A 223 -8.85 -6.94 9.06
CA PHE A 223 -10.23 -7.12 9.53
C PHE A 223 -10.58 -8.60 9.60
ZN ZN B . -0.26 -4.71 10.53
N GLU A 13 22.17 -2.28 -13.45
CA GLU A 13 20.86 -2.46 -12.82
C GLU A 13 21.02 -3.02 -11.41
N PRO A 14 21.34 -2.18 -10.47
CA PRO A 14 21.51 -2.59 -9.05
C PRO A 14 20.36 -3.47 -8.55
N TYR A 15 19.17 -3.24 -9.10
CA TYR A 15 18.00 -4.01 -8.70
C TYR A 15 18.35 -5.48 -8.56
N ASN A 16 19.19 -5.97 -9.45
CA ASN A 16 19.60 -7.37 -9.42
C ASN A 16 19.84 -7.85 -7.98
N GLU A 17 20.94 -7.39 -7.39
CA GLU A 17 21.27 -7.78 -6.02
C GLU A 17 20.59 -6.83 -5.04
N TRP A 18 20.22 -5.66 -5.53
CA TRP A 18 19.58 -4.65 -4.70
C TRP A 18 18.09 -4.93 -4.55
N THR A 19 17.39 -4.96 -5.68
CA THR A 19 15.96 -5.20 -5.65
C THR A 19 15.63 -6.41 -4.78
N LEU A 20 16.49 -7.41 -4.81
CA LEU A 20 16.27 -8.61 -4.01
C LEU A 20 16.62 -8.34 -2.54
N GLU A 21 17.59 -7.46 -2.32
CA GLU A 21 17.99 -7.12 -0.96
C GLU A 21 16.86 -6.42 -0.22
N LEU A 22 16.40 -5.29 -0.75
CA LEU A 22 15.32 -4.55 -0.13
C LEU A 22 14.04 -5.38 -0.09
N LEU A 23 13.73 -6.00 -1.22
CA LEU A 23 12.52 -6.83 -1.31
C LEU A 23 12.42 -7.75 -0.09
N GLU A 24 13.43 -8.58 0.09
CA GLU A 24 13.44 -9.52 1.22
C GLU A 24 13.14 -8.78 2.53
N GLU A 25 13.70 -7.59 2.66
CA GLU A 25 13.49 -6.80 3.87
C GLU A 25 12.05 -6.30 3.94
N LEU A 26 11.53 -5.84 2.80
CA LEU A 26 10.16 -5.33 2.74
C LEU A 26 9.21 -6.29 3.44
N LYS A 27 9.19 -7.54 2.99
CA LYS A 27 8.33 -8.55 3.58
C LYS A 27 8.33 -8.44 5.10
N SER A 28 9.52 -8.28 5.67
CA SER A 28 9.66 -8.17 7.11
C SER A 28 8.58 -7.25 7.68
N GLU A 29 8.44 -6.07 7.09
CA GLU A 29 7.43 -5.11 7.54
C GLU A 29 6.10 -5.37 6.86
N ALA A 30 6.13 -5.63 5.56
CA ALA A 30 4.92 -5.89 4.80
C ALA A 30 4.28 -7.20 5.26
N VAL A 31 5.02 -8.29 5.12
CA VAL A 31 4.51 -9.60 5.51
C VAL A 31 3.99 -9.57 6.95
N ARG A 32 4.47 -8.59 7.72
CA ARG A 32 4.05 -8.46 9.11
C ARG A 32 2.70 -7.75 9.20
N HIS A 33 2.38 -6.97 8.17
CA HIS A 33 1.11 -6.23 8.16
C HIS A 33 0.23 -6.72 7.01
N PHE A 34 0.79 -7.58 6.16
CA PHE A 34 0.04 -8.11 5.03
C PHE A 34 -0.35 -9.56 5.26
N PRO A 35 -1.39 -10.01 4.62
CA PRO A 35 -1.89 -11.41 4.74
C PRO A 35 -1.00 -12.39 4.00
N ARG A 36 -0.49 -13.39 4.72
CA ARG A 36 0.37 -14.39 4.11
C ARG A 36 -0.23 -14.84 2.78
N ILE A 37 -1.52 -14.58 2.62
CA ILE A 37 -2.22 -14.95 1.40
C ILE A 37 -1.79 -14.06 0.25
N TRP A 38 -1.99 -12.75 0.40
CA TRP A 38 -1.63 -11.81 -0.64
C TRP A 38 -0.16 -11.97 -1.02
N LEU A 39 0.70 -12.17 -0.02
CA LEU A 39 2.12 -12.33 -0.25
C LEU A 39 2.39 -13.62 -1.03
N HIS A 40 1.66 -14.67 -0.69
CA HIS A 40 1.83 -15.96 -1.36
C HIS A 40 1.33 -15.89 -2.80
N ASN A 41 0.20 -15.20 -3.00
CA ASN A 41 -0.38 -15.06 -4.33
C ASN A 41 0.27 -13.89 -5.07
N LEU A 42 0.85 -12.96 -4.31
CA LEU A 42 1.50 -11.80 -4.91
C LEU A 42 2.64 -12.24 -5.82
N GLY A 43 3.48 -13.14 -5.32
CA GLY A 43 4.61 -13.63 -6.10
C GLY A 43 4.13 -14.61 -7.18
N GLN A 44 3.03 -15.31 -6.89
CA GLN A 44 2.49 -16.28 -7.84
C GLN A 44 1.78 -15.57 -8.98
N HIS A 45 0.77 -14.77 -8.65
CA HIS A 45 0.02 -14.04 -9.66
C HIS A 45 0.93 -13.13 -10.46
N ILE A 46 1.72 -12.32 -9.77
CA ILE A 46 2.64 -11.39 -10.42
C ILE A 46 3.67 -12.17 -11.23
N TYR A 47 3.97 -13.39 -10.80
CA TYR A 47 4.94 -14.22 -11.50
C TYR A 47 4.35 -14.79 -12.78
N GLU A 48 3.06 -15.13 -12.72
CA GLU A 48 2.38 -15.69 -13.88
C GLU A 48 1.95 -14.58 -14.84
N THR A 49 1.77 -13.38 -14.30
CA THR A 49 1.37 -12.24 -15.12
C THR A 49 2.58 -11.57 -15.75
N TYR A 50 3.70 -11.60 -15.04
CA TYR A 50 4.93 -10.99 -15.54
C TYR A 50 5.95 -12.07 -15.91
N GLY A 51 5.58 -13.33 -15.69
CA GLY A 51 6.47 -14.44 -16.01
C GLY A 51 7.74 -14.38 -15.17
N ASP A 52 8.89 -14.46 -15.82
CA ASP A 52 10.17 -14.42 -15.11
C ASP A 52 10.88 -13.09 -15.37
N THR A 53 10.24 -12.23 -16.16
CA THR A 53 10.82 -10.92 -16.48
C THR A 53 11.25 -10.21 -15.20
N TRP A 54 12.32 -9.42 -15.30
CA TRP A 54 12.82 -8.69 -14.16
C TRP A 54 11.82 -7.62 -13.70
N ALA A 55 10.97 -7.20 -14.63
CA ALA A 55 9.96 -6.18 -14.31
C ALA A 55 9.06 -6.66 -13.19
N GLY A 56 8.61 -7.91 -13.28
CA GLY A 56 7.74 -8.48 -12.26
C GLY A 56 8.33 -8.28 -10.86
N VAL A 57 9.57 -8.71 -10.69
CA VAL A 57 10.24 -8.56 -9.40
C VAL A 57 10.31 -7.10 -8.99
N GLU A 58 10.71 -6.24 -9.92
CA GLU A 58 10.82 -4.81 -9.64
C GLU A 58 9.44 -4.22 -9.32
N ALA A 59 8.41 -4.78 -9.95
CA ALA A 59 7.05 -4.30 -9.73
C ALA A 59 6.55 -4.73 -8.35
N ILE A 60 6.98 -5.90 -7.90
CA ILE A 60 6.57 -6.41 -6.60
C ILE A 60 6.97 -5.44 -5.49
N ILE A 61 8.07 -4.73 -5.70
CA ILE A 61 8.55 -3.77 -4.71
C ILE A 61 7.69 -2.51 -4.73
N ARG A 62 7.69 -1.81 -5.85
CA ARG A 62 6.90 -0.60 -5.99
C ARG A 62 5.43 -0.87 -5.73
N ILE A 63 5.06 -2.15 -5.78
CA ILE A 63 3.67 -2.54 -5.55
C ILE A 63 3.38 -2.65 -4.06
N LEU A 64 4.37 -3.13 -3.30
CA LEU A 64 4.20 -3.28 -1.86
C LEU A 64 4.38 -1.93 -1.15
N GLN A 65 5.19 -1.07 -1.74
CA GLN A 65 5.43 0.25 -1.16
C GLN A 65 4.11 0.97 -0.91
N GLN A 66 3.35 1.22 -1.97
CA GLN A 66 2.07 1.89 -1.85
C GLN A 66 1.05 1.00 -1.17
N LEU A 67 1.17 -0.31 -1.38
CA LEU A 67 0.25 -1.26 -0.78
C LEU A 67 0.17 -1.05 0.73
N LEU A 68 1.32 -0.95 1.38
CA LEU A 68 1.36 -0.75 2.82
C LEU A 68 0.44 0.40 3.22
N PHE A 69 0.49 1.48 2.45
CA PHE A 69 -0.35 2.64 2.74
C PHE A 69 -1.80 2.23 2.95
N ILE A 70 -2.31 1.41 2.03
CA ILE A 70 -3.69 0.94 2.12
C ILE A 70 -3.91 0.20 3.44
N HIS A 71 -2.92 -0.57 3.85
CA HIS A 71 -3.02 -1.31 5.11
C HIS A 71 -3.27 -0.38 6.28
N PHE A 72 -2.90 0.89 6.10
CA PHE A 72 -3.08 1.88 7.15
C PHE A 72 -4.54 2.34 7.22
N ARG A 73 -5.02 2.93 6.13
CA ARG A 73 -6.39 3.43 6.08
C ARG A 73 -7.38 2.33 6.46
N ILE A 74 -7.39 1.26 5.69
CA ILE A 74 -8.31 0.15 5.96
C ILE A 74 -8.34 -0.16 7.45
N GLY A 75 -7.19 -0.09 8.11
CA GLY A 75 -7.12 -0.37 9.53
C GLY A 75 -6.22 -1.57 9.82
N CYS A 76 -5.23 -1.38 10.68
CA CYS A 76 -4.31 -2.45 11.03
C CYS A 76 -4.88 -3.30 12.17
N ARG A 77 -5.40 -4.48 11.83
CA ARG A 77 -5.97 -5.37 12.83
C ARG A 77 -4.88 -5.90 13.76
N HIS A 78 -3.67 -6.00 13.25
CA HIS A 78 -2.54 -6.48 14.05
C HIS A 78 -2.44 -5.71 15.36
N SER A 79 -1.96 -6.38 16.40
CA SER A 79 -1.82 -5.75 17.71
C SER A 79 -0.37 -5.32 17.94
N ASN A 93 15.86 12.23 5.59
CA ASN A 93 14.63 11.72 4.98
C ASN A 93 13.63 12.85 4.75
N PRO A 94 13.12 12.96 3.57
CA PRO A 94 12.13 14.02 3.21
C PRO A 94 10.81 13.84 3.96
N LEU A 95 10.78 12.83 4.81
CA LEU A 95 9.59 12.52 5.60
C LEU A 95 9.90 12.56 7.09
N GLU A 96 11.19 12.49 7.42
CA GLU A 96 11.61 12.52 8.81
C GLU A 96 11.16 13.81 9.48
N PHE A 97 11.55 14.95 8.89
CA PHE A 97 11.19 16.24 9.43
C PHE A 97 9.69 16.30 9.73
N LEU A 98 8.95 15.32 9.21
CA LEU A 98 7.51 15.28 9.43
C LEU A 98 7.20 15.10 10.92
N ARG A 99 8.14 14.50 11.64
CA ARG A 99 7.96 14.27 13.07
C ARG A 99 7.59 15.57 13.77
N ASP A 100 8.06 16.69 13.23
CA ASP A 100 7.76 17.99 13.82
C ASP A 100 6.54 18.61 13.14
N GLN A 101 6.06 17.98 12.08
CA GLN A 101 4.91 18.49 11.36
C GLN A 101 3.62 18.11 12.08
N PRO A 102 2.64 18.97 12.06
CA PRO A 102 1.33 18.73 12.72
C PRO A 102 0.53 17.65 12.00
N GLN A 103 0.46 17.74 10.68
CA GLN A 103 -0.27 16.76 9.89
C GLN A 103 0.24 15.35 10.17
N PHE A 104 1.42 15.27 10.78
CA PHE A 104 2.00 13.97 11.11
C PHE A 104 1.45 13.48 12.45
N GLN A 105 1.77 14.21 13.51
CA GLN A 105 1.31 13.84 14.84
C GLN A 105 -0.22 13.82 14.88
N ASN A 106 -0.85 14.76 14.18
CA ASN A 106 -2.29 14.84 14.14
C ASN A 106 -2.88 13.56 13.55
N MET A 107 -2.32 13.13 12.43
CA MET A 107 -2.79 11.92 11.77
C MET A 107 -2.20 10.69 12.44
N ARG A 108 -1.05 10.85 13.08
CA ARG A 108 -0.39 9.74 13.75
C ARG A 108 -1.28 9.20 14.86
N GLN A 109 -1.69 10.07 15.76
CA GLN A 109 -2.57 9.66 16.86
C GLN A 109 -3.93 9.26 16.33
N VAL A 110 -4.30 9.83 15.19
CA VAL A 110 -5.59 9.53 14.58
C VAL A 110 -5.47 8.29 13.70
N ILE A 111 -4.26 8.00 13.24
CA ILE A 111 -4.03 6.83 12.41
C ILE A 111 -3.75 5.61 13.27
N GLN A 112 -2.92 5.78 14.29
CA GLN A 112 -2.60 4.69 15.19
C GLN A 112 -3.82 4.24 15.97
N GLN A 113 -4.56 5.21 16.50
CA GLN A 113 -5.77 4.91 17.27
C GLN A 113 -6.81 4.23 16.37
N ASN A 114 -7.17 4.91 15.28
CA ASN A 114 -8.14 4.36 14.34
C ASN A 114 -7.75 4.74 12.92
N PRO A 115 -6.83 4.01 12.33
CA PRO A 115 -6.35 4.27 10.95
C PRO A 115 -7.51 4.57 9.99
N ALA A 116 -8.73 4.27 10.44
CA ALA A 116 -9.91 4.51 9.61
C ALA A 116 -10.03 5.99 9.29
N LEU A 117 -9.13 6.79 9.86
CA LEU A 117 -9.14 8.23 9.63
C LEU A 117 -8.06 8.63 8.63
N LEU A 118 -7.31 7.65 8.13
CA LEU A 118 -6.25 7.92 7.18
C LEU A 118 -6.84 8.29 5.82
N PRO A 119 -7.78 7.55 5.33
CA PRO A 119 -8.43 7.81 4.02
C PRO A 119 -8.68 9.30 3.80
N ALA A 120 -9.13 9.98 4.85
CA ALA A 120 -9.40 11.41 4.77
C ALA A 120 -8.13 12.21 5.04
N LEU A 121 -7.38 11.80 6.07
CA LEU A 121 -6.14 12.48 6.42
C LEU A 121 -5.25 12.65 5.19
N LEU A 122 -4.83 11.52 4.63
CA LEU A 122 -3.97 11.54 3.45
C LEU A 122 -4.56 12.45 2.37
N GLN A 123 -5.88 12.43 2.26
CA GLN A 123 -6.57 13.26 1.26
C GLN A 123 -6.30 14.74 1.53
N GLN A 124 -6.42 15.14 2.78
CA GLN A 124 -6.20 16.54 3.16
C GLN A 124 -4.72 16.81 3.33
N LEU A 125 -3.94 15.74 3.56
CA LEU A 125 -2.50 15.88 3.74
C LEU A 125 -1.82 16.23 2.42
N GLY A 126 -2.02 15.36 1.42
CA GLY A 126 -1.43 15.58 0.11
C GLY A 126 -2.03 16.81 -0.57
N GLN A 127 -3.16 17.27 -0.04
CA GLN A 127 -3.83 18.44 -0.60
C GLN A 127 -3.07 19.71 -0.25
N GLU A 128 -2.58 19.78 0.99
CA GLU A 128 -1.84 20.94 1.44
C GLU A 128 -0.35 20.79 1.13
N ASN A 129 0.06 19.56 0.88
CA ASN A 129 1.47 19.28 0.56
C ASN A 129 1.58 18.11 -0.40
N PRO A 130 1.09 18.28 -1.61
CA PRO A 130 1.14 17.21 -2.64
C PRO A 130 2.51 16.58 -2.77
N GLN A 131 3.52 17.25 -2.22
CA GLN A 131 4.89 16.74 -2.26
C GLN A 131 5.06 15.58 -1.31
N LEU A 132 4.73 15.80 -0.04
CA LEU A 132 4.86 14.75 0.97
C LEU A 132 4.21 13.46 0.48
N LEU A 133 3.16 13.59 -0.31
CA LEU A 133 2.47 12.42 -0.84
C LEU A 133 3.44 11.52 -1.60
N GLN A 134 4.48 12.12 -2.16
CA GLN A 134 5.48 11.36 -2.91
C GLN A 134 6.52 10.78 -1.97
N GLN A 135 6.69 11.40 -0.81
CA GLN A 135 7.66 10.93 0.17
C GLN A 135 7.07 9.83 1.04
N ILE A 136 5.98 10.16 1.74
CA ILE A 136 5.32 9.19 2.61
C ILE A 136 5.07 7.89 1.86
N SER A 137 4.35 7.98 0.74
CA SER A 137 4.04 6.80 -0.04
C SER A 137 5.31 6.04 -0.41
N ARG A 138 6.42 6.77 -0.50
CA ARG A 138 7.70 6.16 -0.84
C ARG A 138 8.47 5.76 0.41
N HIS A 139 8.14 6.40 1.52
CA HIS A 139 8.80 6.10 2.79
C HIS A 139 7.83 5.42 3.75
N GLN A 140 6.97 4.57 3.22
CA GLN A 140 6.00 3.87 4.05
C GLN A 140 6.68 3.32 5.30
N GLU A 141 7.60 2.40 5.12
CA GLU A 141 8.31 1.83 6.27
C GLU A 141 8.71 2.92 7.25
N GLN A 142 9.60 3.81 6.82
CA GLN A 142 10.04 4.90 7.68
C GLN A 142 8.83 5.71 8.15
N PHE A 143 7.75 5.64 7.38
CA PHE A 143 6.54 6.37 7.71
C PHE A 143 5.69 5.56 8.68
N ILE A 144 5.86 4.24 8.65
CA ILE A 144 5.09 3.36 9.52
C ILE A 144 5.76 3.22 10.89
N GLN A 145 7.02 2.80 10.91
CA GLN A 145 7.72 2.64 12.18
C GLN A 145 7.37 3.77 13.13
N MET A 146 7.16 4.96 12.57
CA MET A 146 6.80 6.12 13.38
C MET A 146 5.29 6.14 13.62
N LEU A 147 4.54 5.86 12.57
CA LEU A 147 3.09 5.84 12.66
C LEU A 147 2.63 4.57 13.38
N ASN A 148 3.57 3.68 13.64
CA ASN A 148 3.27 2.43 14.32
C ASN A 148 3.68 2.51 15.78
N GLU A 149 4.42 3.55 16.12
CA GLU A 149 4.88 3.73 17.49
C GLU A 149 4.81 5.21 17.89
N PRO A 150 4.55 5.48 19.14
CA PRO A 150 4.45 6.87 19.67
C PRO A 150 5.65 7.72 19.26
N PRO A 151 5.42 8.94 18.85
CA PRO A 151 6.49 9.87 18.43
C PRO A 151 7.42 10.24 19.58
N ILE A 177 -6.43 6.46 -11.64
CA ILE A 177 -7.39 5.48 -12.13
C ILE A 177 -6.87 4.84 -13.42
N GLN A 178 -6.45 5.67 -14.35
CA GLN A 178 -5.93 5.19 -15.63
C GLN A 178 -6.50 3.81 -15.95
N VAL A 179 -7.83 3.73 -15.99
CA VAL A 179 -8.49 2.47 -16.28
C VAL A 179 -9.40 2.60 -17.48
N THR A 180 -9.68 1.47 -18.13
CA THR A 180 -10.56 1.45 -19.28
C THR A 180 -11.84 0.70 -18.90
N PRO A 181 -12.79 0.62 -19.80
CA PRO A 181 -14.09 -0.06 -19.50
C PRO A 181 -13.91 -1.55 -19.20
N GLN A 182 -12.77 -2.08 -19.59
CA GLN A 182 -12.47 -3.49 -19.37
C GLN A 182 -11.83 -3.72 -18.00
N GLU A 183 -10.97 -2.79 -17.59
CA GLU A 183 -10.30 -2.91 -16.29
C GLU A 183 -11.12 -2.28 -15.18
N LYS A 184 -11.55 -1.04 -15.39
CA LYS A 184 -12.34 -0.33 -14.40
C LYS A 184 -13.62 -1.10 -14.08
N GLU A 185 -14.18 -1.76 -15.08
CA GLU A 185 -15.39 -2.53 -14.89
C GLU A 185 -15.20 -3.56 -13.77
N ALA A 186 -13.96 -3.95 -13.54
CA ALA A 186 -13.64 -4.93 -12.50
C ALA A 186 -13.49 -4.23 -11.15
N ILE A 187 -13.05 -2.98 -11.18
CA ILE A 187 -12.86 -2.21 -9.95
C ILE A 187 -14.16 -2.16 -9.17
N GLU A 188 -15.19 -1.56 -9.76
CA GLU A 188 -16.48 -1.45 -9.10
C GLU A 188 -16.95 -2.82 -8.62
N ARG A 189 -16.87 -3.81 -9.49
CA ARG A 189 -17.29 -5.16 -9.14
C ARG A 189 -16.74 -5.54 -7.77
N LEU A 190 -15.54 -5.05 -7.48
CA LEU A 190 -14.91 -5.32 -6.19
C LEU A 190 -15.42 -4.36 -5.13
N LYS A 191 -15.94 -3.22 -5.58
CA LYS A 191 -16.47 -2.22 -4.66
C LYS A 191 -17.90 -2.55 -4.25
N ALA A 192 -18.64 -3.20 -5.14
CA ALA A 192 -20.02 -3.56 -4.86
C ALA A 192 -20.11 -4.53 -3.68
N LEU A 193 -19.01 -5.24 -3.43
CA LEU A 193 -18.96 -6.20 -2.33
C LEU A 193 -19.03 -5.49 -0.98
N GLY A 194 -19.24 -4.18 -1.01
CA GLY A 194 -19.32 -3.39 0.22
C GLY A 194 -18.07 -2.54 0.41
N PHE A 195 -17.40 -2.22 -0.70
CA PHE A 195 -16.21 -1.38 -0.63
C PHE A 195 -16.33 -0.21 -1.58
N PRO A 196 -15.79 0.92 -1.22
CA PRO A 196 -15.84 2.15 -2.06
C PRO A 196 -15.28 1.92 -3.45
N GLU A 197 -15.72 2.72 -4.41
CA GLU A 197 -15.25 2.59 -5.78
C GLU A 197 -13.79 3.01 -5.89
N SER A 198 -13.40 3.99 -5.09
CA SER A 198 -12.03 4.47 -5.08
C SER A 198 -11.14 3.54 -4.27
N LEU A 199 -11.76 2.71 -3.43
CA LEU A 199 -11.01 1.78 -2.60
C LEU A 199 -10.51 0.62 -3.45
N VAL A 200 -11.32 0.20 -4.41
CA VAL A 200 -10.94 -0.89 -5.29
C VAL A 200 -10.07 -0.40 -6.43
N ILE A 201 -10.30 0.84 -6.85
CA ILE A 201 -9.52 1.43 -7.93
C ILE A 201 -8.04 1.50 -7.54
N GLN A 202 -7.78 1.77 -6.26
CA GLN A 202 -6.42 1.87 -5.78
C GLN A 202 -5.86 0.48 -5.47
N ALA A 203 -6.65 -0.33 -4.76
CA ALA A 203 -6.22 -1.68 -4.42
C ALA A 203 -6.10 -2.55 -5.67
N TYR A 204 -6.97 -2.29 -6.64
CA TYR A 204 -6.96 -3.05 -7.88
C TYR A 204 -5.62 -2.86 -8.61
N PHE A 205 -5.10 -1.64 -8.57
CA PHE A 205 -3.83 -1.34 -9.21
C PHE A 205 -2.67 -1.92 -8.41
N ALA A 206 -2.71 -1.70 -7.09
CA ALA A 206 -1.66 -2.21 -6.22
C ALA A 206 -1.47 -3.71 -6.41
N CYS A 207 -2.46 -4.35 -7.01
CA CYS A 207 -2.40 -5.79 -7.25
C CYS A 207 -2.17 -6.08 -8.72
N GLU A 208 -1.56 -5.13 -9.42
CA GLU A 208 -1.28 -5.28 -10.85
C GLU A 208 -2.58 -5.38 -11.64
N LYS A 209 -3.64 -4.80 -11.09
CA LYS A 209 -4.93 -4.82 -11.76
C LYS A 209 -5.50 -6.24 -11.80
N ASN A 210 -5.09 -7.06 -10.84
CA ASN A 210 -5.56 -8.44 -10.78
C ASN A 210 -6.86 -8.53 -9.99
N GLU A 211 -7.98 -8.47 -10.71
CA GLU A 211 -9.29 -8.54 -10.06
C GLU A 211 -9.30 -9.62 -8.98
N ASN A 212 -8.52 -10.67 -9.18
CA ASN A 212 -8.44 -11.77 -8.23
C ASN A 212 -7.51 -11.41 -7.08
N LEU A 213 -6.28 -11.06 -7.41
CA LEU A 213 -5.29 -10.71 -6.38
C LEU A 213 -5.82 -9.57 -5.51
N ALA A 214 -6.45 -8.59 -6.14
CA ALA A 214 -6.99 -7.44 -5.41
C ALA A 214 -8.01 -7.91 -4.37
N ALA A 215 -9.09 -8.55 -4.85
CA ALA A 215 -10.12 -9.03 -3.94
C ALA A 215 -9.50 -9.64 -2.68
N ASN A 216 -8.50 -10.49 -2.88
CA ASN A 216 -7.82 -11.13 -1.74
C ASN A 216 -7.17 -10.08 -0.87
N PHE A 217 -6.67 -9.01 -1.48
CA PHE A 217 -6.02 -7.94 -0.74
C PHE A 217 -7.02 -7.19 0.12
N LEU A 218 -8.12 -6.78 -0.49
CA LEU A 218 -9.15 -6.04 0.23
C LEU A 218 -9.81 -6.93 1.28
N LEU A 219 -9.96 -8.22 0.95
CA LEU A 219 -10.58 -9.17 1.87
C LEU A 219 -9.55 -9.68 2.88
N SER A 220 -8.27 -9.59 2.52
CA SER A 220 -7.22 -10.05 3.41
C SER A 220 -6.46 -8.87 4.02
N GLN A 221 -7.01 -7.67 3.85
CA GLN A 221 -6.38 -6.46 4.38
C GLN A 221 -6.56 -6.38 5.91
N ASN A 222 -6.69 -7.53 6.55
CA ASN A 222 -6.86 -7.57 8.00
C ASN A 222 -8.01 -6.68 8.44
N PHE A 223 -8.96 -7.25 9.18
CA PHE A 223 -10.11 -6.50 9.67
C PHE A 223 -11.22 -7.45 10.09
ZN ZN B . -0.97 -4.39 10.46
N GLU A 13 24.03 -4.89 -12.47
CA GLU A 13 23.13 -3.92 -11.86
C GLU A 13 22.68 -4.41 -10.48
N PRO A 14 22.29 -3.50 -9.62
CA PRO A 14 21.84 -3.82 -8.24
C PRO A 14 20.43 -4.45 -8.25
N TYR A 15 19.53 -3.85 -9.00
CA TYR A 15 18.16 -4.36 -9.09
C TYR A 15 18.15 -5.88 -9.16
N ASN A 16 19.29 -6.47 -9.50
CA ASN A 16 19.39 -7.91 -9.60
C ASN A 16 19.43 -8.55 -8.21
N GLU A 17 20.56 -8.42 -7.53
CA GLU A 17 20.71 -8.96 -6.19
C GLU A 17 20.25 -7.96 -5.14
N TRP A 18 20.58 -6.69 -5.38
CA TRP A 18 20.22 -5.63 -4.47
C TRP A 18 18.73 -5.60 -4.16
N THR A 19 17.92 -5.54 -5.21
CA THR A 19 16.47 -5.49 -5.02
C THR A 19 16.02 -6.48 -3.96
N LEU A 20 16.80 -7.54 -3.77
CA LEU A 20 16.46 -8.55 -2.77
C LEU A 20 16.93 -8.10 -1.39
N GLU A 21 18.08 -7.43 -1.34
CA GLU A 21 18.63 -6.97 -0.08
C GLU A 21 17.64 -6.06 0.64
N LEU A 22 17.11 -5.07 -0.09
CA LEU A 22 16.15 -4.15 0.49
C LEU A 22 14.75 -4.75 0.51
N LEU A 23 14.47 -5.61 -0.47
CA LEU A 23 13.16 -6.26 -0.56
C LEU A 23 12.87 -7.05 0.71
N GLU A 24 13.91 -7.66 1.28
CA GLU A 24 13.75 -8.46 2.49
C GLU A 24 13.34 -7.56 3.66
N GLU A 25 14.17 -6.57 3.97
CA GLU A 25 13.89 -5.66 5.07
C GLU A 25 12.60 -4.88 4.81
N LEU A 26 12.33 -4.61 3.53
CA LEU A 26 11.14 -3.86 3.16
C LEU A 26 9.91 -4.78 3.19
N LYS A 27 10.09 -6.01 2.75
CA LYS A 27 8.99 -6.96 2.73
C LYS A 27 8.79 -7.59 4.11
N SER A 28 9.83 -7.53 4.93
CA SER A 28 9.77 -8.09 6.27
C SER A 28 8.69 -7.39 7.11
N GLU A 29 8.82 -6.07 7.24
CA GLU A 29 7.85 -5.30 8.01
C GLU A 29 6.42 -5.68 7.64
N ALA A 30 6.15 -5.71 6.33
CA ALA A 30 4.81 -6.06 5.85
C ALA A 30 4.55 -7.54 6.02
N VAL A 31 5.39 -8.35 5.39
CA VAL A 31 5.23 -9.81 5.46
C VAL A 31 4.91 -10.26 6.88
N ARG A 32 5.24 -9.43 7.86
CA ARG A 32 4.98 -9.76 9.26
C ARG A 32 3.49 -9.64 9.58
N HIS A 33 2.86 -8.58 9.05
CA HIS A 33 1.44 -8.36 9.29
C HIS A 33 0.66 -8.41 7.97
N PHE A 34 1.36 -8.77 6.89
CA PHE A 34 0.72 -8.83 5.58
C PHE A 34 0.07 -10.20 5.38
N PRO A 35 -1.19 -10.21 5.03
CA PRO A 35 -1.95 -11.48 4.80
C PRO A 35 -1.21 -12.41 3.85
N ARG A 36 -0.94 -13.63 4.31
CA ARG A 36 -0.25 -14.61 3.48
C ARG A 36 -1.02 -14.82 2.19
N ILE A 37 -2.28 -14.42 2.21
CA ILE A 37 -3.14 -14.54 1.05
C ILE A 37 -2.61 -13.69 -0.11
N TRP A 38 -2.45 -12.40 0.15
CA TRP A 38 -1.95 -11.48 -0.86
C TRP A 38 -0.51 -11.84 -1.24
N LEU A 39 0.27 -12.22 -0.24
CA LEU A 39 1.66 -12.58 -0.47
C LEU A 39 1.76 -13.83 -1.34
N HIS A 40 0.75 -14.70 -1.24
CA HIS A 40 0.74 -15.92 -2.02
C HIS A 40 0.29 -15.64 -3.45
N ASN A 41 -0.80 -14.88 -3.59
CA ASN A 41 -1.32 -14.54 -4.90
C ASN A 41 -0.47 -13.45 -5.55
N LEU A 42 0.20 -12.66 -4.71
CA LEU A 42 1.04 -11.57 -5.21
C LEU A 42 2.12 -12.12 -6.14
N GLY A 43 2.89 -13.09 -5.66
CA GLY A 43 3.95 -13.69 -6.45
C GLY A 43 3.38 -14.67 -7.46
N GLN A 44 2.18 -15.18 -7.19
CA GLN A 44 1.54 -16.13 -8.08
C GLN A 44 0.92 -15.41 -9.28
N HIS A 45 0.39 -14.22 -9.04
CA HIS A 45 -0.23 -13.44 -10.11
C HIS A 45 0.83 -12.67 -10.89
N ILE A 46 1.66 -11.92 -10.17
CA ILE A 46 2.71 -11.13 -10.80
C ILE A 46 3.67 -12.03 -11.57
N TYR A 47 3.87 -13.24 -11.05
CA TYR A 47 4.77 -14.19 -11.69
C TYR A 47 4.18 -14.67 -13.01
N GLU A 48 2.87 -14.89 -13.03
CA GLU A 48 2.20 -15.36 -14.24
C GLU A 48 1.99 -14.20 -15.21
N THR A 49 1.82 -12.99 -14.67
CA THR A 49 1.61 -11.81 -15.50
C THR A 49 2.94 -11.31 -16.05
N TYR A 50 3.92 -11.17 -15.18
CA TYR A 50 5.24 -10.70 -15.60
C TYR A 50 6.14 -11.87 -15.99
N GLY A 51 5.71 -13.08 -15.64
CA GLY A 51 6.47 -14.28 -15.97
C GLY A 51 7.71 -14.38 -15.08
N ASP A 52 8.82 -14.83 -15.67
CA ASP A 52 10.06 -14.96 -14.92
C ASP A 52 10.93 -13.72 -15.08
N THR A 53 10.46 -12.78 -15.88
CA THR A 53 11.19 -11.53 -16.11
C THR A 53 11.52 -10.86 -14.78
N TRP A 54 12.63 -10.13 -14.74
CA TRP A 54 13.03 -9.43 -13.53
C TRP A 54 12.09 -8.29 -13.22
N ALA A 55 11.46 -7.75 -14.26
CA ALA A 55 10.52 -6.65 -14.09
C ALA A 55 9.45 -7.01 -13.06
N GLY A 56 9.01 -8.27 -13.08
CA GLY A 56 8.00 -8.73 -12.14
C GLY A 56 8.46 -8.56 -10.70
N VAL A 57 9.69 -8.99 -10.42
CA VAL A 57 10.24 -8.87 -9.08
C VAL A 57 10.52 -7.42 -8.73
N GLU A 58 10.80 -6.61 -9.76
CA GLU A 58 11.08 -5.19 -9.55
C GLU A 58 9.80 -4.42 -9.28
N ALA A 59 8.68 -4.96 -9.76
CA ALA A 59 7.39 -4.30 -9.57
C ALA A 59 6.80 -4.67 -8.21
N ILE A 60 6.83 -5.97 -7.90
CA ILE A 60 6.30 -6.43 -6.62
C ILE A 60 6.77 -5.53 -5.48
N ILE A 61 7.97 -4.98 -5.62
CA ILE A 61 8.51 -4.10 -4.60
C ILE A 61 7.82 -2.74 -4.63
N ARG A 62 7.75 -2.15 -5.82
CA ARG A 62 7.11 -0.84 -5.98
C ARG A 62 5.71 -0.86 -5.37
N ILE A 63 4.96 -1.92 -5.67
CA ILE A 63 3.60 -2.04 -5.15
C ILE A 63 3.62 -2.48 -3.70
N LEU A 64 4.60 -3.28 -3.34
CA LEU A 64 4.73 -3.77 -1.97
C LEU A 64 4.46 -2.64 -0.97
N GLN A 65 5.24 -1.58 -1.08
CA GLN A 65 5.07 -0.43 -0.17
C GLN A 65 3.74 0.26 -0.43
N GLN A 66 3.55 0.73 -1.66
CA GLN A 66 2.32 1.42 -2.02
C GLN A 66 1.11 0.70 -1.45
N LEU A 67 1.25 -0.61 -1.23
CA LEU A 67 0.16 -1.41 -0.68
C LEU A 67 -0.01 -1.14 0.81
N LEU A 68 1.11 -1.03 1.52
CA LEU A 68 1.07 -0.77 2.95
C LEU A 68 0.34 0.54 3.24
N PHE A 69 0.32 1.43 2.25
CA PHE A 69 -0.33 2.71 2.41
C PHE A 69 -1.83 2.53 2.65
N ILE A 70 -2.53 2.06 1.63
CA ILE A 70 -3.97 1.84 1.74
C ILE A 70 -4.29 1.00 2.97
N HIS A 71 -3.39 0.07 3.28
CA HIS A 71 -3.58 -0.79 4.44
C HIS A 71 -3.80 0.04 5.70
N PHE A 72 -3.33 1.28 5.68
CA PHE A 72 -3.48 2.17 6.82
C PHE A 72 -4.91 2.74 6.88
N ARG A 73 -5.42 3.13 5.71
CA ARG A 73 -6.77 3.68 5.63
C ARG A 73 -7.74 2.86 6.47
N ILE A 74 -7.84 1.56 6.16
CA ILE A 74 -8.74 0.68 6.89
C ILE A 74 -8.27 0.53 8.33
N GLY A 75 -6.97 0.35 8.52
CA GLY A 75 -6.41 0.18 9.85
C GLY A 75 -5.75 -1.18 10.02
N CYS A 76 -4.55 -1.18 10.59
CA CYS A 76 -3.82 -2.43 10.80
C CYS A 76 -4.41 -3.20 11.98
N ARG A 77 -5.21 -4.21 11.67
CA ARG A 77 -5.82 -5.03 12.71
C ARG A 77 -4.86 -6.16 13.10
N HIS A 78 -3.64 -6.08 12.57
CA HIS A 78 -2.63 -7.09 12.85
C HIS A 78 -1.96 -6.83 14.19
N SER A 79 -1.59 -7.90 14.88
CA SER A 79 -0.94 -7.78 16.18
C SER A 79 -1.85 -7.04 17.17
N ASN A 93 15.90 11.64 4.65
CA ASN A 93 14.65 11.11 4.13
C ASN A 93 13.68 12.26 3.81
N PRO A 94 13.16 12.28 2.61
CA PRO A 94 12.20 13.34 2.18
C PRO A 94 10.88 13.24 2.92
N LEU A 95 10.80 12.28 3.83
CA LEU A 95 9.58 12.07 4.61
C LEU A 95 9.87 12.28 6.09
N GLU A 96 11.12 12.06 6.48
CA GLU A 96 11.51 12.22 7.88
C GLU A 96 11.06 13.58 8.41
N PHE A 97 11.40 14.64 7.69
CA PHE A 97 11.02 15.99 8.10
C PHE A 97 9.55 16.05 8.44
N LEU A 98 8.80 15.01 8.04
CA LEU A 98 7.37 14.97 8.32
C LEU A 98 7.11 15.09 9.82
N ARG A 99 8.13 14.78 10.61
CA ARG A 99 8.01 14.87 12.07
C ARG A 99 7.59 16.27 12.49
N ASP A 100 7.88 17.24 11.63
CA ASP A 100 7.54 18.63 11.93
C ASP A 100 6.17 18.98 11.36
N GLN A 101 5.50 17.99 10.77
CA GLN A 101 4.17 18.21 10.21
C GLN A 101 3.09 17.88 11.22
N PRO A 102 2.08 18.70 11.30
CA PRO A 102 0.94 18.49 12.25
C PRO A 102 0.12 17.25 11.89
N GLN A 103 -0.14 17.09 10.60
CA GLN A 103 -0.91 15.96 10.12
C GLN A 103 -0.27 14.64 10.58
N PHE A 104 1.06 14.64 10.65
CA PHE A 104 1.78 13.44 11.07
C PHE A 104 1.54 13.16 12.55
N GLN A 105 1.68 14.21 13.37
CA GLN A 105 1.48 14.06 14.81
C GLN A 105 0.00 13.97 15.13
N ASN A 106 -0.83 14.51 14.24
CA ASN A 106 -2.28 14.48 14.45
C ASN A 106 -2.86 13.16 13.95
N MET A 107 -2.54 12.80 12.72
CA MET A 107 -3.05 11.55 12.15
C MET A 107 -2.47 10.34 12.88
N ARG A 108 -1.21 10.44 13.26
CA ARG A 108 -0.55 9.34 13.96
C ARG A 108 -1.37 8.90 15.17
N GLN A 109 -2.10 9.84 15.76
CA GLN A 109 -2.93 9.54 16.92
C GLN A 109 -4.28 8.99 16.48
N VAL A 110 -4.69 9.37 15.27
CA VAL A 110 -5.96 8.91 14.73
C VAL A 110 -5.77 7.64 13.91
N ILE A 111 -4.54 7.40 13.50
CA ILE A 111 -4.21 6.22 12.72
C ILE A 111 -3.93 5.01 13.61
N GLN A 112 -3.02 5.21 14.57
CA GLN A 112 -2.68 4.14 15.50
C GLN A 112 -3.86 3.83 16.42
N GLN A 113 -4.70 4.84 16.64
CA GLN A 113 -5.86 4.69 17.50
C GLN A 113 -7.06 4.21 16.69
N ASN A 114 -7.41 4.97 15.66
CA ASN A 114 -8.54 4.62 14.82
C ASN A 114 -8.24 4.94 13.35
N PRO A 115 -7.52 4.08 12.69
CA PRO A 115 -7.15 4.27 11.26
C PRO A 115 -8.34 4.76 10.43
N ALA A 116 -9.54 4.66 11.00
CA ALA A 116 -10.74 5.11 10.31
C ALA A 116 -10.61 6.57 9.92
N LEU A 117 -9.75 7.28 10.62
CA LEU A 117 -9.53 8.70 10.36
C LEU A 117 -8.32 8.89 9.43
N LEU A 118 -7.78 7.77 8.95
CA LEU A 118 -6.62 7.84 8.07
C LEU A 118 -7.02 8.22 6.65
N PRO A 119 -8.11 7.67 6.17
CA PRO A 119 -8.61 7.96 4.78
C PRO A 119 -9.10 9.40 4.64
N ALA A 120 -9.50 10.01 5.76
CA ALA A 120 -9.98 11.38 5.74
C ALA A 120 -8.85 12.38 5.86
N LEU A 121 -8.10 12.28 6.96
CA LEU A 121 -6.99 13.18 7.20
C LEU A 121 -5.96 13.08 6.08
N LEU A 122 -5.99 11.99 5.33
CA LEU A 122 -5.05 11.80 4.23
C LEU A 122 -5.25 12.87 3.17
N GLN A 123 -6.49 13.23 2.92
CA GLN A 123 -6.81 14.24 1.92
C GLN A 123 -6.27 15.61 2.35
N GLN A 124 -6.35 15.88 3.65
CA GLN A 124 -5.86 17.15 4.18
C GLN A 124 -4.34 17.21 4.12
N LEU A 125 -3.70 16.04 4.20
CA LEU A 125 -2.24 15.98 4.16
C LEU A 125 -1.73 16.40 2.79
N GLY A 126 -2.42 15.98 1.75
CA GLY A 126 -2.03 16.32 0.38
C GLY A 126 -2.44 17.74 0.04
N GLN A 127 -3.33 18.31 0.86
CA GLN A 127 -3.80 19.67 0.63
C GLN A 127 -2.75 20.68 1.10
N GLU A 128 -1.95 20.28 2.08
CA GLU A 128 -0.91 21.16 2.61
C GLU A 128 0.43 20.87 1.95
N ASN A 129 0.84 19.61 1.98
CA ASN A 129 2.11 19.21 1.37
C ASN A 129 1.88 18.13 0.33
N PRO A 130 1.61 18.53 -0.89
CA PRO A 130 1.37 17.58 -2.02
C PRO A 130 2.64 16.84 -2.42
N GLN A 131 3.78 17.32 -1.95
CA GLN A 131 5.06 16.70 -2.27
C GLN A 131 5.30 15.48 -1.38
N LEU A 132 4.83 15.55 -0.15
CA LEU A 132 4.99 14.45 0.79
C LEU A 132 3.96 13.35 0.52
N LEU A 133 2.74 13.77 0.17
CA LEU A 133 1.68 12.82 -0.11
C LEU A 133 2.15 11.75 -1.09
N GLN A 134 3.07 12.13 -1.98
CA GLN A 134 3.59 11.20 -2.96
C GLN A 134 4.73 10.37 -2.36
N GLN A 135 5.34 10.90 -1.32
CA GLN A 135 6.45 10.20 -0.67
C GLN A 135 5.91 9.20 0.35
N ILE A 136 4.93 9.63 1.15
CA ILE A 136 4.35 8.76 2.16
C ILE A 136 3.97 7.41 1.56
N SER A 137 3.37 7.45 0.38
CA SER A 137 2.95 6.22 -0.30
C SER A 137 4.18 5.47 -0.84
N ARG A 138 5.27 6.20 -1.04
CA ARG A 138 6.49 5.59 -1.55
C ARG A 138 7.41 5.20 -0.40
N HIS A 139 7.02 5.55 0.81
CA HIS A 139 7.82 5.23 1.99
C HIS A 139 6.94 4.71 3.11
N GLN A 140 6.10 3.72 2.79
CA GLN A 140 5.21 3.14 3.79
C GLN A 140 6.00 2.67 5.01
N GLU A 141 6.87 1.70 4.82
CA GLU A 141 7.67 1.17 5.92
C GLU A 141 8.17 2.33 6.78
N GLN A 142 8.99 3.20 6.20
CA GLN A 142 9.52 4.34 6.94
C GLN A 142 8.38 5.21 7.47
N PHE A 143 7.22 5.10 6.81
CA PHE A 143 6.05 5.88 7.22
C PHE A 143 5.31 5.17 8.34
N ILE A 144 5.45 3.85 8.40
CA ILE A 144 4.78 3.06 9.43
C ILE A 144 5.62 3.04 10.71
N GLN A 145 6.86 2.60 10.60
CA GLN A 145 7.74 2.52 11.77
C GLN A 145 7.55 3.75 12.65
N MET A 146 7.29 4.89 12.03
CA MET A 146 7.10 6.13 12.79
C MET A 146 5.64 6.26 13.23
N LEU A 147 4.72 6.00 12.31
CA LEU A 147 3.30 6.08 12.61
C LEU A 147 2.86 4.89 13.46
N ASN A 148 3.77 3.94 13.64
CA ASN A 148 3.48 2.75 14.43
C ASN A 148 4.17 2.82 15.78
N GLU A 149 5.20 3.66 15.87
CA GLU A 149 5.96 3.80 17.10
C GLU A 149 5.97 5.26 17.56
N PRO A 150 6.57 5.52 18.68
CA PRO A 150 6.66 6.91 19.25
C PRO A 150 7.15 7.91 18.20
N PRO A 151 6.55 9.07 18.16
CA PRO A 151 6.93 10.14 17.19
C PRO A 151 8.44 10.39 17.18
N ILE A 177 -5.29 6.08 -12.73
CA ILE A 177 -6.65 5.93 -13.21
C ILE A 177 -6.68 5.69 -14.71
N GLN A 178 -5.70 4.96 -15.19
CA GLN A 178 -5.60 4.66 -16.62
C GLN A 178 -6.47 3.47 -16.97
N VAL A 179 -7.66 3.40 -16.37
CA VAL A 179 -8.56 2.30 -16.63
C VAL A 179 -9.90 2.79 -17.15
N THR A 180 -10.70 1.87 -17.65
CA THR A 180 -12.00 2.21 -18.18
C THR A 180 -13.01 1.10 -17.87
N PRO A 181 -14.21 1.22 -18.36
CA PRO A 181 -15.27 0.21 -18.14
C PRO A 181 -14.85 -1.16 -18.65
N GLN A 182 -13.78 -1.15 -19.46
CA GLN A 182 -13.26 -2.38 -20.03
C GLN A 182 -12.27 -3.05 -19.06
N GLU A 183 -11.23 -2.32 -18.68
CA GLU A 183 -10.23 -2.86 -17.77
C GLU A 183 -10.60 -2.57 -16.32
N LYS A 184 -11.18 -1.40 -16.08
CA LYS A 184 -11.56 -1.01 -14.73
C LYS A 184 -12.77 -1.80 -14.24
N GLU A 185 -13.64 -2.20 -15.17
CA GLU A 185 -14.82 -2.96 -14.80
C GLU A 185 -14.50 -3.96 -13.70
N ALA A 186 -13.24 -4.35 -13.62
CA ALA A 186 -12.79 -5.31 -12.60
C ALA A 186 -12.72 -4.62 -11.25
N ILE A 187 -12.22 -3.39 -11.24
CA ILE A 187 -12.10 -2.63 -10.01
C ILE A 187 -13.42 -2.61 -9.25
N GLU A 188 -14.45 -2.04 -9.88
CA GLU A 188 -15.77 -1.96 -9.26
C GLU A 188 -16.20 -3.33 -8.75
N ARG A 189 -15.91 -4.37 -9.52
CA ARG A 189 -16.28 -5.72 -9.13
C ARG A 189 -15.90 -5.98 -7.67
N LEU A 190 -14.80 -5.36 -7.25
CA LEU A 190 -14.33 -5.51 -5.88
C LEU A 190 -15.07 -4.55 -4.95
N LYS A 191 -15.59 -3.47 -5.52
CA LYS A 191 -16.32 -2.48 -4.73
C LYS A 191 -17.67 -3.03 -4.28
N ALA A 192 -18.18 -4.01 -5.02
CA ALA A 192 -19.47 -4.62 -4.70
C ALA A 192 -19.37 -5.40 -3.39
N LEU A 193 -18.15 -5.68 -2.96
CA LEU A 193 -17.93 -6.42 -1.73
C LEU A 193 -18.15 -5.53 -0.51
N GLY A 194 -18.72 -4.35 -0.75
CA GLY A 194 -18.98 -3.42 0.34
C GLY A 194 -18.00 -2.25 0.30
N PHE A 195 -17.04 -2.32 -0.60
CA PHE A 195 -16.04 -1.25 -0.73
C PHE A 195 -16.38 -0.35 -1.91
N PRO A 196 -16.00 0.90 -1.83
CA PRO A 196 -16.26 1.89 -2.91
C PRO A 196 -15.40 1.63 -4.14
N GLU A 197 -15.88 2.09 -5.30
CA GLU A 197 -15.15 1.90 -6.54
C GLU A 197 -13.82 2.66 -6.50
N SER A 198 -13.77 3.69 -5.66
CA SER A 198 -12.56 4.48 -5.53
C SER A 198 -11.53 3.76 -4.67
N LEU A 199 -11.99 3.16 -3.57
CA LEU A 199 -11.10 2.44 -2.68
C LEU A 199 -10.42 1.28 -3.41
N VAL A 200 -11.11 0.74 -4.41
CA VAL A 200 -10.54 -0.38 -5.18
C VAL A 200 -9.61 0.15 -6.26
N ILE A 201 -10.01 1.24 -6.90
CA ILE A 201 -9.19 1.82 -7.97
C ILE A 201 -7.72 1.79 -7.59
N GLN A 202 -7.43 2.06 -6.32
CA GLN A 202 -6.06 2.05 -5.85
C GLN A 202 -5.58 0.63 -5.57
N ALA A 203 -6.50 -0.21 -5.09
CA ALA A 203 -6.16 -1.60 -4.80
C ALA A 203 -5.97 -2.38 -6.09
N TYR A 204 -6.53 -1.87 -7.17
CA TYR A 204 -6.43 -2.52 -8.48
C TYR A 204 -5.04 -2.30 -9.08
N PHE A 205 -4.69 -1.03 -9.29
CA PHE A 205 -3.39 -0.70 -9.86
C PHE A 205 -2.27 -1.15 -8.93
N ALA A 206 -2.48 -0.99 -7.63
CA ALA A 206 -1.48 -1.38 -6.65
C ALA A 206 -1.22 -2.88 -6.71
N CYS A 207 -2.26 -3.64 -7.05
CA CYS A 207 -2.13 -5.08 -7.15
C CYS A 207 -1.86 -5.50 -8.60
N GLU A 208 -1.54 -4.52 -9.44
CA GLU A 208 -1.25 -4.81 -10.84
C GLU A 208 -2.54 -5.10 -11.60
N LYS A 209 -3.54 -4.24 -11.43
CA LYS A 209 -4.82 -4.42 -12.10
C LYS A 209 -5.28 -5.87 -11.98
N ASN A 210 -4.70 -6.59 -11.04
CA ASN A 210 -5.07 -7.99 -10.83
C ASN A 210 -6.19 -8.11 -9.80
N GLU A 211 -7.43 -8.17 -10.28
CA GLU A 211 -8.58 -8.29 -9.39
C GLU A 211 -8.34 -9.37 -8.35
N ASN A 212 -8.05 -10.59 -8.82
CA ASN A 212 -7.80 -11.70 -7.92
C ASN A 212 -6.94 -11.27 -6.74
N LEU A 213 -5.96 -10.41 -7.02
CA LEU A 213 -5.06 -9.93 -5.98
C LEU A 213 -5.69 -8.74 -5.24
N ALA A 214 -6.02 -7.69 -6.00
CA ALA A 214 -6.63 -6.51 -5.42
C ALA A 214 -7.71 -6.89 -4.42
N ALA A 215 -8.44 -7.96 -4.72
CA ALA A 215 -9.50 -8.43 -3.84
C ALA A 215 -8.91 -9.11 -2.61
N ASN A 216 -7.77 -9.77 -2.80
CA ASN A 216 -7.11 -10.46 -1.70
C ASN A 216 -6.59 -9.46 -0.67
N PHE A 217 -5.74 -8.55 -1.11
CA PHE A 217 -5.18 -7.54 -0.21
C PHE A 217 -6.29 -6.68 0.37
N LEU A 218 -7.35 -6.50 -0.40
CA LEU A 218 -8.49 -5.69 0.06
C LEU A 218 -9.32 -6.47 1.07
N LEU A 219 -9.57 -7.74 0.77
CA LEU A 219 -10.36 -8.59 1.65
C LEU A 219 -9.49 -9.15 2.78
N SER A 220 -8.18 -9.04 2.63
CA SER A 220 -7.25 -9.55 3.64
C SER A 220 -6.62 -8.40 4.42
N GLN A 221 -7.12 -7.18 4.21
CA GLN A 221 -6.59 -6.02 4.91
C GLN A 221 -6.73 -6.17 6.42
N ASN A 222 -7.33 -7.28 6.86
CA ASN A 222 -7.51 -7.53 8.28
C ASN A 222 -8.76 -6.84 8.80
N PHE A 223 -8.84 -5.53 8.60
CA PHE A 223 -10.01 -4.76 9.05
C PHE A 223 -10.34 -5.11 10.50
ZN ZN B . -1.25 -4.72 9.26
N GLU A 13 22.25 -2.32 -13.32
CA GLU A 13 21.40 -1.67 -12.34
C GLU A 13 21.36 -2.48 -11.04
N PRO A 14 21.54 -1.82 -9.93
CA PRO A 14 21.52 -2.48 -8.60
C PRO A 14 20.29 -3.35 -8.39
N TYR A 15 19.20 -2.98 -9.06
CA TYR A 15 17.94 -3.73 -8.96
C TYR A 15 18.18 -5.23 -9.13
N ASN A 16 19.39 -5.61 -9.49
CA ASN A 16 19.70 -7.01 -9.69
C ASN A 16 19.85 -7.73 -8.34
N GLU A 17 20.96 -7.45 -7.66
CA GLU A 17 21.21 -8.07 -6.36
C GLU A 17 20.61 -7.22 -5.24
N TRP A 18 20.69 -5.91 -5.42
CA TRP A 18 20.17 -4.97 -4.43
C TRP A 18 18.69 -5.22 -4.14
N THR A 19 17.88 -5.22 -5.17
CA THR A 19 16.45 -5.42 -5.01
C THR A 19 16.17 -6.54 -4.02
N LEU A 20 17.12 -7.46 -3.86
CA LEU A 20 16.95 -8.57 -2.94
C LEU A 20 17.32 -8.14 -1.52
N GLU A 21 18.31 -7.26 -1.42
CA GLU A 21 18.75 -6.77 -0.12
C GLU A 21 17.65 -5.95 0.56
N LEU A 22 16.96 -5.14 -0.23
CA LEU A 22 15.89 -4.31 0.29
C LEU A 22 14.60 -5.12 0.39
N LEU A 23 14.45 -6.10 -0.49
CA LEU A 23 13.25 -6.94 -0.49
C LEU A 23 13.16 -7.72 0.83
N GLU A 24 14.20 -8.46 1.15
CA GLU A 24 14.22 -9.25 2.38
C GLU A 24 13.70 -8.42 3.55
N GLU A 25 14.07 -7.15 3.57
CA GLU A 25 13.63 -6.26 4.65
C GLU A 25 12.24 -5.70 4.35
N LEU A 26 11.98 -5.41 3.07
CA LEU A 26 10.69 -4.86 2.67
C LEU A 26 9.59 -5.89 2.89
N LYS A 27 9.73 -7.06 2.24
CA LYS A 27 8.74 -8.12 2.38
C LYS A 27 8.59 -8.53 3.83
N SER A 28 9.61 -8.23 4.65
CA SER A 28 9.58 -8.58 6.06
C SER A 28 8.49 -7.77 6.78
N GLU A 29 8.55 -6.45 6.64
CA GLU A 29 7.57 -5.58 7.28
C GLU A 29 6.28 -5.57 6.48
N ALA A 30 6.37 -5.87 5.19
CA ALA A 30 5.19 -5.89 4.33
C ALA A 30 4.29 -7.08 4.67
N VAL A 31 4.85 -8.28 4.57
CA VAL A 31 4.10 -9.49 4.88
C VAL A 31 3.57 -9.45 6.31
N ARG A 32 4.29 -8.75 7.18
CA ARG A 32 3.89 -8.63 8.57
C ARG A 32 2.53 -7.93 8.69
N HIS A 33 2.22 -7.10 7.71
CA HIS A 33 0.95 -6.38 7.71
C HIS A 33 0.09 -6.81 6.53
N PHE A 34 0.58 -7.78 5.76
CA PHE A 34 -0.15 -8.27 4.60
C PHE A 34 -0.61 -9.71 4.82
N PRO A 35 -1.69 -10.09 4.21
CA PRO A 35 -2.26 -11.46 4.32
C PRO A 35 -1.38 -12.50 3.63
N ARG A 36 -0.96 -13.51 4.39
CA ARG A 36 -0.12 -14.56 3.83
C ARG A 36 -0.61 -14.99 2.46
N ILE A 37 -1.88 -15.35 2.38
CA ILE A 37 -2.47 -15.76 1.11
C ILE A 37 -2.05 -14.81 -0.01
N TRP A 38 -2.40 -13.55 0.13
CA TRP A 38 -2.05 -12.55 -0.87
C TRP A 38 -0.55 -12.54 -1.12
N LEU A 39 0.23 -12.32 -0.07
CA LEU A 39 1.67 -12.29 -0.19
C LEU A 39 2.15 -13.49 -1.01
N HIS A 40 1.35 -14.55 -0.99
CA HIS A 40 1.69 -15.76 -1.73
C HIS A 40 1.33 -15.60 -3.21
N ASN A 41 0.18 -14.97 -3.47
CA ASN A 41 -0.26 -14.76 -4.83
C ASN A 41 0.46 -13.56 -5.44
N LEU A 42 0.98 -12.69 -4.60
CA LEU A 42 1.69 -11.50 -5.07
C LEU A 42 2.86 -11.91 -5.96
N GLY A 43 3.60 -12.93 -5.52
CA GLY A 43 4.74 -13.42 -6.30
C GLY A 43 4.29 -14.38 -7.39
N GLN A 44 3.17 -15.07 -7.14
CA GLN A 44 2.63 -16.01 -8.11
C GLN A 44 1.96 -15.28 -9.26
N HIS A 45 0.94 -14.48 -8.93
CA HIS A 45 0.21 -13.73 -9.94
C HIS A 45 1.16 -12.84 -10.73
N ILE A 46 1.78 -11.89 -10.05
CA ILE A 46 2.71 -10.97 -10.69
C ILE A 46 3.70 -11.74 -11.57
N TYR A 47 4.11 -12.91 -11.09
CA TYR A 47 5.05 -13.74 -11.83
C TYR A 47 4.39 -14.32 -13.08
N GLU A 48 3.06 -14.40 -13.05
CA GLU A 48 2.32 -14.95 -14.18
C GLU A 48 2.12 -13.87 -15.25
N THR A 49 1.96 -12.63 -14.82
CA THR A 49 1.76 -11.52 -15.75
C THR A 49 3.09 -11.04 -16.31
N TYR A 50 4.13 -11.11 -15.49
CA TYR A 50 5.46 -10.66 -15.91
C TYR A 50 6.35 -11.86 -16.25
N GLY A 51 6.04 -13.00 -15.64
CA GLY A 51 6.82 -14.21 -15.87
C GLY A 51 8.03 -14.27 -14.95
N ASP A 52 9.08 -14.96 -15.39
CA ASP A 52 10.29 -15.09 -14.59
C ASP A 52 11.18 -13.86 -14.76
N THR A 53 10.87 -13.05 -15.77
CA THR A 53 11.66 -11.84 -16.04
C THR A 53 11.95 -11.10 -14.75
N TRP A 54 13.02 -10.29 -14.76
CA TRP A 54 13.40 -9.52 -13.59
C TRP A 54 12.35 -8.45 -13.29
N ALA A 55 11.88 -7.78 -14.33
CA ALA A 55 10.89 -6.73 -14.17
C ALA A 55 9.83 -7.15 -13.14
N GLY A 56 9.46 -8.43 -13.19
CA GLY A 56 8.45 -8.95 -12.27
C GLY A 56 8.88 -8.73 -10.81
N VAL A 57 10.02 -9.28 -10.45
CA VAL A 57 10.53 -9.14 -9.08
C VAL A 57 10.68 -7.67 -8.72
N GLU A 58 10.82 -6.83 -9.73
CA GLU A 58 10.97 -5.39 -9.50
C GLU A 58 9.62 -4.74 -9.25
N ALA A 59 8.54 -5.45 -9.58
CA ALA A 59 7.20 -4.93 -9.38
C ALA A 59 6.78 -5.08 -7.91
N ILE A 60 6.84 -6.31 -7.42
CA ILE A 60 6.46 -6.58 -6.03
C ILE A 60 7.06 -5.54 -5.10
N ILE A 61 8.32 -5.20 -5.33
CA ILE A 61 9.01 -4.20 -4.51
C ILE A 61 8.23 -2.89 -4.50
N ARG A 62 7.83 -2.45 -5.69
CA ARG A 62 7.09 -1.20 -5.82
C ARG A 62 5.62 -1.41 -5.46
N ILE A 63 5.17 -2.66 -5.51
CA ILE A 63 3.79 -2.99 -5.19
C ILE A 63 3.58 -3.03 -3.69
N LEU A 64 4.60 -3.49 -2.97
CA LEU A 64 4.51 -3.59 -1.51
C LEU A 64 4.42 -2.20 -0.89
N GLN A 65 5.36 -1.33 -1.25
CA GLN A 65 5.37 0.03 -0.71
C GLN A 65 4.05 0.73 -1.01
N GLN A 66 3.45 0.40 -2.14
CA GLN A 66 2.17 0.99 -2.52
C GLN A 66 1.02 0.31 -1.80
N LEU A 67 1.20 -0.96 -1.47
CA LEU A 67 0.17 -1.73 -0.78
C LEU A 67 0.18 -1.42 0.71
N LEU A 68 1.38 -1.21 1.26
CA LEU A 68 1.50 -0.91 2.68
C LEU A 68 0.75 0.36 3.03
N PHE A 69 0.55 1.22 2.03
CA PHE A 69 -0.17 2.47 2.25
C PHE A 69 -1.63 2.20 2.57
N ILE A 70 -2.32 1.49 1.68
CA ILE A 70 -3.72 1.17 1.88
C ILE A 70 -3.93 0.50 3.23
N HIS A 71 -2.90 -0.21 3.69
CA HIS A 71 -2.97 -0.90 4.97
C HIS A 71 -3.27 0.09 6.09
N PHE A 72 -2.93 1.36 5.85
CA PHE A 72 -3.16 2.41 6.85
C PHE A 72 -4.59 2.92 6.76
N ARG A 73 -5.02 3.25 5.54
CA ARG A 73 -6.36 3.77 5.32
C ARG A 73 -7.41 2.89 6.01
N ILE A 74 -7.49 1.63 5.60
CA ILE A 74 -8.45 0.71 6.19
C ILE A 74 -8.19 0.54 7.68
N GLY A 75 -6.92 0.55 8.06
CA GLY A 75 -6.55 0.40 9.47
C GLY A 75 -5.70 -0.85 9.67
N CYS A 76 -4.70 -0.74 10.53
CA CYS A 76 -3.82 -1.87 10.82
C CYS A 76 -4.44 -2.77 11.88
N ARG A 77 -4.97 -3.91 11.45
CA ARG A 77 -5.59 -4.86 12.38
C ARG A 77 -4.56 -5.35 13.40
N HIS A 78 -3.29 -5.30 13.01
CA HIS A 78 -2.21 -5.74 13.89
C HIS A 78 -1.85 -4.64 14.89
N SER A 79 -1.48 -5.05 16.10
CA SER A 79 -1.13 -4.09 17.14
C SER A 79 0.19 -3.40 16.80
N ASN A 93 15.56 10.60 5.40
CA ASN A 93 14.24 10.57 4.79
C ASN A 93 13.73 11.99 4.56
N PRO A 94 12.90 12.17 3.58
CA PRO A 94 12.32 13.49 3.23
C PRO A 94 11.18 13.91 4.16
N LEU A 95 10.87 13.03 5.12
CA LEU A 95 9.80 13.31 6.07
C LEU A 95 10.32 13.23 7.50
N GLU A 96 11.61 13.46 7.67
CA GLU A 96 12.21 13.41 9.00
C GLU A 96 11.67 14.53 9.88
N PHE A 97 11.16 15.58 9.24
CA PHE A 97 10.62 16.72 9.96
C PHE A 97 9.14 16.50 10.29
N LEU A 98 8.56 15.48 9.69
CA LEU A 98 7.15 15.18 9.92
C LEU A 98 6.86 15.10 11.41
N ARG A 99 7.79 14.52 12.16
CA ARG A 99 7.63 14.39 13.60
C ARG A 99 7.51 15.76 14.25
N ASP A 100 7.90 16.80 13.52
CA ASP A 100 7.83 18.16 14.04
C ASP A 100 6.68 18.93 13.39
N GLN A 101 5.80 18.21 12.71
CA GLN A 101 4.66 18.84 12.05
C GLN A 101 3.35 18.32 12.63
N PRO A 102 2.31 19.09 12.51
CA PRO A 102 0.96 18.70 13.02
C PRO A 102 0.34 17.56 12.22
N GLN A 103 0.41 17.68 10.89
CA GLN A 103 -0.15 16.66 10.02
C GLN A 103 0.29 15.27 10.46
N PHE A 104 1.59 15.09 10.66
CA PHE A 104 2.11 13.79 11.08
C PHE A 104 1.64 13.46 12.50
N GLN A 105 2.02 14.31 13.46
CA GLN A 105 1.64 14.09 14.84
C GLN A 105 0.12 14.04 14.96
N ASN A 106 -0.56 14.59 13.98
CA ASN A 106 -2.03 14.60 13.98
C ASN A 106 -2.56 13.29 13.39
N MET A 107 -2.23 13.03 12.14
CA MET A 107 -2.68 11.81 11.47
C MET A 107 -2.10 10.59 12.17
N ARG A 108 -0.94 10.76 12.79
CA ARG A 108 -0.29 9.67 13.49
C ARG A 108 -1.26 8.98 14.44
N GLN A 109 -1.77 9.74 15.41
CA GLN A 109 -2.72 9.19 16.38
C GLN A 109 -4.06 8.92 15.72
N VAL A 110 -4.54 9.88 14.92
CA VAL A 110 -5.81 9.73 14.24
C VAL A 110 -5.80 8.49 13.35
N ILE A 111 -4.62 8.15 12.84
CA ILE A 111 -4.47 7.00 11.97
C ILE A 111 -4.25 5.72 12.79
N GLN A 112 -3.26 5.76 13.68
CA GLN A 112 -2.96 4.60 14.50
C GLN A 112 -4.05 4.35 15.53
N GLN A 113 -4.83 5.39 15.84
CA GLN A 113 -5.91 5.27 16.80
C GLN A 113 -7.18 4.78 16.10
N ASN A 114 -7.60 5.52 15.08
CA ASN A 114 -8.79 5.15 14.32
C ASN A 114 -8.59 5.45 12.84
N PRO A 115 -7.89 4.61 12.15
CA PRO A 115 -7.62 4.78 10.69
C PRO A 115 -8.87 5.21 9.94
N ALA A 116 -10.03 5.05 10.59
CA ALA A 116 -11.30 5.43 9.98
C ALA A 116 -11.29 6.90 9.59
N LEU A 117 -10.23 7.60 9.97
CA LEU A 117 -10.12 9.02 9.66
C LEU A 117 -8.91 9.28 8.76
N LEU A 118 -8.11 8.25 8.53
CA LEU A 118 -6.93 8.40 7.67
C LEU A 118 -7.33 8.81 6.26
N PRO A 119 -8.20 8.06 5.65
CA PRO A 119 -8.68 8.34 4.27
C PRO A 119 -8.84 9.84 4.02
N ALA A 120 -9.28 10.56 5.05
CA ALA A 120 -9.47 12.00 4.92
C ALA A 120 -8.17 12.74 5.22
N LEU A 121 -7.32 12.11 6.04
CA LEU A 121 -6.05 12.72 6.40
C LEU A 121 -5.13 12.78 5.18
N LEU A 122 -4.78 11.62 4.64
CA LEU A 122 -3.91 11.56 3.47
C LEU A 122 -4.53 12.32 2.31
N GLN A 123 -5.86 12.38 2.29
CA GLN A 123 -6.57 13.08 1.23
C GLN A 123 -6.21 14.56 1.22
N GLN A 124 -6.31 15.20 2.38
CA GLN A 124 -5.97 16.62 2.49
C GLN A 124 -4.46 16.81 2.58
N LEU A 125 -3.79 15.88 3.24
CA LEU A 125 -2.34 15.96 3.40
C LEU A 125 -1.67 16.16 2.04
N GLY A 126 -1.91 15.21 1.13
CA GLY A 126 -1.32 15.30 -0.21
C GLY A 126 -1.99 16.39 -1.03
N GLN A 127 -3.15 16.85 -0.56
CA GLN A 127 -3.89 17.89 -1.25
C GLN A 127 -3.22 19.25 -1.04
N GLU A 128 -2.84 19.53 0.20
CA GLU A 128 -2.19 20.79 0.53
C GLU A 128 -0.69 20.70 0.29
N ASN A 129 -0.13 19.51 0.47
CA ASN A 129 1.29 19.30 0.27
C ASN A 129 1.55 17.92 -0.30
N PRO A 130 1.20 17.72 -1.55
CA PRO A 130 1.40 16.41 -2.25
C PRO A 130 2.79 15.84 -2.00
N GLN A 131 3.75 16.72 -1.77
CA GLN A 131 5.13 16.28 -1.52
C GLN A 131 5.17 15.24 -0.41
N LEU A 132 4.22 15.33 0.52
CA LEU A 132 4.17 14.39 1.63
C LEU A 132 3.56 13.06 1.18
N LEU A 133 2.31 13.12 0.73
CA LEU A 133 1.62 11.91 0.27
C LEU A 133 2.43 11.24 -0.83
N GLN A 134 3.29 12.01 -1.49
CA GLN A 134 4.11 11.48 -2.57
C GLN A 134 5.27 10.67 -2.01
N GLN A 135 5.83 11.15 -0.90
CA GLN A 135 6.95 10.45 -0.27
C GLN A 135 6.44 9.36 0.67
N ILE A 136 5.28 9.61 1.27
CA ILE A 136 4.70 8.64 2.19
C ILE A 136 4.56 7.28 1.52
N SER A 137 4.21 7.29 0.23
CA SER A 137 4.04 6.05 -0.51
C SER A 137 5.40 5.50 -0.96
N ARG A 138 6.39 6.38 -1.04
CA ARG A 138 7.71 5.98 -1.46
C ARG A 138 8.51 5.40 -0.29
N HIS A 139 8.40 6.05 0.86
CA HIS A 139 9.12 5.59 2.05
C HIS A 139 8.14 4.99 3.07
N GLN A 140 7.13 4.29 2.58
CA GLN A 140 6.15 3.68 3.45
C GLN A 140 6.81 3.10 4.69
N GLU A 141 7.69 2.12 4.49
CA GLU A 141 8.39 1.48 5.60
C GLU A 141 8.85 2.54 6.59
N GLN A 142 9.55 3.56 6.10
CA GLN A 142 10.03 4.63 6.97
C GLN A 142 8.86 5.42 7.52
N PHE A 143 7.74 5.40 6.78
CA PHE A 143 6.54 6.11 7.20
C PHE A 143 5.74 5.27 8.17
N ILE A 144 5.91 3.95 8.10
CA ILE A 144 5.19 3.04 8.98
C ILE A 144 5.92 2.91 10.32
N GLN A 145 7.23 2.72 10.25
CA GLN A 145 8.04 2.58 11.45
C GLN A 145 7.57 3.56 12.52
N MET A 146 7.51 4.83 12.16
CA MET A 146 7.08 5.86 13.09
C MET A 146 5.58 5.74 13.37
N LEU A 147 4.80 5.62 12.30
CA LEU A 147 3.35 5.50 12.45
C LEU A 147 3.00 4.17 13.12
N ASN A 148 3.99 3.31 13.30
CA ASN A 148 3.77 2.03 13.94
C ASN A 148 4.04 2.13 15.44
N GLU A 149 4.75 3.17 15.84
CA GLU A 149 5.07 3.37 17.25
C GLU A 149 4.34 4.60 17.79
N PRO A 150 3.40 4.38 18.66
CA PRO A 150 2.59 5.49 19.26
C PRO A 150 3.48 6.61 19.81
N PRO A 151 3.15 7.82 19.51
CA PRO A 151 3.92 9.01 19.97
C PRO A 151 4.18 8.99 21.48
N ILE A 177 -6.85 6.86 -12.48
CA ILE A 177 -7.31 6.52 -13.82
C ILE A 177 -6.67 5.21 -14.30
N GLN A 178 -5.91 5.27 -15.39
CA GLN A 178 -5.27 4.10 -15.94
C GLN A 178 -6.28 2.98 -16.21
N VAL A 179 -7.56 3.31 -16.06
CA VAL A 179 -8.60 2.32 -16.29
C VAL A 179 -9.72 2.90 -17.16
N THR A 180 -10.66 2.03 -17.52
CA THR A 180 -11.80 2.43 -18.32
C THR A 180 -13.02 1.64 -17.86
N PRO A 181 -14.17 1.90 -18.42
CA PRO A 181 -15.41 1.18 -18.04
C PRO A 181 -15.25 -0.31 -18.31
N GLN A 182 -14.25 -0.63 -19.11
CA GLN A 182 -13.95 -2.01 -19.46
C GLN A 182 -13.36 -2.75 -18.26
N GLU A 183 -12.28 -2.20 -17.71
CA GLU A 183 -11.64 -2.81 -16.56
C GLU A 183 -12.26 -2.30 -15.27
N LYS A 184 -12.91 -1.14 -15.37
CA LYS A 184 -13.55 -0.53 -14.22
C LYS A 184 -14.67 -1.43 -13.70
N GLU A 185 -15.58 -1.81 -14.58
CA GLU A 185 -16.69 -2.67 -14.19
C GLU A 185 -16.21 -3.72 -13.20
N ALA A 186 -14.92 -4.03 -13.26
CA ALA A 186 -14.34 -5.02 -12.37
C ALA A 186 -13.98 -4.38 -11.03
N ILE A 187 -13.41 -3.18 -11.08
CA ILE A 187 -13.04 -2.47 -9.87
C ILE A 187 -14.23 -2.38 -8.91
N GLU A 188 -15.36 -1.94 -9.43
CA GLU A 188 -16.57 -1.80 -8.63
C GLU A 188 -16.98 -3.14 -8.03
N ARG A 189 -16.86 -4.21 -8.81
CA ARG A 189 -17.23 -5.54 -8.33
C ARG A 189 -16.71 -5.73 -6.91
N LEU A 190 -15.39 -5.66 -6.75
CA LEU A 190 -14.80 -5.81 -5.42
C LEU A 190 -15.42 -4.78 -4.47
N LYS A 191 -15.99 -3.75 -5.05
CA LYS A 191 -16.62 -2.68 -4.27
C LYS A 191 -17.95 -3.16 -3.72
N ALA A 192 -18.68 -3.93 -4.53
CA ALA A 192 -19.98 -4.46 -4.11
C ALA A 192 -19.84 -5.23 -2.80
N LEU A 193 -18.61 -5.55 -2.43
CA LEU A 193 -18.35 -6.28 -1.20
C LEU A 193 -18.46 -5.35 0.02
N GLY A 194 -18.56 -4.05 -0.25
CA GLY A 194 -18.67 -3.07 0.82
C GLY A 194 -17.37 -2.29 0.97
N PHE A 195 -16.89 -1.71 -0.11
CA PHE A 195 -15.66 -0.94 -0.09
C PHE A 195 -15.83 0.35 -0.89
N PRO A 196 -15.01 1.33 -0.60
CA PRO A 196 -15.07 2.65 -1.30
C PRO A 196 -14.76 2.51 -2.80
N GLU A 197 -15.24 3.47 -3.58
CA GLU A 197 -15.02 3.43 -5.02
C GLU A 197 -13.53 3.62 -5.33
N SER A 198 -12.87 4.45 -4.55
CA SER A 198 -11.45 4.70 -4.73
C SER A 198 -10.62 3.57 -4.13
N LEU A 199 -11.25 2.80 -3.25
CA LEU A 199 -10.57 1.69 -2.60
C LEU A 199 -10.43 0.50 -3.56
N VAL A 200 -11.53 0.13 -4.19
CA VAL A 200 -11.52 -0.99 -5.13
C VAL A 200 -10.46 -0.77 -6.19
N ILE A 201 -10.25 0.49 -6.57
CA ILE A 201 -9.27 0.82 -7.59
C ILE A 201 -7.86 0.80 -6.99
N GLN A 202 -7.79 0.97 -5.67
CA GLN A 202 -6.50 0.97 -4.98
C GLN A 202 -5.90 -0.43 -5.01
N ALA A 203 -6.62 -1.38 -4.41
CA ALA A 203 -6.15 -2.76 -4.38
C ALA A 203 -5.93 -3.29 -5.79
N TYR A 204 -6.68 -2.74 -6.74
CA TYR A 204 -6.56 -3.15 -8.12
C TYR A 204 -5.27 -2.60 -8.74
N PHE A 205 -5.04 -1.31 -8.54
CA PHE A 205 -3.84 -0.67 -9.08
C PHE A 205 -2.64 -1.00 -8.22
N ALA A 206 -2.89 -1.41 -6.97
CA ALA A 206 -1.82 -1.76 -6.06
C ALA A 206 -1.42 -3.22 -6.23
N CYS A 207 -2.26 -3.99 -6.91
CA CYS A 207 -1.98 -5.40 -7.14
C CYS A 207 -1.75 -5.67 -8.63
N GLU A 208 -1.16 -4.71 -9.31
CA GLU A 208 -0.88 -4.85 -10.74
C GLU A 208 -2.17 -5.05 -11.52
N LYS A 209 -3.26 -4.46 -11.03
CA LYS A 209 -4.55 -4.58 -11.69
C LYS A 209 -5.07 -6.01 -11.63
N ASN A 210 -4.46 -6.82 -10.76
CA ASN A 210 -4.87 -8.21 -10.61
C ASN A 210 -6.23 -8.31 -9.93
N GLU A 211 -7.30 -8.24 -10.73
CA GLU A 211 -8.65 -8.33 -10.19
C GLU A 211 -8.78 -9.52 -9.24
N ASN A 212 -7.94 -10.53 -9.45
CA ASN A 212 -7.97 -11.73 -8.62
C ASN A 212 -7.23 -11.48 -7.30
N LEU A 213 -6.11 -10.76 -7.38
CA LEU A 213 -5.31 -10.47 -6.19
C LEU A 213 -5.96 -9.34 -5.39
N ALA A 214 -6.32 -8.26 -6.08
CA ALA A 214 -6.93 -7.11 -5.42
C ALA A 214 -8.02 -7.58 -4.46
N ALA A 215 -8.87 -8.48 -4.92
CA ALA A 215 -9.94 -9.00 -4.09
C ALA A 215 -9.39 -9.64 -2.82
N ASN A 216 -8.27 -10.34 -2.97
CA ASN A 216 -7.65 -11.00 -1.83
C ASN A 216 -7.03 -9.97 -0.88
N PHE A 217 -6.11 -9.17 -1.40
CA PHE A 217 -5.46 -8.14 -0.59
C PHE A 217 -6.48 -7.15 -0.06
N LEU A 218 -7.51 -6.88 -0.85
CA LEU A 218 -8.55 -5.95 -0.43
C LEU A 218 -9.47 -6.60 0.60
N LEU A 219 -9.79 -7.88 0.38
CA LEU A 219 -10.67 -8.61 1.29
C LEU A 219 -9.88 -9.13 2.48
N SER A 220 -8.56 -9.23 2.32
CA SER A 220 -7.69 -9.72 3.38
C SER A 220 -6.88 -8.57 3.99
N GLN A 221 -7.24 -7.34 3.65
CA GLN A 221 -6.53 -6.18 4.15
C GLN A 221 -6.59 -6.11 5.68
N ASN A 222 -7.79 -6.18 6.24
CA ASN A 222 -7.94 -6.12 7.69
C ASN A 222 -9.40 -5.87 8.07
N PHE A 223 -9.86 -4.63 7.87
CA PHE A 223 -11.22 -4.27 8.20
C PHE A 223 -11.51 -4.52 9.68
ZN ZN B . -0.88 -4.15 10.25
N GLU A 13 22.31 -3.05 -12.82
CA GLU A 13 21.90 -2.18 -11.73
C GLU A 13 22.01 -2.89 -10.39
N PRO A 14 21.84 -2.17 -9.31
CA PRO A 14 21.92 -2.73 -7.93
C PRO A 14 20.74 -3.65 -7.62
N TYR A 15 19.56 -3.26 -8.05
CA TYR A 15 18.36 -4.06 -7.81
C TYR A 15 18.65 -5.54 -7.98
N ASN A 16 19.50 -5.87 -8.93
CA ASN A 16 19.85 -7.26 -9.19
C ASN A 16 20.09 -8.02 -7.89
N GLU A 17 21.22 -7.74 -7.25
CA GLU A 17 21.56 -8.40 -5.99
C GLU A 17 20.97 -7.63 -4.82
N TRP A 18 20.66 -6.36 -5.06
CA TRP A 18 20.11 -5.51 -4.02
C TRP A 18 18.60 -5.73 -3.85
N THR A 19 17.86 -5.50 -4.93
CA THR A 19 16.41 -5.67 -4.87
C THR A 19 16.02 -6.97 -4.18
N LEU A 20 16.84 -8.00 -4.39
CA LEU A 20 16.57 -9.31 -3.78
C LEU A 20 16.73 -9.24 -2.27
N GLU A 21 17.82 -8.62 -1.82
CA GLU A 21 18.08 -8.51 -0.38
C GLU A 21 17.10 -7.54 0.26
N LEU A 22 16.64 -6.56 -0.52
CA LEU A 22 15.70 -5.57 -0.01
C LEU A 22 14.28 -6.14 -0.02
N LEU A 23 13.99 -7.00 -0.98
CA LEU A 23 12.67 -7.60 -1.09
C LEU A 23 12.31 -8.33 0.20
N GLU A 24 13.32 -8.89 0.86
CA GLU A 24 13.10 -9.62 2.10
C GLU A 24 12.79 -8.66 3.24
N GLU A 25 13.73 -7.76 3.52
CA GLU A 25 13.54 -6.79 4.60
C GLU A 25 12.27 -5.96 4.35
N LEU A 26 12.21 -5.31 3.19
CA LEU A 26 11.05 -4.49 2.87
C LEU A 26 9.75 -5.27 3.09
N LYS A 27 9.65 -6.44 2.46
CA LYS A 27 8.46 -7.27 2.61
C LYS A 27 8.36 -7.82 4.02
N SER A 28 9.51 -8.02 4.66
CA SER A 28 9.55 -8.55 6.01
C SER A 28 8.70 -7.69 6.95
N GLU A 29 8.49 -6.43 6.56
CA GLU A 29 7.70 -5.51 7.37
C GLU A 29 6.21 -5.84 7.26
N ALA A 30 5.71 -5.86 6.03
CA ALA A 30 4.30 -6.17 5.80
C ALA A 30 4.04 -7.66 5.92
N VAL A 31 4.85 -8.45 5.24
CA VAL A 31 4.70 -9.90 5.27
C VAL A 31 4.45 -10.39 6.69
N ARG A 32 4.82 -9.58 7.67
CA ARG A 32 4.62 -9.94 9.07
C ARG A 32 3.17 -9.77 9.48
N HIS A 33 2.56 -8.67 9.04
CA HIS A 33 1.16 -8.41 9.38
C HIS A 33 0.30 -8.37 8.11
N PHE A 34 0.86 -8.86 7.01
CA PHE A 34 0.14 -8.89 5.75
C PHE A 34 -0.60 -10.21 5.59
N PRO A 35 -1.68 -10.20 4.86
CA PRO A 35 -2.51 -11.42 4.62
C PRO A 35 -1.72 -12.49 3.86
N ARG A 36 -1.62 -13.67 4.46
CA ARG A 36 -0.90 -14.77 3.82
C ARG A 36 -1.31 -14.92 2.37
N ILE A 37 -2.61 -14.89 2.12
CA ILE A 37 -3.13 -15.01 0.77
C ILE A 37 -2.45 -14.02 -0.17
N TRP A 38 -2.58 -12.74 0.15
CA TRP A 38 -1.98 -11.71 -0.68
C TRP A 38 -0.53 -12.05 -1.00
N LEU A 39 0.17 -12.60 -0.02
CA LEU A 39 1.56 -12.98 -0.21
C LEU A 39 1.63 -14.21 -1.11
N HIS A 40 0.55 -14.98 -1.14
CA HIS A 40 0.49 -16.17 -1.97
C HIS A 40 0.09 -15.81 -3.41
N ASN A 41 -0.99 -15.04 -3.53
CA ASN A 41 -1.47 -14.63 -4.84
C ASN A 41 -0.56 -13.57 -5.44
N LEU A 42 0.16 -12.86 -4.57
CA LEU A 42 1.06 -11.82 -5.04
C LEU A 42 2.14 -12.39 -5.96
N GLY A 43 2.91 -13.34 -5.43
CA GLY A 43 3.96 -13.97 -6.22
C GLY A 43 3.37 -14.89 -7.28
N GLN A 44 2.13 -15.30 -7.07
CA GLN A 44 1.45 -16.18 -8.02
C GLN A 44 0.94 -15.38 -9.21
N HIS A 45 0.35 -14.22 -8.93
CA HIS A 45 -0.19 -13.37 -9.99
C HIS A 45 0.91 -12.51 -10.61
N ILE A 46 1.51 -11.64 -9.80
CA ILE A 46 2.57 -10.77 -10.28
C ILE A 46 3.59 -11.56 -11.09
N TYR A 47 3.82 -12.80 -10.69
CA TYR A 47 4.77 -13.66 -11.38
C TYR A 47 4.27 -14.00 -12.77
N GLU A 48 2.99 -14.35 -12.87
CA GLU A 48 2.39 -14.71 -14.15
C GLU A 48 2.18 -13.46 -15.00
N THR A 49 2.07 -12.31 -14.34
CA THR A 49 1.86 -11.06 -15.07
C THR A 49 3.04 -10.76 -15.98
N TYR A 50 4.24 -10.71 -15.40
CA TYR A 50 5.44 -10.43 -16.18
C TYR A 50 6.29 -11.69 -16.34
N GLY A 51 6.15 -12.62 -15.39
CA GLY A 51 6.91 -13.86 -15.44
C GLY A 51 8.06 -13.83 -14.44
N ASP A 52 9.27 -13.99 -14.93
CA ASP A 52 10.45 -13.96 -14.07
C ASP A 52 11.32 -12.76 -14.37
N THR A 53 11.00 -12.05 -15.44
CA THR A 53 11.76 -10.87 -15.84
C THR A 53 12.01 -9.97 -14.63
N TRP A 54 12.88 -8.98 -14.81
CA TRP A 54 13.19 -8.06 -13.72
C TRP A 54 12.12 -6.97 -13.60
N ALA A 55 11.48 -6.66 -14.73
CA ALA A 55 10.44 -5.65 -14.74
C ALA A 55 9.42 -5.90 -13.63
N GLY A 56 9.23 -7.17 -13.31
CA GLY A 56 8.28 -7.54 -12.26
C GLY A 56 8.89 -7.36 -10.88
N VAL A 57 10.01 -8.03 -10.65
CA VAL A 57 10.71 -7.94 -9.37
C VAL A 57 10.82 -6.48 -8.92
N GLU A 58 10.83 -5.58 -9.88
CA GLU A 58 10.93 -4.16 -9.58
C GLU A 58 9.56 -3.57 -9.27
N ALA A 59 8.52 -4.16 -9.85
CA ALA A 59 7.16 -3.70 -9.62
C ALA A 59 6.69 -4.06 -8.22
N ILE A 60 6.97 -5.29 -7.81
CA ILE A 60 6.57 -5.74 -6.48
C ILE A 60 7.22 -4.90 -5.40
N ILE A 61 8.46 -4.48 -5.65
CA ILE A 61 9.19 -3.66 -4.68
C ILE A 61 8.36 -2.45 -4.27
N ARG A 62 8.00 -1.63 -5.26
CA ARG A 62 7.20 -0.44 -4.98
C ARG A 62 5.78 -0.82 -4.59
N ILE A 63 5.15 -1.65 -5.40
CA ILE A 63 3.78 -2.08 -5.12
C ILE A 63 3.64 -2.49 -3.66
N LEU A 64 4.53 -3.36 -3.20
CA LEU A 64 4.50 -3.82 -1.81
C LEU A 64 4.16 -2.66 -0.88
N GLN A 65 5.01 -1.63 -0.89
CA GLN A 65 4.80 -0.47 -0.04
C GLN A 65 3.50 0.25 -0.42
N GLN A 66 3.22 0.30 -1.72
CA GLN A 66 2.02 0.95 -2.20
C GLN A 66 0.77 0.35 -1.55
N LEU A 67 0.84 -0.96 -1.28
CA LEU A 67 -0.28 -1.64 -0.65
C LEU A 67 -0.31 -1.37 0.85
N LEU A 68 0.86 -1.33 1.46
CA LEU A 68 0.95 -1.07 2.89
C LEU A 68 0.40 0.30 3.22
N PHE A 69 0.47 1.21 2.26
CA PHE A 69 -0.03 2.57 2.46
C PHE A 69 -1.50 2.55 2.85
N ILE A 70 -2.34 2.14 1.90
CA ILE A 70 -3.78 2.06 2.15
C ILE A 70 -4.06 1.28 3.42
N HIS A 71 -3.32 0.19 3.63
CA HIS A 71 -3.49 -0.64 4.81
C HIS A 71 -3.66 0.23 6.05
N PHE A 72 -3.09 1.43 6.01
CA PHE A 72 -3.19 2.36 7.13
C PHE A 72 -4.60 2.92 7.23
N ARG A 73 -5.14 3.35 6.09
CA ARG A 73 -6.48 3.92 6.05
C ARG A 73 -7.45 3.07 6.86
N ILE A 74 -7.61 1.83 6.45
CA ILE A 74 -8.52 0.92 7.15
C ILE A 74 -8.11 0.77 8.61
N GLY A 75 -6.81 0.60 8.83
CA GLY A 75 -6.29 0.45 10.18
C GLY A 75 -5.62 -0.90 10.37
N CYS A 76 -4.44 -0.89 10.99
CA CYS A 76 -3.70 -2.12 11.22
C CYS A 76 -4.18 -2.82 12.49
N ARG A 77 -5.01 -3.84 12.32
CA ARG A 77 -5.52 -4.59 13.45
C ARG A 77 -4.52 -5.65 13.87
N HIS A 78 -3.39 -5.67 13.17
CA HIS A 78 -2.33 -6.65 13.45
C HIS A 78 -1.53 -6.22 14.67
N SER A 79 -0.71 -7.14 15.18
CA SER A 79 0.12 -6.84 16.35
C SER A 79 0.39 -5.35 16.46
N ASN A 93 15.56 12.01 4.88
CA ASN A 93 14.56 11.45 4.00
C ASN A 93 13.73 12.57 3.35
N PRO A 94 12.97 12.23 2.35
CA PRO A 94 12.11 13.22 1.62
C PRO A 94 10.89 13.62 2.45
N LEU A 95 10.69 12.91 3.57
CA LEU A 95 9.54 13.20 4.43
C LEU A 95 10.03 13.50 5.86
N GLU A 96 11.33 13.65 6.02
CA GLU A 96 11.90 13.92 7.33
C GLU A 96 11.18 15.10 7.98
N PHE A 97 11.01 16.18 7.22
CA PHE A 97 10.33 17.37 7.74
C PHE A 97 8.86 17.07 8.05
N LEU A 98 8.45 15.83 7.75
CA LEU A 98 7.06 15.43 8.00
C LEU A 98 6.72 15.54 9.48
N ARG A 99 7.56 14.94 10.32
CA ARG A 99 7.34 14.97 11.76
C ARG A 99 7.12 16.40 12.24
N ASP A 100 7.60 17.37 11.45
CA ASP A 100 7.44 18.77 11.82
C ASP A 100 6.09 19.31 11.34
N GLN A 101 5.16 18.40 11.04
CA GLN A 101 3.84 18.79 10.57
C GLN A 101 2.76 18.16 11.44
N PRO A 102 1.69 18.88 11.68
CA PRO A 102 0.57 18.38 12.52
C PRO A 102 -0.16 17.21 11.86
N GLN A 103 -0.41 17.34 10.57
CA GLN A 103 -1.10 16.29 9.84
C GLN A 103 -0.43 14.93 10.05
N PHE A 104 0.84 14.97 10.45
CA PHE A 104 1.58 13.74 10.69
C PHE A 104 1.34 13.24 12.11
N GLN A 105 1.74 14.06 13.09
CA GLN A 105 1.57 13.70 14.49
C GLN A 105 0.09 13.60 14.84
N ASN A 106 -0.76 14.25 14.04
CA ASN A 106 -2.19 14.23 14.28
C ASN A 106 -2.81 12.96 13.69
N MET A 107 -2.34 12.57 12.52
CA MET A 107 -2.83 11.37 11.86
C MET A 107 -2.14 10.14 12.41
N ARG A 108 -0.89 10.30 12.81
CA ARG A 108 -0.12 9.20 13.36
C ARG A 108 -0.76 8.72 14.66
N GLN A 109 -1.06 9.67 15.55
CA GLN A 109 -1.69 9.35 16.81
C GLN A 109 -3.15 9.00 16.59
N VAL A 110 -3.76 9.67 15.62
CA VAL A 110 -5.16 9.42 15.28
C VAL A 110 -5.30 8.11 14.51
N ILE A 111 -4.22 7.73 13.81
CA ILE A 111 -4.24 6.50 13.03
C ILE A 111 -3.83 5.32 13.90
N GLN A 112 -2.70 5.46 14.59
CA GLN A 112 -2.21 4.40 15.46
C GLN A 112 -3.28 4.05 16.49
N GLN A 113 -4.11 5.05 16.83
CA GLN A 113 -5.18 4.84 17.80
C GLN A 113 -6.44 4.35 17.10
N ASN A 114 -6.91 5.13 16.13
CA ASN A 114 -8.11 4.77 15.38
C ASN A 114 -7.95 5.14 13.91
N PRO A 115 -7.34 4.29 13.15
CA PRO A 115 -7.12 4.53 11.69
C PRO A 115 -8.43 4.89 10.99
N ALA A 116 -9.53 4.74 11.72
CA ALA A 116 -10.84 5.04 11.18
C ALA A 116 -10.91 6.48 10.70
N LEU A 117 -10.20 7.37 11.41
CA LEU A 117 -10.17 8.78 11.05
C LEU A 117 -9.08 9.04 10.02
N LEU A 118 -8.47 7.98 9.53
CA LEU A 118 -7.40 8.11 8.52
C LEU A 118 -7.98 8.61 7.20
N PRO A 119 -9.03 7.99 6.73
CA PRO A 119 -9.68 8.37 5.45
C PRO A 119 -9.78 9.88 5.29
N ALA A 120 -10.01 10.57 6.40
CA ALA A 120 -10.13 12.03 6.38
C ALA A 120 -8.75 12.67 6.48
N LEU A 121 -7.85 12.02 7.20
CA LEU A 121 -6.49 12.54 7.38
C LEU A 121 -5.72 12.48 6.06
N LEU A 122 -5.55 11.27 5.54
CA LEU A 122 -4.82 11.08 4.30
C LEU A 122 -5.33 12.06 3.23
N GLN A 123 -6.65 12.21 3.16
CA GLN A 123 -7.25 13.11 2.18
C GLN A 123 -6.63 14.50 2.29
N GLN A 124 -6.43 14.96 3.52
CA GLN A 124 -5.84 16.27 3.75
C GLN A 124 -4.33 16.23 3.59
N LEU A 125 -3.77 15.03 3.70
CA LEU A 125 -2.33 14.87 3.57
C LEU A 125 -1.92 14.92 2.10
N GLY A 126 -2.45 14.01 1.30
CA GLY A 126 -2.14 13.96 -0.12
C GLY A 126 -2.53 15.26 -0.80
N GLN A 127 -3.39 16.04 -0.15
CA GLN A 127 -3.83 17.31 -0.71
C GLN A 127 -2.87 18.43 -0.32
N GLU A 128 -2.71 18.63 0.99
CA GLU A 128 -1.81 19.67 1.48
C GLU A 128 -0.38 19.42 1.02
N ASN A 129 0.06 18.17 1.13
CA ASN A 129 1.41 17.82 0.72
C ASN A 129 1.40 16.61 -0.23
N PRO A 130 0.93 16.82 -1.43
CA PRO A 130 0.85 15.74 -2.46
C PRO A 130 2.17 14.99 -2.61
N GLN A 131 3.28 15.73 -2.66
CA GLN A 131 4.58 15.12 -2.79
C GLN A 131 4.84 14.14 -1.66
N LEU A 132 4.07 14.26 -0.59
CA LEU A 132 4.22 13.38 0.57
C LEU A 132 3.50 12.06 0.32
N LEU A 133 2.21 12.14 0.02
CA LEU A 133 1.42 10.95 -0.23
C LEU A 133 2.13 10.05 -1.24
N GLN A 134 3.00 10.64 -2.04
CA GLN A 134 3.74 9.88 -3.05
C GLN A 134 4.98 9.23 -2.43
N GLN A 135 5.53 9.87 -1.40
CA GLN A 135 6.72 9.35 -0.73
C GLN A 135 6.32 8.32 0.32
N ILE A 136 5.22 8.59 1.02
CA ILE A 136 4.75 7.69 2.07
C ILE A 136 4.54 6.29 1.50
N SER A 137 4.21 6.22 0.22
CA SER A 137 3.98 4.93 -0.43
C SER A 137 5.31 4.27 -0.79
N ARG A 138 6.36 5.07 -0.92
CA ARG A 138 7.68 4.55 -1.26
C ARG A 138 8.46 4.22 0.01
N HIS A 139 8.46 5.13 0.96
CA HIS A 139 9.18 4.93 2.22
C HIS A 139 8.25 4.41 3.30
N GLN A 140 7.31 3.57 2.92
CA GLN A 140 6.36 3.01 3.87
C GLN A 140 7.04 2.76 5.21
N GLU A 141 8.02 1.86 5.23
CA GLU A 141 8.73 1.56 6.46
C GLU A 141 9.03 2.84 7.24
N GLN A 142 9.61 3.82 6.57
CA GLN A 142 9.92 5.09 7.21
C GLN A 142 8.66 5.73 7.76
N PHE A 143 7.53 5.44 7.12
CA PHE A 143 6.25 5.99 7.55
C PHE A 143 5.65 5.13 8.66
N ILE A 144 5.52 3.83 8.40
CA ILE A 144 4.97 2.92 9.39
C ILE A 144 5.73 3.02 10.70
N GLN A 145 7.05 3.01 10.61
CA GLN A 145 7.87 3.09 11.82
C GLN A 145 7.25 4.08 12.80
N MET A 146 7.04 5.31 12.33
CA MET A 146 6.43 6.34 13.17
C MET A 146 4.91 6.27 13.08
N LEU A 147 4.38 6.37 11.86
CA LEU A 147 2.94 6.30 11.66
C LEU A 147 2.33 5.14 12.43
N ASN A 148 3.18 4.23 12.91
CA ASN A 148 2.70 3.08 13.67
C ASN A 148 3.29 3.08 15.08
N GLU A 149 4.28 3.94 15.30
CA GLU A 149 4.91 4.04 16.61
C GLU A 149 5.23 5.49 16.94
N PRO A 150 5.57 5.77 18.16
CA PRO A 150 5.91 7.15 18.61
C PRO A 150 6.91 7.81 17.67
N PRO A 151 6.65 9.04 17.29
CA PRO A 151 7.54 9.80 16.37
C PRO A 151 8.80 10.30 17.07
N ILE A 177 -6.32 5.81 -12.63
CA ILE A 177 -7.52 6.01 -13.41
C ILE A 177 -7.21 5.86 -14.90
N GLN A 178 -6.06 5.27 -15.18
CA GLN A 178 -5.62 5.05 -16.56
C GLN A 178 -6.43 3.93 -17.18
N VAL A 179 -7.51 3.54 -16.51
CA VAL A 179 -8.37 2.47 -17.00
C VAL A 179 -9.54 3.04 -17.77
N THR A 180 -10.38 2.15 -18.27
CA THR A 180 -11.53 2.57 -19.03
C THR A 180 -12.71 1.63 -18.76
N PRO A 181 -13.77 1.76 -19.49
CA PRO A 181 -14.99 0.91 -19.32
C PRO A 181 -14.65 -0.57 -19.45
N GLN A 182 -13.46 -0.84 -19.97
CA GLN A 182 -13.01 -2.20 -20.17
C GLN A 182 -12.54 -2.82 -18.85
N GLU A 183 -11.52 -2.21 -18.24
CA GLU A 183 -11.00 -2.72 -16.97
C GLU A 183 -11.86 -2.23 -15.82
N LYS A 184 -12.31 -0.98 -15.92
CA LYS A 184 -13.15 -0.40 -14.87
C LYS A 184 -14.13 -1.43 -14.32
N GLU A 185 -15.03 -1.87 -15.18
CA GLU A 185 -16.04 -2.85 -14.78
C GLU A 185 -15.41 -3.89 -13.85
N ALA A 186 -14.13 -4.15 -14.05
CA ALA A 186 -13.41 -5.12 -13.23
C ALA A 186 -13.02 -4.48 -11.89
N ILE A 187 -12.63 -3.22 -11.93
CA ILE A 187 -12.23 -2.52 -10.72
C ILE A 187 -13.39 -2.42 -9.75
N GLU A 188 -14.45 -1.73 -10.17
CA GLU A 188 -15.63 -1.57 -9.31
C GLU A 188 -16.08 -2.92 -8.78
N ARG A 189 -16.08 -3.93 -9.63
CA ARG A 189 -16.49 -5.27 -9.23
C ARG A 189 -15.93 -5.60 -7.85
N LEU A 190 -14.77 -5.05 -7.55
CA LEU A 190 -14.13 -5.29 -6.26
C LEU A 190 -14.69 -4.36 -5.19
N LYS A 191 -15.07 -3.15 -5.60
CA LYS A 191 -15.63 -2.18 -4.67
C LYS A 191 -16.95 -2.68 -4.11
N ALA A 192 -17.60 -3.59 -4.83
CA ALA A 192 -18.87 -4.15 -4.39
C ALA A 192 -18.67 -5.06 -3.17
N LEU A 193 -17.42 -5.45 -2.94
CA LEU A 193 -17.11 -6.31 -1.81
C LEU A 193 -17.25 -5.56 -0.50
N GLY A 194 -17.80 -4.35 -0.57
CA GLY A 194 -17.99 -3.52 0.62
C GLY A 194 -16.94 -2.42 0.69
N PHE A 195 -16.65 -1.83 -0.47
CA PHE A 195 -15.67 -0.74 -0.53
C PHE A 195 -15.98 0.21 -1.68
N PRO A 196 -15.55 1.43 -1.57
CA PRO A 196 -15.79 2.46 -2.62
C PRO A 196 -14.98 2.18 -3.89
N GLU A 197 -15.45 2.71 -5.01
CA GLU A 197 -14.76 2.53 -6.28
C GLU A 197 -13.39 3.19 -6.24
N SER A 198 -13.25 4.20 -5.38
CA SER A 198 -11.99 4.91 -5.25
C SER A 198 -10.98 4.08 -4.45
N LEU A 199 -11.42 3.58 -3.29
CA LEU A 199 -10.54 2.78 -2.44
C LEU A 199 -10.12 1.51 -3.18
N VAL A 200 -10.89 1.13 -4.19
CA VAL A 200 -10.59 -0.07 -4.97
C VAL A 200 -9.52 0.22 -6.02
N ILE A 201 -9.81 1.19 -6.88
CA ILE A 201 -8.86 1.55 -7.94
C ILE A 201 -7.44 1.62 -7.37
N GLN A 202 -7.34 1.96 -6.09
CA GLN A 202 -6.03 2.05 -5.44
C GLN A 202 -5.38 0.67 -5.36
N ALA A 203 -6.16 -0.33 -5.03
CA ALA A 203 -5.65 -1.69 -4.92
C ALA A 203 -5.56 -2.33 -6.31
N TYR A 204 -6.53 -2.04 -7.16
CA TYR A 204 -6.56 -2.59 -8.50
C TYR A 204 -5.21 -2.37 -9.19
N PHE A 205 -4.77 -1.11 -9.22
CA PHE A 205 -3.50 -0.78 -9.85
C PHE A 205 -2.34 -1.09 -8.91
N ALA A 206 -2.56 -0.91 -7.61
CA ALA A 206 -1.52 -1.17 -6.62
C ALA A 206 -1.19 -2.66 -6.58
N CYS A 207 -2.07 -3.48 -7.17
CA CYS A 207 -1.85 -4.91 -7.19
C CYS A 207 -1.65 -5.41 -8.62
N GLU A 208 -1.15 -4.53 -9.47
CA GLU A 208 -0.90 -4.88 -10.87
C GLU A 208 -2.21 -5.18 -11.58
N LYS A 209 -3.13 -4.22 -11.56
CA LYS A 209 -4.44 -4.38 -12.20
C LYS A 209 -4.97 -5.79 -11.98
N ASN A 210 -4.46 -6.46 -10.95
CA ASN A 210 -4.90 -7.82 -10.65
C ASN A 210 -6.14 -7.79 -9.74
N GLU A 211 -7.31 -7.64 -10.35
CA GLU A 211 -8.56 -7.60 -9.59
C GLU A 211 -8.60 -8.74 -8.59
N ASN A 212 -7.90 -9.83 -8.89
CA ASN A 212 -7.86 -10.99 -8.02
C ASN A 212 -7.01 -10.71 -6.79
N LEU A 213 -5.80 -10.20 -7.02
CA LEU A 213 -4.89 -9.88 -5.91
C LEU A 213 -5.44 -8.74 -5.08
N ALA A 214 -5.74 -7.61 -5.73
CA ALA A 214 -6.28 -6.47 -5.03
C ALA A 214 -7.45 -6.87 -4.14
N ALA A 215 -8.12 -7.95 -4.53
CA ALA A 215 -9.26 -8.45 -3.76
C ALA A 215 -8.78 -9.20 -2.52
N ASN A 216 -7.80 -10.07 -2.70
CA ASN A 216 -7.25 -10.84 -1.58
C ASN A 216 -6.78 -9.91 -0.47
N PHE A 217 -6.04 -8.87 -0.85
CA PHE A 217 -5.53 -7.92 0.12
C PHE A 217 -6.67 -7.06 0.68
N LEU A 218 -7.48 -6.52 -0.21
CA LEU A 218 -8.60 -5.68 0.21
C LEU A 218 -9.57 -6.50 1.06
N LEU A 219 -9.66 -7.80 0.76
CA LEU A 219 -10.54 -8.69 1.50
C LEU A 219 -9.89 -9.16 2.80
N SER A 220 -8.56 -9.18 2.81
CA SER A 220 -7.82 -9.62 4.00
C SER A 220 -7.15 -8.44 4.71
N GLN A 221 -7.51 -7.21 4.31
CA GLN A 221 -6.92 -6.02 4.91
C GLN A 221 -7.62 -5.68 6.22
N ASN A 222 -7.80 -6.67 7.08
CA ASN A 222 -8.45 -6.47 8.38
C ASN A 222 -9.95 -6.74 8.30
N PHE A 223 -10.75 -5.79 8.78
CA PHE A 223 -12.21 -5.94 8.77
C PHE A 223 -12.60 -7.39 8.98
ZN ZN B . -1.23 -4.54 9.64
N GLU A 13 24.22 -2.78 -12.93
CA GLU A 13 23.02 -2.20 -12.36
C GLU A 13 22.82 -2.68 -10.92
N PRO A 14 22.48 -1.78 -10.04
CA PRO A 14 22.25 -2.11 -8.61
C PRO A 14 20.93 -2.85 -8.39
N TYR A 15 19.87 -2.36 -9.03
CA TYR A 15 18.56 -2.98 -8.91
C TYR A 15 18.64 -4.50 -9.06
N ASN A 16 19.80 -5.00 -9.46
CA ASN A 16 19.98 -6.44 -9.63
C ASN A 16 20.08 -7.13 -8.28
N GLU A 17 21.20 -6.95 -7.59
CA GLU A 17 21.40 -7.56 -6.28
C GLU A 17 20.85 -6.66 -5.19
N TRP A 18 20.82 -5.35 -5.49
CA TRP A 18 20.34 -4.37 -4.53
C TRP A 18 18.85 -4.56 -4.23
N THR A 19 18.04 -4.57 -5.28
CA THR A 19 16.61 -4.73 -5.11
C THR A 19 16.29 -5.82 -4.09
N LEU A 20 17.24 -6.73 -3.89
CA LEU A 20 17.04 -7.81 -2.93
C LEU A 20 17.28 -7.32 -1.50
N GLU A 21 18.25 -6.42 -1.35
CA GLU A 21 18.57 -5.88 -0.04
C GLU A 21 17.35 -5.18 0.56
N LEU A 22 16.57 -4.52 -0.29
CA LEU A 22 15.38 -3.82 0.18
C LEU A 22 14.22 -4.79 0.35
N LEU A 23 14.12 -5.76 -0.56
CA LEU A 23 13.05 -6.75 -0.49
C LEU A 23 12.92 -7.31 0.93
N GLU A 24 13.97 -8.01 1.38
CA GLU A 24 13.96 -8.59 2.71
C GLU A 24 13.26 -7.65 3.71
N GLU A 25 13.62 -6.38 3.66
CA GLU A 25 13.03 -5.40 4.55
C GLU A 25 11.61 -5.04 4.10
N LEU A 26 11.40 -5.06 2.79
CA LEU A 26 10.08 -4.73 2.24
C LEU A 26 9.08 -5.83 2.59
N LYS A 27 9.55 -7.05 2.70
CA LYS A 27 8.69 -8.18 3.04
C LYS A 27 8.38 -8.19 4.54
N SER A 28 9.43 -8.11 5.34
CA SER A 28 9.26 -8.11 6.80
C SER A 28 8.09 -7.22 7.20
N GLU A 29 7.94 -6.09 6.52
CA GLU A 29 6.85 -5.17 6.81
C GLU A 29 5.60 -5.53 6.03
N ALA A 30 5.80 -6.20 4.89
CA ALA A 30 4.68 -6.61 4.05
C ALA A 30 4.06 -7.91 4.57
N VAL A 31 4.87 -8.97 4.60
CA VAL A 31 4.40 -10.26 5.07
C VAL A 31 3.82 -10.15 6.47
N ARG A 32 4.27 -9.15 7.21
CA ARG A 32 3.80 -8.94 8.57
C ARG A 32 2.55 -8.06 8.57
N HIS A 33 2.42 -7.24 7.53
CA HIS A 33 1.27 -6.35 7.43
C HIS A 33 0.41 -6.71 6.21
N PHE A 34 0.57 -7.94 5.74
CA PHE A 34 -0.20 -8.41 4.59
C PHE A 34 -0.66 -9.84 4.79
N PRO A 35 -1.79 -10.18 4.24
CA PRO A 35 -2.36 -11.55 4.35
C PRO A 35 -1.55 -12.59 3.57
N ARG A 36 -1.15 -13.65 4.26
CA ARG A 36 -0.36 -14.70 3.64
C ARG A 36 -0.93 -15.05 2.27
N ILE A 37 -2.22 -15.33 2.22
CA ILE A 37 -2.87 -15.68 0.97
C ILE A 37 -2.48 -14.70 -0.13
N TRP A 38 -2.80 -13.43 0.08
CA TRP A 38 -2.47 -12.40 -0.89
C TRP A 38 -0.98 -12.39 -1.19
N LEU A 39 -0.17 -12.32 -0.13
CA LEU A 39 1.27 -12.32 -0.29
C LEU A 39 1.73 -13.55 -1.04
N HIS A 40 0.93 -14.61 -0.98
CA HIS A 40 1.26 -15.85 -1.66
C HIS A 40 0.88 -15.76 -3.14
N ASN A 41 -0.31 -15.25 -3.41
CA ASN A 41 -0.78 -15.11 -4.78
C ASN A 41 -0.13 -13.91 -5.46
N LEU A 42 0.34 -12.97 -4.64
CA LEU A 42 0.98 -11.77 -5.17
C LEU A 42 2.24 -12.14 -5.96
N GLY A 43 3.12 -12.90 -5.33
CA GLY A 43 4.35 -13.32 -5.99
C GLY A 43 4.07 -14.47 -6.95
N GLN A 44 2.96 -15.16 -6.74
CA GLN A 44 2.59 -16.28 -7.59
C GLN A 44 1.97 -15.77 -8.89
N HIS A 45 1.13 -14.75 -8.79
CA HIS A 45 0.48 -14.18 -9.96
C HIS A 45 1.41 -13.19 -10.66
N ILE A 46 1.77 -12.13 -9.94
CA ILE A 46 2.66 -11.11 -10.50
C ILE A 46 3.82 -11.75 -11.23
N TYR A 47 4.14 -12.99 -10.86
CA TYR A 47 5.24 -13.71 -11.49
C TYR A 47 4.80 -14.25 -12.85
N GLU A 48 3.59 -14.79 -12.91
CA GLU A 48 3.07 -15.33 -14.17
C GLU A 48 2.73 -14.20 -15.13
N THR A 49 2.47 -13.02 -14.59
CA THR A 49 2.12 -11.87 -15.42
C THR A 49 3.26 -11.56 -16.39
N TYR A 50 4.44 -11.30 -15.85
CA TYR A 50 5.60 -10.98 -16.67
C TYR A 50 6.55 -12.17 -16.74
N GLY A 51 6.50 -13.02 -15.73
CA GLY A 51 7.36 -14.20 -15.69
C GLY A 51 8.37 -14.09 -14.55
N ASP A 52 9.60 -14.54 -14.82
CA ASP A 52 10.66 -14.49 -13.83
C ASP A 52 11.60 -13.33 -14.11
N THR A 53 11.30 -12.56 -15.15
CA THR A 53 12.13 -11.43 -15.52
C THR A 53 12.30 -10.48 -14.33
N TRP A 54 13.28 -9.60 -14.42
CA TRP A 54 13.54 -8.64 -13.34
C TRP A 54 12.33 -7.74 -13.13
N ALA A 55 11.72 -7.28 -14.22
CA ALA A 55 10.57 -6.42 -14.13
C ALA A 55 9.58 -6.94 -13.09
N GLY A 56 9.19 -8.20 -13.23
CA GLY A 56 8.25 -8.81 -12.28
C GLY A 56 8.62 -8.46 -10.85
N VAL A 57 9.89 -8.64 -10.50
CA VAL A 57 10.37 -8.35 -9.16
C VAL A 57 10.35 -6.84 -8.90
N GLU A 58 10.50 -6.07 -9.98
CA GLU A 58 10.51 -4.62 -9.86
C GLU A 58 9.13 -4.10 -9.43
N ALA A 59 8.09 -4.65 -10.05
CA ALA A 59 6.73 -4.25 -9.73
C ALA A 59 6.28 -4.87 -8.41
N ILE A 60 6.70 -6.11 -8.18
CA ILE A 60 6.33 -6.81 -6.95
C ILE A 60 6.75 -6.00 -5.73
N ILE A 61 7.79 -5.18 -5.90
CA ILE A 61 8.28 -4.36 -4.80
C ILE A 61 7.43 -3.12 -4.62
N ARG A 62 7.35 -2.30 -5.67
CA ARG A 62 6.54 -1.08 -5.62
C ARG A 62 5.08 -1.41 -5.32
N ILE A 63 4.59 -2.47 -5.95
CA ILE A 63 3.19 -2.87 -5.74
C ILE A 63 2.94 -3.16 -4.27
N LEU A 64 3.98 -3.57 -3.55
CA LEU A 64 3.86 -3.88 -2.13
C LEU A 64 3.85 -2.59 -1.32
N GLN A 65 4.92 -1.81 -1.44
CA GLN A 65 5.03 -0.56 -0.70
C GLN A 65 3.75 0.27 -0.86
N GLN A 66 3.42 0.60 -2.10
CA GLN A 66 2.23 1.38 -2.39
C GLN A 66 1.00 0.75 -1.71
N LEU A 67 1.05 -0.55 -1.51
CA LEU A 67 -0.05 -1.26 -0.88
C LEU A 67 -0.12 -0.92 0.61
N LEU A 68 1.04 -0.80 1.24
CA LEU A 68 1.10 -0.48 2.66
C LEU A 68 0.27 0.77 2.95
N PHE A 69 0.17 1.66 1.97
CA PHE A 69 -0.58 2.88 2.13
C PHE A 69 -1.99 2.57 2.65
N ILE A 70 -2.76 1.83 1.84
CA ILE A 70 -4.12 1.47 2.24
C ILE A 70 -4.13 0.85 3.62
N HIS A 71 -2.98 0.32 4.04
CA HIS A 71 -2.87 -0.30 5.34
C HIS A 71 -3.33 0.66 6.43
N PHE A 72 -3.09 1.95 6.20
CA PHE A 72 -3.50 2.97 7.17
C PHE A 72 -4.95 3.36 6.95
N ARG A 73 -5.45 3.12 5.75
CA ARG A 73 -6.84 3.46 5.43
C ARG A 73 -7.81 2.60 6.23
N ILE A 74 -7.74 1.28 6.04
CA ILE A 74 -8.62 0.37 6.75
C ILE A 74 -8.22 0.27 8.22
N GLY A 75 -6.92 0.08 8.45
CA GLY A 75 -6.41 -0.03 9.82
C GLY A 75 -5.53 -1.25 9.98
N CYS A 76 -4.50 -1.13 10.81
CA CYS A 76 -3.58 -2.23 11.05
C CYS A 76 -3.97 -3.00 12.30
N ARG A 77 -4.46 -4.22 12.12
CA ARG A 77 -4.86 -5.04 13.25
C ARG A 77 -3.66 -5.76 13.86
N HIS A 78 -2.60 -5.89 13.07
CA HIS A 78 -1.39 -6.55 13.52
C HIS A 78 -0.84 -5.86 14.76
N SER A 79 -0.03 -6.59 15.54
CA SER A 79 0.56 -6.04 16.75
C SER A 79 1.68 -5.07 16.41
N ASN A 93 15.85 12.94 5.23
CA ASN A 93 14.65 12.41 4.58
C ASN A 93 13.52 13.43 4.67
N PRO A 94 12.93 13.78 3.55
CA PRO A 94 11.82 14.76 3.50
C PRO A 94 10.64 14.32 4.36
N LEU A 95 10.74 13.11 4.88
CA LEU A 95 9.69 12.56 5.73
C LEU A 95 10.22 12.34 7.15
N GLU A 96 11.52 12.55 7.32
CA GLU A 96 12.14 12.39 8.63
C GLU A 96 11.75 13.53 9.55
N PHE A 97 11.67 14.74 9.00
CA PHE A 97 11.31 15.92 9.78
C PHE A 97 9.81 15.95 10.05
N LEU A 98 9.09 14.97 9.49
CA LEU A 98 7.65 14.90 9.67
C LEU A 98 7.30 14.90 11.16
N ARG A 99 8.20 14.36 11.97
CA ARG A 99 7.97 14.31 13.41
C ARG A 99 7.70 15.71 13.97
N ASP A 100 8.22 16.71 13.28
CA ASP A 100 8.03 18.10 13.71
C ASP A 100 6.83 18.72 13.00
N GLN A 101 6.20 17.94 12.12
CA GLN A 101 5.05 18.43 11.38
C GLN A 101 3.75 18.00 12.05
N PRO A 102 2.76 18.84 12.02
CA PRO A 102 1.43 18.55 12.64
C PRO A 102 0.67 17.47 11.87
N GLN A 103 0.70 17.56 10.55
CA GLN A 103 0.01 16.59 9.71
C GLN A 103 0.48 15.18 10.05
N PHE A 104 1.67 15.08 10.62
CA PHE A 104 2.21 13.78 11.00
C PHE A 104 1.70 13.38 12.38
N GLN A 105 1.74 14.33 13.32
CA GLN A 105 1.28 14.08 14.67
C GLN A 105 -0.25 14.03 14.70
N ASN A 106 -0.88 14.63 13.70
CA ASN A 106 -2.34 14.65 13.63
C ASN A 106 -2.87 13.36 13.02
N MET A 107 -2.25 12.92 11.94
CA MET A 107 -2.68 11.69 11.28
C MET A 107 -2.08 10.46 11.96
N ARG A 108 -0.82 10.58 12.36
CA ARG A 108 -0.14 9.46 13.03
C ARG A 108 -0.93 9.00 14.25
N GLN A 109 -1.40 9.95 15.05
CA GLN A 109 -2.16 9.62 16.25
C GLN A 109 -3.62 9.33 15.89
N VAL A 110 -4.11 9.98 14.84
CA VAL A 110 -5.50 9.78 14.41
C VAL A 110 -5.67 8.40 13.78
N ILE A 111 -4.89 8.12 12.75
CA ILE A 111 -4.97 6.84 12.05
C ILE A 111 -4.72 5.69 13.02
N GLN A 112 -3.61 5.76 13.75
CA GLN A 112 -3.26 4.71 14.71
C GLN A 112 -4.41 4.50 15.70
N GLN A 113 -5.13 5.57 16.01
CA GLN A 113 -6.25 5.48 16.93
C GLN A 113 -7.49 4.94 16.23
N ASN A 114 -7.72 5.43 15.02
CA ASN A 114 -8.87 5.01 14.24
C ASN A 114 -8.58 5.16 12.75
N PRO A 115 -7.91 4.19 12.18
CA PRO A 115 -7.55 4.19 10.72
C PRO A 115 -8.72 4.62 9.84
N ALA A 116 -9.91 4.66 10.43
CA ALA A 116 -11.11 5.06 9.69
C ALA A 116 -11.02 6.53 9.29
N LEU A 117 -10.13 7.26 9.94
CA LEU A 117 -9.96 8.68 9.65
C LEU A 117 -8.81 8.89 8.68
N LEU A 118 -8.18 7.79 8.27
CA LEU A 118 -7.06 7.87 7.34
C LEU A 118 -7.55 8.29 5.94
N PRO A 119 -8.59 7.67 5.45
CA PRO A 119 -9.15 8.00 4.11
C PRO A 119 -9.14 9.50 3.83
N ALA A 120 -9.50 10.28 4.84
CA ALA A 120 -9.53 11.73 4.70
C ALA A 120 -8.15 12.32 4.96
N LEU A 121 -7.47 11.79 5.96
CA LEU A 121 -6.14 12.27 6.31
C LEU A 121 -5.22 12.25 5.09
N LEU A 122 -4.98 11.06 4.55
CA LEU A 122 -4.13 10.91 3.39
C LEU A 122 -4.61 11.80 2.25
N GLN A 123 -5.93 11.94 2.13
CA GLN A 123 -6.52 12.77 1.08
C GLN A 123 -6.21 14.25 1.33
N GLN A 124 -6.25 14.65 2.59
CA GLN A 124 -5.97 16.04 2.95
C GLN A 124 -4.47 16.27 3.06
N LEU A 125 -3.71 15.19 3.26
CA LEU A 125 -2.27 15.28 3.38
C LEU A 125 -1.64 15.69 2.05
N GLY A 126 -1.83 14.84 1.03
CA GLY A 126 -1.29 15.12 -0.29
C GLY A 126 -1.86 16.41 -0.86
N GLN A 127 -2.94 16.88 -0.27
CA GLN A 127 -3.57 18.11 -0.73
C GLN A 127 -2.95 19.32 -0.03
N GLU A 128 -2.35 19.09 1.13
CA GLU A 128 -1.73 20.17 1.88
C GLU A 128 -0.21 20.02 1.86
N ASN A 129 0.27 19.01 1.13
CA ASN A 129 1.71 18.76 1.04
C ASN A 129 1.99 17.67 0.03
N PRO A 130 1.61 17.88 -1.20
CA PRO A 130 1.83 16.90 -2.31
C PRO A 130 3.26 16.37 -2.33
N GLN A 131 4.21 17.22 -1.97
CA GLN A 131 5.61 16.84 -1.96
C GLN A 131 5.85 15.73 -0.94
N LEU A 132 4.92 15.58 0.00
CA LEU A 132 5.04 14.55 1.03
C LEU A 132 4.64 13.20 0.47
N LEU A 133 3.49 13.15 -0.19
CA LEU A 133 3.00 11.91 -0.77
C LEU A 133 4.13 11.15 -1.47
N GLN A 134 4.99 11.90 -2.16
CA GLN A 134 6.11 11.30 -2.86
C GLN A 134 7.11 10.69 -1.88
N GLN A 135 7.20 11.28 -0.69
CA GLN A 135 8.11 10.78 0.33
C GLN A 135 7.47 9.66 1.13
N ILE A 136 6.23 9.89 1.57
CA ILE A 136 5.51 8.89 2.36
C ILE A 136 5.39 7.59 1.57
N SER A 137 4.91 7.68 0.34
CA SER A 137 4.74 6.50 -0.50
C SER A 137 6.10 5.83 -0.74
N ARG A 138 7.11 6.64 -1.00
CA ARG A 138 8.45 6.11 -1.25
C ARG A 138 9.09 5.64 0.06
N HIS A 139 8.58 6.15 1.17
CA HIS A 139 9.11 5.78 2.48
C HIS A 139 8.02 5.13 3.33
N GLN A 140 7.13 4.39 2.68
CA GLN A 140 6.04 3.73 3.40
C GLN A 140 6.56 3.08 4.67
N GLU A 141 7.46 2.11 4.53
CA GLU A 141 8.02 1.43 5.69
C GLU A 141 8.48 2.44 6.73
N GLN A 142 9.48 3.23 6.39
CA GLN A 142 10.00 4.24 7.31
C GLN A 142 8.86 5.16 7.76
N PHE A 143 7.82 5.24 6.95
CA PHE A 143 6.67 6.08 7.27
C PHE A 143 5.71 5.34 8.18
N ILE A 144 5.71 4.02 8.08
CA ILE A 144 4.83 3.19 8.91
C ILE A 144 5.48 2.91 10.26
N GLN A 145 6.78 2.63 10.24
CA GLN A 145 7.51 2.35 11.48
C GLN A 145 7.18 3.40 12.53
N MET A 146 7.08 4.65 12.12
CA MET A 146 6.76 5.74 13.03
C MET A 146 5.26 5.85 13.22
N LEU A 147 4.51 5.65 12.14
CA LEU A 147 3.06 5.74 12.20
C LEU A 147 2.47 4.51 12.89
N ASN A 148 3.33 3.52 13.15
CA ASN A 148 2.89 2.29 13.80
C ASN A 148 3.57 2.12 15.15
N GLU A 149 4.52 3.01 15.44
CA GLU A 149 5.24 2.94 16.71
C GLU A 149 5.25 4.31 17.38
N PRO A 150 5.71 4.38 18.60
CA PRO A 150 5.77 5.66 19.37
C PRO A 150 6.58 6.73 18.63
N PRO A 151 6.07 7.92 18.57
CA PRO A 151 6.74 9.06 17.88
C PRO A 151 8.20 9.19 18.28
N ILE A 177 -5.86 5.58 -11.96
CA ILE A 177 -6.92 5.12 -12.83
C ILE A 177 -6.32 4.35 -14.00
N GLN A 178 -5.81 5.08 -14.98
CA GLN A 178 -5.20 4.46 -16.15
C GLN A 178 -6.03 3.25 -16.61
N VAL A 179 -7.28 3.22 -16.18
CA VAL A 179 -8.17 2.12 -16.54
C VAL A 179 -9.21 2.57 -17.54
N THR A 180 -9.95 1.61 -18.08
CA THR A 180 -11.01 1.89 -19.03
C THR A 180 -12.32 1.38 -18.46
N PRO A 181 -13.41 1.62 -19.13
CA PRO A 181 -14.76 1.16 -18.65
C PRO A 181 -14.83 -0.36 -18.70
N GLN A 182 -13.89 -0.94 -19.42
CA GLN A 182 -13.81 -2.38 -19.56
C GLN A 182 -13.17 -2.99 -18.32
N GLU A 183 -12.03 -2.44 -17.92
CA GLU A 183 -11.32 -2.93 -16.73
C GLU A 183 -11.82 -2.18 -15.49
N LYS A 184 -12.42 -1.02 -15.73
CA LYS A 184 -12.94 -0.20 -14.65
C LYS A 184 -13.98 -0.96 -13.84
N GLU A 185 -14.97 -1.52 -14.53
CA GLU A 185 -16.03 -2.27 -13.86
C GLU A 185 -15.43 -3.06 -12.70
N ALA A 186 -14.19 -3.49 -12.87
CA ALA A 186 -13.49 -4.27 -11.85
C ALA A 186 -13.43 -3.49 -10.55
N ILE A 187 -13.05 -2.21 -10.64
CA ILE A 187 -12.95 -1.37 -9.47
C ILE A 187 -14.30 -1.25 -8.77
N GLU A 188 -15.31 -0.86 -9.53
CA GLU A 188 -16.66 -0.70 -8.98
C GLU A 188 -17.28 -2.05 -8.66
N ARG A 189 -16.81 -3.10 -9.34
CA ARG A 189 -17.34 -4.43 -9.11
C ARG A 189 -16.70 -5.04 -7.87
N LEU A 190 -15.41 -4.79 -7.69
CA LEU A 190 -14.69 -5.31 -6.54
C LEU A 190 -15.24 -4.70 -5.26
N LYS A 191 -15.53 -3.40 -5.32
CA LYS A 191 -16.08 -2.71 -4.17
C LYS A 191 -17.49 -3.20 -3.88
N ALA A 192 -18.08 -3.89 -4.85
CA ALA A 192 -19.43 -4.41 -4.70
C ALA A 192 -19.49 -5.37 -3.52
N LEU A 193 -18.32 -5.82 -3.06
CA LEU A 193 -18.25 -6.74 -1.94
C LEU A 193 -18.56 -6.02 -0.62
N GLY A 194 -18.86 -4.74 -0.72
CA GLY A 194 -19.17 -3.95 0.46
C GLY A 194 -18.02 -3.01 0.81
N PHE A 195 -17.46 -2.36 -0.21
CA PHE A 195 -16.36 -1.43 0.00
C PHE A 195 -16.52 -0.20 -0.88
N PRO A 196 -15.75 0.82 -0.63
CA PRO A 196 -15.80 2.09 -1.41
C PRO A 196 -15.40 1.88 -2.87
N GLU A 197 -15.88 2.75 -3.74
CA GLU A 197 -15.57 2.64 -5.16
C GLU A 197 -14.10 2.95 -5.41
N SER A 198 -13.67 4.15 -5.01
CA SER A 198 -12.28 4.55 -5.19
C SER A 198 -11.34 3.67 -4.40
N LEU A 199 -11.76 3.29 -3.19
CA LEU A 199 -10.95 2.44 -2.34
C LEU A 199 -10.47 1.20 -3.11
N VAL A 200 -11.27 0.76 -4.05
CA VAL A 200 -10.92 -0.42 -4.85
C VAL A 200 -9.99 -0.02 -5.99
N ILE A 201 -10.10 1.23 -6.43
CA ILE A 201 -9.26 1.73 -7.52
C ILE A 201 -7.78 1.57 -7.18
N GLN A 202 -7.47 1.70 -5.90
CA GLN A 202 -6.08 1.57 -5.44
C GLN A 202 -5.70 0.11 -5.31
N ALA A 203 -6.56 -0.67 -4.67
CA ALA A 203 -6.30 -2.09 -4.48
C ALA A 203 -6.10 -2.80 -5.82
N TYR A 204 -7.04 -2.57 -6.75
CA TYR A 204 -6.96 -3.18 -8.06
C TYR A 204 -5.61 -2.89 -8.70
N PHE A 205 -5.15 -1.64 -8.59
CA PHE A 205 -3.87 -1.26 -9.16
C PHE A 205 -2.72 -1.70 -8.26
N ALA A 206 -3.00 -1.83 -6.96
CA ALA A 206 -1.98 -2.25 -6.01
C ALA A 206 -1.77 -3.76 -6.08
N CYS A 207 -2.71 -4.45 -6.72
CA CYS A 207 -2.61 -5.90 -6.84
C CYS A 207 -2.38 -6.29 -8.30
N GLU A 208 -2.12 -5.30 -9.15
CA GLU A 208 -1.88 -5.55 -10.57
C GLU A 208 -3.19 -5.85 -11.29
N LYS A 209 -4.14 -4.94 -11.16
CA LYS A 209 -5.45 -5.10 -11.81
C LYS A 209 -5.94 -6.53 -11.68
N ASN A 210 -5.36 -7.27 -10.74
CA ASN A 210 -5.75 -8.65 -10.52
C ASN A 210 -6.93 -8.74 -9.55
N GLU A 211 -8.14 -8.81 -10.10
CA GLU A 211 -9.34 -8.90 -9.27
C GLU A 211 -9.17 -9.97 -8.19
N ASN A 212 -8.60 -11.10 -8.59
CA ASN A 212 -8.38 -12.20 -7.66
C ASN A 212 -7.47 -11.75 -6.51
N LEU A 213 -6.32 -11.20 -6.86
CA LEU A 213 -5.38 -10.73 -5.84
C LEU A 213 -5.99 -9.62 -5.01
N ALA A 214 -6.53 -8.61 -5.69
CA ALA A 214 -7.16 -7.49 -5.00
C ALA A 214 -8.24 -7.98 -4.04
N ALA A 215 -8.98 -8.99 -4.46
CA ALA A 215 -10.04 -9.54 -3.62
C ALA A 215 -9.47 -10.07 -2.31
N ASN A 216 -8.38 -10.84 -2.42
CA ASN A 216 -7.75 -11.40 -1.24
C ASN A 216 -7.25 -10.30 -0.32
N PHE A 217 -6.55 -9.32 -0.89
CA PHE A 217 -6.03 -8.20 -0.11
C PHE A 217 -7.17 -7.39 0.50
N LEU A 218 -8.12 -6.99 -0.34
CA LEU A 218 -9.26 -6.21 0.12
C LEU A 218 -10.09 -7.03 1.11
N LEU A 219 -10.25 -8.31 0.83
CA LEU A 219 -11.03 -9.19 1.70
C LEU A 219 -10.21 -9.61 2.91
N SER A 220 -8.89 -9.59 2.76
CA SER A 220 -8.00 -9.97 3.86
C SER A 220 -7.30 -8.73 4.44
N GLN A 221 -7.77 -7.56 4.04
CA GLN A 221 -7.17 -6.31 4.52
C GLN A 221 -7.49 -6.07 6.01
N ASN A 222 -7.28 -7.10 6.83
CA ASN A 222 -7.53 -6.98 8.26
C ASN A 222 -8.92 -6.41 8.53
N PHE A 223 -9.75 -7.20 9.20
CA PHE A 223 -11.11 -6.78 9.51
C PHE A 223 -12.03 -8.00 9.67
ZN ZN B . -0.39 -4.23 9.88
N GLU A 13 23.76 -3.96 -12.54
CA GLU A 13 22.51 -4.64 -12.20
C GLU A 13 22.65 -5.38 -10.87
N PRO A 14 22.89 -4.66 -9.81
CA PRO A 14 23.05 -5.25 -8.44
C PRO A 14 21.73 -5.79 -7.90
N TYR A 15 20.63 -5.20 -8.32
CA TYR A 15 19.31 -5.62 -7.86
C TYR A 15 19.23 -7.14 -7.77
N ASN A 16 19.91 -7.81 -8.68
CA ASN A 16 19.91 -9.27 -8.71
C ASN A 16 20.10 -9.84 -7.30
N GLU A 17 21.32 -9.73 -6.79
CA GLU A 17 21.62 -10.23 -5.46
C GLU A 17 21.33 -9.17 -4.41
N TRP A 18 21.27 -7.92 -4.87
CA TRP A 18 21.01 -6.80 -3.97
C TRP A 18 19.52 -6.65 -3.70
N THR A 19 18.74 -6.45 -4.75
CA THR A 19 17.30 -6.27 -4.60
C THR A 19 16.73 -7.36 -3.70
N LEU A 20 17.24 -8.58 -3.85
CA LEU A 20 16.76 -9.70 -3.05
C LEU A 20 17.24 -9.57 -1.61
N GLU A 21 18.38 -8.91 -1.42
CA GLU A 21 18.92 -8.71 -0.08
C GLU A 21 18.07 -7.72 0.70
N LEU A 22 17.91 -6.52 0.16
CA LEU A 22 17.13 -5.49 0.82
C LEU A 22 15.66 -5.92 0.93
N LEU A 23 15.23 -6.76 0.00
CA LEU A 23 13.85 -7.23 0.00
C LEU A 23 13.53 -7.95 1.30
N GLU A 24 14.52 -8.65 1.84
CA GLU A 24 14.34 -9.38 3.09
C GLU A 24 14.01 -8.42 4.23
N GLU A 25 14.64 -7.24 4.22
CA GLU A 25 14.41 -6.25 5.26
C GLU A 25 13.15 -5.44 4.95
N LEU A 26 12.95 -5.13 3.67
CA LEU A 26 11.78 -4.36 3.26
C LEU A 26 10.51 -5.17 3.43
N LYS A 27 10.48 -6.35 2.81
CA LYS A 27 9.32 -7.23 2.91
C LYS A 27 8.92 -7.46 4.36
N SER A 28 9.91 -7.41 5.24
CA SER A 28 9.66 -7.63 6.66
C SER A 28 8.42 -6.85 7.11
N GLU A 29 8.46 -5.54 6.96
CA GLU A 29 7.33 -4.70 7.35
C GLU A 29 6.10 -5.02 6.51
N ALA A 30 6.33 -5.60 5.32
CA ALA A 30 5.23 -5.95 4.43
C ALA A 30 4.51 -7.20 4.94
N VAL A 31 5.24 -8.30 5.04
CA VAL A 31 4.66 -9.55 5.50
C VAL A 31 4.08 -9.39 6.90
N ARG A 32 4.64 -8.46 7.66
CA ARG A 32 4.17 -8.23 9.03
C ARG A 32 2.89 -7.41 9.01
N HIS A 33 2.67 -6.67 7.93
CA HIS A 33 1.47 -5.84 7.82
C HIS A 33 0.59 -6.31 6.67
N PHE A 34 1.07 -7.31 5.93
CA PHE A 34 0.31 -7.84 4.80
C PHE A 34 -0.14 -9.27 5.06
N PRO A 35 -1.22 -9.66 4.46
CA PRO A 35 -1.79 -11.04 4.62
C PRO A 35 -0.97 -12.07 3.87
N ARG A 36 -0.50 -13.09 4.59
CA ARG A 36 0.29 -14.14 3.96
C ARG A 36 -0.35 -14.56 2.65
N ILE A 37 -1.63 -14.23 2.50
CA ILE A 37 -2.37 -14.56 1.29
C ILE A 37 -1.88 -13.73 0.12
N TRP A 38 -2.00 -12.41 0.24
CA TRP A 38 -1.57 -11.51 -0.82
C TRP A 38 -0.12 -11.79 -1.20
N LEU A 39 0.75 -11.93 -0.20
CA LEU A 39 2.15 -12.20 -0.44
C LEU A 39 2.32 -13.53 -1.18
N HIS A 40 1.38 -14.45 -0.96
CA HIS A 40 1.44 -15.75 -1.60
C HIS A 40 0.85 -15.68 -3.00
N ASN A 41 -0.16 -14.84 -3.18
CA ASN A 41 -0.81 -14.69 -4.48
C ASN A 41 -0.04 -13.70 -5.33
N LEU A 42 0.69 -12.79 -4.69
CA LEU A 42 1.48 -11.80 -5.41
C LEU A 42 2.58 -12.47 -6.20
N GLY A 43 3.44 -13.21 -5.50
CA GLY A 43 4.54 -13.91 -6.16
C GLY A 43 4.00 -14.94 -7.14
N GLN A 44 2.78 -15.39 -6.91
CA GLN A 44 2.15 -16.38 -7.78
C GLN A 44 1.52 -15.69 -8.99
N HIS A 45 1.00 -14.48 -8.77
CA HIS A 45 0.38 -13.74 -9.86
C HIS A 45 1.43 -12.99 -10.67
N ILE A 46 2.10 -12.03 -10.04
CA ILE A 46 3.12 -11.24 -10.72
C ILE A 46 4.09 -12.16 -11.45
N TYR A 47 4.28 -13.36 -10.92
CA TYR A 47 5.19 -14.32 -11.55
C TYR A 47 4.61 -14.82 -12.86
N GLU A 48 3.31 -15.11 -12.86
CA GLU A 48 2.65 -15.59 -14.06
C GLU A 48 2.33 -14.42 -15.01
N THR A 49 2.20 -13.24 -14.44
CA THR A 49 1.89 -12.05 -15.24
C THR A 49 3.16 -11.47 -15.83
N TYR A 50 4.11 -11.10 -14.97
CA TYR A 50 5.37 -10.52 -15.42
C TYR A 50 6.30 -11.62 -15.93
N GLY A 51 6.10 -12.84 -15.43
CA GLY A 51 6.94 -13.97 -15.85
C GLY A 51 8.20 -14.05 -14.99
N ASP A 52 9.25 -14.65 -15.55
CA ASP A 52 10.50 -14.80 -14.83
C ASP A 52 11.36 -13.54 -14.98
N THR A 53 10.96 -12.67 -15.90
CA THR A 53 11.68 -11.43 -16.14
C THR A 53 12.03 -10.75 -14.82
N TRP A 54 13.12 -9.99 -14.82
CA TRP A 54 13.56 -9.29 -13.61
C TRP A 54 12.52 -8.25 -13.19
N ALA A 55 12.01 -7.51 -14.16
CA ALA A 55 11.01 -6.48 -13.89
C ALA A 55 9.96 -7.00 -12.92
N GLY A 56 9.68 -8.30 -13.01
CA GLY A 56 8.68 -8.92 -12.14
C GLY A 56 9.05 -8.74 -10.67
N VAL A 57 10.33 -8.95 -10.36
CA VAL A 57 10.81 -8.81 -8.99
C VAL A 57 11.03 -7.34 -8.64
N GLU A 58 11.26 -6.53 -9.67
CA GLU A 58 11.49 -5.11 -9.46
C GLU A 58 10.19 -4.40 -9.09
N ALA A 59 9.08 -4.91 -9.58
CA ALA A 59 7.78 -4.33 -9.29
C ALA A 59 7.24 -4.85 -7.95
N ILE A 60 7.55 -6.10 -7.65
CA ILE A 60 7.10 -6.72 -6.40
C ILE A 60 7.64 -5.95 -5.21
N ILE A 61 8.77 -5.27 -5.40
CA ILE A 61 9.37 -4.51 -4.32
C ILE A 61 8.68 -3.17 -4.14
N ARG A 62 8.42 -2.49 -5.25
CA ARG A 62 7.74 -1.19 -5.20
C ARG A 62 6.25 -1.37 -4.98
N ILE A 63 5.73 -2.51 -5.41
CA ILE A 63 4.31 -2.80 -5.26
C ILE A 63 3.97 -3.07 -3.80
N LEU A 64 4.89 -3.72 -3.10
CA LEU A 64 4.69 -4.04 -1.70
C LEU A 64 4.51 -2.77 -0.87
N GLN A 65 5.37 -1.79 -1.11
CA GLN A 65 5.31 -0.53 -0.40
C GLN A 65 4.02 0.24 -0.76
N GLN A 66 3.88 0.57 -2.03
CA GLN A 66 2.71 1.29 -2.49
C GLN A 66 1.44 0.70 -1.89
N LEU A 67 1.46 -0.62 -1.67
CA LEU A 67 0.31 -1.30 -1.10
C LEU A 67 0.13 -0.91 0.37
N LEU A 68 1.24 -0.65 1.06
CA LEU A 68 1.20 -0.27 2.46
C LEU A 68 0.41 1.02 2.64
N PHE A 69 0.37 1.83 1.58
CA PHE A 69 -0.36 3.09 1.63
C PHE A 69 -1.83 2.85 1.97
N ILE A 70 -2.37 1.73 1.49
CA ILE A 70 -3.76 1.39 1.74
C ILE A 70 -3.91 0.76 3.12
N HIS A 71 -2.81 0.27 3.67
CA HIS A 71 -2.84 -0.35 4.98
C HIS A 71 -3.47 0.58 6.00
N PHE A 72 -3.29 1.89 5.79
CA PHE A 72 -3.84 2.89 6.69
C PHE A 72 -5.30 3.19 6.34
N ARG A 73 -5.64 2.96 5.07
CA ARG A 73 -6.99 3.22 4.60
C ARG A 73 -8.03 2.61 5.55
N ILE A 74 -8.00 1.29 5.70
CA ILE A 74 -8.94 0.61 6.57
C ILE A 74 -8.47 0.66 8.02
N GLY A 75 -7.29 0.12 8.28
CA GLY A 75 -6.72 0.11 9.62
C GLY A 75 -5.83 -1.12 9.84
N CYS A 76 -4.72 -0.90 10.51
CA CYS A 76 -3.77 -1.98 10.77
C CYS A 76 -4.33 -2.93 11.83
N ARG A 77 -4.39 -4.21 11.51
CA ARG A 77 -4.89 -5.21 12.45
C ARG A 77 -3.74 -5.79 13.27
N HIS A 78 -2.52 -5.56 12.81
CA HIS A 78 -1.35 -6.06 13.50
C HIS A 78 -0.99 -5.17 14.68
N SER A 79 -0.90 -5.75 15.87
CA SER A 79 -0.56 -4.99 17.06
C SER A 79 0.63 -4.09 16.81
N ASN A 93 15.44 11.73 4.97
CA ASN A 93 14.37 11.38 4.05
C ASN A 93 13.56 12.61 3.68
N PRO A 94 12.74 12.51 2.67
CA PRO A 94 11.88 13.64 2.20
C PRO A 94 10.72 13.90 3.16
N LEU A 95 10.54 12.99 4.12
CA LEU A 95 9.46 13.12 5.08
C LEU A 95 10.01 13.11 6.51
N GLU A 96 11.33 13.19 6.63
CA GLU A 96 11.97 13.18 7.93
C GLU A 96 11.39 14.27 8.83
N PHE A 97 11.22 15.46 8.25
CA PHE A 97 10.66 16.58 9.01
C PHE A 97 9.16 16.40 9.22
N LEU A 98 8.62 15.32 8.66
CA LEU A 98 7.20 15.03 8.79
C LEU A 98 6.76 15.12 10.25
N ARG A 99 7.63 14.68 11.14
CA ARG A 99 7.33 14.72 12.57
C ARG A 99 6.98 16.13 13.01
N ASP A 100 7.48 17.11 12.26
CA ASP A 100 7.21 18.51 12.57
C ASP A 100 5.89 18.95 11.94
N GLN A 101 5.19 18.01 11.31
CA GLN A 101 3.92 18.32 10.67
C GLN A 101 2.76 17.86 11.55
N PRO A 102 1.70 18.61 11.57
CA PRO A 102 0.49 18.28 12.38
C PRO A 102 -0.25 17.07 11.81
N GLN A 103 -0.38 17.04 10.49
CA GLN A 103 -1.06 15.95 9.82
C GLN A 103 -0.44 14.61 10.21
N PHE A 104 0.87 14.61 10.38
CA PHE A 104 1.57 13.38 10.75
C PHE A 104 1.26 13.02 12.20
N GLN A 105 1.56 13.92 13.11
CA GLN A 105 1.30 13.68 14.53
C GLN A 105 -0.19 13.52 14.78
N ASN A 106 -1.00 14.11 13.90
CA ASN A 106 -2.45 14.03 14.02
C ASN A 106 -2.96 12.73 13.42
N MET A 107 -2.64 12.50 12.15
CA MET A 107 -3.08 11.29 11.48
C MET A 107 -2.38 10.07 12.06
N ARG A 108 -1.09 10.20 12.33
CA ARG A 108 -0.33 9.10 12.91
C ARG A 108 -1.10 8.45 14.06
N GLN A 109 -1.46 9.27 15.05
CA GLN A 109 -2.20 8.78 16.20
C GLN A 109 -3.62 8.40 15.79
N VAL A 110 -4.33 9.34 15.19
CA VAL A 110 -5.69 9.11 14.74
C VAL A 110 -5.76 7.87 13.86
N ILE A 111 -4.63 7.53 13.25
CA ILE A 111 -4.57 6.36 12.37
C ILE A 111 -4.23 5.10 13.17
N GLN A 112 -3.17 5.18 13.96
CA GLN A 112 -2.75 4.04 14.77
C GLN A 112 -3.79 3.73 15.86
N GLN A 113 -4.55 4.75 16.24
CA GLN A 113 -5.57 4.57 17.26
C GLN A 113 -6.87 4.06 16.66
N ASN A 114 -7.39 4.80 15.68
CA ASN A 114 -8.62 4.40 15.02
C ASN A 114 -8.57 4.74 13.53
N PRO A 115 -7.96 3.88 12.76
CA PRO A 115 -7.84 4.09 11.28
C PRO A 115 -9.16 4.49 10.65
N ALA A 116 -10.24 4.34 11.42
CA ALA A 116 -11.57 4.69 10.93
C ALA A 116 -11.63 6.16 10.55
N LEU A 117 -10.63 6.92 10.98
CA LEU A 117 -10.57 8.35 10.67
C LEU A 117 -9.43 8.64 9.69
N LEU A 118 -8.79 7.58 9.20
CA LEU A 118 -7.68 7.75 8.26
C LEU A 118 -8.20 8.20 6.89
N PRO A 119 -9.16 7.50 6.35
CA PRO A 119 -9.75 7.84 5.02
C PRO A 119 -9.86 9.35 4.81
N ALA A 120 -10.15 10.07 5.89
CA ALA A 120 -10.29 11.52 5.81
C ALA A 120 -8.92 12.20 5.96
N LEU A 121 -8.14 11.72 6.93
CA LEU A 121 -6.82 12.28 7.18
C LEU A 121 -6.02 12.34 5.89
N LEU A 122 -5.75 11.18 5.30
CA LEU A 122 -4.98 11.11 4.06
C LEU A 122 -5.48 12.16 3.07
N GLN A 123 -6.80 12.38 3.06
CA GLN A 123 -7.38 13.36 2.15
C GLN A 123 -6.96 14.78 2.54
N GLN A 124 -6.87 15.03 3.84
CA GLN A 124 -6.48 16.34 4.33
C GLN A 124 -4.96 16.48 4.34
N LEU A 125 -4.27 15.35 4.32
CA LEU A 125 -2.82 15.34 4.31
C LEU A 125 -2.27 15.71 2.94
N GLY A 126 -2.57 14.87 1.95
CA GLY A 126 -2.11 15.12 0.59
C GLY A 126 -2.70 16.40 0.05
N GLN A 127 -3.73 16.91 0.72
CA GLN A 127 -4.37 18.15 0.29
C GLN A 127 -3.60 19.36 0.80
N GLU A 128 -3.16 19.28 2.05
CA GLU A 128 -2.42 20.39 2.67
C GLU A 128 -0.96 20.34 2.22
N ASN A 129 -0.45 19.14 1.99
CA ASN A 129 0.94 18.97 1.57
C ASN A 129 1.05 17.91 0.49
N PRO A 130 0.57 18.21 -0.69
CA PRO A 130 0.61 17.28 -1.85
C PRO A 130 1.99 16.68 -2.06
N GLN A 131 3.02 17.37 -1.56
CA GLN A 131 4.38 16.89 -1.70
C GLN A 131 4.63 15.70 -0.79
N LEU A 132 4.12 15.78 0.43
CA LEU A 132 4.30 14.70 1.40
C LEU A 132 3.68 13.41 0.87
N LEU A 133 2.61 13.54 0.09
CA LEU A 133 1.94 12.38 -0.47
C LEU A 133 2.84 11.67 -1.48
N GLN A 134 3.55 12.46 -2.29
CA GLN A 134 4.44 11.90 -3.29
C GLN A 134 5.57 11.12 -2.63
N GLN A 135 5.98 11.57 -1.45
CA GLN A 135 7.05 10.91 -0.71
C GLN A 135 6.50 9.76 0.12
N ILE A 136 5.38 10.01 0.79
CA ILE A 136 4.76 8.99 1.63
C ILE A 136 4.63 7.68 0.87
N SER A 137 4.09 7.75 -0.35
CA SER A 137 3.91 6.56 -1.17
C SER A 137 5.27 6.05 -1.66
N ARG A 138 6.25 6.93 -1.68
CA ARG A 138 7.59 6.56 -2.12
C ARG A 138 8.29 5.71 -1.06
N HIS A 139 7.99 5.99 0.21
CA HIS A 139 8.60 5.24 1.30
C HIS A 139 7.53 4.81 2.30
N GLN A 140 6.55 4.05 1.84
CA GLN A 140 5.48 3.58 2.71
C GLN A 140 6.06 2.96 3.97
N GLU A 141 6.96 2.01 3.81
CA GLU A 141 7.58 1.35 4.95
C GLU A 141 8.08 2.36 5.96
N GLN A 142 9.06 3.17 5.55
CA GLN A 142 9.62 4.19 6.43
C GLN A 142 8.52 5.13 6.91
N PHE A 143 7.44 5.21 6.13
CA PHE A 143 6.32 6.08 6.48
C PHE A 143 5.38 5.36 7.44
N ILE A 144 5.37 4.03 7.37
CA ILE A 144 4.50 3.24 8.24
C ILE A 144 5.17 3.01 9.59
N GLN A 145 6.47 2.73 9.56
CA GLN A 145 7.22 2.49 10.79
C GLN A 145 6.99 3.63 11.78
N MET A 146 6.95 4.85 11.27
CA MET A 146 6.73 6.02 12.12
C MET A 146 5.24 6.26 12.34
N LEU A 147 4.45 6.05 11.30
CA LEU A 147 3.01 6.26 11.40
C LEU A 147 2.34 5.06 12.07
N ASN A 148 3.10 3.99 12.27
CA ASN A 148 2.56 2.78 12.89
C ASN A 148 3.18 2.58 14.27
N GLU A 149 4.30 3.24 14.52
CA GLU A 149 4.98 3.13 15.80
C GLU A 149 5.21 4.51 16.39
N PRO A 150 5.80 4.58 17.55
CA PRO A 150 6.08 5.87 18.22
C PRO A 150 6.76 6.86 17.27
N PRO A 151 6.32 8.09 17.27
CA PRO A 151 6.87 9.15 16.38
C PRO A 151 8.31 9.50 16.75
N ILE A 177 -6.30 4.80 -10.93
CA ILE A 177 -7.35 4.76 -11.92
C ILE A 177 -6.79 4.51 -13.32
N GLN A 178 -6.82 5.54 -14.17
CA GLN A 178 -6.34 5.40 -15.54
C GLN A 178 -7.12 4.32 -16.27
N VAL A 179 -8.14 3.79 -15.61
CA VAL A 179 -8.96 2.75 -16.20
C VAL A 179 -10.18 3.35 -16.86
N THR A 180 -10.93 2.51 -17.57
CA THR A 180 -12.13 2.95 -18.24
C THR A 180 -13.29 2.05 -17.84
N PRO A 181 -14.41 2.22 -18.46
CA PRO A 181 -15.61 1.39 -18.16
C PRO A 181 -15.29 -0.09 -18.34
N GLN A 182 -14.15 -0.36 -18.97
CA GLN A 182 -13.72 -1.72 -19.23
C GLN A 182 -12.94 -2.30 -18.05
N GLU A 183 -11.94 -1.55 -17.60
CA GLU A 183 -11.10 -2.00 -16.50
C GLU A 183 -11.69 -1.60 -15.15
N LYS A 184 -12.57 -0.60 -15.14
CA LYS A 184 -13.17 -0.14 -13.90
C LYS A 184 -14.26 -1.11 -13.44
N GLU A 185 -15.07 -1.57 -14.39
CA GLU A 185 -16.14 -2.51 -14.06
C GLU A 185 -15.60 -3.56 -13.10
N ALA A 186 -14.36 -3.97 -13.33
CA ALA A 186 -13.73 -4.97 -12.49
C ALA A 186 -13.46 -4.38 -11.10
N ILE A 187 -13.21 -3.08 -11.06
CA ILE A 187 -12.95 -2.39 -9.81
C ILE A 187 -14.21 -2.31 -8.97
N GLU A 188 -15.23 -1.63 -9.48
CA GLU A 188 -16.49 -1.49 -8.76
C GLU A 188 -16.91 -2.83 -8.15
N ARG A 189 -16.88 -3.88 -8.97
CA ARG A 189 -17.25 -5.20 -8.49
C ARG A 189 -16.61 -5.46 -7.12
N LEU A 190 -15.45 -4.88 -6.93
CA LEU A 190 -14.73 -5.04 -5.66
C LEU A 190 -15.25 -4.05 -4.63
N LYS A 191 -15.79 -2.92 -5.11
CA LYS A 191 -16.32 -1.91 -4.21
C LYS A 191 -17.74 -2.24 -3.77
N ALA A 192 -18.49 -2.89 -4.66
CA ALA A 192 -19.87 -3.26 -4.37
C ALA A 192 -19.93 -4.20 -3.17
N LEU A 193 -18.82 -4.85 -2.88
CA LEU A 193 -18.74 -5.78 -1.77
C LEU A 193 -18.82 -5.04 -0.43
N GLY A 194 -19.11 -3.75 -0.48
CA GLY A 194 -19.20 -2.94 0.72
C GLY A 194 -18.00 -2.01 0.87
N PHE A 195 -17.29 -1.81 -0.24
CA PHE A 195 -16.12 -0.93 -0.23
C PHE A 195 -16.30 0.21 -1.22
N PRO A 196 -15.65 1.32 -0.99
CA PRO A 196 -15.74 2.51 -1.87
C PRO A 196 -15.26 2.21 -3.28
N GLU A 197 -15.71 3.01 -4.25
CA GLU A 197 -15.32 2.81 -5.64
C GLU A 197 -13.85 3.16 -5.83
N SER A 198 -13.47 4.37 -5.42
CA SER A 198 -12.09 4.81 -5.55
C SER A 198 -11.18 4.00 -4.63
N LEU A 199 -11.76 3.46 -3.56
CA LEU A 199 -10.99 2.68 -2.61
C LEU A 199 -10.49 1.40 -3.26
N VAL A 200 -11.24 0.89 -4.22
CA VAL A 200 -10.86 -0.33 -4.92
C VAL A 200 -9.86 -0.03 -6.02
N ILE A 201 -10.27 0.82 -6.97
CA ILE A 201 -9.40 1.18 -8.08
C ILE A 201 -7.97 1.40 -7.59
N GLN A 202 -7.84 1.72 -6.30
CA GLN A 202 -6.52 1.95 -5.72
C GLN A 202 -5.73 0.65 -5.66
N ALA A 203 -6.27 -0.34 -4.96
CA ALA A 203 -5.59 -1.62 -4.83
C ALA A 203 -5.54 -2.34 -6.18
N TYR A 204 -6.59 -2.16 -6.98
CA TYR A 204 -6.65 -2.78 -8.29
C TYR A 204 -5.33 -2.59 -9.03
N PHE A 205 -4.95 -1.35 -9.25
CA PHE A 205 -3.71 -1.04 -9.95
C PHE A 205 -2.51 -1.34 -9.06
N ALA A 206 -2.67 -1.10 -7.76
CA ALA A 206 -1.58 -1.36 -6.81
C ALA A 206 -1.16 -2.81 -6.86
N CYS A 207 -2.09 -3.68 -7.24
CA CYS A 207 -1.81 -5.11 -7.32
C CYS A 207 -1.64 -5.53 -8.78
N GLU A 208 -1.28 -4.58 -9.62
CA GLU A 208 -1.08 -4.87 -11.05
C GLU A 208 -2.43 -5.00 -11.76
N LYS A 209 -3.40 -4.22 -11.32
CA LYS A 209 -4.73 -4.25 -11.92
C LYS A 209 -5.32 -5.66 -11.83
N ASN A 210 -4.83 -6.43 -10.87
CA ASN A 210 -5.32 -7.80 -10.68
C ASN A 210 -6.60 -7.80 -9.86
N GLU A 211 -7.74 -7.70 -10.55
CA GLU A 211 -9.03 -7.70 -9.87
C GLU A 211 -9.11 -8.80 -8.83
N ASN A 212 -8.34 -9.87 -9.05
CA ASN A 212 -8.32 -11.00 -8.13
C ASN A 212 -7.42 -10.69 -6.94
N LEU A 213 -6.18 -10.31 -7.23
CA LEU A 213 -5.23 -9.99 -6.18
C LEU A 213 -5.74 -8.84 -5.33
N ALA A 214 -6.31 -7.83 -5.97
CA ALA A 214 -6.83 -6.67 -5.27
C ALA A 214 -7.80 -7.11 -4.17
N ALA A 215 -8.66 -8.06 -4.50
CA ALA A 215 -9.64 -8.57 -3.54
C ALA A 215 -8.93 -9.32 -2.42
N ASN A 216 -7.86 -10.04 -2.77
CA ASN A 216 -7.10 -10.80 -1.78
C ASN A 216 -6.56 -9.87 -0.70
N PHE A 217 -5.79 -8.87 -1.11
CA PHE A 217 -5.21 -7.93 -0.15
C PHE A 217 -6.30 -7.04 0.42
N LEU A 218 -7.15 -6.50 -0.44
CA LEU A 218 -8.23 -5.63 0.01
C LEU A 218 -9.14 -6.36 1.00
N LEU A 219 -9.47 -7.61 0.67
CA LEU A 219 -10.33 -8.41 1.52
C LEU A 219 -9.53 -9.02 2.67
N SER A 220 -8.21 -9.06 2.51
CA SER A 220 -7.33 -9.62 3.53
C SER A 220 -6.56 -8.51 4.25
N GLN A 221 -6.96 -7.27 4.01
CA GLN A 221 -6.29 -6.13 4.64
C GLN A 221 -6.37 -6.21 6.16
N ASN A 222 -7.58 -6.38 6.69
CA ASN A 222 -7.77 -6.45 8.14
C ASN A 222 -9.23 -6.55 8.49
N PHE A 223 -9.89 -5.39 8.62
CA PHE A 223 -11.30 -5.36 8.97
C PHE A 223 -11.70 -6.61 9.74
ZN ZN B . -0.49 -3.84 10.01
N GLU A 13 23.56 -0.54 -11.70
CA GLU A 13 22.60 -1.61 -11.99
C GLU A 13 22.45 -2.54 -10.78
N PRO A 14 22.16 -1.98 -9.63
CA PRO A 14 21.99 -2.76 -8.38
C PRO A 14 20.69 -3.55 -8.36
N TYR A 15 19.64 -2.96 -8.95
CA TYR A 15 18.34 -3.61 -9.01
C TYR A 15 18.47 -5.10 -9.31
N ASN A 16 19.64 -5.51 -9.78
CA ASN A 16 19.87 -6.92 -10.09
C ASN A 16 20.02 -7.72 -8.81
N GLU A 17 21.16 -7.57 -8.15
CA GLU A 17 21.42 -8.27 -6.90
C GLU A 17 20.91 -7.47 -5.71
N TRP A 18 21.00 -6.16 -5.83
CA TRP A 18 20.57 -5.26 -4.76
C TRP A 18 19.09 -5.45 -4.42
N THR A 19 18.24 -5.33 -5.44
CA THR A 19 16.81 -5.46 -5.22
C THR A 19 16.50 -6.64 -4.30
N LEU A 20 17.41 -7.60 -4.23
CA LEU A 20 17.21 -8.76 -3.37
C LEU A 20 17.62 -8.43 -1.94
N GLU A 21 18.74 -7.73 -1.80
CA GLU A 21 19.24 -7.36 -0.48
C GLU A 21 18.21 -6.53 0.26
N LEU A 22 17.56 -5.60 -0.46
CA LEU A 22 16.56 -4.74 0.15
C LEU A 22 15.21 -5.46 0.20
N LEU A 23 14.91 -6.23 -0.83
CA LEU A 23 13.64 -6.96 -0.87
C LEU A 23 13.39 -7.70 0.44
N GLU A 24 14.28 -8.63 0.76
CA GLU A 24 14.14 -9.40 1.99
C GLU A 24 13.77 -8.48 3.16
N GLU A 25 14.19 -7.23 3.07
CA GLU A 25 13.88 -6.27 4.12
C GLU A 25 12.49 -5.68 3.94
N LEU A 26 12.13 -5.42 2.68
CA LEU A 26 10.81 -4.86 2.37
C LEU A 26 9.73 -5.91 2.58
N LYS A 27 9.89 -7.06 1.94
CA LYS A 27 8.91 -8.14 2.06
C LYS A 27 8.75 -8.54 3.52
N SER A 28 9.74 -8.22 4.34
CA SER A 28 9.70 -8.55 5.76
C SER A 28 8.62 -7.74 6.46
N GLU A 29 8.58 -6.44 6.18
CA GLU A 29 7.59 -5.56 6.80
C GLU A 29 6.26 -5.67 6.07
N ALA A 30 6.31 -5.90 4.76
CA ALA A 30 5.09 -6.01 3.97
C ALA A 30 4.24 -7.18 4.45
N VAL A 31 4.86 -8.35 4.53
CA VAL A 31 4.15 -9.54 4.99
C VAL A 31 3.75 -9.41 6.45
N ARG A 32 4.44 -8.52 7.17
CA ARG A 32 4.15 -8.30 8.58
C ARG A 32 2.77 -7.66 8.75
N HIS A 33 2.38 -6.85 7.77
CA HIS A 33 1.08 -6.18 7.83
C HIS A 33 0.17 -6.67 6.71
N PHE A 34 0.77 -7.30 5.70
CA PHE A 34 0.00 -7.81 4.56
C PHE A 34 -0.48 -9.23 4.85
N PRO A 35 -1.69 -9.54 4.44
CA PRO A 35 -2.28 -10.90 4.64
C PRO A 35 -1.41 -11.99 4.05
N ARG A 36 -1.02 -12.96 4.89
CA ARG A 36 -0.18 -14.06 4.43
C ARG A 36 -0.72 -14.65 3.13
N ILE A 37 -2.04 -14.78 3.05
CA ILE A 37 -2.67 -15.32 1.86
C ILE A 37 -2.33 -14.48 0.62
N TRP A 38 -2.71 -13.21 0.66
CA TRP A 38 -2.43 -12.31 -0.46
C TRP A 38 -0.95 -12.34 -0.81
N LEU A 39 -0.11 -12.00 0.16
CA LEU A 39 1.33 -11.99 -0.07
C LEU A 39 1.76 -13.27 -0.79
N HIS A 40 0.95 -14.32 -0.63
CA HIS A 40 1.24 -15.59 -1.27
C HIS A 40 0.77 -15.57 -2.72
N ASN A 41 -0.37 -14.93 -2.97
CA ASN A 41 -0.91 -14.84 -4.32
C ASN A 41 -0.22 -13.75 -5.10
N LEU A 42 0.30 -12.75 -4.39
CA LEU A 42 1.00 -11.65 -5.03
C LEU A 42 2.23 -12.15 -5.77
N GLY A 43 3.12 -12.81 -5.04
CA GLY A 43 4.34 -13.35 -5.64
C GLY A 43 4.02 -14.47 -6.62
N GLN A 44 2.84 -15.06 -6.45
CA GLN A 44 2.41 -16.15 -7.34
C GLN A 44 1.90 -15.60 -8.66
N HIS A 45 0.90 -14.72 -8.59
CA HIS A 45 0.34 -14.13 -9.79
C HIS A 45 1.34 -13.22 -10.47
N ILE A 46 1.72 -12.14 -9.79
CA ILE A 46 2.69 -11.20 -10.34
C ILE A 46 3.88 -11.96 -10.94
N TYR A 47 4.04 -13.21 -10.53
CA TYR A 47 5.13 -14.04 -11.04
C TYR A 47 4.76 -14.61 -12.40
N GLU A 48 3.52 -15.07 -12.52
CA GLU A 48 3.05 -15.65 -13.78
C GLU A 48 2.82 -14.55 -14.82
N THR A 49 2.50 -13.35 -14.34
CA THR A 49 2.26 -12.23 -15.24
C THR A 49 3.56 -11.73 -15.85
N TYR A 50 4.52 -11.40 -15.00
CA TYR A 50 5.82 -10.90 -15.48
C TYR A 50 6.78 -12.07 -15.69
N GLY A 51 6.38 -13.26 -15.23
CA GLY A 51 7.23 -14.44 -15.38
C GLY A 51 8.51 -14.29 -14.57
N ASP A 52 9.64 -14.51 -15.22
CA ASP A 52 10.94 -14.40 -14.55
C ASP A 52 11.59 -13.05 -14.84
N THR A 53 10.90 -12.24 -15.64
CA THR A 53 11.42 -10.92 -15.99
C THR A 53 11.70 -10.10 -14.74
N TRP A 54 12.77 -9.29 -14.80
CA TRP A 54 13.14 -8.46 -13.66
C TRP A 54 12.03 -7.46 -13.35
N ALA A 55 11.22 -7.14 -14.35
CA ALA A 55 10.13 -6.19 -14.18
C ALA A 55 9.18 -6.67 -13.07
N GLY A 56 9.13 -7.97 -12.87
CA GLY A 56 8.26 -8.54 -11.84
C GLY A 56 8.74 -8.15 -10.45
N VAL A 57 10.03 -8.35 -10.19
CA VAL A 57 10.60 -8.00 -8.89
C VAL A 57 10.57 -6.50 -8.67
N GLU A 58 10.53 -5.75 -9.78
CA GLU A 58 10.49 -4.29 -9.69
C GLU A 58 9.12 -3.80 -9.24
N ALA A 59 8.09 -4.16 -10.00
CA ALA A 59 6.73 -3.77 -9.67
C ALA A 59 6.36 -4.20 -8.26
N ILE A 60 6.52 -5.50 -7.98
CA ILE A 60 6.20 -6.03 -6.67
C ILE A 60 6.79 -5.15 -5.57
N ILE A 61 7.97 -4.60 -5.84
CA ILE A 61 8.64 -3.74 -4.87
C ILE A 61 7.82 -2.47 -4.63
N ARG A 62 7.41 -1.83 -5.72
CA ARG A 62 6.63 -0.61 -5.62
C ARG A 62 5.17 -0.93 -5.32
N ILE A 63 4.78 -2.18 -5.54
CA ILE A 63 3.41 -2.60 -5.29
C ILE A 63 3.18 -2.83 -3.79
N LEU A 64 4.26 -3.16 -3.08
CA LEU A 64 4.17 -3.41 -1.65
C LEU A 64 4.08 -2.09 -0.88
N GLN A 65 5.06 -1.21 -1.11
CA GLN A 65 5.08 0.08 -0.42
C GLN A 65 3.73 0.78 -0.58
N GLN A 66 3.24 0.85 -1.81
CA GLN A 66 1.97 1.51 -2.08
C GLN A 66 0.83 0.76 -1.40
N LEU A 67 0.98 -0.55 -1.26
CA LEU A 67 -0.04 -1.36 -0.62
C LEU A 67 -0.10 -1.08 0.87
N LEU A 68 1.07 -0.84 1.48
CA LEU A 68 1.13 -0.55 2.90
C LEU A 68 0.16 0.57 3.26
N PHE A 69 0.07 1.57 2.39
CA PHE A 69 -0.81 2.70 2.63
C PHE A 69 -2.22 2.23 2.95
N ILE A 70 -2.82 1.51 2.00
CA ILE A 70 -4.18 0.99 2.19
C ILE A 70 -4.30 0.34 3.56
N HIS A 71 -3.29 -0.42 3.94
CA HIS A 71 -3.30 -1.10 5.24
C HIS A 71 -3.53 -0.09 6.37
N PHE A 72 -3.14 1.16 6.12
CA PHE A 72 -3.32 2.21 7.12
C PHE A 72 -4.75 2.73 7.11
N ARG A 73 -5.25 3.02 5.91
CA ARG A 73 -6.62 3.52 5.76
C ARG A 73 -7.61 2.60 6.44
N ILE A 74 -7.66 1.35 5.98
CA ILE A 74 -8.57 0.37 6.54
C ILE A 74 -8.27 0.13 8.02
N GLY A 75 -6.99 0.19 8.37
CA GLY A 75 -6.57 -0.01 9.75
C GLY A 75 -5.65 -1.22 9.87
N CYS A 76 -4.65 -1.10 10.74
CA CYS A 76 -3.70 -2.19 10.95
C CYS A 76 -4.34 -3.34 11.72
N ARG A 77 -4.49 -4.48 11.05
CA ARG A 77 -5.09 -5.65 11.68
C ARG A 77 -4.09 -6.32 12.61
N HIS A 78 -3.08 -5.58 13.04
CA HIS A 78 -2.05 -6.11 13.92
C HIS A 78 -1.81 -5.16 15.09
N SER A 79 -1.47 -5.72 16.24
CA SER A 79 -1.20 -4.91 17.43
C SER A 79 -2.50 -4.33 17.98
N ASN A 93 15.94 9.37 4.49
CA ASN A 93 14.49 9.63 4.52
C ASN A 93 14.23 11.12 4.49
N PRO A 94 13.75 11.60 3.37
CA PRO A 94 13.43 13.05 3.19
C PRO A 94 12.15 13.45 3.91
N LEU A 95 11.56 12.49 4.63
CA LEU A 95 10.33 12.75 5.37
C LEU A 95 10.57 12.64 6.87
N GLU A 96 11.84 12.55 7.25
CA GLU A 96 12.21 12.43 8.66
C GLU A 96 11.68 13.64 9.44
N PHE A 97 11.73 14.81 8.82
CA PHE A 97 11.26 16.02 9.45
C PHE A 97 9.75 15.96 9.67
N LEU A 98 9.12 14.97 9.07
CA LEU A 98 7.67 14.80 9.20
C LEU A 98 7.24 14.96 10.65
N ARG A 99 8.12 14.56 11.56
CA ARG A 99 7.83 14.68 12.99
C ARG A 99 7.78 16.14 13.42
N ASP A 100 8.57 16.97 12.76
CA ASP A 100 8.60 18.39 13.07
C ASP A 100 7.36 19.10 12.52
N GLN A 101 6.46 18.32 11.93
CA GLN A 101 5.24 18.88 11.37
C GLN A 101 4.02 18.38 12.14
N PRO A 102 3.01 19.21 12.24
CA PRO A 102 1.76 18.86 12.96
C PRO A 102 0.94 17.80 12.22
N GLN A 103 1.13 17.74 10.90
CA GLN A 103 0.42 16.76 10.09
C GLN A 103 0.76 15.36 10.52
N PHE A 104 2.05 15.07 10.66
CA PHE A 104 2.49 13.75 11.06
C PHE A 104 1.74 13.29 12.30
N GLN A 105 1.94 14.00 13.41
CA GLN A 105 1.27 13.66 14.65
C GLN A 105 -0.24 13.58 14.41
N ASN A 106 -0.69 14.24 13.35
CA ASN A 106 -2.11 14.22 13.00
C ASN A 106 -2.49 12.85 12.44
N MET A 107 -1.63 12.32 11.58
CA MET A 107 -1.87 11.01 10.98
C MET A 107 -1.65 9.91 12.02
N ARG A 108 -0.62 10.08 12.84
CA ARG A 108 -0.30 9.10 13.86
C ARG A 108 -1.57 8.62 14.58
N GLN A 109 -2.25 9.54 15.24
CA GLN A 109 -3.46 9.19 15.97
C GLN A 109 -4.64 8.96 15.02
N VAL A 110 -4.98 9.98 14.24
CA VAL A 110 -6.09 9.86 13.32
C VAL A 110 -6.00 8.58 12.50
N ILE A 111 -4.78 8.15 12.18
CA ILE A 111 -4.59 6.94 11.39
C ILE A 111 -4.53 5.69 12.28
N GLN A 112 -3.65 5.71 13.27
CA GLN A 112 -3.52 4.56 14.16
C GLN A 112 -4.67 4.50 15.15
N GLN A 113 -5.04 5.65 15.69
CA GLN A 113 -6.16 5.71 16.64
C GLN A 113 -7.42 5.16 16.00
N ASN A 114 -7.78 5.73 14.85
CA ASN A 114 -8.96 5.30 14.12
C ASN A 114 -8.73 5.39 12.62
N PRO A 115 -8.17 4.36 12.04
CA PRO A 115 -7.87 4.31 10.58
C PRO A 115 -9.03 4.81 9.74
N ALA A 116 -10.18 4.98 10.36
CA ALA A 116 -11.37 5.45 9.66
C ALA A 116 -11.24 6.93 9.31
N LEU A 117 -10.42 7.64 10.07
CA LEU A 117 -10.21 9.06 9.82
C LEU A 117 -9.01 9.29 8.91
N LEU A 118 -8.27 8.23 8.62
CA LEU A 118 -7.11 8.32 7.76
C LEU A 118 -7.51 8.71 6.34
N PRO A 119 -8.37 7.92 5.73
CA PRO A 119 -8.87 8.18 4.36
C PRO A 119 -9.11 9.66 4.10
N ALA A 120 -9.63 10.36 5.10
CA ALA A 120 -9.91 11.79 4.97
C ALA A 120 -8.67 12.61 5.31
N LEU A 121 -7.93 12.15 6.30
CA LEU A 121 -6.73 12.85 6.72
C LEU A 121 -5.70 12.89 5.58
N LEU A 122 -5.30 11.71 5.12
CA LEU A 122 -4.33 11.62 4.04
C LEU A 122 -4.63 12.66 2.96
N GLN A 123 -5.90 12.87 2.69
CA GLN A 123 -6.32 13.83 1.68
C GLN A 123 -5.92 15.26 2.09
N GLN A 124 -5.98 15.51 3.40
CA GLN A 124 -5.63 16.83 3.91
C GLN A 124 -4.12 17.02 3.91
N LEU A 125 -3.38 15.93 4.10
CA LEU A 125 -1.92 16.01 4.12
C LEU A 125 -1.37 16.26 2.71
N GLY A 126 -2.00 15.63 1.72
CA GLY A 126 -1.57 15.80 0.34
C GLY A 126 -2.12 17.09 -0.25
N GLN A 127 -3.10 17.67 0.42
CA GLN A 127 -3.71 18.91 -0.05
C GLN A 127 -2.91 20.12 0.45
N GLU A 128 -2.57 20.10 1.73
CA GLU A 128 -1.81 21.20 2.33
C GLU A 128 -0.32 21.04 2.03
N ASN A 129 0.15 19.80 2.06
CA ASN A 129 1.56 19.52 1.80
C ASN A 129 1.71 18.38 0.80
N PRO A 130 1.56 18.68 -0.46
CA PRO A 130 1.68 17.67 -1.55
C PRO A 130 3.12 17.18 -1.73
N GLN A 131 4.06 17.90 -1.13
CA GLN A 131 5.47 17.53 -1.23
C GLN A 131 5.76 16.33 -0.34
N LEU A 132 5.05 16.23 0.77
CA LEU A 132 5.23 15.13 1.70
C LEU A 132 4.45 13.90 1.24
N LEU A 133 3.22 14.13 0.81
CA LEU A 133 2.37 13.03 0.34
C LEU A 133 3.14 12.14 -0.63
N GLN A 134 3.93 12.77 -1.50
CA GLN A 134 4.72 12.03 -2.47
C GLN A 134 5.80 11.21 -1.77
N GLN A 135 6.19 11.65 -0.58
CA GLN A 135 7.21 10.95 0.18
C GLN A 135 6.60 9.81 1.00
N ILE A 136 5.55 10.13 1.73
CA ILE A 136 4.87 9.13 2.56
C ILE A 136 4.63 7.85 1.76
N SER A 137 4.15 8.01 0.53
CA SER A 137 3.87 6.86 -0.32
C SER A 137 5.17 6.29 -0.91
N ARG A 138 6.20 7.12 -0.96
CA ARG A 138 7.48 6.70 -1.50
C ARG A 138 8.37 6.13 -0.40
N HIS A 139 8.00 6.40 0.84
CA HIS A 139 8.78 5.92 1.98
C HIS A 139 7.87 5.22 2.98
N GLN A 140 6.83 4.57 2.49
CA GLN A 140 5.90 3.86 3.35
C GLN A 140 6.64 3.24 4.53
N GLU A 141 7.52 2.29 4.23
CA GLU A 141 8.29 1.64 5.28
C GLU A 141 8.81 2.66 6.28
N GLN A 142 9.50 3.68 5.77
CA GLN A 142 10.02 4.74 6.63
C GLN A 142 8.87 5.51 7.27
N PHE A 143 7.71 5.45 6.63
CA PHE A 143 6.53 6.13 7.14
C PHE A 143 5.75 5.26 8.14
N ILE A 144 5.91 3.94 8.04
CA ILE A 144 5.17 3.03 8.92
C ILE A 144 5.83 2.85 10.29
N GLN A 145 7.03 2.29 10.33
CA GLN A 145 7.71 2.08 11.61
C GLN A 145 7.49 3.27 12.54
N MET A 146 7.35 4.45 11.96
CA MET A 146 7.13 5.65 12.76
C MET A 146 5.64 5.82 13.06
N LEU A 147 4.81 5.58 12.05
CA LEU A 147 3.37 5.69 12.22
C LEU A 147 2.83 4.48 12.97
N ASN A 148 3.69 3.48 13.15
CA ASN A 148 3.29 2.26 13.86
C ASN A 148 3.53 2.42 15.35
N GLU A 149 4.31 3.44 15.71
CA GLU A 149 4.60 3.70 17.12
C GLU A 149 3.90 4.98 17.56
N PRO A 150 3.08 4.91 18.57
CA PRO A 150 2.34 6.09 19.09
C PRO A 150 3.26 7.27 19.34
N PRO A 151 2.86 8.43 18.90
CA PRO A 151 3.67 9.68 19.06
C PRO A 151 4.02 9.95 20.53
N ILE A 177 -5.78 5.91 -11.61
CA ILE A 177 -7.00 5.28 -12.09
C ILE A 177 -6.82 4.82 -13.55
N GLN A 178 -6.64 5.78 -14.44
CA GLN A 178 -6.46 5.46 -15.86
C GLN A 178 -7.19 4.17 -16.20
N VAL A 179 -8.38 4.00 -15.63
CA VAL A 179 -9.17 2.81 -15.87
C VAL A 179 -10.19 3.04 -16.97
N THR A 180 -10.80 1.96 -17.43
CA THR A 180 -11.79 2.04 -18.48
C THR A 180 -12.89 1.00 -18.24
N PRO A 181 -13.97 1.10 -18.95
CA PRO A 181 -15.11 0.15 -18.80
C PRO A 181 -14.61 -1.28 -18.96
N GLN A 182 -13.40 -1.39 -19.48
CA GLN A 182 -12.77 -2.68 -19.70
C GLN A 182 -12.02 -3.15 -18.46
N GLU A 183 -11.13 -2.29 -17.95
CA GLU A 183 -10.33 -2.65 -16.77
C GLU A 183 -11.10 -2.38 -15.49
N LYS A 184 -11.60 -1.15 -15.35
CA LYS A 184 -12.35 -0.78 -14.15
C LYS A 184 -13.60 -1.64 -14.02
N GLU A 185 -14.09 -2.13 -15.15
CA GLU A 185 -15.28 -2.97 -15.16
C GLU A 185 -15.28 -3.90 -13.97
N ALA A 186 -14.21 -4.68 -13.86
CA ALA A 186 -14.07 -5.63 -12.76
C ALA A 186 -13.71 -4.89 -11.47
N ILE A 187 -13.15 -3.70 -11.62
CA ILE A 187 -12.77 -2.90 -10.46
C ILE A 187 -13.99 -2.52 -9.63
N GLU A 188 -14.90 -1.76 -10.25
CA GLU A 188 -16.11 -1.34 -9.56
C GLU A 188 -16.90 -2.55 -9.08
N ARG A 189 -16.60 -3.70 -9.65
CA ARG A 189 -17.28 -4.94 -9.28
C ARG A 189 -16.83 -5.40 -7.89
N LEU A 190 -15.63 -4.99 -7.51
CA LEU A 190 -15.09 -5.37 -6.21
C LEU A 190 -15.62 -4.44 -5.11
N LYS A 191 -15.68 -3.15 -5.40
CA LYS A 191 -16.17 -2.18 -4.44
C LYS A 191 -17.56 -2.58 -3.94
N ALA A 192 -18.29 -3.31 -4.77
CA ALA A 192 -19.63 -3.76 -4.39
C ALA A 192 -19.56 -4.83 -3.31
N LEU A 193 -18.38 -5.40 -3.13
CA LEU A 193 -18.19 -6.44 -2.12
C LEU A 193 -18.18 -5.83 -0.71
N GLY A 194 -18.53 -4.55 -0.63
CA GLY A 194 -18.55 -3.86 0.65
C GLY A 194 -17.38 -2.90 0.78
N PHE A 195 -16.85 -2.46 -0.36
CA PHE A 195 -15.72 -1.54 -0.35
C PHE A 195 -15.99 -0.37 -1.29
N PRO A 196 -15.51 0.79 -0.93
CA PRO A 196 -15.70 2.03 -1.75
C PRO A 196 -15.27 1.83 -3.20
N GLU A 197 -15.72 2.73 -4.07
CA GLU A 197 -15.38 2.64 -5.49
C GLU A 197 -13.90 2.93 -5.71
N SER A 198 -13.43 4.03 -5.13
CA SER A 198 -12.03 4.41 -5.28
C SER A 198 -11.14 3.53 -4.39
N LEU A 199 -11.73 2.99 -3.33
CA LEU A 199 -10.98 2.14 -2.42
C LEU A 199 -10.60 0.82 -3.10
N VAL A 200 -11.45 0.38 -4.03
CA VAL A 200 -11.19 -0.87 -4.74
C VAL A 200 -10.23 -0.63 -5.91
N ILE A 201 -10.23 0.59 -6.42
CA ILE A 201 -9.35 0.94 -7.53
C ILE A 201 -7.89 0.72 -7.16
N GLN A 202 -7.56 1.00 -5.90
CA GLN A 202 -6.19 0.83 -5.42
C GLN A 202 -5.84 -0.65 -5.32
N ALA A 203 -6.59 -1.37 -4.49
CA ALA A 203 -6.35 -2.80 -4.31
C ALA A 203 -6.26 -3.50 -5.66
N TYR A 204 -6.96 -2.96 -6.64
CA TYR A 204 -6.96 -3.55 -7.98
C TYR A 204 -5.66 -3.22 -8.71
N PHE A 205 -5.30 -1.95 -8.75
CA PHE A 205 -4.08 -1.52 -9.41
C PHE A 205 -2.86 -2.07 -8.68
N ALA A 206 -2.78 -1.79 -7.38
CA ALA A 206 -1.66 -2.25 -6.57
C ALA A 206 -1.45 -3.75 -6.74
N CYS A 207 -2.51 -4.45 -7.12
CA CYS A 207 -2.43 -5.89 -7.32
C CYS A 207 -2.21 -6.22 -8.80
N GLU A 208 -1.65 -5.26 -9.53
CA GLU A 208 -1.39 -5.45 -10.95
C GLU A 208 -2.70 -5.58 -11.73
N LYS A 209 -3.73 -4.87 -11.27
CA LYS A 209 -5.02 -4.91 -11.94
C LYS A 209 -5.62 -6.31 -11.87
N ASN A 210 -5.16 -7.09 -10.90
CA ASN A 210 -5.66 -8.45 -10.75
C ASN A 210 -6.90 -8.47 -9.86
N GLU A 211 -8.06 -8.65 -10.49
CA GLU A 211 -9.32 -8.68 -9.75
C GLU A 211 -9.32 -9.82 -8.75
N ASN A 212 -8.66 -10.92 -9.10
CA ASN A 212 -8.59 -12.08 -8.22
C ASN A 212 -7.68 -11.80 -7.04
N LEU A 213 -6.54 -11.14 -7.30
CA LEU A 213 -5.60 -10.82 -6.24
C LEU A 213 -6.18 -9.77 -5.30
N ALA A 214 -6.58 -8.63 -5.87
CA ALA A 214 -7.16 -7.55 -5.06
C ALA A 214 -8.29 -8.09 -4.19
N ALA A 215 -8.98 -9.11 -4.69
CA ALA A 215 -10.08 -9.70 -3.94
C ALA A 215 -9.57 -10.40 -2.68
N ASN A 216 -8.31 -10.80 -2.71
CA ASN A 216 -7.71 -11.48 -1.57
C ASN A 216 -7.20 -10.48 -0.55
N PHE A 217 -6.37 -9.54 -1.00
CA PHE A 217 -5.83 -8.52 -0.12
C PHE A 217 -6.95 -7.69 0.48
N LEU A 218 -7.97 -7.42 -0.32
CA LEU A 218 -9.10 -6.64 0.15
C LEU A 218 -9.94 -7.42 1.15
N LEU A 219 -9.99 -8.74 0.97
CA LEU A 219 -10.76 -9.60 1.86
C LEU A 219 -9.95 -9.94 3.12
N SER A 220 -8.63 -9.87 3.02
CA SER A 220 -7.76 -10.18 4.15
C SER A 220 -7.16 -8.90 4.74
N GLN A 221 -7.58 -7.76 4.23
CA GLN A 221 -7.07 -6.48 4.71
C GLN A 221 -7.63 -6.16 6.10
N ASN A 222 -7.54 -7.14 7.00
CA ASN A 222 -8.03 -6.97 8.37
C ASN A 222 -9.45 -7.52 8.50
N PHE A 223 -10.37 -6.68 8.96
CA PHE A 223 -11.77 -7.11 9.13
C PHE A 223 -11.84 -8.60 9.37
ZN ZN B . -0.77 -4.24 10.42
N GLU A 13 22.41 -2.51 -13.90
CA GLU A 13 21.93 -1.95 -12.64
C GLU A 13 22.09 -2.96 -11.50
N PRO A 14 22.32 -2.47 -10.31
CA PRO A 14 22.49 -3.34 -9.11
C PRO A 14 21.18 -3.99 -8.67
N TYR A 15 20.07 -3.52 -9.24
CA TYR A 15 18.76 -4.05 -8.90
C TYR A 15 18.70 -5.57 -9.09
N ASN A 16 19.81 -6.16 -9.53
CA ASN A 16 19.86 -7.59 -9.74
C ASN A 16 19.97 -8.32 -8.40
N GLU A 17 21.13 -8.24 -7.78
CA GLU A 17 21.35 -8.89 -6.49
C GLU A 17 20.94 -7.95 -5.35
N TRP A 18 21.03 -6.66 -5.63
CA TRP A 18 20.68 -5.66 -4.63
C TRP A 18 19.21 -5.74 -4.25
N THR A 19 18.34 -5.68 -5.24
CA THR A 19 16.90 -5.73 -5.00
C THR A 19 16.56 -6.80 -3.96
N LEU A 20 17.38 -7.85 -3.91
CA LEU A 20 17.14 -8.93 -2.96
C LEU A 20 17.54 -8.49 -1.54
N GLU A 21 18.59 -7.68 -1.46
CA GLU A 21 19.05 -7.19 -0.17
C GLU A 21 17.97 -6.37 0.52
N LEU A 22 17.38 -5.44 -0.23
CA LEU A 22 16.32 -4.58 0.32
C LEU A 22 14.98 -5.31 0.27
N LEU A 23 14.79 -6.14 -0.74
CA LEU A 23 13.55 -6.88 -0.90
C LEU A 23 13.28 -7.72 0.35
N GLU A 24 14.25 -8.54 0.73
CA GLU A 24 14.11 -9.40 1.90
C GLU A 24 13.61 -8.59 3.09
N GLU A 25 14.03 -7.33 3.17
CA GLU A 25 13.64 -6.46 4.27
C GLU A 25 12.24 -5.87 4.00
N LEU A 26 11.99 -5.52 2.74
CA LEU A 26 10.69 -4.96 2.37
C LEU A 26 9.57 -5.93 2.70
N LYS A 27 9.87 -7.22 2.66
CA LYS A 27 8.87 -8.25 2.96
C LYS A 27 8.71 -8.40 4.47
N SER A 28 9.81 -8.23 5.20
CA SER A 28 9.78 -8.35 6.65
C SER A 28 8.72 -7.43 7.24
N GLU A 29 8.60 -6.23 6.69
CA GLU A 29 7.62 -5.27 7.17
C GLU A 29 6.27 -5.49 6.50
N ALA A 30 6.30 -5.70 5.19
CA ALA A 30 5.06 -5.92 4.43
C ALA A 30 4.38 -7.20 4.91
N VAL A 31 5.09 -8.32 4.83
CA VAL A 31 4.53 -9.60 5.25
C VAL A 31 4.01 -9.51 6.68
N ARG A 32 4.78 -8.87 7.55
CA ARG A 32 4.39 -8.72 8.95
C ARG A 32 3.04 -7.99 9.04
N HIS A 33 2.76 -7.15 8.06
CA HIS A 33 1.51 -6.40 8.05
C HIS A 33 0.65 -6.80 6.85
N PHE A 34 1.08 -7.84 6.15
CA PHE A 34 0.35 -8.31 4.98
C PHE A 34 -0.19 -9.71 5.21
N PRO A 35 -1.35 -10.00 4.69
CA PRO A 35 -2.01 -11.33 4.83
C PRO A 35 -1.29 -12.41 4.03
N ARG A 36 -0.87 -13.48 4.70
CA ARG A 36 -0.18 -14.57 4.04
C ARG A 36 -0.86 -14.92 2.73
N ILE A 37 -2.15 -15.24 2.80
CA ILE A 37 -2.92 -15.59 1.60
C ILE A 37 -2.56 -14.66 0.46
N TRP A 38 -2.80 -13.37 0.66
CA TRP A 38 -2.50 -12.38 -0.38
C TRP A 38 -1.07 -12.53 -0.86
N LEU A 39 -0.14 -12.61 0.08
CA LEU A 39 1.27 -12.76 -0.26
C LEU A 39 1.48 -13.98 -1.16
N HIS A 40 0.57 -14.94 -1.05
CA HIS A 40 0.65 -16.16 -1.86
C HIS A 40 0.12 -15.91 -3.27
N ASN A 41 -0.90 -15.07 -3.38
CA ASN A 41 -1.49 -14.76 -4.68
C ASN A 41 -0.72 -13.63 -5.37
N LEU A 42 -0.15 -12.75 -4.55
CA LEU A 42 0.61 -11.62 -5.09
C LEU A 42 1.83 -12.13 -5.86
N GLY A 43 2.65 -12.93 -5.20
CA GLY A 43 3.84 -13.49 -5.82
C GLY A 43 3.46 -14.53 -6.86
N GLN A 44 2.26 -15.08 -6.71
CA GLN A 44 1.78 -16.10 -7.63
C GLN A 44 1.29 -15.47 -8.93
N HIS A 45 0.30 -14.59 -8.81
CA HIS A 45 -0.26 -13.92 -9.97
C HIS A 45 0.81 -13.09 -10.67
N ILE A 46 1.35 -12.10 -9.96
CA ILE A 46 2.38 -11.24 -10.52
C ILE A 46 3.50 -12.08 -11.10
N TYR A 47 3.64 -13.30 -10.62
CA TYR A 47 4.69 -14.20 -11.09
C TYR A 47 4.34 -14.71 -12.48
N GLU A 48 3.07 -14.99 -12.71
CA GLU A 48 2.62 -15.49 -14.01
C GLU A 48 2.44 -14.34 -14.99
N THR A 49 2.22 -13.15 -14.46
CA THR A 49 2.03 -11.96 -15.30
C THR A 49 3.31 -11.66 -16.08
N TYR A 50 4.39 -11.37 -15.35
CA TYR A 50 5.66 -11.06 -15.98
C TYR A 50 6.54 -12.31 -16.04
N GLY A 51 6.13 -13.34 -15.33
CA GLY A 51 6.91 -14.58 -15.30
C GLY A 51 8.05 -14.50 -14.30
N ASP A 52 9.28 -14.66 -14.78
CA ASP A 52 10.44 -14.59 -13.92
C ASP A 52 11.29 -13.37 -14.25
N THR A 53 10.94 -12.68 -15.33
CA THR A 53 11.67 -11.49 -15.75
C THR A 53 11.89 -10.55 -14.56
N TRP A 54 13.01 -9.85 -14.57
CA TRP A 54 13.32 -8.92 -13.49
C TRP A 54 12.19 -7.90 -13.33
N ALA A 55 11.45 -7.68 -14.40
CA ALA A 55 10.34 -6.72 -14.36
C ALA A 55 9.41 -7.03 -13.20
N GLY A 56 9.47 -8.26 -12.70
CA GLY A 56 8.62 -8.67 -11.59
C GLY A 56 9.20 -8.20 -10.26
N VAL A 57 10.42 -8.61 -9.97
CA VAL A 57 11.08 -8.22 -8.73
C VAL A 57 10.94 -6.72 -8.50
N GLU A 58 10.93 -5.95 -9.59
CA GLU A 58 10.80 -4.50 -9.49
C GLU A 58 9.34 -4.10 -9.28
N ALA A 59 8.44 -4.99 -9.67
CA ALA A 59 7.01 -4.72 -9.53
C ALA A 59 6.53 -5.09 -8.12
N ILE A 60 6.94 -6.27 -7.66
CA ILE A 60 6.55 -6.73 -6.34
C ILE A 60 7.06 -5.77 -5.26
N ILE A 61 8.27 -5.26 -5.47
CA ILE A 61 8.86 -4.33 -4.51
C ILE A 61 8.04 -3.04 -4.44
N ARG A 62 7.88 -2.39 -5.58
CA ARG A 62 7.11 -1.14 -5.63
C ARG A 62 5.67 -1.38 -5.22
N ILE A 63 5.18 -2.59 -5.47
CA ILE A 63 3.81 -2.94 -5.12
C ILE A 63 3.67 -3.13 -3.62
N LEU A 64 4.44 -4.06 -3.07
CA LEU A 64 4.39 -4.32 -1.63
C LEU A 64 4.42 -3.02 -0.84
N GLN A 65 5.34 -2.12 -1.21
CA GLN A 65 5.45 -0.85 -0.53
C GLN A 65 4.14 -0.08 -0.61
N GLN A 66 3.52 -0.09 -1.79
CA GLN A 66 2.25 0.61 -1.99
C GLN A 66 1.13 -0.10 -1.22
N LEU A 67 0.96 -1.38 -1.49
CA LEU A 67 -0.08 -2.16 -0.82
C LEU A 67 -0.06 -1.90 0.68
N LEU A 68 1.07 -1.41 1.18
CA LEU A 68 1.22 -1.13 2.59
C LEU A 68 0.37 0.08 3.00
N PHE A 69 0.44 1.14 2.19
CA PHE A 69 -0.33 2.34 2.47
C PHE A 69 -1.76 1.99 2.87
N ILE A 70 -2.41 1.15 2.07
CA ILE A 70 -3.77 0.74 2.35
C ILE A 70 -3.87 0.13 3.74
N HIS A 71 -2.78 -0.48 4.18
CA HIS A 71 -2.75 -1.10 5.50
C HIS A 71 -3.06 -0.07 6.59
N PHE A 72 -2.81 1.20 6.27
CA PHE A 72 -3.07 2.28 7.21
C PHE A 72 -4.53 2.72 7.16
N ARG A 73 -4.98 3.09 5.96
CA ARG A 73 -6.35 3.54 5.77
C ARG A 73 -7.33 2.62 6.51
N ILE A 74 -7.36 1.35 6.14
CA ILE A 74 -8.26 0.40 6.77
C ILE A 74 -7.91 0.24 8.25
N GLY A 75 -6.62 0.21 8.55
CA GLY A 75 -6.17 0.06 9.93
C GLY A 75 -5.37 -1.23 10.10
N CYS A 76 -4.27 -1.13 10.84
CA CYS A 76 -3.42 -2.30 11.07
C CYS A 76 -4.13 -3.30 11.98
N ARG A 77 -4.53 -4.43 11.40
CA ARG A 77 -5.22 -5.46 12.16
C ARG A 77 -4.29 -6.01 13.24
N HIS A 78 -2.99 -5.88 13.02
CA HIS A 78 -2.01 -6.37 13.98
C HIS A 78 -1.86 -5.38 15.14
N SER A 79 -1.38 -5.87 16.28
CA SER A 79 -1.18 -5.02 17.45
C SER A 79 -0.63 -5.83 18.61
N ASN A 93 14.99 10.21 4.85
CA ASN A 93 13.68 10.36 4.24
C ASN A 93 13.39 11.83 3.95
N PRO A 94 12.60 12.08 2.95
CA PRO A 94 12.22 13.47 2.54
C PRO A 94 11.13 14.05 3.43
N LEU A 95 10.68 13.27 4.41
CA LEU A 95 9.65 13.73 5.32
C LEU A 95 10.11 13.63 6.77
N GLU A 96 11.43 13.70 6.96
CA GLU A 96 12.00 13.63 8.29
C GLU A 96 11.53 14.80 9.15
N PHE A 97 11.07 15.85 8.49
CA PHE A 97 10.58 17.04 9.19
C PHE A 97 9.13 16.86 9.62
N LEU A 98 8.46 15.85 9.06
CA LEU A 98 7.07 15.59 9.39
C LEU A 98 6.88 15.54 10.91
N ARG A 99 7.91 15.09 11.61
CA ARG A 99 7.85 15.00 13.07
C ARG A 99 7.52 16.36 13.67
N ASP A 100 7.70 17.42 12.89
CA ASP A 100 7.42 18.77 13.37
C ASP A 100 6.12 19.29 12.77
N GLN A 101 5.38 18.41 12.11
CA GLN A 101 4.10 18.80 11.51
C GLN A 101 2.94 18.32 12.37
N PRO A 102 1.86 19.06 12.36
CA PRO A 102 0.65 18.72 13.15
C PRO A 102 -0.08 17.50 12.60
N GLN A 103 -0.22 17.45 11.29
CA GLN A 103 -0.89 16.34 10.64
C GLN A 103 -0.22 15.02 10.99
N PHE A 104 1.11 15.01 10.97
CA PHE A 104 1.85 13.79 11.29
C PHE A 104 1.66 13.43 12.76
N GLN A 105 1.73 14.44 13.63
CA GLN A 105 1.55 14.22 15.05
C GLN A 105 0.10 13.88 15.36
N ASN A 106 -0.81 14.43 14.56
CA ASN A 106 -2.23 14.19 14.74
C ASN A 106 -2.64 12.90 14.04
N MET A 107 -2.50 12.88 12.72
CA MET A 107 -2.86 11.70 11.94
C MET A 107 -2.22 10.46 12.54
N ARG A 108 -0.97 10.58 12.96
CA ARG A 108 -0.25 9.47 13.56
C ARG A 108 -0.88 9.07 14.88
N GLN A 109 -1.55 10.04 15.52
CA GLN A 109 -2.19 9.79 16.80
C GLN A 109 -3.59 9.19 16.58
N VAL A 110 -4.23 9.60 15.49
CA VAL A 110 -5.55 9.09 15.17
C VAL A 110 -5.46 7.89 14.24
N ILE A 111 -4.30 7.74 13.59
CA ILE A 111 -4.09 6.62 12.69
C ILE A 111 -3.72 5.35 13.46
N GLN A 112 -2.71 5.46 14.32
CA GLN A 112 -2.28 4.32 15.10
C GLN A 112 -3.37 3.88 16.08
N GLN A 113 -4.16 4.85 16.53
CA GLN A 113 -5.25 4.56 17.47
C GLN A 113 -6.49 4.07 16.72
N ASN A 114 -6.96 4.90 15.79
CA ASN A 114 -8.15 4.54 15.01
C ASN A 114 -7.96 4.93 13.54
N PRO A 115 -7.21 4.14 12.81
CA PRO A 115 -6.95 4.40 11.37
C PRO A 115 -8.23 4.79 10.62
N ALA A 116 -9.36 4.55 11.26
CA ALA A 116 -10.65 4.88 10.66
C ALA A 116 -10.74 6.36 10.36
N LEU A 117 -9.71 7.11 10.77
CA LEU A 117 -9.69 8.55 10.53
C LEU A 117 -8.64 8.91 9.50
N LEU A 118 -8.03 7.89 8.89
CA LEU A 118 -7.00 8.12 7.88
C LEU A 118 -7.63 8.49 6.53
N PRO A 119 -8.60 7.74 6.09
CA PRO A 119 -9.29 8.00 4.80
C PRO A 119 -9.55 9.48 4.58
N ALA A 120 -9.84 10.19 5.66
CA ALA A 120 -10.10 11.63 5.58
C ALA A 120 -8.80 12.42 5.62
N LEU A 121 -7.95 12.10 6.60
CA LEU A 121 -6.68 12.79 6.75
C LEU A 121 -5.84 12.63 5.49
N LEU A 122 -5.49 11.40 5.16
CA LEU A 122 -4.68 11.13 3.98
C LEU A 122 -5.17 11.97 2.80
N GLN A 123 -6.47 12.27 2.79
CA GLN A 123 -7.04 13.08 1.71
C GLN A 123 -6.66 14.54 1.89
N GLN A 124 -6.68 15.02 3.13
CA GLN A 124 -6.34 16.40 3.41
C GLN A 124 -4.83 16.61 3.28
N LEU A 125 -4.07 15.55 3.53
CA LEU A 125 -2.62 15.63 3.44
C LEU A 125 -2.18 15.80 1.99
N GLY A 126 -2.88 15.12 1.08
CA GLY A 126 -2.55 15.22 -0.34
C GLY A 126 -3.07 16.52 -0.93
N GLN A 127 -3.97 17.18 -0.20
CA GLN A 127 -4.54 18.44 -0.67
C GLN A 127 -3.63 19.61 -0.28
N GLU A 128 -3.30 19.70 0.99
CA GLU A 128 -2.43 20.78 1.48
C GLU A 128 -0.97 20.45 1.18
N ASN A 129 -0.62 19.18 1.31
CA ASN A 129 0.75 18.75 1.05
C ASN A 129 0.78 17.65 0.00
N PRO A 130 0.61 18.02 -1.24
CA PRO A 130 0.62 17.06 -2.39
C PRO A 130 2.01 16.50 -2.66
N GLN A 131 3.03 17.19 -2.15
CA GLN A 131 4.41 16.76 -2.36
C GLN A 131 4.74 15.60 -1.42
N LEU A 132 4.00 15.51 -0.31
CA LEU A 132 4.23 14.45 0.66
C LEU A 132 3.48 13.18 0.25
N LEU A 133 2.20 13.33 -0.06
CA LEU A 133 1.39 12.20 -0.46
C LEU A 133 2.14 11.33 -1.47
N GLN A 134 2.88 11.98 -2.36
CA GLN A 134 3.64 11.26 -3.38
C GLN A 134 4.83 10.55 -2.75
N GLN A 135 5.31 11.10 -1.63
CA GLN A 135 6.45 10.51 -0.94
C GLN A 135 5.98 9.40 0.00
N ILE A 136 4.93 9.67 0.76
CA ILE A 136 4.40 8.68 1.70
C ILE A 136 4.31 7.31 1.03
N SER A 137 3.97 7.30 -0.24
CA SER A 137 3.86 6.05 -0.99
C SER A 137 5.24 5.55 -1.41
N ARG A 138 6.20 6.46 -1.48
CA ARG A 138 7.55 6.10 -1.88
C ARG A 138 8.40 5.73 -0.66
N HIS A 139 8.02 6.26 0.50
CA HIS A 139 8.76 5.97 1.72
C HIS A 139 7.84 5.38 2.79
N GLN A 140 6.95 4.48 2.36
CA GLN A 140 6.03 3.84 3.30
C GLN A 140 6.77 3.35 4.53
N GLU A 141 7.68 2.40 4.32
CA GLU A 141 8.46 1.85 5.43
C GLU A 141 8.90 2.97 6.38
N GLN A 142 9.65 3.93 5.84
CA GLN A 142 10.12 5.05 6.65
C GLN A 142 8.93 5.80 7.22
N PHE A 143 7.78 5.69 6.55
CA PHE A 143 6.56 6.35 7.00
C PHE A 143 5.85 5.51 8.04
N ILE A 144 6.06 4.19 7.98
CA ILE A 144 5.42 3.29 8.93
C ILE A 144 6.25 3.20 10.20
N GLN A 145 7.53 2.87 10.05
CA GLN A 145 8.41 2.76 11.21
C GLN A 145 8.11 3.88 12.21
N MET A 146 7.75 5.05 11.69
CA MET A 146 7.43 6.19 12.54
C MET A 146 5.96 6.13 12.95
N LEU A 147 5.08 5.92 11.98
CA LEU A 147 3.65 5.83 12.25
C LEU A 147 3.34 4.56 13.03
N ASN A 148 4.34 3.71 13.18
CA ASN A 148 4.15 2.46 13.91
C ASN A 148 4.38 2.68 15.39
N GLU A 149 5.01 3.81 15.73
CA GLU A 149 5.27 4.15 17.13
C GLU A 149 4.64 5.49 17.47
N PRO A 150 4.23 5.67 18.69
CA PRO A 150 3.60 6.93 19.16
C PRO A 150 4.58 8.11 19.10
N PRO A 151 4.13 9.21 18.57
CA PRO A 151 4.97 10.44 18.45
C PRO A 151 5.12 11.17 19.78
N ILE A 177 -7.31 6.56 -13.26
CA ILE A 177 -7.37 6.72 -14.69
C ILE A 177 -6.75 5.54 -15.44
N GLN A 178 -5.60 5.07 -14.96
CA GLN A 178 -4.93 3.96 -15.64
C GLN A 178 -5.96 2.97 -16.16
N VAL A 179 -7.13 2.96 -15.54
CA VAL A 179 -8.21 2.08 -15.98
C VAL A 179 -9.14 2.82 -16.91
N THR A 180 -9.83 2.09 -17.76
CA THR A 180 -10.75 2.69 -18.70
C THR A 180 -12.13 2.08 -18.51
N PRO A 181 -13.12 2.57 -19.20
CA PRO A 181 -14.50 2.06 -19.09
C PRO A 181 -14.53 0.58 -19.41
N GLN A 182 -13.42 0.12 -19.98
CA GLN A 182 -13.26 -1.26 -20.36
C GLN A 182 -12.79 -2.10 -19.18
N GLU A 183 -11.70 -1.67 -18.54
CA GLU A 183 -11.15 -2.40 -17.40
C GLU A 183 -11.76 -1.89 -16.09
N LYS A 184 -11.75 -0.57 -15.90
CA LYS A 184 -12.28 0.02 -14.69
C LYS A 184 -13.57 -0.68 -14.26
N GLU A 185 -14.35 -1.12 -15.25
CA GLU A 185 -15.61 -1.81 -14.97
C GLU A 185 -15.43 -2.81 -13.84
N ALA A 186 -14.39 -3.64 -13.93
CA ALA A 186 -14.12 -4.64 -12.91
C ALA A 186 -13.82 -3.98 -11.57
N ILE A 187 -13.08 -2.88 -11.61
CA ILE A 187 -12.72 -2.17 -10.39
C ILE A 187 -13.92 -2.05 -9.45
N GLU A 188 -14.96 -1.36 -9.92
CA GLU A 188 -16.16 -1.17 -9.13
C GLU A 188 -16.74 -2.51 -8.69
N ARG A 189 -16.82 -3.45 -9.62
CA ARG A 189 -17.36 -4.76 -9.31
C ARG A 189 -16.82 -5.26 -7.98
N LEU A 190 -15.60 -4.83 -7.64
CA LEU A 190 -14.99 -5.23 -6.39
C LEU A 190 -15.47 -4.35 -5.24
N LYS A 191 -15.82 -3.10 -5.56
CA LYS A 191 -16.29 -2.17 -4.54
C LYS A 191 -17.65 -2.61 -4.00
N ALA A 192 -18.38 -3.39 -4.81
CA ALA A 192 -19.70 -3.86 -4.40
C ALA A 192 -19.59 -4.75 -3.16
N LEU A 193 -18.38 -5.21 -2.87
CA LEU A 193 -18.15 -6.07 -1.73
C LEU A 193 -18.32 -5.31 -0.43
N GLY A 194 -18.79 -4.07 -0.53
CA GLY A 194 -19.01 -3.23 0.64
C GLY A 194 -17.94 -2.15 0.74
N PHE A 195 -17.06 -2.11 -0.25
CA PHE A 195 -15.99 -1.11 -0.27
C PHE A 195 -16.23 -0.09 -1.39
N PRO A 196 -15.66 1.08 -1.25
CA PRO A 196 -15.81 2.16 -2.26
C PRO A 196 -15.07 1.84 -3.56
N GLU A 197 -15.51 2.46 -4.65
CA GLU A 197 -14.88 2.23 -5.95
C GLU A 197 -13.48 2.83 -5.97
N SER A 198 -13.26 3.83 -5.12
CA SER A 198 -11.96 4.48 -5.04
C SER A 198 -10.95 3.59 -4.32
N LEU A 199 -11.37 3.04 -3.19
CA LEU A 199 -10.49 2.17 -2.41
C LEU A 199 -10.09 0.95 -3.22
N VAL A 200 -10.88 0.63 -4.24
CA VAL A 200 -10.60 -0.52 -5.08
C VAL A 200 -9.53 -0.17 -6.12
N ILE A 201 -9.68 0.98 -6.75
CA ILE A 201 -8.72 1.43 -7.76
C ILE A 201 -7.30 1.33 -7.22
N GLN A 202 -7.16 1.45 -5.90
CA GLN A 202 -5.84 1.38 -5.28
C GLN A 202 -5.30 -0.05 -5.33
N ALA A 203 -6.09 -1.00 -4.85
CA ALA A 203 -5.68 -2.40 -4.85
C ALA A 203 -5.42 -2.87 -6.28
N TYR A 204 -6.38 -2.62 -7.17
CA TYR A 204 -6.25 -3.03 -8.55
C TYR A 204 -4.91 -2.56 -9.13
N PHE A 205 -4.60 -1.29 -8.93
CA PHE A 205 -3.35 -0.73 -9.43
C PHE A 205 -2.20 -1.07 -8.50
N ALA A 206 -2.51 -1.32 -7.23
CA ALA A 206 -1.49 -1.66 -6.25
C ALA A 206 -1.19 -3.16 -6.29
N CYS A 207 -2.09 -3.92 -6.91
CA CYS A 207 -1.92 -5.37 -7.01
C CYS A 207 -1.54 -5.77 -8.44
N GLU A 208 -1.26 -4.76 -9.27
CA GLU A 208 -0.89 -5.02 -10.66
C GLU A 208 -2.12 -5.38 -11.49
N LYS A 209 -3.09 -4.48 -11.50
CA LYS A 209 -4.32 -4.70 -12.26
C LYS A 209 -4.88 -6.10 -12.01
N ASN A 210 -4.35 -6.77 -10.99
CA ASN A 210 -4.81 -8.11 -10.66
C ASN A 210 -6.18 -8.06 -10.00
N GLU A 211 -7.22 -8.32 -10.79
CA GLU A 211 -8.58 -8.30 -10.27
C GLU A 211 -8.76 -9.41 -9.23
N ASN A 212 -7.95 -10.46 -9.34
CA ASN A 212 -8.01 -11.57 -8.42
C ASN A 212 -7.42 -11.17 -7.08
N LEU A 213 -6.32 -10.43 -7.13
CA LEU A 213 -5.66 -9.98 -5.90
C LEU A 213 -6.45 -8.85 -5.24
N ALA A 214 -6.93 -7.93 -6.06
CA ALA A 214 -7.69 -6.80 -5.56
C ALA A 214 -8.78 -7.28 -4.60
N ALA A 215 -9.53 -8.29 -5.02
CA ALA A 215 -10.60 -8.84 -4.20
C ALA A 215 -10.02 -9.46 -2.93
N ASN A 216 -9.18 -10.47 -3.10
CA ASN A 216 -8.56 -11.14 -1.97
C ASN A 216 -7.97 -10.12 -1.00
N PHE A 217 -7.06 -9.29 -1.51
CA PHE A 217 -6.43 -8.27 -0.68
C PHE A 217 -7.48 -7.48 0.09
N LEU A 218 -8.40 -6.85 -0.65
CA LEU A 218 -9.46 -6.06 -0.03
C LEU A 218 -10.08 -6.85 1.13
N LEU A 219 -10.23 -8.15 0.94
CA LEU A 219 -10.82 -9.00 1.96
C LEU A 219 -9.79 -9.39 3.01
N SER A 220 -8.51 -9.21 2.67
CA SER A 220 -7.43 -9.54 3.59
C SER A 220 -6.79 -8.28 4.16
N GLN A 221 -7.43 -7.14 3.93
CA GLN A 221 -6.92 -5.87 4.44
C GLN A 221 -6.84 -5.88 5.96
N ASN A 222 -7.94 -6.22 6.61
CA ASN A 222 -7.95 -6.26 8.07
C ASN A 222 -9.39 -6.13 8.61
N PHE A 223 -9.97 -4.94 8.44
CA PHE A 223 -11.33 -4.70 8.93
C PHE A 223 -11.49 -5.19 10.36
ZN ZN B . -0.42 -4.51 10.57
N GLU A 13 24.65 -6.36 -12.42
CA GLU A 13 23.75 -5.41 -11.80
C GLU A 13 23.27 -5.94 -10.45
N PRO A 14 23.45 -5.17 -9.41
CA PRO A 14 23.02 -5.56 -8.03
C PRO A 14 21.58 -6.04 -8.00
N TYR A 15 20.71 -5.36 -8.75
CA TYR A 15 19.30 -5.72 -8.81
C TYR A 15 19.11 -7.24 -8.85
N ASN A 16 20.18 -7.96 -9.15
CA ASN A 16 20.12 -9.40 -9.22
C ASN A 16 20.01 -9.99 -7.81
N GLU A 17 21.11 -9.96 -7.08
CA GLU A 17 21.12 -10.47 -5.71
C GLU A 17 20.72 -9.38 -4.72
N TRP A 18 21.01 -8.14 -5.10
CA TRP A 18 20.70 -7.00 -4.24
C TRP A 18 19.21 -6.85 -4.02
N THR A 19 18.46 -6.76 -5.11
CA THR A 19 17.01 -6.58 -5.01
C THR A 19 16.41 -7.48 -3.94
N LEU A 20 17.10 -8.59 -3.64
CA LEU A 20 16.62 -9.51 -2.63
C LEU A 20 16.98 -9.00 -1.23
N GLU A 21 18.17 -8.41 -1.12
CA GLU A 21 18.62 -7.88 0.17
C GLU A 21 17.65 -6.83 0.70
N LEU A 22 17.16 -5.97 -0.21
CA LEU A 22 16.22 -4.94 0.17
C LEU A 22 14.80 -5.48 0.26
N LEU A 23 14.48 -6.41 -0.64
CA LEU A 23 13.15 -7.01 -0.66
C LEU A 23 12.78 -7.54 0.72
N GLU A 24 13.72 -8.26 1.34
CA GLU A 24 13.49 -8.81 2.67
C GLU A 24 13.35 -7.70 3.71
N GLU A 25 14.27 -6.75 3.67
CA GLU A 25 14.25 -5.64 4.61
C GLU A 25 13.02 -4.76 4.37
N LEU A 26 12.54 -4.75 3.13
CA LEU A 26 11.38 -3.95 2.78
C LEU A 26 10.09 -4.68 3.14
N LYS A 27 9.96 -5.92 2.68
CA LYS A 27 8.78 -6.72 2.97
C LYS A 27 8.75 -7.13 4.44
N SER A 28 9.93 -7.33 5.01
CA SER A 28 10.03 -7.72 6.42
C SER A 28 9.06 -6.90 7.27
N GLU A 29 8.68 -5.73 6.77
CA GLU A 29 7.76 -4.86 7.50
C GLU A 29 6.32 -5.23 7.19
N ALA A 30 5.95 -5.19 5.92
CA ALA A 30 4.59 -5.50 5.50
C ALA A 30 4.33 -7.00 5.64
N VAL A 31 5.19 -7.80 5.02
CA VAL A 31 5.04 -9.25 5.07
C VAL A 31 4.74 -9.72 6.50
N ARG A 32 5.27 -9.00 7.48
CA ARG A 32 5.06 -9.36 8.87
C ARG A 32 3.58 -9.24 9.24
N HIS A 33 2.93 -8.18 8.76
CA HIS A 33 1.51 -7.98 9.04
C HIS A 33 0.71 -8.01 7.75
N PHE A 34 1.29 -8.60 6.71
CA PHE A 34 0.61 -8.70 5.41
C PHE A 34 -0.08 -10.05 5.28
N PRO A 35 -1.35 -10.05 4.99
CA PRO A 35 -2.14 -11.30 4.83
C PRO A 35 -1.37 -12.36 4.06
N ARG A 36 -1.20 -13.53 4.67
CA ARG A 36 -0.48 -14.62 4.03
C ARG A 36 -1.11 -14.96 2.67
N ILE A 37 -2.43 -14.86 2.61
CA ILE A 37 -3.15 -15.15 1.37
C ILE A 37 -2.61 -14.30 0.23
N TRP A 38 -2.71 -12.98 0.39
CA TRP A 38 -2.24 -12.07 -0.65
C TRP A 38 -0.77 -12.34 -0.98
N LEU A 39 0.09 -12.25 0.02
CA LEU A 39 1.51 -12.50 -0.18
C LEU A 39 1.71 -13.78 -0.99
N HIS A 40 0.73 -14.67 -0.93
CA HIS A 40 0.80 -15.92 -1.67
C HIS A 40 0.41 -15.71 -3.13
N ASN A 41 -0.59 -14.86 -3.34
CA ASN A 41 -1.06 -14.58 -4.70
C ASN A 41 -0.12 -13.60 -5.39
N LEU A 42 0.21 -12.51 -4.70
CA LEU A 42 1.09 -11.51 -5.27
C LEU A 42 2.22 -12.16 -6.06
N GLY A 43 2.85 -13.17 -5.46
CA GLY A 43 3.94 -13.88 -6.12
C GLY A 43 3.41 -14.80 -7.21
N GLN A 44 2.14 -15.17 -7.10
CA GLN A 44 1.52 -16.05 -8.08
C GLN A 44 1.08 -15.27 -9.31
N HIS A 45 0.36 -14.18 -9.08
CA HIS A 45 -0.12 -13.34 -10.18
C HIS A 45 1.04 -12.62 -10.86
N ILE A 46 1.79 -11.84 -10.08
CA ILE A 46 2.92 -11.11 -10.62
C ILE A 46 3.86 -12.06 -11.35
N TYR A 47 3.76 -13.35 -11.04
CA TYR A 47 4.61 -14.36 -11.68
C TYR A 47 4.04 -14.76 -13.03
N GLU A 48 2.71 -14.86 -13.11
CA GLU A 48 2.07 -15.23 -14.36
C GLU A 48 1.91 -14.02 -15.27
N THR A 49 1.75 -12.85 -14.67
CA THR A 49 1.60 -11.62 -15.44
C THR A 49 2.92 -11.19 -16.04
N TYR A 50 3.98 -11.21 -15.23
CA TYR A 50 5.30 -10.82 -15.71
C TYR A 50 6.11 -12.05 -16.09
N GLY A 51 5.75 -13.20 -15.55
CA GLY A 51 6.45 -14.44 -15.84
C GLY A 51 7.60 -14.66 -14.86
N ASP A 52 8.79 -14.94 -15.38
CA ASP A 52 9.95 -15.16 -14.55
C ASP A 52 10.94 -14.01 -14.67
N THR A 53 10.64 -13.07 -15.57
CA THR A 53 11.52 -11.93 -15.78
C THR A 53 11.95 -11.33 -14.45
N TRP A 54 13.09 -10.65 -14.46
CA TRP A 54 13.61 -10.03 -13.24
C TRP A 54 12.78 -8.81 -12.87
N ALA A 55 12.16 -8.18 -13.86
CA ALA A 55 11.34 -7.01 -13.62
C ALA A 55 10.22 -7.33 -12.64
N GLY A 56 9.62 -8.50 -12.80
CA GLY A 56 8.53 -8.92 -11.92
C GLY A 56 8.92 -8.75 -10.45
N VAL A 57 10.19 -9.03 -10.15
CA VAL A 57 10.68 -8.92 -8.78
C VAL A 57 10.92 -7.46 -8.42
N GLU A 58 11.12 -6.63 -9.44
CA GLU A 58 11.37 -5.21 -9.22
C GLU A 58 10.06 -4.48 -8.89
N ALA A 59 9.00 -4.82 -9.61
CA ALA A 59 7.71 -4.19 -9.39
C ALA A 59 7.15 -4.60 -8.03
N ILE A 60 7.11 -5.90 -7.77
CA ILE A 60 6.60 -6.41 -6.50
C ILE A 60 7.15 -5.58 -5.34
N ILE A 61 8.30 -4.96 -5.54
CA ILE A 61 8.92 -4.15 -4.51
C ILE A 61 8.17 -2.83 -4.34
N ARG A 62 8.05 -2.08 -5.43
CA ARG A 62 7.36 -0.80 -5.39
C ARG A 62 5.86 -1.00 -5.24
N ILE A 63 5.40 -2.23 -5.49
CA ILE A 63 3.98 -2.54 -5.36
C ILE A 63 3.57 -2.63 -3.90
N LEU A 64 4.43 -3.25 -3.09
CA LEU A 64 4.13 -3.39 -1.67
C LEU A 64 4.30 -2.07 -0.94
N GLN A 65 5.09 -1.17 -1.53
CA GLN A 65 5.32 0.14 -0.93
C GLN A 65 3.99 0.88 -0.73
N GLN A 66 3.21 0.98 -1.79
CA GLN A 66 1.92 1.67 -1.71
C GLN A 66 0.88 0.76 -1.08
N LEU A 67 0.93 -0.52 -1.40
CA LEU A 67 -0.02 -1.48 -0.85
C LEU A 67 -0.10 -1.35 0.66
N LEU A 68 1.00 -0.94 1.28
CA LEU A 68 1.04 -0.78 2.73
C LEU A 68 0.22 0.44 3.15
N PHE A 69 0.03 1.37 2.23
CA PHE A 69 -0.74 2.57 2.52
C PHE A 69 -2.23 2.27 2.56
N ILE A 70 -2.75 1.74 1.46
CA ILE A 70 -4.17 1.40 1.38
C ILE A 70 -4.58 0.57 2.60
N HIS A 71 -3.69 -0.32 3.02
CA HIS A 71 -3.96 -1.17 4.17
C HIS A 71 -3.94 -0.34 5.46
N PHE A 72 -3.25 0.78 5.41
CA PHE A 72 -3.15 1.67 6.57
C PHE A 72 -4.51 2.27 6.89
N ARG A 73 -5.04 3.03 5.93
CA ARG A 73 -6.34 3.68 6.12
C ARG A 73 -7.41 2.65 6.47
N ILE A 74 -7.27 1.45 5.95
CA ILE A 74 -8.24 0.38 6.21
C ILE A 74 -8.30 0.08 7.70
N GLY A 75 -7.14 0.03 8.35
CA GLY A 75 -7.08 -0.26 9.78
C GLY A 75 -6.23 -1.48 10.04
N CYS A 76 -4.98 -1.26 10.45
CA CYS A 76 -4.08 -2.36 10.74
C CYS A 76 -4.42 -3.02 12.07
N ARG A 77 -5.10 -4.16 11.99
CA ARG A 77 -5.48 -4.89 13.20
C ARG A 77 -4.34 -5.80 13.62
N HIS A 78 -3.25 -5.74 12.86
CA HIS A 78 -2.07 -6.56 13.14
C HIS A 78 -1.32 -6.01 14.36
N SER A 79 -0.57 -6.88 15.02
CA SER A 79 0.19 -6.48 16.20
C SER A 79 -0.73 -5.94 17.28
N ASN A 93 14.91 13.64 4.20
CA ASN A 93 13.77 12.91 3.66
C ASN A 93 12.54 13.81 3.61
N PRO A 94 11.93 13.92 2.45
CA PRO A 94 10.72 14.77 2.27
C PRO A 94 9.59 14.35 3.21
N LEU A 95 9.83 13.26 3.93
CA LEU A 95 8.85 12.74 4.86
C LEU A 95 9.40 12.79 6.29
N GLU A 96 10.67 13.17 6.41
CA GLU A 96 11.30 13.25 7.72
C GLU A 96 10.83 14.50 8.47
N PHE A 97 10.88 15.64 7.79
CA PHE A 97 10.45 16.90 8.40
C PHE A 97 8.99 16.82 8.82
N LEU A 98 8.32 15.73 8.45
CA LEU A 98 6.92 15.55 8.79
C LEU A 98 6.71 15.70 10.30
N ARG A 99 7.66 15.21 11.08
CA ARG A 99 7.56 15.31 12.53
C ARG A 99 7.23 16.73 12.95
N ASP A 100 7.79 17.70 12.23
CA ASP A 100 7.55 19.10 12.54
C ASP A 100 6.23 19.56 11.93
N GLN A 101 5.39 18.61 11.55
CA GLN A 101 4.09 18.93 10.96
C GLN A 101 2.97 18.38 11.83
N PRO A 102 1.85 19.05 11.87
CA PRO A 102 0.68 18.62 12.66
C PRO A 102 0.02 17.38 12.08
N GLN A 103 -0.08 17.34 10.76
CA GLN A 103 -0.69 16.19 10.09
C GLN A 103 -0.04 14.89 10.54
N PHE A 104 1.28 14.88 10.65
CA PHE A 104 1.99 13.68 11.09
C PHE A 104 1.71 13.39 12.56
N GLN A 105 2.09 14.33 13.42
CA GLN A 105 1.88 14.17 14.86
C GLN A 105 0.39 13.97 15.15
N ASN A 106 -0.45 14.50 14.28
CA ASN A 106 -1.89 14.38 14.46
C ASN A 106 -2.39 13.06 13.90
N MET A 107 -2.23 12.88 12.59
CA MET A 107 -2.67 11.64 11.94
C MET A 107 -2.05 10.43 12.63
N ARG A 108 -0.81 10.57 13.08
CA ARG A 108 -0.13 9.49 13.76
C ARG A 108 -0.81 9.14 15.08
N GLN A 109 -1.48 10.13 15.66
CA GLN A 109 -2.17 9.92 16.93
C GLN A 109 -3.56 9.32 16.70
N VAL A 110 -4.17 9.70 15.59
CA VAL A 110 -5.50 9.20 15.25
C VAL A 110 -5.40 7.96 14.36
N ILE A 111 -4.25 7.79 13.73
CA ILE A 111 -4.04 6.64 12.85
C ILE A 111 -3.70 5.40 13.67
N GLN A 112 -2.71 5.51 14.54
CA GLN A 112 -2.31 4.38 15.37
C GLN A 112 -3.48 3.92 16.25
N GLN A 113 -4.25 4.88 16.73
CA GLN A 113 -5.41 4.56 17.57
C GLN A 113 -6.52 3.94 16.72
N ASN A 114 -6.79 4.56 15.58
CA ASN A 114 -7.83 4.07 14.68
C ASN A 114 -7.59 4.60 13.26
N PRO A 115 -6.84 3.87 12.49
CA PRO A 115 -6.52 4.27 11.08
C PRO A 115 -7.78 4.66 10.31
N ALA A 116 -8.94 4.36 10.89
CA ALA A 116 -10.21 4.68 10.24
C ALA A 116 -10.30 6.18 9.99
N LEU A 117 -9.34 6.93 10.54
CA LEU A 117 -9.32 8.37 10.38
C LEU A 117 -8.28 8.77 9.33
N LEU A 118 -7.69 7.77 8.69
CA LEU A 118 -6.67 8.03 7.67
C LEU A 118 -7.32 8.50 6.37
N PRO A 119 -8.25 7.73 5.86
CA PRO A 119 -8.96 8.07 4.60
C PRO A 119 -9.29 9.56 4.51
N ALA A 120 -9.74 10.13 5.62
CA ALA A 120 -10.10 11.54 5.65
C ALA A 120 -8.86 12.40 5.93
N LEU A 121 -7.84 11.78 6.50
CA LEU A 121 -6.60 12.49 6.82
C LEU A 121 -5.71 12.58 5.58
N LEU A 122 -5.28 11.42 5.09
CA LEU A 122 -4.42 11.39 3.91
C LEU A 122 -5.05 12.15 2.75
N GLN A 123 -6.37 12.26 2.78
CA GLN A 123 -7.09 12.97 1.74
C GLN A 123 -6.82 14.47 1.81
N GLN A 124 -7.12 15.07 2.95
CA GLN A 124 -6.90 16.49 3.14
C GLN A 124 -5.41 16.79 3.26
N LEU A 125 -4.64 15.77 3.61
CA LEU A 125 -3.19 15.93 3.77
C LEU A 125 -2.57 16.42 2.46
N GLY A 126 -2.98 15.81 1.35
CA GLY A 126 -2.46 16.18 0.04
C GLY A 126 -3.01 17.53 -0.40
N GLN A 127 -4.07 17.97 0.27
CA GLN A 127 -4.68 19.25 -0.06
C GLN A 127 -3.76 20.40 0.31
N GLU A 128 -3.01 20.23 1.39
CA GLU A 128 -2.09 21.27 1.84
C GLU A 128 -0.66 20.90 1.47
N ASN A 129 -0.45 19.63 1.11
CA ASN A 129 0.88 19.17 0.73
C ASN A 129 0.78 17.91 -0.12
N PRO A 130 0.55 18.07 -1.40
CA PRO A 130 0.42 16.92 -2.35
C PRO A 130 1.77 16.24 -2.61
N GLN A 131 2.83 17.02 -2.59
CA GLN A 131 4.17 16.48 -2.82
C GLN A 131 4.46 15.34 -1.85
N LEU A 132 3.85 15.40 -0.67
CA LEU A 132 4.06 14.38 0.34
C LEU A 132 3.20 13.15 0.05
N LEU A 133 2.00 13.39 -0.48
CA LEU A 133 1.09 12.30 -0.80
C LEU A 133 1.85 11.15 -1.48
N GLN A 134 2.82 11.50 -2.31
CA GLN A 134 3.60 10.49 -3.01
C GLN A 134 4.75 10.00 -2.14
N GLN A 135 5.09 10.79 -1.12
CA GLN A 135 6.18 10.43 -0.21
C GLN A 135 5.66 9.52 0.90
N ILE A 136 4.36 9.56 1.14
CA ILE A 136 3.75 8.73 2.17
C ILE A 136 3.48 7.33 1.65
N SER A 137 2.89 7.25 0.46
CA SER A 137 2.57 5.96 -0.15
C SER A 137 3.84 5.28 -0.65
N ARG A 138 4.80 6.08 -1.11
CA ARG A 138 6.05 5.55 -1.61
C ARG A 138 7.00 5.21 -0.47
N HIS A 139 6.84 5.91 0.65
CA HIS A 139 7.68 5.68 1.82
C HIS A 139 6.87 5.11 2.98
N GLN A 140 5.97 4.19 2.66
CA GLN A 140 5.13 3.59 3.70
C GLN A 140 5.99 3.07 4.85
N GLU A 141 6.84 2.09 4.56
CA GLU A 141 7.71 1.54 5.58
C GLU A 141 8.28 2.65 6.46
N GLN A 142 9.04 3.54 5.83
CA GLN A 142 9.63 4.67 6.56
C GLN A 142 8.54 5.51 7.21
N PHE A 143 7.33 5.40 6.66
CA PHE A 143 6.19 6.15 7.18
C PHE A 143 5.55 5.40 8.35
N ILE A 144 5.71 4.08 8.33
CA ILE A 144 5.14 3.23 9.39
C ILE A 144 6.07 3.18 10.59
N GLN A 145 7.36 3.00 10.32
CA GLN A 145 8.35 2.93 11.39
C GLN A 145 8.01 3.93 12.50
N MET A 146 7.68 5.14 12.10
CA MET A 146 7.32 6.18 13.06
C MET A 146 5.85 6.07 13.44
N LEU A 147 5.00 5.85 12.44
CA LEU A 147 3.58 5.72 12.67
C LEU A 147 3.30 4.48 13.53
N ASN A 148 4.32 3.65 13.68
CA ASN A 148 4.20 2.44 14.49
C ASN A 148 4.99 2.59 15.78
N GLU A 149 5.90 3.55 15.79
CA GLU A 149 6.72 3.80 16.97
C GLU A 149 6.49 5.22 17.49
N PRO A 150 7.00 5.53 18.64
CA PRO A 150 6.86 6.87 19.25
C PRO A 150 7.34 7.99 18.31
N PRO A 151 6.57 9.03 18.18
CA PRO A 151 6.92 10.17 17.29
C PRO A 151 8.03 11.04 17.87
N ILE A 177 -7.01 6.63 -10.79
CA ILE A 177 -7.96 6.62 -11.89
C ILE A 177 -7.29 6.36 -13.23
N GLN A 178 -6.16 5.67 -13.21
CA GLN A 178 -5.45 5.35 -14.44
C GLN A 178 -6.17 4.22 -15.18
N VAL A 179 -7.44 4.01 -14.82
CA VAL A 179 -8.23 2.96 -15.43
C VAL A 179 -9.06 3.51 -16.57
N THR A 180 -9.81 2.63 -17.21
CA THR A 180 -10.65 3.01 -18.33
C THR A 180 -12.00 2.32 -18.24
N PRO A 181 -12.86 2.54 -19.21
CA PRO A 181 -14.22 1.93 -19.24
C PRO A 181 -14.15 0.42 -19.36
N GLN A 182 -12.98 -0.09 -19.75
CA GLN A 182 -12.79 -1.52 -19.91
C GLN A 182 -12.37 -2.14 -18.58
N GLU A 183 -11.52 -1.45 -17.84
CA GLU A 183 -11.06 -1.95 -16.55
C GLU A 183 -12.01 -1.51 -15.44
N LYS A 184 -12.40 -0.23 -15.48
CA LYS A 184 -13.31 0.31 -14.48
C LYS A 184 -14.38 -0.70 -14.13
N GLU A 185 -15.21 -1.03 -15.11
CA GLU A 185 -16.29 -1.98 -14.89
C GLU A 185 -15.82 -3.12 -13.99
N ALA A 186 -14.57 -3.54 -14.17
CA ALA A 186 -14.01 -4.61 -13.36
C ALA A 186 -13.60 -4.09 -11.99
N ILE A 187 -13.11 -2.85 -11.95
CA ILE A 187 -12.69 -2.25 -10.68
C ILE A 187 -13.85 -2.22 -9.70
N GLU A 188 -14.91 -1.50 -10.06
CA GLU A 188 -16.07 -1.41 -9.19
C GLU A 188 -16.44 -2.78 -8.62
N ARG A 189 -16.25 -3.81 -9.44
CA ARG A 189 -16.55 -5.16 -9.00
C ARG A 189 -15.98 -5.40 -7.61
N LEU A 190 -14.66 -5.35 -7.49
CA LEU A 190 -14.02 -5.55 -6.20
C LEU A 190 -14.73 -4.71 -5.15
N LYS A 191 -15.44 -3.69 -5.61
CA LYS A 191 -16.18 -2.81 -4.71
C LYS A 191 -17.46 -3.49 -4.25
N ALA A 192 -18.06 -4.28 -5.13
CA ALA A 192 -19.30 -4.98 -4.80
C ALA A 192 -19.07 -5.93 -3.63
N LEU A 193 -17.81 -6.20 -3.34
CA LEU A 193 -17.47 -7.10 -2.24
C LEU A 193 -17.73 -6.42 -0.89
N GLY A 194 -17.98 -5.12 -0.94
CA GLY A 194 -18.24 -4.36 0.29
C GLY A 194 -17.04 -3.48 0.65
N PHE A 195 -16.62 -2.64 -0.29
CA PHE A 195 -15.49 -1.75 -0.05
C PHE A 195 -15.71 -0.41 -0.74
N PRO A 196 -15.06 0.62 -0.26
CA PRO A 196 -15.19 1.98 -0.84
C PRO A 196 -14.78 2.02 -2.31
N GLU A 197 -15.28 3.02 -3.03
CA GLU A 197 -14.96 3.16 -4.46
C GLU A 197 -13.49 3.53 -4.64
N SER A 198 -13.10 4.67 -4.08
CA SER A 198 -11.71 5.11 -4.19
C SER A 198 -10.75 4.03 -3.74
N LEU A 199 -11.27 3.06 -2.98
CA LEU A 199 -10.44 1.97 -2.49
C LEU A 199 -10.19 0.94 -3.60
N VAL A 200 -11.15 0.81 -4.51
CA VAL A 200 -11.00 -0.13 -5.61
C VAL A 200 -9.98 0.37 -6.62
N ILE A 201 -10.16 1.59 -7.09
CA ILE A 201 -9.25 2.17 -8.06
C ILE A 201 -7.82 2.13 -7.53
N GLN A 202 -7.67 2.24 -6.22
CA GLN A 202 -6.35 2.21 -5.60
C GLN A 202 -5.84 0.78 -5.50
N ALA A 203 -6.60 -0.07 -4.82
CA ALA A 203 -6.22 -1.47 -4.66
C ALA A 203 -6.00 -2.13 -6.03
N TYR A 204 -6.95 -1.91 -6.93
CA TYR A 204 -6.85 -2.49 -8.26
C TYR A 204 -5.47 -2.21 -8.87
N PHE A 205 -5.12 -0.94 -8.97
CA PHE A 205 -3.83 -0.55 -9.53
C PHE A 205 -2.69 -0.99 -8.62
N ALA A 206 -2.99 -1.11 -7.33
CA ALA A 206 -1.99 -1.52 -6.36
C ALA A 206 -1.67 -3.01 -6.51
N CYS A 207 -2.57 -3.74 -7.16
CA CYS A 207 -2.37 -5.16 -7.38
C CYS A 207 -1.95 -5.44 -8.82
N GLU A 208 -1.50 -4.39 -9.51
CA GLU A 208 -1.06 -4.54 -10.90
C GLU A 208 -2.27 -4.68 -11.82
N LYS A 209 -3.40 -4.10 -11.41
CA LYS A 209 -4.62 -4.17 -12.21
C LYS A 209 -5.17 -5.60 -12.23
N ASN A 210 -4.67 -6.43 -11.32
CA ASN A 210 -5.13 -7.81 -11.25
C ASN A 210 -6.31 -7.94 -10.29
N GLU A 211 -7.51 -7.76 -10.83
CA GLU A 211 -8.71 -7.84 -10.01
C GLU A 211 -8.65 -9.06 -9.10
N ASN A 212 -8.01 -10.12 -9.58
CA ASN A 212 -7.89 -11.35 -8.80
C ASN A 212 -7.01 -11.11 -7.57
N LEU A 213 -5.94 -10.33 -7.75
CA LEU A 213 -5.04 -10.04 -6.65
C LEU A 213 -5.62 -8.93 -5.77
N ALA A 214 -5.94 -7.79 -6.39
CA ALA A 214 -6.49 -6.66 -5.66
C ALA A 214 -7.63 -7.13 -4.76
N ALA A 215 -8.31 -8.19 -5.16
CA ALA A 215 -9.43 -8.73 -4.39
C ALA A 215 -8.91 -9.59 -3.25
N ASN A 216 -7.70 -10.13 -3.40
CA ASN A 216 -7.11 -10.97 -2.37
C ASN A 216 -6.63 -10.13 -1.20
N PHE A 217 -5.78 -9.15 -1.48
CA PHE A 217 -5.26 -8.27 -0.43
C PHE A 217 -6.37 -7.41 0.15
N LEU A 218 -7.24 -6.92 -0.72
CA LEU A 218 -8.36 -6.09 -0.28
C LEU A 218 -9.37 -6.91 0.50
N LEU A 219 -9.41 -8.21 0.21
CA LEU A 219 -10.35 -9.10 0.88
C LEU A 219 -9.78 -9.57 2.23
N SER A 220 -8.47 -9.65 2.33
CA SER A 220 -7.83 -10.10 3.56
C SER A 220 -7.17 -8.94 4.31
N GLN A 221 -7.39 -7.72 3.82
CA GLN A 221 -6.81 -6.54 4.45
C GLN A 221 -7.52 -6.24 5.78
N ASN A 222 -7.69 -7.27 6.61
CA ASN A 222 -8.35 -7.11 7.90
C ASN A 222 -9.84 -7.40 7.79
N PHE A 223 -10.67 -6.44 8.17
CA PHE A 223 -12.11 -6.63 8.11
C PHE A 223 -12.47 -8.10 8.23
ZN ZN B . -1.32 -4.49 9.20
N GLU A 13 23.24 -2.26 -12.29
CA GLU A 13 22.60 -3.55 -12.07
C GLU A 13 22.46 -3.83 -10.58
N PRO A 14 22.04 -2.86 -9.82
CA PRO A 14 21.86 -2.99 -8.35
C PRO A 14 20.67 -3.87 -7.99
N TYR A 15 19.49 -3.49 -8.45
CA TYR A 15 18.28 -4.25 -8.18
C TYR A 15 18.56 -5.75 -8.24
N ASN A 16 19.54 -6.13 -9.05
CA ASN A 16 19.89 -7.53 -9.20
C ASN A 16 20.11 -8.18 -7.83
N GLU A 17 21.24 -7.85 -7.21
CA GLU A 17 21.56 -8.40 -5.89
C GLU A 17 20.96 -7.53 -4.80
N TRP A 18 20.66 -6.28 -5.17
CA TRP A 18 20.10 -5.33 -4.22
C TRP A 18 18.61 -5.55 -4.02
N THR A 19 17.85 -5.43 -5.09
CA THR A 19 16.40 -5.60 -5.01
C THR A 19 16.06 -6.87 -4.23
N LEU A 20 16.94 -7.86 -4.29
CA LEU A 20 16.73 -9.12 -3.59
C LEU A 20 16.94 -8.94 -2.10
N GLU A 21 17.98 -8.19 -1.73
CA GLU A 21 18.26 -7.95 -0.32
C GLU A 21 17.19 -7.09 0.32
N LEU A 22 16.47 -6.33 -0.51
CA LEU A 22 15.41 -5.46 -0.01
C LEU A 22 14.12 -6.26 0.16
N LEU A 23 13.77 -7.06 -0.83
CA LEU A 23 12.56 -7.87 -0.78
C LEU A 23 12.47 -8.59 0.55
N GLU A 24 13.45 -9.44 0.84
CA GLU A 24 13.47 -10.19 2.09
C GLU A 24 13.00 -9.31 3.24
N GLU A 25 13.52 -8.10 3.32
CA GLU A 25 13.14 -7.17 4.38
C GLU A 25 11.81 -6.48 4.05
N LEU A 26 11.49 -6.43 2.76
CA LEU A 26 10.25 -5.80 2.33
C LEU A 26 9.04 -6.57 2.85
N LYS A 27 9.19 -7.88 2.97
CA LYS A 27 8.11 -8.73 3.46
C LYS A 27 8.05 -8.69 4.99
N SER A 28 9.22 -8.63 5.61
CA SER A 28 9.29 -8.59 7.07
C SER A 28 8.24 -7.65 7.63
N GLU A 29 8.12 -6.47 7.04
CA GLU A 29 7.15 -5.48 7.49
C GLU A 29 5.80 -5.72 6.82
N ALA A 30 5.82 -5.92 5.50
CA ALA A 30 4.59 -6.16 4.75
C ALA A 30 3.94 -7.47 5.19
N VAL A 31 4.67 -8.57 5.03
CA VAL A 31 4.15 -9.88 5.42
C VAL A 31 3.54 -9.81 6.82
N ARG A 32 4.08 -8.95 7.66
CA ARG A 32 3.57 -8.80 9.02
C ARG A 32 2.33 -7.93 9.04
N HIS A 33 2.20 -7.05 8.04
CA HIS A 33 1.05 -6.16 7.95
C HIS A 33 0.17 -6.54 6.75
N PHE A 34 0.28 -7.79 6.32
CA PHE A 34 -0.50 -8.27 5.19
C PHE A 34 -0.80 -9.76 5.33
N PRO A 35 -1.81 -10.23 4.67
CA PRO A 35 -2.21 -11.67 4.72
C PRO A 35 -1.26 -12.54 3.92
N ARG A 36 -0.78 -13.61 4.54
CA ARG A 36 0.15 -14.53 3.87
C ARG A 36 -0.36 -14.86 2.47
N ILE A 37 -1.62 -15.28 2.38
CA ILE A 37 -2.21 -15.63 1.10
C ILE A 37 -1.89 -14.57 0.05
N TRP A 38 -2.33 -13.35 0.31
CA TRP A 38 -2.10 -12.25 -0.61
C TRP A 38 -0.62 -12.14 -0.94
N LEU A 39 0.20 -11.95 0.09
CA LEU A 39 1.64 -11.83 -0.11
C LEU A 39 2.16 -13.02 -0.91
N HIS A 40 1.43 -14.12 -0.85
CA HIS A 40 1.81 -15.33 -1.57
C HIS A 40 1.29 -15.28 -3.01
N ASN A 41 0.07 -14.77 -3.17
CA ASN A 41 -0.53 -14.67 -4.49
C ASN A 41 0.05 -13.48 -5.25
N LEU A 42 0.58 -12.51 -4.52
CA LEU A 42 1.17 -11.33 -5.14
C LEU A 42 2.34 -11.72 -6.04
N GLY A 43 3.26 -12.48 -5.50
CA GLY A 43 4.43 -12.93 -6.25
C GLY A 43 4.04 -14.00 -7.26
N GLN A 44 2.91 -14.66 -7.00
CA GLN A 44 2.43 -15.70 -7.90
C GLN A 44 1.75 -15.10 -9.12
N HIS A 45 0.75 -14.27 -8.88
CA HIS A 45 0.02 -13.62 -9.96
C HIS A 45 0.93 -12.69 -10.74
N ILE A 46 1.54 -11.74 -10.03
CA ILE A 46 2.44 -10.77 -10.67
C ILE A 46 3.56 -11.50 -11.41
N TYR A 47 3.80 -12.75 -11.03
CA TYR A 47 4.84 -13.54 -11.67
C TYR A 47 4.32 -14.18 -12.96
N GLU A 48 3.04 -14.58 -12.94
CA GLU A 48 2.43 -15.19 -14.10
C GLU A 48 1.97 -14.13 -15.09
N THR A 49 1.68 -12.94 -14.57
CA THR A 49 1.22 -11.84 -15.43
C THR A 49 2.41 -11.19 -16.13
N TYR A 50 3.54 -11.12 -15.45
CA TYR A 50 4.74 -10.53 -16.03
C TYR A 50 5.75 -11.60 -16.41
N GLY A 51 5.67 -12.75 -15.74
CA GLY A 51 6.58 -13.85 -16.02
C GLY A 51 7.79 -13.82 -15.08
N ASP A 52 8.96 -14.08 -15.63
CA ASP A 52 10.19 -14.08 -14.83
C ASP A 52 10.99 -12.81 -15.09
N THR A 53 10.57 -12.04 -16.09
CA THR A 53 11.26 -10.81 -16.43
C THR A 53 11.58 -10.00 -15.18
N TRP A 54 12.74 -9.35 -15.17
CA TRP A 54 13.15 -8.55 -14.03
C TRP A 54 12.10 -7.49 -13.70
N ALA A 55 11.27 -7.16 -14.69
CA ALA A 55 10.22 -6.17 -14.49
C ALA A 55 9.17 -6.69 -13.53
N GLY A 56 9.14 -8.02 -13.34
CA GLY A 56 8.18 -8.63 -12.44
C GLY A 56 8.59 -8.42 -10.98
N VAL A 57 9.89 -8.53 -10.72
CA VAL A 57 10.40 -8.35 -9.37
C VAL A 57 10.50 -6.87 -9.02
N GLU A 58 10.68 -6.05 -10.04
CA GLU A 58 10.79 -4.60 -9.83
C GLU A 58 9.43 -3.99 -9.56
N ALA A 59 8.39 -4.57 -10.17
CA ALA A 59 7.03 -4.07 -9.99
C ALA A 59 6.47 -4.51 -8.64
N ILE A 60 6.51 -5.82 -8.41
CA ILE A 60 6.00 -6.37 -7.15
C ILE A 60 6.54 -5.59 -5.96
N ILE A 61 7.86 -5.38 -5.94
CA ILE A 61 8.49 -4.64 -4.86
C ILE A 61 7.82 -3.28 -4.68
N ARG A 62 7.91 -2.44 -5.70
CA ARG A 62 7.31 -1.11 -5.63
C ARG A 62 5.80 -1.22 -5.44
N ILE A 63 5.26 -2.40 -5.70
CA ILE A 63 3.82 -2.61 -5.54
C ILE A 63 3.46 -2.86 -4.08
N LEU A 64 4.37 -3.52 -3.37
CA LEU A 64 4.14 -3.82 -1.96
C LEU A 64 4.06 -2.53 -1.14
N GLN A 65 5.08 -1.69 -1.28
CA GLN A 65 5.12 -0.43 -0.56
C GLN A 65 3.80 0.33 -0.73
N GLN A 66 3.47 0.65 -1.97
CA GLN A 66 2.23 1.38 -2.25
C GLN A 66 1.05 0.70 -1.57
N LEU A 67 1.18 -0.60 -1.33
CA LEU A 67 0.10 -1.36 -0.70
C LEU A 67 0.10 -1.09 0.81
N LEU A 68 1.28 -1.11 1.42
CA LEU A 68 1.39 -0.87 2.86
C LEU A 68 0.53 0.32 3.27
N PHE A 69 0.30 1.23 2.33
CA PHE A 69 -0.51 2.41 2.61
C PHE A 69 -1.94 2.01 2.97
N ILE A 70 -2.61 1.31 2.05
CA ILE A 70 -3.98 0.88 2.29
C ILE A 70 -4.08 0.18 3.64
N HIS A 71 -3.04 -0.55 4.02
CA HIS A 71 -3.03 -1.26 5.29
C HIS A 71 -3.35 -0.30 6.43
N PHE A 72 -3.10 0.99 6.20
CA PHE A 72 -3.36 2.00 7.22
C PHE A 72 -4.83 2.41 7.20
N ARG A 73 -5.28 2.91 6.06
CA ARG A 73 -6.66 3.35 5.92
C ARG A 73 -7.62 2.32 6.55
N ILE A 74 -7.59 1.11 6.03
CA ILE A 74 -8.46 0.05 6.53
C ILE A 74 -8.24 -0.13 8.03
N GLY A 75 -6.98 -0.11 8.46
CA GLY A 75 -6.65 -0.28 9.86
C GLY A 75 -5.73 -1.49 10.06
N CYS A 76 -4.68 -1.30 10.84
CA CYS A 76 -3.73 -2.37 11.11
C CYS A 76 -4.30 -3.34 12.14
N ARG A 77 -4.43 -4.60 11.76
CA ARG A 77 -4.96 -5.62 12.67
C ARG A 77 -3.85 -6.14 13.58
N HIS A 78 -2.62 -5.73 13.31
CA HIS A 78 -1.49 -6.17 14.11
C HIS A 78 -1.13 -5.11 15.15
N SER A 79 -0.88 -5.57 16.38
CA SER A 79 -0.53 -4.65 17.46
C SER A 79 -0.37 -5.41 18.77
N ASN A 93 15.73 12.78 3.85
CA ASN A 93 14.50 12.17 3.35
C ASN A 93 13.38 13.21 3.31
N PRO A 94 12.75 13.36 2.18
CA PRO A 94 11.63 14.33 2.00
C PRO A 94 10.49 14.05 2.96
N LEU A 95 10.63 12.96 3.70
CA LEU A 95 9.59 12.56 4.65
C LEU A 95 10.15 12.59 6.08
N GLU A 96 11.44 12.88 6.20
CA GLU A 96 12.07 12.93 7.52
C GLU A 96 11.59 14.16 8.30
N PHE A 97 11.30 15.23 7.58
CA PHE A 97 10.84 16.45 8.21
C PHE A 97 9.33 16.41 8.45
N LEU A 98 8.68 15.42 7.84
CA LEU A 98 7.23 15.28 8.00
C LEU A 98 6.82 15.44 9.45
N ARG A 99 7.48 14.67 10.33
CA ARG A 99 7.18 14.75 11.76
C ARG A 99 7.13 16.20 12.22
N ASP A 100 7.81 17.07 11.49
CA ASP A 100 7.83 18.48 11.84
C ASP A 100 6.52 19.15 11.44
N GLN A 101 5.54 18.34 11.04
CA GLN A 101 4.25 18.86 10.63
C GLN A 101 3.15 18.34 11.54
N PRO A 102 2.12 19.11 11.74
CA PRO A 102 0.97 18.72 12.61
C PRO A 102 0.15 17.60 11.98
N GLN A 103 0.09 17.60 10.65
CA GLN A 103 -0.66 16.58 9.93
C GLN A 103 -0.18 15.18 10.32
N PHE A 104 1.13 14.97 10.30
CA PHE A 104 1.67 13.67 10.66
C PHE A 104 1.34 13.33 12.11
N GLN A 105 1.37 14.34 12.97
CA GLN A 105 1.07 14.14 14.39
C GLN A 105 -0.44 14.09 14.62
N ASN A 106 -1.20 14.72 13.72
CA ASN A 106 -2.65 14.74 13.86
C ASN A 106 -3.26 13.48 13.26
N MET A 107 -2.84 13.13 12.04
CA MET A 107 -3.36 11.95 11.38
C MET A 107 -2.95 10.69 12.14
N ARG A 108 -1.75 10.71 12.70
CA ARG A 108 -1.25 9.56 13.45
C ARG A 108 -2.18 9.25 14.63
N GLN A 109 -2.57 10.29 15.35
CA GLN A 109 -3.44 10.12 16.51
C GLN A 109 -4.78 9.52 16.08
N VAL A 110 -5.20 9.84 14.86
CA VAL A 110 -6.47 9.34 14.34
C VAL A 110 -6.24 8.06 13.55
N ILE A 111 -5.02 7.87 13.06
CA ILE A 111 -4.70 6.68 12.28
C ILE A 111 -4.31 5.52 13.19
N GLN A 112 -3.37 5.78 14.10
CA GLN A 112 -2.91 4.76 15.02
C GLN A 112 -4.01 4.41 16.02
N GLN A 113 -4.55 5.45 16.67
CA GLN A 113 -5.62 5.25 17.64
C GLN A 113 -6.82 4.55 16.99
N ASN A 114 -7.13 4.95 15.77
CA ASN A 114 -8.25 4.36 15.05
C ASN A 114 -8.16 4.70 13.57
N PRO A 115 -7.46 3.89 12.81
CA PRO A 115 -7.28 4.10 11.35
C PRO A 115 -8.62 4.36 10.64
N ALA A 116 -9.71 4.18 11.37
CA ALA A 116 -11.03 4.39 10.80
C ALA A 116 -11.23 5.86 10.43
N LEU A 117 -10.25 6.68 10.79
CA LEU A 117 -10.30 8.11 10.50
C LEU A 117 -9.18 8.51 9.55
N LEU A 118 -8.45 7.50 9.05
CA LEU A 118 -7.35 7.76 8.13
C LEU A 118 -7.89 8.21 6.77
N PRO A 119 -8.71 7.41 6.16
CA PRO A 119 -9.31 7.72 4.84
C PRO A 119 -9.64 9.21 4.68
N ALA A 120 -10.07 9.83 5.78
CA ALA A 120 -10.40 11.24 5.77
C ALA A 120 -9.17 12.09 6.00
N LEU A 121 -8.18 11.52 6.69
CA LEU A 121 -6.95 12.23 6.99
C LEU A 121 -6.09 12.34 5.73
N LEU A 122 -5.76 11.20 5.14
CA LEU A 122 -4.95 11.18 3.93
C LEU A 122 -5.38 12.28 2.97
N GLN A 123 -6.66 12.25 2.61
CA GLN A 123 -7.21 13.25 1.69
C GLN A 123 -6.71 14.65 2.08
N GLN A 124 -6.60 14.89 3.38
CA GLN A 124 -6.15 16.19 3.87
C GLN A 124 -4.62 16.24 3.91
N LEU A 125 -3.99 15.07 3.98
CA LEU A 125 -2.54 14.98 4.02
C LEU A 125 -1.94 15.35 2.67
N GLY A 126 -2.53 14.82 1.60
CA GLY A 126 -2.04 15.10 0.25
C GLY A 126 -2.51 16.47 -0.22
N GLN A 127 -3.50 17.02 0.48
CA GLN A 127 -4.03 18.33 0.13
C GLN A 127 -3.22 19.44 0.80
N GLU A 128 -2.62 19.10 1.94
CA GLU A 128 -1.81 20.07 2.69
C GLU A 128 -0.41 20.16 2.10
N ASN A 129 0.15 19.00 1.74
CA ASN A 129 1.50 18.97 1.19
C ASN A 129 1.59 17.90 0.10
N PRO A 130 0.92 18.12 -1.01
CA PRO A 130 0.91 17.16 -2.16
C PRO A 130 2.32 16.70 -2.52
N GLN A 131 3.33 17.40 -2.01
CA GLN A 131 4.71 17.04 -2.29
C GLN A 131 5.13 15.83 -1.47
N LEU A 132 4.69 15.79 -0.21
CA LEU A 132 5.02 14.68 0.67
C LEU A 132 4.22 13.44 0.30
N LEU A 133 2.93 13.63 0.05
CA LEU A 133 2.06 12.51 -0.32
C LEU A 133 2.73 11.64 -1.37
N GLN A 134 3.52 12.26 -2.25
CA GLN A 134 4.21 11.53 -3.29
C GLN A 134 5.36 10.73 -2.71
N GLN A 135 5.92 11.20 -1.61
CA GLN A 135 7.03 10.51 -0.95
C GLN A 135 6.50 9.43 -0.02
N ILE A 136 5.52 9.78 0.80
CA ILE A 136 4.94 8.83 1.74
C ILE A 136 4.56 7.53 1.03
N SER A 137 4.18 7.65 -0.24
CA SER A 137 3.80 6.48 -1.03
C SER A 137 5.02 5.63 -1.35
N ARG A 138 6.19 6.25 -1.35
CA ARG A 138 7.43 5.52 -1.64
C ARG A 138 8.26 5.35 -0.37
N HIS A 139 7.67 5.67 0.77
CA HIS A 139 8.38 5.55 2.04
C HIS A 139 7.45 4.98 3.11
N GLN A 140 6.61 4.01 2.71
CA GLN A 140 5.70 3.39 3.66
C GLN A 140 6.43 2.94 4.91
N GLU A 141 7.34 1.99 4.75
CA GLU A 141 8.11 1.48 5.89
C GLU A 141 8.55 2.64 6.78
N GLN A 142 9.40 3.51 6.25
CA GLN A 142 9.87 4.66 7.02
C GLN A 142 8.70 5.52 7.48
N PHE A 143 7.60 5.41 6.75
CA PHE A 143 6.40 6.18 7.07
C PHE A 143 5.59 5.46 8.14
N ILE A 144 5.75 4.14 8.22
CA ILE A 144 5.03 3.35 9.20
C ILE A 144 5.75 3.36 10.54
N GLN A 145 7.06 3.11 10.50
CA GLN A 145 7.86 3.10 11.72
C GLN A 145 7.43 4.23 12.65
N MET A 146 7.18 5.40 12.07
CA MET A 146 6.75 6.55 12.85
C MET A 146 5.24 6.49 13.09
N LEU A 147 4.51 6.05 12.08
CA LEU A 147 3.06 5.95 12.19
C LEU A 147 2.67 4.74 13.04
N ASN A 148 3.66 3.91 13.38
CA ASN A 148 3.40 2.73 14.18
C ASN A 148 4.11 2.85 15.53
N GLU A 149 5.08 3.76 15.61
CA GLU A 149 5.82 3.97 16.85
C GLU A 149 5.80 5.44 17.24
N PRO A 150 6.42 5.78 18.34
CA PRO A 150 6.47 7.18 18.83
C PRO A 150 6.88 8.15 17.74
N PRO A 151 6.26 9.30 17.69
CA PRO A 151 6.56 10.34 16.67
C PRO A 151 7.92 11.01 16.91
N ILE A 177 -5.47 6.98 -11.70
CA ILE A 177 -6.26 5.87 -12.10
C ILE A 177 -5.46 4.97 -13.05
N GLN A 178 -5.00 5.56 -14.15
CA GLN A 178 -4.21 4.84 -15.13
C GLN A 178 -5.09 3.89 -15.94
N VAL A 179 -6.18 3.44 -15.32
CA VAL A 179 -7.10 2.54 -15.98
C VAL A 179 -8.25 3.30 -16.61
N THR A 180 -9.13 2.56 -17.24
CA THR A 180 -10.29 3.15 -17.89
C THR A 180 -11.54 2.44 -17.40
N PRO A 181 -12.69 2.78 -17.91
CA PRO A 181 -13.97 2.14 -17.48
C PRO A 181 -14.05 0.71 -17.99
N GLN A 182 -13.25 0.42 -19.00
CA GLN A 182 -13.21 -0.91 -19.59
C GLN A 182 -12.20 -1.81 -18.86
N GLU A 183 -11.06 -1.23 -18.45
CA GLU A 183 -10.04 -1.99 -17.75
C GLU A 183 -10.30 -1.98 -16.25
N LYS A 184 -10.70 -0.82 -15.75
CA LYS A 184 -10.97 -0.66 -14.32
C LYS A 184 -12.30 -1.31 -13.97
N GLU A 185 -13.16 -1.50 -14.96
CA GLU A 185 -14.46 -2.11 -14.73
C GLU A 185 -14.35 -3.24 -13.72
N ALA A 186 -13.15 -3.78 -13.57
CA ALA A 186 -12.94 -4.88 -12.62
C ALA A 186 -12.76 -4.34 -11.21
N ILE A 187 -12.06 -3.21 -11.08
CA ILE A 187 -11.84 -2.61 -9.77
C ILE A 187 -13.16 -2.47 -9.02
N GLU A 188 -14.10 -1.74 -9.62
CA GLU A 188 -15.40 -1.53 -8.98
C GLU A 188 -15.98 -2.86 -8.49
N ARG A 189 -15.94 -3.87 -9.34
CA ARG A 189 -16.47 -5.18 -8.97
C ARG A 189 -16.07 -5.54 -7.55
N LEU A 190 -14.90 -5.07 -7.14
CA LEU A 190 -14.40 -5.34 -5.79
C LEU A 190 -14.99 -4.35 -4.80
N LYS A 191 -15.29 -3.15 -5.27
CA LYS A 191 -15.87 -2.12 -4.42
C LYS A 191 -17.24 -2.55 -3.92
N ALA A 192 -17.89 -3.43 -4.67
CA ALA A 192 -19.21 -3.92 -4.30
C ALA A 192 -19.12 -4.80 -3.05
N LEU A 193 -17.92 -5.23 -2.72
CA LEU A 193 -17.71 -6.07 -1.55
C LEU A 193 -17.87 -5.27 -0.26
N GLY A 194 -18.32 -4.02 -0.41
CA GLY A 194 -18.52 -3.15 0.74
C GLY A 194 -17.42 -2.08 0.82
N PHE A 195 -16.88 -1.71 -0.34
CA PHE A 195 -15.84 -0.70 -0.39
C PHE A 195 -16.06 0.25 -1.57
N PRO A 196 -15.49 1.41 -1.51
CA PRO A 196 -15.62 2.45 -2.58
C PRO A 196 -14.80 2.09 -3.81
N GLU A 197 -15.20 2.63 -4.96
CA GLU A 197 -14.48 2.37 -6.21
C GLU A 197 -13.07 2.93 -6.13
N SER A 198 -12.88 3.93 -5.26
CA SER A 198 -11.57 4.55 -5.10
C SER A 198 -10.66 3.66 -4.25
N LEU A 199 -11.17 3.22 -3.11
CA LEU A 199 -10.37 2.36 -2.23
C LEU A 199 -9.84 1.16 -2.99
N VAL A 200 -10.59 0.72 -4.00
CA VAL A 200 -10.18 -0.42 -4.81
C VAL A 200 -9.19 0.01 -5.89
N ILE A 201 -9.43 1.19 -6.47
CA ILE A 201 -8.56 1.70 -7.51
C ILE A 201 -7.10 1.52 -7.12
N GLN A 202 -6.84 1.54 -5.81
CA GLN A 202 -5.48 1.37 -5.32
C GLN A 202 -5.06 -0.10 -5.35
N ALA A 203 -5.87 -0.94 -4.72
CA ALA A 203 -5.59 -2.37 -4.68
C ALA A 203 -5.37 -2.92 -6.09
N TYR A 204 -6.32 -2.62 -6.98
CA TYR A 204 -6.22 -3.08 -8.35
C TYR A 204 -4.81 -2.84 -8.90
N PHE A 205 -4.44 -1.57 -9.05
CA PHE A 205 -3.13 -1.22 -9.57
C PHE A 205 -2.04 -1.81 -8.68
N ALA A 206 -2.17 -1.62 -7.37
CA ALA A 206 -1.20 -2.14 -6.41
C ALA A 206 -1.09 -3.65 -6.55
N CYS A 207 -2.15 -4.28 -7.04
CA CYS A 207 -2.16 -5.73 -7.22
C CYS A 207 -1.96 -6.09 -8.69
N GLU A 208 -1.58 -5.09 -9.48
CA GLU A 208 -1.34 -5.31 -10.90
C GLU A 208 -2.66 -5.59 -11.63
N LYS A 209 -3.65 -4.73 -11.39
CA LYS A 209 -4.95 -4.89 -12.03
C LYS A 209 -5.49 -6.30 -11.83
N ASN A 210 -4.83 -7.07 -10.97
CA ASN A 210 -5.25 -8.44 -10.69
C ASN A 210 -6.39 -8.44 -9.68
N GLU A 211 -7.60 -8.14 -10.15
CA GLU A 211 -8.77 -8.12 -9.27
C GLU A 211 -8.78 -9.35 -8.38
N ASN A 212 -8.23 -10.45 -8.88
CA ASN A 212 -8.20 -11.69 -8.11
C ASN A 212 -7.38 -11.51 -6.84
N LEU A 213 -6.30 -10.73 -6.95
CA LEU A 213 -5.43 -10.49 -5.80
C LEU A 213 -6.06 -9.45 -4.88
N ALA A 214 -6.42 -8.30 -5.43
CA ALA A 214 -7.03 -7.24 -4.64
C ALA A 214 -8.24 -7.78 -3.87
N ALA A 215 -9.03 -8.62 -4.52
CA ALA A 215 -10.21 -9.19 -3.89
C ALA A 215 -9.85 -9.78 -2.52
N ASN A 216 -8.76 -10.53 -2.48
CA ASN A 216 -8.30 -11.14 -1.23
C ASN A 216 -7.79 -10.07 -0.28
N PHE A 217 -7.11 -9.07 -0.83
CA PHE A 217 -6.55 -7.99 -0.02
C PHE A 217 -7.68 -7.24 0.70
N LEU A 218 -8.83 -7.13 0.04
CA LEU A 218 -9.98 -6.44 0.62
C LEU A 218 -10.46 -7.16 1.88
N LEU A 219 -10.74 -8.45 1.75
CA LEU A 219 -11.21 -9.24 2.88
C LEU A 219 -10.03 -9.71 3.73
N SER A 220 -8.85 -9.68 3.13
CA SER A 220 -7.64 -10.11 3.84
C SER A 220 -6.78 -8.91 4.22
N GLN A 221 -7.34 -7.72 4.06
CA GLN A 221 -6.61 -6.50 4.37
C GLN A 221 -6.19 -6.47 5.84
N ASN A 222 -7.15 -6.68 6.73
CA ASN A 222 -6.87 -6.69 8.16
C ASN A 222 -8.15 -6.63 8.98
N PHE A 223 -8.63 -5.41 9.21
CA PHE A 223 -9.87 -5.23 9.98
C PHE A 223 -9.99 -6.31 11.05
ZN ZN B . -0.60 -4.39 10.47
N GLU A 13 22.13 -2.11 -13.06
CA GLU A 13 20.95 -2.81 -12.58
C GLU A 13 21.06 -3.11 -11.09
N PRO A 14 21.22 -2.08 -10.30
CA PRO A 14 21.36 -2.22 -8.81
C PRO A 14 20.27 -3.12 -8.22
N TYR A 15 19.03 -2.92 -8.66
CA TYR A 15 17.92 -3.72 -8.17
C TYR A 15 18.32 -5.16 -7.99
N ASN A 16 19.18 -5.65 -8.89
CA ASN A 16 19.63 -7.03 -8.83
C ASN A 16 19.99 -7.43 -7.39
N GLU A 17 21.11 -6.92 -6.91
CA GLU A 17 21.54 -7.23 -5.55
C GLU A 17 20.92 -6.25 -4.56
N TRP A 18 20.50 -5.10 -5.08
CA TRP A 18 19.90 -4.07 -4.25
C TRP A 18 18.44 -4.38 -3.96
N THR A 19 17.64 -4.48 -5.01
CA THR A 19 16.22 -4.75 -4.84
C THR A 19 16.00 -5.88 -3.84
N LEU A 20 16.88 -6.88 -3.89
CA LEU A 20 16.78 -8.02 -2.99
C LEU A 20 17.10 -7.59 -1.55
N GLU A 21 17.94 -6.58 -1.43
CA GLU A 21 18.32 -6.08 -0.11
C GLU A 21 17.15 -5.38 0.56
N LEU A 22 16.51 -4.46 -0.16
CA LEU A 22 15.38 -3.73 0.38
C LEU A 22 14.15 -4.63 0.46
N LEU A 23 14.07 -5.59 -0.45
CA LEU A 23 12.95 -6.52 -0.46
C LEU A 23 12.88 -7.32 0.84
N GLU A 24 14.04 -7.78 1.30
CA GLU A 24 14.11 -8.56 2.52
C GLU A 24 13.61 -7.73 3.70
N GLU A 25 14.08 -6.50 3.80
CA GLU A 25 13.66 -5.61 4.89
C GLU A 25 12.25 -5.09 4.64
N LEU A 26 11.87 -4.99 3.37
CA LEU A 26 10.55 -4.50 3.01
C LEU A 26 9.49 -5.58 3.29
N LYS A 27 9.63 -6.71 2.61
CA LYS A 27 8.68 -7.81 2.79
C LYS A 27 8.48 -8.11 4.27
N SER A 28 9.48 -7.77 5.08
CA SER A 28 9.41 -8.01 6.52
C SER A 28 8.35 -7.10 7.15
N GLU A 29 8.20 -5.91 6.60
CA GLU A 29 7.23 -4.96 7.13
C GLU A 29 5.83 -5.25 6.57
N ALA A 30 5.79 -5.81 5.37
CA ALA A 30 4.52 -6.14 4.74
C ALA A 30 3.96 -7.44 5.31
N VAL A 31 4.74 -8.51 5.22
CA VAL A 31 4.32 -9.80 5.74
C VAL A 31 3.70 -9.65 7.12
N ARG A 32 4.15 -8.64 7.86
CA ARG A 32 3.63 -8.39 9.20
C ARG A 32 2.33 -7.61 9.14
N HIS A 33 2.21 -6.75 8.12
CA HIS A 33 1.01 -5.94 7.96
C HIS A 33 0.22 -6.38 6.73
N PHE A 34 0.52 -7.59 6.24
CA PHE A 34 -0.16 -8.10 5.07
C PHE A 34 -0.59 -9.55 5.28
N PRO A 35 -1.69 -9.94 4.69
CA PRO A 35 -2.23 -11.33 4.81
C PRO A 35 -1.33 -12.35 4.12
N ARG A 36 -0.89 -13.35 4.88
CA ARG A 36 -0.02 -14.38 4.34
C ARG A 36 -0.55 -14.89 3.00
N ILE A 37 -1.84 -15.16 2.94
CA ILE A 37 -2.46 -15.64 1.71
C ILE A 37 -2.13 -14.73 0.55
N TRP A 38 -2.53 -13.46 0.65
CA TRP A 38 -2.28 -12.50 -0.41
C TRP A 38 -0.80 -12.51 -0.79
N LEU A 39 0.06 -12.23 0.19
CA LEU A 39 1.50 -12.21 -0.06
C LEU A 39 1.91 -13.45 -0.85
N HIS A 40 1.12 -14.50 -0.73
CA HIS A 40 1.40 -15.75 -1.44
C HIS A 40 0.93 -15.67 -2.89
N ASN A 41 -0.27 -15.10 -3.08
CA ASN A 41 -0.82 -14.98 -4.42
C ASN A 41 -0.16 -13.83 -5.17
N LEU A 42 0.35 -12.86 -4.43
CA LEU A 42 1.02 -11.71 -5.05
C LEU A 42 2.25 -12.16 -5.81
N GLY A 43 3.17 -12.82 -5.10
CA GLY A 43 4.39 -13.30 -5.73
C GLY A 43 4.07 -14.36 -6.77
N GLN A 44 2.89 -14.98 -6.63
CA GLN A 44 2.47 -16.02 -7.56
C GLN A 44 1.92 -15.39 -8.84
N HIS A 45 1.03 -14.42 -8.68
CA HIS A 45 0.44 -13.75 -9.82
C HIS A 45 1.49 -12.98 -10.60
N ILE A 46 2.05 -11.95 -9.98
CA ILE A 46 3.08 -11.14 -10.62
C ILE A 46 4.16 -12.03 -11.21
N TYR A 47 4.25 -13.26 -10.72
CA TYR A 47 5.25 -14.21 -11.20
C TYR A 47 4.76 -14.89 -12.47
N GLU A 48 3.46 -15.16 -12.53
CA GLU A 48 2.88 -15.82 -13.70
C GLU A 48 2.61 -14.80 -14.81
N THR A 49 2.32 -13.57 -14.41
CA THR A 49 2.05 -12.51 -15.39
C THR A 49 3.34 -12.01 -16.02
N TYR A 50 4.38 -11.88 -15.21
CA TYR A 50 5.67 -11.41 -15.70
C TYR A 50 6.64 -12.56 -15.86
N GLY A 51 6.36 -13.67 -15.19
CA GLY A 51 7.24 -14.84 -15.26
C GLY A 51 8.40 -14.71 -14.29
N ASP A 52 9.61 -14.74 -14.84
CA ASP A 52 10.81 -14.62 -14.02
C ASP A 52 11.55 -13.32 -14.32
N THR A 53 11.06 -12.59 -15.33
CA THR A 53 11.67 -11.33 -15.71
C THR A 53 11.95 -10.46 -14.49
N TRP A 54 12.74 -9.41 -14.67
CA TRP A 54 13.08 -8.51 -13.58
C TRP A 54 11.94 -7.51 -13.35
N ALA A 55 11.20 -7.20 -14.41
CA ALA A 55 10.09 -6.26 -14.31
C ALA A 55 9.09 -6.72 -13.26
N GLY A 56 9.10 -8.02 -12.97
CA GLY A 56 8.18 -8.57 -11.98
C GLY A 56 8.73 -8.40 -10.57
N VAL A 57 10.05 -8.34 -10.46
CA VAL A 57 10.69 -8.17 -9.15
C VAL A 57 10.66 -6.71 -8.73
N GLU A 58 10.66 -5.81 -9.71
CA GLU A 58 10.64 -4.39 -9.43
C GLU A 58 9.20 -3.90 -9.21
N ALA A 59 8.24 -4.74 -9.60
CA ALA A 59 6.84 -4.39 -9.45
C ALA A 59 6.36 -4.68 -8.03
N ILE A 60 6.61 -5.90 -7.56
CA ILE A 60 6.21 -6.29 -6.22
C ILE A 60 6.71 -5.27 -5.19
N ILE A 61 8.00 -4.96 -5.24
CA ILE A 61 8.58 -4.00 -4.32
C ILE A 61 7.90 -2.64 -4.44
N ARG A 62 7.57 -2.26 -5.66
CA ARG A 62 6.91 -0.98 -5.90
C ARG A 62 5.42 -1.09 -5.59
N ILE A 63 4.92 -2.31 -5.51
CA ILE A 63 3.50 -2.54 -5.23
C ILE A 63 3.25 -2.51 -3.72
N LEU A 64 3.90 -3.42 -3.00
CA LEU A 64 3.74 -3.49 -1.55
C LEU A 64 4.09 -2.14 -0.91
N GLN A 65 4.81 -1.32 -1.65
CA GLN A 65 5.21 -0.01 -1.15
C GLN A 65 4.00 0.89 -0.95
N GLN A 66 3.16 0.96 -1.97
CA GLN A 66 1.95 1.79 -1.90
C GLN A 66 0.83 1.06 -1.17
N LEU A 67 0.64 -0.21 -1.52
CA LEU A 67 -0.41 -1.02 -0.90
C LEU A 67 -0.41 -0.82 0.61
N LEU A 68 0.77 -0.91 1.21
CA LEU A 68 0.90 -0.74 2.66
C LEU A 68 0.05 0.43 3.13
N PHE A 69 -0.18 1.40 2.24
CA PHE A 69 -0.97 2.57 2.59
C PHE A 69 -2.45 2.21 2.69
N ILE A 70 -2.99 1.60 1.63
CA ILE A 70 -4.40 1.20 1.63
C ILE A 70 -4.75 0.53 2.95
N HIS A 71 -3.81 -0.24 3.49
CA HIS A 71 -4.02 -0.92 4.76
C HIS A 71 -4.22 0.10 5.86
N PHE A 72 -3.27 1.02 5.98
CA PHE A 72 -3.33 2.04 7.01
C PHE A 72 -4.73 2.63 7.13
N ARG A 73 -5.21 3.25 6.05
CA ARG A 73 -6.53 3.86 6.05
C ARG A 73 -7.62 2.82 6.32
N ILE A 74 -7.35 1.57 5.98
CA ILE A 74 -8.31 0.50 6.19
C ILE A 74 -8.43 0.17 7.67
N GLY A 75 -7.30 0.06 8.36
CA GLY A 75 -7.30 -0.26 9.78
C GLY A 75 -6.44 -1.49 10.06
N CYS A 76 -5.34 -1.28 10.78
CA CYS A 76 -4.44 -2.38 11.11
C CYS A 76 -5.13 -3.42 11.98
N ARG A 77 -5.27 -4.63 11.43
CA ARG A 77 -5.88 -5.72 12.16
C ARG A 77 -4.80 -6.66 12.67
N HIS A 78 -3.54 -6.30 12.38
CA HIS A 78 -2.40 -7.08 12.80
C HIS A 78 -2.10 -6.86 14.27
N SER A 79 -1.43 -7.83 14.89
CA SER A 79 -1.09 -7.72 16.31
C SER A 79 0.03 -6.71 16.52
N ASN A 93 16.55 11.74 4.21
CA ASN A 93 15.12 11.48 4.12
C ASN A 93 14.36 12.79 3.96
N PRO A 94 13.85 13.03 2.78
CA PRO A 94 13.07 14.26 2.47
C PRO A 94 11.70 14.22 3.13
N LEU A 95 11.46 13.16 3.89
CA LEU A 95 10.18 12.98 4.58
C LEU A 95 10.38 12.95 6.09
N GLU A 96 11.63 12.80 6.52
CA GLU A 96 11.94 12.76 7.94
C GLU A 96 11.33 13.97 8.65
N PHE A 97 11.45 15.14 8.04
CA PHE A 97 10.91 16.35 8.62
C PHE A 97 9.43 16.18 8.93
N LEU A 98 8.84 15.10 8.42
CA LEU A 98 7.43 14.82 8.65
C LEU A 98 7.11 14.95 10.13
N ARG A 99 7.88 14.28 10.96
CA ARG A 99 7.68 14.33 12.41
C ARG A 99 7.59 15.78 12.88
N ASP A 100 8.30 16.65 12.20
CA ASP A 100 8.30 18.07 12.55
C ASP A 100 7.01 18.73 12.09
N GLN A 101 6.06 17.93 11.63
CA GLN A 101 4.78 18.46 11.16
C GLN A 101 3.66 18.03 12.11
N PRO A 102 2.65 18.85 12.24
CA PRO A 102 1.49 18.55 13.12
C PRO A 102 0.62 17.43 12.57
N GLN A 103 0.45 17.41 11.25
CA GLN A 103 -0.36 16.38 10.60
C GLN A 103 0.16 14.99 10.95
N PHE A 104 1.47 14.81 10.87
CA PHE A 104 2.07 13.53 11.18
C PHE A 104 1.86 13.18 12.65
N GLN A 105 1.95 14.20 13.51
CA GLN A 105 1.77 13.99 14.94
C GLN A 105 0.29 13.92 15.29
N ASN A 106 -0.54 14.54 14.46
CA ASN A 106 -1.98 14.53 14.69
C ASN A 106 -2.59 13.25 14.14
N MET A 107 -2.04 12.78 13.02
CA MET A 107 -2.53 11.56 12.39
C MET A 107 -1.92 10.34 13.07
N ARG A 108 -0.75 10.54 13.68
CA ARG A 108 -0.05 9.45 14.35
C ARG A 108 -0.96 8.76 15.36
N GLN A 109 -1.43 9.52 16.35
CA GLN A 109 -2.32 8.97 17.37
C GLN A 109 -3.65 8.58 16.76
N VAL A 110 -4.09 9.35 15.76
CA VAL A 110 -5.36 9.08 15.10
C VAL A 110 -5.25 7.84 14.23
N ILE A 111 -4.05 7.57 13.73
CA ILE A 111 -3.83 6.41 12.88
C ILE A 111 -3.50 5.18 13.71
N GLN A 112 -2.52 5.31 14.59
CA GLN A 112 -2.11 4.20 15.44
C GLN A 112 -3.24 3.83 16.40
N GLN A 113 -4.19 4.75 16.59
CA GLN A 113 -5.30 4.50 17.48
C GLN A 113 -6.51 3.99 16.69
N ASN A 114 -6.94 4.75 15.70
CA ASN A 114 -8.06 4.36 14.87
C ASN A 114 -7.84 4.79 13.42
N PRO A 115 -7.07 4.04 12.69
CA PRO A 115 -6.76 4.35 11.27
C PRO A 115 -8.03 4.65 10.48
N ALA A 116 -9.17 4.37 11.09
CA ALA A 116 -10.46 4.62 10.45
C ALA A 116 -10.60 6.10 10.10
N LEU A 117 -9.72 6.91 10.67
CA LEU A 117 -9.77 8.35 10.42
C LEU A 117 -8.75 8.74 9.35
N LEU A 118 -7.88 7.80 8.99
CA LEU A 118 -6.87 8.06 7.97
C LEU A 118 -7.51 8.59 6.70
N PRO A 119 -8.43 7.86 6.14
CA PRO A 119 -9.13 8.26 4.88
C PRO A 119 -9.39 9.77 4.82
N ALA A 120 -9.63 10.37 5.98
CA ALA A 120 -9.88 11.80 6.04
C ALA A 120 -8.57 12.58 6.15
N LEU A 121 -7.77 12.23 7.14
CA LEU A 121 -6.48 12.89 7.34
C LEU A 121 -5.68 12.93 6.05
N LEU A 122 -5.35 11.75 5.54
CA LEU A 122 -4.59 11.65 4.30
C LEU A 122 -5.07 12.67 3.28
N GLN A 123 -6.35 13.00 3.36
CA GLN A 123 -6.94 13.96 2.42
C GLN A 123 -6.43 15.38 2.72
N GLN A 124 -6.28 15.69 4.01
CA GLN A 124 -5.81 17.01 4.41
C GLN A 124 -4.29 17.05 4.42
N LEU A 125 -3.67 15.90 4.66
CA LEU A 125 -2.21 15.82 4.70
C LEU A 125 -1.62 15.98 3.30
N GLY A 126 -2.07 15.12 2.38
CA GLY A 126 -1.57 15.18 1.00
C GLY A 126 -1.97 16.49 0.33
N GLN A 127 -2.91 17.19 0.94
CA GLN A 127 -3.38 18.47 0.39
C GLN A 127 -2.48 19.61 0.86
N GLU A 128 -1.95 19.48 2.07
CA GLU A 128 -1.08 20.51 2.62
C GLU A 128 0.38 20.22 2.27
N ASN A 129 0.64 19.01 1.80
CA ASN A 129 2.00 18.61 1.44
C ASN A 129 1.98 17.60 0.30
N PRO A 130 1.51 18.03 -0.85
CA PRO A 130 1.43 17.14 -2.06
C PRO A 130 2.74 16.41 -2.32
N GLN A 131 3.86 17.05 -1.95
CA GLN A 131 5.16 16.44 -2.15
C GLN A 131 5.38 15.28 -1.19
N LEU A 132 4.87 15.42 0.03
CA LEU A 132 5.00 14.36 1.02
C LEU A 132 4.13 13.18 0.66
N LEU A 133 2.87 13.44 0.34
CA LEU A 133 1.95 12.38 -0.03
C LEU A 133 2.61 11.42 -1.01
N GLN A 134 3.23 11.97 -2.04
CA GLN A 134 3.92 11.15 -3.03
C GLN A 134 5.03 10.33 -2.38
N GLN A 135 5.55 10.84 -1.27
CA GLN A 135 6.61 10.15 -0.55
C GLN A 135 6.02 9.10 0.40
N ILE A 136 5.15 9.55 1.30
CA ILE A 136 4.52 8.64 2.25
C ILE A 136 4.06 7.37 1.55
N SER A 137 3.55 7.51 0.34
CA SER A 137 3.08 6.37 -0.43
C SER A 137 4.26 5.65 -1.08
N ARG A 138 5.36 6.36 -1.25
CA ARG A 138 6.55 5.79 -1.88
C ARG A 138 7.46 5.16 -0.82
N HIS A 139 7.34 5.61 0.42
CA HIS A 139 8.17 5.07 1.49
C HIS A 139 7.30 4.58 2.65
N GLN A 140 6.28 3.78 2.32
CA GLN A 140 5.40 3.24 3.35
C GLN A 140 6.21 2.74 4.53
N GLU A 141 7.01 1.71 4.30
CA GLU A 141 7.84 1.16 5.36
C GLU A 141 8.40 2.29 6.21
N GLN A 142 9.26 3.10 5.62
CA GLN A 142 9.85 4.23 6.34
C GLN A 142 8.74 5.10 6.94
N PHE A 143 7.55 5.02 6.35
CA PHE A 143 6.42 5.80 6.83
C PHE A 143 5.71 5.07 7.97
N ILE A 144 5.84 3.74 8.00
CA ILE A 144 5.21 2.94 9.03
C ILE A 144 6.05 2.88 10.31
N GLN A 145 7.24 2.30 10.20
CA GLN A 145 8.11 2.17 11.37
C GLN A 145 8.06 3.44 12.22
N MET A 146 7.76 4.56 11.57
CA MET A 146 7.67 5.83 12.28
C MET A 146 6.25 6.00 12.82
N LEU A 147 5.27 5.61 12.00
CA LEU A 147 3.88 5.71 12.38
C LEU A 147 3.48 4.55 13.30
N ASN A 148 4.39 3.59 13.45
CA ASN A 148 4.13 2.43 14.29
C ASN A 148 4.63 2.70 15.71
N GLU A 149 5.51 3.69 15.86
CA GLU A 149 6.05 4.03 17.17
C GLU A 149 5.57 5.41 17.59
N PRO A 150 5.71 5.72 18.85
CA PRO A 150 5.29 7.04 19.41
C PRO A 150 6.17 8.17 18.91
N PRO A 151 5.57 9.25 18.50
CA PRO A 151 6.30 10.44 17.99
C PRO A 151 7.42 10.88 18.93
N ILE A 177 -4.98 5.82 -13.21
CA ILE A 177 -6.05 4.89 -13.49
C ILE A 177 -5.79 4.17 -14.81
N GLN A 178 -5.47 4.93 -15.83
CA GLN A 178 -5.19 4.37 -17.15
C GLN A 178 -5.95 3.06 -17.34
N VAL A 179 -7.26 3.16 -17.46
CA VAL A 179 -8.09 1.98 -17.64
C VAL A 179 -9.24 2.28 -18.60
N THR A 180 -10.04 1.26 -18.87
CA THR A 180 -11.19 1.41 -19.76
C THR A 180 -12.40 0.76 -19.11
N PRO A 181 -13.58 1.08 -19.57
CA PRO A 181 -14.83 0.50 -19.01
C PRO A 181 -14.78 -1.02 -19.05
N GLN A 182 -13.85 -1.52 -19.84
CA GLN A 182 -13.67 -2.96 -20.00
C GLN A 182 -12.88 -3.52 -18.83
N GLU A 183 -11.78 -2.87 -18.49
CA GLU A 183 -10.94 -3.31 -17.37
C GLU A 183 -11.40 -2.66 -16.08
N LYS A 184 -12.13 -1.55 -16.21
CA LYS A 184 -12.62 -0.83 -15.07
C LYS A 184 -13.88 -1.49 -14.51
N GLU A 185 -14.79 -1.87 -15.40
CA GLU A 185 -16.03 -2.51 -14.98
C GLU A 185 -15.75 -3.61 -13.96
N ALA A 186 -14.51 -4.11 -13.96
CA ALA A 186 -14.13 -5.17 -13.04
C ALA A 186 -13.73 -4.58 -11.68
N ILE A 187 -13.25 -3.33 -11.70
CA ILE A 187 -12.83 -2.67 -10.48
C ILE A 187 -14.03 -2.44 -9.55
N GLU A 188 -14.99 -1.65 -10.01
CA GLU A 188 -16.18 -1.37 -9.21
C GLU A 188 -16.74 -2.66 -8.61
N ARG A 189 -16.78 -3.71 -9.43
CA ARG A 189 -17.30 -4.99 -8.96
C ARG A 189 -16.75 -5.34 -7.59
N LEU A 190 -15.53 -4.90 -7.31
CA LEU A 190 -14.90 -5.16 -6.03
C LEU A 190 -15.36 -4.16 -4.98
N LYS A 191 -15.75 -2.97 -5.43
CA LYS A 191 -16.21 -1.93 -4.52
C LYS A 191 -17.58 -2.29 -3.95
N ALA A 192 -18.31 -3.15 -4.66
CA ALA A 192 -19.62 -3.56 -4.21
C ALA A 192 -19.54 -4.34 -2.91
N LEU A 193 -18.33 -4.79 -2.57
CA LEU A 193 -18.12 -5.56 -1.35
C LEU A 193 -18.17 -4.64 -0.14
N GLY A 194 -18.63 -3.40 -0.34
CA GLY A 194 -18.71 -2.43 0.74
C GLY A 194 -17.54 -1.46 0.70
N PHE A 195 -16.65 -1.66 -0.27
CA PHE A 195 -15.49 -0.79 -0.40
C PHE A 195 -15.74 0.28 -1.45
N PRO A 196 -15.17 1.44 -1.26
CA PRO A 196 -15.32 2.58 -2.21
C PRO A 196 -15.01 2.18 -3.66
N GLU A 197 -15.55 2.95 -4.60
CA GLU A 197 -15.32 2.68 -6.02
C GLU A 197 -13.85 2.92 -6.37
N SER A 198 -13.29 4.00 -5.85
CA SER A 198 -11.91 4.33 -6.12
C SER A 198 -10.97 3.47 -5.26
N LEU A 199 -11.35 3.29 -4.00
CA LEU A 199 -10.55 2.49 -3.09
C LEU A 199 -10.14 1.19 -3.75
N VAL A 200 -10.91 0.76 -4.75
CA VAL A 200 -10.61 -0.47 -5.46
C VAL A 200 -9.57 -0.21 -6.55
N ILE A 201 -9.82 0.80 -7.37
CA ILE A 201 -8.90 1.15 -8.44
C ILE A 201 -7.46 1.07 -7.95
N GLN A 202 -7.25 1.41 -6.68
CA GLN A 202 -5.91 1.38 -6.10
C GLN A 202 -5.41 -0.06 -5.99
N ALA A 203 -6.16 -0.89 -5.26
CA ALA A 203 -5.78 -2.28 -5.09
C ALA A 203 -5.59 -2.96 -6.45
N TYR A 204 -6.61 -2.88 -7.29
CA TYR A 204 -6.55 -3.49 -8.61
C TYR A 204 -5.21 -3.18 -9.28
N PHE A 205 -4.90 -1.90 -9.41
CA PHE A 205 -3.64 -1.48 -10.03
C PHE A 205 -2.45 -1.93 -9.19
N ALA A 206 -2.59 -1.80 -7.87
CA ALA A 206 -1.52 -2.19 -6.96
C ALA A 206 -1.20 -3.67 -7.12
N CYS A 207 -2.11 -4.40 -7.77
CA CYS A 207 -1.92 -5.83 -7.98
C CYS A 207 -1.74 -6.14 -9.46
N GLU A 208 -1.35 -5.12 -10.23
CA GLU A 208 -1.16 -5.30 -11.66
C GLU A 208 -2.49 -5.50 -12.37
N LYS A 209 -3.54 -4.90 -11.82
CA LYS A 209 -4.87 -5.03 -12.41
C LYS A 209 -5.37 -6.47 -12.31
N ASN A 210 -5.20 -7.06 -11.12
CA ASN A 210 -5.63 -8.43 -10.91
C ASN A 210 -6.93 -8.47 -10.09
N GLU A 211 -8.02 -8.81 -10.76
CA GLU A 211 -9.32 -8.88 -10.09
C GLU A 211 -9.30 -9.96 -9.01
N ASN A 212 -8.52 -11.01 -9.23
CA ASN A 212 -8.43 -12.10 -8.27
C ASN A 212 -7.69 -11.64 -7.01
N LEU A 213 -6.45 -11.21 -7.19
CA LEU A 213 -5.64 -10.75 -6.07
C LEU A 213 -6.36 -9.65 -5.32
N ALA A 214 -6.86 -8.66 -6.06
CA ALA A 214 -7.57 -7.54 -5.45
C ALA A 214 -8.67 -8.05 -4.52
N ALA A 215 -9.47 -9.00 -5.01
CA ALA A 215 -10.55 -9.56 -4.21
C ALA A 215 -10.02 -10.09 -2.89
N ASN A 216 -8.83 -10.67 -2.91
CA ASN A 216 -8.23 -11.21 -1.70
C ASN A 216 -7.62 -10.09 -0.85
N PHE A 217 -6.87 -9.20 -1.50
CA PHE A 217 -6.25 -8.10 -0.79
C PHE A 217 -7.30 -7.22 -0.11
N LEU A 218 -8.30 -6.80 -0.88
CA LEU A 218 -9.37 -5.97 -0.33
C LEU A 218 -10.05 -6.67 0.85
N LEU A 219 -10.31 -7.96 0.70
CA LEU A 219 -10.95 -8.73 1.76
C LEU A 219 -9.92 -9.18 2.79
N SER A 220 -8.66 -9.18 2.41
CA SER A 220 -7.59 -9.59 3.31
C SER A 220 -6.79 -8.38 3.78
N GLN A 221 -7.25 -7.18 3.42
CA GLN A 221 -6.57 -5.96 3.82
C GLN A 221 -6.86 -5.62 5.28
N ASN A 222 -7.09 -6.64 6.09
CA ASN A 222 -7.38 -6.43 7.50
C ASN A 222 -8.56 -5.48 7.67
N PHE A 223 -9.37 -5.72 8.70
CA PHE A 223 -10.53 -4.87 8.96
C PHE A 223 -11.00 -5.03 10.40
ZN ZN B . -1.12 -3.82 10.09
N GLU A 13 24.85 -2.77 -11.65
CA GLU A 13 23.70 -3.67 -11.68
C GLU A 13 23.34 -4.13 -10.27
N PRO A 14 23.00 -3.21 -9.41
CA PRO A 14 22.62 -3.52 -8.01
C PRO A 14 21.24 -4.18 -7.92
N TYR A 15 20.26 -3.55 -8.56
CA TYR A 15 18.89 -4.09 -8.55
C TYR A 15 18.88 -5.60 -8.76
N ASN A 16 20.02 -6.15 -9.16
CA ASN A 16 20.11 -7.58 -9.39
C ASN A 16 20.07 -8.33 -8.06
N GLU A 17 21.17 -8.24 -7.31
CA GLU A 17 21.25 -8.91 -6.01
C GLU A 17 20.73 -7.98 -4.92
N TRP A 18 20.86 -6.68 -5.17
CA TRP A 18 20.41 -5.67 -4.21
C TRP A 18 18.92 -5.75 -3.96
N THR A 19 18.14 -5.67 -5.04
CA THR A 19 16.69 -5.70 -4.92
C THR A 19 16.25 -6.78 -3.93
N LEU A 20 17.06 -7.83 -3.79
CA LEU A 20 16.75 -8.91 -2.87
C LEU A 20 17.03 -8.48 -1.43
N GLU A 21 18.12 -7.76 -1.24
CA GLU A 21 18.50 -7.30 0.09
C GLU A 21 17.35 -6.51 0.72
N LEU A 22 16.80 -5.58 -0.04
CA LEU A 22 15.69 -4.76 0.46
C LEU A 22 14.39 -5.57 0.48
N LEU A 23 14.25 -6.47 -0.47
CA LEU A 23 13.06 -7.31 -0.55
C LEU A 23 12.82 -8.03 0.77
N GLU A 24 13.88 -8.61 1.32
CA GLU A 24 13.78 -9.34 2.58
C GLU A 24 13.05 -8.49 3.63
N GLU A 25 13.52 -7.26 3.81
CA GLU A 25 12.92 -6.36 4.78
C GLU A 25 11.50 -6.00 4.36
N LEU A 26 11.30 -5.78 3.07
CA LEU A 26 9.98 -5.42 2.56
C LEU A 26 8.92 -6.35 3.13
N LYS A 27 9.28 -7.62 3.32
CA LYS A 27 8.35 -8.59 3.86
C LYS A 27 8.28 -8.49 5.39
N SER A 28 9.43 -8.31 6.01
CA SER A 28 9.50 -8.20 7.46
C SER A 28 8.36 -7.31 7.97
N GLU A 29 8.12 -6.20 7.29
CA GLU A 29 7.07 -5.28 7.68
C GLU A 29 5.75 -5.67 7.04
N ALA A 30 5.76 -5.87 5.73
CA ALA A 30 4.55 -6.25 5.01
C ALA A 30 4.11 -7.66 5.41
N VAL A 31 4.98 -8.64 5.18
CA VAL A 31 4.65 -10.02 5.52
C VAL A 31 4.03 -10.11 6.90
N ARG A 32 4.31 -9.11 7.73
CA ARG A 32 3.77 -9.08 9.08
C ARG A 32 2.44 -8.33 9.12
N HIS A 33 2.26 -7.41 8.17
CA HIS A 33 1.04 -6.63 8.10
C HIS A 33 0.27 -6.96 6.82
N PHE A 34 0.52 -8.14 6.27
CA PHE A 34 -0.15 -8.57 5.05
C PHE A 34 -0.63 -10.02 5.18
N PRO A 35 -1.70 -10.35 4.51
CA PRO A 35 -2.27 -11.73 4.54
C PRO A 35 -1.40 -12.73 3.78
N ARG A 36 -0.99 -13.79 4.46
CA ARG A 36 -0.16 -14.81 3.85
C ARG A 36 -0.67 -15.17 2.46
N ILE A 37 -1.96 -15.50 2.39
CA ILE A 37 -2.57 -15.86 1.11
C ILE A 37 -2.15 -14.88 0.02
N TRP A 38 -2.47 -13.61 0.22
CA TRP A 38 -2.12 -12.58 -0.75
C TRP A 38 -0.63 -12.64 -1.09
N LEU A 39 0.21 -12.50 -0.08
CA LEU A 39 1.66 -12.56 -0.27
C LEU A 39 2.02 -13.76 -1.14
N HIS A 40 1.18 -14.77 -1.12
CA HIS A 40 1.42 -15.99 -1.89
C HIS A 40 1.03 -15.76 -3.36
N ASN A 41 -0.04 -15.00 -3.57
CA ASN A 41 -0.51 -14.72 -4.92
C ASN A 41 0.23 -13.53 -5.51
N LEU A 42 0.74 -12.66 -4.64
CA LEU A 42 1.47 -11.49 -5.09
C LEU A 42 2.68 -11.89 -5.92
N GLY A 43 3.39 -12.91 -5.47
CA GLY A 43 4.57 -13.39 -6.18
C GLY A 43 4.16 -14.33 -7.32
N GLN A 44 2.97 -14.89 -7.21
CA GLN A 44 2.48 -15.81 -8.24
C GLN A 44 1.94 -15.03 -9.42
N HIS A 45 0.99 -14.14 -9.18
CA HIS A 45 0.41 -13.33 -10.24
C HIS A 45 1.46 -12.45 -10.89
N ILE A 46 1.97 -11.49 -10.12
CA ILE A 46 2.99 -10.58 -10.63
C ILE A 46 4.09 -11.35 -11.36
N TYR A 47 4.18 -12.65 -11.06
CA TYR A 47 5.20 -13.49 -11.68
C TYR A 47 4.72 -13.96 -13.06
N GLU A 48 3.42 -14.20 -13.18
CA GLU A 48 2.85 -14.66 -14.45
C GLU A 48 2.61 -13.47 -15.37
N THR A 49 2.44 -12.30 -14.79
CA THR A 49 2.21 -11.08 -15.58
C THR A 49 3.33 -10.88 -16.59
N TYR A 50 4.56 -10.80 -16.10
CA TYR A 50 5.71 -10.61 -16.98
C TYR A 50 6.59 -11.86 -17.00
N GLY A 51 6.48 -12.67 -15.94
CA GLY A 51 7.27 -13.88 -15.84
C GLY A 51 8.31 -13.78 -14.73
N ASP A 52 9.42 -14.50 -14.89
CA ASP A 52 10.48 -14.48 -13.89
C ASP A 52 11.47 -13.36 -14.19
N THR A 53 11.20 -12.61 -15.25
CA THR A 53 12.09 -11.51 -15.64
C THR A 53 12.30 -10.56 -14.47
N TRP A 54 13.31 -9.70 -14.59
CA TRP A 54 13.62 -8.75 -13.53
C TRP A 54 12.55 -7.66 -13.46
N ALA A 55 11.90 -7.41 -14.60
CA ALA A 55 10.85 -6.39 -14.66
C ALA A 55 9.83 -6.61 -13.55
N GLY A 56 9.20 -7.78 -13.57
CA GLY A 56 8.19 -8.12 -12.57
C GLY A 56 8.76 -7.96 -11.15
N VAL A 57 10.00 -8.40 -10.97
CA VAL A 57 10.65 -8.32 -9.67
C VAL A 57 10.68 -6.87 -9.19
N GLU A 58 10.78 -5.94 -10.13
CA GLU A 58 10.82 -4.53 -9.79
C GLU A 58 9.45 -4.04 -9.31
N ALA A 59 8.47 -4.13 -10.21
CA ALA A 59 7.12 -3.70 -9.87
C ALA A 59 6.65 -4.34 -8.57
N ILE A 60 7.01 -5.62 -8.39
CA ILE A 60 6.62 -6.34 -7.18
C ILE A 60 7.09 -5.60 -5.94
N ILE A 61 8.22 -4.91 -6.06
CA ILE A 61 8.76 -4.15 -4.94
C ILE A 61 8.08 -2.79 -4.82
N ARG A 62 7.72 -2.22 -5.96
CA ARG A 62 7.06 -0.92 -5.97
C ARG A 62 5.69 -1.00 -5.32
N ILE A 63 5.01 -2.12 -5.54
CA ILE A 63 3.67 -2.31 -4.97
C ILE A 63 3.79 -2.81 -3.53
N LEU A 64 4.80 -3.64 -3.27
CA LEU A 64 4.99 -4.18 -1.92
C LEU A 64 4.83 -3.08 -0.87
N GLN A 65 5.61 -2.02 -1.01
CA GLN A 65 5.55 -0.90 -0.07
C GLN A 65 4.29 -0.08 -0.31
N GLN A 66 4.06 0.31 -1.56
CA GLN A 66 2.89 1.10 -1.91
C GLN A 66 1.63 0.50 -1.29
N LEU A 67 1.61 -0.83 -1.17
CA LEU A 67 0.46 -1.51 -0.59
C LEU A 67 0.39 -1.27 0.91
N LEU A 68 1.55 -1.09 1.53
CA LEU A 68 1.62 -0.85 2.97
C LEU A 68 0.70 0.31 3.35
N PHE A 69 0.52 1.26 2.43
CA PHE A 69 -0.33 2.41 2.68
C PHE A 69 -1.75 1.97 3.00
N ILE A 70 -2.32 1.15 2.11
CA ILE A 70 -3.68 0.65 2.32
C ILE A 70 -3.84 0.08 3.72
N HIS A 71 -2.79 -0.57 4.21
CA HIS A 71 -2.83 -1.16 5.54
C HIS A 71 -3.12 -0.08 6.58
N PHE A 72 -2.82 1.16 6.24
CA PHE A 72 -3.06 2.27 7.15
C PHE A 72 -4.50 2.75 7.05
N ARG A 73 -4.92 3.11 5.83
CA ARG A 73 -6.27 3.59 5.61
C ARG A 73 -7.29 2.73 6.35
N ILE A 74 -7.34 1.45 6.01
CA ILE A 74 -8.27 0.53 6.65
C ILE A 74 -8.00 0.46 8.15
N GLY A 75 -6.73 0.30 8.51
CA GLY A 75 -6.35 0.22 9.92
C GLY A 75 -5.72 -1.13 10.24
N CYS A 76 -4.56 -1.09 10.90
CA CYS A 76 -3.86 -2.32 11.27
C CYS A 76 -4.64 -3.09 12.33
N ARG A 77 -5.15 -4.25 11.94
CA ARG A 77 -5.92 -5.08 12.88
C ARG A 77 -4.98 -5.90 13.75
N HIS A 78 -3.70 -5.94 13.38
CA HIS A 78 -2.71 -6.68 14.14
C HIS A 78 -2.48 -6.05 15.51
N SER A 79 -2.03 -6.86 16.45
CA SER A 79 -1.77 -6.36 17.80
C SER A 79 -0.27 -6.29 18.06
N ASN A 93 14.59 10.15 3.16
CA ASN A 93 13.14 10.28 3.20
C ASN A 93 12.75 11.75 3.26
N PRO A 94 12.26 12.28 2.17
CA PRO A 94 11.83 13.70 2.08
C PRO A 94 10.76 14.05 3.12
N LEU A 95 10.12 13.02 3.66
CA LEU A 95 9.07 13.22 4.65
C LEU A 95 9.64 13.08 6.06
N GLU A 96 10.95 13.22 6.19
CA GLU A 96 11.61 13.10 7.48
C GLU A 96 11.20 14.24 8.40
N PHE A 97 11.02 15.43 7.83
CA PHE A 97 10.64 16.59 8.61
C PHE A 97 9.21 16.44 9.16
N LEU A 98 8.43 15.56 8.53
CA LEU A 98 7.07 15.34 8.97
C LEU A 98 7.00 15.21 10.49
N ARG A 99 8.03 14.62 11.08
CA ARG A 99 8.07 14.46 12.53
C ARG A 99 7.78 15.78 13.24
N ASP A 100 8.20 16.88 12.63
CA ASP A 100 7.97 18.19 13.23
C ASP A 100 6.74 18.88 12.61
N GLN A 101 6.06 18.17 11.72
CA GLN A 101 4.88 18.73 11.07
C GLN A 101 3.62 18.39 11.87
N PRO A 102 2.62 19.20 11.78
CA PRO A 102 1.33 18.99 12.51
C PRO A 102 0.55 17.79 11.97
N GLN A 103 0.34 17.78 10.66
CA GLN A 103 -0.38 16.69 10.03
C GLN A 103 0.12 15.35 10.54
N PHE A 104 1.43 15.21 10.66
CA PHE A 104 2.01 13.96 11.15
C PHE A 104 1.62 13.71 12.60
N GLN A 105 1.99 14.62 13.49
CA GLN A 105 1.66 14.47 14.90
C GLN A 105 0.15 14.33 15.10
N ASN A 106 -0.61 14.83 14.13
CA ASN A 106 -2.07 14.74 14.21
C ASN A 106 -2.57 13.41 13.67
N MET A 107 -2.30 13.15 12.39
CA MET A 107 -2.72 11.90 11.77
C MET A 107 -2.00 10.71 12.37
N ARG A 108 -0.71 10.89 12.66
CA ARG A 108 0.09 9.82 13.24
C ARG A 108 -0.65 9.18 14.42
N GLN A 109 -1.08 10.02 15.35
CA GLN A 109 -1.81 9.54 16.52
C GLN A 109 -3.25 9.21 16.15
N VAL A 110 -3.85 10.06 15.32
CA VAL A 110 -5.22 9.86 14.89
C VAL A 110 -5.32 8.61 14.02
N ILE A 111 -4.18 8.19 13.47
CA ILE A 111 -4.14 7.01 12.62
C ILE A 111 -3.94 5.76 13.46
N GLN A 112 -3.04 5.85 14.43
CA GLN A 112 -2.74 4.72 15.30
C GLN A 112 -3.88 4.48 16.29
N GLN A 113 -4.45 5.57 16.80
CA GLN A 113 -5.55 5.45 17.75
C GLN A 113 -6.80 4.92 17.07
N ASN A 114 -6.99 5.28 15.81
CA ASN A 114 -8.15 4.82 15.06
C ASN A 114 -7.97 5.08 13.57
N PRO A 115 -7.42 4.13 12.86
CA PRO A 115 -7.21 4.25 11.39
C PRO A 115 -8.46 4.75 10.68
N ALA A 116 -9.57 4.78 11.41
CA ALA A 116 -10.84 5.25 10.85
C ALA A 116 -10.78 6.74 10.57
N LEU A 117 -9.77 7.40 11.12
CA LEU A 117 -9.62 8.84 10.92
C LEU A 117 -8.55 9.12 9.86
N LEU A 118 -7.95 8.06 9.33
CA LEU A 118 -6.91 8.22 8.32
C LEU A 118 -7.51 8.56 6.96
N PRO A 119 -8.27 7.66 6.39
CA PRO A 119 -8.92 7.86 5.07
C PRO A 119 -9.37 9.30 4.87
N ALA A 120 -9.79 9.95 5.95
CA ALA A 120 -10.24 11.33 5.88
C ALA A 120 -9.06 12.29 6.00
N LEU A 121 -8.11 11.93 6.87
CA LEU A 121 -6.93 12.78 7.07
C LEU A 121 -6.07 12.82 5.81
N LEU A 122 -5.63 11.64 5.37
CA LEU A 122 -4.79 11.56 4.18
C LEU A 122 -5.31 12.50 3.09
N GLN A 123 -6.61 12.43 2.83
CA GLN A 123 -7.22 13.27 1.81
C GLN A 123 -6.73 14.71 1.95
N GLN A 124 -6.60 15.17 3.19
CA GLN A 124 -6.14 16.53 3.44
C GLN A 124 -4.62 16.59 3.40
N LEU A 125 -3.97 15.44 3.58
CA LEU A 125 -2.52 15.38 3.56
C LEU A 125 -2.00 15.43 2.13
N GLY A 126 -2.51 14.53 1.29
CA GLY A 126 -2.09 14.49 -0.11
C GLY A 126 -2.64 15.68 -0.88
N GLN A 127 -3.63 16.35 -0.29
CA GLN A 127 -4.24 17.51 -0.93
C GLN A 127 -3.39 18.76 -0.69
N GLU A 128 -3.14 19.07 0.57
CA GLU A 128 -2.35 20.25 0.93
C GLU A 128 -0.87 19.96 0.72
N ASN A 129 -0.51 18.68 0.65
CA ASN A 129 0.88 18.29 0.45
C ASN A 129 0.97 17.08 -0.47
N PRO A 130 0.41 17.18 -1.65
CA PRO A 130 0.42 16.07 -2.64
C PRO A 130 1.81 15.50 -2.86
N GLN A 131 2.83 16.30 -2.52
CA GLN A 131 4.21 15.86 -2.69
C GLN A 131 4.57 14.78 -1.66
N LEU A 132 3.76 14.70 -0.61
CA LEU A 132 4.00 13.71 0.44
C LEU A 132 3.40 12.37 0.06
N LEU A 133 2.17 12.39 -0.43
CA LEU A 133 1.48 11.16 -0.84
C LEU A 133 2.42 10.25 -1.61
N GLN A 134 3.29 10.86 -2.42
CA GLN A 134 4.25 10.09 -3.22
C GLN A 134 5.36 9.53 -2.34
N GLN A 135 5.69 10.27 -1.28
CA GLN A 135 6.74 9.83 -0.37
C GLN A 135 6.17 8.88 0.69
N ILE A 136 4.88 9.01 0.94
CA ILE A 136 4.22 8.16 1.93
C ILE A 136 4.35 6.69 1.54
N SER A 137 3.99 6.38 0.30
CA SER A 137 4.07 5.01 -0.18
C SER A 137 5.52 4.65 -0.51
N ARG A 138 6.27 5.61 -1.01
CA ARG A 138 7.67 5.37 -1.35
C ARG A 138 8.48 5.04 -0.10
N HIS A 139 8.20 5.74 0.99
CA HIS A 139 8.91 5.51 2.24
C HIS A 139 7.94 4.99 3.31
N GLN A 140 7.12 4.02 2.93
CA GLN A 140 6.15 3.46 3.87
C GLN A 140 6.85 3.06 5.17
N GLU A 141 7.75 2.09 5.09
CA GLU A 141 8.48 1.63 6.26
C GLU A 141 8.88 2.81 7.13
N GLN A 142 9.71 3.69 6.58
CA GLN A 142 10.16 4.86 7.32
C GLN A 142 8.97 5.71 7.74
N PHE A 143 7.87 5.58 6.99
CA PHE A 143 6.66 6.34 7.30
C PHE A 143 5.83 5.63 8.35
N ILE A 144 6.00 4.31 8.45
CA ILE A 144 5.26 3.52 9.42
C ILE A 144 5.95 3.56 10.79
N GLN A 145 7.21 3.14 10.81
CA GLN A 145 7.96 3.14 12.07
C GLN A 145 7.65 4.38 12.88
N MET A 146 7.40 5.49 12.19
CA MET A 146 7.08 6.75 12.86
C MET A 146 5.59 6.83 13.16
N LEU A 147 4.76 6.50 12.17
CA LEU A 147 3.32 6.54 12.35
C LEU A 147 2.86 5.37 13.22
N ASN A 148 3.78 4.46 13.52
CA ASN A 148 3.45 3.31 14.34
C ASN A 148 4.19 3.38 15.68
N GLU A 149 5.22 4.21 15.73
CA GLU A 149 6.00 4.37 16.96
C GLU A 149 5.96 5.82 17.43
N PRO A 150 6.58 6.10 18.54
CA PRO A 150 6.62 7.48 19.12
C PRO A 150 7.03 8.52 18.09
N PRO A 151 6.39 9.65 18.09
CA PRO A 151 6.70 10.76 17.14
C PRO A 151 8.20 11.05 17.04
N ILE A 177 -8.23 6.52 -10.65
CA ILE A 177 -8.77 6.49 -11.99
C ILE A 177 -7.93 5.60 -12.89
N GLN A 178 -7.04 6.21 -13.67
CA GLN A 178 -6.19 5.47 -14.58
C GLN A 178 -6.88 4.19 -15.05
N VAL A 179 -8.19 4.27 -15.18
CA VAL A 179 -8.97 3.12 -15.59
C VAL A 179 -9.72 3.39 -16.89
N THR A 180 -10.42 2.38 -17.37
CA THR A 180 -11.19 2.50 -18.60
C THR A 180 -12.48 1.71 -18.46
N PRO A 181 -13.38 1.85 -19.39
CA PRO A 181 -14.67 1.11 -19.36
C PRO A 181 -14.43 -0.39 -19.39
N GLN A 182 -13.23 -0.77 -19.77
CA GLN A 182 -12.85 -2.18 -19.85
C GLN A 182 -12.33 -2.68 -18.51
N GLU A 183 -11.48 -1.90 -17.85
CA GLU A 183 -10.91 -2.30 -16.57
C GLU A 183 -11.80 -1.87 -15.41
N LYS A 184 -12.06 -0.57 -15.33
CA LYS A 184 -12.89 -0.03 -14.26
C LYS A 184 -14.20 -0.81 -14.15
N GLU A 185 -14.67 -1.32 -15.28
CA GLU A 185 -15.91 -2.10 -15.29
C GLU A 185 -15.84 -3.22 -14.25
N ALA A 186 -14.85 -4.09 -14.41
CA ALA A 186 -14.68 -5.20 -13.50
C ALA A 186 -14.22 -4.70 -12.14
N ILE A 187 -13.31 -3.73 -12.16
CA ILE A 187 -12.79 -3.16 -10.92
C ILE A 187 -13.94 -2.68 -10.04
N GLU A 188 -14.84 -1.90 -10.62
CA GLU A 188 -15.98 -1.39 -9.87
C GLU A 188 -16.80 -2.53 -9.32
N ARG A 189 -17.07 -3.50 -10.18
CA ARG A 189 -17.87 -4.66 -9.77
C ARG A 189 -17.44 -5.13 -8.39
N LEU A 190 -16.13 -5.07 -8.13
CA LEU A 190 -15.61 -5.48 -6.83
C LEU A 190 -16.21 -4.62 -5.73
N LYS A 191 -16.41 -3.34 -6.03
CA LYS A 191 -16.98 -2.41 -5.07
C LYS A 191 -18.14 -3.05 -4.32
N ALA A 192 -19.07 -3.60 -5.09
CA ALA A 192 -20.26 -4.23 -4.50
C ALA A 192 -19.88 -5.08 -3.29
N LEU A 193 -18.59 -5.38 -3.15
CA LEU A 193 -18.13 -6.17 -2.02
C LEU A 193 -18.30 -5.40 -0.71
N GLY A 194 -18.66 -4.12 -0.82
CA GLY A 194 -18.86 -3.29 0.35
C GLY A 194 -17.63 -2.44 0.65
N PHE A 195 -17.18 -1.67 -0.34
CA PHE A 195 -16.01 -0.81 -0.16
C PHE A 195 -16.12 0.44 -1.02
N PRO A 196 -15.41 1.47 -0.67
CA PRO A 196 -15.40 2.76 -1.42
C PRO A 196 -14.76 2.64 -2.79
N GLU A 197 -15.41 3.22 -3.79
CA GLU A 197 -14.90 3.18 -5.16
C GLU A 197 -13.39 3.42 -5.19
N SER A 198 -12.97 4.55 -4.63
CA SER A 198 -11.56 4.89 -4.62
C SER A 198 -10.77 3.86 -3.82
N LEU A 199 -11.46 3.08 -3.01
CA LEU A 199 -10.81 2.07 -2.19
C LEU A 199 -10.34 0.89 -3.03
N VAL A 200 -11.18 0.43 -3.95
CA VAL A 200 -10.81 -0.69 -4.80
C VAL A 200 -9.97 -0.24 -5.99
N ILE A 201 -10.40 0.84 -6.63
CA ILE A 201 -9.67 1.37 -7.79
C ILE A 201 -8.20 1.57 -7.44
N GLN A 202 -7.93 1.94 -6.19
CA GLN A 202 -6.56 2.16 -5.75
C GLN A 202 -5.88 0.84 -5.43
N ALA A 203 -6.61 -0.06 -4.78
CA ALA A 203 -6.06 -1.37 -4.42
C ALA A 203 -5.93 -2.24 -5.66
N TYR A 204 -6.72 -1.95 -6.68
CA TYR A 204 -6.68 -2.71 -7.92
C TYR A 204 -5.39 -2.43 -8.67
N PHE A 205 -4.95 -1.17 -8.63
CA PHE A 205 -3.73 -0.77 -9.31
C PHE A 205 -2.51 -1.14 -8.48
N ALA A 206 -2.69 -1.21 -7.17
CA ALA A 206 -1.60 -1.55 -6.27
C ALA A 206 -1.20 -3.02 -6.44
N CYS A 207 -2.08 -3.80 -7.07
CA CYS A 207 -1.82 -5.22 -7.29
C CYS A 207 -1.55 -5.49 -8.76
N GLU A 208 -1.26 -4.43 -9.52
CA GLU A 208 -0.99 -4.57 -10.94
C GLU A 208 -2.28 -4.83 -11.71
N LYS A 209 -3.40 -4.31 -11.19
CA LYS A 209 -4.69 -4.49 -11.83
C LYS A 209 -5.12 -5.95 -11.79
N ASN A 210 -4.51 -6.71 -10.86
CA ASN A 210 -4.84 -8.12 -10.72
C ASN A 210 -6.07 -8.29 -9.84
N GLU A 211 -7.23 -8.41 -10.47
CA GLU A 211 -8.48 -8.58 -9.72
C GLU A 211 -8.30 -9.64 -8.64
N ASN A 212 -8.00 -10.86 -9.07
CA ASN A 212 -7.80 -11.97 -8.14
C ASN A 212 -6.99 -11.50 -6.93
N LEU A 213 -5.99 -10.67 -7.19
CA LEU A 213 -5.14 -10.17 -6.11
C LEU A 213 -5.80 -8.96 -5.44
N ALA A 214 -6.66 -8.27 -6.18
CA ALA A 214 -7.34 -7.11 -5.65
C ALA A 214 -8.45 -7.53 -4.69
N ALA A 215 -9.37 -8.34 -5.19
CA ALA A 215 -10.47 -8.83 -4.36
C ALA A 215 -9.94 -9.49 -3.09
N ASN A 216 -8.84 -10.21 -3.23
CA ASN A 216 -8.23 -10.89 -2.09
C ASN A 216 -7.54 -9.89 -1.17
N PHE A 217 -6.68 -9.06 -1.75
CA PHE A 217 -5.96 -8.05 -0.98
C PHE A 217 -6.94 -7.16 -0.23
N LEU A 218 -8.15 -7.05 -0.76
CA LEU A 218 -9.19 -6.22 -0.14
C LEU A 218 -9.87 -6.99 0.98
N LEU A 219 -10.24 -8.24 0.70
CA LEU A 219 -10.91 -9.08 1.68
C LEU A 219 -9.90 -9.67 2.67
N SER A 220 -8.62 -9.58 2.32
CA SER A 220 -7.57 -10.11 3.17
C SER A 220 -6.82 -8.98 3.87
N GLN A 221 -7.36 -7.76 3.78
CA GLN A 221 -6.73 -6.61 4.40
C GLN A 221 -6.61 -6.79 5.90
N ASN A 222 -7.72 -7.09 6.56
CA ASN A 222 -7.72 -7.28 8.01
C ASN A 222 -9.13 -7.52 8.53
N PHE A 223 -9.84 -6.43 8.85
CA PHE A 223 -11.20 -6.53 9.35
C PHE A 223 -11.45 -7.90 9.98
ZN ZN B . -0.89 -4.71 10.65
N GLU A 13 21.38 -0.39 -12.20
CA GLU A 13 20.06 -0.59 -11.61
C GLU A 13 20.13 -1.60 -10.46
N PRO A 14 20.47 -1.14 -9.29
CA PRO A 14 20.58 -2.00 -8.07
C PRO A 14 19.37 -2.91 -7.90
N TYR A 15 18.31 -2.62 -8.65
CA TYR A 15 17.09 -3.42 -8.57
C TYR A 15 17.41 -4.91 -8.70
N ASN A 16 18.65 -5.23 -9.02
CA ASN A 16 19.05 -6.63 -9.17
C ASN A 16 19.52 -7.21 -7.84
N GLU A 17 20.67 -6.74 -7.35
CA GLU A 17 21.20 -7.23 -6.08
C GLU A 17 20.64 -6.41 -4.93
N TRP A 18 20.65 -5.10 -5.10
CA TRP A 18 20.15 -4.19 -4.08
C TRP A 18 18.71 -4.49 -3.74
N THR A 19 17.89 -4.65 -4.76
CA THR A 19 16.46 -4.92 -4.55
C THR A 19 16.26 -5.97 -3.47
N LEU A 20 17.20 -6.91 -3.36
CA LEU A 20 17.10 -7.96 -2.35
C LEU A 20 17.23 -7.35 -0.96
N GLU A 21 18.09 -6.36 -0.83
CA GLU A 21 18.30 -5.70 0.45
C GLU A 21 17.07 -4.89 0.84
N LEU A 22 16.37 -4.37 -0.16
CA LEU A 22 15.17 -3.58 0.08
C LEU A 22 13.95 -4.50 0.28
N LEU A 23 13.96 -5.63 -0.43
CA LEU A 23 12.86 -6.58 -0.32
C LEU A 23 12.81 -7.20 1.07
N GLU A 24 13.86 -7.95 1.41
CA GLU A 24 13.93 -8.60 2.71
C GLU A 24 13.57 -7.61 3.82
N GLU A 25 13.92 -6.34 3.60
CA GLU A 25 13.63 -5.31 4.58
C GLU A 25 12.17 -4.89 4.50
N LEU A 26 11.74 -4.44 3.33
CA LEU A 26 10.36 -4.01 3.14
C LEU A 26 9.41 -5.18 3.34
N LYS A 27 9.62 -6.26 2.59
CA LYS A 27 8.76 -7.44 2.70
C LYS A 27 8.69 -7.90 4.14
N SER A 28 9.76 -7.67 4.90
CA SER A 28 9.80 -8.05 6.30
C SER A 28 8.70 -7.35 7.08
N GLU A 29 8.55 -6.05 6.85
CA GLU A 29 7.53 -5.27 7.55
C GLU A 29 6.17 -5.44 6.87
N ALA A 30 6.20 -5.66 5.56
CA ALA A 30 4.97 -5.83 4.80
C ALA A 30 4.29 -7.14 5.18
N VAL A 31 5.00 -8.26 4.99
CA VAL A 31 4.46 -9.56 5.32
C VAL A 31 3.78 -9.54 6.69
N ARG A 32 4.19 -8.59 7.53
CA ARG A 32 3.62 -8.46 8.86
C ARG A 32 2.25 -7.79 8.80
N HIS A 33 2.10 -6.89 7.83
CA HIS A 33 0.84 -6.16 7.67
C HIS A 33 0.17 -6.53 6.34
N PHE A 34 0.64 -7.62 5.74
CA PHE A 34 0.09 -8.07 4.47
C PHE A 34 -0.34 -9.54 4.55
N PRO A 35 -1.60 -9.80 4.39
CA PRO A 35 -2.15 -11.19 4.45
C PRO A 35 -1.32 -12.16 3.60
N ARG A 36 -0.82 -13.22 4.25
CA ARG A 36 -0.03 -14.21 3.53
C ARG A 36 -0.73 -14.60 2.25
N ILE A 37 -2.03 -14.28 2.18
CA ILE A 37 -2.83 -14.59 1.01
C ILE A 37 -2.35 -13.79 -0.19
N TRP A 38 -2.39 -12.46 -0.07
CA TRP A 38 -1.95 -11.60 -1.16
C TRP A 38 -0.48 -11.82 -1.46
N LEU A 39 0.32 -12.06 -0.42
CA LEU A 39 1.74 -12.29 -0.58
C LEU A 39 1.99 -13.58 -1.37
N HIS A 40 1.09 -14.54 -1.20
CA HIS A 40 1.22 -15.82 -1.89
C HIS A 40 0.68 -15.71 -3.31
N ASN A 41 -0.44 -15.01 -3.46
CA ASN A 41 -1.07 -14.84 -4.76
C ASN A 41 -0.26 -13.86 -5.61
N LEU A 42 0.39 -12.91 -4.95
CA LEU A 42 1.21 -11.92 -5.66
C LEU A 42 2.33 -12.59 -6.41
N GLY A 43 3.19 -13.30 -5.69
CA GLY A 43 4.31 -14.00 -6.31
C GLY A 43 3.81 -15.07 -7.27
N GLN A 44 2.59 -15.53 -7.06
CA GLN A 44 2.00 -16.56 -7.91
C GLN A 44 1.45 -15.94 -9.19
N HIS A 45 0.81 -14.78 -9.06
CA HIS A 45 0.25 -14.10 -10.22
C HIS A 45 1.32 -13.27 -10.92
N ILE A 46 1.84 -12.27 -10.21
CA ILE A 46 2.87 -11.40 -10.78
C ILE A 46 3.95 -12.23 -11.46
N TYR A 47 4.07 -13.49 -11.07
CA TYR A 47 5.07 -14.38 -11.65
C TYR A 47 4.59 -14.91 -13.00
N GLU A 48 3.31 -15.29 -13.05
CA GLU A 48 2.74 -15.81 -14.29
C GLU A 48 2.57 -14.70 -15.33
N THR A 49 2.46 -13.47 -14.85
CA THR A 49 2.30 -12.33 -15.73
C THR A 49 3.66 -11.85 -16.26
N TYR A 50 4.59 -11.66 -15.34
CA TYR A 50 5.93 -11.20 -15.71
C TYR A 50 6.84 -12.39 -16.03
N GLY A 51 6.45 -13.57 -15.55
CA GLY A 51 7.24 -14.77 -15.80
C GLY A 51 8.44 -14.84 -14.87
N ASP A 52 9.61 -15.05 -15.45
CA ASP A 52 10.84 -15.13 -14.66
C ASP A 52 11.64 -13.84 -14.79
N THR A 53 11.18 -12.95 -15.65
CA THR A 53 11.86 -11.67 -15.86
C THR A 53 12.06 -10.95 -14.53
N TRP A 54 13.09 -10.12 -14.46
CA TRP A 54 13.37 -9.38 -13.24
C TRP A 54 12.33 -8.28 -13.04
N ALA A 55 11.85 -7.70 -14.14
CA ALA A 55 10.85 -6.64 -14.06
C ALA A 55 9.71 -7.05 -13.15
N GLY A 56 9.64 -8.34 -12.83
CA GLY A 56 8.58 -8.86 -11.97
C GLY A 56 8.93 -8.64 -10.50
N VAL A 57 10.05 -9.22 -10.06
CA VAL A 57 10.48 -9.08 -8.68
C VAL A 57 10.48 -7.61 -8.25
N GLU A 58 10.71 -6.73 -9.22
CA GLU A 58 10.74 -5.30 -8.94
C GLU A 58 9.33 -4.73 -8.90
N ALA A 59 8.46 -5.26 -9.75
CA ALA A 59 7.08 -4.80 -9.82
C ALA A 59 6.33 -5.15 -8.54
N ILE A 60 6.85 -6.14 -7.81
CA ILE A 60 6.22 -6.57 -6.56
C ILE A 60 6.64 -5.66 -5.42
N ILE A 61 7.81 -5.06 -5.54
CA ILE A 61 8.32 -4.17 -4.50
C ILE A 61 7.65 -2.80 -4.60
N ARG A 62 7.66 -2.23 -5.81
CA ARG A 62 7.06 -0.92 -6.03
C ARG A 62 5.67 -0.85 -5.38
N ILE A 63 4.78 -1.73 -5.80
CA ILE A 63 3.43 -1.76 -5.25
C ILE A 63 3.45 -2.19 -3.78
N LEU A 64 4.44 -2.99 -3.42
CA LEU A 64 4.57 -3.47 -2.04
C LEU A 64 4.46 -2.30 -1.07
N GLN A 65 5.05 -1.17 -1.43
CA GLN A 65 5.02 0.01 -0.58
C GLN A 65 3.71 0.76 -0.75
N GLN A 66 3.47 1.23 -1.98
CA GLN A 66 2.24 1.97 -2.27
C GLN A 66 1.03 1.27 -1.68
N LEU A 67 1.14 -0.06 -1.51
CA LEU A 67 0.04 -0.83 -0.95
C LEU A 67 0.02 -0.69 0.57
N LEU A 68 1.18 -0.71 1.19
CA LEU A 68 1.28 -0.59 2.64
C LEU A 68 0.48 0.62 3.13
N PHE A 69 0.36 1.62 2.27
CA PHE A 69 -0.39 2.83 2.62
C PHE A 69 -1.86 2.49 2.87
N ILE A 70 -2.45 1.73 1.95
CA ILE A 70 -3.85 1.35 2.08
C ILE A 70 -4.08 0.61 3.39
N HIS A 71 -3.07 -0.15 3.82
CA HIS A 71 -3.17 -0.90 5.07
C HIS A 71 -3.49 0.04 6.24
N PHE A 72 -3.15 1.31 6.08
CA PHE A 72 -3.40 2.30 7.11
C PHE A 72 -4.85 2.80 7.03
N ARG A 73 -5.20 3.38 5.90
CA ARG A 73 -6.54 3.90 5.69
C ARG A 73 -7.59 2.91 6.20
N ILE A 74 -7.60 1.72 5.62
CA ILE A 74 -8.55 0.69 6.02
C ILE A 74 -8.47 0.43 7.53
N GLY A 75 -7.25 0.25 8.01
CA GLY A 75 -7.05 0.00 9.44
C GLY A 75 -6.26 -1.29 9.66
N CYS A 76 -5.22 -1.20 10.50
CA CYS A 76 -4.39 -2.37 10.80
C CYS A 76 -5.12 -3.31 11.75
N ARG A 77 -5.30 -4.55 11.30
CA ARG A 77 -5.99 -5.55 12.13
C ARG A 77 -4.99 -6.31 13.00
N HIS A 78 -3.71 -5.97 12.83
CA HIS A 78 -2.66 -6.63 13.60
C HIS A 78 -2.42 -5.89 14.92
N SER A 79 -1.76 -6.56 15.86
CA SER A 79 -1.47 -5.96 17.15
C SER A 79 -0.61 -4.71 16.98
N ASN A 93 16.20 11.61 4.97
CA ASN A 93 14.95 11.16 4.37
C ASN A 93 13.98 12.32 4.23
N PRO A 94 13.42 12.50 3.06
CA PRO A 94 12.45 13.59 2.79
C PRO A 94 11.14 13.39 3.56
N LEU A 95 11.11 12.34 4.37
CA LEU A 95 9.92 12.03 5.15
C LEU A 95 10.28 12.00 6.64
N GLU A 96 11.55 11.76 6.94
CA GLU A 96 12.00 11.72 8.33
C GLU A 96 11.61 12.99 9.07
N PHE A 97 11.95 14.14 8.48
CA PHE A 97 11.62 15.42 9.08
C PHE A 97 10.12 15.59 9.23
N LEU A 98 9.36 14.60 8.76
CA LEU A 98 7.91 14.65 8.85
C LEU A 98 7.47 15.02 10.26
N ARG A 99 8.16 14.46 11.26
CA ARG A 99 7.83 14.73 12.64
C ARG A 99 7.73 16.24 12.89
N ASP A 100 8.28 17.01 11.96
CA ASP A 100 8.25 18.47 12.07
C ASP A 100 6.91 19.02 11.61
N GLN A 101 5.98 18.12 11.30
CA GLN A 101 4.65 18.53 10.86
C GLN A 101 3.58 17.99 11.79
N PRO A 102 2.54 18.75 12.01
CA PRO A 102 1.42 18.35 12.91
C PRO A 102 0.59 17.22 12.30
N GLN A 103 0.29 17.36 11.01
CA GLN A 103 -0.50 16.34 10.32
C GLN A 103 0.04 14.95 10.62
N PHE A 104 1.34 14.86 10.89
CA PHE A 104 1.96 13.57 11.18
C PHE A 104 1.58 13.11 12.59
N GLN A 105 1.99 13.87 13.59
CA GLN A 105 1.68 13.53 14.98
C GLN A 105 0.18 13.52 15.21
N ASN A 106 -0.56 14.26 14.38
CA ASN A 106 -2.01 14.33 14.50
C ASN A 106 -2.66 13.10 13.86
N MET A 107 -2.33 12.85 12.61
CA MET A 107 -2.88 11.70 11.90
C MET A 107 -2.43 10.40 12.54
N ARG A 108 -1.20 10.39 13.06
CA ARG A 108 -0.65 9.21 13.70
C ARG A 108 -1.33 8.95 15.03
N GLN A 109 -1.65 10.03 15.75
CA GLN A 109 -2.30 9.90 17.04
C GLN A 109 -3.68 9.28 16.89
N VAL A 110 -4.34 9.58 15.78
CA VAL A 110 -5.67 9.05 15.52
C VAL A 110 -5.58 7.77 14.70
N ILE A 111 -4.92 7.85 13.56
CA ILE A 111 -4.78 6.70 12.67
C ILE A 111 -4.40 5.45 13.47
N GLN A 112 -3.35 5.56 14.27
CA GLN A 112 -2.89 4.43 15.07
C GLN A 112 -4.00 3.89 15.95
N GLN A 113 -4.97 4.75 16.28
CA GLN A 113 -6.09 4.36 17.12
C GLN A 113 -7.26 3.90 16.26
N ASN A 114 -7.70 4.79 15.36
CA ASN A 114 -8.83 4.48 14.48
C ASN A 114 -8.50 4.90 13.04
N PRO A 115 -7.70 4.13 12.36
CA PRO A 115 -7.33 4.44 10.95
C PRO A 115 -8.55 4.70 10.08
N ALA A 116 -9.72 4.47 10.66
CA ALA A 116 -10.98 4.67 9.95
C ALA A 116 -11.10 6.11 9.46
N LEU A 117 -10.69 7.05 10.31
CA LEU A 117 -10.76 8.46 9.96
C LEU A 117 -9.54 8.87 9.14
N LEU A 118 -8.70 7.90 8.81
CA LEU A 118 -7.50 8.17 8.02
C LEU A 118 -7.87 8.71 6.65
N PRO A 119 -8.73 8.03 5.94
CA PRO A 119 -9.18 8.46 4.58
C PRO A 119 -9.31 9.97 4.48
N ALA A 120 -9.53 10.62 5.62
CA ALA A 120 -9.68 12.07 5.66
C ALA A 120 -8.31 12.75 5.74
N LEU A 121 -7.49 12.30 6.67
CA LEU A 121 -6.16 12.87 6.85
C LEU A 121 -5.36 12.80 5.56
N LEU A 122 -5.10 11.58 5.09
CA LEU A 122 -4.35 11.40 3.86
C LEU A 122 -4.84 12.36 2.78
N GLN A 123 -6.14 12.48 2.66
CA GLN A 123 -6.73 13.37 1.65
C GLN A 123 -6.26 14.80 1.87
N GLN A 124 -6.08 15.18 3.14
CA GLN A 124 -5.63 16.53 3.46
C GLN A 124 -4.13 16.66 3.22
N LEU A 125 -3.39 15.63 3.61
CA LEU A 125 -1.93 15.65 3.43
C LEU A 125 -1.57 15.86 1.97
N GLY A 126 -2.01 14.96 1.10
CA GLY A 126 -1.72 15.06 -0.32
C GLY A 126 -2.16 16.42 -0.86
N GLN A 127 -3.13 17.03 -0.20
CA GLN A 127 -3.62 18.34 -0.62
C GLN A 127 -2.80 19.45 0.00
N GLU A 128 -2.32 19.22 1.22
CA GLU A 128 -1.51 20.22 1.92
C GLU A 128 -0.10 20.27 1.33
N ASN A 129 0.56 19.12 1.30
CA ASN A 129 1.91 19.05 0.76
C ASN A 129 2.08 17.80 -0.11
N PRO A 130 1.65 17.87 -1.34
CA PRO A 130 1.76 16.73 -2.30
C PRO A 130 3.14 16.08 -2.28
N GLN A 131 4.15 16.90 -2.02
CA GLN A 131 5.53 16.40 -1.98
C GLN A 131 5.66 15.30 -0.94
N LEU A 132 4.99 15.47 0.20
CA LEU A 132 5.05 14.47 1.26
C LEU A 132 4.25 13.23 0.88
N LEU A 133 2.97 13.43 0.57
CA LEU A 133 2.10 12.32 0.19
C LEU A 133 2.80 11.41 -0.82
N GLN A 134 3.50 12.03 -1.76
CA GLN A 134 4.22 11.26 -2.78
C GLN A 134 5.39 10.53 -2.17
N GLN A 135 5.93 11.08 -1.08
CA GLN A 135 7.07 10.46 -0.41
C GLN A 135 6.60 9.37 0.55
N ILE A 136 5.71 9.75 1.46
CA ILE A 136 5.19 8.79 2.43
C ILE A 136 4.81 7.48 1.76
N SER A 137 4.50 7.55 0.46
CA SER A 137 4.12 6.36 -0.29
C SER A 137 5.36 5.57 -0.69
N ARG A 138 6.48 6.27 -0.88
CA ARG A 138 7.72 5.62 -1.28
C ARG A 138 8.54 5.24 -0.05
N HIS A 139 8.02 5.57 1.13
CA HIS A 139 8.72 5.26 2.38
C HIS A 139 7.76 4.68 3.41
N GLN A 140 6.75 3.95 2.92
CA GLN A 140 5.77 3.34 3.83
C GLN A 140 6.46 2.82 5.08
N GLU A 141 7.34 1.83 4.91
CA GLU A 141 8.05 1.26 6.04
C GLU A 141 8.51 2.35 6.99
N GLN A 142 9.41 3.20 6.52
CA GLN A 142 9.91 4.30 7.34
C GLN A 142 8.75 5.16 7.83
N PHE A 143 7.65 5.10 7.10
CA PHE A 143 6.47 5.88 7.47
C PHE A 143 5.64 5.14 8.51
N ILE A 144 5.74 3.80 8.50
CA ILE A 144 4.99 2.99 9.44
C ILE A 144 5.76 2.87 10.76
N GLN A 145 7.04 2.52 10.67
CA GLN A 145 7.86 2.38 11.87
C GLN A 145 7.54 3.49 12.87
N MET A 146 7.36 4.71 12.36
CA MET A 146 7.05 5.84 13.22
C MET A 146 5.56 5.87 13.53
N LEU A 147 4.75 5.56 12.52
CA LEU A 147 3.30 5.54 12.70
C LEU A 147 2.87 4.31 13.49
N ASN A 148 3.82 3.41 13.72
CA ASN A 148 3.54 2.18 14.47
C ASN A 148 4.25 2.22 15.82
N GLU A 149 5.14 3.20 15.98
CA GLU A 149 5.88 3.34 17.23
C GLU A 149 5.97 4.81 17.62
N PRO A 150 6.63 5.11 18.70
CA PRO A 150 6.79 6.51 19.18
C PRO A 150 7.29 7.44 18.08
N PRO A 151 6.79 8.63 18.04
CA PRO A 151 7.18 9.64 17.01
C PRO A 151 8.62 10.12 17.18
N ILE A 177 -8.04 6.00 -13.08
CA ILE A 177 -8.31 6.66 -14.34
C ILE A 177 -7.82 5.81 -15.50
N GLN A 178 -6.55 5.43 -15.42
CA GLN A 178 -5.94 4.59 -16.45
C GLN A 178 -6.92 3.50 -16.89
N VAL A 179 -7.94 3.26 -16.07
CA VAL A 179 -8.92 2.24 -16.38
C VAL A 179 -10.12 2.83 -17.09
N THR A 180 -10.94 1.95 -17.63
CA THR A 180 -12.15 2.34 -18.32
C THR A 180 -13.24 1.32 -18.01
N PRO A 181 -14.37 1.39 -18.65
CA PRO A 181 -15.50 0.46 -18.39
C PRO A 181 -15.13 -0.98 -18.70
N GLN A 182 -14.03 -1.15 -19.43
CA GLN A 182 -13.59 -2.50 -19.79
C GLN A 182 -13.06 -3.23 -18.56
N GLU A 183 -12.04 -2.65 -17.93
CA GLU A 183 -11.45 -3.25 -16.74
C GLU A 183 -12.18 -2.75 -15.49
N LYS A 184 -12.74 -1.55 -15.60
CA LYS A 184 -13.45 -0.95 -14.49
C LYS A 184 -14.42 -1.95 -13.87
N GLU A 185 -15.25 -2.56 -14.71
CA GLU A 185 -16.21 -3.55 -14.24
C GLU A 185 -15.60 -4.40 -13.14
N ALA A 186 -14.28 -4.49 -13.14
CA ALA A 186 -13.56 -5.27 -12.15
C ALA A 186 -13.34 -4.46 -10.88
N ILE A 187 -13.03 -3.18 -11.05
CA ILE A 187 -12.80 -2.30 -9.91
C ILE A 187 -14.01 -2.28 -8.99
N GLU A 188 -15.18 -2.05 -9.56
CA GLU A 188 -16.41 -2.01 -8.78
C GLU A 188 -16.73 -3.39 -8.22
N ARG A 189 -16.28 -4.42 -8.92
CA ARG A 189 -16.53 -5.79 -8.48
C ARG A 189 -16.09 -5.97 -7.04
N LEU A 190 -14.98 -5.32 -6.67
CA LEU A 190 -14.47 -5.41 -5.31
C LEU A 190 -15.20 -4.41 -4.41
N LYS A 191 -15.81 -3.40 -5.03
CA LYS A 191 -16.53 -2.38 -4.28
C LYS A 191 -17.69 -3.02 -3.51
N ALA A 192 -18.54 -3.74 -4.23
CA ALA A 192 -19.69 -4.39 -3.61
C ALA A 192 -19.28 -5.06 -2.29
N LEU A 193 -17.98 -5.26 -2.12
CA LEU A 193 -17.47 -5.89 -0.90
C LEU A 193 -17.39 -4.87 0.22
N GLY A 194 -17.96 -3.69 0.00
CA GLY A 194 -17.95 -2.63 1.01
C GLY A 194 -16.66 -1.82 0.93
N PHE A 195 -16.41 -1.20 -0.22
CA PHE A 195 -15.21 -0.40 -0.40
C PHE A 195 -15.49 0.77 -1.34
N PRO A 196 -15.04 1.94 -0.98
CA PRO A 196 -15.24 3.17 -1.80
C PRO A 196 -14.91 2.95 -3.28
N GLU A 197 -15.49 3.78 -4.13
CA GLU A 197 -15.25 3.67 -5.57
C GLU A 197 -13.78 3.94 -5.89
N SER A 198 -13.19 4.88 -5.15
CA SER A 198 -11.79 5.24 -5.36
C SER A 198 -10.88 4.21 -4.70
N LEU A 199 -11.43 3.44 -3.77
CA LEU A 199 -10.65 2.42 -3.08
C LEU A 199 -10.44 1.21 -3.98
N VAL A 200 -11.53 0.64 -4.47
CA VAL A 200 -11.44 -0.53 -5.35
C VAL A 200 -10.32 -0.35 -6.37
N ILE A 201 -10.37 0.75 -7.10
CA ILE A 201 -9.36 1.04 -8.11
C ILE A 201 -7.98 0.69 -7.58
N GLN A 202 -7.60 1.30 -6.45
CA GLN A 202 -6.30 1.06 -5.85
C GLN A 202 -6.03 -0.44 -5.73
N ALA A 203 -6.89 -1.14 -4.99
CA ALA A 203 -6.72 -2.58 -4.81
C ALA A 203 -6.57 -3.28 -6.15
N TYR A 204 -7.02 -2.62 -7.22
CA TYR A 204 -6.93 -3.20 -8.55
C TYR A 204 -5.61 -2.82 -9.21
N PHE A 205 -5.40 -1.53 -9.42
CA PHE A 205 -4.17 -1.05 -10.04
C PHE A 205 -2.95 -1.52 -9.24
N ALA A 206 -2.99 -1.31 -7.93
CA ALA A 206 -1.88 -1.72 -7.07
C ALA A 206 -1.65 -3.22 -7.17
N CYS A 207 -2.68 -3.94 -7.60
CA CYS A 207 -2.59 -5.39 -7.74
C CYS A 207 -2.27 -5.77 -9.18
N GLU A 208 -1.52 -4.92 -9.86
CA GLU A 208 -1.15 -5.17 -11.24
C GLU A 208 -2.39 -5.34 -12.11
N LYS A 209 -3.50 -4.76 -11.66
CA LYS A 209 -4.75 -4.84 -12.41
C LYS A 209 -5.26 -6.28 -12.43
N ASN A 210 -5.14 -6.97 -11.31
CA ASN A 210 -5.59 -8.34 -11.22
C ASN A 210 -6.72 -8.47 -10.20
N GLU A 211 -7.89 -8.89 -10.67
CA GLU A 211 -9.04 -9.04 -9.78
C GLU A 211 -8.74 -10.06 -8.69
N ASN A 212 -8.26 -11.23 -9.09
CA ASN A 212 -7.94 -12.29 -8.14
C ASN A 212 -7.05 -11.74 -7.02
N LEU A 213 -6.04 -10.96 -7.40
CA LEU A 213 -5.12 -10.38 -6.42
C LEU A 213 -5.77 -9.20 -5.72
N ALA A 214 -6.60 -8.47 -6.45
CA ALA A 214 -7.28 -7.30 -5.89
C ALA A 214 -8.09 -7.70 -4.66
N ALA A 215 -8.96 -8.70 -4.83
CA ALA A 215 -9.80 -9.16 -3.74
C ALA A 215 -8.95 -9.82 -2.65
N ASN A 216 -7.83 -10.41 -3.06
CA ASN A 216 -6.93 -11.07 -2.12
C ASN A 216 -6.38 -10.06 -1.11
N PHE A 217 -5.94 -8.91 -1.61
CA PHE A 217 -5.40 -7.88 -0.75
C PHE A 217 -6.52 -7.03 -0.15
N LEU A 218 -7.45 -6.61 -1.00
CA LEU A 218 -8.57 -5.79 -0.55
C LEU A 218 -9.41 -6.55 0.48
N LEU A 219 -9.86 -7.74 0.11
CA LEU A 219 -10.68 -8.56 1.00
C LEU A 219 -9.88 -8.98 2.22
N SER A 220 -8.56 -9.02 2.08
CA SER A 220 -7.69 -9.42 3.19
C SER A 220 -6.94 -8.22 3.75
N GLN A 221 -7.29 -7.03 3.26
CA GLN A 221 -6.64 -5.80 3.72
C GLN A 221 -7.05 -5.46 5.15
N ASN A 222 -7.15 -6.49 6.00
CA ASN A 222 -7.52 -6.28 7.39
C ASN A 222 -8.83 -5.50 7.50
N PHE A 223 -9.64 -5.84 8.50
CA PHE A 223 -10.92 -5.15 8.71
C PHE A 223 -11.42 -5.38 10.13
ZN ZN B . -1.24 -4.44 10.21
N GLU A 13 24.35 -2.94 -12.02
CA GLU A 13 23.27 -2.27 -11.30
C GLU A 13 22.93 -3.03 -10.02
N PRO A 14 22.56 -2.32 -9.00
CA PRO A 14 22.20 -2.93 -7.69
C PRO A 14 20.85 -3.64 -7.75
N TYR A 15 19.88 -3.03 -8.42
CA TYR A 15 18.55 -3.61 -8.54
C TYR A 15 18.63 -5.11 -8.78
N ASN A 16 19.81 -5.58 -9.19
CA ASN A 16 19.99 -7.01 -9.44
C ASN A 16 20.10 -7.78 -8.13
N GLU A 17 21.24 -7.65 -7.46
CA GLU A 17 21.46 -8.33 -6.19
C GLU A 17 20.99 -7.47 -5.04
N TRP A 18 21.21 -6.16 -5.15
CA TRP A 18 20.82 -5.22 -4.11
C TRP A 18 19.33 -5.31 -3.78
N THR A 19 18.50 -5.18 -4.80
CA THR A 19 17.06 -5.21 -4.61
C THR A 19 16.67 -6.33 -3.65
N LEU A 20 17.48 -7.39 -3.60
CA LEU A 20 17.18 -8.51 -2.71
C LEU A 20 17.61 -8.18 -1.28
N GLU A 21 18.65 -7.36 -1.16
CA GLU A 21 19.15 -6.96 0.15
C GLU A 21 18.06 -6.27 0.96
N LEU A 22 17.41 -5.29 0.35
CA LEU A 22 16.35 -4.54 1.03
C LEU A 22 15.03 -5.31 0.94
N LEU A 23 14.92 -6.18 -0.06
CA LEU A 23 13.70 -6.97 -0.25
C LEU A 23 13.41 -7.79 1.00
N GLU A 24 14.46 -8.32 1.63
CA GLU A 24 14.30 -9.13 2.82
C GLU A 24 13.62 -8.33 3.93
N GLU A 25 14.27 -7.26 4.37
CA GLU A 25 13.72 -6.42 5.43
C GLU A 25 12.42 -5.78 4.96
N LEU A 26 12.33 -5.49 3.67
CA LEU A 26 11.13 -4.87 3.11
C LEU A 26 9.88 -5.66 3.52
N LYS A 27 10.01 -6.98 3.56
CA LYS A 27 8.89 -7.83 3.93
C LYS A 27 8.75 -7.89 5.46
N SER A 28 9.87 -8.10 6.13
CA SER A 28 9.86 -8.18 7.59
C SER A 28 8.96 -7.11 8.19
N GLU A 29 8.73 -6.04 7.42
CA GLU A 29 7.90 -4.94 7.87
C GLU A 29 6.42 -5.21 7.54
N ALA A 30 6.13 -5.40 6.26
CA ALA A 30 4.76 -5.66 5.82
C ALA A 30 4.44 -7.14 5.97
N VAL A 31 5.27 -7.99 5.37
CA VAL A 31 5.06 -9.43 5.43
C VAL A 31 4.66 -9.86 6.84
N ARG A 32 5.24 -9.22 7.84
CA ARG A 32 4.92 -9.57 9.22
C ARG A 32 3.43 -9.41 9.50
N HIS A 33 2.85 -8.32 8.99
CA HIS A 33 1.43 -8.07 9.17
C HIS A 33 0.71 -8.05 7.83
N PHE A 34 1.30 -8.69 6.83
CA PHE A 34 0.70 -8.73 5.51
C PHE A 34 0.02 -10.07 5.27
N PRO A 35 -1.21 -10.05 4.83
CA PRO A 35 -1.99 -11.27 4.54
C PRO A 35 -1.19 -12.28 3.72
N ARG A 36 -1.03 -13.48 4.25
CA ARG A 36 -0.29 -14.52 3.54
C ARG A 36 -0.95 -14.81 2.21
N ILE A 37 -2.20 -14.40 2.09
CA ILE A 37 -2.97 -14.62 0.87
C ILE A 37 -2.46 -13.71 -0.25
N TRP A 38 -2.52 -12.40 -0.01
CA TRP A 38 -2.06 -11.43 -1.00
C TRP A 38 -0.58 -11.62 -1.29
N LEU A 39 0.17 -12.07 -0.28
CA LEU A 39 1.60 -12.28 -0.44
C LEU A 39 1.86 -13.52 -1.29
N HIS A 40 0.99 -14.52 -1.16
CA HIS A 40 1.14 -15.74 -1.94
C HIS A 40 0.50 -15.59 -3.32
N ASN A 41 -0.59 -14.85 -3.37
CA ASN A 41 -1.30 -14.63 -4.64
C ASN A 41 -0.51 -13.66 -5.52
N LEU A 42 0.10 -12.67 -4.89
CA LEU A 42 0.88 -11.69 -5.64
C LEU A 42 2.04 -12.35 -6.37
N GLY A 43 2.93 -12.98 -5.61
CA GLY A 43 4.08 -13.66 -6.21
C GLY A 43 3.63 -14.71 -7.21
N GLN A 44 2.43 -15.24 -7.02
CA GLN A 44 1.89 -16.26 -7.91
C GLN A 44 1.33 -15.62 -9.17
N HIS A 45 0.61 -14.51 -9.00
CA HIS A 45 0.00 -13.81 -10.13
C HIS A 45 1.02 -12.89 -10.79
N ILE A 46 1.50 -11.91 -10.02
CA ILE A 46 2.48 -10.96 -10.54
C ILE A 46 3.60 -11.69 -11.28
N TYR A 47 4.00 -12.84 -10.74
CA TYR A 47 5.06 -13.63 -11.37
C TYR A 47 4.66 -14.05 -12.78
N GLU A 48 3.36 -14.24 -12.98
CA GLU A 48 2.86 -14.64 -14.30
C GLU A 48 2.71 -13.43 -15.21
N THR A 49 2.44 -12.27 -14.60
CA THR A 49 2.27 -11.05 -15.37
C THR A 49 3.50 -10.77 -16.21
N TYR A 50 4.67 -10.80 -15.58
CA TYR A 50 5.93 -10.55 -16.28
C TYR A 50 6.73 -11.84 -16.44
N GLY A 51 6.50 -12.78 -15.54
CA GLY A 51 7.21 -14.06 -15.58
C GLY A 51 8.39 -14.06 -14.61
N ASP A 52 9.59 -14.24 -15.16
CA ASP A 52 10.80 -14.26 -14.33
C ASP A 52 11.62 -13.00 -14.55
N THR A 53 11.15 -12.14 -15.46
CA THR A 53 11.84 -10.90 -15.74
C THR A 53 12.13 -10.13 -14.46
N TRP A 54 13.10 -9.21 -14.53
CA TRP A 54 13.46 -8.41 -13.36
C TRP A 54 12.40 -7.35 -13.09
N ALA A 55 11.85 -6.79 -14.16
CA ALA A 55 10.82 -5.76 -14.02
C ALA A 55 9.79 -6.17 -12.97
N GLY A 56 9.31 -7.40 -13.07
CA GLY A 56 8.32 -7.90 -12.12
C GLY A 56 8.85 -7.83 -10.69
N VAL A 57 10.04 -8.39 -10.48
CA VAL A 57 10.65 -8.38 -9.16
C VAL A 57 10.77 -6.96 -8.63
N GLU A 58 10.79 -5.99 -9.55
CA GLU A 58 10.89 -4.59 -9.15
C GLU A 58 9.54 -4.04 -8.73
N ALA A 59 8.48 -4.53 -9.39
CA ALA A 59 7.13 -4.08 -9.06
C ALA A 59 6.72 -4.56 -7.68
N ILE A 60 6.83 -5.87 -7.46
CA ILE A 60 6.46 -6.45 -6.17
C ILE A 60 7.01 -5.61 -5.03
N ILE A 61 8.24 -5.12 -5.20
CA ILE A 61 8.87 -4.29 -4.17
C ILE A 61 8.19 -2.94 -4.09
N ARG A 62 7.79 -2.40 -5.23
CA ARG A 62 7.14 -1.09 -5.27
C ARG A 62 5.68 -1.23 -4.81
N ILE A 63 4.91 -2.05 -5.52
CA ILE A 63 3.51 -2.25 -5.18
C ILE A 63 3.36 -2.56 -3.70
N LEU A 64 4.30 -3.32 -3.15
CA LEU A 64 4.27 -3.67 -1.74
C LEU A 64 3.97 -2.45 -0.88
N GLN A 65 4.76 -1.40 -1.06
CA GLN A 65 4.58 -0.17 -0.30
C GLN A 65 3.21 0.43 -0.57
N GLN A 66 2.93 0.73 -1.84
CA GLN A 66 1.66 1.31 -2.22
C GLN A 66 0.50 0.52 -1.60
N LEU A 67 0.69 -0.79 -1.48
CA LEU A 67 -0.34 -1.65 -0.91
C LEU A 67 -0.47 -1.41 0.59
N LEU A 68 0.65 -1.12 1.24
CA LEU A 68 0.65 -0.85 2.68
C LEU A 68 -0.10 0.43 2.99
N PHE A 69 0.04 1.42 2.12
CA PHE A 69 -0.63 2.70 2.31
C PHE A 69 -2.13 2.50 2.50
N ILE A 70 -2.77 1.92 1.48
CA ILE A 70 -4.20 1.68 1.55
C ILE A 70 -4.55 0.85 2.78
N HIS A 71 -3.61 0.00 3.20
CA HIS A 71 -3.81 -0.84 4.37
C HIS A 71 -3.90 0.00 5.64
N PHE A 72 -3.32 1.20 5.58
CA PHE A 72 -3.34 2.10 6.73
C PHE A 72 -4.73 2.69 6.92
N ARG A 73 -5.28 3.27 5.86
CA ARG A 73 -6.61 3.87 5.91
C ARG A 73 -7.58 2.95 6.65
N ILE A 74 -7.78 1.75 6.10
CA ILE A 74 -8.69 0.79 6.72
C ILE A 74 -8.33 0.58 8.18
N GLY A 75 -7.03 0.47 8.45
CA GLY A 75 -6.56 0.28 9.81
C GLY A 75 -5.83 -1.05 9.96
N CYS A 76 -4.68 -1.02 10.63
CA CYS A 76 -3.89 -2.24 10.82
C CYS A 76 -4.45 -3.04 11.99
N ARG A 77 -5.20 -4.09 11.68
CA ARG A 77 -5.78 -4.94 12.71
C ARG A 77 -4.78 -6.01 13.12
N HIS A 78 -3.55 -5.86 12.65
CA HIS A 78 -2.49 -6.82 12.95
C HIS A 78 -1.84 -6.49 14.28
N SER A 79 -1.72 -7.50 15.15
CA SER A 79 -1.11 -7.30 16.46
C SER A 79 0.37 -6.95 16.31
N ASN A 93 15.47 10.56 5.19
CA ASN A 93 14.38 10.40 4.26
C ASN A 93 13.83 11.76 3.86
N PRO A 94 13.16 11.83 2.74
CA PRO A 94 12.57 13.10 2.25
C PRO A 94 11.39 13.53 3.11
N LEU A 95 11.02 12.67 4.05
CA LEU A 95 9.91 12.95 4.94
C LEU A 95 10.35 12.84 6.40
N GLU A 96 11.66 12.92 6.61
CA GLU A 96 12.21 12.83 7.96
C GLU A 96 11.80 14.04 8.78
N PHE A 97 11.49 15.14 8.10
CA PHE A 97 11.09 16.37 8.77
C PHE A 97 9.62 16.31 9.16
N LEU A 98 8.94 15.26 8.72
CA LEU A 98 7.52 15.10 9.02
C LEU A 98 7.27 15.18 10.52
N ARG A 99 8.05 14.43 11.29
CA ARG A 99 7.90 14.44 12.74
C ARG A 99 7.79 15.86 13.26
N ASP A 100 8.16 16.83 12.43
CA ASP A 100 8.09 18.22 12.82
C ASP A 100 6.80 18.87 12.34
N GLN A 101 5.81 18.04 12.00
CA GLN A 101 4.53 18.56 11.54
C GLN A 101 3.39 17.98 12.37
N PRO A 102 2.32 18.72 12.50
CA PRO A 102 1.13 18.28 13.28
C PRO A 102 0.39 17.14 12.60
N GLN A 103 0.14 17.30 11.30
CA GLN A 103 -0.56 16.28 10.53
C GLN A 103 0.01 14.90 10.81
N PHE A 104 1.33 14.79 10.78
CA PHE A 104 1.98 13.51 11.03
C PHE A 104 1.83 13.10 12.49
N GLN A 105 2.34 13.93 13.39
CA GLN A 105 2.24 13.64 14.82
C GLN A 105 0.79 13.46 15.23
N ASN A 106 -0.12 14.06 14.46
CA ASN A 106 -1.54 13.96 14.74
C ASN A 106 -2.13 12.69 14.14
N MET A 107 -2.07 12.60 12.81
CA MET A 107 -2.59 11.43 12.11
C MET A 107 -2.01 10.15 12.72
N ARG A 108 -0.78 10.26 13.23
CA ARG A 108 -0.12 9.10 13.84
C ARG A 108 -0.82 8.70 15.13
N GLN A 109 -1.49 9.66 15.76
CA GLN A 109 -2.21 9.39 17.00
C GLN A 109 -3.60 8.83 16.71
N VAL A 110 -4.20 9.31 15.64
CA VAL A 110 -5.53 8.86 15.26
C VAL A 110 -5.44 7.64 14.34
N ILE A 111 -4.28 7.46 13.73
CA ILE A 111 -4.06 6.33 12.83
C ILE A 111 -3.83 5.05 13.63
N GLN A 112 -2.90 5.10 14.57
CA GLN A 112 -2.60 3.94 15.40
C GLN A 112 -3.76 3.65 16.35
N GLN A 113 -4.53 4.68 16.66
CA GLN A 113 -5.66 4.53 17.55
C GLN A 113 -6.92 4.14 16.78
N ASN A 114 -7.27 4.96 15.80
CA ASN A 114 -8.46 4.69 14.98
C ASN A 114 -8.23 5.14 13.55
N PRO A 115 -7.55 4.33 12.78
CA PRO A 115 -7.26 4.64 11.35
C PRO A 115 -8.48 5.18 10.62
N ALA A 116 -9.65 5.02 11.23
CA ALA A 116 -10.88 5.49 10.64
C ALA A 116 -10.81 7.00 10.38
N LEU A 117 -9.77 7.63 10.91
CA LEU A 117 -9.59 9.07 10.74
C LEU A 117 -8.43 9.36 9.78
N LEU A 118 -7.90 8.30 9.18
CA LEU A 118 -6.78 8.45 8.25
C LEU A 118 -7.29 8.84 6.86
N PRO A 119 -8.14 8.02 6.28
CA PRO A 119 -8.72 8.28 4.94
C PRO A 119 -9.04 9.75 4.72
N ALA A 120 -9.36 10.45 5.81
CA ALA A 120 -9.68 11.87 5.72
C ALA A 120 -8.42 12.72 5.76
N LEU A 121 -7.57 12.45 6.75
CA LEU A 121 -6.32 13.20 6.89
C LEU A 121 -5.50 13.13 5.61
N LEU A 122 -5.10 11.92 5.23
CA LEU A 122 -4.31 11.73 4.02
C LEU A 122 -4.85 12.61 2.89
N GLN A 123 -6.13 12.96 2.96
CA GLN A 123 -6.74 13.78 1.94
C GLN A 123 -6.29 15.23 2.08
N GLN A 124 -6.31 15.74 3.31
CA GLN A 124 -5.90 17.11 3.57
C GLN A 124 -4.38 17.23 3.53
N LEU A 125 -3.70 16.11 3.69
CA LEU A 125 -2.24 16.09 3.67
C LEU A 125 -1.72 16.33 2.25
N GLY A 126 -2.32 15.62 1.29
CA GLY A 126 -1.91 15.75 -0.11
C GLY A 126 -2.36 17.10 -0.67
N GLN A 127 -3.27 17.76 0.02
CA GLN A 127 -3.77 19.05 -0.42
C GLN A 127 -2.77 20.16 -0.09
N GLU A 128 -1.92 19.89 0.89
CA GLU A 128 -0.92 20.88 1.30
C GLU A 128 0.49 20.36 1.00
N ASN A 129 0.61 19.05 0.81
CA ASN A 129 1.91 18.46 0.52
C ASN A 129 1.78 17.38 -0.55
N PRO A 130 1.82 17.78 -1.80
CA PRO A 130 1.70 16.84 -2.95
C PRO A 130 2.95 15.97 -3.11
N GLN A 131 4.11 16.57 -2.89
CA GLN A 131 5.37 15.84 -3.02
C GLN A 131 5.52 14.83 -1.89
N LEU A 132 4.92 15.14 -0.74
CA LEU A 132 4.99 14.25 0.41
C LEU A 132 3.92 13.17 0.32
N LEU A 133 2.74 13.55 -0.14
CA LEU A 133 1.63 12.60 -0.26
C LEU A 133 2.04 11.42 -1.13
N GLN A 134 2.66 11.71 -2.26
CA GLN A 134 3.10 10.67 -3.17
C GLN A 134 4.39 10.03 -2.68
N GLN A 135 5.13 10.76 -1.83
CA GLN A 135 6.38 10.25 -1.30
C GLN A 135 6.12 9.40 -0.05
N ILE A 136 5.00 9.67 0.62
CA ILE A 136 4.64 8.93 1.82
C ILE A 136 4.52 7.45 1.52
N SER A 137 3.74 7.12 0.50
CA SER A 137 3.54 5.73 0.10
C SER A 137 4.85 5.13 -0.38
N ARG A 138 5.71 5.98 -0.96
CA ARG A 138 6.99 5.52 -1.46
C ARG A 138 7.87 5.00 -0.32
N HIS A 139 7.72 5.60 0.86
CA HIS A 139 8.49 5.18 2.03
C HIS A 139 7.57 4.58 3.09
N GLN A 140 6.52 3.91 2.65
CA GLN A 140 5.58 3.29 3.58
C GLN A 140 6.31 2.72 4.78
N GLU A 141 7.15 1.72 4.54
CA GLU A 141 7.90 1.10 5.63
C GLU A 141 8.44 2.17 6.58
N GLN A 142 9.24 3.08 6.04
CA GLN A 142 9.80 4.16 6.85
C GLN A 142 8.69 5.05 7.39
N PHE A 143 7.54 5.02 6.71
CA PHE A 143 6.39 5.83 7.11
C PHE A 143 5.60 5.10 8.18
N ILE A 144 5.70 3.78 8.20
CA ILE A 144 4.98 2.97 9.18
C ILE A 144 5.74 2.93 10.50
N GLN A 145 6.99 2.46 10.45
CA GLN A 145 7.80 2.38 11.66
C GLN A 145 7.59 3.62 12.53
N MET A 146 7.36 4.76 11.89
CA MET A 146 7.13 6.01 12.60
C MET A 146 5.65 6.14 12.99
N LEU A 147 4.77 5.77 12.07
CA LEU A 147 3.34 5.86 12.32
C LEU A 147 2.86 4.66 13.15
N ASN A 148 3.74 3.70 13.37
CA ASN A 148 3.40 2.52 14.14
C ASN A 148 4.00 2.61 15.54
N GLU A 149 4.85 3.61 15.74
CA GLU A 149 5.49 3.80 17.04
C GLU A 149 5.34 5.26 17.47
N PRO A 150 5.68 5.55 18.71
CA PRO A 150 5.57 6.93 19.25
C PRO A 150 6.27 7.94 18.37
N PRO A 151 5.62 9.04 18.10
CA PRO A 151 6.18 10.12 17.23
C PRO A 151 7.26 10.93 17.94
N ILE A 177 -7.38 6.07 -11.81
CA ILE A 177 -8.48 5.52 -12.59
C ILE A 177 -7.93 4.76 -13.80
N GLN A 178 -7.27 5.49 -14.69
CA GLN A 178 -6.68 4.89 -15.88
C GLN A 178 -7.37 3.56 -16.20
N VAL A 179 -8.70 3.58 -16.19
CA VAL A 179 -9.45 2.37 -16.47
C VAL A 179 -10.43 2.60 -17.61
N THR A 180 -11.16 1.55 -17.97
CA THR A 180 -12.14 1.62 -19.03
C THR A 180 -13.33 0.73 -18.67
N PRO A 181 -14.42 0.87 -19.34
CA PRO A 181 -15.64 0.06 -19.06
C PRO A 181 -15.33 -1.42 -19.13
N GLN A 182 -14.19 -1.73 -19.73
CA GLN A 182 -13.75 -3.11 -19.87
C GLN A 182 -13.13 -3.61 -18.57
N GLU A 183 -12.20 -2.84 -18.01
CA GLU A 183 -11.56 -3.23 -16.76
C GLU A 183 -12.34 -2.67 -15.57
N LYS A 184 -13.16 -1.67 -15.85
CA LYS A 184 -13.96 -1.04 -14.82
C LYS A 184 -15.06 -1.97 -14.33
N GLU A 185 -15.88 -2.46 -15.25
CA GLU A 185 -16.96 -3.37 -14.89
C GLU A 185 -16.47 -4.40 -13.89
N ALA A 186 -15.18 -4.74 -13.98
CA ALA A 186 -14.59 -5.71 -13.08
C ALA A 186 -14.13 -5.02 -11.80
N ILE A 187 -13.82 -3.74 -11.89
CA ILE A 187 -13.37 -2.99 -10.72
C ILE A 187 -14.49 -2.85 -9.69
N GLU A 188 -15.58 -2.20 -10.08
CA GLU A 188 -16.71 -2.01 -9.19
C GLU A 188 -17.13 -3.34 -8.57
N ARG A 189 -17.06 -4.40 -9.37
CA ARG A 189 -17.44 -5.72 -8.89
C ARG A 189 -16.92 -5.95 -7.48
N LEU A 190 -15.71 -5.48 -7.21
CA LEU A 190 -15.11 -5.62 -5.90
C LEU A 190 -15.60 -4.52 -4.96
N LYS A 191 -16.06 -3.42 -5.54
CA LYS A 191 -16.56 -2.29 -4.76
C LYS A 191 -17.72 -2.74 -3.87
N ALA A 192 -18.66 -3.46 -4.46
CA ALA A 192 -19.82 -3.94 -3.71
C ALA A 192 -19.39 -4.75 -2.49
N LEU A 193 -18.12 -5.17 -2.48
CA LEU A 193 -17.60 -5.95 -1.38
C LEU A 193 -17.55 -5.12 -0.09
N GLY A 194 -18.05 -3.90 -0.17
CA GLY A 194 -18.07 -3.01 0.99
C GLY A 194 -16.90 -2.03 0.93
N PHE A 195 -16.60 -1.53 -0.26
CA PHE A 195 -15.52 -0.57 -0.44
C PHE A 195 -15.90 0.48 -1.47
N PRO A 196 -15.22 1.60 -1.45
CA PRO A 196 -15.49 2.72 -2.40
C PRO A 196 -15.02 2.40 -3.81
N GLU A 197 -15.62 3.06 -4.80
CA GLU A 197 -15.26 2.85 -6.19
C GLU A 197 -13.79 3.22 -6.41
N SER A 198 -13.28 4.10 -5.56
CA SER A 198 -11.89 4.53 -5.67
C SER A 198 -10.94 3.48 -5.09
N LEU A 199 -11.33 2.93 -3.94
CA LEU A 199 -10.51 1.92 -3.29
C LEU A 199 -10.37 0.68 -4.17
N VAL A 200 -11.31 0.51 -5.10
CA VAL A 200 -11.27 -0.64 -5.99
C VAL A 200 -10.21 -0.46 -7.07
N ILE A 201 -10.17 0.73 -7.66
CA ILE A 201 -9.20 1.02 -8.71
C ILE A 201 -7.79 1.02 -8.14
N GLN A 202 -7.58 1.82 -7.09
CA GLN A 202 -6.27 1.92 -6.46
C GLN A 202 -5.69 0.53 -6.20
N ALA A 203 -6.45 -0.30 -5.50
CA ALA A 203 -6.00 -1.66 -5.19
C ALA A 203 -5.85 -2.48 -6.47
N TYR A 204 -6.77 -2.26 -7.42
CA TYR A 204 -6.72 -2.99 -8.68
C TYR A 204 -5.44 -2.67 -9.44
N PHE A 205 -5.09 -1.39 -9.51
CA PHE A 205 -3.88 -0.97 -10.21
C PHE A 205 -2.63 -1.44 -9.45
N ALA A 206 -2.51 -1.00 -8.21
CA ALA A 206 -1.36 -1.37 -7.39
C ALA A 206 -1.11 -2.87 -7.48
N CYS A 207 -2.18 -3.65 -7.58
CA CYS A 207 -2.06 -5.10 -7.68
C CYS A 207 -1.95 -5.53 -9.15
N GLU A 208 -1.17 -4.77 -9.92
CA GLU A 208 -1.00 -5.09 -11.34
C GLU A 208 -2.33 -5.46 -11.99
N LYS A 209 -3.29 -4.55 -11.92
CA LYS A 209 -4.60 -4.79 -12.49
C LYS A 209 -5.09 -6.21 -12.21
N ASN A 210 -4.45 -6.85 -11.24
CA ASN A 210 -4.83 -8.22 -10.87
C ASN A 210 -6.15 -8.24 -10.12
N GLU A 211 -7.22 -8.61 -10.81
CA GLU A 211 -8.53 -8.67 -10.19
C GLU A 211 -8.51 -9.58 -8.97
N ASN A 212 -7.98 -10.79 -9.15
CA ASN A 212 -7.90 -11.76 -8.07
C ASN A 212 -7.24 -11.12 -6.85
N LEU A 213 -6.04 -10.60 -7.04
CA LEU A 213 -5.31 -9.96 -5.95
C LEU A 213 -6.10 -8.81 -5.37
N ALA A 214 -6.64 -7.97 -6.25
CA ALA A 214 -7.43 -6.82 -5.82
C ALA A 214 -8.47 -7.25 -4.79
N ALA A 215 -9.26 -8.26 -5.14
CA ALA A 215 -10.29 -8.75 -4.25
C ALA A 215 -9.67 -9.27 -2.95
N ASN A 216 -8.70 -10.18 -3.10
CA ASN A 216 -8.02 -10.75 -1.93
C ASN A 216 -7.56 -9.64 -1.00
N PHE A 217 -6.73 -8.75 -1.53
CA PHE A 217 -6.21 -7.63 -0.73
C PHE A 217 -7.33 -7.01 0.08
N LEU A 218 -8.33 -6.48 -0.61
CA LEU A 218 -9.48 -5.85 0.05
C LEU A 218 -10.17 -6.86 0.97
N LEU A 219 -10.01 -8.13 0.66
CA LEU A 219 -10.64 -9.18 1.46
C LEU A 219 -9.77 -9.59 2.66
N SER A 220 -8.45 -9.37 2.54
CA SER A 220 -7.53 -9.77 3.61
C SER A 220 -6.98 -8.58 4.40
N GLN A 221 -7.09 -7.38 3.87
CA GLN A 221 -6.58 -6.20 4.57
C GLN A 221 -7.43 -5.86 5.79
N ASN A 222 -7.71 -6.88 6.62
CA ASN A 222 -8.51 -6.70 7.83
C ASN A 222 -9.97 -7.05 7.56
N PHE A 223 -10.86 -6.10 7.78
CA PHE A 223 -12.29 -6.31 7.55
C PHE A 223 -12.63 -7.80 7.62
ZN ZN B . -1.29 -4.46 9.31
N GLU A 13 25.14 -3.69 -10.31
CA GLU A 13 23.74 -3.88 -10.68
C GLU A 13 22.95 -4.48 -9.52
N PRO A 14 22.87 -3.76 -8.42
CA PRO A 14 22.13 -4.24 -7.22
C PRO A 14 20.73 -4.74 -7.56
N TYR A 15 20.15 -4.19 -8.60
CA TYR A 15 18.82 -4.60 -9.03
C TYR A 15 18.77 -6.09 -9.33
N ASN A 16 19.92 -6.76 -9.20
CA ASN A 16 19.99 -8.19 -9.45
C ASN A 16 19.97 -8.97 -8.14
N GLU A 17 21.08 -8.92 -7.40
CA GLU A 17 21.18 -9.63 -6.14
C GLU A 17 20.67 -8.75 -5.01
N TRP A 18 21.21 -7.55 -4.94
CA TRP A 18 20.83 -6.60 -3.91
C TRP A 18 19.31 -6.52 -3.76
N THR A 19 18.61 -6.43 -4.89
CA THR A 19 17.15 -6.35 -4.87
C THR A 19 16.57 -7.36 -3.89
N LEU A 20 17.16 -8.55 -3.84
CA LEU A 20 16.69 -9.59 -2.94
C LEU A 20 17.09 -9.27 -1.51
N GLU A 21 18.19 -8.53 -1.35
CA GLU A 21 18.67 -8.16 -0.04
C GLU A 21 17.77 -7.10 0.60
N LEU A 22 17.35 -6.14 -0.22
CA LEU A 22 16.48 -5.07 0.27
C LEU A 22 15.04 -5.54 0.34
N LEU A 23 14.60 -6.25 -0.71
CA LEU A 23 13.23 -6.76 -0.75
C LEU A 23 12.94 -7.62 0.47
N GLU A 24 13.78 -8.61 0.72
CA GLU A 24 13.60 -9.50 1.86
C GLU A 24 13.20 -8.71 3.09
N GLU A 25 13.88 -7.58 3.32
CA GLU A 25 13.58 -6.75 4.48
C GLU A 25 12.36 -5.88 4.20
N LEU A 26 12.22 -5.42 2.96
CA LEU A 26 11.09 -4.59 2.58
C LEU A 26 9.78 -5.20 3.07
N LYS A 27 9.52 -6.45 2.69
CA LYS A 27 8.32 -7.13 3.10
C LYS A 27 8.42 -7.58 4.56
N SER A 28 9.63 -7.69 5.06
CA SER A 28 9.86 -8.10 6.43
C SER A 28 8.91 -7.38 7.38
N GLU A 29 8.58 -6.13 7.04
CA GLU A 29 7.68 -5.33 7.87
C GLU A 29 6.23 -5.59 7.48
N ALA A 30 5.98 -5.70 6.18
CA ALA A 30 4.63 -5.95 5.69
C ALA A 30 4.29 -7.44 5.79
N VAL A 31 5.08 -8.26 5.10
CA VAL A 31 4.85 -9.69 5.12
C VAL A 31 4.58 -10.19 6.54
N ARG A 32 5.02 -9.41 7.53
CA ARG A 32 4.82 -9.78 8.92
C ARG A 32 3.36 -9.64 9.32
N HIS A 33 2.72 -8.57 8.85
CA HIS A 33 1.32 -8.33 9.17
C HIS A 33 0.47 -8.35 7.90
N PHE A 34 0.97 -9.01 6.87
CA PHE A 34 0.24 -9.10 5.61
C PHE A 34 -0.43 -10.46 5.47
N PRO A 35 -1.58 -10.49 4.86
CA PRO A 35 -2.35 -11.76 4.65
C PRO A 35 -1.58 -12.76 3.80
N ARG A 36 -1.38 -13.95 4.35
CA ARG A 36 -0.67 -15.00 3.63
C ARG A 36 -1.22 -15.16 2.22
N ILE A 37 -2.54 -15.16 2.10
CA ILE A 37 -3.19 -15.31 0.81
C ILE A 37 -2.68 -14.26 -0.17
N TRP A 38 -2.86 -12.99 0.18
CA TRP A 38 -2.41 -11.90 -0.67
C TRP A 38 -0.96 -12.10 -1.09
N LEU A 39 -0.09 -12.28 -0.11
CA LEU A 39 1.33 -12.48 -0.38
C LEU A 39 1.53 -13.65 -1.34
N HIS A 40 0.58 -14.58 -1.33
CA HIS A 40 0.66 -15.76 -2.19
C HIS A 40 0.24 -15.39 -3.61
N ASN A 41 -0.80 -14.56 -3.73
CA ASN A 41 -1.29 -14.15 -5.03
C ASN A 41 -0.46 -12.99 -5.57
N LEU A 42 0.19 -12.25 -4.67
CA LEU A 42 1.00 -11.13 -5.06
C LEU A 42 2.17 -11.58 -5.93
N GLY A 43 2.93 -12.55 -5.42
CA GLY A 43 4.08 -13.08 -6.16
C GLY A 43 3.62 -14.07 -7.21
N GLN A 44 2.43 -14.63 -7.03
CA GLN A 44 1.88 -15.60 -7.97
C GLN A 44 1.35 -14.90 -9.22
N HIS A 45 0.77 -13.72 -9.03
CA HIS A 45 0.22 -12.97 -10.15
C HIS A 45 1.31 -12.16 -10.86
N ILE A 46 1.85 -11.18 -10.16
CA ILE A 46 2.89 -10.33 -10.72
C ILE A 46 3.99 -11.19 -11.35
N TYR A 47 4.06 -12.45 -10.94
CA TYR A 47 5.06 -13.36 -11.48
C TYR A 47 4.62 -13.92 -12.83
N GLU A 48 3.32 -14.15 -12.98
CA GLU A 48 2.78 -14.68 -14.22
C GLU A 48 2.58 -13.57 -15.24
N THR A 49 2.22 -12.38 -14.75
CA THR A 49 1.99 -11.24 -15.63
C THR A 49 3.31 -10.78 -16.26
N TYR A 50 4.39 -10.82 -15.47
CA TYR A 50 5.70 -10.42 -15.97
C TYR A 50 6.59 -11.63 -16.20
N GLY A 51 6.31 -12.71 -15.47
CA GLY A 51 7.10 -13.93 -15.62
C GLY A 51 8.20 -13.99 -14.57
N ASP A 52 9.33 -14.59 -14.93
CA ASP A 52 10.46 -14.70 -14.02
C ASP A 52 11.32 -13.46 -14.07
N THR A 53 11.14 -12.66 -15.12
CA THR A 53 11.92 -11.43 -15.28
C THR A 53 11.98 -10.66 -13.97
N TRP A 54 12.99 -9.81 -13.84
CA TRP A 54 13.15 -9.01 -12.63
C TRP A 54 12.13 -7.88 -12.60
N ALA A 55 11.76 -7.39 -13.77
CA ALA A 55 10.79 -6.31 -13.86
C ALA A 55 9.60 -6.57 -12.95
N GLY A 56 9.35 -7.85 -12.67
CA GLY A 56 8.23 -8.23 -11.82
C GLY A 56 8.59 -8.03 -10.35
N VAL A 57 9.85 -8.30 -10.00
CA VAL A 57 10.31 -8.15 -8.63
C VAL A 57 10.59 -6.70 -8.32
N GLU A 58 10.84 -5.90 -9.35
CA GLU A 58 11.12 -4.48 -9.17
C GLU A 58 9.85 -3.72 -8.84
N ALA A 59 8.71 -4.27 -9.27
CA ALA A 59 7.43 -3.63 -9.00
C ALA A 59 6.91 -4.01 -7.62
N ILE A 60 7.04 -5.28 -7.27
CA ILE A 60 6.59 -5.77 -5.97
C ILE A 60 7.12 -4.86 -4.85
N ILE A 61 8.27 -4.26 -5.09
CA ILE A 61 8.87 -3.37 -4.10
C ILE A 61 8.04 -2.11 -3.94
N ARG A 62 7.90 -1.35 -5.02
CA ARG A 62 7.12 -0.11 -4.98
C ARG A 62 5.64 -0.42 -4.80
N ILE A 63 5.27 -1.68 -5.04
CA ILE A 63 3.88 -2.10 -4.89
C ILE A 63 3.56 -2.41 -3.43
N LEU A 64 4.53 -3.00 -2.74
CA LEU A 64 4.34 -3.35 -1.33
C LEU A 64 4.02 -2.12 -0.51
N GLN A 65 4.83 -1.07 -0.68
CA GLN A 65 4.61 0.17 0.06
C GLN A 65 3.28 0.80 -0.33
N GLN A 66 3.12 1.09 -1.62
CA GLN A 66 1.88 1.69 -2.10
C GLN A 66 0.67 0.97 -1.54
N LEU A 67 0.86 -0.31 -1.21
CA LEU A 67 -0.23 -1.12 -0.66
C LEU A 67 -0.40 -0.85 0.83
N LEU A 68 0.68 -1.02 1.58
CA LEU A 68 0.63 -0.80 3.02
C LEU A 68 -0.18 0.45 3.35
N PHE A 69 -0.21 1.39 2.41
CA PHE A 69 -0.96 2.63 2.61
C PHE A 69 -2.44 2.34 2.79
N ILE A 70 -3.06 1.82 1.74
CA ILE A 70 -4.49 1.50 1.80
C ILE A 70 -4.79 0.67 3.05
N HIS A 71 -3.85 -0.19 3.41
CA HIS A 71 -4.01 -1.04 4.58
C HIS A 71 -4.01 -0.18 5.85
N PHE A 72 -3.41 0.99 5.76
CA PHE A 72 -3.35 1.90 6.90
C PHE A 72 -4.71 2.54 7.14
N ARG A 73 -5.27 3.14 6.10
CA ARG A 73 -6.58 3.80 6.21
C ARG A 73 -7.58 2.88 6.90
N ILE A 74 -7.69 1.65 6.41
CA ILE A 74 -8.62 0.69 7.00
C ILE A 74 -8.29 0.46 8.48
N GLY A 75 -6.99 0.35 8.76
CA GLY A 75 -6.54 0.14 10.13
C GLY A 75 -5.80 -1.19 10.27
N CYS A 76 -4.62 -1.15 10.87
CA CYS A 76 -3.83 -2.36 11.05
C CYS A 76 -4.28 -3.12 12.29
N ARG A 77 -5.07 -4.16 12.08
CA ARG A 77 -5.55 -4.97 13.20
C ARG A 77 -4.48 -5.97 13.62
N HIS A 78 -3.34 -5.91 12.94
CA HIS A 78 -2.24 -6.80 13.24
C HIS A 78 -1.45 -6.32 14.46
N SER A 79 -1.01 -7.25 15.29
CA SER A 79 -0.25 -6.89 16.48
C SER A 79 0.07 -8.15 17.30
N ASN A 93 14.87 12.20 4.38
CA ASN A 93 13.77 11.75 3.54
C ASN A 93 12.83 12.92 3.25
N PRO A 94 12.07 12.81 2.19
CA PRO A 94 11.10 13.87 1.79
C PRO A 94 10.00 14.01 2.84
N LEU A 95 9.98 13.10 3.79
CA LEU A 95 8.97 13.12 4.85
C LEU A 95 9.65 13.13 6.21
N GLU A 96 10.96 13.36 6.23
CA GLU A 96 11.71 13.38 7.47
C GLU A 96 11.30 14.59 8.32
N PHE A 97 10.82 15.63 7.67
CA PHE A 97 10.39 16.83 8.37
C PHE A 97 8.95 16.71 8.82
N LEU A 98 8.24 15.72 8.30
CA LEU A 98 6.84 15.51 8.65
C LEU A 98 6.66 15.55 10.17
N ARG A 99 7.53 14.85 10.88
CA ARG A 99 7.45 14.81 12.34
C ARG A 99 7.38 16.22 12.91
N ASP A 100 7.76 17.20 12.10
CA ASP A 100 7.72 18.60 12.54
C ASP A 100 6.44 19.28 12.10
N GLN A 101 5.45 18.49 11.71
CA GLN A 101 4.17 19.04 11.27
C GLN A 101 3.02 18.38 12.02
N PRO A 102 1.90 19.05 12.10
CA PRO A 102 0.70 18.51 12.80
C PRO A 102 0.08 17.35 12.05
N GLN A 103 0.07 17.44 10.73
CA GLN A 103 -0.49 16.39 9.89
C GLN A 103 0.03 15.03 10.34
N PHE A 104 1.35 14.89 10.36
CA PHE A 104 1.97 13.64 10.76
C PHE A 104 1.70 13.36 12.25
N GLN A 105 2.15 14.26 13.10
CA GLN A 105 1.94 14.10 14.54
C GLN A 105 0.46 13.90 14.86
N ASN A 106 -0.40 14.40 13.98
CA ASN A 106 -1.83 14.28 14.18
C ASN A 106 -2.34 12.94 13.64
N MET A 107 -2.19 12.72 12.34
CA MET A 107 -2.64 11.48 11.72
C MET A 107 -2.09 10.28 12.49
N ARG A 108 -0.81 10.35 12.86
CA ARG A 108 -0.18 9.26 13.60
C ARG A 108 -0.90 9.03 14.92
N GLN A 109 -1.28 10.12 15.58
CA GLN A 109 -1.96 10.03 16.87
C GLN A 109 -3.35 9.42 16.68
N VAL A 110 -4.00 9.75 15.57
CA VAL A 110 -5.33 9.23 15.29
C VAL A 110 -5.24 7.91 14.52
N ILE A 111 -4.09 7.67 13.91
CA ILE A 111 -3.90 6.45 13.14
C ILE A 111 -3.49 5.29 14.06
N GLN A 112 -2.46 5.52 14.86
CA GLN A 112 -1.97 4.50 15.78
C GLN A 112 -3.07 4.11 16.75
N GLN A 113 -4.04 5.00 16.94
CA GLN A 113 -5.15 4.73 17.85
C GLN A 113 -6.34 4.17 17.09
N ASN A 114 -6.79 4.92 16.08
CA ASN A 114 -7.92 4.49 15.27
C ASN A 114 -7.72 4.93 13.81
N PRO A 115 -7.00 4.15 13.06
CA PRO A 115 -6.72 4.44 11.63
C PRO A 115 -8.00 4.76 10.86
N ALA A 116 -9.15 4.51 11.51
CA ALA A 116 -10.44 4.76 10.89
C ALA A 116 -10.59 6.24 10.55
N LEU A 117 -9.70 7.06 11.11
CA LEU A 117 -9.72 8.50 10.87
C LEU A 117 -8.61 8.91 9.91
N LEU A 118 -7.92 7.93 9.37
CA LEU A 118 -6.82 8.20 8.43
C LEU A 118 -7.36 8.58 7.06
N PRO A 119 -8.28 7.81 6.54
CA PRO A 119 -8.89 8.08 5.20
C PRO A 119 -9.16 9.56 4.98
N ALA A 120 -9.52 10.25 6.06
CA ALA A 120 -9.81 11.68 5.97
C ALA A 120 -8.53 12.50 6.09
N LEU A 121 -7.54 11.94 6.78
CA LEU A 121 -6.27 12.63 6.97
C LEU A 121 -5.44 12.60 5.69
N LEU A 122 -5.09 11.39 5.26
CA LEU A 122 -4.30 11.24 4.04
C LEU A 122 -4.97 11.94 2.86
N GLN A 123 -6.30 11.82 2.80
CA GLN A 123 -7.05 12.45 1.73
C GLN A 123 -6.85 13.96 1.73
N GLN A 124 -7.14 14.58 2.87
CA GLN A 124 -6.98 16.03 3.00
C GLN A 124 -5.51 16.42 2.93
N LEU A 125 -4.64 15.45 3.18
CA LEU A 125 -3.20 15.71 3.14
C LEU A 125 -2.72 15.77 1.70
N GLY A 126 -3.06 14.76 0.92
CA GLY A 126 -2.66 14.71 -0.49
C GLY A 126 -3.39 15.76 -1.30
N GLN A 127 -4.45 16.32 -0.73
CA GLN A 127 -5.22 17.36 -1.42
C GLN A 127 -4.51 18.70 -1.33
N GLU A 128 -3.61 18.83 -0.35
CA GLU A 128 -2.87 20.07 -0.17
C GLU A 128 -1.47 19.95 -0.77
N ASN A 129 -0.71 18.97 -0.28
CA ASN A 129 0.65 18.76 -0.76
C ASN A 129 0.80 17.35 -1.32
N PRO A 130 0.61 17.20 -2.60
CA PRO A 130 0.72 15.87 -3.30
C PRO A 130 2.14 15.34 -3.27
N GLN A 131 3.11 16.24 -3.33
CA GLN A 131 4.52 15.85 -3.31
C GLN A 131 4.79 14.91 -2.13
N LEU A 132 3.94 14.99 -1.11
CA LEU A 132 4.10 14.14 0.06
C LEU A 132 3.49 12.77 -0.18
N LEU A 133 2.25 12.75 -0.65
CA LEU A 133 1.56 11.50 -0.92
C LEU A 133 2.49 10.52 -1.63
N GLN A 134 3.10 10.97 -2.71
CA GLN A 134 4.01 10.12 -3.48
C GLN A 134 5.10 9.56 -2.57
N GLN A 135 5.51 10.35 -1.58
CA GLN A 135 6.55 9.92 -0.65
C GLN A 135 5.97 8.98 0.40
N ILE A 136 4.94 9.45 1.11
CA ILE A 136 4.30 8.63 2.14
C ILE A 136 3.89 7.29 1.57
N SER A 137 3.31 7.31 0.37
CA SER A 137 2.86 6.08 -0.26
C SER A 137 4.06 5.22 -0.68
N ARG A 138 5.05 5.85 -1.28
CA ARG A 138 6.25 5.13 -1.72
C ARG A 138 7.18 4.87 -0.55
N HIS A 139 6.79 5.30 0.64
CA HIS A 139 7.61 5.11 1.83
C HIS A 139 6.77 4.57 2.98
N GLN A 140 5.83 3.69 2.68
CA GLN A 140 4.97 3.12 3.71
C GLN A 140 5.81 2.59 4.86
N GLU A 141 6.62 1.57 4.59
CA GLU A 141 7.47 0.99 5.62
C GLU A 141 8.11 2.10 6.44
N GLN A 142 8.93 2.92 5.79
CA GLN A 142 9.60 4.02 6.48
C GLN A 142 8.56 4.97 7.08
N PHE A 143 7.34 4.92 6.53
CA PHE A 143 6.27 5.78 7.02
C PHE A 143 5.59 5.13 8.21
N ILE A 144 5.66 3.80 8.29
CA ILE A 144 5.05 3.08 9.39
C ILE A 144 5.97 3.07 10.60
N GLN A 145 7.25 2.80 10.37
CA GLN A 145 8.21 2.77 11.47
C GLN A 145 7.93 3.92 12.44
N MET A 146 7.63 5.09 11.89
CA MET A 146 7.33 6.25 12.69
C MET A 146 5.86 6.26 13.10
N LEU A 147 5.02 5.75 12.21
CA LEU A 147 3.58 5.70 12.47
C LEU A 147 3.25 4.53 13.40
N ASN A 148 4.25 3.69 13.66
CA ASN A 148 4.05 2.54 14.54
C ASN A 148 4.94 2.66 15.78
N GLU A 149 5.92 3.55 15.70
CA GLU A 149 6.83 3.76 16.81
C GLU A 149 6.92 5.25 17.15
N PRO A 150 7.54 5.59 18.25
CA PRO A 150 7.70 7.00 18.68
C PRO A 150 8.24 7.88 17.55
N PRO A 151 7.69 9.05 17.41
CA PRO A 151 8.11 10.02 16.35
C PRO A 151 9.55 10.46 16.52
N ILE A 177 -5.79 6.95 -11.39
CA ILE A 177 -6.83 6.20 -12.08
C ILE A 177 -6.28 5.61 -13.38
N GLN A 178 -6.06 6.48 -14.36
CA GLN A 178 -5.54 6.05 -15.65
C GLN A 178 -6.12 4.69 -16.03
N VAL A 179 -7.45 4.61 -16.06
CA VAL A 179 -8.13 3.37 -16.42
C VAL A 179 -9.26 3.67 -17.39
N THR A 180 -9.95 2.62 -17.80
CA THR A 180 -11.06 2.76 -18.72
C THR A 180 -12.26 1.97 -18.19
N PRO A 181 -13.35 1.95 -18.90
CA PRO A 181 -14.56 1.22 -18.46
C PRO A 181 -14.34 -0.29 -18.56
N GLN A 182 -13.37 -0.66 -19.38
CA GLN A 182 -13.03 -2.06 -19.59
C GLN A 182 -12.01 -2.54 -18.57
N GLU A 183 -11.07 -1.66 -18.19
CA GLU A 183 -10.05 -2.02 -17.23
C GLU A 183 -10.49 -1.72 -15.79
N LYS A 184 -11.23 -0.62 -15.63
CA LYS A 184 -11.70 -0.23 -14.32
C LYS A 184 -12.94 -1.02 -13.92
N GLU A 185 -13.68 -1.50 -14.91
CA GLU A 185 -14.89 -2.28 -14.65
C GLU A 185 -14.62 -3.33 -13.59
N ALA A 186 -13.40 -3.87 -13.60
CA ALA A 186 -13.02 -4.90 -12.63
C ALA A 186 -12.81 -4.27 -11.25
N ILE A 187 -12.55 -2.97 -11.25
CA ILE A 187 -12.34 -2.24 -10.00
C ILE A 187 -13.66 -2.08 -9.24
N GLU A 188 -14.60 -1.36 -9.85
CA GLU A 188 -15.89 -1.14 -9.22
C GLU A 188 -16.51 -2.47 -8.78
N ARG A 189 -16.00 -3.56 -9.34
CA ARG A 189 -16.51 -4.89 -8.99
C ARG A 189 -16.11 -5.27 -7.57
N LEU A 190 -15.01 -4.68 -7.09
CA LEU A 190 -14.54 -4.97 -5.74
C LEU A 190 -15.29 -4.13 -4.72
N LYS A 191 -15.43 -2.84 -5.00
CA LYS A 191 -16.13 -1.94 -4.10
C LYS A 191 -17.51 -2.50 -3.74
N ALA A 192 -18.07 -3.29 -4.66
CA ALA A 192 -19.38 -3.89 -4.42
C ALA A 192 -19.32 -4.85 -3.24
N LEU A 193 -18.13 -5.34 -2.94
CA LEU A 193 -17.95 -6.27 -1.82
C LEU A 193 -18.09 -5.53 -0.50
N GLY A 194 -18.53 -4.28 -0.56
CA GLY A 194 -18.70 -3.48 0.65
C GLY A 194 -17.61 -2.42 0.76
N PHE A 195 -16.66 -2.46 -0.17
CA PHE A 195 -15.56 -1.50 -0.16
C PHE A 195 -15.87 -0.33 -1.09
N PRO A 196 -15.31 0.82 -0.80
CA PRO A 196 -15.53 2.05 -1.63
C PRO A 196 -15.00 1.88 -3.05
N GLU A 197 -15.55 2.66 -3.97
CA GLU A 197 -15.13 2.61 -5.36
C GLU A 197 -13.67 3.06 -5.50
N SER A 198 -13.38 4.23 -4.96
CA SER A 198 -12.02 4.77 -5.03
C SER A 198 -11.06 3.88 -4.25
N LEU A 199 -11.58 3.22 -3.21
CA LEU A 199 -10.76 2.33 -2.40
C LEU A 199 -10.20 1.19 -3.24
N VAL A 200 -10.93 0.80 -4.28
CA VAL A 200 -10.49 -0.29 -5.15
C VAL A 200 -9.53 0.26 -6.20
N ILE A 201 -9.87 1.40 -6.78
CA ILE A 201 -9.04 2.01 -7.81
C ILE A 201 -7.57 1.92 -7.42
N GLN A 202 -7.30 1.97 -6.12
CA GLN A 202 -5.93 1.90 -5.62
C GLN A 202 -5.45 0.45 -5.60
N ALA A 203 -6.14 -0.38 -4.84
CA ALA A 203 -5.77 -1.79 -4.74
C ALA A 203 -5.52 -2.39 -6.12
N TYR A 204 -6.52 -2.31 -6.98
CA TYR A 204 -6.40 -2.84 -8.34
C TYR A 204 -5.07 -2.43 -8.95
N PHE A 205 -4.68 -1.18 -8.72
CA PHE A 205 -3.42 -0.67 -9.26
C PHE A 205 -2.24 -1.20 -8.45
N ALA A 206 -2.44 -1.36 -7.15
CA ALA A 206 -1.39 -1.86 -6.28
C ALA A 206 -1.04 -3.31 -6.64
N CYS A 207 -1.91 -3.95 -7.42
CA CYS A 207 -1.69 -5.32 -7.84
C CYS A 207 -1.51 -5.41 -9.36
N GLU A 208 -0.99 -4.33 -9.93
CA GLU A 208 -0.76 -4.30 -11.38
C GLU A 208 -2.09 -4.39 -12.14
N LYS A 209 -3.14 -3.87 -11.52
CA LYS A 209 -4.47 -3.89 -12.14
C LYS A 209 -4.98 -5.32 -12.28
N ASN A 210 -4.96 -6.06 -11.16
CA ASN A 210 -5.42 -7.43 -11.17
C ASN A 210 -6.55 -7.62 -10.16
N GLU A 211 -7.68 -8.16 -10.64
CA GLU A 211 -8.82 -8.39 -9.77
C GLU A 211 -8.54 -9.53 -8.79
N ASN A 212 -7.83 -10.54 -9.27
CA ASN A 212 -7.49 -11.69 -8.43
C ASN A 212 -6.84 -11.23 -7.14
N LEU A 213 -5.87 -10.33 -7.25
CA LEU A 213 -5.16 -9.82 -6.08
C LEU A 213 -6.04 -8.83 -5.32
N ALA A 214 -6.53 -7.81 -6.02
CA ALA A 214 -7.39 -6.81 -5.40
C ALA A 214 -8.48 -7.48 -4.56
N ALA A 215 -9.00 -8.59 -5.07
CA ALA A 215 -10.05 -9.31 -4.35
C ALA A 215 -9.52 -9.87 -3.03
N ASN A 216 -8.38 -10.54 -3.10
CA ASN A 216 -7.77 -11.12 -1.89
C ASN A 216 -7.24 -10.02 -0.99
N PHE A 217 -6.83 -8.91 -1.59
CA PHE A 217 -6.29 -7.79 -0.83
C PHE A 217 -7.41 -7.07 -0.08
N LEU A 218 -8.58 -6.99 -0.70
CA LEU A 218 -9.73 -6.33 -0.07
C LEU A 218 -10.37 -7.24 0.96
N LEU A 219 -10.40 -8.54 0.67
CA LEU A 219 -10.98 -9.50 1.59
C LEU A 219 -9.99 -9.91 2.67
N SER A 220 -8.70 -9.79 2.36
CA SER A 220 -7.65 -10.16 3.31
C SER A 220 -6.97 -8.92 3.88
N GLN A 221 -7.57 -7.76 3.65
CA GLN A 221 -7.00 -6.51 4.14
C GLN A 221 -6.85 -6.51 5.66
N ASN A 222 -7.92 -6.86 6.36
CA ASN A 222 -7.87 -6.91 7.83
C ASN A 222 -9.28 -6.82 8.41
N PHE A 223 -9.78 -5.60 8.56
CA PHE A 223 -11.12 -5.39 9.11
C PHE A 223 -11.23 -6.03 10.49
ZN ZN B . -1.31 -4.66 9.42
N GLU A 13 23.63 -3.94 -12.79
CA GLU A 13 22.40 -3.30 -12.32
C GLU A 13 22.08 -3.74 -10.90
N PRO A 14 22.25 -2.86 -9.95
CA PRO A 14 21.98 -3.14 -8.51
C PRO A 14 20.64 -3.85 -8.32
N TYR A 15 19.61 -3.35 -9.00
CA TYR A 15 18.27 -3.92 -8.90
C TYR A 15 18.34 -5.46 -8.93
N ASN A 16 19.48 -6.01 -9.31
CA ASN A 16 19.63 -7.45 -9.36
C ASN A 16 19.74 -8.03 -7.94
N GLU A 17 20.87 -7.82 -7.30
CA GLU A 17 21.06 -8.31 -5.94
C GLU A 17 20.58 -7.29 -4.93
N TRP A 18 20.84 -6.02 -5.23
CA TRP A 18 20.44 -4.93 -4.35
C TRP A 18 18.96 -5.01 -3.99
N THR A 19 18.11 -5.08 -5.00
CA THR A 19 16.67 -5.14 -4.77
C THR A 19 16.35 -6.12 -3.64
N LEU A 20 17.10 -7.22 -3.56
CA LEU A 20 16.87 -8.21 -2.51
C LEU A 20 17.28 -7.64 -1.16
N GLU A 21 18.47 -7.06 -1.11
CA GLU A 21 18.97 -6.49 0.14
C GLU A 21 17.93 -5.58 0.77
N LEU A 22 17.38 -4.68 -0.04
CA LEU A 22 16.36 -3.74 0.45
C LEU A 22 15.00 -4.41 0.50
N LEU A 23 14.80 -5.41 -0.36
CA LEU A 23 13.54 -6.12 -0.41
C LEU A 23 13.15 -6.65 0.97
N GLU A 24 14.16 -6.98 1.78
CA GLU A 24 13.91 -7.49 3.12
C GLU A 24 13.14 -6.47 3.94
N GLU A 25 13.71 -5.28 4.10
CA GLU A 25 13.06 -4.23 4.87
C GLU A 25 11.62 -4.03 4.40
N LEU A 26 11.38 -4.29 3.13
CA LEU A 26 10.03 -4.14 2.58
C LEU A 26 9.10 -5.21 3.13
N LYS A 27 9.62 -6.43 3.26
CA LYS A 27 8.83 -7.54 3.78
C LYS A 27 8.77 -7.50 5.31
N SER A 28 9.94 -7.59 5.93
CA SER A 28 10.01 -7.57 7.39
C SER A 28 9.07 -6.50 7.96
N GLU A 29 8.74 -5.51 7.13
CA GLU A 29 7.87 -4.43 7.57
C GLU A 29 6.40 -4.80 7.31
N ALA A 30 6.06 -4.99 6.04
CA ALA A 30 4.70 -5.35 5.68
C ALA A 30 4.47 -6.85 5.82
N VAL A 31 5.29 -7.65 5.15
CA VAL A 31 5.16 -9.09 5.20
C VAL A 31 4.93 -9.56 6.64
N ARG A 32 5.34 -8.75 7.60
CA ARG A 32 5.16 -9.11 9.00
C ARG A 32 3.70 -8.97 9.41
N HIS A 33 3.05 -7.91 8.94
CA HIS A 33 1.65 -7.68 9.26
C HIS A 33 0.82 -7.65 7.98
N PHE A 34 1.34 -8.29 6.93
CA PHE A 34 0.64 -8.34 5.65
C PHE A 34 -0.06 -9.68 5.48
N PRO A 35 -1.27 -9.67 4.99
CA PRO A 35 -2.05 -10.92 4.77
C PRO A 35 -1.27 -11.95 3.95
N ARG A 36 -1.10 -13.14 4.52
CA ARG A 36 -0.37 -14.20 3.82
C ARG A 36 -1.05 -14.52 2.49
N ILE A 37 -2.31 -14.10 2.37
CA ILE A 37 -3.06 -14.33 1.15
C ILE A 37 -2.42 -13.61 -0.03
N TRP A 38 -2.33 -12.30 0.07
CA TRP A 38 -1.73 -11.50 -0.99
C TRP A 38 -0.27 -11.89 -1.18
N LEU A 39 0.44 -12.06 -0.06
CA LEU A 39 1.84 -12.44 -0.11
C LEU A 39 2.01 -13.76 -0.87
N HIS A 40 0.98 -14.59 -0.81
CA HIS A 40 1.01 -15.88 -1.50
C HIS A 40 0.57 -15.72 -2.95
N ASN A 41 -0.66 -15.25 -3.14
CA ASN A 41 -1.20 -15.06 -4.48
C ASN A 41 -0.29 -14.15 -5.30
N LEU A 42 0.07 -13.00 -4.73
CA LEU A 42 0.95 -12.07 -5.43
C LEU A 42 2.04 -12.81 -6.19
N GLY A 43 2.85 -13.56 -5.46
CA GLY A 43 3.94 -14.32 -6.08
C GLY A 43 3.38 -15.37 -7.03
N GLN A 44 2.12 -15.74 -6.83
CA GLN A 44 1.48 -16.73 -7.68
C GLN A 44 1.07 -16.12 -9.02
N HIS A 45 0.44 -14.94 -8.94
CA HIS A 45 -0.01 -14.26 -10.16
C HIS A 45 1.13 -13.46 -10.77
N ILE A 46 1.72 -12.57 -9.98
CA ILE A 46 2.82 -11.74 -10.47
C ILE A 46 3.92 -12.61 -11.08
N TYR A 47 3.93 -13.89 -10.71
CA TYR A 47 4.94 -14.81 -11.23
C TYR A 47 4.51 -15.35 -12.60
N GLU A 48 3.25 -15.74 -12.71
CA GLU A 48 2.74 -16.28 -13.96
C GLU A 48 2.44 -15.15 -14.94
N THR A 49 2.19 -13.96 -14.41
CA THR A 49 1.89 -12.81 -15.25
C THR A 49 3.16 -12.24 -15.87
N TYR A 50 4.07 -11.79 -15.00
CA TYR A 50 5.34 -11.23 -15.48
C TYR A 50 6.34 -12.34 -15.76
N GLY A 51 6.08 -13.53 -15.23
CA GLY A 51 6.97 -14.66 -15.44
C GLY A 51 8.18 -14.58 -14.51
N ASP A 52 9.36 -14.75 -15.08
CA ASP A 52 10.59 -14.70 -14.29
C ASP A 52 11.33 -13.38 -14.52
N THR A 53 10.73 -12.51 -15.33
CA THR A 53 11.33 -11.22 -15.64
C THR A 53 11.64 -10.46 -14.35
N TRP A 54 12.70 -9.65 -14.38
CA TRP A 54 13.08 -8.87 -13.22
C TRP A 54 12.02 -7.82 -12.89
N ALA A 55 11.23 -7.45 -13.90
CA ALA A 55 10.19 -6.46 -13.71
C ALA A 55 9.27 -6.86 -12.57
N GLY A 56 8.71 -8.05 -12.65
CA GLY A 56 7.81 -8.54 -11.60
C GLY A 56 8.38 -8.27 -10.22
N VAL A 57 9.67 -8.55 -10.06
CA VAL A 57 10.33 -8.33 -8.78
C VAL A 57 10.50 -6.84 -8.51
N GLU A 58 10.50 -6.05 -9.58
CA GLU A 58 10.66 -4.60 -9.45
C GLU A 58 9.33 -3.96 -9.08
N ALA A 59 8.32 -4.17 -9.91
CA ALA A 59 7.00 -3.60 -9.65
C ALA A 59 6.48 -4.04 -8.29
N ILE A 60 6.78 -5.28 -7.92
CA ILE A 60 6.34 -5.81 -6.63
C ILE A 60 6.69 -4.84 -5.50
N ILE A 61 7.77 -4.08 -5.70
CA ILE A 61 8.20 -3.12 -4.70
C ILE A 61 7.41 -1.82 -4.81
N ARG A 62 6.92 -1.55 -6.01
CA ARG A 62 6.14 -0.33 -6.25
C ARG A 62 4.70 -0.52 -5.77
N ILE A 63 4.06 -1.59 -6.23
CA ILE A 63 2.69 -1.87 -5.85
C ILE A 63 2.57 -2.00 -4.34
N LEU A 64 3.34 -2.91 -3.76
CA LEU A 64 3.31 -3.13 -2.32
C LEU A 64 3.20 -1.79 -1.58
N GLN A 65 4.04 -0.84 -1.96
CA GLN A 65 4.03 0.47 -1.32
C GLN A 65 2.61 1.00 -1.22
N GLN A 66 1.93 1.10 -2.36
CA GLN A 66 0.55 1.60 -2.37
C GLN A 66 -0.36 0.65 -1.61
N LEU A 67 0.03 -0.63 -1.54
CA LEU A 67 -0.77 -1.62 -0.84
C LEU A 67 -0.81 -1.33 0.66
N LEU A 68 0.36 -1.00 1.22
CA LEU A 68 0.44 -0.70 2.64
C LEU A 68 -0.45 0.49 2.98
N PHE A 69 -0.56 1.44 2.05
CA PHE A 69 -1.37 2.62 2.26
C PHE A 69 -2.83 2.23 2.53
N ILE A 70 -3.46 1.63 1.52
CA ILE A 70 -4.85 1.21 1.66
C ILE A 70 -5.05 0.44 2.96
N HIS A 71 -4.08 -0.41 3.28
CA HIS A 71 -4.15 -1.20 4.50
C HIS A 71 -4.00 -0.30 5.73
N PHE A 72 -3.36 0.86 5.51
CA PHE A 72 -3.15 1.81 6.59
C PHE A 72 -4.49 2.43 7.02
N ARG A 73 -5.18 3.04 6.06
CA ARG A 73 -6.46 3.67 6.33
C ARG A 73 -7.51 2.63 6.73
N ILE A 74 -7.56 1.54 5.97
CA ILE A 74 -8.52 0.48 6.24
C ILE A 74 -8.52 0.12 7.72
N GLY A 75 -7.32 -0.02 8.28
CA GLY A 75 -7.19 -0.35 9.69
C GLY A 75 -6.21 -1.51 9.90
N CYS A 76 -5.18 -1.28 10.70
CA CYS A 76 -4.19 -2.31 10.97
C CYS A 76 -4.40 -2.91 12.35
N ARG A 77 -5.02 -4.08 12.40
CA ARG A 77 -5.27 -4.76 13.67
C ARG A 77 -4.03 -5.53 14.10
N HIS A 78 -3.02 -5.54 13.23
CA HIS A 78 -1.78 -6.24 13.52
C HIS A 78 -1.03 -5.58 14.67
N SER A 79 -0.60 -6.37 15.63
CA SER A 79 0.13 -5.85 16.78
C SER A 79 -0.58 -4.63 17.35
N ASN A 93 15.64 10.44 4.98
CA ASN A 93 14.38 10.41 4.26
C ASN A 93 13.85 11.83 4.06
N PRO A 94 13.06 12.04 3.04
CA PRO A 94 12.48 13.37 2.73
C PRO A 94 11.31 13.72 3.65
N LEU A 95 10.98 12.80 4.55
CA LEU A 95 9.88 13.01 5.47
C LEU A 95 10.36 12.86 6.91
N GLU A 96 11.65 13.10 7.13
CA GLU A 96 12.22 12.99 8.46
C GLU A 96 11.69 14.10 9.38
N PHE A 97 11.52 15.29 8.82
CA PHE A 97 11.02 16.42 9.59
C PHE A 97 9.56 16.21 9.97
N LEU A 98 8.87 15.36 9.22
CA LEU A 98 7.46 15.09 9.51
C LEU A 98 7.25 14.89 11.01
N ARG A 99 8.24 14.30 11.67
CA ARG A 99 8.15 14.06 13.10
C ARG A 99 7.68 15.32 13.83
N ASP A 100 8.09 16.47 13.31
CA ASP A 100 7.71 17.74 13.92
C ASP A 100 6.46 18.31 13.24
N GLN A 101 6.04 17.68 12.14
CA GLN A 101 4.86 18.14 11.42
C GLN A 101 3.59 17.66 12.11
N PRO A 102 2.62 18.52 12.23
CA PRO A 102 1.32 18.18 12.90
C PRO A 102 0.58 17.09 12.14
N GLN A 103 0.58 17.19 10.81
CA GLN A 103 -0.11 16.22 9.99
C GLN A 103 0.47 14.82 10.22
N PHE A 104 1.71 14.75 10.68
CA PHE A 104 2.35 13.46 10.93
C PHE A 104 1.97 12.95 12.33
N GLN A 105 2.26 13.76 13.35
CA GLN A 105 1.96 13.38 14.72
C GLN A 105 0.45 13.29 14.93
N ASN A 106 -0.29 14.18 14.26
CA ASN A 106 -1.74 14.19 14.37
C ASN A 106 -2.33 12.94 13.72
N MET A 107 -1.84 12.62 12.54
CA MET A 107 -2.32 11.45 11.82
C MET A 107 -1.83 10.17 12.48
N ARG A 108 -0.66 10.24 13.10
CA ARG A 108 -0.11 9.06 13.77
C ARG A 108 -1.05 8.59 14.86
N GLN A 109 -1.54 9.53 15.67
CA GLN A 109 -2.46 9.19 16.74
C GLN A 109 -3.85 8.94 16.18
N VAL A 110 -4.11 9.46 14.98
CA VAL A 110 -5.40 9.28 14.33
C VAL A 110 -5.39 8.02 13.46
N ILE A 111 -4.20 7.63 13.03
CA ILE A 111 -4.05 6.44 12.19
C ILE A 111 -3.89 5.20 13.07
N GLN A 112 -2.95 5.26 14.00
CA GLN A 112 -2.69 4.13 14.89
C GLN A 112 -3.86 3.92 15.84
N GLN A 113 -4.49 5.02 16.26
CA GLN A 113 -5.63 4.93 17.18
C GLN A 113 -6.86 4.41 16.45
N ASN A 114 -7.26 5.09 15.39
CA ASN A 114 -8.43 4.67 14.61
C ASN A 114 -8.20 4.93 13.13
N PRO A 115 -7.47 4.08 12.47
CA PRO A 115 -7.17 4.21 11.02
C PRO A 115 -8.40 4.65 10.22
N ALA A 116 -9.58 4.51 10.84
CA ALA A 116 -10.82 4.89 10.18
C ALA A 116 -10.83 6.40 9.91
N LEU A 117 -9.87 7.10 10.51
CA LEU A 117 -9.77 8.55 10.31
C LEU A 117 -8.69 8.88 9.31
N LEU A 118 -8.04 7.84 8.77
CA LEU A 118 -6.98 8.04 7.79
C LEU A 118 -7.54 8.48 6.45
N PRO A 119 -8.52 7.76 5.95
CA PRO A 119 -9.16 8.09 4.65
C PRO A 119 -9.39 9.58 4.48
N ALA A 120 -9.76 10.25 5.56
CA ALA A 120 -9.99 11.69 5.53
C ALA A 120 -8.69 12.45 5.73
N LEU A 121 -7.76 11.84 6.45
CA LEU A 121 -6.47 12.48 6.71
C LEU A 121 -5.59 12.46 5.47
N LEU A 122 -5.24 11.25 5.02
CA LEU A 122 -4.40 11.10 3.84
C LEU A 122 -4.96 11.92 2.68
N GLN A 123 -6.27 11.95 2.56
CA GLN A 123 -6.92 12.69 1.47
C GLN A 123 -6.52 14.16 1.54
N GLN A 124 -6.44 14.70 2.76
CA GLN A 124 -6.07 16.10 2.94
C GLN A 124 -4.55 16.26 2.99
N LEU A 125 -3.88 15.17 3.36
CA LEU A 125 -2.42 15.20 3.44
C LEU A 125 -1.80 15.19 2.05
N GLY A 126 -2.26 14.27 1.21
CA GLY A 126 -1.74 14.16 -0.15
C GLY A 126 -2.36 15.22 -1.05
N GLN A 127 -3.44 15.84 -0.58
CA GLN A 127 -4.12 16.87 -1.36
C GLN A 127 -3.49 18.23 -1.09
N GLU A 128 -3.19 18.51 0.18
CA GLU A 128 -2.59 19.78 0.55
C GLU A 128 -1.08 19.72 0.44
N ASN A 129 -0.51 18.59 0.83
CA ASN A 129 0.94 18.40 0.77
C ASN A 129 1.29 17.32 -0.26
N PRO A 130 1.27 17.67 -1.51
CA PRO A 130 1.60 16.72 -2.61
C PRO A 130 3.07 16.31 -2.61
N GLN A 131 3.94 17.27 -2.33
CA GLN A 131 5.37 16.99 -2.30
C GLN A 131 5.66 15.77 -1.43
N LEU A 132 4.88 15.61 -0.36
CA LEU A 132 5.06 14.48 0.53
C LEU A 132 4.44 13.21 -0.06
N LEU A 133 3.32 13.38 -0.77
CA LEU A 133 2.65 12.25 -1.38
C LEU A 133 3.65 11.33 -2.06
N GLN A 134 4.50 11.90 -2.91
CA GLN A 134 5.50 11.12 -3.61
C GLN A 134 6.48 10.50 -2.63
N GLN A 135 6.57 11.08 -1.44
CA GLN A 135 7.48 10.58 -0.41
C GLN A 135 6.81 9.46 0.38
N ILE A 136 5.70 9.77 1.03
CA ILE A 136 4.99 8.78 1.83
C ILE A 136 4.63 7.57 0.97
N SER A 137 4.33 7.82 -0.30
CA SER A 137 3.97 6.74 -1.20
C SER A 137 5.19 5.88 -1.54
N ARG A 138 6.37 6.46 -1.39
CA ARG A 138 7.61 5.75 -1.68
C ARG A 138 8.31 5.35 -0.39
N HIS A 139 7.93 5.99 0.72
CA HIS A 139 8.53 5.69 2.01
C HIS A 139 7.53 4.94 2.90
N GLN A 140 6.81 4.01 2.32
CA GLN A 140 5.83 3.23 3.08
C GLN A 140 6.44 2.73 4.39
N GLU A 141 7.45 1.88 4.26
CA GLU A 141 8.11 1.32 5.44
C GLU A 141 8.55 2.45 6.38
N GLN A 142 9.48 3.28 5.91
CA GLN A 142 9.95 4.39 6.71
C GLN A 142 8.78 5.20 7.25
N PHE A 143 7.68 5.20 6.50
CA PHE A 143 6.49 5.92 6.90
C PHE A 143 5.65 5.09 7.86
N ILE A 144 5.77 3.76 7.75
CA ILE A 144 5.02 2.86 8.61
C ILE A 144 5.73 2.65 9.94
N GLN A 145 6.97 2.15 9.86
CA GLN A 145 7.75 1.90 11.07
C GLN A 145 7.53 3.01 12.09
N MET A 146 7.35 4.23 11.59
CA MET A 146 7.11 5.37 12.47
C MET A 146 5.64 5.47 12.81
N LEU A 147 4.79 5.25 11.81
CA LEU A 147 3.34 5.31 12.01
C LEU A 147 2.86 4.09 12.78
N ASN A 148 3.76 3.12 12.97
CA ASN A 148 3.42 1.92 13.70
C ASN A 148 3.84 2.05 15.17
N GLU A 149 4.60 3.10 15.46
CA GLU A 149 5.05 3.34 16.82
C GLU A 149 4.65 4.74 17.28
N PRO A 150 4.68 4.99 18.55
CA PRO A 150 4.31 6.32 19.12
C PRO A 150 5.28 7.43 18.70
N PRO A 151 4.77 8.53 18.27
CA PRO A 151 5.59 9.70 17.83
C PRO A 151 6.14 10.50 19.01
N ILE A 177 -6.61 6.32 -11.86
CA ILE A 177 -7.50 6.66 -12.96
C ILE A 177 -6.96 6.12 -14.29
N GLN A 178 -5.80 5.48 -14.23
CA GLN A 178 -5.19 4.92 -15.42
C GLN A 178 -6.04 3.76 -15.96
N VAL A 179 -7.22 3.58 -15.39
CA VAL A 179 -8.12 2.51 -15.81
C VAL A 179 -9.12 3.03 -16.83
N THR A 180 -9.95 2.12 -17.32
CA THR A 180 -10.97 2.47 -18.29
C THR A 180 -12.24 1.70 -17.98
N PRO A 181 -13.29 1.93 -18.73
CA PRO A 181 -14.58 1.23 -18.53
C PRO A 181 -14.42 -0.27 -18.72
N GLN A 182 -13.32 -0.65 -19.34
CA GLN A 182 -13.03 -2.05 -19.60
C GLN A 182 -12.31 -2.69 -18.41
N GLU A 183 -11.30 -1.99 -17.88
CA GLU A 183 -10.53 -2.51 -16.77
C GLU A 183 -11.14 -2.12 -15.42
N LYS A 184 -11.34 -0.82 -15.22
CA LYS A 184 -11.89 -0.33 -13.96
C LYS A 184 -13.23 -1.02 -13.65
N GLU A 185 -13.94 -1.43 -14.70
CA GLU A 185 -15.23 -2.09 -14.51
C GLU A 185 -15.13 -3.15 -13.43
N ALA A 186 -14.06 -3.92 -13.44
CA ALA A 186 -13.86 -4.98 -12.45
C ALA A 186 -13.61 -4.37 -11.08
N ILE A 187 -13.09 -3.14 -11.06
CA ILE A 187 -12.80 -2.46 -9.81
C ILE A 187 -14.08 -2.27 -9.00
N GLU A 188 -15.11 -1.71 -9.65
CA GLU A 188 -16.38 -1.46 -8.99
C GLU A 188 -16.98 -2.78 -8.49
N ARG A 189 -16.50 -3.89 -9.03
CA ARG A 189 -17.00 -5.20 -8.62
C ARG A 189 -16.48 -5.57 -7.24
N LEU A 190 -15.33 -4.99 -6.87
CA LEU A 190 -14.73 -5.27 -5.57
C LEU A 190 -15.40 -4.42 -4.49
N LYS A 191 -15.56 -3.13 -4.76
CA LYS A 191 -16.18 -2.23 -3.81
C LYS A 191 -17.56 -2.73 -3.41
N ALA A 192 -18.18 -3.52 -4.29
CA ALA A 192 -19.50 -4.06 -4.02
C ALA A 192 -19.48 -4.92 -2.76
N LEU A 193 -18.29 -5.33 -2.35
CA LEU A 193 -18.14 -6.16 -1.16
C LEU A 193 -18.30 -5.32 0.11
N GLY A 194 -18.79 -4.09 -0.06
CA GLY A 194 -18.98 -3.19 1.08
C GLY A 194 -17.87 -2.14 1.12
N PHE A 195 -16.91 -2.26 0.22
CA PHE A 195 -15.80 -1.31 0.16
C PHE A 195 -16.12 -0.17 -0.82
N PRO A 196 -15.55 0.97 -0.61
CA PRO A 196 -15.77 2.16 -1.48
C PRO A 196 -15.36 1.89 -2.93
N GLU A 197 -15.94 2.65 -3.85
CA GLU A 197 -15.61 2.48 -5.27
C GLU A 197 -14.18 2.93 -5.55
N SER A 198 -13.86 4.16 -5.13
CA SER A 198 -12.52 4.69 -5.33
C SER A 198 -11.51 3.92 -4.50
N LEU A 199 -11.94 3.44 -3.35
CA LEU A 199 -11.06 2.68 -2.46
C LEU A 199 -10.50 1.47 -3.20
N VAL A 200 -11.26 0.95 -4.16
CA VAL A 200 -10.83 -0.21 -4.92
C VAL A 200 -9.89 0.21 -6.05
N ILE A 201 -10.21 1.33 -6.69
CA ILE A 201 -9.39 1.83 -7.80
C ILE A 201 -7.91 1.66 -7.47
N GLN A 202 -7.52 2.03 -6.26
CA GLN A 202 -6.13 1.92 -5.84
C GLN A 202 -5.75 0.45 -5.66
N ALA A 203 -6.65 -0.31 -5.05
CA ALA A 203 -6.41 -1.74 -4.83
C ALA A 203 -6.20 -2.47 -6.15
N TYR A 204 -6.98 -2.08 -7.16
CA TYR A 204 -6.88 -2.70 -8.47
C TYR A 204 -5.55 -2.35 -9.13
N PHE A 205 -5.12 -1.10 -8.97
CA PHE A 205 -3.86 -0.66 -9.56
C PHE A 205 -2.69 -1.10 -8.70
N ALA A 206 -2.96 -1.39 -7.43
CA ALA A 206 -1.92 -1.83 -6.50
C ALA A 206 -1.70 -3.33 -6.62
N CYS A 207 -2.75 -4.05 -6.99
CA CYS A 207 -2.65 -5.50 -7.13
C CYS A 207 -2.16 -5.87 -8.52
N GLU A 208 -1.54 -4.91 -9.20
CA GLU A 208 -1.02 -5.14 -10.54
C GLU A 208 -2.16 -5.24 -11.55
N LYS A 209 -3.21 -4.46 -11.33
CA LYS A 209 -4.36 -4.48 -12.23
C LYS A 209 -4.95 -5.88 -12.32
N ASN A 210 -4.57 -6.74 -11.37
CA ASN A 210 -5.07 -8.10 -11.36
C ASN A 210 -6.28 -8.22 -10.43
N GLU A 211 -7.46 -7.98 -10.99
CA GLU A 211 -8.69 -8.06 -10.20
C GLU A 211 -8.66 -9.29 -9.29
N ASN A 212 -7.90 -10.29 -9.69
CA ASN A 212 -7.80 -11.52 -8.90
C ASN A 212 -6.96 -11.28 -7.65
N LEU A 213 -5.88 -10.51 -7.80
CA LEU A 213 -5.00 -10.21 -6.67
C LEU A 213 -5.57 -9.07 -5.84
N ALA A 214 -6.08 -8.04 -6.53
CA ALA A 214 -6.65 -6.89 -5.85
C ALA A 214 -7.82 -7.31 -4.96
N ALA A 215 -8.53 -8.36 -5.40
CA ALA A 215 -9.67 -8.85 -4.64
C ALA A 215 -9.21 -9.58 -3.39
N ASN A 216 -8.02 -10.17 -3.46
CA ASN A 216 -7.47 -10.89 -2.32
C ASN A 216 -6.89 -9.92 -1.29
N PHE A 217 -5.94 -9.11 -1.71
CA PHE A 217 -5.32 -8.14 -0.81
C PHE A 217 -6.39 -7.25 -0.17
N LEU A 218 -7.09 -6.48 -1.00
CA LEU A 218 -8.13 -5.60 -0.50
C LEU A 218 -9.08 -6.35 0.41
N LEU A 219 -9.33 -7.61 0.09
CA LEU A 219 -10.22 -8.45 0.88
C LEU A 219 -9.50 -9.05 2.08
N SER A 220 -8.16 -8.98 2.05
CA SER A 220 -7.37 -9.54 3.15
C SER A 220 -6.81 -8.43 4.04
N GLN A 221 -7.19 -7.20 3.76
CA GLN A 221 -6.70 -6.06 4.55
C GLN A 221 -7.37 -6.04 5.92
N ASN A 222 -7.36 -7.19 6.59
CA ASN A 222 -7.95 -7.32 7.92
C ASN A 222 -9.34 -7.94 7.84
N PHE A 223 -10.35 -7.22 8.33
CA PHE A 223 -11.73 -7.72 8.30
C PHE A 223 -11.76 -9.25 8.20
ZN ZN B . -1.27 -4.35 9.44
N GLU A 13 23.88 -2.40 -12.53
CA GLU A 13 22.64 -3.15 -12.41
C GLU A 13 22.55 -3.82 -11.03
N PRO A 14 22.33 -3.04 -10.01
CA PRO A 14 22.21 -3.55 -8.61
C PRO A 14 20.90 -4.30 -8.38
N TYR A 15 19.84 -3.84 -9.05
CA TYR A 15 18.53 -4.46 -8.92
C TYR A 15 18.59 -5.98 -9.12
N ASN A 16 19.77 -6.49 -9.47
CA ASN A 16 19.94 -7.91 -9.69
C ASN A 16 19.98 -8.65 -8.37
N GLU A 17 21.08 -8.51 -7.64
CA GLU A 17 21.23 -9.17 -6.34
C GLU A 17 20.65 -8.30 -5.25
N TRP A 18 20.76 -6.98 -5.44
CA TRP A 18 20.26 -6.02 -4.46
C TRP A 18 18.78 -6.22 -4.20
N THR A 19 17.99 -6.24 -5.26
CA THR A 19 16.55 -6.38 -5.12
C THR A 19 16.22 -7.48 -4.12
N LEU A 20 16.98 -8.57 -4.16
CA LEU A 20 16.76 -9.68 -3.23
C LEU A 20 16.96 -9.23 -1.79
N GLU A 21 17.94 -8.36 -1.58
CA GLU A 21 18.24 -7.85 -0.25
C GLU A 21 17.17 -6.86 0.18
N LEU A 22 16.56 -6.20 -0.80
CA LEU A 22 15.52 -5.21 -0.51
C LEU A 22 14.17 -5.90 -0.32
N LEU A 23 14.03 -7.09 -0.89
CA LEU A 23 12.79 -7.84 -0.77
C LEU A 23 12.64 -8.40 0.65
N GLU A 24 13.62 -9.18 1.08
CA GLU A 24 13.57 -9.77 2.42
C GLU A 24 13.15 -8.72 3.45
N GLU A 25 13.56 -7.48 3.22
CA GLU A 25 13.22 -6.38 4.13
C GLU A 25 11.78 -5.91 3.88
N LEU A 26 11.35 -5.98 2.63
CA LEU A 26 10.01 -5.55 2.28
C LEU A 26 8.97 -6.53 2.81
N LYS A 27 9.15 -7.81 2.48
CA LYS A 27 8.23 -8.85 2.93
C LYS A 27 8.17 -8.88 4.46
N SER A 28 9.33 -8.74 5.10
CA SER A 28 9.38 -8.75 6.55
C SER A 28 8.31 -7.84 7.15
N GLU A 29 8.23 -6.63 6.63
CA GLU A 29 7.24 -5.67 7.12
C GLU A 29 5.91 -5.87 6.39
N ALA A 30 5.95 -5.86 5.08
CA ALA A 30 4.73 -6.04 4.28
C ALA A 30 4.03 -7.34 4.66
N VAL A 31 4.73 -8.46 4.50
CA VAL A 31 4.16 -9.76 4.83
C VAL A 31 3.63 -9.76 6.27
N ARG A 32 4.30 -9.01 7.14
CA ARG A 32 3.90 -8.94 8.54
C ARG A 32 2.49 -8.36 8.66
N HIS A 33 2.15 -7.43 7.76
CA HIS A 33 0.84 -6.81 7.78
C HIS A 33 0.06 -7.15 6.52
N PHE A 34 0.67 -7.95 5.64
CA PHE A 34 0.02 -8.35 4.40
C PHE A 34 -0.48 -9.79 4.49
N PRO A 35 -1.69 -10.01 4.08
CA PRO A 35 -2.31 -11.37 4.11
C PRO A 35 -1.41 -12.42 3.45
N ARG A 36 -1.14 -13.50 4.17
CA ARG A 36 -0.30 -14.57 3.65
C ARG A 36 -0.76 -14.98 2.25
N ILE A 37 -2.05 -15.24 2.12
CA ILE A 37 -2.61 -15.63 0.82
C ILE A 37 -2.16 -14.67 -0.27
N TRP A 38 -2.53 -13.41 -0.12
CA TRP A 38 -2.17 -12.39 -1.09
C TRP A 38 -0.66 -12.32 -1.26
N LEU A 39 0.05 -12.24 -0.14
CA LEU A 39 1.50 -12.19 -0.18
C LEU A 39 2.04 -13.41 -0.91
N HIS A 40 1.25 -14.48 -0.91
CA HIS A 40 1.64 -15.71 -1.58
C HIS A 40 1.28 -15.67 -3.05
N ASN A 41 0.06 -15.24 -3.33
CA ASN A 41 -0.42 -15.15 -4.72
C ASN A 41 0.34 -14.08 -5.49
N LEU A 42 0.64 -12.98 -4.80
CA LEU A 42 1.37 -11.88 -5.44
C LEU A 42 2.51 -12.42 -6.30
N GLY A 43 3.32 -13.30 -5.71
CA GLY A 43 4.44 -13.88 -6.44
C GLY A 43 3.94 -14.85 -7.51
N GLN A 44 2.71 -15.34 -7.32
CA GLN A 44 2.13 -16.28 -8.28
C GLN A 44 1.58 -15.54 -9.49
N HIS A 45 0.69 -14.59 -9.24
CA HIS A 45 0.10 -13.82 -10.32
C HIS A 45 1.15 -12.95 -11.00
N ILE A 46 1.89 -12.19 -10.22
CA ILE A 46 2.93 -11.32 -10.76
C ILE A 46 3.97 -12.14 -11.53
N TYR A 47 4.02 -13.44 -11.23
CA TYR A 47 4.96 -14.34 -11.90
C TYR A 47 4.40 -14.80 -13.23
N GLU A 48 3.10 -15.04 -13.27
CA GLU A 48 2.45 -15.50 -14.51
C GLU A 48 2.19 -14.32 -15.43
N THR A 49 2.08 -13.12 -14.86
CA THR A 49 1.82 -11.92 -15.65
C THR A 49 3.12 -11.37 -16.22
N TYR A 50 4.18 -11.40 -15.41
CA TYR A 50 5.48 -10.90 -15.85
C TYR A 50 6.42 -12.05 -16.15
N GLY A 51 5.96 -13.27 -15.90
CA GLY A 51 6.77 -14.46 -16.16
C GLY A 51 7.96 -14.52 -15.21
N ASP A 52 9.15 -14.75 -15.78
CA ASP A 52 10.36 -14.83 -14.96
C ASP A 52 11.21 -13.58 -15.15
N THR A 53 10.75 -12.67 -16.02
CA THR A 53 11.48 -11.44 -16.28
C THR A 53 11.78 -10.72 -14.97
N TRP A 54 12.89 -9.97 -14.97
CA TRP A 54 13.29 -9.23 -13.77
C TRP A 54 12.24 -8.18 -13.43
N ALA A 55 11.66 -7.56 -14.45
CA ALA A 55 10.65 -6.53 -14.24
C ALA A 55 9.64 -6.98 -13.19
N GLY A 56 9.23 -8.24 -13.27
CA GLY A 56 8.27 -8.78 -12.32
C GLY A 56 8.68 -8.46 -10.88
N VAL A 57 9.88 -8.87 -10.50
CA VAL A 57 10.38 -8.61 -9.16
C VAL A 57 10.47 -7.11 -8.89
N GLU A 58 10.94 -6.36 -9.88
CA GLU A 58 11.05 -4.91 -9.74
C GLU A 58 9.74 -4.31 -9.25
N ALA A 59 8.67 -4.57 -9.98
CA ALA A 59 7.35 -4.04 -9.62
C ALA A 59 6.91 -4.60 -8.27
N ILE A 60 7.33 -5.83 -7.98
CA ILE A 60 6.97 -6.48 -6.72
C ILE A 60 7.29 -5.56 -5.55
N ILE A 61 8.26 -4.68 -5.74
CA ILE A 61 8.66 -3.75 -4.68
C ILE A 61 7.69 -2.57 -4.61
N ARG A 62 7.63 -1.79 -5.69
CA ARG A 62 6.75 -0.64 -5.74
C ARG A 62 5.32 -1.05 -5.41
N ILE A 63 4.98 -2.30 -5.68
CA ILE A 63 3.63 -2.80 -5.41
C ILE A 63 3.42 -2.95 -3.91
N LEU A 64 4.30 -3.72 -3.26
CA LEU A 64 4.19 -3.94 -1.83
C LEU A 64 4.48 -2.65 -1.06
N GLN A 65 5.14 -1.71 -1.72
CA GLN A 65 5.47 -0.43 -1.10
C GLN A 65 4.21 0.38 -0.82
N GLN A 66 3.39 0.55 -1.86
CA GLN A 66 2.15 1.32 -1.72
C GLN A 66 1.09 0.48 -1.01
N LEU A 67 1.20 -0.83 -1.12
CA LEU A 67 0.24 -1.73 -0.49
C LEU A 67 0.28 -1.58 1.03
N LEU A 68 1.42 -1.10 1.54
CA LEU A 68 1.58 -0.91 2.98
C LEU A 68 0.71 0.25 3.47
N PHE A 69 0.55 1.26 2.61
CA PHE A 69 -0.25 2.43 2.96
C PHE A 69 -1.70 2.03 3.18
N ILE A 70 -2.26 1.29 2.22
CA ILE A 70 -3.65 0.85 2.32
C ILE A 70 -3.90 0.17 3.66
N HIS A 71 -2.92 -0.60 4.12
CA HIS A 71 -3.04 -1.30 5.40
C HIS A 71 -3.34 -0.33 6.53
N PHE A 72 -2.97 0.94 6.33
CA PHE A 72 -3.20 1.96 7.34
C PHE A 72 -4.65 2.45 7.30
N ARG A 73 -5.11 2.79 6.10
CA ARG A 73 -6.49 3.27 5.92
C ARG A 73 -7.46 2.39 6.71
N ILE A 74 -7.51 1.11 6.36
CA ILE A 74 -8.41 0.18 7.03
C ILE A 74 -8.08 0.10 8.52
N GLY A 75 -6.79 0.06 8.83
CA GLY A 75 -6.36 -0.02 10.22
C GLY A 75 -5.57 -1.29 10.48
N CYS A 76 -4.46 -1.15 11.20
CA CYS A 76 -3.61 -2.30 11.50
C CYS A 76 -4.26 -3.19 12.56
N ARG A 77 -4.82 -4.31 12.11
CA ARG A 77 -5.47 -5.23 13.03
C ARG A 77 -4.42 -5.91 13.92
N HIS A 78 -3.16 -5.76 13.56
CA HIS A 78 -2.07 -6.35 14.33
C HIS A 78 -1.64 -5.42 15.45
N SER A 79 -0.88 -5.96 16.40
CA SER A 79 -0.40 -5.16 17.52
C SER A 79 -0.24 -3.70 17.12
N ASN A 93 15.76 12.11 3.85
CA ASN A 93 14.34 11.77 3.76
C ASN A 93 13.51 13.03 3.61
N PRO A 94 12.99 13.27 2.42
CA PRO A 94 12.15 14.47 2.13
C PRO A 94 10.93 14.52 3.04
N LEU A 95 10.57 13.38 3.61
CA LEU A 95 9.41 13.31 4.49
C LEU A 95 9.83 13.50 5.94
N GLU A 96 11.05 14.00 6.14
CA GLU A 96 11.57 14.24 7.49
C GLU A 96 10.81 15.37 8.16
N PHE A 97 10.53 16.42 7.39
CA PHE A 97 9.81 17.57 7.93
C PHE A 97 8.38 17.17 8.32
N LEU A 98 7.99 15.96 7.94
CA LEU A 98 6.65 15.47 8.27
C LEU A 98 6.38 15.61 9.76
N ARG A 99 7.31 15.11 10.56
CA ARG A 99 7.16 15.19 12.02
C ARG A 99 6.94 16.64 12.45
N ASP A 100 7.36 17.57 11.59
CA ASP A 100 7.22 18.99 11.89
C ASP A 100 5.85 19.49 11.47
N GLN A 101 4.99 18.58 11.02
CA GLN A 101 3.65 18.95 10.59
C GLN A 101 2.61 18.40 11.55
N PRO A 102 1.55 19.13 11.78
CA PRO A 102 0.46 18.71 12.70
C PRO A 102 -0.32 17.51 12.14
N GLN A 103 -0.41 17.45 10.82
CA GLN A 103 -1.12 16.35 10.17
C GLN A 103 -0.55 15.00 10.60
N PHE A 104 0.77 14.90 10.65
CA PHE A 104 1.41 13.66 11.05
C PHE A 104 1.10 13.32 12.50
N GLN A 105 1.55 14.18 13.41
CA GLN A 105 1.31 13.95 14.83
C GLN A 105 -0.19 13.90 15.12
N ASN A 106 -0.96 14.66 14.36
CA ASN A 106 -2.41 14.68 14.54
C ASN A 106 -3.03 13.39 14.02
N MET A 107 -2.84 13.12 12.74
CA MET A 107 -3.39 11.92 12.13
C MET A 107 -2.90 10.68 12.87
N ARG A 108 -1.70 10.77 13.45
CA ARG A 108 -1.10 9.66 14.17
C ARG A 108 -2.08 9.02 15.15
N GLN A 109 -2.70 9.84 15.98
CA GLN A 109 -3.65 9.34 16.97
C GLN A 109 -4.89 8.81 16.27
N VAL A 110 -5.54 9.68 15.52
CA VAL A 110 -6.74 9.29 14.80
C VAL A 110 -6.45 8.15 13.82
N ILE A 111 -5.17 8.00 13.44
CA ILE A 111 -4.80 6.95 12.51
C ILE A 111 -4.48 5.65 13.23
N GLN A 112 -3.58 5.71 14.22
CA GLN A 112 -3.23 4.50 14.96
C GLN A 112 -4.27 4.18 16.02
N GLN A 113 -5.11 5.15 16.36
CA GLN A 113 -6.15 4.92 17.35
C GLN A 113 -7.42 4.42 16.67
N ASN A 114 -7.84 5.13 15.63
CA ASN A 114 -9.05 4.75 14.91
C ASN A 114 -8.89 5.01 13.41
N PRO A 115 -8.11 4.20 12.75
CA PRO A 115 -7.86 4.34 11.29
C PRO A 115 -9.12 4.74 10.54
N ALA A 116 -10.27 4.54 11.17
CA ALA A 116 -11.54 4.89 10.56
C ALA A 116 -11.56 6.37 10.17
N LEU A 117 -10.60 7.12 10.68
CA LEU A 117 -10.51 8.55 10.39
C LEU A 117 -9.28 8.83 9.53
N LEU A 118 -8.52 7.80 9.22
CA LEU A 118 -7.31 7.96 8.41
C LEU A 118 -7.67 8.27 6.96
N PRO A 119 -8.46 7.42 6.35
CA PRO A 119 -8.90 7.61 4.94
C PRO A 119 -9.22 9.07 4.62
N ALA A 120 -9.64 9.82 5.64
CA ALA A 120 -9.97 11.23 5.45
C ALA A 120 -8.73 12.09 5.59
N LEU A 121 -7.91 11.80 6.60
CA LEU A 121 -6.69 12.56 6.83
C LEU A 121 -5.84 12.59 5.57
N LEU A 122 -5.46 11.40 5.09
CA LEU A 122 -4.64 11.30 3.89
C LEU A 122 -5.16 12.22 2.79
N GLN A 123 -6.48 12.24 2.62
CA GLN A 123 -7.09 13.09 1.60
C GLN A 123 -6.65 14.54 1.77
N GLN A 124 -6.65 15.02 3.00
CA GLN A 124 -6.25 16.39 3.28
C GLN A 124 -4.74 16.50 3.44
N LEU A 125 -4.11 15.38 3.80
CA LEU A 125 -2.67 15.36 3.98
C LEU A 125 -1.95 15.47 2.64
N GLY A 126 -2.36 14.64 1.69
CA GLY A 126 -1.75 14.65 0.36
C GLY A 126 -2.24 15.84 -0.45
N GLN A 127 -3.31 16.47 0.02
CA GLN A 127 -3.87 17.62 -0.68
C GLN A 127 -3.11 18.89 -0.30
N GLU A 128 -2.51 18.89 0.89
CA GLU A 128 -1.76 20.03 1.37
C GLU A 128 -0.32 19.98 0.86
N ASN A 129 0.32 18.83 1.06
CA ASN A 129 1.70 18.66 0.62
C ASN A 129 1.83 17.42 -0.26
N PRO A 130 1.21 17.43 -1.40
CA PRO A 130 1.24 16.29 -2.36
C PRO A 130 2.67 15.76 -2.58
N GLN A 131 3.65 16.63 -2.35
CA GLN A 131 5.05 16.25 -2.53
C GLN A 131 5.46 15.23 -1.46
N LEU A 132 4.82 15.31 -0.30
CA LEU A 132 5.13 14.39 0.79
C LEU A 132 4.35 13.09 0.63
N LEU A 133 3.06 13.22 0.29
CA LEU A 133 2.21 12.05 0.10
C LEU A 133 2.89 11.05 -0.82
N GLN A 134 3.37 11.52 -1.97
CA GLN A 134 4.03 10.66 -2.93
C GLN A 134 5.15 9.89 -2.26
N GLN A 135 5.75 10.48 -1.23
CA GLN A 135 6.84 9.84 -0.51
C GLN A 135 6.27 8.87 0.53
N ILE A 136 5.24 9.31 1.24
CA ILE A 136 4.61 8.47 2.26
C ILE A 136 4.41 7.06 1.73
N SER A 137 3.73 6.96 0.59
CA SER A 137 3.47 5.65 -0.01
C SER A 137 4.76 5.05 -0.56
N ARG A 138 5.73 5.91 -0.85
CA ARG A 138 7.00 5.45 -1.39
C ARG A 138 7.92 4.96 -0.28
N HIS A 139 7.72 5.48 0.93
CA HIS A 139 8.54 5.07 2.07
C HIS A 139 7.67 4.53 3.19
N GLN A 140 6.68 3.72 2.84
CA GLN A 140 5.78 3.15 3.84
C GLN A 140 6.57 2.73 5.07
N GLU A 141 7.46 1.76 4.91
CA GLU A 141 8.27 1.28 6.03
C GLU A 141 8.75 2.46 6.88
N GLN A 142 9.29 3.47 6.21
CA GLN A 142 9.79 4.64 6.93
C GLN A 142 8.62 5.46 7.47
N PHE A 143 7.45 5.30 6.87
CA PHE A 143 6.25 6.02 7.30
C PHE A 143 5.59 5.29 8.45
N ILE A 144 5.66 3.96 8.43
CA ILE A 144 5.04 3.16 9.47
C ILE A 144 5.76 3.36 10.80
N GLN A 145 7.04 3.00 10.84
CA GLN A 145 7.82 3.17 12.07
C GLN A 145 7.45 4.48 12.75
N MET A 146 7.12 5.49 11.94
CA MET A 146 6.74 6.78 12.47
C MET A 146 5.24 6.81 12.79
N LEU A 147 4.44 6.33 11.85
CA LEU A 147 3.00 6.29 12.02
C LEU A 147 2.61 5.22 13.04
N ASN A 148 3.57 4.41 13.44
CA ASN A 148 3.31 3.34 14.41
C ASN A 148 3.91 3.70 15.77
N GLU A 149 4.66 4.80 15.80
CA GLU A 149 5.29 5.24 17.03
C GLU A 149 5.03 6.73 17.24
N PRO A 150 5.37 7.25 18.39
CA PRO A 150 5.18 8.69 18.69
C PRO A 150 5.74 9.59 17.60
N PRO A 151 5.11 10.71 17.35
CA PRO A 151 5.56 11.66 16.30
C PRO A 151 7.05 11.96 16.39
N ILE A 177 -6.33 6.62 -11.37
CA ILE A 177 -7.22 5.81 -12.20
C ILE A 177 -6.51 5.39 -13.48
N GLN A 178 -6.51 6.25 -14.48
CA GLN A 178 -5.85 5.95 -15.74
C GLN A 178 -6.62 4.88 -16.51
N VAL A 179 -7.57 4.23 -15.85
CA VAL A 179 -8.36 3.19 -16.50
C VAL A 179 -9.65 3.76 -17.04
N THR A 180 -10.41 2.92 -17.73
CA THR A 180 -11.68 3.32 -18.27
C THR A 180 -12.77 2.35 -17.82
N PRO A 181 -13.95 2.47 -18.36
CA PRO A 181 -15.09 1.58 -18.00
C PRO A 181 -14.72 0.11 -18.22
N GLN A 182 -13.62 -0.09 -18.93
CA GLN A 182 -13.15 -1.43 -19.25
C GLN A 182 -12.27 -1.99 -18.13
N GLU A 183 -11.28 -1.22 -17.72
CA GLU A 183 -10.37 -1.65 -16.67
C GLU A 183 -10.92 -1.29 -15.29
N LYS A 184 -11.77 -0.26 -15.24
CA LYS A 184 -12.35 0.16 -13.97
C LYS A 184 -13.52 -0.74 -13.59
N GLU A 185 -14.29 -1.15 -14.58
CA GLU A 185 -15.44 -2.02 -14.32
C GLU A 185 -15.05 -3.09 -13.31
N ALA A 186 -13.74 -3.35 -13.23
CA ALA A 186 -13.23 -4.36 -12.29
C ALA A 186 -13.03 -3.74 -10.92
N ILE A 187 -12.63 -2.47 -10.91
CA ILE A 187 -12.39 -1.75 -9.65
C ILE A 187 -13.66 -1.73 -8.80
N GLU A 188 -14.71 -1.10 -9.32
CA GLU A 188 -15.97 -1.00 -8.60
C GLU A 188 -16.53 -2.39 -8.33
N ARG A 189 -16.04 -3.37 -9.07
CA ARG A 189 -16.50 -4.75 -8.89
C ARG A 189 -15.99 -5.31 -7.58
N LEU A 190 -14.78 -4.89 -7.20
CA LEU A 190 -14.19 -5.35 -5.95
C LEU A 190 -14.69 -4.52 -4.77
N LYS A 191 -14.89 -3.24 -5.02
CA LYS A 191 -15.38 -2.34 -3.97
C LYS A 191 -16.76 -2.77 -3.49
N ALA A 192 -17.57 -3.28 -4.41
CA ALA A 192 -18.91 -3.74 -4.07
C ALA A 192 -18.88 -4.62 -2.84
N LEU A 193 -17.68 -5.09 -2.49
CA LEU A 193 -17.53 -5.95 -1.32
C LEU A 193 -17.59 -5.14 -0.04
N GLY A 194 -17.92 -3.86 -0.17
CA GLY A 194 -18.01 -2.97 0.99
C GLY A 194 -16.80 -2.06 1.07
N PHE A 195 -16.46 -1.42 -0.05
CA PHE A 195 -15.32 -0.51 -0.09
C PHE A 195 -15.56 0.58 -1.13
N PRO A 196 -14.90 1.70 -0.97
CA PRO A 196 -15.03 2.85 -1.90
C PRO A 196 -14.30 2.62 -3.22
N GLU A 197 -14.74 3.32 -4.26
CA GLU A 197 -14.12 3.16 -5.57
C GLU A 197 -12.67 3.61 -5.52
N SER A 198 -12.35 4.48 -4.57
CA SER A 198 -10.99 4.97 -4.40
C SER A 198 -10.11 3.92 -3.73
N LEU A 199 -10.64 3.31 -2.67
CA LEU A 199 -9.89 2.29 -1.95
C LEU A 199 -9.58 1.11 -2.85
N VAL A 200 -10.44 0.87 -3.84
CA VAL A 200 -10.25 -0.24 -4.76
C VAL A 200 -9.28 0.15 -5.87
N ILE A 201 -9.70 1.11 -6.70
CA ILE A 201 -8.87 1.56 -7.81
C ILE A 201 -7.41 1.68 -7.38
N GLN A 202 -7.20 2.10 -6.13
CA GLN A 202 -5.85 2.25 -5.61
C GLN A 202 -5.20 0.89 -5.38
N ALA A 203 -6.01 -0.08 -4.98
CA ALA A 203 -5.50 -1.43 -4.73
C ALA A 203 -5.40 -2.22 -6.03
N TYR A 204 -6.29 -1.92 -6.96
CA TYR A 204 -6.31 -2.61 -8.25
C TYR A 204 -4.97 -2.42 -8.97
N PHE A 205 -4.49 -1.19 -8.99
CA PHE A 205 -3.23 -0.87 -9.65
C PHE A 205 -2.05 -1.23 -8.75
N ALA A 206 -2.31 -1.33 -7.45
CA ALA A 206 -1.26 -1.66 -6.50
C ALA A 206 -0.95 -3.15 -6.55
N CYS A 207 -1.87 -3.92 -7.12
CA CYS A 207 -1.68 -5.36 -7.24
C CYS A 207 -1.52 -5.77 -8.69
N GLU A 208 -1.27 -4.79 -9.56
CA GLU A 208 -1.09 -5.05 -10.98
C GLU A 208 -2.44 -5.33 -11.64
N LYS A 209 -3.39 -4.42 -11.44
CA LYS A 209 -4.72 -4.58 -12.02
C LYS A 209 -5.22 -6.00 -11.85
N ASN A 210 -4.59 -6.74 -10.93
CA ASN A 210 -5.00 -8.12 -10.67
C ASN A 210 -6.17 -8.16 -9.69
N GLU A 211 -7.38 -8.22 -10.24
CA GLU A 211 -8.57 -8.25 -9.40
C GLU A 211 -8.43 -9.30 -8.30
N ASN A 212 -8.29 -10.55 -8.69
CA ASN A 212 -8.15 -11.63 -7.74
C ASN A 212 -7.20 -11.22 -6.61
N LEU A 213 -5.97 -10.90 -6.97
CA LEU A 213 -4.97 -10.49 -5.99
C LEU A 213 -5.47 -9.28 -5.20
N ALA A 214 -5.67 -8.17 -5.90
CA ALA A 214 -6.15 -6.96 -5.24
C ALA A 214 -7.30 -7.29 -4.28
N ALA A 215 -8.08 -8.30 -4.63
CA ALA A 215 -9.21 -8.69 -3.80
C ALA A 215 -8.72 -9.54 -2.62
N ASN A 216 -7.78 -10.44 -2.89
CA ASN A 216 -7.24 -11.30 -1.85
C ASN A 216 -6.63 -10.46 -0.72
N PHE A 217 -5.94 -9.39 -1.10
CA PHE A 217 -5.30 -8.51 -0.12
C PHE A 217 -6.33 -7.59 0.52
N LEU A 218 -7.17 -6.98 -0.32
CA LEU A 218 -8.20 -6.06 0.17
C LEU A 218 -9.21 -6.81 1.02
N LEU A 219 -9.45 -8.08 0.68
CA LEU A 219 -10.41 -8.89 1.43
C LEU A 219 -9.76 -9.49 2.66
N SER A 220 -8.43 -9.59 2.64
CA SER A 220 -7.69 -10.14 3.77
C SER A 220 -6.96 -9.04 4.52
N GLN A 221 -7.18 -7.80 4.11
CA GLN A 221 -6.53 -6.67 4.74
C GLN A 221 -7.14 -6.37 6.12
N ASN A 222 -7.28 -7.42 6.92
CA ASN A 222 -7.82 -7.29 8.28
C ASN A 222 -9.31 -7.66 8.31
N PHE A 223 -10.14 -6.73 8.81
CA PHE A 223 -11.58 -6.97 8.90
C PHE A 223 -11.87 -8.45 9.16
ZN ZN B . -0.84 -4.57 10.69
N GLU A 13 23.27 -2.82 -12.43
CA GLU A 13 22.21 -3.73 -12.04
C GLU A 13 22.36 -4.12 -10.56
N PRO A 14 22.23 -3.16 -9.68
CA PRO A 14 22.35 -3.40 -8.21
C PRO A 14 21.19 -4.23 -7.67
N TYR A 15 19.98 -3.92 -8.13
CA TYR A 15 18.80 -4.64 -7.68
C TYR A 15 19.09 -6.13 -7.52
N ASN A 16 19.85 -6.67 -8.46
CA ASN A 16 20.18 -8.09 -8.43
C ASN A 16 20.49 -8.54 -7.00
N GLU A 17 21.64 -8.15 -6.48
CA GLU A 17 22.03 -8.52 -5.12
C GLU A 17 21.48 -7.52 -4.12
N TRP A 18 21.14 -6.34 -4.63
CA TRP A 18 20.62 -5.27 -3.78
C TRP A 18 19.12 -5.42 -3.55
N THR A 19 18.34 -5.41 -4.62
CA THR A 19 16.89 -5.53 -4.50
C THR A 19 16.53 -6.77 -3.69
N LEU A 20 17.42 -7.75 -3.66
CA LEU A 20 17.18 -8.97 -2.92
C LEU A 20 17.42 -8.75 -1.43
N GLU A 21 18.46 -8.00 -1.11
CA GLU A 21 18.78 -7.72 0.29
C GLU A 21 17.71 -6.82 0.90
N LEU A 22 17.23 -5.86 0.12
CA LEU A 22 16.21 -4.94 0.59
C LEU A 22 14.85 -5.65 0.68
N LEU A 23 14.71 -6.72 -0.09
CA LEU A 23 13.46 -7.47 -0.11
C LEU A 23 13.17 -8.05 1.28
N GLU A 24 14.08 -8.88 1.77
CA GLU A 24 13.92 -9.50 3.08
C GLU A 24 13.33 -8.50 4.07
N GLU A 25 13.81 -7.26 4.02
CA GLU A 25 13.33 -6.22 4.90
C GLU A 25 11.91 -5.80 4.53
N LEU A 26 11.66 -5.70 3.22
CA LEU A 26 10.34 -5.31 2.74
C LEU A 26 9.28 -6.29 3.23
N LYS A 27 9.65 -7.56 3.30
CA LYS A 27 8.72 -8.59 3.75
C LYS A 27 8.37 -8.39 5.22
N SER A 28 9.39 -8.38 6.08
CA SER A 28 9.18 -8.21 7.50
C SER A 28 8.19 -7.07 7.76
N GLU A 29 8.12 -6.14 6.82
CA GLU A 29 7.20 -5.00 6.95
C GLU A 29 5.84 -5.35 6.38
N ALA A 30 5.82 -5.83 5.14
CA ALA A 30 4.56 -6.19 4.49
C ALA A 30 4.08 -7.55 4.99
N VAL A 31 4.90 -8.57 4.78
CA VAL A 31 4.53 -9.92 5.23
C VAL A 31 3.98 -9.89 6.65
N ARG A 32 4.40 -8.90 7.42
CA ARG A 32 3.94 -8.77 8.80
C ARG A 32 2.70 -7.90 8.87
N HIS A 33 2.55 -7.01 7.89
CA HIS A 33 1.40 -6.11 7.86
C HIS A 33 0.47 -6.46 6.72
N PHE A 34 0.60 -7.69 6.20
CA PHE A 34 -0.24 -8.14 5.10
C PHE A 34 -0.71 -9.57 5.33
N PRO A 35 -1.80 -9.94 4.72
CA PRO A 35 -2.37 -11.30 4.86
C PRO A 35 -1.51 -12.36 4.16
N ARG A 36 -1.10 -13.36 4.92
CA ARG A 36 -0.26 -14.43 4.37
C ARG A 36 -0.79 -14.87 3.01
N ILE A 37 -2.08 -15.16 2.94
CA ILE A 37 -2.69 -15.60 1.69
C ILE A 37 -2.29 -14.68 0.54
N TRP A 38 -2.63 -13.40 0.66
CA TRP A 38 -2.31 -12.43 -0.37
C TRP A 38 -0.83 -12.50 -0.73
N LEU A 39 0.03 -12.30 0.27
CA LEU A 39 1.47 -12.35 0.05
C LEU A 39 1.83 -13.59 -0.76
N HIS A 40 0.98 -14.61 -0.68
CA HIS A 40 1.23 -15.84 -1.40
C HIS A 40 0.77 -15.72 -2.85
N ASN A 41 -0.32 -14.97 -3.05
CA ASN A 41 -0.85 -14.76 -4.39
C ASN A 41 -0.10 -13.66 -5.11
N LEU A 42 0.56 -12.80 -4.34
CA LEU A 42 1.33 -11.70 -4.91
C LEU A 42 2.45 -12.24 -5.78
N GLY A 43 3.23 -13.17 -5.23
CA GLY A 43 4.34 -13.76 -5.96
C GLY A 43 3.83 -14.79 -6.96
N GLN A 44 2.63 -15.29 -6.72
CA GLN A 44 2.02 -16.28 -7.62
C GLN A 44 1.40 -15.60 -8.83
N HIS A 45 0.81 -14.43 -8.60
CA HIS A 45 0.19 -13.68 -9.69
C HIS A 45 1.21 -12.85 -10.45
N ILE A 46 1.92 -11.99 -9.72
CA ILE A 46 2.94 -11.14 -10.33
C ILE A 46 3.99 -11.99 -11.04
N TYR A 47 4.08 -13.25 -10.65
CA TYR A 47 5.06 -14.14 -11.26
C TYR A 47 4.53 -14.72 -12.55
N GLU A 48 3.26 -15.12 -12.54
CA GLU A 48 2.63 -15.69 -13.74
C GLU A 48 2.35 -14.60 -14.76
N THR A 49 2.19 -13.37 -14.29
CA THR A 49 1.91 -12.25 -15.17
C THR A 49 3.20 -11.71 -15.79
N TYR A 50 4.23 -11.54 -14.95
CA TYR A 50 5.50 -11.03 -15.43
C TYR A 50 6.46 -12.18 -15.74
N GLY A 51 6.23 -13.33 -15.09
CA GLY A 51 7.08 -14.49 -15.31
C GLY A 51 8.24 -14.51 -14.32
N ASP A 52 9.45 -14.73 -14.84
CA ASP A 52 10.63 -14.77 -14.00
C ASP A 52 11.54 -13.58 -14.30
N THR A 53 11.12 -12.74 -15.23
CA THR A 53 11.89 -11.56 -15.59
C THR A 53 12.11 -10.65 -14.38
N TRP A 54 13.25 -9.97 -14.35
CA TRP A 54 13.55 -9.08 -13.23
C TRP A 54 12.45 -8.04 -13.05
N ALA A 55 11.91 -7.55 -14.16
CA ALA A 55 10.85 -6.56 -14.11
C ALA A 55 9.76 -6.98 -13.13
N GLY A 56 9.60 -8.29 -12.98
CA GLY A 56 8.59 -8.83 -12.07
C GLY A 56 9.00 -8.60 -10.62
N VAL A 57 10.24 -8.93 -10.29
CA VAL A 57 10.75 -8.76 -8.94
C VAL A 57 10.87 -7.28 -8.59
N GLU A 58 10.99 -6.46 -9.61
CA GLU A 58 11.12 -5.01 -9.42
C GLU A 58 9.75 -4.38 -9.21
N ALA A 59 8.74 -4.94 -9.85
CA ALA A 59 7.37 -4.42 -9.73
C ALA A 59 6.83 -4.67 -8.33
N ILE A 60 7.11 -5.86 -7.79
CA ILE A 60 6.64 -6.21 -6.46
C ILE A 60 7.10 -5.18 -5.45
N ILE A 61 8.33 -4.70 -5.60
CA ILE A 61 8.87 -3.70 -4.69
C ILE A 61 8.04 -2.42 -4.72
N ARG A 62 7.78 -1.93 -5.92
CA ARG A 62 7.00 -0.71 -6.08
C ARG A 62 5.52 -0.99 -5.87
N ILE A 63 5.14 -2.27 -5.95
CA ILE A 63 3.75 -2.67 -5.76
C ILE A 63 3.44 -2.83 -4.28
N LEU A 64 4.46 -3.15 -3.49
CA LEU A 64 4.28 -3.33 -2.06
C LEU A 64 3.97 -2.00 -1.38
N GLN A 65 4.89 -1.04 -1.52
CA GLN A 65 4.70 0.27 -0.92
C GLN A 65 3.27 0.76 -1.14
N GLN A 66 2.91 0.92 -2.41
CA GLN A 66 1.57 1.39 -2.75
C GLN A 66 0.52 0.63 -1.94
N LEU A 67 0.81 -0.63 -1.63
CA LEU A 67 -0.12 -1.46 -0.88
C LEU A 67 -0.12 -1.06 0.60
N LEU A 68 1.07 -0.86 1.15
CA LEU A 68 1.19 -0.46 2.55
C LEU A 68 0.38 0.79 2.82
N PHE A 69 0.52 1.78 1.95
CA PHE A 69 -0.22 3.04 2.11
C PHE A 69 -1.69 2.76 2.35
N ILE A 70 -2.15 1.61 1.87
CA ILE A 70 -3.55 1.22 2.05
C ILE A 70 -3.74 0.48 3.36
N HIS A 71 -2.64 -0.04 3.89
CA HIS A 71 -2.69 -0.77 5.15
C HIS A 71 -3.32 0.08 6.24
N PHE A 72 -2.72 1.24 6.49
CA PHE A 72 -3.25 2.15 7.51
C PHE A 72 -4.70 2.51 7.21
N ARG A 73 -4.96 2.88 5.96
CA ARG A 73 -6.31 3.24 5.54
C ARG A 73 -7.34 2.26 6.09
N ILE A 74 -7.18 0.99 5.74
CA ILE A 74 -8.12 -0.03 6.20
C ILE A 74 -8.02 -0.20 7.71
N GLY A 75 -6.84 -0.55 8.20
CA GLY A 75 -6.64 -0.73 9.63
C GLY A 75 -5.64 -1.84 9.92
N CYS A 76 -4.68 -1.56 10.79
CA CYS A 76 -3.66 -2.54 11.13
C CYS A 76 -4.14 -3.43 12.28
N ARG A 77 -4.40 -4.69 11.97
CA ARG A 77 -4.87 -5.64 12.98
C ARG A 77 -3.69 -6.30 13.67
N HIS A 78 -2.49 -5.96 13.23
CA HIS A 78 -1.27 -6.53 13.82
C HIS A 78 -0.88 -5.76 15.08
N SER A 79 -0.23 -6.46 16.01
CA SER A 79 0.19 -5.83 17.26
C SER A 79 -0.88 -4.86 17.76
N ASN A 93 15.22 11.42 4.75
CA ASN A 93 14.11 11.19 3.85
C ASN A 93 13.43 12.51 3.49
N PRO A 94 12.58 12.50 2.50
CA PRO A 94 11.84 13.72 2.06
C PRO A 94 10.76 14.10 3.07
N LEU A 95 10.48 13.19 3.99
CA LEU A 95 9.47 13.44 5.01
C LEU A 95 10.06 13.29 6.41
N GLU A 96 11.39 13.34 6.49
CA GLU A 96 12.07 13.21 7.77
C GLU A 96 11.71 14.37 8.69
N PHE A 97 11.23 15.45 8.10
CA PHE A 97 10.85 16.63 8.88
C PHE A 97 9.40 16.54 9.33
N LEU A 98 8.67 15.56 8.78
CA LEU A 98 7.27 15.38 9.14
C LEU A 98 7.11 15.31 10.65
N ARG A 99 8.16 14.90 11.35
CA ARG A 99 8.13 14.81 12.80
C ARG A 99 7.83 16.17 13.42
N ASP A 100 8.07 17.23 12.65
CA ASP A 100 7.83 18.58 13.13
C ASP A 100 6.51 19.12 12.57
N GLN A 101 5.78 18.27 11.86
CA GLN A 101 4.50 18.68 11.28
C GLN A 101 3.35 18.17 12.13
N PRO A 102 2.27 18.91 12.18
CA PRO A 102 1.07 18.53 12.97
C PRO A 102 0.33 17.34 12.36
N GLN A 103 0.28 17.31 11.02
CA GLN A 103 -0.40 16.23 10.32
C GLN A 103 0.21 14.89 10.67
N PHE A 104 1.55 14.84 10.70
CA PHE A 104 2.25 13.60 11.03
C PHE A 104 1.95 13.18 12.47
N GLN A 105 1.97 14.15 13.37
CA GLN A 105 1.69 13.87 14.78
C GLN A 105 0.21 13.63 14.99
N ASN A 106 -0.61 14.27 14.18
CA ASN A 106 -2.05 14.11 14.28
C ASN A 106 -2.52 12.88 13.51
N MET A 107 -2.32 12.90 12.19
CA MET A 107 -2.72 11.78 11.35
C MET A 107 -2.25 10.47 11.96
N ARG A 108 -1.05 10.49 12.54
CA ARG A 108 -0.49 9.28 13.16
C ARG A 108 -1.34 8.86 14.35
N GLN A 109 -1.61 9.81 15.25
CA GLN A 109 -2.41 9.52 16.43
C GLN A 109 -3.78 9.00 16.03
N VAL A 110 -4.28 9.50 14.90
CA VAL A 110 -5.59 9.08 14.41
C VAL A 110 -5.45 7.91 13.45
N ILE A 111 -4.25 7.77 12.87
CA ILE A 111 -4.00 6.69 11.93
C ILE A 111 -3.80 5.38 12.67
N GLN A 112 -3.02 5.42 13.74
CA GLN A 112 -2.77 4.22 14.54
C GLN A 112 -3.96 3.92 15.44
N GLN A 113 -4.64 4.97 15.88
CA GLN A 113 -5.81 4.80 16.74
C GLN A 113 -7.08 4.80 15.92
N ASN A 114 -7.06 5.53 14.80
CA ASN A 114 -8.22 5.59 13.94
C ASN A 114 -7.88 5.18 12.52
N PRO A 115 -7.16 4.11 12.36
CA PRO A 115 -6.78 3.59 11.01
C PRO A 115 -7.98 3.59 10.07
N ALA A 116 -9.17 3.72 10.65
CA ALA A 116 -10.40 3.71 9.88
C ALA A 116 -10.69 5.11 9.34
N LEU A 117 -10.30 6.13 10.10
CA LEU A 117 -10.53 7.51 9.69
C LEU A 117 -9.51 7.91 8.62
N LEU A 118 -8.36 7.24 8.62
CA LEU A 118 -7.31 7.54 7.66
C LEU A 118 -7.90 8.01 6.33
N PRO A 119 -8.80 7.25 5.77
CA PRO A 119 -9.45 7.60 4.48
C PRO A 119 -9.67 9.11 4.33
N ALA A 120 -10.13 9.74 5.40
CA ALA A 120 -10.38 11.17 5.38
C ALA A 120 -9.11 11.94 5.73
N LEU A 121 -8.31 11.35 6.62
CA LEU A 121 -7.06 11.99 7.04
C LEU A 121 -6.10 12.10 5.87
N LEU A 122 -5.68 10.96 5.32
CA LEU A 122 -4.75 10.96 4.21
C LEU A 122 -5.21 11.93 3.12
N GLN A 123 -6.52 12.20 3.09
CA GLN A 123 -7.08 13.12 2.10
C GLN A 123 -6.65 14.55 2.40
N GLN A 124 -6.76 14.94 3.67
CA GLN A 124 -6.38 16.29 4.07
C GLN A 124 -4.87 16.48 3.94
N LEU A 125 -4.14 15.38 3.97
CA LEU A 125 -2.69 15.43 3.85
C LEU A 125 -2.28 15.69 2.40
N GLY A 126 -2.74 14.83 1.50
CA GLY A 126 -2.42 14.97 0.09
C GLY A 126 -3.11 16.19 -0.50
N GLN A 127 -4.12 16.69 0.20
CA GLN A 127 -4.86 17.86 -0.26
C GLN A 127 -4.18 19.14 0.24
N GLU A 128 -3.60 19.07 1.42
CA GLU A 128 -2.92 20.22 2.00
C GLU A 128 -1.54 20.40 1.39
N ASN A 129 -0.78 19.32 1.34
CA ASN A 129 0.57 19.36 0.77
C ASN A 129 0.81 18.17 -0.15
N PRO A 130 0.18 18.16 -1.29
CA PRO A 130 0.32 17.06 -2.29
C PRO A 130 1.78 16.65 -2.50
N GLN A 131 2.70 17.56 -2.16
CA GLN A 131 4.11 17.28 -2.32
C GLN A 131 4.52 16.05 -1.52
N LEU A 132 3.99 15.96 -0.29
CA LEU A 132 4.31 14.83 0.57
C LEU A 132 3.59 13.57 0.10
N LEU A 133 2.31 13.71 -0.22
CA LEU A 133 1.51 12.58 -0.68
C LEU A 133 2.26 11.80 -1.75
N GLN A 134 3.17 12.48 -2.44
CA GLN A 134 3.95 11.84 -3.50
C GLN A 134 5.20 11.19 -2.91
N GLN A 135 5.65 11.68 -1.76
CA GLN A 135 6.83 11.14 -1.12
C GLN A 135 6.48 9.90 -0.30
N ILE A 136 5.63 10.08 0.69
CA ILE A 136 5.21 8.97 1.54
C ILE A 136 4.87 7.74 0.69
N SER A 137 4.31 7.99 -0.49
CA SER A 137 3.94 6.90 -1.39
C SER A 137 5.15 6.03 -1.70
N ARG A 138 6.33 6.65 -1.76
CA ARG A 138 7.56 5.93 -2.04
C ARG A 138 8.40 5.77 -0.79
N HIS A 139 7.79 6.03 0.36
CA HIS A 139 8.49 5.91 1.64
C HIS A 139 7.59 5.27 2.69
N GLN A 140 6.80 4.28 2.28
CA GLN A 140 5.90 3.59 3.20
C GLN A 140 6.68 3.04 4.39
N GLU A 141 7.58 2.11 4.13
CA GLU A 141 8.38 1.52 5.19
C GLU A 141 8.83 2.58 6.18
N GLN A 142 9.62 3.53 5.70
CA GLN A 142 10.12 4.60 6.57
C GLN A 142 8.95 5.41 7.14
N PHE A 143 7.82 5.37 6.45
CA PHE A 143 6.64 6.09 6.89
C PHE A 143 5.86 5.26 7.91
N ILE A 144 6.02 3.94 7.84
CA ILE A 144 5.34 3.05 8.76
C ILE A 144 6.10 2.92 10.06
N GLN A 145 7.38 2.57 9.97
CA GLN A 145 8.22 2.42 11.16
C GLN A 145 7.96 3.58 12.13
N MET A 146 7.69 4.76 11.58
CA MET A 146 7.43 5.93 12.41
C MET A 146 5.97 5.98 12.82
N LEU A 147 5.09 5.76 11.84
CA LEU A 147 3.65 5.78 12.11
C LEU A 147 3.22 4.52 12.86
N ASN A 148 4.16 3.59 13.00
CA ASN A 148 3.87 2.34 13.70
C ASN A 148 4.55 2.33 15.06
N GLU A 149 5.45 3.29 15.27
CA GLU A 149 6.18 3.39 16.54
C GLU A 149 6.12 4.81 17.07
N PRO A 150 6.68 5.04 18.22
CA PRO A 150 6.71 6.38 18.86
C PRO A 150 7.20 7.46 17.91
N PRO A 151 6.50 8.57 17.85
CA PRO A 151 6.87 9.70 16.96
C PRO A 151 8.34 10.08 17.07
N ILE A 177 -5.49 6.58 -12.24
CA ILE A 177 -6.65 6.20 -13.02
C ILE A 177 -6.24 5.31 -14.19
N GLN A 178 -5.75 5.94 -15.24
CA GLN A 178 -5.31 5.19 -16.41
C GLN A 178 -6.25 4.03 -16.69
N VAL A 179 -7.46 4.10 -16.15
CA VAL A 179 -8.44 3.05 -16.34
C VAL A 179 -9.46 3.44 -17.40
N THR A 180 -10.34 2.51 -17.71
CA THR A 180 -11.36 2.75 -18.71
C THR A 180 -12.65 2.04 -18.30
N PRO A 181 -13.69 2.15 -19.08
CA PRO A 181 -14.98 1.48 -18.78
C PRO A 181 -14.80 -0.03 -18.81
N GLN A 182 -13.70 -0.46 -19.40
CA GLN A 182 -13.38 -1.87 -19.51
C GLN A 182 -12.66 -2.38 -18.27
N GLU A 183 -11.66 -1.64 -17.82
CA GLU A 183 -10.88 -2.05 -16.65
C GLU A 183 -11.47 -1.51 -15.35
N LYS A 184 -12.04 -0.30 -15.40
CA LYS A 184 -12.61 0.30 -14.21
C LYS A 184 -13.96 -0.33 -13.88
N GLU A 185 -14.79 -0.55 -14.90
CA GLU A 185 -16.10 -1.15 -14.67
C GLU A 185 -16.01 -2.21 -13.60
N ALA A 186 -15.13 -3.19 -13.82
CA ALA A 186 -14.95 -4.26 -12.87
C ALA A 186 -14.55 -3.71 -11.50
N ILE A 187 -13.78 -2.63 -11.50
CA ILE A 187 -13.34 -2.02 -10.25
C ILE A 187 -14.54 -1.66 -9.39
N GLU A 188 -15.38 -0.76 -9.88
CA GLU A 188 -16.57 -0.34 -9.14
C GLU A 188 -17.31 -1.57 -8.60
N ARG A 189 -17.01 -2.74 -9.13
CA ARG A 189 -17.65 -3.97 -8.69
C ARG A 189 -17.01 -4.46 -7.40
N LEU A 190 -15.68 -4.60 -7.42
CA LEU A 190 -14.96 -5.06 -6.24
C LEU A 190 -15.52 -4.36 -5.00
N LYS A 191 -15.71 -3.05 -5.11
CA LYS A 191 -16.24 -2.27 -4.00
C LYS A 191 -17.68 -2.69 -3.71
N ALA A 192 -18.39 -3.10 -4.75
CA ALA A 192 -19.78 -3.54 -4.58
C ALA A 192 -19.89 -4.53 -3.43
N LEU A 193 -18.75 -5.06 -3.00
CA LEU A 193 -18.72 -6.03 -1.90
C LEU A 193 -18.92 -5.32 -0.58
N GLY A 194 -19.22 -4.02 -0.63
CA GLY A 194 -19.43 -3.24 0.59
C GLY A 194 -18.25 -2.32 0.86
N PHE A 195 -17.31 -2.26 -0.08
CA PHE A 195 -16.14 -1.40 0.08
C PHE A 195 -16.28 -0.15 -0.77
N PRO A 196 -15.42 0.81 -0.56
CA PRO A 196 -15.43 2.09 -1.31
C PRO A 196 -15.04 1.90 -2.77
N GLU A 197 -15.54 2.77 -3.63
CA GLU A 197 -15.24 2.70 -5.06
C GLU A 197 -13.78 3.06 -5.30
N SER A 198 -13.38 4.24 -4.82
CA SER A 198 -12.00 4.70 -5.00
C SER A 198 -11.02 3.71 -4.37
N LEU A 199 -11.46 3.07 -3.29
CA LEU A 199 -10.61 2.11 -2.59
C LEU A 199 -10.21 0.97 -3.53
N VAL A 200 -11.01 0.72 -4.56
CA VAL A 200 -10.71 -0.34 -5.49
C VAL A 200 -9.73 0.14 -6.56
N ILE A 201 -9.82 1.41 -6.92
CA ILE A 201 -8.93 1.97 -7.93
C ILE A 201 -7.48 1.86 -7.47
N GLN A 202 -7.18 2.40 -6.31
CA GLN A 202 -5.82 2.34 -5.77
C GLN A 202 -5.45 0.91 -5.39
N ALA A 203 -6.48 0.12 -5.03
CA ALA A 203 -6.24 -1.27 -4.64
C ALA A 203 -6.16 -2.15 -5.88
N TYR A 204 -6.77 -1.70 -6.98
CA TYR A 204 -6.77 -2.46 -8.22
C TYR A 204 -5.43 -2.29 -8.94
N PHE A 205 -4.88 -1.08 -8.88
CA PHE A 205 -3.60 -0.80 -9.53
C PHE A 205 -2.45 -1.30 -8.68
N ALA A 206 -2.48 -0.95 -7.40
CA ALA A 206 -1.42 -1.37 -6.49
C ALA A 206 -1.27 -2.89 -6.51
N CYS A 207 -2.38 -3.58 -6.77
CA CYS A 207 -2.35 -5.04 -6.82
C CYS A 207 -2.02 -5.53 -8.22
N GLU A 208 -1.61 -4.60 -9.09
CA GLU A 208 -1.27 -4.94 -10.46
C GLU A 208 -2.54 -5.17 -11.28
N LYS A 209 -3.50 -4.27 -11.14
CA LYS A 209 -4.75 -4.38 -11.89
C LYS A 209 -5.31 -5.80 -11.81
N ASN A 210 -4.77 -6.59 -10.88
CA ASN A 210 -5.22 -7.96 -10.71
C ASN A 210 -6.51 -8.02 -9.89
N GLU A 211 -7.64 -8.09 -10.58
CA GLU A 211 -8.93 -8.16 -9.91
C GLU A 211 -9.04 -9.45 -9.11
N ASN A 212 -8.30 -10.46 -9.55
CA ASN A 212 -8.31 -11.75 -8.89
C ASN A 212 -7.47 -11.69 -7.61
N LEU A 213 -6.37 -10.96 -7.67
CA LEU A 213 -5.48 -10.84 -6.52
C LEU A 213 -5.97 -9.72 -5.60
N ALA A 214 -6.17 -8.54 -6.15
CA ALA A 214 -6.63 -7.40 -5.37
C ALA A 214 -7.83 -7.80 -4.51
N ALA A 215 -8.74 -8.55 -5.09
CA ALA A 215 -9.93 -8.99 -4.37
C ALA A 215 -9.53 -9.74 -3.10
N ASN A 216 -8.36 -10.36 -3.13
CA ASN A 216 -7.87 -11.10 -1.98
C ASN A 216 -7.24 -10.16 -0.95
N PHE A 217 -6.42 -9.24 -1.44
CA PHE A 217 -5.76 -8.28 -0.56
C PHE A 217 -6.79 -7.44 0.18
N LEU A 218 -7.82 -7.02 -0.53
CA LEU A 218 -8.87 -6.19 0.07
C LEU A 218 -9.67 -7.00 1.09
N LEU A 219 -9.90 -8.27 0.80
CA LEU A 219 -10.65 -9.14 1.70
C LEU A 219 -9.75 -9.68 2.80
N SER A 220 -8.44 -9.67 2.54
CA SER A 220 -7.48 -10.17 3.52
C SER A 220 -6.72 -9.02 4.16
N GLN A 221 -7.18 -7.80 3.90
CA GLN A 221 -6.53 -6.61 4.45
C GLN A 221 -6.91 -6.42 5.92
N ASN A 222 -6.80 -7.48 6.70
CA ASN A 222 -7.13 -7.41 8.13
C ASN A 222 -8.63 -7.55 8.33
N PHE A 223 -9.18 -6.68 9.18
CA PHE A 223 -10.62 -6.72 9.48
C PHE A 223 -11.14 -8.14 9.48
ZN ZN B . -0.37 -4.19 10.27
N GLU A 13 23.61 -3.12 -11.89
CA GLU A 13 22.18 -2.98 -11.66
C GLU A 13 21.80 -3.56 -10.30
N PRO A 14 21.80 -2.74 -9.29
CA PRO A 14 21.44 -3.17 -7.90
C PRO A 14 20.14 -3.95 -7.86
N TYR A 15 19.22 -3.60 -8.75
CA TYR A 15 17.92 -4.27 -8.81
C TYR A 15 18.09 -5.79 -8.79
N ASN A 16 19.33 -6.25 -8.92
CA ASN A 16 19.60 -7.68 -8.91
C ASN A 16 19.97 -8.15 -7.51
N GLU A 17 21.13 -7.70 -7.01
CA GLU A 17 21.57 -8.08 -5.68
C GLU A 17 21.02 -7.12 -4.64
N TRP A 18 20.90 -5.86 -5.02
CA TRP A 18 20.40 -4.85 -4.12
C TRP A 18 18.90 -5.02 -3.85
N THR A 19 18.11 -4.96 -4.91
CA THR A 19 16.67 -5.11 -4.78
C THR A 19 16.34 -6.29 -3.87
N LEU A 20 16.98 -7.43 -4.13
CA LEU A 20 16.75 -8.62 -3.34
C LEU A 20 17.22 -8.41 -1.91
N GLU A 21 18.16 -7.50 -1.73
CA GLU A 21 18.68 -7.20 -0.40
C GLU A 21 17.68 -6.37 0.40
N LEU A 22 17.00 -5.46 -0.28
CA LEU A 22 16.02 -4.61 0.38
C LEU A 22 14.68 -5.33 0.51
N LEU A 23 14.43 -6.26 -0.42
CA LEU A 23 13.19 -7.02 -0.39
C LEU A 23 12.96 -7.65 0.98
N GLU A 24 13.98 -8.33 1.48
CA GLU A 24 13.88 -8.98 2.79
C GLU A 24 13.27 -8.02 3.81
N GLU A 25 13.66 -6.76 3.74
CA GLU A 25 13.15 -5.76 4.67
C GLU A 25 11.77 -5.29 4.22
N LEU A 26 11.67 -4.81 2.99
CA LEU A 26 10.40 -4.32 2.45
C LEU A 26 9.29 -5.33 2.75
N LYS A 27 9.51 -6.58 2.36
CA LYS A 27 8.53 -7.62 2.60
C LYS A 27 8.45 -7.99 4.07
N SER A 28 9.58 -7.84 4.77
CA SER A 28 9.64 -8.15 6.19
C SER A 28 8.52 -7.44 6.94
N GLU A 29 8.55 -6.11 6.91
CA GLU A 29 7.54 -5.31 7.59
C GLU A 29 6.15 -5.62 7.04
N ALA A 30 5.98 -5.38 5.74
CA ALA A 30 4.69 -5.63 5.10
C ALA A 30 4.13 -6.98 5.51
N VAL A 31 4.98 -8.01 5.44
CA VAL A 31 4.56 -9.36 5.82
C VAL A 31 3.76 -9.33 7.10
N ARG A 32 4.33 -8.74 8.15
CA ARG A 32 3.65 -8.65 9.44
C ARG A 32 2.33 -7.92 9.29
N HIS A 33 2.22 -7.09 8.27
CA HIS A 33 0.99 -6.34 8.03
C HIS A 33 0.35 -6.75 6.71
N PHE A 34 0.76 -7.90 6.19
CA PHE A 34 0.22 -8.39 4.93
C PHE A 34 -0.25 -9.83 5.07
N PRO A 35 -1.33 -10.17 4.43
CA PRO A 35 -1.89 -11.55 4.47
C PRO A 35 -1.05 -12.55 3.68
N ARG A 36 -0.60 -13.60 4.35
CA ARG A 36 0.21 -14.62 3.70
C ARG A 36 -0.41 -14.98 2.35
N ILE A 37 -1.68 -14.64 2.19
CA ILE A 37 -2.40 -14.93 0.96
C ILE A 37 -1.87 -14.06 -0.18
N TRP A 38 -1.97 -12.75 -0.01
CA TRP A 38 -1.50 -11.82 -1.04
C TRP A 38 -0.03 -12.07 -1.35
N LEU A 39 0.78 -12.17 -0.30
CA LEU A 39 2.20 -12.42 -0.47
C LEU A 39 2.44 -13.70 -1.26
N HIS A 40 1.48 -14.62 -1.17
CA HIS A 40 1.58 -15.89 -1.89
C HIS A 40 1.08 -15.75 -3.32
N ASN A 41 -0.11 -15.19 -3.46
CA ASN A 41 -0.71 -15.00 -4.78
C ASN A 41 0.09 -13.95 -5.57
N LEU A 42 0.24 -12.77 -4.99
CA LEU A 42 0.98 -11.70 -5.65
C LEU A 42 2.19 -12.25 -6.38
N GLY A 43 3.09 -12.89 -5.62
CA GLY A 43 4.30 -13.47 -6.21
C GLY A 43 3.94 -14.54 -7.23
N GLN A 44 2.73 -15.08 -7.12
CA GLN A 44 2.29 -16.12 -8.05
C GLN A 44 1.76 -15.50 -9.34
N HIS A 45 0.73 -14.67 -9.21
CA HIS A 45 0.14 -14.02 -10.38
C HIS A 45 1.15 -13.09 -11.04
N ILE A 46 1.57 -12.06 -10.31
CA ILE A 46 2.54 -11.10 -10.83
C ILE A 46 3.73 -11.83 -11.42
N TYR A 47 3.92 -13.09 -11.02
CA TYR A 47 5.04 -13.89 -11.52
C TYR A 47 4.70 -14.46 -12.90
N GLU A 48 3.48 -14.95 -13.04
CA GLU A 48 3.05 -15.53 -14.31
C GLU A 48 2.68 -14.43 -15.31
N THR A 49 2.12 -13.34 -14.80
CA THR A 49 1.72 -12.22 -15.66
C THR A 49 2.95 -11.62 -16.35
N TYR A 50 3.92 -11.20 -15.55
CA TYR A 50 5.14 -10.60 -16.09
C TYR A 50 6.19 -11.68 -16.36
N GLY A 51 5.97 -12.86 -15.78
CA GLY A 51 6.91 -13.96 -15.97
C GLY A 51 8.03 -13.90 -14.93
N ASP A 52 9.06 -14.72 -15.14
CA ASP A 52 10.19 -14.75 -14.22
C ASP A 52 11.06 -13.51 -14.40
N THR A 53 10.81 -12.77 -15.47
CA THR A 53 11.57 -11.56 -15.75
C THR A 53 11.73 -10.72 -14.49
N TRP A 54 12.61 -9.72 -14.55
CA TRP A 54 12.85 -8.86 -13.40
C TRP A 54 11.69 -7.90 -13.19
N ALA A 55 11.22 -7.32 -14.29
CA ALA A 55 10.10 -6.37 -14.23
C ALA A 55 9.06 -6.85 -13.22
N GLY A 56 8.81 -8.15 -13.19
CA GLY A 56 7.84 -8.71 -12.26
C GLY A 56 8.25 -8.46 -10.82
N VAL A 57 9.42 -8.96 -10.45
CA VAL A 57 9.93 -8.78 -9.09
C VAL A 57 10.12 -7.30 -8.78
N GLU A 58 10.72 -6.57 -9.72
CA GLU A 58 10.96 -5.15 -9.53
C GLU A 58 9.65 -4.42 -9.26
N ALA A 59 8.62 -4.74 -10.04
CA ALA A 59 7.32 -4.10 -9.88
C ALA A 59 6.63 -4.60 -8.61
N ILE A 60 6.95 -5.82 -8.21
CA ILE A 60 6.36 -6.40 -7.02
C ILE A 60 6.77 -5.61 -5.77
N ILE A 61 7.97 -5.04 -5.81
CA ILE A 61 8.47 -4.26 -4.69
C ILE A 61 7.87 -2.86 -4.70
N ARG A 62 7.78 -2.26 -5.88
CA ARG A 62 7.22 -0.93 -6.02
C ARG A 62 5.74 -0.92 -5.69
N ILE A 63 5.10 -2.09 -5.84
CA ILE A 63 3.67 -2.20 -5.56
C ILE A 63 3.44 -2.45 -4.07
N LEU A 64 4.37 -3.17 -3.44
CA LEU A 64 4.26 -3.47 -2.02
C LEU A 64 3.96 -2.19 -1.22
N GLN A 65 4.87 -1.22 -1.33
CA GLN A 65 4.70 0.04 -0.62
C GLN A 65 3.29 0.59 -0.83
N GLN A 66 2.82 0.57 -2.07
CA GLN A 66 1.49 1.06 -2.39
C GLN A 66 0.44 0.32 -1.58
N LEU A 67 0.74 -0.91 -1.20
CA LEU A 67 -0.19 -1.72 -0.43
C LEU A 67 -0.07 -1.39 1.06
N LEU A 68 1.16 -1.13 1.51
CA LEU A 68 1.40 -0.79 2.91
C LEU A 68 0.47 0.33 3.36
N PHE A 69 0.43 1.41 2.58
CA PHE A 69 -0.43 2.54 2.90
C PHE A 69 -1.86 2.08 3.15
N ILE A 70 -2.44 1.38 2.18
CA ILE A 70 -3.80 0.89 2.31
C ILE A 70 -3.99 0.21 3.66
N HIS A 71 -2.93 -0.40 4.17
CA HIS A 71 -3.00 -1.09 5.45
C HIS A 71 -3.39 -0.11 6.56
N PHE A 72 -2.94 1.14 6.42
CA PHE A 72 -3.25 2.17 7.40
C PHE A 72 -4.70 2.61 7.29
N ARG A 73 -5.11 2.95 6.08
CA ARG A 73 -6.49 3.39 5.83
C ARG A 73 -7.48 2.48 6.55
N ILE A 74 -7.45 1.20 6.22
CA ILE A 74 -8.36 0.24 6.84
C ILE A 74 -8.09 0.14 8.33
N GLY A 75 -6.82 0.17 8.71
CA GLY A 75 -6.44 0.08 10.11
C GLY A 75 -5.60 -1.15 10.38
N CYS A 76 -4.55 -0.99 11.17
CA CYS A 76 -3.67 -2.10 11.50
C CYS A 76 -4.27 -2.97 12.60
N ARG A 77 -4.81 -4.12 12.22
CA ARG A 77 -5.42 -5.02 13.19
C ARG A 77 -4.34 -5.67 14.06
N HIS A 78 -3.09 -5.54 13.66
CA HIS A 78 -1.98 -6.10 14.41
C HIS A 78 -1.61 -5.22 15.59
N SER A 79 -1.46 -5.82 16.75
CA SER A 79 -1.12 -5.07 17.96
C SER A 79 -2.12 -3.95 18.20
N ASN A 93 15.96 13.12 4.50
CA ASN A 93 14.80 12.41 3.97
C ASN A 93 13.64 13.38 3.75
N PRO A 94 13.04 13.34 2.59
CA PRO A 94 11.90 14.24 2.25
C PRO A 94 10.65 13.90 3.06
N LEU A 95 10.80 12.95 3.96
CA LEU A 95 9.68 12.52 4.80
C LEU A 95 10.03 12.72 6.28
N GLU A 96 11.33 12.77 6.57
CA GLU A 96 11.79 12.97 7.94
C GLU A 96 11.09 14.15 8.59
N PHE A 97 11.07 15.28 7.88
CA PHE A 97 10.44 16.49 8.40
C PHE A 97 8.94 16.27 8.62
N LEU A 98 8.45 15.13 8.15
CA LEU A 98 7.03 14.80 8.30
C LEU A 98 6.69 14.56 9.77
N ARG A 99 7.70 14.21 10.55
CA ARG A 99 7.50 13.96 11.97
C ARG A 99 7.35 15.26 12.74
N ASP A 100 7.76 16.36 12.11
CA ASP A 100 7.66 17.67 12.75
C ASP A 100 6.39 18.39 12.31
N GLN A 101 5.55 17.69 11.55
CA GLN A 101 4.29 18.26 11.08
C GLN A 101 3.11 17.59 11.77
N PRO A 102 2.16 18.37 12.23
CA PRO A 102 0.96 17.85 12.92
C PRO A 102 0.23 16.80 12.08
N GLN A 103 0.00 17.12 10.82
CA GLN A 103 -0.70 16.20 9.94
C GLN A 103 -0.17 14.78 10.11
N PHE A 104 1.12 14.66 10.45
CA PHE A 104 1.73 13.35 10.65
C PHE A 104 1.41 12.82 12.04
N GLN A 105 1.88 13.55 13.06
CA GLN A 105 1.63 13.15 14.43
C GLN A 105 0.14 13.19 14.72
N ASN A 106 -0.48 14.33 14.44
CA ASN A 106 -1.91 14.49 14.63
C ASN A 106 -2.65 13.27 14.10
N MET A 107 -2.32 12.88 12.87
CA MET A 107 -2.95 11.72 12.25
C MET A 107 -2.41 10.44 12.87
N ARG A 108 -1.20 10.51 13.40
CA ARG A 108 -0.58 9.35 14.04
C ARG A 108 -1.43 8.84 15.18
N GLN A 109 -2.09 9.75 15.89
CA GLN A 109 -2.95 9.36 17.00
C GLN A 109 -4.32 8.94 16.50
N VAL A 110 -4.74 9.53 15.38
CA VAL A 110 -6.04 9.20 14.80
C VAL A 110 -5.93 7.93 13.95
N ILE A 111 -4.73 7.65 13.46
CA ILE A 111 -4.50 6.47 12.63
C ILE A 111 -4.19 5.25 13.50
N GLN A 112 -3.21 5.38 14.39
CA GLN A 112 -2.85 4.28 15.27
C GLN A 112 -3.98 3.98 16.25
N GLN A 113 -4.80 4.99 16.50
CA GLN A 113 -5.92 4.83 17.42
C GLN A 113 -7.18 4.41 16.67
N ASN A 114 -7.57 5.21 15.69
CA ASN A 114 -8.75 4.90 14.90
C ASN A 114 -8.48 5.13 13.42
N PRO A 115 -7.89 4.18 12.77
CA PRO A 115 -7.56 4.26 11.31
C PRO A 115 -8.75 4.76 10.49
N ALA A 116 -9.92 4.77 11.12
CA ALA A 116 -11.13 5.23 10.46
C ALA A 116 -10.99 6.68 10.01
N LEU A 117 -9.89 7.30 10.41
CA LEU A 117 -9.63 8.69 10.06
C LEU A 117 -8.53 8.78 9.00
N LEU A 118 -7.70 7.75 8.93
CA LEU A 118 -6.61 7.72 7.98
C LEU A 118 -7.09 8.10 6.58
N PRO A 119 -8.08 7.40 6.07
CA PRO A 119 -8.63 7.68 4.71
C PRO A 119 -9.03 9.14 4.55
N ALA A 120 -9.31 9.80 5.67
CA ALA A 120 -9.69 11.21 5.64
C ALA A 120 -8.46 12.10 5.66
N LEU A 121 -7.58 11.86 6.62
CA LEU A 121 -6.35 12.65 6.74
C LEU A 121 -5.54 12.58 5.45
N LEU A 122 -5.09 11.38 5.09
CA LEU A 122 -4.31 11.20 3.88
C LEU A 122 -4.93 11.96 2.72
N GLN A 123 -6.26 12.04 2.72
CA GLN A 123 -6.98 12.73 1.65
C GLN A 123 -6.77 14.24 1.76
N GLN A 124 -6.71 14.74 2.99
CA GLN A 124 -6.51 16.16 3.22
C GLN A 124 -5.02 16.50 3.22
N LEU A 125 -4.19 15.49 3.44
CA LEU A 125 -2.74 15.69 3.47
C LEU A 125 -2.22 15.97 2.06
N GLY A 126 -2.62 15.13 1.11
CA GLY A 126 -2.18 15.28 -0.27
C GLY A 126 -2.84 16.50 -0.91
N GLN A 127 -3.89 17.00 -0.27
CA GLN A 127 -4.59 18.17 -0.78
C GLN A 127 -3.81 19.44 -0.49
N GLU A 128 -2.94 19.37 0.51
CA GLU A 128 -2.13 20.53 0.89
C GLU A 128 -0.74 20.42 0.30
N ASN A 129 -0.12 19.25 0.44
CA ASN A 129 1.22 19.02 -0.09
C ASN A 129 1.29 17.66 -0.79
N PRO A 130 1.07 17.65 -2.07
CA PRO A 130 1.10 16.40 -2.89
C PRO A 130 2.51 15.82 -2.99
N GLN A 131 3.51 16.70 -2.87
CA GLN A 131 4.90 16.27 -2.96
C GLN A 131 5.22 15.28 -1.83
N LEU A 132 4.51 15.41 -0.72
CA LEU A 132 4.72 14.52 0.42
C LEU A 132 3.92 13.22 0.24
N LEU A 133 2.78 13.32 -0.41
CA LEU A 133 1.94 12.15 -0.65
C LEU A 133 2.71 11.08 -1.41
N GLN A 134 3.59 11.53 -2.30
CA GLN A 134 4.39 10.60 -3.10
C GLN A 134 5.47 9.95 -2.24
N GLN A 135 5.87 10.63 -1.18
CA GLN A 135 6.90 10.11 -0.29
C GLN A 135 6.28 9.19 0.75
N ILE A 136 5.10 9.56 1.25
CA ILE A 136 4.42 8.76 2.26
C ILE A 136 4.40 7.29 1.85
N SER A 137 4.01 7.04 0.60
CA SER A 137 3.95 5.67 0.09
C SER A 137 5.34 5.19 -0.31
N ARG A 138 6.12 6.07 -0.91
CA ARG A 138 7.47 5.72 -1.35
C ARG A 138 8.32 5.31 -0.15
N HIS A 139 7.98 5.84 1.02
CA HIS A 139 8.73 5.51 2.23
C HIS A 139 7.80 4.95 3.30
N GLN A 140 6.90 4.06 2.90
CA GLN A 140 5.96 3.46 3.83
C GLN A 140 6.69 2.98 5.08
N GLU A 141 7.58 2.01 4.92
CA GLU A 141 8.33 1.48 6.05
C GLU A 141 8.79 2.61 6.97
N GLN A 142 9.67 3.48 6.46
CA GLN A 142 10.15 4.59 7.25
C GLN A 142 9.00 5.45 7.73
N PHE A 143 7.89 5.38 7.03
CA PHE A 143 6.69 6.15 7.38
C PHE A 143 5.89 5.40 8.44
N ILE A 144 6.01 4.08 8.45
CA ILE A 144 5.28 3.26 9.41
C ILE A 144 6.05 3.17 10.72
N GLN A 145 7.37 3.07 10.63
CA GLN A 145 8.20 2.98 11.81
C GLN A 145 7.69 3.92 12.90
N MET A 146 7.40 5.15 12.52
CA MET A 146 6.89 6.14 13.46
C MET A 146 5.38 6.03 13.60
N LEU A 147 4.67 6.11 12.47
CA LEU A 147 3.22 6.01 12.48
C LEU A 147 2.76 4.80 13.28
N ASN A 148 3.70 3.88 13.53
CA ASN A 148 3.39 2.67 14.28
C ASN A 148 3.94 2.79 15.70
N GLU A 149 4.88 3.70 15.88
CA GLU A 149 5.49 3.91 17.19
C GLU A 149 5.01 5.23 17.79
N PRO A 150 5.32 5.46 19.04
CA PRO A 150 4.91 6.71 19.74
C PRO A 150 5.64 7.94 19.21
N PRO A 151 4.93 9.00 18.96
CA PRO A 151 5.52 10.27 18.44
C PRO A 151 6.69 10.74 19.29
N ILE A 177 -5.70 6.84 -13.07
CA ILE A 177 -6.63 5.81 -13.44
C ILE A 177 -5.93 4.77 -14.31
N GLN A 178 -5.45 5.19 -15.47
CA GLN A 178 -4.75 4.29 -16.40
C GLN A 178 -5.71 3.29 -17.02
N VAL A 179 -6.83 3.05 -16.34
CA VAL A 179 -7.83 2.12 -16.84
C VAL A 179 -8.91 2.84 -17.61
N THR A 180 -9.85 2.08 -18.12
CA THR A 180 -10.94 2.63 -18.89
C THR A 180 -12.25 1.92 -18.54
N PRO A 181 -13.32 2.27 -19.17
CA PRO A 181 -14.65 1.65 -18.90
C PRO A 181 -14.62 0.15 -19.15
N GLN A 182 -13.58 -0.29 -19.84
CA GLN A 182 -13.41 -1.70 -20.16
C GLN A 182 -12.91 -2.48 -18.95
N GLU A 183 -11.77 -2.06 -18.40
CA GLU A 183 -11.21 -2.72 -17.23
C GLU A 183 -11.77 -2.11 -15.95
N LYS A 184 -11.99 -0.80 -15.99
CA LYS A 184 -12.52 -0.08 -14.85
C LYS A 184 -13.61 -0.90 -14.15
N GLU A 185 -14.70 -1.15 -14.87
CA GLU A 185 -15.80 -1.91 -14.31
C GLU A 185 -15.29 -3.05 -13.45
N ALA A 186 -14.09 -3.54 -13.78
CA ALA A 186 -13.49 -4.64 -13.02
C ALA A 186 -13.15 -4.18 -11.60
N ILE A 187 -12.64 -2.96 -11.49
CA ILE A 187 -12.29 -2.41 -10.18
C ILE A 187 -13.53 -2.27 -9.31
N GLU A 188 -14.47 -1.45 -9.75
CA GLU A 188 -15.70 -1.24 -9.01
C GLU A 188 -16.26 -2.56 -8.51
N ARG A 189 -16.12 -3.61 -9.31
CA ARG A 189 -16.61 -4.92 -8.94
C ARG A 189 -16.27 -5.23 -7.48
N LEU A 190 -15.05 -4.86 -7.08
CA LEU A 190 -14.61 -5.08 -5.72
C LEU A 190 -15.22 -4.05 -4.78
N LYS A 191 -15.66 -2.93 -5.36
CA LYS A 191 -16.27 -1.86 -4.58
C LYS A 191 -17.55 -2.37 -3.92
N ALA A 192 -18.39 -3.05 -4.69
CA ALA A 192 -19.64 -3.58 -4.17
C ALA A 192 -19.36 -4.58 -3.03
N LEU A 193 -18.15 -5.10 -3.00
CA LEU A 193 -17.78 -6.05 -1.95
C LEU A 193 -17.71 -5.36 -0.59
N GLY A 194 -17.90 -4.05 -0.59
CA GLY A 194 -17.86 -3.28 0.65
C GLY A 194 -16.58 -2.47 0.75
N PHE A 195 -16.31 -1.66 -0.28
CA PHE A 195 -15.11 -0.83 -0.30
C PHE A 195 -15.34 0.43 -1.11
N PRO A 196 -14.80 1.53 -0.66
CA PRO A 196 -14.94 2.84 -1.36
C PRO A 196 -14.50 2.77 -2.81
N GLU A 197 -14.91 3.75 -3.61
CA GLU A 197 -14.55 3.79 -5.02
C GLU A 197 -13.04 4.00 -5.18
N SER A 198 -12.50 4.94 -4.40
CA SER A 198 -11.08 5.24 -4.47
C SER A 198 -10.27 4.16 -3.73
N LEU A 199 -10.94 3.41 -2.87
CA LEU A 199 -10.28 2.36 -2.12
C LEU A 199 -9.91 1.19 -3.03
N VAL A 200 -10.70 1.00 -4.09
CA VAL A 200 -10.45 -0.08 -5.03
C VAL A 200 -9.39 0.32 -6.05
N ILE A 201 -9.66 1.42 -6.76
CA ILE A 201 -8.71 1.91 -7.76
C ILE A 201 -7.28 1.80 -7.24
N GLN A 202 -7.12 1.83 -5.92
CA GLN A 202 -5.80 1.73 -5.32
C GLN A 202 -5.34 0.27 -5.29
N ALA A 203 -6.13 -0.58 -4.65
CA ALA A 203 -5.79 -2.00 -4.57
C ALA A 203 -5.66 -2.60 -5.97
N TYR A 204 -6.70 -2.41 -6.78
CA TYR A 204 -6.69 -2.94 -8.14
C TYR A 204 -5.36 -2.63 -8.82
N PHE A 205 -4.92 -1.38 -8.71
CA PHE A 205 -3.66 -0.98 -9.32
C PHE A 205 -2.47 -1.46 -8.50
N ALA A 206 -2.74 -1.80 -7.24
CA ALA A 206 -1.68 -2.28 -6.35
C ALA A 206 -1.46 -3.78 -6.54
N CYS A 207 -2.43 -4.43 -7.17
CA CYS A 207 -2.34 -5.87 -7.41
C CYS A 207 -2.26 -6.16 -8.91
N GLU A 208 -1.83 -5.17 -9.68
CA GLU A 208 -1.71 -5.33 -11.13
C GLU A 208 -3.10 -5.45 -11.77
N LYS A 209 -3.99 -4.53 -11.41
CA LYS A 209 -5.34 -4.53 -11.95
C LYS A 209 -5.92 -5.95 -11.93
N ASN A 210 -5.47 -6.76 -10.97
CA ASN A 210 -5.95 -8.12 -10.86
C ASN A 210 -7.18 -8.19 -9.97
N GLU A 211 -8.36 -8.14 -10.58
CA GLU A 211 -9.61 -8.19 -9.83
C GLU A 211 -9.65 -9.42 -8.93
N ASN A 212 -8.90 -10.45 -9.31
CA ASN A 212 -8.84 -11.68 -8.53
C ASN A 212 -7.87 -11.52 -7.36
N LEU A 213 -6.69 -10.99 -7.67
CA LEU A 213 -5.67 -10.80 -6.64
C LEU A 213 -6.12 -9.75 -5.63
N ALA A 214 -6.70 -8.67 -6.12
CA ALA A 214 -7.17 -7.59 -5.25
C ALA A 214 -8.26 -8.10 -4.32
N ALA A 215 -9.19 -8.89 -4.86
CA ALA A 215 -10.27 -9.44 -4.06
C ALA A 215 -9.74 -9.98 -2.74
N ASN A 216 -8.54 -10.57 -2.77
CA ASN A 216 -7.93 -11.12 -1.57
C ASN A 216 -7.29 -10.01 -0.74
N PHE A 217 -6.67 -9.06 -1.42
CA PHE A 217 -6.01 -7.95 -0.74
C PHE A 217 -7.02 -7.16 0.08
N LEU A 218 -8.18 -6.89 -0.50
CA LEU A 218 -9.22 -6.14 0.18
C LEU A 218 -9.90 -7.00 1.24
N LEU A 219 -10.09 -8.29 0.93
CA LEU A 219 -10.72 -9.20 1.85
C LEU A 219 -9.75 -9.66 2.94
N SER A 220 -8.45 -9.58 2.63
CA SER A 220 -7.42 -9.97 3.59
C SER A 220 -6.69 -8.75 4.13
N GLN A 221 -7.24 -7.57 3.86
CA GLN A 221 -6.62 -6.32 4.34
C GLN A 221 -6.75 -6.16 5.85
N ASN A 222 -6.41 -7.22 6.59
CA ASN A 222 -6.48 -7.17 8.05
C ASN A 222 -7.84 -6.63 8.52
N PHE A 223 -8.57 -7.46 9.26
CA PHE A 223 -9.88 -7.06 9.77
C PHE A 223 -10.78 -8.28 9.96
ZN ZN B . -0.70 -4.27 10.73
N GLU A 13 23.41 -1.36 -11.85
CA GLU A 13 22.28 -2.28 -11.96
C GLU A 13 22.05 -2.98 -10.62
N PRO A 14 21.79 -2.23 -9.58
CA PRO A 14 21.54 -2.78 -8.23
C PRO A 14 20.20 -3.50 -8.13
N TYR A 15 19.20 -2.96 -8.83
CA TYR A 15 17.87 -3.55 -8.82
C TYR A 15 17.94 -5.07 -9.06
N ASN A 16 19.12 -5.55 -9.43
CA ASN A 16 19.30 -6.97 -9.69
C ASN A 16 19.77 -7.70 -8.44
N GLU A 17 20.99 -7.39 -7.99
CA GLU A 17 21.54 -8.02 -6.80
C GLU A 17 21.12 -7.25 -5.56
N TRP A 18 21.19 -5.93 -5.66
CA TRP A 18 20.83 -5.06 -4.56
C TRP A 18 19.35 -5.23 -4.20
N THR A 19 18.52 -5.25 -5.21
CA THR A 19 17.09 -5.40 -5.01
C THR A 19 16.79 -6.48 -3.98
N LEU A 20 17.69 -7.47 -3.89
CA LEU A 20 17.51 -8.56 -2.93
C LEU A 20 17.76 -8.06 -1.51
N GLU A 21 18.95 -7.51 -1.28
CA GLU A 21 19.31 -7.00 0.03
C GLU A 21 18.23 -6.06 0.55
N LEU A 22 17.63 -5.30 -0.36
CA LEU A 22 16.58 -4.35 0.01
C LEU A 22 15.25 -5.08 0.22
N LEU A 23 14.91 -5.94 -0.74
CA LEU A 23 13.66 -6.69 -0.65
C LEU A 23 13.48 -7.27 0.75
N GLU A 24 14.49 -8.00 1.21
CA GLU A 24 14.44 -8.61 2.53
C GLU A 24 13.88 -7.62 3.56
N GLU A 25 14.33 -6.38 3.48
CA GLU A 25 13.87 -5.34 4.40
C GLU A 25 12.41 -5.01 4.13
N LEU A 26 12.11 -4.66 2.88
CA LEU A 26 10.75 -4.31 2.50
C LEU A 26 9.77 -5.41 2.93
N LYS A 27 9.97 -6.61 2.39
CA LYS A 27 9.11 -7.73 2.72
C LYS A 27 9.08 -7.96 4.23
N SER A 28 10.12 -7.50 4.92
CA SER A 28 10.20 -7.66 6.36
C SER A 28 9.04 -6.94 7.04
N GLU A 29 8.97 -5.63 6.88
CA GLU A 29 7.91 -4.84 7.48
C GLU A 29 6.59 -5.07 6.74
N ALA A 30 6.69 -5.51 5.49
CA ALA A 30 5.50 -5.77 4.69
C ALA A 30 4.80 -7.04 5.16
N VAL A 31 5.52 -8.16 5.09
CA VAL A 31 4.95 -9.44 5.51
C VAL A 31 4.44 -9.35 6.94
N ARG A 32 5.07 -8.49 7.75
CA ARG A 32 4.66 -8.33 9.14
C ARG A 32 3.27 -7.71 9.22
N HIS A 33 2.93 -6.89 8.24
CA HIS A 33 1.62 -6.24 8.22
C HIS A 33 0.81 -6.71 7.01
N PHE A 34 1.42 -7.53 6.17
CA PHE A 34 0.75 -8.02 4.98
C PHE A 34 0.23 -9.44 5.22
N PRO A 35 -0.91 -9.75 4.68
CA PRO A 35 -1.54 -11.10 4.83
C PRO A 35 -0.78 -12.18 4.04
N ARG A 36 -0.36 -13.22 4.74
CA ARG A 36 0.37 -14.30 4.10
C ARG A 36 -0.32 -14.73 2.82
N ILE A 37 -1.62 -15.01 2.91
CA ILE A 37 -2.39 -15.43 1.75
C ILE A 37 -2.06 -14.54 0.54
N TRP A 38 -2.32 -13.25 0.69
CA TRP A 38 -2.06 -12.29 -0.38
C TRP A 38 -0.62 -12.43 -0.87
N LEU A 39 0.33 -12.25 0.04
CA LEU A 39 1.74 -12.35 -0.31
C LEU A 39 2.00 -13.61 -1.13
N HIS A 40 1.13 -14.61 -0.96
CA HIS A 40 1.27 -15.87 -1.68
C HIS A 40 0.70 -15.74 -3.09
N ASN A 41 -0.39 -14.99 -3.22
CA ASN A 41 -1.02 -14.79 -4.52
C ASN A 41 -0.21 -13.81 -5.37
N LEU A 42 0.00 -12.61 -4.83
CA LEU A 42 0.75 -11.59 -5.54
C LEU A 42 1.94 -12.22 -6.28
N GLY A 43 2.70 -13.04 -5.56
CA GLY A 43 3.86 -13.70 -6.15
C GLY A 43 3.43 -14.79 -7.13
N GLN A 44 2.22 -15.30 -6.93
CA GLN A 44 1.70 -16.35 -7.80
C GLN A 44 1.20 -15.76 -9.12
N HIS A 45 0.39 -14.71 -9.03
CA HIS A 45 -0.15 -14.06 -10.22
C HIS A 45 0.96 -13.29 -10.94
N ILE A 46 1.70 -12.50 -10.19
CA ILE A 46 2.79 -11.72 -10.77
C ILE A 46 3.84 -12.64 -11.38
N TYR A 47 3.85 -13.90 -10.93
CA TYR A 47 4.81 -14.86 -11.44
C TYR A 47 4.30 -15.48 -12.75
N GLU A 48 3.01 -15.76 -12.80
CA GLU A 48 2.40 -16.34 -13.99
C GLU A 48 2.09 -15.26 -15.02
N THR A 49 1.91 -14.03 -14.55
CA THR A 49 1.61 -12.92 -15.44
C THR A 49 2.88 -12.35 -16.05
N TYR A 50 3.81 -11.93 -15.20
CA TYR A 50 5.07 -11.37 -15.68
C TYR A 50 6.10 -12.47 -15.90
N GLY A 51 5.82 -13.66 -15.39
CA GLY A 51 6.73 -14.79 -15.54
C GLY A 51 7.84 -14.73 -14.51
N ASP A 52 9.08 -14.87 -14.97
CA ASP A 52 10.23 -14.84 -14.08
C ASP A 52 11.09 -13.61 -14.36
N THR A 53 10.67 -12.82 -15.34
CA THR A 53 11.42 -11.61 -15.71
C THR A 53 11.68 -10.76 -14.47
N TRP A 54 12.79 -10.03 -14.50
CA TRP A 54 13.14 -9.16 -13.37
C TRP A 54 12.00 -8.21 -13.04
N ALA A 55 11.27 -7.79 -14.08
CA ALA A 55 10.15 -6.87 -13.89
C ALA A 55 9.21 -7.40 -12.80
N GLY A 56 9.07 -8.72 -12.74
CA GLY A 56 8.20 -9.34 -11.74
C GLY A 56 8.78 -9.18 -10.34
N VAL A 57 10.10 -9.21 -10.24
CA VAL A 57 10.76 -9.07 -8.95
C VAL A 57 10.82 -7.60 -8.54
N GLU A 58 10.90 -6.71 -9.52
CA GLU A 58 10.95 -5.28 -9.25
C GLU A 58 9.58 -4.74 -8.91
N ALA A 59 8.63 -4.90 -9.83
CA ALA A 59 7.27 -4.42 -9.61
C ALA A 59 6.74 -4.92 -8.27
N ILE A 60 6.86 -6.22 -8.03
CA ILE A 60 6.40 -6.81 -6.78
C ILE A 60 6.82 -5.95 -5.59
N ILE A 61 8.03 -5.40 -5.66
CA ILE A 61 8.54 -4.57 -4.59
C ILE A 61 7.88 -3.19 -4.62
N ARG A 62 7.55 -2.72 -5.81
CA ARG A 62 6.90 -1.42 -5.96
C ARG A 62 5.46 -1.47 -5.44
N ILE A 63 4.68 -2.39 -5.99
CA ILE A 63 3.28 -2.53 -5.58
C ILE A 63 3.20 -2.79 -4.07
N LEU A 64 4.24 -3.41 -3.52
CA LEU A 64 4.27 -3.70 -2.09
C LEU A 64 4.33 -2.42 -1.28
N GLN A 65 5.35 -1.60 -1.54
CA GLN A 65 5.51 -0.34 -0.82
C GLN A 65 4.21 0.44 -0.83
N GLN A 66 3.73 0.79 -2.03
CA GLN A 66 2.49 1.54 -2.16
C GLN A 66 1.35 0.80 -1.47
N LEU A 67 1.47 -0.52 -1.38
CA LEU A 67 0.44 -1.32 -0.75
C LEU A 67 0.44 -1.12 0.75
N LEU A 68 1.64 -0.97 1.32
CA LEU A 68 1.77 -0.77 2.76
C LEU A 68 0.84 0.33 3.24
N PHE A 69 0.64 1.34 2.39
CA PHE A 69 -0.24 2.45 2.74
C PHE A 69 -1.65 1.95 3.00
N ILE A 70 -2.17 1.16 2.07
CA ILE A 70 -3.52 0.62 2.20
C ILE A 70 -3.69 -0.05 3.57
N HIS A 71 -2.64 -0.70 4.04
CA HIS A 71 -2.69 -1.38 5.33
C HIS A 71 -3.08 -0.40 6.43
N PHE A 72 -2.82 0.88 6.18
CA PHE A 72 -3.14 1.92 7.15
C PHE A 72 -4.60 2.34 7.00
N ARG A 73 -4.97 2.78 5.80
CA ARG A 73 -6.34 3.22 5.54
C ARG A 73 -7.34 2.20 6.09
N ILE A 74 -7.21 0.95 5.67
CA ILE A 74 -8.10 -0.10 6.11
C ILE A 74 -7.99 -0.28 7.63
N GLY A 75 -6.75 -0.32 8.13
CA GLY A 75 -6.52 -0.49 9.55
C GLY A 75 -5.61 -1.68 9.82
N CYS A 76 -4.58 -1.45 10.62
CA CYS A 76 -3.64 -2.53 10.95
C CYS A 76 -4.33 -3.61 11.76
N ARG A 77 -4.64 -4.73 11.10
CA ARG A 77 -5.30 -5.84 11.77
C ARG A 77 -4.44 -6.34 12.92
N HIS A 78 -3.17 -5.93 12.93
CA HIS A 78 -2.26 -6.35 13.98
C HIS A 78 -2.24 -5.34 15.13
N SER A 79 -2.09 -5.83 16.35
CA SER A 79 -2.07 -4.96 17.51
C SER A 79 -3.45 -4.36 17.76
N ASN A 93 16.12 12.24 5.26
CA ASN A 93 14.86 11.77 4.69
C ASN A 93 13.91 12.95 4.45
N PRO A 94 13.42 13.07 3.25
CA PRO A 94 12.48 14.17 2.88
C PRO A 94 11.12 14.00 3.55
N LEU A 95 11.01 12.96 4.36
CA LEU A 95 9.77 12.69 5.07
C LEU A 95 9.97 12.79 6.58
N GLU A 96 11.20 12.54 7.02
CA GLU A 96 11.54 12.61 8.44
C GLU A 96 11.03 13.92 9.04
N PHE A 97 11.30 15.01 8.34
CA PHE A 97 10.87 16.33 8.81
C PHE A 97 9.36 16.39 8.95
N LEU A 98 8.69 15.31 8.57
CA LEU A 98 7.23 15.26 8.66
C LEU A 98 6.77 15.55 10.09
N ARG A 99 7.49 15.02 11.06
CA ARG A 99 7.15 15.23 12.46
C ARG A 99 6.89 16.70 12.74
N ASP A 100 7.36 17.56 11.84
CA ASP A 100 7.18 18.99 11.98
C ASP A 100 5.84 19.43 11.38
N GLN A 101 4.99 18.45 11.08
CA GLN A 101 3.68 18.76 10.51
C GLN A 101 2.56 18.24 11.41
N PRO A 102 1.48 18.95 11.46
CA PRO A 102 0.30 18.56 12.29
C PRO A 102 -0.41 17.34 11.73
N GLN A 103 -0.61 17.34 10.42
CA GLN A 103 -1.28 16.23 9.76
C GLN A 103 -0.69 14.90 10.19
N PHE A 104 0.62 14.90 10.48
CA PHE A 104 1.29 13.69 10.90
C PHE A 104 0.91 13.33 12.34
N GLN A 105 1.11 14.27 13.26
CA GLN A 105 0.78 14.04 14.66
C GLN A 105 -0.73 13.93 14.85
N ASN A 106 -1.48 14.47 13.89
CA ASN A 106 -2.94 14.43 13.95
C ASN A 106 -3.46 13.11 13.41
N MET A 107 -3.07 12.79 12.17
CA MET A 107 -3.50 11.55 11.54
C MET A 107 -2.89 10.34 12.24
N ARG A 108 -1.68 10.51 12.75
CA ARG A 108 -1.00 9.41 13.44
C ARG A 108 -1.74 9.03 14.71
N GLN A 109 -2.53 9.97 15.24
CA GLN A 109 -3.28 9.71 16.47
C GLN A 109 -4.59 9.00 16.14
N VAL A 110 -5.19 9.36 15.00
CA VAL A 110 -6.45 8.76 14.59
C VAL A 110 -6.20 7.49 13.78
N ILE A 111 -5.05 7.44 13.12
CA ILE A 111 -4.70 6.27 12.31
C ILE A 111 -4.34 5.08 13.20
N GLN A 112 -3.44 5.32 14.15
CA GLN A 112 -3.02 4.26 15.06
C GLN A 112 -4.18 3.83 15.96
N GLN A 113 -5.05 4.77 16.28
CA GLN A 113 -6.20 4.46 17.13
C GLN A 113 -7.39 4.03 16.29
N ASN A 114 -7.69 4.79 15.24
CA ASN A 114 -8.80 4.46 14.36
C ASN A 114 -8.46 4.78 12.92
N PRO A 115 -7.81 3.87 12.25
CA PRO A 115 -7.43 4.06 10.81
C PRO A 115 -8.64 4.38 9.96
N ALA A 116 -9.82 4.32 10.58
CA ALA A 116 -11.06 4.61 9.87
C ALA A 116 -11.10 6.06 9.42
N LEU A 117 -10.33 6.91 10.10
CA LEU A 117 -10.29 8.32 9.77
C LEU A 117 -9.09 8.64 8.88
N LEU A 118 -8.37 7.61 8.47
CA LEU A 118 -7.20 7.79 7.62
C LEU A 118 -7.62 8.11 6.19
N PRO A 119 -8.38 7.25 5.58
CA PRO A 119 -8.86 7.44 4.19
C PRO A 119 -9.21 8.90 3.90
N ALA A 120 -9.66 9.61 4.93
CA ALA A 120 -10.01 11.01 4.78
C ALA A 120 -8.79 11.90 4.93
N LEU A 121 -7.93 11.56 5.89
CA LEU A 121 -6.72 12.34 6.13
C LEU A 121 -5.80 12.29 4.91
N LEU A 122 -5.42 11.09 4.51
CA LEU A 122 -4.54 10.92 3.35
C LEU A 122 -4.96 11.85 2.22
N GLN A 123 -6.27 12.09 2.10
CA GLN A 123 -6.79 12.96 1.06
C GLN A 123 -6.43 14.41 1.35
N GLN A 124 -6.47 14.78 2.63
CA GLN A 124 -6.13 16.15 3.03
C GLN A 124 -4.63 16.29 3.21
N LEU A 125 -3.94 15.18 3.39
CA LEU A 125 -2.49 15.20 3.56
C LEU A 125 -1.79 15.40 2.22
N GLY A 126 -2.33 14.76 1.18
CA GLY A 126 -1.75 14.88 -0.15
C GLY A 126 -2.17 16.20 -0.81
N GLN A 127 -3.18 16.84 -0.25
CA GLN A 127 -3.67 18.10 -0.79
C GLN A 127 -2.89 19.27 -0.20
N GLU A 128 -2.43 19.10 1.04
CA GLU A 128 -1.68 20.16 1.71
C GLU A 128 -0.22 20.13 1.26
N ASN A 129 0.39 18.95 1.31
CA ASN A 129 1.78 18.80 0.91
C ASN A 129 1.93 17.65 -0.08
N PRO A 130 1.36 17.79 -1.25
CA PRO A 130 1.43 16.76 -2.32
C PRO A 130 2.84 16.21 -2.51
N GLN A 131 3.83 17.05 -2.23
CA GLN A 131 5.23 16.64 -2.38
C GLN A 131 5.59 15.59 -1.35
N LEU A 132 4.91 15.62 -0.21
CA LEU A 132 5.16 14.65 0.85
C LEU A 132 4.44 13.34 0.57
N LEU A 133 3.16 13.44 0.23
CA LEU A 133 2.36 12.26 -0.06
C LEU A 133 3.14 11.30 -0.96
N GLN A 134 3.66 11.82 -2.06
CA GLN A 134 4.43 11.00 -2.99
C GLN A 134 5.61 10.34 -2.29
N GLN A 135 6.08 10.98 -1.22
CA GLN A 135 7.20 10.45 -0.46
C GLN A 135 6.72 9.42 0.56
N ILE A 136 5.64 9.75 1.26
CA ILE A 136 5.09 8.85 2.27
C ILE A 136 4.74 7.50 1.65
N SER A 137 4.25 7.53 0.42
CA SER A 137 3.88 6.31 -0.29
C SER A 137 5.11 5.49 -0.63
N ARG A 138 6.24 6.17 -0.83
CA ARG A 138 7.48 5.49 -1.16
C ARG A 138 8.29 5.21 0.10
N HIS A 139 7.96 5.90 1.18
CA HIS A 139 8.67 5.71 2.44
C HIS A 139 7.75 5.08 3.48
N GLN A 140 6.88 4.18 3.03
CA GLN A 140 5.96 3.51 3.94
C GLN A 140 6.68 3.08 5.21
N GLU A 141 7.65 2.17 5.07
CA GLU A 141 8.40 1.69 6.22
C GLU A 141 8.75 2.85 7.13
N GLN A 142 9.56 3.78 6.63
CA GLN A 142 9.95 4.94 7.41
C GLN A 142 8.72 5.70 7.88
N PHE A 143 7.63 5.55 7.15
CA PHE A 143 6.38 6.22 7.48
C PHE A 143 5.60 5.42 8.52
N ILE A 144 5.84 4.11 8.56
CA ILE A 144 5.13 3.24 9.50
C ILE A 144 5.81 3.25 10.86
N GLN A 145 7.08 2.85 10.89
CA GLN A 145 7.80 2.81 12.16
C GLN A 145 7.45 4.01 13.02
N MET A 146 7.20 5.14 12.37
CA MET A 146 6.83 6.36 13.09
C MET A 146 5.33 6.37 13.38
N LEU A 147 4.55 5.93 12.40
CA LEU A 147 3.09 5.90 12.56
C LEU A 147 2.69 4.68 13.39
N ASN A 148 3.65 3.82 13.67
CA ASN A 148 3.40 2.62 14.47
C ASN A 148 3.97 2.79 15.86
N GLU A 149 4.92 3.72 16.01
CA GLU A 149 5.53 3.97 17.30
C GLU A 149 5.30 5.41 17.73
N PRO A 150 5.63 5.73 18.95
CA PRO A 150 5.45 7.11 19.50
C PRO A 150 6.21 8.15 18.67
N PRO A 151 5.56 9.24 18.35
CA PRO A 151 6.18 10.32 17.55
C PRO A 151 7.60 10.65 18.01
N ILE A 177 -4.83 5.81 -12.31
CA ILE A 177 -6.03 5.91 -13.10
C ILE A 177 -5.76 5.54 -14.55
N GLN A 178 -4.99 4.49 -14.74
CA GLN A 178 -4.66 4.02 -16.08
C GLN A 178 -5.73 3.06 -16.57
N VAL A 179 -6.89 3.12 -15.94
CA VAL A 179 -8.01 2.26 -16.30
C VAL A 179 -8.96 2.98 -17.24
N THR A 180 -10.00 2.28 -17.67
CA THR A 180 -10.98 2.86 -18.58
C THR A 180 -12.37 2.32 -18.25
N PRO A 181 -13.35 2.69 -19.03
CA PRO A 181 -14.76 2.24 -18.81
C PRO A 181 -14.87 0.73 -18.87
N GLN A 182 -13.83 0.10 -19.40
CA GLN A 182 -13.80 -1.35 -19.53
C GLN A 182 -13.44 -2.01 -18.21
N GLU A 183 -12.28 -1.65 -17.66
CA GLU A 183 -11.84 -2.22 -16.39
C GLU A 183 -12.36 -1.40 -15.22
N LYS A 184 -12.52 -0.10 -15.43
CA LYS A 184 -13.01 0.79 -14.39
C LYS A 184 -14.11 0.13 -13.59
N GLU A 185 -15.23 -0.17 -14.26
CA GLU A 185 -16.36 -0.81 -13.59
C GLU A 185 -15.86 -1.81 -12.56
N ALA A 186 -14.83 -2.56 -12.93
CA ALA A 186 -14.25 -3.55 -12.03
C ALA A 186 -13.77 -2.88 -10.74
N ILE A 187 -13.15 -1.72 -10.89
CA ILE A 187 -12.64 -0.98 -9.74
C ILE A 187 -13.79 -0.46 -8.89
N GLU A 188 -14.81 0.07 -9.54
CA GLU A 188 -15.97 0.61 -8.83
C GLU A 188 -16.95 -0.50 -8.47
N ARG A 189 -16.82 -1.63 -9.15
CA ARG A 189 -17.70 -2.77 -8.88
C ARG A 189 -17.17 -3.57 -7.71
N LEU A 190 -15.84 -3.65 -7.62
CA LEU A 190 -15.20 -4.39 -6.55
C LEU A 190 -15.56 -3.78 -5.20
N LYS A 191 -15.79 -2.48 -5.17
CA LYS A 191 -16.16 -1.79 -3.94
C LYS A 191 -17.65 -1.94 -3.66
N ALA A 192 -18.41 -2.31 -4.68
CA ALA A 192 -19.85 -2.48 -4.52
C ALA A 192 -20.14 -3.68 -3.62
N LEU A 193 -19.20 -4.62 -3.60
CA LEU A 193 -19.33 -5.82 -2.79
C LEU A 193 -19.30 -5.48 -1.30
N GLY A 194 -19.28 -4.19 -0.98
CA GLY A 194 -19.25 -3.76 0.41
C GLY A 194 -17.88 -3.22 0.80
N PHE A 195 -17.22 -2.55 -0.14
CA PHE A 195 -15.91 -1.97 0.12
C PHE A 195 -15.83 -0.56 -0.46
N PRO A 196 -14.91 0.23 0.03
CA PRO A 196 -14.73 1.63 -0.44
C PRO A 196 -14.26 1.70 -1.89
N GLU A 197 -14.60 2.79 -2.57
CA GLU A 197 -14.21 2.98 -3.96
C GLU A 197 -12.70 3.18 -4.07
N SER A 198 -12.20 4.20 -3.37
CA SER A 198 -10.77 4.50 -3.40
C SER A 198 -9.97 3.28 -3.01
N LEU A 199 -10.57 2.39 -2.23
CA LEU A 199 -9.89 1.18 -1.78
C LEU A 199 -9.61 0.26 -2.97
N VAL A 200 -10.45 0.32 -3.98
CA VAL A 200 -10.28 -0.52 -5.17
C VAL A 200 -9.29 0.11 -6.12
N ILE A 201 -9.59 1.33 -6.59
CA ILE A 201 -8.72 2.02 -7.51
C ILE A 201 -7.26 1.83 -7.11
N GLN A 202 -7.00 1.76 -5.80
CA GLN A 202 -5.66 1.58 -5.30
C GLN A 202 -5.26 0.10 -5.35
N ALA A 203 -6.09 -0.74 -4.74
CA ALA A 203 -5.82 -2.17 -4.72
C ALA A 203 -5.76 -2.73 -6.13
N TYR A 204 -6.83 -2.51 -6.90
CA TYR A 204 -6.89 -2.99 -8.28
C TYR A 204 -5.56 -2.74 -8.99
N PHE A 205 -5.05 -1.52 -8.87
CA PHE A 205 -3.78 -1.17 -9.51
C PHE A 205 -2.61 -1.68 -8.67
N ALA A 206 -2.81 -1.73 -7.35
CA ALA A 206 -1.75 -2.19 -6.45
C ALA A 206 -1.57 -3.69 -6.58
N CYS A 207 -2.55 -4.36 -7.20
CA CYS A 207 -2.48 -5.80 -7.39
C CYS A 207 -2.15 -6.14 -8.84
N GLU A 208 -1.72 -5.14 -9.60
CA GLU A 208 -1.38 -5.35 -11.00
C GLU A 208 -2.63 -5.49 -11.85
N LYS A 209 -3.70 -4.80 -11.44
CA LYS A 209 -4.96 -4.86 -12.18
C LYS A 209 -5.56 -6.26 -12.14
N ASN A 210 -5.00 -7.11 -11.26
CA ASN A 210 -5.48 -8.47 -11.13
C ASN A 210 -6.75 -8.52 -10.29
N GLU A 211 -7.90 -8.29 -10.93
CA GLU A 211 -9.17 -8.30 -10.23
C GLU A 211 -9.24 -9.49 -9.28
N ASN A 212 -8.62 -10.60 -9.67
CA ASN A 212 -8.61 -11.80 -8.84
C ASN A 212 -7.82 -11.56 -7.56
N LEU A 213 -6.68 -10.88 -7.69
CA LEU A 213 -5.83 -10.59 -6.54
C LEU A 213 -6.42 -9.47 -5.71
N ALA A 214 -7.01 -8.47 -6.38
CA ALA A 214 -7.62 -7.35 -5.69
C ALA A 214 -8.68 -7.82 -4.71
N ALA A 215 -9.56 -8.70 -5.18
CA ALA A 215 -10.63 -9.23 -4.35
C ALA A 215 -10.05 -9.85 -3.07
N ASN A 216 -8.93 -10.56 -3.23
CA ASN A 216 -8.29 -11.21 -2.09
C ASN A 216 -7.66 -10.16 -1.17
N PHE A 217 -6.78 -9.34 -1.73
CA PHE A 217 -6.12 -8.30 -0.96
C PHE A 217 -7.13 -7.51 -0.15
N LEU A 218 -8.35 -7.40 -0.68
CA LEU A 218 -9.41 -6.67 0.01
C LEU A 218 -9.92 -7.46 1.21
N LEU A 219 -9.96 -8.78 1.07
CA LEU A 219 -10.44 -9.63 2.15
C LEU A 219 -9.33 -9.89 3.16
N SER A 220 -8.09 -9.71 2.71
CA SER A 220 -6.94 -9.93 3.58
C SER A 220 -6.33 -8.59 3.99
N GLN A 221 -6.99 -7.50 3.62
CA GLN A 221 -6.51 -6.16 3.94
C GLN A 221 -6.67 -5.88 5.43
N ASN A 222 -6.35 -6.86 6.26
CA ASN A 222 -6.45 -6.71 7.71
C ASN A 222 -7.86 -7.05 8.20
N PHE A 223 -8.37 -6.23 9.11
CA PHE A 223 -9.70 -6.45 9.65
C PHE A 223 -9.93 -7.94 9.93
ZN ZN B . -0.52 -4.47 10.67
N GLU A 13 21.88 -4.28 -14.05
CA GLU A 13 20.66 -4.33 -13.25
C GLU A 13 20.99 -4.75 -11.81
N PRO A 14 21.52 -3.84 -11.04
CA PRO A 14 21.89 -4.12 -9.62
C PRO A 14 20.75 -4.78 -8.85
N TYR A 15 19.52 -4.35 -9.14
CA TYR A 15 18.36 -4.92 -8.46
C TYR A 15 18.49 -6.43 -8.29
N ASN A 16 19.06 -7.08 -9.30
CA ASN A 16 19.25 -8.52 -9.25
C ASN A 16 19.72 -8.97 -7.87
N GLU A 17 20.97 -8.68 -7.55
CA GLU A 17 21.52 -9.06 -6.26
C GLU A 17 21.23 -7.98 -5.22
N TRP A 18 20.95 -6.79 -5.71
CA TRP A 18 20.67 -5.66 -4.83
C TRP A 18 19.22 -5.69 -4.36
N THR A 19 18.29 -5.64 -5.30
CA THR A 19 16.87 -5.64 -4.96
C THR A 19 16.56 -6.74 -3.94
N LEU A 20 17.20 -7.89 -4.11
CA LEU A 20 16.99 -9.02 -3.20
C LEU A 20 17.49 -8.67 -1.80
N GLU A 21 18.49 -7.80 -1.73
CA GLU A 21 19.04 -7.40 -0.44
C GLU A 21 18.14 -6.39 0.24
N LEU A 22 17.54 -5.51 -0.55
CA LEU A 22 16.65 -4.49 0.00
C LEU A 22 15.25 -5.06 0.22
N LEU A 23 14.83 -5.94 -0.68
CA LEU A 23 13.51 -6.54 -0.57
C LEU A 23 13.32 -7.20 0.79
N GLU A 24 14.12 -8.23 1.06
CA GLU A 24 14.03 -8.94 2.33
C GLU A 24 13.73 -7.96 3.46
N GLU A 25 14.17 -6.71 3.29
CA GLU A 25 13.94 -5.69 4.31
C GLU A 25 12.56 -5.07 4.14
N LEU A 26 12.18 -4.82 2.89
CA LEU A 26 10.88 -4.22 2.61
C LEU A 26 9.76 -5.22 2.88
N LYS A 27 10.02 -6.49 2.62
CA LYS A 27 9.03 -7.53 2.84
C LYS A 27 8.87 -7.81 4.33
N SER A 28 9.93 -7.59 5.09
CA SER A 28 9.89 -7.83 6.53
C SER A 28 8.73 -7.06 7.15
N GLU A 29 8.52 -5.83 6.70
CA GLU A 29 7.44 -5.01 7.23
C GLU A 29 6.12 -5.34 6.53
N ALA A 30 6.14 -5.38 5.20
CA ALA A 30 4.95 -5.68 4.44
C ALA A 30 4.42 -7.06 4.81
N VAL A 31 5.25 -8.08 4.61
CA VAL A 31 4.86 -9.45 4.92
C VAL A 31 4.23 -9.53 6.30
N ARG A 32 4.63 -8.61 7.18
CA ARG A 32 4.11 -8.58 8.54
C ARG A 32 2.78 -7.84 8.58
N HIS A 33 2.61 -6.87 7.68
CA HIS A 33 1.38 -6.11 7.63
C HIS A 33 0.52 -6.52 6.44
N PHE A 34 0.84 -7.69 5.88
CA PHE A 34 0.10 -8.19 4.73
C PHE A 34 -0.34 -9.63 4.97
N PRO A 35 -1.45 -10.02 4.38
CA PRO A 35 -1.99 -11.40 4.53
C PRO A 35 -1.18 -12.42 3.74
N ARG A 36 -0.75 -13.48 4.42
CA ARG A 36 0.04 -14.52 3.77
C ARG A 36 -0.59 -14.91 2.43
N ILE A 37 -1.87 -15.26 2.46
CA ILE A 37 -2.57 -15.65 1.25
C ILE A 37 -2.23 -14.70 0.11
N TRP A 38 -2.55 -13.42 0.29
CA TRP A 38 -2.27 -12.42 -0.72
C TRP A 38 -0.80 -12.47 -1.15
N LEU A 39 0.09 -12.38 -0.18
CA LEU A 39 1.52 -12.43 -0.46
C LEU A 39 1.85 -13.64 -1.32
N HIS A 40 1.07 -14.70 -1.15
CA HIS A 40 1.28 -15.92 -1.92
C HIS A 40 0.79 -15.75 -3.35
N ASN A 41 -0.32 -15.04 -3.50
CA ASN A 41 -0.88 -14.80 -4.83
C ASN A 41 -0.03 -13.78 -5.59
N LEU A 42 0.74 -12.99 -4.86
CA LEU A 42 1.59 -11.98 -5.47
C LEU A 42 2.59 -12.64 -6.41
N GLY A 43 3.35 -13.60 -5.89
CA GLY A 43 4.34 -14.30 -6.69
C GLY A 43 3.66 -15.24 -7.68
N GLN A 44 2.43 -15.63 -7.37
CA GLN A 44 1.68 -16.54 -8.24
C GLN A 44 1.09 -15.75 -9.41
N HIS A 45 0.64 -14.54 -9.15
CA HIS A 45 0.04 -13.71 -10.19
C HIS A 45 1.14 -12.99 -10.98
N ILE A 46 1.83 -12.07 -10.32
CA ILE A 46 2.91 -11.32 -10.96
C ILE A 46 3.81 -12.25 -11.77
N TYR A 47 3.84 -13.52 -11.37
CA TYR A 47 4.67 -14.51 -12.06
C TYR A 47 3.98 -14.98 -13.34
N GLU A 48 2.68 -15.21 -13.25
CA GLU A 48 1.91 -15.66 -14.41
C GLU A 48 1.62 -14.50 -15.35
N THR A 49 1.60 -13.29 -14.79
CA THR A 49 1.33 -12.09 -15.59
C THR A 49 2.60 -11.62 -16.29
N TYR A 50 3.62 -11.31 -15.50
CA TYR A 50 4.89 -10.84 -16.05
C TYR A 50 5.80 -12.02 -16.40
N GLY A 51 5.34 -13.23 -16.06
CA GLY A 51 6.11 -14.42 -16.35
C GLY A 51 7.29 -14.55 -15.39
N ASP A 52 8.42 -15.03 -15.90
CA ASP A 52 9.61 -15.20 -15.08
C ASP A 52 10.52 -13.98 -15.21
N THR A 53 10.10 -13.02 -16.02
CA THR A 53 10.89 -11.81 -16.22
C THR A 53 11.33 -11.22 -14.88
N TRP A 54 12.54 -10.68 -14.85
CA TRP A 54 13.07 -10.10 -13.62
C TRP A 54 12.13 -9.02 -13.09
N ALA A 55 11.68 -8.15 -13.99
CA ALA A 55 10.77 -7.08 -13.60
C ALA A 55 9.67 -7.60 -12.68
N GLY A 56 9.10 -8.75 -13.05
CA GLY A 56 8.05 -9.35 -12.26
C GLY A 56 8.37 -9.27 -10.77
N VAL A 57 9.64 -9.48 -10.43
CA VAL A 57 10.07 -9.43 -9.04
C VAL A 57 10.33 -7.99 -8.60
N GLU A 58 10.62 -7.13 -9.58
CA GLU A 58 10.88 -5.72 -9.29
C GLU A 58 9.57 -4.96 -9.12
N ALA A 59 8.50 -5.49 -9.70
CA ALA A 59 7.20 -4.85 -9.62
C ALA A 59 6.56 -5.10 -8.25
N ILE A 60 7.01 -6.16 -7.58
CA ILE A 60 6.48 -6.50 -6.27
C ILE A 60 7.09 -5.62 -5.19
N ILE A 61 8.28 -5.11 -5.47
CA ILE A 61 8.97 -4.25 -4.50
C ILE A 61 8.34 -2.86 -4.48
N ARG A 62 8.13 -2.28 -5.66
CA ARG A 62 7.53 -0.96 -5.76
C ARG A 62 6.03 -1.03 -5.50
N ILE A 63 5.48 -2.24 -5.55
CA ILE A 63 4.05 -2.42 -5.32
C ILE A 63 3.75 -2.50 -3.83
N LEU A 64 4.45 -3.39 -3.14
CA LEU A 64 4.26 -3.55 -1.71
C LEU A 64 4.44 -2.23 -0.98
N GLN A 65 5.43 -1.45 -1.42
CA GLN A 65 5.70 -0.15 -0.81
C GLN A 65 4.44 0.70 -0.77
N GLN A 66 3.87 0.95 -1.94
CA GLN A 66 2.66 1.76 -2.03
C GLN A 66 1.47 1.01 -1.44
N LEU A 67 1.52 -0.32 -1.51
CA LEU A 67 0.44 -1.15 -0.98
C LEU A 67 0.28 -0.93 0.51
N LEU A 68 1.35 -0.51 1.17
CA LEU A 68 1.31 -0.25 2.61
C LEU A 68 0.46 0.98 2.91
N PHE A 69 0.59 2.01 2.09
CA PHE A 69 -0.17 3.23 2.28
C PHE A 69 -1.64 2.91 2.54
N ILE A 70 -2.13 1.86 1.91
CA ILE A 70 -3.52 1.46 2.08
C ILE A 70 -3.70 0.69 3.38
N HIS A 71 -2.66 -0.02 3.79
CA HIS A 71 -2.70 -0.80 5.02
C HIS A 71 -3.09 0.09 6.20
N PHE A 72 -2.83 1.38 6.08
CA PHE A 72 -3.15 2.33 7.13
C PHE A 72 -4.63 2.73 7.07
N ARG A 73 -5.06 3.17 5.89
CA ARG A 73 -6.45 3.58 5.70
C ARG A 73 -7.40 2.58 6.34
N ILE A 74 -7.33 1.34 5.89
CA ILE A 74 -8.19 0.29 6.42
C ILE A 74 -7.98 0.13 7.92
N GLY A 75 -6.73 0.18 8.35
CA GLY A 75 -6.41 0.05 9.77
C GLY A 75 -5.54 -1.18 10.02
N CYS A 76 -4.48 -1.00 10.80
CA CYS A 76 -3.58 -2.10 11.12
C CYS A 76 -4.10 -2.89 12.33
N ARG A 77 -4.42 -4.16 12.10
CA ARG A 77 -4.92 -5.01 13.17
C ARG A 77 -3.77 -5.74 13.87
N HIS A 78 -2.59 -5.67 13.27
CA HIS A 78 -1.41 -6.32 13.83
C HIS A 78 -0.99 -5.64 15.13
N SER A 79 -0.12 -6.30 15.88
CA SER A 79 0.36 -5.76 17.15
C SER A 79 1.86 -5.45 17.07
N ASN A 93 15.88 10.77 4.12
CA ASN A 93 14.42 10.83 4.16
C ASN A 93 13.95 12.29 4.12
N PRO A 94 13.41 12.70 3.00
CA PRO A 94 12.91 14.09 2.82
C PRO A 94 11.61 14.33 3.59
N LEU A 95 11.12 13.30 4.26
CA LEU A 95 9.89 13.40 5.03
C LEU A 95 10.19 13.38 6.52
N GLU A 96 11.48 13.41 6.87
CA GLU A 96 11.89 13.39 8.26
C GLU A 96 11.31 14.58 9.00
N PHE A 97 11.55 15.78 8.48
CA PHE A 97 11.05 17.00 9.11
C PHE A 97 9.57 16.85 9.44
N LEU A 98 8.93 15.84 8.87
CA LEU A 98 7.51 15.60 9.13
C LEU A 98 7.24 15.49 10.62
N ARG A 99 8.25 15.03 11.36
CA ARG A 99 8.12 14.87 12.80
C ARG A 99 7.67 16.17 13.45
N ASP A 100 8.00 17.28 12.81
CA ASP A 100 7.64 18.59 13.32
C ASP A 100 6.30 19.06 12.77
N GLN A 101 5.66 18.19 11.99
CA GLN A 101 4.36 18.53 11.40
C GLN A 101 3.23 18.10 12.32
N PRO A 102 2.24 18.94 12.47
CA PRO A 102 1.06 18.63 13.34
C PRO A 102 0.18 17.56 12.72
N GLN A 103 0.07 17.59 11.40
CA GLN A 103 -0.74 16.61 10.68
C GLN A 103 -0.13 15.22 10.81
N PHE A 104 1.18 15.17 11.00
CA PHE A 104 1.86 13.89 11.13
C PHE A 104 1.63 13.29 12.52
N GLN A 105 1.60 14.16 13.52
CA GLN A 105 1.38 13.71 14.89
C GLN A 105 -0.11 13.53 15.16
N ASN A 106 -0.92 14.35 14.51
CA ASN A 106 -2.37 14.26 14.69
C ASN A 106 -2.92 13.01 14.01
N MET A 107 -2.64 12.87 12.71
CA MET A 107 -3.11 11.71 11.97
C MET A 107 -2.82 10.44 12.74
N ARG A 108 -1.82 10.49 13.62
CA ARG A 108 -1.45 9.33 14.41
C ARG A 108 -2.55 9.00 15.41
N GLN A 109 -2.84 9.91 16.30
CA GLN A 109 -3.88 9.69 17.28
C GLN A 109 -5.18 9.33 16.56
N VAL A 110 -5.24 9.70 15.28
CA VAL A 110 -6.43 9.41 14.48
C VAL A 110 -6.26 8.12 13.69
N ILE A 111 -5.01 7.79 13.35
CA ILE A 111 -4.73 6.59 12.58
C ILE A 111 -4.55 5.37 13.48
N GLN A 112 -3.67 5.49 14.47
CA GLN A 112 -3.40 4.39 15.38
C GLN A 112 -4.58 4.18 16.34
N GLN A 113 -5.42 5.19 16.46
CA GLN A 113 -6.58 5.11 17.34
C GLN A 113 -7.78 4.53 16.58
N ASN A 114 -8.03 5.07 15.39
CA ASN A 114 -9.14 4.60 14.57
C ASN A 114 -8.87 4.90 13.10
N PRO A 115 -8.06 4.08 12.47
CA PRO A 115 -7.72 4.25 11.03
C PRO A 115 -8.95 4.55 10.19
N ALA A 116 -10.12 4.31 10.77
CA ALA A 116 -11.39 4.56 10.09
C ALA A 116 -11.46 6.01 9.61
N LEU A 117 -10.54 6.83 10.11
CA LEU A 117 -10.52 8.24 9.74
C LEU A 117 -9.34 8.53 8.81
N LEU A 118 -8.37 7.64 8.80
CA LEU A 118 -7.19 7.83 7.95
C LEU A 118 -7.59 8.26 6.55
N PRO A 119 -8.50 7.55 5.92
CA PRO A 119 -8.97 7.88 4.56
C PRO A 119 -9.06 9.39 4.32
N ALA A 120 -9.46 10.12 5.36
CA ALA A 120 -9.57 11.58 5.26
C ALA A 120 -8.23 12.24 5.55
N LEU A 121 -7.47 11.66 6.47
CA LEU A 121 -6.17 12.21 6.84
C LEU A 121 -5.26 12.27 5.62
N LEU A 122 -5.03 11.12 5.00
CA LEU A 122 -4.18 11.06 3.82
C LEU A 122 -4.81 11.81 2.65
N GLN A 123 -6.12 12.02 2.73
CA GLN A 123 -6.83 12.73 1.68
C GLN A 123 -6.52 14.22 1.73
N GLN A 124 -6.52 14.78 2.93
CA GLN A 124 -6.23 16.20 3.11
C GLN A 124 -4.73 16.43 3.19
N LEU A 125 -3.99 15.38 3.51
CA LEU A 125 -2.54 15.49 3.61
C LEU A 125 -1.91 15.64 2.24
N GLY A 126 -2.33 14.79 1.31
CA GLY A 126 -1.80 14.83 -0.05
C GLY A 126 -2.43 15.97 -0.84
N GLN A 127 -3.54 16.49 -0.35
CA GLN A 127 -4.23 17.58 -1.02
C GLN A 127 -3.56 18.92 -0.69
N GLU A 128 -3.22 19.10 0.58
CA GLU A 128 -2.57 20.34 1.02
C GLU A 128 -1.10 20.33 0.63
N ASN A 129 -0.39 19.27 1.02
CA ASN A 129 1.03 19.16 0.71
C ASN A 129 1.29 17.89 -0.09
N PRO A 130 0.86 17.86 -1.32
CA PRO A 130 1.04 16.68 -2.22
C PRO A 130 2.48 16.17 -2.19
N GLN A 131 3.42 17.06 -1.90
CA GLN A 131 4.83 16.69 -1.85
C GLN A 131 5.05 15.57 -0.83
N LEU A 132 4.21 15.54 0.20
CA LEU A 132 4.33 14.53 1.24
C LEU A 132 3.66 13.24 0.80
N LEU A 133 2.46 13.35 0.22
CA LEU A 133 1.72 12.18 -0.24
C LEU A 133 2.66 11.23 -0.98
N GLN A 134 3.59 11.80 -1.73
CA GLN A 134 4.54 10.98 -2.49
C GLN A 134 5.62 10.42 -1.58
N GLN A 135 5.88 11.13 -0.48
CA GLN A 135 6.89 10.68 0.48
C GLN A 135 6.29 9.68 1.47
N ILE A 136 4.98 9.77 1.66
CA ILE A 136 4.31 8.85 2.58
C ILE A 136 4.13 7.48 1.94
N SER A 137 3.53 7.45 0.76
CA SER A 137 3.31 6.20 0.06
C SER A 137 4.63 5.63 -0.45
N ARG A 138 5.47 6.50 -1.01
CA ARG A 138 6.76 6.06 -1.54
C ARG A 138 7.67 5.61 -0.40
N HIS A 139 7.40 6.11 0.80
CA HIS A 139 8.21 5.76 1.96
C HIS A 139 7.32 5.21 3.09
N GLN A 140 6.33 4.42 2.71
CA GLN A 140 5.43 3.85 3.70
C GLN A 140 6.21 3.26 4.87
N GLU A 141 7.00 2.23 4.61
CA GLU A 141 7.80 1.61 5.65
C GLU A 141 8.46 2.68 6.52
N GLN A 142 9.36 3.45 5.92
CA GLN A 142 10.04 4.51 6.67
C GLN A 142 9.02 5.49 7.22
N PHE A 143 7.84 5.50 6.60
CA PHE A 143 6.77 6.40 7.04
C PHE A 143 5.99 5.75 8.17
N ILE A 144 6.02 4.42 8.24
CA ILE A 144 5.30 3.68 9.27
C ILE A 144 6.11 3.64 10.56
N GLN A 145 7.34 3.17 10.47
CA GLN A 145 8.18 3.08 11.67
C GLN A 145 7.94 4.31 12.55
N MET A 146 7.74 5.46 11.91
CA MET A 146 7.49 6.70 12.63
C MET A 146 6.00 6.86 12.93
N LEU A 147 5.17 6.29 12.06
CA LEU A 147 3.71 6.38 12.24
C LEU A 147 3.23 5.38 13.28
N ASN A 148 3.65 4.12 13.14
CA ASN A 148 3.24 3.09 14.08
C ASN A 148 3.71 3.44 15.50
N GLU A 149 4.66 4.36 15.59
CA GLU A 149 5.17 4.78 16.89
C GLU A 149 4.48 6.05 17.35
N PRO A 150 4.48 6.32 18.62
CA PRO A 150 3.83 7.54 19.19
C PRO A 150 4.52 8.82 18.71
N PRO A 151 3.73 9.77 18.28
CA PRO A 151 4.25 11.08 17.79
C PRO A 151 5.18 11.74 18.79
N ILE A 177 -6.11 7.31 -11.36
CA ILE A 177 -6.97 6.35 -12.04
C ILE A 177 -6.57 6.23 -13.51
N GLN A 178 -5.50 5.51 -13.76
CA GLN A 178 -5.01 5.30 -15.12
C GLN A 178 -5.75 4.13 -15.77
N VAL A 179 -7.02 3.97 -15.42
CA VAL A 179 -7.84 2.90 -15.98
C VAL A 179 -8.92 3.48 -16.86
N THR A 180 -9.67 2.60 -17.49
CA THR A 180 -10.77 3.01 -18.34
C THR A 180 -12.03 2.25 -17.93
N PRO A 181 -13.11 2.40 -18.65
CA PRO A 181 -14.39 1.73 -18.32
C PRO A 181 -14.31 0.22 -18.54
N GLN A 182 -13.35 -0.20 -19.35
CA GLN A 182 -13.16 -1.62 -19.63
C GLN A 182 -12.43 -2.27 -18.48
N GLU A 183 -11.42 -1.58 -17.94
CA GLU A 183 -10.66 -2.11 -16.82
C GLU A 183 -11.32 -1.66 -15.52
N LYS A 184 -12.05 -0.55 -15.61
CA LYS A 184 -12.74 0.00 -14.46
C LYS A 184 -13.87 -0.92 -14.00
N GLU A 185 -14.70 -1.34 -14.96
CA GLU A 185 -15.81 -2.23 -14.65
C GLU A 185 -15.40 -3.26 -13.61
N ALA A 186 -14.10 -3.50 -13.51
CA ALA A 186 -13.58 -4.46 -12.55
C ALA A 186 -13.43 -3.82 -11.18
N ILE A 187 -12.79 -2.66 -11.14
CA ILE A 187 -12.60 -1.95 -9.88
C ILE A 187 -13.86 -1.99 -9.03
N GLU A 188 -14.95 -1.44 -9.59
CA GLU A 188 -16.22 -1.40 -8.88
C GLU A 188 -16.72 -2.82 -8.59
N ARG A 189 -16.18 -3.80 -9.30
CA ARG A 189 -16.58 -5.19 -9.11
C ARG A 189 -16.08 -5.70 -7.76
N LEU A 190 -14.93 -5.19 -7.33
CA LEU A 190 -14.35 -5.60 -6.06
C LEU A 190 -14.96 -4.80 -4.92
N LYS A 191 -15.43 -3.59 -5.23
CA LYS A 191 -16.05 -2.73 -4.24
C LYS A 191 -17.47 -3.19 -3.93
N ALA A 192 -18.12 -3.80 -4.93
CA ALA A 192 -19.48 -4.27 -4.76
C ALA A 192 -19.59 -5.13 -3.49
N LEU A 193 -18.45 -5.56 -2.97
CA LEU A 193 -18.43 -6.38 -1.77
C LEU A 193 -18.62 -5.51 -0.53
N GLY A 194 -18.81 -4.22 -0.74
CA GLY A 194 -19.01 -3.29 0.38
C GLY A 194 -17.78 -2.44 0.60
N PHE A 195 -17.30 -1.78 -0.44
CA PHE A 195 -16.12 -0.93 -0.34
C PHE A 195 -16.23 0.26 -1.30
N PRO A 196 -15.55 1.33 -1.00
CA PRO A 196 -15.57 2.55 -1.85
C PRO A 196 -14.94 2.32 -3.22
N GLU A 197 -15.44 3.05 -4.22
CA GLU A 197 -14.91 2.92 -5.57
C GLU A 197 -13.50 3.48 -5.64
N SER A 198 -13.18 4.40 -4.74
CA SER A 198 -11.87 5.02 -4.71
C SER A 198 -10.83 4.05 -4.13
N LEU A 199 -11.29 3.15 -3.26
CA LEU A 199 -10.38 2.18 -2.65
C LEU A 199 -10.09 1.04 -3.61
N VAL A 200 -11.14 0.48 -4.20
CA VAL A 200 -10.98 -0.62 -5.14
C VAL A 200 -10.11 -0.19 -6.32
N ILE A 201 -10.11 1.11 -6.61
CA ILE A 201 -9.32 1.63 -7.71
C ILE A 201 -7.84 1.70 -7.34
N GLN A 202 -7.58 1.84 -6.04
CA GLN A 202 -6.20 1.92 -5.56
C GLN A 202 -5.61 0.52 -5.43
N ALA A 203 -6.41 -0.43 -4.98
CA ALA A 203 -5.96 -1.80 -4.81
C ALA A 203 -5.72 -2.45 -6.17
N TYR A 204 -6.68 -2.29 -7.07
CA TYR A 204 -6.58 -2.87 -8.40
C TYR A 204 -5.22 -2.55 -9.02
N PHE A 205 -4.82 -1.29 -8.91
CA PHE A 205 -3.53 -0.85 -9.45
C PHE A 205 -2.38 -1.32 -8.57
N ALA A 206 -2.62 -1.33 -7.26
CA ALA A 206 -1.59 -1.76 -6.33
C ALA A 206 -1.35 -3.26 -6.45
N CYS A 207 -2.27 -3.94 -7.10
CA CYS A 207 -2.16 -5.39 -7.28
C CYS A 207 -1.81 -5.72 -8.73
N GLU A 208 -1.53 -4.69 -9.52
CA GLU A 208 -1.17 -4.88 -10.92
C GLU A 208 -2.41 -5.22 -11.74
N LYS A 209 -3.48 -4.46 -11.55
CA LYS A 209 -4.72 -4.69 -12.28
C LYS A 209 -5.20 -6.11 -12.07
N ASN A 210 -4.58 -6.82 -11.13
CA ASN A 210 -4.95 -8.21 -10.86
C ASN A 210 -6.16 -8.25 -9.92
N GLU A 211 -7.33 -8.54 -10.47
CA GLU A 211 -8.55 -8.61 -9.66
C GLU A 211 -8.35 -9.55 -8.49
N ASN A 212 -8.07 -10.81 -8.78
CA ASN A 212 -7.86 -11.81 -7.74
C ASN A 212 -7.01 -11.23 -6.61
N LEU A 213 -5.82 -10.76 -6.96
CA LEU A 213 -4.92 -10.18 -5.97
C LEU A 213 -5.57 -8.97 -5.30
N ALA A 214 -6.45 -8.30 -6.03
CA ALA A 214 -7.14 -7.13 -5.50
C ALA A 214 -8.16 -7.54 -4.45
N ALA A 215 -9.07 -8.44 -4.83
CA ALA A 215 -10.09 -8.90 -3.91
C ALA A 215 -9.47 -9.48 -2.65
N ASN A 216 -8.55 -10.42 -2.84
CA ASN A 216 -7.88 -11.06 -1.70
C ASN A 216 -7.36 -10.00 -0.73
N PHE A 217 -6.54 -9.09 -1.24
CA PHE A 217 -5.99 -8.02 -0.40
C PHE A 217 -7.12 -7.24 0.27
N LEU A 218 -8.27 -7.19 -0.39
CA LEU A 218 -9.41 -6.46 0.16
C LEU A 218 -9.97 -7.17 1.40
N LEU A 219 -10.29 -8.45 1.23
CA LEU A 219 -10.84 -9.23 2.34
C LEU A 219 -9.71 -9.76 3.24
N SER A 220 -8.49 -9.68 2.73
CA SER A 220 -7.34 -10.15 3.49
C SER A 220 -6.61 -8.97 4.14
N GLN A 221 -7.24 -7.81 4.11
CA GLN A 221 -6.64 -6.60 4.69
C GLN A 221 -6.61 -6.67 6.21
N ASN A 222 -6.14 -7.79 6.74
CA ASN A 222 -6.04 -7.97 8.18
C ASN A 222 -7.40 -7.78 8.86
N PHE A 223 -7.79 -6.53 9.06
CA PHE A 223 -9.07 -6.21 9.71
C PHE A 223 -9.80 -7.47 10.16
ZN ZN B . -0.41 -4.13 10.18
N GLU A 13 23.54 -3.24 -12.68
CA GLU A 13 22.70 -2.35 -11.87
C GLU A 13 22.49 -2.94 -10.48
N PRO A 14 22.61 -2.13 -9.46
CA PRO A 14 22.43 -2.56 -8.05
C PRO A 14 21.17 -3.39 -7.86
N TYR A 15 20.15 -3.10 -8.65
CA TYR A 15 18.87 -3.83 -8.56
C TYR A 15 19.09 -5.33 -8.65
N ASN A 16 20.33 -5.75 -8.85
CA ASN A 16 20.64 -7.18 -8.94
C ASN A 16 20.59 -7.82 -7.56
N GLU A 17 21.61 -7.53 -6.75
CA GLU A 17 21.66 -8.09 -5.40
C GLU A 17 20.90 -7.19 -4.43
N TRP A 18 21.02 -5.89 -4.65
CA TRP A 18 20.35 -4.91 -3.81
C TRP A 18 18.87 -5.22 -3.66
N THR A 19 18.19 -5.35 -4.78
CA THR A 19 16.77 -5.63 -4.78
C THR A 19 16.44 -6.70 -3.74
N LEU A 20 17.35 -7.65 -3.56
CA LEU A 20 17.14 -8.73 -2.60
C LEU A 20 17.29 -8.20 -1.17
N GLU A 21 18.36 -7.44 -0.93
CA GLU A 21 18.60 -6.87 0.38
C GLU A 21 17.41 -6.02 0.83
N LEU A 22 16.81 -5.32 -0.12
CA LEU A 22 15.66 -4.46 0.18
C LEU A 22 14.39 -5.29 0.20
N LEU A 23 14.15 -6.06 -0.85
CA LEU A 23 12.96 -6.89 -0.94
C LEU A 23 12.82 -7.76 0.32
N GLU A 24 13.82 -8.58 0.57
CA GLU A 24 13.80 -9.46 1.73
C GLU A 24 13.25 -8.72 2.94
N GLU A 25 13.68 -7.48 3.13
CA GLU A 25 13.21 -6.67 4.25
C GLU A 25 11.83 -6.10 3.97
N LEU A 26 11.57 -5.80 2.70
CA LEU A 26 10.28 -5.24 2.30
C LEU A 26 9.14 -6.15 2.76
N LYS A 27 9.41 -7.46 2.77
CA LYS A 27 8.39 -8.42 3.19
C LYS A 27 8.31 -8.48 4.71
N SER A 28 9.46 -8.28 5.36
CA SER A 28 9.51 -8.32 6.82
C SER A 28 8.45 -7.40 7.43
N GLU A 29 8.26 -6.25 6.80
CA GLU A 29 7.28 -5.28 7.28
C GLU A 29 5.91 -5.56 6.66
N ALA A 30 5.91 -5.89 5.38
CA ALA A 30 4.66 -6.18 4.68
C ALA A 30 4.08 -7.52 5.14
N VAL A 31 4.85 -8.59 4.96
CA VAL A 31 4.41 -9.92 5.36
C VAL A 31 3.85 -9.89 6.78
N ARG A 32 4.25 -8.87 7.54
CA ARG A 32 3.78 -8.75 8.92
C ARG A 32 2.39 -8.10 8.96
N HIS A 33 2.12 -7.25 7.98
CA HIS A 33 0.84 -6.57 7.91
C HIS A 33 0.07 -7.01 6.67
N PHE A 34 0.60 -8.01 5.97
CA PHE A 34 -0.05 -8.52 4.77
C PHE A 34 -0.50 -9.96 4.96
N PRO A 35 -1.67 -10.28 4.46
CA PRO A 35 -2.23 -11.65 4.58
C PRO A 35 -1.39 -12.69 3.86
N ARG A 36 -1.02 -13.75 4.58
CA ARG A 36 -0.20 -14.81 4.01
C ARG A 36 -0.69 -15.18 2.62
N ILE A 37 -1.99 -15.43 2.50
CA ILE A 37 -2.57 -15.80 1.21
C ILE A 37 -2.16 -14.80 0.14
N TRP A 38 -2.54 -13.55 0.34
CA TRP A 38 -2.21 -12.50 -0.62
C TRP A 38 -0.73 -12.58 -0.99
N LEU A 39 0.13 -12.57 0.02
CA LEU A 39 1.56 -12.65 -0.22
C LEU A 39 1.87 -13.81 -1.15
N HIS A 40 0.96 -14.79 -1.17
CA HIS A 40 1.13 -15.96 -2.03
C HIS A 40 0.70 -15.66 -3.45
N ASN A 41 -0.58 -15.31 -3.63
CA ASN A 41 -1.09 -14.99 -4.96
C ASN A 41 -0.34 -13.79 -5.54
N LEU A 42 0.22 -12.96 -4.67
CA LEU A 42 0.96 -11.79 -5.11
C LEU A 42 2.13 -12.22 -5.99
N GLY A 43 2.98 -13.08 -5.45
CA GLY A 43 4.13 -13.56 -6.19
C GLY A 43 3.70 -14.67 -7.14
N GLN A 44 2.56 -15.28 -6.84
CA GLN A 44 2.02 -16.36 -7.67
C GLN A 44 1.45 -15.78 -8.96
N HIS A 45 0.74 -14.66 -8.85
CA HIS A 45 0.15 -14.02 -10.02
C HIS A 45 1.17 -13.14 -10.72
N ILE A 46 1.60 -12.07 -10.05
CA ILE A 46 2.57 -11.15 -10.63
C ILE A 46 3.68 -11.93 -11.33
N TYR A 47 4.12 -13.02 -10.71
CA TYR A 47 5.19 -13.83 -11.29
C TYR A 47 4.79 -14.29 -12.70
N GLU A 48 3.56 -14.74 -12.85
CA GLU A 48 3.07 -15.19 -14.15
C GLU A 48 2.95 -14.02 -15.11
N THR A 49 2.77 -12.83 -14.57
CA THR A 49 2.64 -11.63 -15.39
C THR A 49 3.89 -11.40 -16.22
N TYR A 50 5.02 -11.19 -15.54
CA TYR A 50 6.28 -10.96 -16.25
C TYR A 50 7.11 -12.24 -16.30
N GLY A 51 6.79 -13.19 -15.41
CA GLY A 51 7.52 -14.45 -15.37
C GLY A 51 8.62 -14.40 -14.31
N ASP A 52 9.87 -14.56 -14.77
CA ASP A 52 11.01 -14.53 -13.87
C ASP A 52 11.89 -13.32 -14.15
N THR A 53 11.51 -12.53 -15.14
CA THR A 53 12.27 -11.34 -15.50
C THR A 53 12.65 -10.55 -14.25
N TRP A 54 13.73 -9.79 -14.34
CA TRP A 54 14.17 -8.98 -13.21
C TRP A 54 13.22 -7.82 -12.96
N ALA A 55 12.54 -7.40 -14.02
CA ALA A 55 11.59 -6.30 -13.90
C ALA A 55 10.58 -6.57 -12.78
N GLY A 56 10.13 -7.81 -12.70
CA GLY A 56 9.16 -8.19 -11.68
C GLY A 56 9.62 -7.73 -10.29
N VAL A 57 10.79 -8.20 -9.87
CA VAL A 57 11.33 -7.83 -8.58
C VAL A 57 11.35 -6.31 -8.41
N GLU A 58 11.40 -5.60 -9.53
CA GLU A 58 11.42 -4.15 -9.49
C GLU A 58 10.01 -3.59 -9.41
N ALA A 59 9.03 -4.41 -9.78
CA ALA A 59 7.63 -3.99 -9.74
C ALA A 59 7.05 -4.20 -8.35
N ILE A 60 7.10 -5.44 -7.88
CA ILE A 60 6.56 -5.76 -6.56
C ILE A 60 7.01 -4.72 -5.54
N ILE A 61 8.25 -4.29 -5.64
CA ILE A 61 8.79 -3.29 -4.71
C ILE A 61 7.85 -2.10 -4.63
N ARG A 62 7.25 -1.73 -5.75
CA ARG A 62 6.34 -0.60 -5.80
C ARG A 62 4.96 -1.00 -5.29
N ILE A 63 4.40 -2.04 -5.89
CA ILE A 63 3.07 -2.53 -5.48
C ILE A 63 3.00 -2.67 -3.96
N LEU A 64 3.93 -3.43 -3.39
CA LEU A 64 3.96 -3.64 -1.95
C LEU A 64 3.62 -2.35 -1.22
N GLN A 65 4.39 -1.30 -1.48
CA GLN A 65 4.17 -0.01 -0.83
C GLN A 65 2.73 0.44 -1.02
N GLN A 66 2.24 0.35 -2.26
CA GLN A 66 0.87 0.75 -2.57
C GLN A 66 -0.12 -0.03 -1.71
N LEU A 67 0.09 -1.34 -1.63
CA LEU A 67 -0.80 -2.19 -0.83
C LEU A 67 -0.67 -1.87 0.65
N LEU A 68 0.53 -1.47 1.06
CA LEU A 68 0.76 -1.14 2.46
C LEU A 68 -0.11 0.03 2.89
N PHE A 69 -0.05 1.13 2.14
CA PHE A 69 -0.86 2.30 2.45
C PHE A 69 -2.29 1.91 2.78
N ILE A 70 -2.89 1.09 1.91
CA ILE A 70 -4.26 0.65 2.11
C ILE A 70 -4.41 0.03 3.50
N HIS A 71 -3.29 -0.48 4.03
CA HIS A 71 -3.31 -1.09 5.35
C HIS A 71 -3.58 -0.05 6.42
N PHE A 72 -3.27 1.21 6.10
CA PHE A 72 -3.49 2.30 7.04
C PHE A 72 -4.93 2.79 6.96
N ARG A 73 -5.37 3.15 5.77
CA ARG A 73 -6.72 3.64 5.57
C ARG A 73 -7.72 2.78 6.32
N ILE A 74 -7.78 1.49 5.95
CA ILE A 74 -8.69 0.57 6.61
C ILE A 74 -8.41 0.48 8.10
N GLY A 75 -7.15 0.22 8.44
CA GLY A 75 -6.76 0.12 9.84
C GLY A 75 -6.08 -1.21 10.13
N CYS A 76 -4.93 -1.14 10.78
CA CYS A 76 -4.17 -2.35 11.12
C CYS A 76 -4.94 -3.19 12.13
N ARG A 77 -5.43 -4.34 11.69
CA ARG A 77 -6.19 -5.23 12.57
C ARG A 77 -5.22 -6.02 13.46
N HIS A 78 -3.96 -6.04 13.07
CA HIS A 78 -2.94 -6.76 13.84
C HIS A 78 -2.78 -6.14 15.22
N SER A 79 -2.03 -6.82 16.08
CA SER A 79 -1.80 -6.33 17.44
C SER A 79 -3.12 -6.18 18.19
N ASN A 93 16.10 10.49 3.82
CA ASN A 93 14.65 10.45 3.97
C ASN A 93 14.06 11.85 3.83
N PRO A 94 13.43 12.12 2.73
CA PRO A 94 12.81 13.46 2.47
C PRO A 94 11.57 13.69 3.32
N LEU A 95 11.26 12.74 4.19
CA LEU A 95 10.10 12.84 5.05
C LEU A 95 10.52 12.88 6.51
N GLU A 96 11.82 12.80 6.76
CA GLU A 96 12.33 12.83 8.12
C GLU A 96 11.82 14.07 8.85
N PHE A 97 11.85 15.21 8.17
CA PHE A 97 11.38 16.45 8.77
C PHE A 97 9.88 16.38 9.02
N LEU A 98 9.26 15.28 8.61
CA LEU A 98 7.83 15.11 8.80
C LEU A 98 7.44 15.36 10.25
N ARG A 99 8.35 15.00 11.16
CA ARG A 99 8.08 15.20 12.59
C ARG A 99 7.76 16.66 12.86
N ASP A 100 8.08 17.52 11.91
CA ASP A 100 7.81 18.95 12.06
C ASP A 100 6.49 19.33 11.41
N GLN A 101 5.71 18.32 11.01
CA GLN A 101 4.42 18.57 10.39
C GLN A 101 3.30 18.08 11.28
N PRO A 102 2.33 18.91 11.53
CA PRO A 102 1.17 18.55 12.40
C PRO A 102 0.39 17.36 11.86
N GLN A 103 0.09 17.39 10.57
CA GLN A 103 -0.65 16.31 9.94
C GLN A 103 -0.04 14.95 10.29
N PHE A 104 1.27 14.92 10.45
CA PHE A 104 1.95 13.66 10.78
C PHE A 104 1.63 13.24 12.21
N GLN A 105 1.86 14.14 13.15
CA GLN A 105 1.60 13.86 14.56
C GLN A 105 0.09 13.83 14.84
N ASN A 106 -0.67 14.48 13.97
CA ASN A 106 -2.12 14.51 14.13
C ASN A 106 -2.76 13.27 13.52
N MET A 107 -2.19 12.82 12.40
CA MET A 107 -2.69 11.64 11.71
C MET A 107 -2.15 10.37 12.37
N ARG A 108 -0.91 10.43 12.83
CA ARG A 108 -0.29 9.28 13.48
C ARG A 108 -1.18 8.76 14.60
N GLN A 109 -1.45 9.62 15.57
CA GLN A 109 -2.30 9.24 16.69
C GLN A 109 -3.71 8.92 16.22
N VAL A 110 -4.14 9.62 15.17
CA VAL A 110 -5.48 9.40 14.61
C VAL A 110 -5.50 8.12 13.78
N ILE A 111 -4.35 7.74 13.26
CA ILE A 111 -4.26 6.53 12.45
C ILE A 111 -4.00 5.30 13.32
N GLN A 112 -2.99 5.39 14.17
CA GLN A 112 -2.65 4.29 15.06
C GLN A 112 -3.78 4.01 16.05
N GLN A 113 -4.55 5.05 16.35
CA GLN A 113 -5.67 4.91 17.29
C GLN A 113 -6.92 4.38 16.58
N ASN A 114 -7.35 5.11 15.56
CA ASN A 114 -8.52 4.71 14.80
C ASN A 114 -8.34 5.04 13.32
N PRO A 115 -7.63 4.20 12.62
CA PRO A 115 -7.37 4.39 11.16
C PRO A 115 -8.63 4.79 10.40
N ALA A 116 -9.77 4.60 11.06
CA ALA A 116 -11.05 4.95 10.45
C ALA A 116 -11.08 6.41 10.04
N LEU A 117 -10.09 7.17 10.50
CA LEU A 117 -10.00 8.58 10.17
C LEU A 117 -8.84 8.85 9.21
N LEU A 118 -8.21 7.78 8.73
CA LEU A 118 -7.09 7.91 7.81
C LEU A 118 -7.56 8.38 6.43
N PRO A 119 -8.56 7.74 5.89
CA PRO A 119 -9.10 8.11 4.55
C PRO A 119 -9.18 9.61 4.35
N ALA A 120 -9.61 10.33 5.38
CA ALA A 120 -9.73 11.78 5.30
C ALA A 120 -8.39 12.44 5.64
N LEU A 121 -7.70 11.89 6.64
CA LEU A 121 -6.41 12.42 7.06
C LEU A 121 -5.52 12.66 5.84
N LEU A 122 -5.28 11.60 5.09
CA LEU A 122 -4.44 11.69 3.89
C LEU A 122 -5.03 12.68 2.89
N GLN A 123 -6.36 12.78 2.87
CA GLN A 123 -7.02 13.69 1.95
C GLN A 123 -6.59 15.13 2.22
N GLN A 124 -6.45 15.48 3.48
CA GLN A 124 -6.04 16.83 3.85
C GLN A 124 -4.52 16.94 3.85
N LEU A 125 -3.84 15.82 4.10
CA LEU A 125 -2.38 15.81 4.12
C LEU A 125 -1.82 16.16 2.75
N GLY A 126 -2.27 15.42 1.73
CA GLY A 126 -1.80 15.65 0.37
C GLY A 126 -2.23 17.03 -0.12
N GLN A 127 -3.24 17.60 0.53
CA GLN A 127 -3.74 18.92 0.14
C GLN A 127 -2.94 20.01 0.84
N GLU A 128 -2.63 19.80 2.11
CA GLU A 128 -1.86 20.77 2.88
C GLU A 128 -0.41 20.81 2.41
N ASN A 129 0.08 19.67 1.94
CA ASN A 129 1.45 19.57 1.47
C ASN A 129 1.63 18.36 0.55
N PRO A 130 1.14 18.46 -0.65
CA PRO A 130 1.24 17.36 -1.66
C PRO A 130 2.65 16.80 -1.75
N GLN A 131 3.62 17.58 -1.30
CA GLN A 131 5.02 17.14 -1.34
C GLN A 131 5.21 15.85 -0.55
N LEU A 132 4.37 15.66 0.47
CA LEU A 132 4.46 14.46 1.29
C LEU A 132 3.67 13.32 0.65
N LEU A 133 2.44 13.61 0.23
CA LEU A 133 1.61 12.59 -0.39
C LEU A 133 2.42 11.78 -1.39
N GLN A 134 3.49 12.37 -1.91
CA GLN A 134 4.34 11.69 -2.88
C GLN A 134 5.40 10.86 -2.16
N GLN A 135 5.86 11.35 -1.01
CA GLN A 135 6.88 10.65 -0.24
C GLN A 135 6.24 9.55 0.60
N ILE A 136 5.03 9.80 1.08
CA ILE A 136 4.33 8.83 1.90
C ILE A 136 4.36 7.44 1.25
N SER A 137 3.78 7.35 0.06
CA SER A 137 3.75 6.07 -0.67
C SER A 137 5.15 5.70 -1.12
N ARG A 138 6.01 6.70 -1.29
CA ARG A 138 7.39 6.46 -1.73
C ARG A 138 8.20 5.83 -0.60
N HIS A 139 7.86 6.18 0.63
CA HIS A 139 8.57 5.65 1.79
C HIS A 139 7.59 5.09 2.81
N GLN A 140 6.69 4.22 2.36
CA GLN A 140 5.71 3.62 3.26
C GLN A 140 6.39 3.00 4.47
N GLU A 141 7.23 1.99 4.23
CA GLU A 141 7.94 1.33 5.32
C GLU A 141 8.45 2.36 6.31
N GLN A 142 9.26 3.30 5.81
CA GLN A 142 9.80 4.34 6.67
C GLN A 142 8.68 5.21 7.20
N PHE A 143 7.55 5.20 6.51
CA PHE A 143 6.39 6.00 6.92
C PHE A 143 5.58 5.23 7.96
N ILE A 144 5.67 3.91 7.92
CA ILE A 144 4.94 3.07 8.86
C ILE A 144 5.69 2.96 10.18
N GLN A 145 6.99 2.65 10.10
CA GLN A 145 7.80 2.53 11.30
C GLN A 145 7.47 3.64 12.28
N MET A 146 7.47 4.88 11.79
CA MET A 146 7.15 6.03 12.63
C MET A 146 5.66 6.04 12.97
N LEU A 147 4.84 5.68 11.99
CA LEU A 147 3.39 5.65 12.20
C LEU A 147 2.99 4.42 13.00
N ASN A 148 3.96 3.53 13.23
CA ASN A 148 3.70 2.32 13.99
C ASN A 148 4.43 2.36 15.32
N GLU A 149 5.17 3.43 15.56
CA GLU A 149 5.91 3.58 16.80
C GLU A 149 5.75 4.99 17.36
N PRO A 150 6.20 5.21 18.56
CA PRO A 150 6.09 6.54 19.24
C PRO A 150 6.79 7.63 18.44
N PRO A 151 6.16 8.76 18.31
CA PRO A 151 6.71 9.92 17.55
C PRO A 151 8.19 10.15 17.86
N ILE A 177 -5.22 5.47 -13.39
CA ILE A 177 -6.45 5.09 -14.06
C ILE A 177 -6.18 4.46 -15.42
N GLN A 178 -6.12 5.29 -16.46
CA GLN A 178 -5.88 4.79 -17.81
C GLN A 178 -6.70 3.54 -18.08
N VAL A 179 -7.75 3.35 -17.28
CA VAL A 179 -8.61 2.18 -17.42
C VAL A 179 -9.83 2.51 -18.28
N THR A 180 -10.63 1.50 -18.57
CA THR A 180 -11.83 1.66 -19.35
C THR A 180 -12.97 0.92 -18.66
N PRO A 181 -14.17 1.09 -19.12
CA PRO A 181 -15.36 0.42 -18.52
C PRO A 181 -15.19 -1.09 -18.53
N GLN A 182 -14.23 -1.54 -19.33
CA GLN A 182 -13.94 -2.96 -19.45
C GLN A 182 -13.13 -3.44 -18.25
N GLU A 183 -12.04 -2.73 -17.95
CA GLU A 183 -11.21 -3.09 -16.80
C GLU A 183 -11.71 -2.39 -15.56
N LYS A 184 -12.48 -1.33 -15.76
CA LYS A 184 -13.04 -0.56 -14.66
C LYS A 184 -14.17 -1.32 -13.99
N GLU A 185 -15.08 -1.85 -14.81
CA GLU A 185 -16.21 -2.60 -14.28
C GLU A 185 -15.76 -3.56 -13.19
N ALA A 186 -14.47 -3.90 -13.21
CA ALA A 186 -13.92 -4.82 -12.23
C ALA A 186 -13.52 -4.08 -10.95
N ILE A 187 -13.14 -2.82 -11.11
CA ILE A 187 -12.72 -2.01 -9.96
C ILE A 187 -13.89 -1.81 -9.00
N GLU A 188 -14.94 -1.15 -9.47
CA GLU A 188 -16.11 -0.90 -8.64
C GLU A 188 -16.72 -2.21 -8.15
N ARG A 189 -16.38 -3.31 -8.82
CA ARG A 189 -16.91 -4.61 -8.44
C ARG A 189 -16.48 -4.99 -7.01
N LEU A 190 -15.24 -4.65 -6.67
CA LEU A 190 -14.73 -4.95 -5.34
C LEU A 190 -15.19 -3.91 -4.33
N LYS A 191 -15.56 -2.74 -4.84
CA LYS A 191 -16.01 -1.65 -3.97
C LYS A 191 -17.40 -1.97 -3.42
N ALA A 192 -18.17 -2.75 -4.15
CA ALA A 192 -19.51 -3.12 -3.72
C ALA A 192 -19.44 -4.10 -2.55
N LEU A 193 -18.27 -4.69 -2.36
CA LEU A 193 -18.08 -5.65 -1.28
C LEU A 193 -17.90 -4.93 0.06
N GLY A 194 -18.23 -3.64 0.07
CA GLY A 194 -18.10 -2.84 1.28
C GLY A 194 -16.86 -1.96 1.23
N PHE A 195 -16.34 -1.75 0.03
CA PHE A 195 -15.15 -0.93 -0.15
C PHE A 195 -15.43 0.21 -1.13
N PRO A 196 -14.88 1.37 -0.87
CA PRO A 196 -15.06 2.56 -1.74
C PRO A 196 -14.70 2.28 -3.19
N GLU A 197 -15.25 3.08 -4.10
CA GLU A 197 -14.97 2.90 -5.53
C GLU A 197 -13.50 3.23 -5.82
N SER A 198 -13.03 4.32 -5.26
CA SER A 198 -11.64 4.73 -5.47
C SER A 198 -10.71 3.92 -4.58
N LEU A 199 -11.21 3.50 -3.42
CA LEU A 199 -10.42 2.72 -2.48
C LEU A 199 -9.99 1.40 -3.11
N VAL A 200 -10.81 0.91 -4.04
CA VAL A 200 -10.51 -0.36 -4.71
C VAL A 200 -9.47 -0.14 -5.80
N ILE A 201 -9.74 0.81 -6.70
CA ILE A 201 -8.82 1.10 -7.78
C ILE A 201 -7.38 1.07 -7.30
N GLN A 202 -7.17 1.50 -6.06
CA GLN A 202 -5.83 1.50 -5.49
C GLN A 202 -5.30 0.08 -5.38
N ALA A 203 -6.17 -0.84 -4.96
CA ALA A 203 -5.78 -2.23 -4.81
C ALA A 203 -5.81 -2.94 -6.17
N TYR A 204 -6.82 -2.61 -6.97
CA TYR A 204 -6.97 -3.22 -8.29
C TYR A 204 -5.76 -2.88 -9.16
N PHE A 205 -5.40 -1.60 -9.20
CA PHE A 205 -4.26 -1.16 -9.99
C PHE A 205 -2.96 -1.68 -9.39
N ALA A 206 -2.73 -1.36 -8.11
CA ALA A 206 -1.51 -1.81 -7.44
C ALA A 206 -1.38 -3.32 -7.54
N CYS A 207 -2.50 -4.01 -7.60
CA CYS A 207 -2.49 -5.47 -7.69
C CYS A 207 -2.33 -5.91 -9.15
N GLU A 208 -1.78 -5.02 -9.97
CA GLU A 208 -1.58 -5.33 -11.39
C GLU A 208 -2.91 -5.47 -12.10
N LYS A 209 -3.93 -4.78 -11.59
CA LYS A 209 -5.26 -4.84 -12.19
C LYS A 209 -5.88 -6.22 -12.02
N ASN A 210 -5.19 -7.08 -11.26
CA ASN A 210 -5.69 -8.44 -11.03
C ASN A 210 -6.90 -8.41 -10.11
N GLU A 211 -8.09 -8.51 -10.70
CA GLU A 211 -9.32 -8.50 -9.92
C GLU A 211 -9.33 -9.66 -8.92
N ASN A 212 -8.57 -10.70 -9.23
CA ASN A 212 -8.48 -11.85 -8.36
C ASN A 212 -7.54 -11.58 -7.19
N LEU A 213 -6.39 -10.97 -7.51
CA LEU A 213 -5.41 -10.65 -6.48
C LEU A 213 -5.93 -9.57 -5.56
N ALA A 214 -6.56 -8.55 -6.14
CA ALA A 214 -7.12 -7.46 -5.35
C ALA A 214 -8.17 -7.97 -4.37
N ALA A 215 -9.09 -8.80 -4.87
CA ALA A 215 -10.13 -9.36 -4.03
C ALA A 215 -9.54 -10.00 -2.79
N ASN A 216 -8.31 -10.50 -2.92
CA ASN A 216 -7.64 -11.14 -1.80
C ASN A 216 -7.17 -10.10 -0.79
N PHE A 217 -6.52 -9.05 -1.29
CA PHE A 217 -6.03 -7.99 -0.41
C PHE A 217 -7.19 -7.27 0.26
N LEU A 218 -8.29 -7.11 -0.48
CA LEU A 218 -9.46 -6.42 0.06
C LEU A 218 -10.13 -7.28 1.14
N LEU A 219 -10.27 -8.57 0.85
CA LEU A 219 -10.89 -9.48 1.81
C LEU A 219 -9.92 -9.86 2.91
N SER A 220 -8.63 -9.88 2.57
CA SER A 220 -7.60 -10.22 3.56
C SER A 220 -6.87 -8.97 4.02
N GLN A 221 -7.39 -7.81 3.65
CA GLN A 221 -6.78 -6.55 4.04
C GLN A 221 -6.76 -6.40 5.56
N ASN A 222 -7.34 -7.37 6.24
CA ASN A 222 -7.38 -7.34 7.70
C ASN A 222 -8.37 -6.28 8.18
N PHE A 223 -9.28 -6.69 9.06
CA PHE A 223 -10.29 -5.77 9.59
C PHE A 223 -10.94 -6.35 10.84
ZN ZN B . -1.17 -4.62 10.43
N GLU A 13 21.08 0.04 -13.01
CA GLU A 13 19.86 -0.38 -12.33
C GLU A 13 20.19 -1.33 -11.18
N PRO A 14 20.76 -0.82 -10.13
CA PRO A 14 21.14 -1.63 -8.94
C PRO A 14 20.00 -2.54 -8.47
N TYR A 15 18.81 -2.30 -9.00
CA TYR A 15 17.64 -3.10 -8.64
C TYR A 15 17.88 -4.59 -8.87
N ASN A 16 19.07 -4.93 -9.37
CA ASN A 16 19.40 -6.32 -9.63
C ASN A 16 19.64 -7.06 -8.31
N GLU A 17 20.77 -6.79 -7.69
CA GLU A 17 21.10 -7.43 -6.42
C GLU A 17 20.53 -6.62 -5.26
N TRP A 18 20.37 -5.33 -5.48
CA TRP A 18 19.84 -4.43 -4.46
C TRP A 18 18.42 -4.80 -4.08
N THR A 19 17.54 -4.87 -5.08
CA THR A 19 16.15 -5.20 -4.84
C THR A 19 16.02 -6.34 -3.83
N LEU A 20 17.02 -7.23 -3.82
CA LEU A 20 17.01 -8.35 -2.90
C LEU A 20 17.28 -7.88 -1.48
N GLU A 21 18.16 -6.91 -1.35
CA GLU A 21 18.50 -6.37 -0.03
C GLU A 21 17.36 -5.52 0.52
N LEU A 22 16.71 -4.77 -0.36
CA LEU A 22 15.60 -3.92 0.05
C LEU A 22 14.31 -4.73 0.13
N LEU A 23 14.25 -5.83 -0.61
CA LEU A 23 13.08 -6.68 -0.63
C LEU A 23 12.93 -7.40 0.71
N GLU A 24 14.05 -7.58 1.41
CA GLU A 24 14.03 -8.26 2.69
C GLU A 24 13.43 -7.37 3.77
N GLU A 25 13.98 -6.17 3.90
CA GLU A 25 13.48 -5.22 4.90
C GLU A 25 12.06 -4.78 4.55
N LEU A 26 11.71 -4.87 3.27
CA LEU A 26 10.38 -4.48 2.83
C LEU A 26 9.39 -5.62 3.00
N LYS A 27 9.73 -6.78 2.43
CA LYS A 27 8.86 -7.95 2.53
C LYS A 27 8.55 -8.26 3.99
N SER A 28 9.43 -7.83 4.88
CA SER A 28 9.23 -8.07 6.31
C SER A 28 7.97 -7.37 6.81
N GLU A 29 7.95 -6.05 6.70
CA GLU A 29 6.81 -5.27 7.14
C GLU A 29 5.54 -5.69 6.38
N ALA A 30 5.64 -5.73 5.05
CA ALA A 30 4.51 -6.13 4.23
C ALA A 30 4.02 -7.51 4.61
N VAL A 31 4.89 -8.50 4.49
CA VAL A 31 4.54 -9.87 4.83
C VAL A 31 3.84 -9.93 6.17
N ARG A 32 4.28 -9.09 7.11
CA ARG A 32 3.68 -9.06 8.44
C ARG A 32 2.47 -8.14 8.46
N HIS A 33 2.36 -7.29 7.44
CA HIS A 33 1.24 -6.36 7.34
C HIS A 33 0.39 -6.67 6.12
N PHE A 34 0.48 -7.90 5.63
CA PHE A 34 -0.29 -8.30 4.47
C PHE A 34 -0.72 -9.76 4.58
N PRO A 35 -1.99 -10.03 4.37
CA PRO A 35 -2.54 -11.41 4.44
C PRO A 35 -1.71 -12.41 3.65
N ARG A 36 -1.24 -13.46 4.32
CA ARG A 36 -0.43 -14.47 3.65
C ARG A 36 -1.09 -14.87 2.34
N ILE A 37 -2.37 -14.55 2.22
CA ILE A 37 -3.13 -14.86 1.01
C ILE A 37 -2.67 -13.99 -0.15
N TRP A 38 -2.80 -12.68 0.02
CA TRP A 38 -2.40 -11.74 -1.02
C TRP A 38 -0.95 -11.99 -1.44
N LEU A 39 -0.10 -12.26 -0.46
CA LEU A 39 1.31 -12.52 -0.74
C LEU A 39 1.47 -13.83 -1.50
N HIS A 40 0.70 -14.84 -1.10
CA HIS A 40 0.76 -16.14 -1.75
C HIS A 40 0.29 -16.04 -3.20
N ASN A 41 -0.81 -15.31 -3.40
CA ASN A 41 -1.36 -15.14 -4.74
C ASN A 41 -0.63 -14.01 -5.47
N LEU A 42 -0.07 -13.08 -4.70
CA LEU A 42 0.64 -11.95 -5.28
C LEU A 42 1.84 -12.44 -6.09
N GLY A 43 2.74 -13.14 -5.43
CA GLY A 43 3.94 -13.66 -6.09
C GLY A 43 3.57 -14.83 -7.00
N GLN A 44 2.43 -15.46 -6.73
CA GLN A 44 1.98 -16.59 -7.52
C GLN A 44 1.42 -16.10 -8.87
N HIS A 45 0.67 -15.00 -8.82
CA HIS A 45 0.09 -14.45 -10.04
C HIS A 45 1.10 -13.57 -10.77
N ILE A 46 1.58 -12.54 -10.08
CA ILE A 46 2.55 -11.62 -10.67
C ILE A 46 3.69 -12.40 -11.33
N TYR A 47 3.89 -13.63 -10.88
CA TYR A 47 4.94 -14.47 -11.44
C TYR A 47 4.50 -15.09 -12.76
N GLU A 48 3.27 -15.57 -12.81
CA GLU A 48 2.74 -16.17 -14.02
C GLU A 48 2.38 -15.11 -15.04
N THR A 49 2.11 -13.90 -14.56
CA THR A 49 1.75 -12.79 -15.44
C THR A 49 3.00 -12.13 -16.01
N TYR A 50 4.01 -11.96 -15.16
CA TYR A 50 5.26 -11.34 -15.59
C TYR A 50 6.32 -12.39 -15.86
N GLY A 51 6.07 -13.61 -15.37
CA GLY A 51 7.03 -14.70 -15.56
C GLY A 51 8.18 -14.60 -14.57
N ASP A 52 9.40 -14.78 -15.06
CA ASP A 52 10.58 -14.71 -14.21
C ASP A 52 11.35 -13.42 -14.46
N THR A 53 10.81 -12.58 -15.34
CA THR A 53 11.46 -11.31 -15.67
C THR A 53 11.66 -10.47 -14.41
N TRP A 54 12.69 -9.63 -14.42
CA TRP A 54 12.98 -8.78 -13.27
C TRP A 54 11.74 -7.98 -12.88
N ALA A 55 11.07 -7.41 -13.87
CA ALA A 55 9.87 -6.63 -13.61
C ALA A 55 8.91 -7.40 -12.72
N GLY A 56 9.03 -8.73 -12.73
CA GLY A 56 8.16 -9.57 -11.92
C GLY A 56 8.50 -9.42 -10.44
N VAL A 57 9.78 -9.49 -10.11
CA VAL A 57 10.21 -9.36 -8.73
C VAL A 57 10.35 -7.88 -8.34
N GLU A 58 10.55 -7.04 -9.33
CA GLU A 58 10.70 -5.60 -9.09
C GLU A 58 9.33 -4.95 -8.94
N ALA A 59 8.41 -5.28 -9.84
CA ALA A 59 7.06 -4.73 -9.80
C ALA A 59 6.36 -5.10 -8.50
N ILE A 60 6.81 -6.21 -7.89
CA ILE A 60 6.22 -6.67 -6.64
C ILE A 60 6.71 -5.83 -5.48
N ILE A 61 7.95 -5.37 -5.56
CA ILE A 61 8.54 -4.55 -4.50
C ILE A 61 7.74 -3.28 -4.31
N ARG A 62 7.72 -2.44 -5.34
CA ARG A 62 6.98 -1.18 -5.27
C ARG A 62 5.50 -1.43 -5.02
N ILE A 63 4.96 -2.45 -5.67
CA ILE A 63 3.55 -2.79 -5.51
C ILE A 63 3.21 -2.98 -4.03
N LEU A 64 4.19 -3.46 -3.26
CA LEU A 64 3.98 -3.68 -1.83
C LEU A 64 4.10 -2.37 -1.07
N GLN A 65 5.27 -1.74 -1.18
CA GLN A 65 5.51 -0.47 -0.49
C GLN A 65 4.31 0.46 -0.66
N GLN A 66 4.02 0.82 -1.91
CA GLN A 66 2.90 1.71 -2.19
C GLN A 66 1.62 1.16 -1.58
N LEU A 67 1.54 -0.15 -1.46
CA LEU A 67 0.36 -0.79 -0.88
C LEU A 67 0.27 -0.52 0.61
N LEU A 68 1.43 -0.50 1.27
CA LEU A 68 1.48 -0.25 2.71
C LEU A 68 0.63 0.97 3.06
N PHE A 69 0.61 1.94 2.15
CA PHE A 69 -0.17 3.15 2.38
C PHE A 69 -1.60 2.82 2.74
N ILE A 70 -2.27 2.07 1.87
CA ILE A 70 -3.65 1.68 2.11
C ILE A 70 -3.77 0.95 3.44
N HIS A 71 -2.65 0.40 3.92
CA HIS A 71 -2.63 -0.32 5.18
C HIS A 71 -3.16 0.58 6.30
N PHE A 72 -2.93 1.87 6.18
CA PHE A 72 -3.39 2.82 7.19
C PHE A 72 -4.84 3.21 6.93
N ARG A 73 -5.21 3.31 5.66
CA ARG A 73 -6.57 3.68 5.29
C ARG A 73 -7.59 2.93 6.14
N ILE A 74 -7.58 1.60 6.04
CA ILE A 74 -8.51 0.78 6.80
C ILE A 74 -8.05 0.64 8.26
N GLY A 75 -6.76 0.40 8.44
CA GLY A 75 -6.20 0.26 9.78
C GLY A 75 -5.38 -1.01 9.91
N CYS A 76 -4.27 -0.92 10.65
CA CYS A 76 -3.40 -2.07 10.85
C CYS A 76 -3.90 -2.93 12.01
N ARG A 77 -4.49 -4.08 11.67
CA ARG A 77 -5.02 -4.98 12.69
C ARG A 77 -3.88 -5.66 13.44
N HIS A 78 -2.69 -5.63 12.85
CA HIS A 78 -1.52 -6.24 13.48
C HIS A 78 -0.97 -5.33 14.58
N SER A 79 -0.40 -5.95 15.61
CA SER A 79 0.16 -5.20 16.72
C SER A 79 1.23 -4.23 16.23
N ASN A 93 15.35 10.18 6.18
CA ASN A 93 14.24 10.26 5.25
C ASN A 93 13.92 11.71 4.91
N PRO A 94 13.28 11.93 3.79
CA PRO A 94 12.90 13.29 3.34
C PRO A 94 11.72 13.85 4.13
N LEU A 95 11.20 13.05 5.04
CA LEU A 95 10.07 13.48 5.86
C LEU A 95 10.40 13.38 7.34
N GLU A 96 11.69 13.44 7.65
CA GLU A 96 12.14 13.35 9.04
C GLU A 96 11.57 14.51 9.86
N PHE A 97 11.21 15.59 9.17
CA PHE A 97 10.67 16.76 9.84
C PHE A 97 9.18 16.56 10.14
N LEU A 98 8.53 15.71 9.35
CA LEU A 98 7.11 15.44 9.54
C LEU A 98 6.79 15.26 11.02
N ARG A 99 7.76 14.74 11.77
CA ARG A 99 7.57 14.51 13.20
C ARG A 99 6.99 15.77 13.87
N ASP A 100 7.48 16.93 13.45
CA ASP A 100 7.02 18.18 14.01
C ASP A 100 5.76 18.66 13.29
N GLN A 101 5.39 17.96 12.22
CA GLN A 101 4.20 18.34 11.46
C GLN A 101 2.94 17.83 12.16
N PRO A 102 1.97 18.68 12.34
CA PRO A 102 0.69 18.32 13.01
C PRO A 102 -0.04 17.22 12.26
N GLN A 103 -0.09 17.34 10.94
CA GLN A 103 -0.76 16.34 10.12
C GLN A 103 -0.12 14.98 10.28
N PHE A 104 1.14 14.95 10.73
CA PHE A 104 1.84 13.70 10.93
C PHE A 104 1.53 13.11 12.31
N GLN A 105 1.76 13.91 13.35
CA GLN A 105 1.49 13.46 14.71
C GLN A 105 -0.01 13.32 14.93
N ASN A 106 -0.77 14.25 14.40
CA ASN A 106 -2.21 14.23 14.54
C ASN A 106 -2.79 12.97 13.88
N MET A 107 -2.30 12.66 12.68
CA MET A 107 -2.77 11.48 11.96
C MET A 107 -2.30 10.22 12.66
N ARG A 108 -1.20 10.32 13.40
CA ARG A 108 -0.66 9.18 14.12
C ARG A 108 -1.57 8.83 15.30
N GLN A 109 -1.70 9.77 16.22
CA GLN A 109 -2.55 9.55 17.38
C GLN A 109 -3.99 9.32 16.94
N VAL A 110 -4.28 9.71 15.70
CA VAL A 110 -5.62 9.54 15.16
C VAL A 110 -5.72 8.23 14.40
N ILE A 111 -4.67 7.88 13.68
CA ILE A 111 -4.65 6.64 12.91
C ILE A 111 -4.24 5.47 13.79
N GLN A 112 -3.11 5.61 14.48
CA GLN A 112 -2.63 4.55 15.35
C GLN A 112 -3.72 4.18 16.36
N GLN A 113 -4.70 5.08 16.51
CA GLN A 113 -5.80 4.84 17.43
C GLN A 113 -7.01 4.32 16.67
N ASN A 114 -7.45 5.08 15.68
CA ASN A 114 -8.60 4.69 14.87
C ASN A 114 -8.34 4.99 13.40
N PRO A 115 -7.67 4.10 12.72
CA PRO A 115 -7.34 4.26 11.28
C PRO A 115 -8.55 4.74 10.48
N ALA A 116 -9.73 4.68 11.09
CA ALA A 116 -10.94 5.13 10.42
C ALA A 116 -10.88 6.62 10.15
N LEU A 117 -9.82 7.25 10.62
CA LEU A 117 -9.64 8.69 10.43
C LEU A 117 -8.54 8.98 9.42
N LEU A 118 -7.95 7.92 8.87
CA LEU A 118 -6.88 8.08 7.88
C LEU A 118 -7.46 8.56 6.55
N PRO A 119 -8.52 7.97 6.10
CA PRO A 119 -9.17 8.36 4.81
C PRO A 119 -9.26 9.87 4.65
N ALA A 120 -9.53 10.57 5.74
CA ALA A 120 -9.64 12.02 5.70
C ALA A 120 -8.27 12.67 5.86
N LEU A 121 -7.56 12.30 6.93
CA LEU A 121 -6.24 12.84 7.19
C LEU A 121 -5.40 12.85 5.92
N LEU A 122 -5.14 11.66 5.39
CA LEU A 122 -4.34 11.53 4.17
C LEU A 122 -4.84 12.50 3.10
N GLN A 123 -6.16 12.63 3.00
CA GLN A 123 -6.75 13.53 2.01
C GLN A 123 -6.29 14.97 2.25
N GLN A 124 -6.08 15.31 3.51
CA GLN A 124 -5.64 16.66 3.86
C GLN A 124 -4.12 16.77 3.77
N LEU A 125 -3.43 15.74 4.23
CA LEU A 125 -1.97 15.74 4.19
C LEU A 125 -1.47 15.76 2.75
N GLY A 126 -1.99 14.86 1.92
CA GLY A 126 -1.59 14.80 0.53
C GLY A 126 -2.16 15.98 -0.25
N GLN A 127 -3.13 16.66 0.34
CA GLN A 127 -3.75 17.81 -0.32
C GLN A 127 -2.96 19.09 -0.03
N GLU A 128 -2.32 19.13 1.14
CA GLU A 128 -1.53 20.29 1.52
C GLU A 128 -0.05 20.03 1.28
N ASN A 129 0.32 18.77 1.18
CA ASN A 129 1.71 18.40 0.94
C ASN A 129 1.82 17.48 -0.28
N PRO A 130 1.78 18.05 -1.45
CA PRO A 130 1.88 17.28 -2.72
C PRO A 130 3.27 16.70 -2.94
N GLN A 131 4.26 17.26 -2.25
CA GLN A 131 5.63 16.79 -2.36
C GLN A 131 5.86 15.57 -1.48
N LEU A 132 5.22 15.58 -0.31
CA LEU A 132 5.35 14.47 0.63
C LEU A 132 4.57 13.25 0.14
N LEU A 133 3.45 13.50 -0.52
CA LEU A 133 2.62 12.42 -1.03
C LEU A 133 3.48 11.41 -1.79
N GLN A 134 4.50 11.91 -2.48
CA GLN A 134 5.39 11.05 -3.26
C GLN A 134 6.42 10.40 -2.34
N GLN A 135 6.66 11.02 -1.19
CA GLN A 135 7.63 10.50 -0.23
C GLN A 135 6.98 9.44 0.66
N ILE A 136 5.94 9.84 1.38
CA ILE A 136 5.24 8.92 2.27
C ILE A 136 4.94 7.61 1.55
N SER A 137 4.14 7.70 0.49
CA SER A 137 3.78 6.51 -0.28
C SER A 137 5.02 5.79 -0.77
N ARG A 138 6.08 6.54 -1.04
CA ARG A 138 7.33 5.96 -1.51
C ARG A 138 8.18 5.46 -0.34
N HIS A 139 7.83 5.92 0.87
CA HIS A 139 8.57 5.51 2.06
C HIS A 139 7.61 4.94 3.10
N GLN A 140 6.57 4.25 2.64
CA GLN A 140 5.61 3.66 3.55
C GLN A 140 6.31 3.08 4.78
N GLU A 141 7.16 2.08 4.56
CA GLU A 141 7.89 1.46 5.66
C GLU A 141 8.44 2.53 6.59
N GLN A 142 9.31 3.39 6.06
CA GLN A 142 9.89 4.46 6.85
C GLN A 142 8.79 5.36 7.42
N PHE A 143 7.64 5.36 6.75
CA PHE A 143 6.52 6.18 7.19
C PHE A 143 5.73 5.46 8.28
N ILE A 144 5.76 4.13 8.25
CA ILE A 144 5.04 3.34 9.24
C ILE A 144 5.87 3.22 10.52
N GLN A 145 7.15 2.93 10.36
CA GLN A 145 8.04 2.79 11.51
C GLN A 145 7.76 3.88 12.54
N MET A 146 7.54 5.09 12.05
CA MET A 146 7.24 6.22 12.93
C MET A 146 5.75 6.26 13.27
N LEU A 147 4.92 5.94 12.27
CA LEU A 147 3.48 5.94 12.47
C LEU A 147 3.06 4.74 13.31
N ASN A 148 3.99 3.82 13.53
CA ASN A 148 3.72 2.63 14.32
C ASN A 148 4.50 2.67 15.62
N GLU A 149 5.46 3.57 15.70
CA GLU A 149 6.28 3.72 16.90
C GLU A 149 6.32 5.18 17.35
N PRO A 150 6.97 5.45 18.44
CA PRO A 150 7.09 6.83 18.98
C PRO A 150 7.53 7.82 17.91
N PRO A 151 6.88 8.96 17.85
CA PRO A 151 7.20 10.02 16.86
C PRO A 151 8.54 10.69 17.14
N ILE A 177 -7.03 4.75 -11.12
CA ILE A 177 -7.92 4.48 -12.23
C ILE A 177 -7.12 4.27 -13.51
N GLN A 178 -7.10 5.28 -14.38
CA GLN A 178 -6.38 5.19 -15.63
C GLN A 178 -6.90 4.00 -16.43
N VAL A 179 -8.08 3.52 -16.03
CA VAL A 179 -8.70 2.39 -16.68
C VAL A 179 -9.68 2.82 -17.75
N THR A 180 -10.28 1.84 -18.38
CA THR A 180 -11.25 2.09 -19.42
C THR A 180 -12.58 1.43 -19.06
N PRO A 181 -13.60 1.67 -19.83
CA PRO A 181 -14.94 1.07 -19.58
C PRO A 181 -14.87 -0.44 -19.63
N GLN A 182 -13.75 -0.93 -20.17
CA GLN A 182 -13.52 -2.35 -20.31
C GLN A 182 -12.90 -2.94 -19.05
N GLU A 183 -11.86 -2.28 -18.56
CA GLU A 183 -11.16 -2.75 -17.36
C GLU A 183 -11.81 -2.18 -16.10
N LYS A 184 -12.56 -1.10 -16.25
CA LYS A 184 -13.22 -0.48 -15.12
C LYS A 184 -14.24 -1.42 -14.49
N GLU A 185 -15.15 -1.92 -15.32
CA GLU A 185 -16.20 -2.82 -14.85
C GLU A 185 -15.63 -3.78 -13.81
N ALA A 186 -14.36 -4.12 -13.95
CA ALA A 186 -13.72 -5.04 -13.02
C ALA A 186 -13.37 -4.32 -11.72
N ILE A 187 -12.93 -3.07 -11.85
CA ILE A 187 -12.57 -2.27 -10.68
C ILE A 187 -13.69 -2.28 -9.64
N GLU A 188 -14.85 -1.77 -10.02
CA GLU A 188 -15.98 -1.72 -9.10
C GLU A 188 -16.42 -3.13 -8.71
N ARG A 189 -16.40 -4.04 -9.68
CA ARG A 189 -16.80 -5.42 -9.42
C ARG A 189 -16.21 -5.90 -8.09
N LEU A 190 -15.03 -5.39 -7.76
CA LEU A 190 -14.36 -5.77 -6.52
C LEU A 190 -14.90 -4.95 -5.35
N LYS A 191 -15.24 -3.69 -5.62
CA LYS A 191 -15.76 -2.80 -4.59
C LYS A 191 -17.03 -3.39 -3.98
N ALA A 192 -17.68 -4.29 -4.72
CA ALA A 192 -18.90 -4.92 -4.26
C ALA A 192 -18.61 -5.86 -3.09
N LEU A 193 -17.35 -6.19 -2.90
CA LEU A 193 -16.95 -7.09 -1.82
C LEU A 193 -17.15 -6.41 -0.46
N GLY A 194 -17.73 -5.21 -0.49
CA GLY A 194 -17.98 -4.46 0.73
C GLY A 194 -16.97 -3.33 0.90
N PHE A 195 -16.63 -2.69 -0.21
CA PHE A 195 -15.68 -1.59 -0.19
C PHE A 195 -15.96 -0.60 -1.32
N PRO A 196 -15.51 0.61 -1.18
CA PRO A 196 -15.71 1.67 -2.20
C PRO A 196 -14.93 1.40 -3.48
N GLU A 197 -15.42 1.94 -4.59
CA GLU A 197 -14.75 1.76 -5.87
C GLU A 197 -13.42 2.51 -5.89
N SER A 198 -13.36 3.60 -5.13
CA SER A 198 -12.14 4.39 -5.06
C SER A 198 -11.05 3.61 -4.35
N LEU A 199 -11.43 2.90 -3.30
CA LEU A 199 -10.48 2.11 -2.52
C LEU A 199 -10.05 0.88 -3.32
N VAL A 200 -10.93 0.43 -4.22
CA VAL A 200 -10.62 -0.74 -5.03
C VAL A 200 -9.77 -0.36 -6.24
N ILE A 201 -10.31 0.52 -7.08
CA ILE A 201 -9.60 0.97 -8.27
C ILE A 201 -8.12 1.20 -7.96
N GLN A 202 -7.83 1.74 -6.77
CA GLN A 202 -6.46 2.02 -6.38
C GLN A 202 -5.71 0.71 -6.11
N ALA A 203 -6.42 -0.28 -5.57
CA ALA A 203 -5.81 -1.57 -5.26
C ALA A 203 -5.73 -2.43 -6.51
N TYR A 204 -6.72 -2.28 -7.40
CA TYR A 204 -6.75 -3.07 -8.63
C TYR A 204 -5.40 -2.99 -9.34
N PHE A 205 -4.87 -1.78 -9.47
CA PHE A 205 -3.60 -1.59 -10.14
C PHE A 205 -2.44 -1.93 -9.20
N ALA A 206 -2.66 -1.73 -7.90
CA ALA A 206 -1.64 -2.02 -6.91
C ALA A 206 -1.36 -3.52 -6.87
N CYS A 207 -2.26 -4.30 -7.47
CA CYS A 207 -2.11 -5.75 -7.51
C CYS A 207 -1.93 -6.23 -8.94
N GLU A 208 -1.54 -5.33 -9.82
CA GLU A 208 -1.33 -5.68 -11.23
C GLU A 208 -2.65 -5.82 -11.95
N LYS A 209 -3.63 -5.00 -11.56
CA LYS A 209 -4.95 -5.05 -12.18
C LYS A 209 -5.50 -6.47 -12.17
N ASN A 210 -5.32 -7.16 -11.06
CA ASN A 210 -5.81 -8.53 -10.94
C ASN A 210 -6.90 -8.61 -9.87
N GLU A 211 -8.16 -8.63 -10.33
CA GLU A 211 -9.29 -8.69 -9.41
C GLU A 211 -9.05 -9.76 -8.35
N ASN A 212 -8.60 -10.94 -8.79
CA ASN A 212 -8.35 -12.04 -7.87
C ASN A 212 -7.52 -11.57 -6.68
N LEU A 213 -6.36 -11.00 -6.96
CA LEU A 213 -5.47 -10.52 -5.90
C LEU A 213 -6.07 -9.27 -5.25
N ALA A 214 -6.46 -8.31 -6.06
CA ALA A 214 -7.03 -7.07 -5.54
C ALA A 214 -8.13 -7.36 -4.53
N ALA A 215 -9.09 -8.19 -4.92
CA ALA A 215 -10.19 -8.56 -4.04
C ALA A 215 -9.66 -9.23 -2.77
N ASN A 216 -8.49 -9.86 -2.89
CA ASN A 216 -7.89 -10.54 -1.75
C ASN A 216 -7.35 -9.53 -0.75
N PHE A 217 -6.46 -8.66 -1.20
CA PHE A 217 -5.87 -7.65 -0.33
C PHE A 217 -6.94 -6.68 0.16
N LEU A 218 -7.91 -6.39 -0.70
CA LEU A 218 -8.98 -5.46 -0.33
C LEU A 218 -9.77 -5.99 0.86
N LEU A 219 -10.46 -7.11 0.65
CA LEU A 219 -11.27 -7.70 1.72
C LEU A 219 -10.38 -8.32 2.79
N SER A 220 -9.09 -8.48 2.50
CA SER A 220 -8.16 -9.05 3.46
C SER A 220 -7.23 -7.98 4.03
N GLN A 221 -7.54 -6.72 3.76
CA GLN A 221 -6.73 -5.60 4.23
C GLN A 221 -6.85 -5.42 5.75
N ASN A 222 -6.99 -6.52 6.48
CA ASN A 222 -7.12 -6.46 7.93
C ASN A 222 -8.24 -5.51 8.36
N PHE A 223 -8.99 -5.92 9.36
CA PHE A 223 -10.10 -5.10 9.86
C PHE A 223 -10.55 -5.58 11.24
ZN ZN B . -0.35 -4.24 9.86
N GLU A 13 24.89 -5.67 -11.32
CA GLU A 13 23.64 -4.96 -11.10
C GLU A 13 23.10 -5.24 -9.70
N PRO A 14 22.87 -4.21 -8.92
CA PRO A 14 22.34 -4.34 -7.54
C PRO A 14 20.87 -4.75 -7.52
N TYR A 15 20.05 -4.02 -8.26
CA TYR A 15 18.62 -4.31 -8.32
C TYR A 15 18.39 -5.79 -8.57
N ASN A 16 19.44 -6.51 -8.92
CA ASN A 16 19.34 -7.94 -9.18
C ASN A 16 19.64 -8.75 -7.92
N GLU A 17 20.88 -8.66 -7.44
CA GLU A 17 21.26 -9.39 -6.24
C GLU A 17 20.95 -8.56 -5.00
N TRP A 18 21.27 -7.28 -5.08
CA TRP A 18 21.03 -6.36 -3.98
C TRP A 18 19.54 -6.23 -3.70
N THR A 19 18.76 -6.15 -4.76
CA THR A 19 17.31 -6.00 -4.63
C THR A 19 16.77 -6.97 -3.59
N LEU A 20 17.44 -8.12 -3.44
CA LEU A 20 17.02 -9.12 -2.47
C LEU A 20 17.39 -8.69 -1.06
N GLU A 21 18.59 -8.15 -0.91
CA GLU A 21 19.07 -7.70 0.40
C GLU A 21 18.07 -6.73 1.02
N LEU A 22 17.57 -5.80 0.20
CA LEU A 22 16.61 -4.81 0.69
C LEU A 22 15.20 -5.40 0.72
N LEU A 23 14.93 -6.32 -0.20
CA LEU A 23 13.62 -6.96 -0.27
C LEU A 23 13.19 -7.48 1.10
N GLU A 24 13.93 -8.45 1.60
CA GLU A 24 13.62 -9.03 2.91
C GLU A 24 13.26 -7.94 3.91
N GLU A 25 14.09 -6.91 3.97
CA GLU A 25 13.85 -5.80 4.89
C GLU A 25 12.57 -5.06 4.51
N LEU A 26 12.35 -4.89 3.22
CA LEU A 26 11.16 -4.19 2.74
C LEU A 26 9.90 -4.89 3.23
N LYS A 27 9.83 -6.19 3.00
CA LYS A 27 8.66 -6.97 3.43
C LYS A 27 8.75 -7.32 4.90
N SER A 28 9.98 -7.32 5.43
CA SER A 28 10.20 -7.65 6.84
C SER A 28 9.13 -6.98 7.72
N GLU A 29 8.75 -5.76 7.35
CA GLU A 29 7.75 -5.03 8.11
C GLU A 29 6.34 -5.38 7.65
N ALA A 30 6.17 -5.49 6.33
CA ALA A 30 4.88 -5.83 5.76
C ALA A 30 4.60 -7.32 5.90
N VAL A 31 5.46 -8.13 5.29
CA VAL A 31 5.30 -9.58 5.34
C VAL A 31 5.00 -10.04 6.77
N ARG A 32 5.34 -9.21 7.74
CA ARG A 32 5.10 -9.57 9.14
C ARG A 32 3.61 -9.47 9.47
N HIS A 33 2.96 -8.43 8.96
CA HIS A 33 1.53 -8.24 9.21
C HIS A 33 0.75 -8.30 7.90
N PHE A 34 1.33 -8.97 6.90
CA PHE A 34 0.67 -9.10 5.61
C PHE A 34 0.13 -10.51 5.43
N PRO A 35 -1.17 -10.65 5.36
CA PRO A 35 -1.83 -11.97 5.18
C PRO A 35 -1.09 -12.86 4.18
N ARG A 36 -0.70 -14.04 4.62
CA ARG A 36 0.02 -14.98 3.74
C ARG A 36 -0.70 -15.13 2.41
N ILE A 37 -2.02 -15.28 2.46
CA ILE A 37 -2.80 -15.44 1.25
C ILE A 37 -2.43 -14.37 0.22
N TRP A 38 -2.62 -13.11 0.59
CA TRP A 38 -2.30 -12.01 -0.31
C TRP A 38 -0.85 -12.10 -0.77
N LEU A 39 0.07 -12.08 0.19
CA LEU A 39 1.49 -12.17 -0.13
C LEU A 39 1.76 -13.37 -1.02
N HIS A 40 0.89 -14.37 -0.95
CA HIS A 40 1.05 -15.57 -1.75
C HIS A 40 0.53 -15.33 -3.17
N ASN A 41 -0.56 -14.58 -3.29
CA ASN A 41 -1.14 -14.29 -4.59
C ASN A 41 -0.37 -13.17 -5.28
N LEU A 42 0.24 -12.30 -4.49
CA LEU A 42 1.00 -11.19 -5.04
C LEU A 42 2.15 -11.70 -5.90
N GLY A 43 3.00 -12.55 -5.31
CA GLY A 43 4.12 -13.11 -6.03
C GLY A 43 3.66 -14.20 -7.00
N GLN A 44 2.48 -14.74 -6.74
CA GLN A 44 1.93 -15.79 -7.60
C GLN A 44 1.32 -15.18 -8.86
N HIS A 45 0.63 -14.05 -8.69
CA HIS A 45 0.00 -13.38 -9.82
C HIS A 45 1.02 -12.50 -10.56
N ILE A 46 1.63 -11.58 -9.85
CA ILE A 46 2.61 -10.68 -10.45
C ILE A 46 3.68 -11.48 -11.21
N TYR A 47 3.83 -12.75 -10.85
CA TYR A 47 4.81 -13.61 -11.51
C TYR A 47 4.28 -14.08 -12.87
N GLU A 48 2.97 -14.21 -12.98
CA GLU A 48 2.35 -14.65 -14.22
C GLU A 48 2.20 -13.49 -15.20
N THR A 49 2.14 -12.28 -14.65
CA THR A 49 2.01 -11.08 -15.49
C THR A 49 3.34 -10.70 -16.10
N TYR A 50 4.38 -10.67 -15.27
CA TYR A 50 5.71 -10.32 -15.74
C TYR A 50 6.53 -11.58 -16.05
N GLY A 51 6.17 -12.68 -15.42
CA GLY A 51 6.87 -13.95 -15.64
C GLY A 51 8.06 -14.06 -14.69
N ASP A 52 9.20 -14.47 -15.24
CA ASP A 52 10.42 -14.62 -14.45
C ASP A 52 11.35 -13.44 -14.66
N THR A 53 10.93 -12.50 -15.50
CA THR A 53 11.75 -11.32 -15.78
C THR A 53 12.00 -10.52 -14.51
N TRP A 54 12.97 -9.62 -14.56
CA TRP A 54 13.29 -8.80 -13.39
C TRP A 54 12.34 -7.61 -13.30
N ALA A 55 11.73 -7.26 -14.42
CA ALA A 55 10.80 -6.13 -14.44
C ALA A 55 9.68 -6.35 -13.43
N GLY A 56 9.16 -7.57 -13.37
CA GLY A 56 8.09 -7.90 -12.44
C GLY A 56 8.53 -7.66 -11.00
N VAL A 57 9.60 -8.33 -10.60
CA VAL A 57 10.12 -8.19 -9.24
C VAL A 57 10.33 -6.72 -8.90
N GLU A 58 10.52 -5.90 -9.93
CA GLU A 58 10.74 -4.47 -9.73
C GLU A 58 9.47 -3.81 -9.23
N ALA A 59 8.32 -4.31 -9.66
CA ALA A 59 7.04 -3.75 -9.25
C ALA A 59 6.71 -4.18 -7.82
N ILE A 60 6.76 -5.49 -7.58
CA ILE A 60 6.46 -6.02 -6.25
C ILE A 60 7.15 -5.18 -5.17
N ILE A 61 8.24 -4.53 -5.54
CA ILE A 61 8.98 -3.71 -4.60
C ILE A 61 8.17 -2.45 -4.24
N ARG A 62 7.89 -1.63 -5.24
CA ARG A 62 7.13 -0.40 -5.02
C ARG A 62 5.66 -0.72 -4.80
N ILE A 63 5.26 -1.93 -5.17
CA ILE A 63 3.87 -2.35 -5.02
C ILE A 63 3.57 -2.71 -3.57
N LEU A 64 4.58 -3.26 -2.88
CA LEU A 64 4.42 -3.66 -1.49
C LEU A 64 4.12 -2.44 -0.62
N GLN A 65 4.57 -1.27 -1.07
CA GLN A 65 4.33 -0.05 -0.32
C GLN A 65 2.96 0.54 -0.65
N GLN A 66 2.75 0.85 -1.92
CA GLN A 66 1.48 1.42 -2.35
C GLN A 66 0.32 0.68 -1.69
N LEU A 67 0.54 -0.58 -1.34
CA LEU A 67 -0.49 -1.38 -0.69
C LEU A 67 -0.52 -1.12 0.80
N LEU A 68 0.65 -1.17 1.44
CA LEU A 68 0.74 -0.92 2.87
C LEU A 68 -0.15 0.25 3.28
N PHE A 69 -0.27 1.21 2.38
CA PHE A 69 -1.09 2.39 2.65
C PHE A 69 -2.57 2.02 2.69
N ILE A 70 -3.03 1.31 1.67
CA ILE A 70 -4.43 0.90 1.60
C ILE A 70 -4.83 0.19 2.89
N HIS A 71 -4.13 -0.90 3.19
CA HIS A 71 -4.41 -1.67 4.40
C HIS A 71 -4.24 -0.78 5.63
N PHE A 72 -3.45 0.28 5.47
CA PHE A 72 -3.19 1.21 6.56
C PHE A 72 -4.49 1.84 7.05
N ARG A 73 -5.17 2.56 6.14
CA ARG A 73 -6.43 3.22 6.49
C ARG A 73 -7.45 2.22 7.01
N ILE A 74 -7.64 1.13 6.27
CA ILE A 74 -8.61 0.12 6.67
C ILE A 74 -8.49 -0.18 8.16
N GLY A 75 -7.26 -0.27 8.64
CA GLY A 75 -7.02 -0.55 10.06
C GLY A 75 -6.19 -1.80 10.23
N CYS A 76 -5.00 -1.64 10.81
CA CYS A 76 -4.11 -2.77 11.03
C CYS A 76 -4.49 -3.53 12.30
N ARG A 77 -5.19 -4.64 12.13
CA ARG A 77 -5.59 -5.46 13.28
C ARG A 77 -4.43 -6.35 13.70
N HIS A 78 -3.40 -6.38 12.86
CA HIS A 78 -2.22 -7.18 13.15
C HIS A 78 -1.54 -6.71 14.43
N SER A 79 -0.76 -7.60 15.04
CA SER A 79 -0.06 -7.26 16.28
C SER A 79 1.42 -7.61 16.15
N ASN A 93 15.43 10.63 5.61
CA ASN A 93 14.42 10.37 4.59
C ASN A 93 13.81 11.68 4.10
N PRO A 94 13.22 11.66 2.94
CA PRO A 94 12.58 12.88 2.35
C PRO A 94 11.37 13.33 3.17
N LEU A 95 11.03 12.53 4.18
CA LEU A 95 9.88 12.85 5.04
C LEU A 95 10.32 12.90 6.50
N GLU A 96 11.62 12.84 6.72
CA GLU A 96 12.16 12.87 8.08
C GLU A 96 11.56 14.04 8.86
N PHE A 97 11.57 15.22 8.24
CA PHE A 97 11.03 16.41 8.88
C PHE A 97 9.53 16.29 9.07
N LEU A 98 8.95 15.20 8.56
CA LEU A 98 7.53 14.98 8.68
C LEU A 98 7.06 15.17 10.13
N ARG A 99 8.00 15.04 11.06
CA ARG A 99 7.68 15.20 12.48
C ARG A 99 7.35 16.66 12.79
N ASP A 100 7.92 17.57 12.02
CA ASP A 100 7.69 18.99 12.23
C ASP A 100 6.37 19.41 11.59
N GLN A 101 5.59 18.44 11.13
CA GLN A 101 4.32 18.73 10.50
C GLN A 101 3.16 18.28 11.40
N PRO A 102 2.11 19.04 11.44
CA PRO A 102 0.91 18.71 12.28
C PRO A 102 0.15 17.51 11.72
N GLN A 103 0.11 17.43 10.39
CA GLN A 103 -0.59 16.34 9.72
C GLN A 103 -0.02 15.00 10.17
N PHE A 104 1.30 14.95 10.36
CA PHE A 104 1.94 13.72 10.80
C PHE A 104 1.53 13.37 12.23
N GLN A 105 1.79 14.30 13.15
CA GLN A 105 1.44 14.08 14.55
C GLN A 105 -0.07 13.99 14.71
N ASN A 106 -0.80 14.57 13.75
CA ASN A 106 -2.25 14.55 13.80
C ASN A 106 -2.79 13.25 13.20
N MET A 107 -2.52 13.05 11.91
CA MET A 107 -2.98 11.84 11.23
C MET A 107 -2.46 10.60 11.94
N ARG A 108 -1.22 10.66 12.40
CA ARG A 108 -0.62 9.52 13.10
C ARG A 108 -1.47 9.12 14.30
N GLN A 109 -1.83 10.11 15.11
CA GLN A 109 -2.65 9.84 16.29
C GLN A 109 -4.02 9.34 15.87
N VAL A 110 -4.51 9.84 14.74
CA VAL A 110 -5.81 9.43 14.23
C VAL A 110 -5.69 8.15 13.41
N ILE A 111 -4.47 7.87 12.96
CA ILE A 111 -4.22 6.68 12.16
C ILE A 111 -3.93 5.48 13.06
N GLN A 112 -2.98 5.65 13.97
CA GLN A 112 -2.62 4.59 14.89
C GLN A 112 -3.81 4.19 15.75
N GLN A 113 -4.55 5.19 16.24
CA GLN A 113 -5.72 4.93 17.06
C GLN A 113 -6.82 4.28 16.22
N ASN A 114 -7.20 4.96 15.14
CA ASN A 114 -8.25 4.44 14.26
C ASN A 114 -7.91 4.71 12.81
N PRO A 115 -7.08 3.92 12.21
CA PRO A 115 -6.67 4.08 10.79
C PRO A 115 -7.89 4.27 9.88
N ALA A 116 -9.07 4.04 10.44
CA ALA A 116 -10.30 4.19 9.68
C ALA A 116 -10.50 5.64 9.27
N LEU A 117 -9.88 6.55 10.02
CA LEU A 117 -9.97 7.96 9.73
C LEU A 117 -8.87 8.39 8.77
N LEU A 118 -7.99 7.46 8.45
CA LEU A 118 -6.89 7.74 7.53
C LEU A 118 -7.42 8.12 6.15
N PRO A 119 -8.38 7.40 5.67
CA PRO A 119 -9.00 7.66 4.33
C PRO A 119 -9.26 9.15 4.12
N ALA A 120 -9.72 9.82 5.17
CA ALA A 120 -10.01 11.25 5.09
C ALA A 120 -8.75 12.07 5.36
N LEU A 121 -7.86 11.53 6.19
CA LEU A 121 -6.62 12.21 6.51
C LEU A 121 -5.75 12.38 5.27
N LEU A 122 -5.34 11.26 4.69
CA LEU A 122 -4.50 11.29 3.49
C LEU A 122 -5.05 12.29 2.48
N GLN A 123 -6.32 12.65 2.64
CA GLN A 123 -6.97 13.59 1.73
C GLN A 123 -6.54 15.02 2.05
N GLN A 124 -6.44 15.32 3.35
CA GLN A 124 -6.05 16.66 3.78
C GLN A 124 -4.53 16.81 3.72
N LEU A 125 -3.82 15.69 3.88
CA LEU A 125 -2.36 15.72 3.85
C LEU A 125 -1.87 15.95 2.41
N GLY A 126 -2.23 15.05 1.51
CA GLY A 126 -1.83 15.17 0.12
C GLY A 126 -2.38 16.44 -0.50
N GLN A 127 -3.35 17.05 0.17
CA GLN A 127 -3.96 18.28 -0.33
C GLN A 127 -3.15 19.49 0.13
N GLU A 128 -2.40 19.32 1.23
CA GLU A 128 -1.60 20.41 1.76
C GLU A 128 -0.19 20.37 1.19
N ASN A 129 0.34 19.16 1.03
CA ASN A 129 1.69 18.99 0.48
C ASN A 129 1.75 17.76 -0.40
N PRO A 130 1.11 17.81 -1.54
CA PRO A 130 1.09 16.69 -2.52
C PRO A 130 2.47 16.12 -2.77
N GLN A 131 3.49 16.91 -2.45
CA GLN A 131 4.88 16.47 -2.66
C GLN A 131 5.24 15.38 -1.66
N LEU A 132 4.91 15.61 -0.39
CA LEU A 132 5.21 14.63 0.66
C LEU A 132 4.40 13.36 0.45
N LEU A 133 3.16 13.52 0.00
CA LEU A 133 2.29 12.38 -0.24
C LEU A 133 3.02 11.31 -1.06
N GLN A 134 3.64 11.74 -2.16
CA GLN A 134 4.37 10.81 -3.01
C GLN A 134 5.45 10.10 -2.22
N GLN A 135 6.20 10.86 -1.43
CA GLN A 135 7.27 10.27 -0.62
C GLN A 135 6.69 9.29 0.40
N ILE A 136 5.79 9.79 1.24
CA ILE A 136 5.17 8.96 2.27
C ILE A 136 4.73 7.63 1.67
N SER A 137 4.08 7.69 0.51
CA SER A 137 3.61 6.47 -0.15
C SER A 137 4.79 5.71 -0.76
N ARG A 138 5.88 6.43 -1.02
CA ARG A 138 7.06 5.82 -1.61
C ARG A 138 7.89 5.12 -0.54
N HIS A 139 7.77 5.58 0.69
CA HIS A 139 8.52 4.99 1.80
C HIS A 139 7.57 4.56 2.92
N GLN A 140 6.60 3.72 2.59
CA GLN A 140 5.65 3.24 3.57
C GLN A 140 6.36 2.81 4.84
N GLU A 141 7.19 1.78 4.72
CA GLU A 141 7.93 1.27 5.87
C GLU A 141 8.45 2.42 6.72
N GLN A 142 9.27 3.29 6.11
CA GLN A 142 9.82 4.42 6.83
C GLN A 142 8.69 5.32 7.33
N PHE A 143 7.55 5.27 6.65
CA PHE A 143 6.40 6.06 7.03
C PHE A 143 5.60 5.37 8.12
N ILE A 144 5.71 4.04 8.17
CA ILE A 144 5.00 3.25 9.18
C ILE A 144 5.77 3.25 10.50
N GLN A 145 7.07 2.99 10.43
CA GLN A 145 7.89 2.96 11.63
C GLN A 145 7.50 4.09 12.57
N MET A 146 7.61 5.32 12.09
CA MET A 146 7.26 6.48 12.91
C MET A 146 5.77 6.48 13.24
N LEU A 147 4.96 6.05 12.28
CA LEU A 147 3.52 5.99 12.49
C LEU A 147 3.14 4.79 13.35
N ASN A 148 4.12 3.93 13.61
CA ASN A 148 3.90 2.74 14.42
C ASN A 148 4.55 2.89 15.78
N GLU A 149 5.49 3.84 15.87
CA GLU A 149 6.19 4.08 17.12
C GLU A 149 5.95 5.51 17.60
N PRO A 150 6.31 5.80 18.81
CA PRO A 150 6.13 7.16 19.39
C PRO A 150 6.83 8.23 18.56
N PRO A 151 6.14 9.32 18.31
CA PRO A 151 6.68 10.45 17.49
C PRO A 151 8.06 10.89 17.97
N ILE A 177 -7.48 6.69 -12.01
CA ILE A 177 -8.25 6.32 -13.17
C ILE A 177 -7.56 5.22 -13.96
N GLN A 178 -6.62 5.62 -14.82
CA GLN A 178 -5.88 4.68 -15.65
C GLN A 178 -6.73 3.46 -15.96
N VAL A 179 -8.03 3.68 -16.08
CA VAL A 179 -8.96 2.61 -16.37
C VAL A 179 -9.90 3.00 -17.51
N THR A 180 -10.75 2.07 -17.91
CA THR A 180 -11.70 2.32 -18.97
C THR A 180 -13.02 1.60 -18.69
N PRO A 181 -13.96 1.70 -19.58
CA PRO A 181 -15.29 1.04 -19.41
C PRO A 181 -15.14 -0.48 -19.33
N GLN A 182 -13.98 -0.96 -19.74
CA GLN A 182 -13.70 -2.39 -19.73
C GLN A 182 -13.22 -2.84 -18.35
N GLU A 183 -12.20 -2.18 -17.83
CA GLU A 183 -11.67 -2.53 -16.51
C GLU A 183 -12.44 -1.82 -15.41
N LYS A 184 -12.93 -0.62 -15.70
CA LYS A 184 -13.68 0.15 -14.73
C LYS A 184 -14.60 -0.75 -13.92
N GLU A 185 -15.56 -1.37 -14.59
CA GLU A 185 -16.50 -2.25 -13.92
C GLU A 185 -15.80 -3.05 -12.83
N ALA A 186 -14.59 -3.51 -13.13
CA ALA A 186 -13.80 -4.27 -12.17
C ALA A 186 -13.54 -3.43 -10.93
N ILE A 187 -13.23 -2.16 -11.15
CA ILE A 187 -12.95 -1.24 -10.05
C ILE A 187 -14.21 -1.02 -9.21
N GLU A 188 -15.32 -0.79 -9.90
CA GLU A 188 -16.59 -0.54 -9.21
C GLU A 188 -17.26 -1.85 -8.82
N ARG A 189 -16.83 -2.94 -9.44
CA ARG A 189 -17.41 -4.24 -9.13
C ARG A 189 -16.74 -4.82 -7.90
N LEU A 190 -15.45 -4.55 -7.76
CA LEU A 190 -14.68 -5.01 -6.62
C LEU A 190 -15.30 -4.48 -5.33
N LYS A 191 -15.58 -3.18 -5.32
CA LYS A 191 -16.18 -2.54 -4.16
C LYS A 191 -17.55 -3.13 -3.88
N ALA A 192 -18.09 -3.82 -4.88
CA ALA A 192 -19.41 -4.44 -4.74
C ALA A 192 -19.35 -5.59 -3.74
N LEU A 193 -18.12 -6.03 -3.44
CA LEU A 193 -17.93 -7.13 -2.50
C LEU A 193 -17.94 -6.62 -1.07
N GLY A 194 -18.24 -5.33 -0.90
CA GLY A 194 -18.29 -4.73 0.43
C GLY A 194 -17.08 -3.82 0.67
N PHE A 195 -16.82 -2.93 -0.27
CA PHE A 195 -15.70 -1.99 -0.15
C PHE A 195 -16.00 -0.71 -0.91
N PRO A 196 -15.32 0.35 -0.58
CA PRO A 196 -15.51 1.68 -1.24
C PRO A 196 -15.10 1.65 -2.71
N GLU A 197 -15.71 2.52 -3.50
CA GLU A 197 -15.39 2.60 -4.92
C GLU A 197 -13.98 3.13 -5.14
N SER A 198 -13.71 4.31 -4.60
CA SER A 198 -12.41 4.94 -4.73
C SER A 198 -11.35 4.09 -4.03
N LEU A 199 -11.80 3.20 -3.14
CA LEU A 199 -10.87 2.34 -2.41
C LEU A 199 -10.40 1.19 -3.29
N VAL A 200 -11.17 0.89 -4.33
CA VAL A 200 -10.83 -0.20 -5.23
C VAL A 200 -9.83 0.28 -6.30
N ILE A 201 -10.25 1.26 -7.09
CA ILE A 201 -9.40 1.80 -8.15
C ILE A 201 -7.96 1.92 -7.67
N GLN A 202 -7.79 2.12 -6.37
CA GLN A 202 -6.45 2.25 -5.79
C GLN A 202 -5.83 0.87 -5.55
N ALA A 203 -6.65 -0.08 -5.12
CA ALA A 203 -6.17 -1.43 -4.85
C ALA A 203 -6.01 -2.20 -6.15
N TYR A 204 -6.92 -1.99 -7.09
CA TYR A 204 -6.86 -2.67 -8.38
C TYR A 204 -5.53 -2.40 -9.06
N PHE A 205 -5.10 -1.14 -9.03
CA PHE A 205 -3.83 -0.76 -9.65
C PHE A 205 -2.67 -1.10 -8.72
N ALA A 206 -2.96 -1.19 -7.43
CA ALA A 206 -1.93 -1.51 -6.44
C ALA A 206 -1.59 -2.99 -6.51
N CYS A 207 -2.44 -3.76 -7.14
CA CYS A 207 -2.23 -5.20 -7.26
C CYS A 207 -1.97 -5.59 -8.71
N GLU A 208 -1.62 -4.60 -9.53
CA GLU A 208 -1.35 -4.85 -10.94
C GLU A 208 -2.65 -5.07 -11.70
N LYS A 209 -3.62 -4.19 -11.49
CA LYS A 209 -4.92 -4.28 -12.17
C LYS A 209 -5.38 -5.73 -12.23
N ASN A 210 -4.84 -6.56 -11.33
CA ASN A 210 -5.21 -7.98 -11.31
C ASN A 210 -6.33 -8.21 -10.30
N GLU A 211 -7.55 -8.37 -10.81
CA GLU A 211 -8.70 -8.60 -9.94
C GLU A 211 -8.39 -9.72 -8.94
N ASN A 212 -7.91 -10.84 -9.45
CA ASN A 212 -7.58 -11.98 -8.59
C ASN A 212 -6.88 -11.50 -7.32
N LEU A 213 -5.89 -10.64 -7.48
CA LEU A 213 -5.15 -10.11 -6.35
C LEU A 213 -5.99 -9.10 -5.59
N ALA A 214 -6.52 -8.12 -6.31
CA ALA A 214 -7.35 -7.09 -5.69
C ALA A 214 -8.35 -7.72 -4.72
N ALA A 215 -9.01 -8.77 -5.16
CA ALA A 215 -9.99 -9.46 -4.33
C ALA A 215 -9.35 -9.92 -3.02
N ASN A 216 -8.19 -10.56 -3.13
CA ASN A 216 -7.48 -11.05 -1.96
C ASN A 216 -7.01 -9.88 -1.08
N PHE A 217 -6.43 -8.87 -1.73
CA PHE A 217 -5.94 -7.71 -1.01
C PHE A 217 -7.03 -7.14 -0.11
N LEU A 218 -8.10 -6.64 -0.73
CA LEU A 218 -9.21 -6.07 0.03
C LEU A 218 -9.70 -7.05 1.07
N LEU A 219 -9.62 -8.33 0.76
CA LEU A 219 -10.07 -9.37 1.68
C LEU A 219 -8.98 -9.67 2.72
N SER A 220 -7.77 -9.18 2.45
CA SER A 220 -6.67 -9.40 3.37
C SER A 220 -6.32 -8.11 4.12
N GLN A 221 -7.12 -7.07 3.88
CA GLN A 221 -6.90 -5.79 4.54
C GLN A 221 -7.31 -5.84 6.00
N ASN A 222 -7.42 -7.04 6.55
CA ASN A 222 -7.82 -7.20 7.95
C ASN A 222 -9.14 -6.49 8.22
N PHE A 223 -10.04 -7.18 8.92
CA PHE A 223 -11.34 -6.60 9.25
C PHE A 223 -12.01 -7.39 10.35
ZN ZN B . -1.44 -4.87 9.35
N GLU A 13 23.86 -4.29 -13.39
CA GLU A 13 22.59 -3.85 -12.80
C GLU A 13 22.37 -4.51 -11.45
N PRO A 14 22.87 -3.89 -10.41
CA PRO A 14 22.74 -4.41 -9.02
C PRO A 14 21.31 -4.82 -8.70
N TYR A 15 20.34 -4.12 -9.29
CA TYR A 15 18.93 -4.41 -9.06
C TYR A 15 18.64 -5.91 -9.20
N ASN A 16 19.63 -6.67 -9.64
CA ASN A 16 19.45 -8.10 -9.80
C ASN A 16 19.42 -8.79 -8.44
N GLU A 17 20.59 -8.89 -7.80
CA GLU A 17 20.69 -9.51 -6.49
C GLU A 17 20.44 -8.48 -5.40
N TRP A 18 20.80 -7.24 -5.69
CA TRP A 18 20.62 -6.14 -4.73
C TRP A 18 19.16 -5.96 -4.35
N THR A 19 18.30 -5.80 -5.34
CA THR A 19 16.89 -5.59 -5.09
C THR A 19 16.38 -6.54 -4.00
N LEU A 20 16.83 -7.80 -4.06
CA LEU A 20 16.41 -8.77 -3.07
C LEU A 20 16.78 -8.31 -1.67
N GLU A 21 17.97 -7.75 -1.53
CA GLU A 21 18.43 -7.26 -0.24
C GLU A 21 17.50 -6.17 0.29
N LEU A 22 16.80 -5.50 -0.64
CA LEU A 22 15.88 -4.44 -0.26
C LEU A 22 14.54 -5.03 0.16
N LEU A 23 14.10 -6.05 -0.55
CA LEU A 23 12.82 -6.69 -0.25
C LEU A 23 12.71 -6.98 1.24
N GLU A 24 13.64 -7.79 1.75
CA GLU A 24 13.63 -8.14 3.16
C GLU A 24 13.18 -6.96 4.01
N GLU A 25 13.67 -5.76 3.66
CA GLU A 25 13.32 -4.56 4.40
C GLU A 25 11.83 -4.27 4.27
N LEU A 26 11.35 -4.18 3.04
CA LEU A 26 9.94 -3.92 2.80
C LEU A 26 9.07 -5.01 3.42
N LYS A 27 9.41 -6.27 3.14
CA LYS A 27 8.65 -7.39 3.68
C LYS A 27 8.66 -7.35 5.20
N SER A 28 9.85 -7.33 5.79
CA SER A 28 9.99 -7.30 7.23
C SER A 28 8.97 -6.34 7.85
N GLU A 29 8.65 -5.28 7.13
CA GLU A 29 7.69 -4.29 7.62
C GLU A 29 6.27 -4.68 7.23
N ALA A 30 6.07 -4.95 5.95
CA ALA A 30 4.75 -5.34 5.45
C ALA A 30 4.51 -6.83 5.66
N VAL A 31 5.37 -7.66 5.06
CA VAL A 31 5.24 -9.10 5.18
C VAL A 31 5.02 -9.51 6.64
N ARG A 32 5.41 -8.63 7.55
CA ARG A 32 5.26 -8.91 8.98
C ARG A 32 3.79 -8.90 9.38
N HIS A 33 3.04 -7.94 8.84
CA HIS A 33 1.62 -7.83 9.15
C HIS A 33 0.77 -8.03 7.89
N PHE A 34 1.43 -8.33 6.78
CA PHE A 34 0.73 -8.54 5.53
C PHE A 34 0.07 -9.92 5.51
N PRO A 35 -1.08 -10.02 4.89
CA PRO A 35 -1.83 -11.30 4.79
C PRO A 35 -1.07 -12.36 4.00
N ARG A 36 -0.84 -13.51 4.62
CA ARG A 36 -0.11 -14.58 3.96
C ARG A 36 -0.68 -14.83 2.57
N ILE A 37 -2.00 -14.91 2.48
CA ILE A 37 -2.66 -15.14 1.20
C ILE A 37 -2.19 -14.14 0.16
N TRP A 38 -2.41 -12.86 0.43
CA TRP A 38 -2.01 -11.81 -0.49
C TRP A 38 -0.57 -12.01 -0.94
N LEU A 39 0.35 -12.09 0.02
CA LEU A 39 1.76 -12.29 -0.29
C LEU A 39 1.93 -13.47 -1.24
N HIS A 40 0.96 -14.40 -1.21
CA HIS A 40 1.03 -15.57 -2.07
C HIS A 40 0.44 -15.27 -3.44
N ASN A 41 -0.72 -14.60 -3.45
CA ASN A 41 -1.38 -14.26 -4.71
C ASN A 41 -0.57 -13.21 -5.47
N LEU A 42 0.11 -12.34 -4.74
CA LEU A 42 0.93 -11.30 -5.35
C LEU A 42 2.04 -11.92 -6.18
N GLY A 43 2.94 -12.64 -5.51
CA GLY A 43 4.05 -13.28 -6.19
C GLY A 43 3.56 -14.37 -7.14
N GLN A 44 2.37 -14.90 -6.86
CA GLN A 44 1.79 -15.94 -7.69
C GLN A 44 1.23 -15.36 -8.98
N HIS A 45 0.53 -14.23 -8.86
CA HIS A 45 -0.06 -13.57 -10.02
C HIS A 45 0.98 -12.71 -10.73
N ILE A 46 1.64 -11.82 -9.97
CA ILE A 46 2.65 -10.95 -10.54
C ILE A 46 3.75 -11.76 -11.21
N TYR A 47 3.88 -13.02 -10.81
CA TYR A 47 4.90 -13.89 -11.38
C TYR A 47 4.42 -14.49 -12.69
N GLU A 48 3.14 -14.87 -12.73
CA GLU A 48 2.56 -15.46 -13.93
C GLU A 48 2.26 -14.37 -14.97
N THR A 49 2.07 -13.15 -14.50
CA THR A 49 1.77 -12.04 -15.38
C THR A 49 3.05 -11.56 -16.09
N TYR A 50 4.14 -11.50 -15.34
CA TYR A 50 5.41 -11.06 -15.89
C TYR A 50 6.32 -12.26 -16.15
N GLY A 51 6.11 -13.34 -15.40
CA GLY A 51 6.91 -14.54 -15.55
C GLY A 51 8.18 -14.46 -14.71
N ASP A 52 9.32 -14.77 -15.33
CA ASP A 52 10.59 -14.72 -14.63
C ASP A 52 11.27 -13.37 -14.81
N THR A 53 10.69 -12.55 -15.69
CA THR A 53 11.24 -11.22 -15.95
C THR A 53 11.60 -10.52 -14.65
N TRP A 54 12.49 -9.54 -14.74
CA TRP A 54 12.91 -8.79 -13.54
C TRP A 54 11.87 -7.74 -13.19
N ALA A 55 11.20 -7.20 -14.20
CA ALA A 55 10.19 -6.18 -13.98
C ALA A 55 9.20 -6.62 -12.90
N GLY A 56 8.67 -7.84 -13.07
CA GLY A 56 7.72 -8.38 -12.10
C GLY A 56 8.17 -8.12 -10.67
N VAL A 57 9.37 -8.60 -10.35
CA VAL A 57 9.91 -8.40 -9.00
C VAL A 57 10.11 -6.92 -8.71
N GLU A 58 10.26 -6.13 -9.76
CA GLU A 58 10.45 -4.70 -9.59
C GLU A 58 9.16 -4.03 -9.10
N ALA A 59 8.09 -4.19 -9.87
CA ALA A 59 6.81 -3.60 -9.50
C ALA A 59 6.37 -4.09 -8.12
N ILE A 60 6.87 -5.26 -7.73
CA ILE A 60 6.51 -5.83 -6.44
C ILE A 60 7.06 -4.96 -5.31
N ILE A 61 8.21 -4.34 -5.54
CA ILE A 61 8.82 -3.48 -4.54
C ILE A 61 7.98 -2.22 -4.31
N ARG A 62 7.62 -1.55 -5.40
CA ARG A 62 6.82 -0.34 -5.30
C ARG A 62 5.36 -0.69 -5.02
N ILE A 63 4.91 -1.83 -5.54
CA ILE A 63 3.54 -2.26 -5.34
C ILE A 63 3.23 -2.38 -3.86
N LEU A 64 4.00 -3.22 -3.16
CA LEU A 64 3.79 -3.41 -1.72
C LEU A 64 3.91 -2.09 -0.98
N GLN A 65 5.04 -1.42 -1.16
CA GLN A 65 5.28 -0.14 -0.49
C GLN A 65 4.03 0.74 -0.57
N GLN A 66 3.52 0.91 -1.78
CA GLN A 66 2.33 1.74 -1.99
C GLN A 66 1.08 1.02 -1.50
N LEU A 67 1.14 -0.31 -1.50
CA LEU A 67 -0.01 -1.11 -1.06
C LEU A 67 -0.33 -0.83 0.41
N LEU A 68 0.70 -0.64 1.22
CA LEU A 68 0.52 -0.36 2.64
C LEU A 68 -0.34 0.90 2.83
N PHE A 69 -0.31 1.77 1.83
CA PHE A 69 -1.08 3.00 1.89
C PHE A 69 -2.54 2.72 2.21
N ILE A 70 -3.24 2.08 1.26
CA ILE A 70 -4.65 1.76 1.46
C ILE A 70 -4.83 1.00 2.76
N HIS A 71 -3.90 0.11 3.07
CA HIS A 71 -3.96 -0.69 4.29
C HIS A 71 -3.98 0.23 5.52
N PHE A 72 -3.46 1.44 5.35
CA PHE A 72 -3.42 2.40 6.44
C PHE A 72 -4.81 2.98 6.69
N ARG A 73 -5.40 3.56 5.64
CA ARG A 73 -6.72 4.15 5.74
C ARG A 73 -7.67 3.20 6.47
N ILE A 74 -7.79 1.97 5.96
CA ILE A 74 -8.66 0.99 6.57
C ILE A 74 -8.30 0.79 8.03
N GLY A 75 -7.01 0.67 8.31
CA GLY A 75 -6.54 0.50 9.67
C GLY A 75 -5.82 -0.83 9.85
N CYS A 76 -4.63 -0.78 10.44
CA CYS A 76 -3.85 -1.98 10.66
C CYS A 76 -4.31 -2.71 11.92
N ARG A 77 -5.09 -3.76 11.75
CA ARG A 77 -5.59 -4.53 12.88
C ARG A 77 -4.55 -5.57 13.30
N HIS A 78 -3.41 -5.55 12.61
CA HIS A 78 -2.33 -6.48 12.90
C HIS A 78 -1.62 -6.09 14.19
N SER A 79 -1.02 -7.08 14.85
CA SER A 79 -0.30 -6.83 16.09
C SER A 79 1.12 -7.37 16.02
N ASN A 93 16.56 10.74 4.83
CA ASN A 93 15.19 10.60 4.36
C ASN A 93 14.48 11.95 4.38
N PRO A 94 13.89 12.33 3.26
CA PRO A 94 13.16 13.62 3.14
C PRO A 94 11.84 13.58 3.90
N LEU A 95 11.58 12.46 4.54
CA LEU A 95 10.35 12.28 5.30
C LEU A 95 10.63 12.42 6.80
N GLU A 96 11.90 12.55 7.14
CA GLU A 96 12.30 12.67 8.54
C GLU A 96 11.56 13.82 9.22
N PHE A 97 11.70 15.02 8.66
CA PHE A 97 11.06 16.21 9.22
C PHE A 97 9.55 16.03 9.32
N LEU A 98 9.02 15.01 8.65
CA LEU A 98 7.58 14.76 8.69
C LEU A 98 7.06 14.86 10.12
N ARG A 99 7.88 14.42 11.08
CA ARG A 99 7.48 14.47 12.48
C ARG A 99 7.34 15.92 12.95
N ASP A 100 8.12 16.80 12.34
CA ASP A 100 8.07 18.22 12.70
C ASP A 100 6.85 18.89 12.10
N GLN A 101 5.91 18.07 11.60
CA GLN A 101 4.70 18.60 11.01
C GLN A 101 3.47 18.07 11.75
N PRO A 102 2.41 18.84 11.77
CA PRO A 102 1.16 18.43 12.46
C PRO A 102 0.45 17.31 11.72
N GLN A 103 0.47 17.39 10.39
CA GLN A 103 -0.17 16.37 9.56
C GLN A 103 0.28 14.97 9.99
N PHE A 104 1.55 14.85 10.36
CA PHE A 104 2.08 13.56 10.78
C PHE A 104 1.80 13.33 12.27
N GLN A 105 2.25 14.25 13.10
CA GLN A 105 2.04 14.13 14.54
C GLN A 105 0.55 14.08 14.86
N ASN A 106 -0.26 14.58 13.93
CA ASN A 106 -1.71 14.58 14.11
C ASN A 106 -2.29 13.23 13.70
N MET A 107 -1.99 12.81 12.48
CA MET A 107 -2.49 11.53 12.00
C MET A 107 -1.79 10.39 12.70
N ARG A 108 -0.58 10.65 13.19
CA ARG A 108 0.20 9.64 13.90
C ARG A 108 -0.66 8.96 14.96
N GLN A 109 -1.22 9.77 15.86
CA GLN A 109 -2.07 9.25 16.91
C GLN A 109 -3.45 8.93 16.38
N VAL A 110 -4.01 9.86 15.61
CA VAL A 110 -5.35 9.67 15.03
C VAL A 110 -5.41 8.37 14.26
N ILE A 111 -4.57 8.25 13.24
CA ILE A 111 -4.54 7.03 12.41
C ILE A 111 -4.23 5.81 13.27
N GLN A 112 -3.31 5.97 14.22
CA GLN A 112 -2.93 4.86 15.09
C GLN A 112 -4.03 4.55 16.10
N GLN A 113 -4.93 5.51 16.31
CA GLN A 113 -6.02 5.31 17.25
C GLN A 113 -7.31 4.89 16.53
N ASN A 114 -7.46 5.36 15.30
CA ASN A 114 -8.64 5.02 14.51
C ASN A 114 -8.41 5.35 13.04
N PRO A 115 -7.67 4.51 12.36
CA PRO A 115 -7.37 4.70 10.91
C PRO A 115 -8.61 5.09 10.11
N ALA A 116 -9.78 4.94 10.73
CA ALA A 116 -11.04 5.28 10.05
C ALA A 116 -11.08 6.77 9.75
N LEU A 117 -10.27 7.54 10.48
CA LEU A 117 -10.22 8.98 10.28
C LEU A 117 -9.05 9.35 9.38
N LEU A 118 -8.30 8.33 8.96
CA LEU A 118 -7.15 8.55 8.09
C LEU A 118 -7.59 8.97 6.70
N PRO A 119 -8.40 8.16 6.07
CA PRO A 119 -8.92 8.45 4.69
C PRO A 119 -9.16 9.94 4.47
N ALA A 120 -9.67 10.61 5.51
CA ALA A 120 -9.94 12.04 5.42
C ALA A 120 -8.69 12.83 5.76
N LEU A 121 -7.91 12.32 6.71
CA LEU A 121 -6.67 13.00 7.12
C LEU A 121 -5.73 13.16 5.93
N LEU A 122 -5.31 12.04 5.36
CA LEU A 122 -4.40 12.08 4.22
C LEU A 122 -4.81 13.18 3.24
N GLN A 123 -6.09 13.21 2.90
CA GLN A 123 -6.60 14.22 1.98
C GLN A 123 -6.12 15.61 2.38
N GLN A 124 -6.10 15.87 3.68
CA GLN A 124 -5.66 17.17 4.18
C GLN A 124 -4.13 17.26 4.17
N LEU A 125 -3.48 16.10 4.14
CA LEU A 125 -2.02 16.05 4.14
C LEU A 125 -1.47 16.51 2.79
N GLY A 126 -1.85 15.78 1.73
CA GLY A 126 -1.39 16.12 0.40
C GLY A 126 -1.96 17.46 -0.05
N GLN A 127 -3.13 17.80 0.45
CA GLN A 127 -3.78 19.06 0.09
C GLN A 127 -2.91 20.23 0.51
N GLU A 128 -2.43 20.20 1.76
CA GLU A 128 -1.58 21.27 2.27
C GLU A 128 -0.12 21.01 1.92
N ASN A 129 0.34 19.80 2.22
CA ASN A 129 1.73 19.43 1.93
C ASN A 129 1.78 18.32 0.89
N PRO A 130 1.69 18.68 -0.37
CA PRO A 130 1.73 17.70 -1.48
C PRO A 130 3.11 17.08 -1.66
N GLN A 131 4.15 17.83 -1.29
CA GLN A 131 5.51 17.35 -1.41
C GLN A 131 5.70 16.07 -0.62
N LEU A 132 4.97 15.96 0.50
CA LEU A 132 5.06 14.76 1.34
C LEU A 132 4.15 13.67 0.81
N LEU A 133 2.91 14.04 0.49
CA LEU A 133 1.95 13.08 -0.03
C LEU A 133 2.59 12.20 -1.09
N GLN A 134 3.52 12.78 -1.84
CA GLN A 134 4.22 12.04 -2.89
C GLN A 134 5.27 11.12 -2.29
N GLN A 135 5.78 11.50 -1.13
CA GLN A 135 6.80 10.71 -0.45
C GLN A 135 6.16 9.61 0.39
N ILE A 136 5.06 9.95 1.06
CA ILE A 136 4.35 8.98 1.89
C ILE A 136 4.20 7.65 1.15
N SER A 137 3.80 7.73 -0.10
CA SER A 137 3.61 6.53 -0.91
C SER A 137 4.97 5.95 -1.31
N ARG A 138 5.99 6.80 -1.29
CA ARG A 138 7.34 6.36 -1.65
C ARG A 138 8.05 5.77 -0.44
N HIS A 139 7.65 6.19 0.75
CA HIS A 139 8.27 5.70 1.97
C HIS A 139 7.22 5.13 2.92
N GLN A 140 6.32 4.32 2.38
CA GLN A 140 5.27 3.71 3.20
C GLN A 140 5.87 3.02 4.41
N GLU A 141 6.75 2.04 4.17
CA GLU A 141 7.39 1.32 5.25
C GLU A 141 7.97 2.30 6.27
N GLN A 142 8.77 3.25 5.77
CA GLN A 142 9.37 4.26 6.64
C GLN A 142 8.28 5.09 7.30
N PHE A 143 7.12 5.16 6.64
CA PHE A 143 5.99 5.91 7.17
C PHE A 143 5.21 5.07 8.16
N ILE A 144 5.26 3.75 7.97
CA ILE A 144 4.55 2.83 8.84
C ILE A 144 5.36 2.55 10.10
N GLN A 145 6.67 2.34 9.93
CA GLN A 145 7.53 2.07 11.06
C GLN A 145 7.27 3.07 12.18
N MET A 146 7.07 4.33 11.81
CA MET A 146 6.80 5.38 12.78
C MET A 146 5.32 5.38 13.16
N LEU A 147 4.46 5.26 12.14
CA LEU A 147 3.02 5.24 12.38
C LEU A 147 2.64 4.04 13.22
N ASN A 148 3.60 3.15 13.44
CA ASN A 148 3.37 1.96 14.25
C ASN A 148 4.23 1.97 15.50
N GLU A 149 5.13 2.96 15.57
CA GLU A 149 6.02 3.08 16.73
C GLU A 149 5.96 4.49 17.30
N PRO A 150 6.38 4.65 18.52
CA PRO A 150 6.38 5.97 19.20
C PRO A 150 7.07 7.05 18.36
N PRO A 151 6.45 8.20 18.26
CA PRO A 151 6.99 9.34 17.47
C PRO A 151 8.44 9.66 17.86
N ILE A 177 -7.71 6.15 -12.65
CA ILE A 177 -7.40 6.60 -13.99
C ILE A 177 -6.67 5.51 -14.76
N GLN A 178 -5.58 5.00 -14.18
CA GLN A 178 -4.79 3.96 -14.82
C GLN A 178 -5.72 2.90 -15.42
N VAL A 179 -6.99 2.92 -15.03
CA VAL A 179 -7.96 1.96 -15.55
C VAL A 179 -8.67 2.55 -16.75
N THR A 180 -9.55 1.77 -17.33
CA THR A 180 -10.32 2.21 -18.48
C THR A 180 -11.73 1.64 -18.41
N PRO A 181 -12.54 1.83 -19.41
CA PRO A 181 -13.94 1.34 -19.42
C PRO A 181 -14.02 -0.19 -19.50
N GLN A 182 -12.93 -0.82 -19.89
CA GLN A 182 -12.91 -2.27 -19.98
C GLN A 182 -12.52 -2.91 -18.65
N GLU A 183 -11.76 -2.17 -17.84
CA GLU A 183 -11.33 -2.65 -16.54
C GLU A 183 -12.34 -2.26 -15.47
N LYS A 184 -12.86 -1.04 -15.61
CA LYS A 184 -13.83 -0.51 -14.67
C LYS A 184 -14.81 -1.58 -14.23
N GLU A 185 -15.60 -2.05 -15.18
CA GLU A 185 -16.59 -3.07 -14.90
C GLU A 185 -16.05 -4.08 -13.89
N ALA A 186 -14.73 -4.27 -13.92
CA ALA A 186 -14.09 -5.19 -12.99
C ALA A 186 -13.77 -4.47 -11.68
N ILE A 187 -13.27 -3.24 -11.80
CA ILE A 187 -12.93 -2.45 -10.62
C ILE A 187 -14.13 -2.36 -9.68
N GLU A 188 -15.24 -1.84 -10.20
CA GLU A 188 -16.44 -1.70 -9.39
C GLU A 188 -16.96 -3.06 -8.96
N ARG A 189 -16.49 -4.12 -9.64
CA ARG A 189 -16.93 -5.46 -9.32
C ARG A 189 -16.35 -5.89 -7.97
N LEU A 190 -15.03 -6.02 -7.91
CA LEU A 190 -14.36 -6.42 -6.67
C LEU A 190 -14.90 -5.60 -5.50
N LYS A 191 -15.50 -4.45 -5.81
CA LYS A 191 -16.06 -3.60 -4.77
C LYS A 191 -17.42 -4.11 -4.32
N ALA A 192 -18.19 -4.63 -5.28
CA ALA A 192 -19.52 -5.14 -4.97
C ALA A 192 -19.45 -6.13 -3.81
N LEU A 193 -18.26 -6.65 -3.54
CA LEU A 193 -18.08 -7.59 -2.45
C LEU A 193 -18.13 -6.86 -1.11
N GLY A 194 -18.32 -5.55 -1.15
CA GLY A 194 -18.39 -4.75 0.07
C GLY A 194 -17.12 -3.94 0.26
N PHE A 195 -16.76 -3.14 -0.74
CA PHE A 195 -15.57 -2.32 -0.67
C PHE A 195 -15.76 -1.01 -1.44
N PRO A 196 -15.47 0.10 -0.83
CA PRO A 196 -15.61 1.44 -1.46
C PRO A 196 -15.09 1.46 -2.90
N GLU A 197 -15.54 2.42 -3.68
CA GLU A 197 -15.12 2.54 -5.07
C GLU A 197 -13.64 2.95 -5.14
N SER A 198 -13.19 3.68 -4.13
CA SER A 198 -11.80 4.14 -4.09
C SER A 198 -10.88 2.99 -3.70
N LEU A 199 -11.45 1.94 -3.12
CA LEU A 199 -10.67 0.78 -2.70
C LEU A 199 -10.42 -0.15 -3.89
N VAL A 200 -11.45 -0.37 -4.70
CA VAL A 200 -11.32 -1.24 -5.86
C VAL A 200 -10.45 -0.57 -6.92
N ILE A 201 -10.46 0.75 -6.97
CA ILE A 201 -9.67 1.49 -7.94
C ILE A 201 -8.19 1.41 -7.59
N GLN A 202 -7.86 1.72 -6.34
CA GLN A 202 -6.47 1.68 -5.88
C GLN A 202 -5.99 0.24 -5.75
N ALA A 203 -6.73 -0.55 -4.98
CA ALA A 203 -6.36 -1.95 -4.77
C ALA A 203 -5.96 -2.60 -6.10
N TYR A 204 -6.81 -2.45 -7.10
CA TYR A 204 -6.55 -3.03 -8.41
C TYR A 204 -5.14 -2.66 -8.88
N PHE A 205 -4.86 -1.37 -8.95
CA PHE A 205 -3.54 -0.91 -9.38
C PHE A 205 -2.46 -1.40 -8.43
N ALA A 206 -2.75 -1.35 -7.13
CA ALA A 206 -1.78 -1.80 -6.13
C ALA A 206 -1.55 -3.31 -6.27
N CYS A 207 -2.53 -4.01 -6.81
CA CYS A 207 -2.42 -5.45 -6.99
C CYS A 207 -2.03 -5.78 -8.44
N GLU A 208 -1.46 -4.81 -9.13
CA GLU A 208 -1.05 -5.01 -10.51
C GLU A 208 -2.25 -5.38 -11.39
N LYS A 209 -3.25 -4.50 -11.40
CA LYS A 209 -4.46 -4.73 -12.19
C LYS A 209 -4.91 -6.17 -12.07
N ASN A 210 -4.41 -6.88 -11.06
CA ASN A 210 -4.77 -8.27 -10.85
C ASN A 210 -6.07 -8.37 -10.06
N GLU A 211 -7.17 -8.60 -10.76
CA GLU A 211 -8.47 -8.72 -10.11
C GLU A 211 -8.46 -9.87 -9.10
N ASN A 212 -7.71 -10.92 -9.42
CA ASN A 212 -7.61 -12.07 -8.54
C ASN A 212 -6.87 -11.70 -7.26
N LEU A 213 -5.82 -10.90 -7.41
CA LEU A 213 -5.04 -10.48 -6.25
C LEU A 213 -5.87 -9.58 -5.35
N ALA A 214 -6.46 -8.54 -5.94
CA ALA A 214 -7.27 -7.61 -5.18
C ALA A 214 -8.32 -8.36 -4.37
N ALA A 215 -8.99 -9.31 -5.02
CA ALA A 215 -10.02 -10.11 -4.33
C ALA A 215 -9.46 -10.71 -3.06
N ASN A 216 -8.17 -11.03 -3.07
CA ASN A 216 -7.52 -11.62 -1.91
C ASN A 216 -7.06 -10.52 -0.95
N PHE A 217 -6.64 -9.40 -1.51
CA PHE A 217 -6.19 -8.28 -0.69
C PHE A 217 -7.35 -7.67 0.08
N LEU A 218 -8.39 -7.29 -0.66
CA LEU A 218 -9.57 -6.69 -0.04
C LEU A 218 -10.19 -7.66 0.96
N LEU A 219 -10.01 -8.96 0.73
CA LEU A 219 -10.56 -9.97 1.62
C LEU A 219 -9.63 -10.27 2.80
N SER A 220 -8.35 -9.92 2.65
CA SER A 220 -7.38 -10.20 3.71
C SER A 220 -6.93 -8.94 4.46
N GLN A 221 -7.32 -7.76 3.94
CA GLN A 221 -6.92 -6.52 4.60
C GLN A 221 -7.72 -6.30 5.89
N ASN A 222 -7.76 -7.35 6.73
CA ASN A 222 -8.48 -7.28 8.01
C ASN A 222 -9.92 -7.78 7.85
N PHE A 223 -10.87 -6.94 8.25
CA PHE A 223 -12.28 -7.31 8.16
C PHE A 223 -12.45 -8.83 8.17
ZN ZN B . -1.27 -4.31 9.10
N GLU A 13 23.59 -2.12 -11.99
CA GLU A 13 22.19 -2.53 -11.97
C GLU A 13 21.80 -3.03 -10.59
N PRO A 14 21.25 -2.17 -9.77
CA PRO A 14 20.82 -2.52 -8.39
C PRO A 14 19.56 -3.40 -8.39
N TYR A 15 18.65 -3.11 -9.32
CA TYR A 15 17.42 -3.89 -9.43
C TYR A 15 17.71 -5.39 -9.44
N ASN A 16 18.99 -5.74 -9.54
CA ASN A 16 19.39 -7.13 -9.56
C ASN A 16 19.75 -7.62 -8.16
N GLU A 17 20.84 -7.08 -7.61
CA GLU A 17 21.28 -7.46 -6.28
C GLU A 17 20.60 -6.60 -5.24
N TRP A 18 20.44 -5.32 -5.56
CA TRP A 18 19.81 -4.38 -4.64
C TRP A 18 18.34 -4.70 -4.43
N THR A 19 17.58 -4.67 -5.52
CA THR A 19 16.15 -4.96 -5.45
C THR A 19 15.90 -6.21 -4.60
N LEU A 20 16.61 -7.29 -4.93
CA LEU A 20 16.47 -8.54 -4.20
C LEU A 20 16.95 -8.37 -2.77
N GLU A 21 17.80 -7.38 -2.54
CA GLU A 21 18.33 -7.13 -1.21
C GLU A 21 17.25 -6.54 -0.30
N LEU A 22 16.53 -5.55 -0.82
CA LEU A 22 15.47 -4.91 -0.06
C LEU A 22 14.21 -5.76 -0.08
N LEU A 23 14.09 -6.61 -1.09
CA LEU A 23 12.91 -7.47 -1.21
C LEU A 23 12.74 -8.33 0.04
N GLU A 24 13.84 -8.94 0.48
CA GLU A 24 13.81 -9.79 1.67
C GLU A 24 13.45 -8.97 2.90
N GLU A 25 13.95 -7.74 2.96
CA GLU A 25 13.68 -6.86 4.09
C GLU A 25 12.33 -6.18 3.92
N LEU A 26 11.84 -6.13 2.69
CA LEU A 26 10.55 -5.51 2.41
C LEU A 26 9.41 -6.34 3.00
N LYS A 27 9.55 -7.66 2.93
CA LYS A 27 8.53 -8.55 3.45
C LYS A 27 8.60 -8.61 4.97
N SER A 28 9.79 -8.43 5.52
CA SER A 28 9.97 -8.46 6.96
C SER A 28 8.87 -7.69 7.66
N GLU A 29 8.78 -6.39 7.39
CA GLU A 29 7.75 -5.56 8.01
C GLU A 29 6.45 -5.66 7.22
N ALA A 30 6.55 -5.72 5.90
CA ALA A 30 5.38 -5.81 5.04
C ALA A 30 4.57 -7.06 5.39
N VAL A 31 5.21 -8.22 5.27
CA VAL A 31 4.54 -9.49 5.58
C VAL A 31 3.83 -9.40 6.92
N ARG A 32 4.53 -8.87 7.92
CA ARG A 32 3.97 -8.75 9.26
C ARG A 32 2.62 -8.05 9.20
N HIS A 33 2.47 -7.12 8.27
CA HIS A 33 1.22 -6.38 8.12
C HIS A 33 0.52 -6.78 6.83
N PHE A 34 1.16 -7.64 6.05
CA PHE A 34 0.58 -8.10 4.79
C PHE A 34 0.08 -9.54 4.91
N PRO A 35 -1.18 -9.75 4.65
CA PRO A 35 -1.80 -11.11 4.73
C PRO A 35 -1.07 -12.12 3.86
N ARG A 36 -0.61 -13.20 4.47
CA ARG A 36 0.10 -14.24 3.73
C ARG A 36 -0.67 -14.56 2.46
N ILE A 37 -1.93 -14.18 2.44
CA ILE A 37 -2.80 -14.41 1.30
C ILE A 37 -2.31 -13.62 0.09
N TRP A 38 -2.21 -12.29 0.27
CA TRP A 38 -1.76 -11.42 -0.81
C TRP A 38 -0.32 -11.74 -1.19
N LEU A 39 0.50 -12.06 -0.19
CA LEU A 39 1.90 -12.37 -0.43
C LEU A 39 2.04 -13.67 -1.21
N HIS A 40 1.09 -14.58 -1.01
CA HIS A 40 1.13 -15.87 -1.70
C HIS A 40 0.60 -15.72 -3.13
N ASN A 41 -0.46 -14.94 -3.29
CA ASN A 41 -1.04 -14.74 -4.60
C ASN A 41 -0.33 -13.61 -5.35
N LEU A 42 0.30 -12.71 -4.59
CA LEU A 42 1.01 -11.60 -5.19
C LEU A 42 2.22 -12.10 -5.99
N GLY A 43 3.10 -12.83 -5.30
CA GLY A 43 4.28 -13.38 -5.96
C GLY A 43 3.89 -14.44 -6.99
N GLN A 44 2.70 -15.00 -6.83
CA GLN A 44 2.21 -16.03 -7.73
C GLN A 44 1.59 -15.40 -8.98
N HIS A 45 0.57 -14.58 -8.78
CA HIS A 45 -0.10 -13.92 -9.89
C HIS A 45 0.84 -12.95 -10.60
N ILE A 46 1.34 -11.97 -9.85
CA ILE A 46 2.25 -10.98 -10.43
C ILE A 46 3.42 -11.68 -11.10
N TYR A 47 3.66 -12.93 -10.73
CA TYR A 47 4.76 -13.69 -11.32
C TYR A 47 4.33 -14.31 -12.64
N GLU A 48 3.07 -14.73 -12.71
CA GLU A 48 2.55 -15.34 -13.94
C GLU A 48 2.12 -14.26 -14.93
N THR A 49 1.66 -13.13 -14.40
CA THR A 49 1.22 -12.03 -15.25
C THR A 49 2.41 -11.42 -16.00
N TYR A 50 3.48 -11.14 -15.26
CA TYR A 50 4.67 -10.56 -15.87
C TYR A 50 5.65 -11.65 -16.28
N GLY A 51 5.48 -12.84 -15.71
CA GLY A 51 6.34 -13.97 -16.02
C GLY A 51 7.61 -13.94 -15.16
N ASP A 52 8.74 -14.26 -15.77
CA ASP A 52 10.01 -14.28 -15.05
C ASP A 52 10.75 -12.96 -15.24
N THR A 53 10.26 -12.14 -16.17
CA THR A 53 10.89 -10.85 -16.45
C THR A 53 11.22 -10.13 -15.15
N TRP A 54 12.09 -9.12 -15.25
CA TRP A 54 12.49 -8.36 -14.07
C TRP A 54 11.39 -7.38 -13.68
N ALA A 55 10.64 -6.90 -14.68
CA ALA A 55 9.57 -5.95 -14.43
C ALA A 55 8.63 -6.49 -13.35
N GLY A 56 8.60 -7.80 -13.19
CA GLY A 56 7.75 -8.44 -12.20
C GLY A 56 8.32 -8.26 -10.79
N VAL A 57 9.56 -8.69 -10.62
CA VAL A 57 10.22 -8.57 -9.32
C VAL A 57 10.36 -7.11 -8.92
N GLU A 58 10.40 -6.22 -9.92
CA GLU A 58 10.53 -4.80 -9.67
C GLU A 58 9.18 -4.20 -9.28
N ALA A 59 8.11 -4.81 -9.76
CA ALA A 59 6.76 -4.33 -9.46
C ALA A 59 6.36 -4.71 -8.05
N ILE A 60 6.48 -5.99 -7.72
CA ILE A 60 6.13 -6.47 -6.39
C ILE A 60 6.71 -5.56 -5.32
N ILE A 61 7.98 -5.20 -5.47
CA ILE A 61 8.64 -4.32 -4.50
C ILE A 61 7.98 -2.95 -4.49
N ARG A 62 7.65 -2.44 -5.67
CA ARG A 62 7.02 -1.13 -5.78
C ARG A 62 5.60 -1.18 -5.23
N ILE A 63 4.76 -2.03 -5.82
CA ILE A 63 3.38 -2.16 -5.37
C ILE A 63 3.32 -2.55 -3.90
N LEU A 64 4.18 -3.49 -3.51
CA LEU A 64 4.21 -3.96 -2.13
C LEU A 64 4.49 -2.80 -1.18
N GLN A 65 5.09 -1.74 -1.71
CA GLN A 65 5.40 -0.57 -0.90
C GLN A 65 4.13 0.24 -0.61
N GLN A 66 3.39 0.56 -1.67
CA GLN A 66 2.16 1.31 -1.51
C GLN A 66 1.09 0.48 -0.83
N LEU A 67 1.08 -0.81 -1.13
CA LEU A 67 0.10 -1.72 -0.53
C LEU A 67 0.08 -1.55 0.99
N LEU A 68 1.17 -1.02 1.54
CA LEU A 68 1.27 -0.82 2.98
C LEU A 68 0.43 0.39 3.40
N PHE A 69 0.43 1.42 2.56
CA PHE A 69 -0.33 2.63 2.85
C PHE A 69 -1.78 2.27 3.18
N ILE A 70 -2.38 1.45 2.34
CA ILE A 70 -3.76 1.04 2.55
C ILE A 70 -3.92 0.34 3.90
N HIS A 71 -2.81 -0.15 4.44
CA HIS A 71 -2.83 -0.84 5.72
C HIS A 71 -3.22 0.13 6.84
N PHE A 72 -2.93 1.41 6.62
CA PHE A 72 -3.26 2.43 7.61
C PHE A 72 -4.70 2.90 7.44
N ARG A 73 -5.24 2.69 6.24
CA ARG A 73 -6.61 3.10 5.95
C ARG A 73 -7.61 2.24 6.72
N ILE A 74 -7.59 0.94 6.46
CA ILE A 74 -8.50 0.02 7.14
C ILE A 74 -8.13 -0.11 8.61
N GLY A 75 -6.83 -0.03 8.90
CA GLY A 75 -6.36 -0.13 10.27
C GLY A 75 -5.45 -1.33 10.44
N CYS A 76 -4.52 -1.23 11.39
CA CYS A 76 -3.58 -2.31 11.65
C CYS A 76 -4.11 -3.23 12.74
N ARG A 77 -4.58 -4.41 12.33
CA ARG A 77 -5.11 -5.38 13.28
C ARG A 77 -3.99 -5.99 14.12
N HIS A 78 -2.75 -5.76 13.69
CA HIS A 78 -1.60 -6.29 14.40
C HIS A 78 -1.18 -5.34 15.52
N SER A 79 -0.88 -5.92 16.69
CA SER A 79 -0.46 -5.11 17.83
C SER A 79 0.97 -4.63 17.66
N ASN A 93 15.65 12.85 4.58
CA ASN A 93 14.44 12.26 4.03
C ASN A 93 13.32 13.29 3.98
N PRO A 94 12.74 13.47 2.83
CA PRO A 94 11.63 14.46 2.64
C PRO A 94 10.44 14.14 3.53
N LEU A 95 10.49 12.97 4.16
CA LEU A 95 9.42 12.53 5.04
C LEU A 95 9.89 12.54 6.49
N GLU A 96 11.20 12.53 6.69
CA GLU A 96 11.77 12.54 8.03
C GLU A 96 11.23 13.71 8.84
N PHE A 97 11.37 14.92 8.29
CA PHE A 97 10.90 16.11 8.98
C PHE A 97 9.38 16.08 9.15
N LEU A 98 8.75 15.03 8.63
CA LEU A 98 7.30 14.88 8.72
C LEU A 98 6.85 15.03 10.17
N ARG A 99 7.77 14.77 11.10
CA ARG A 99 7.46 14.88 12.52
C ARG A 99 7.19 16.33 12.90
N ASP A 100 7.74 17.25 12.12
CA ASP A 100 7.56 18.67 12.38
C ASP A 100 6.25 19.17 11.76
N GLN A 101 5.42 18.24 11.31
CA GLN A 101 4.15 18.60 10.71
C GLN A 101 2.99 18.07 11.53
N PRO A 102 1.94 18.83 11.66
CA PRO A 102 0.74 18.43 12.45
C PRO A 102 -0.04 17.31 11.76
N GLN A 103 -0.05 17.34 10.44
CA GLN A 103 -0.76 16.32 9.67
C GLN A 103 -0.23 14.93 10.01
N PHE A 104 1.02 14.87 10.45
CA PHE A 104 1.63 13.59 10.80
C PHE A 104 1.18 13.16 12.19
N GLN A 105 1.54 13.94 13.20
CA GLN A 105 1.16 13.62 14.56
C GLN A 105 -0.36 13.60 14.71
N ASN A 106 -1.02 14.59 14.12
CA ASN A 106 -2.47 14.67 14.18
C ASN A 106 -3.10 13.39 13.63
N MET A 107 -2.85 13.12 12.36
CA MET A 107 -3.39 11.92 11.72
C MET A 107 -2.96 10.68 12.48
N ARG A 108 -1.69 10.66 12.90
CA ARG A 108 -1.17 9.51 13.64
C ARG A 108 -2.16 9.06 14.70
N GLN A 109 -2.46 9.95 15.64
CA GLN A 109 -3.41 9.63 16.71
C GLN A 109 -4.75 9.21 16.12
N VAL A 110 -4.96 9.54 14.86
CA VAL A 110 -6.20 9.19 14.19
C VAL A 110 -6.09 7.83 13.49
N ILE A 111 -4.89 7.55 12.98
CA ILE A 111 -4.65 6.29 12.29
C ILE A 111 -4.35 5.18 13.29
N GLN A 112 -3.39 5.44 14.18
CA GLN A 112 -3.01 4.46 15.19
C GLN A 112 -4.18 4.23 16.15
N GLN A 113 -5.05 5.23 16.26
CA GLN A 113 -6.20 5.13 17.15
C GLN A 113 -7.44 4.66 16.38
N ASN A 114 -7.80 5.41 15.34
CA ASN A 114 -8.96 5.06 14.53
C ASN A 114 -8.66 5.24 13.05
N PRO A 115 -8.01 4.29 12.46
CA PRO A 115 -7.66 4.33 11.00
C PRO A 115 -8.84 4.76 10.15
N ALA A 116 -10.02 4.77 10.75
CA ALA A 116 -11.23 5.15 10.04
C ALA A 116 -11.13 6.60 9.55
N LEU A 117 -10.52 7.44 10.36
CA LEU A 117 -10.37 8.85 10.01
C LEU A 117 -9.16 9.06 9.11
N LEU A 118 -8.51 7.97 8.72
CA LEU A 118 -7.34 8.04 7.86
C LEU A 118 -7.75 8.22 6.40
N PRO A 119 -8.64 7.39 5.92
CA PRO A 119 -9.13 7.45 4.52
C PRO A 119 -9.34 8.89 4.05
N ALA A 120 -9.82 9.73 4.95
CA ALA A 120 -10.06 11.14 4.63
C ALA A 120 -8.79 11.96 4.81
N LEU A 121 -8.15 11.80 5.97
CA LEU A 121 -6.92 12.53 6.26
C LEU A 121 -5.95 12.45 5.08
N LEU A 122 -5.62 11.22 4.69
CA LEU A 122 -4.71 11.02 3.57
C LEU A 122 -5.01 12.00 2.44
N GLN A 123 -6.28 12.33 2.28
CA GLN A 123 -6.69 13.26 1.22
C GLN A 123 -6.29 14.69 1.58
N GLN A 124 -6.32 14.99 2.88
CA GLN A 124 -5.95 16.32 3.35
C GLN A 124 -4.44 16.46 3.47
N LEU A 125 -3.75 15.32 3.57
CA LEU A 125 -2.30 15.31 3.69
C LEU A 125 -1.65 15.61 2.33
N GLY A 126 -2.18 15.00 1.28
CA GLY A 126 -1.65 15.19 -0.06
C GLY A 126 -2.04 16.57 -0.60
N GLN A 127 -3.01 17.19 0.06
CA GLN A 127 -3.47 18.51 -0.36
C GLN A 127 -2.63 19.60 0.29
N GLU A 128 -2.10 19.29 1.47
CA GLU A 128 -1.28 20.25 2.20
C GLU A 128 0.17 20.17 1.75
N ASN A 129 0.70 18.95 1.68
CA ASN A 129 2.08 18.74 1.25
C ASN A 129 2.14 17.73 0.11
N PRO A 130 1.73 18.12 -1.06
CA PRO A 130 1.74 17.23 -2.26
C PRO A 130 3.07 16.50 -2.42
N GLN A 131 4.14 17.10 -1.94
CA GLN A 131 5.47 16.50 -2.04
C GLN A 131 5.61 15.37 -1.03
N LEU A 132 5.08 15.58 0.18
CA LEU A 132 5.16 14.57 1.22
C LEU A 132 4.27 13.37 0.88
N LEU A 133 3.29 13.61 0.02
CA LEU A 133 2.38 12.54 -0.39
C LEU A 133 3.11 11.49 -1.23
N GLN A 134 3.95 11.95 -2.15
CA GLN A 134 4.70 11.04 -3.00
C GLN A 134 5.79 10.33 -2.20
N GLN A 135 6.26 10.98 -1.14
CA GLN A 135 7.30 10.41 -0.30
C GLN A 135 6.70 9.40 0.67
N ILE A 136 5.72 9.84 1.44
CA ILE A 136 5.05 8.97 2.40
C ILE A 136 4.74 7.61 1.77
N SER A 137 4.30 7.65 0.51
CA SER A 137 3.95 6.42 -0.20
C SER A 137 5.22 5.67 -0.61
N ARG A 138 6.32 6.40 -0.72
CA ARG A 138 7.59 5.80 -1.12
C ARG A 138 8.40 5.40 0.11
N HIS A 139 7.95 5.84 1.29
CA HIS A 139 8.65 5.52 2.53
C HIS A 139 7.69 4.93 3.54
N GLN A 140 6.94 3.90 3.13
CA GLN A 140 5.99 3.26 4.02
C GLN A 140 6.68 2.81 5.31
N GLU A 141 7.62 1.89 5.18
CA GLU A 141 8.36 1.40 6.34
C GLU A 141 8.74 2.55 7.25
N GLN A 142 9.54 3.47 6.73
CA GLN A 142 9.99 4.62 7.51
C GLN A 142 8.78 5.46 7.93
N PHE A 143 7.69 5.34 7.19
CA PHE A 143 6.48 6.09 7.49
C PHE A 143 5.66 5.35 8.54
N ILE A 144 5.82 4.04 8.59
CA ILE A 144 5.09 3.22 9.56
C ILE A 144 5.81 3.21 10.91
N GLN A 145 7.11 2.90 10.87
CA GLN A 145 7.89 2.85 12.10
C GLN A 145 7.51 3.99 13.03
N MET A 146 7.30 5.17 12.45
CA MET A 146 6.93 6.34 13.24
C MET A 146 5.42 6.33 13.51
N LEU A 147 4.65 5.97 12.50
CA LEU A 147 3.20 5.92 12.65
C LEU A 147 2.79 4.70 13.47
N ASN A 148 3.76 3.84 13.76
CA ASN A 148 3.48 2.64 14.54
C ASN A 148 4.15 2.75 15.92
N GLU A 149 5.15 3.61 16.01
CA GLU A 149 5.86 3.82 17.27
C GLU A 149 5.68 5.25 17.75
N PRO A 150 6.10 5.53 18.96
CA PRO A 150 5.99 6.89 19.55
C PRO A 150 6.63 7.96 18.65
N PRO A 151 5.94 9.05 18.46
CA PRO A 151 6.43 10.18 17.59
C PRO A 151 7.90 10.50 17.87
N ILE A 177 -5.16 6.28 -13.60
CA ILE A 177 -6.12 5.26 -13.90
C ILE A 177 -5.40 3.98 -14.32
N GLN A 178 -4.59 4.08 -15.37
CA GLN A 178 -3.85 2.92 -15.88
C GLN A 178 -4.78 1.91 -16.54
N VAL A 179 -6.02 1.89 -16.09
CA VAL A 179 -7.01 0.98 -16.65
C VAL A 179 -7.82 1.67 -17.73
N THR A 180 -8.74 0.93 -18.31
CA THR A 180 -9.59 1.47 -19.35
C THR A 180 -11.05 1.25 -18.97
N PRO A 181 -11.99 1.55 -19.85
CA PRO A 181 -13.43 1.37 -19.55
C PRO A 181 -13.82 -0.09 -19.51
N GLN A 182 -12.96 -0.93 -20.09
CA GLN A 182 -13.21 -2.37 -20.12
C GLN A 182 -12.69 -3.05 -18.87
N GLU A 183 -11.56 -2.57 -18.33
CA GLU A 183 -10.99 -3.15 -17.13
C GLU A 183 -11.58 -2.47 -15.91
N LYS A 184 -11.77 -1.16 -16.02
CA LYS A 184 -12.33 -0.38 -14.93
C LYS A 184 -13.53 -1.08 -14.33
N GLU A 185 -14.57 -1.26 -15.13
CA GLU A 185 -15.78 -1.91 -14.67
C GLU A 185 -15.46 -3.06 -13.71
N ALA A 186 -14.25 -3.59 -13.83
CA ALA A 186 -13.83 -4.69 -12.98
C ALA A 186 -13.54 -4.18 -11.57
N ILE A 187 -12.89 -3.03 -11.49
CA ILE A 187 -12.55 -2.44 -10.20
C ILE A 187 -13.81 -2.14 -9.40
N GLU A 188 -14.65 -1.26 -9.93
CA GLU A 188 -15.89 -0.89 -9.27
C GLU A 188 -16.69 -2.13 -8.89
N ARG A 189 -16.36 -3.26 -9.52
CA ARG A 189 -17.06 -4.50 -9.22
C ARG A 189 -16.66 -5.03 -7.85
N LEU A 190 -15.45 -4.69 -7.43
CA LEU A 190 -14.96 -5.14 -6.12
C LEU A 190 -15.46 -4.23 -5.02
N LYS A 191 -15.42 -2.92 -5.26
CA LYS A 191 -15.87 -1.94 -4.27
C LYS A 191 -17.30 -2.26 -3.83
N ALA A 192 -18.05 -2.90 -4.72
CA ALA A 192 -19.43 -3.27 -4.40
C ALA A 192 -19.48 -4.31 -3.30
N LEU A 193 -18.33 -4.95 -3.05
CA LEU A 193 -18.25 -5.97 -2.01
C LEU A 193 -18.23 -5.34 -0.62
N GLY A 194 -18.51 -4.05 -0.57
CA GLY A 194 -18.51 -3.33 0.70
C GLY A 194 -17.28 -2.43 0.82
N PHE A 195 -16.50 -2.36 -0.25
CA PHE A 195 -15.30 -1.53 -0.24
C PHE A 195 -15.51 -0.29 -1.12
N PRO A 196 -14.90 0.81 -0.74
CA PRO A 196 -15.01 2.09 -1.49
C PRO A 196 -14.50 1.95 -2.93
N GLU A 197 -14.92 2.87 -3.79
CA GLU A 197 -14.50 2.86 -5.19
C GLU A 197 -13.00 3.13 -5.29
N SER A 198 -12.57 4.20 -4.64
CA SER A 198 -11.16 4.57 -4.67
C SER A 198 -10.32 3.51 -3.96
N LEU A 199 -10.94 2.80 -3.02
CA LEU A 199 -10.24 1.76 -2.28
C LEU A 199 -9.87 0.60 -3.20
N VAL A 200 -10.74 0.31 -4.17
CA VAL A 200 -10.48 -0.77 -5.11
C VAL A 200 -9.57 -0.28 -6.24
N ILE A 201 -9.72 0.98 -6.61
CA ILE A 201 -8.91 1.55 -7.69
C ILE A 201 -7.45 1.61 -7.28
N GLN A 202 -7.19 1.86 -6.00
CA GLN A 202 -5.83 1.93 -5.50
C GLN A 202 -5.24 0.53 -5.33
N ALA A 203 -6.06 -0.39 -4.84
CA ALA A 203 -5.61 -1.76 -4.63
C ALA A 203 -5.57 -2.51 -5.96
N TYR A 204 -6.49 -2.17 -6.85
CA TYR A 204 -6.57 -2.82 -8.16
C TYR A 204 -5.33 -2.48 -8.98
N PHE A 205 -4.83 -1.26 -8.81
CA PHE A 205 -3.66 -0.81 -9.55
C PHE A 205 -2.39 -1.34 -8.89
N ALA A 206 -2.38 -1.37 -7.57
CA ALA A 206 -1.22 -1.86 -6.83
C ALA A 206 -1.20 -3.38 -6.84
N CYS A 207 -2.37 -3.99 -7.07
CA CYS A 207 -2.48 -5.44 -7.10
C CYS A 207 -2.25 -5.97 -8.52
N GLU A 208 -1.84 -5.08 -9.41
CA GLU A 208 -1.58 -5.47 -10.80
C GLU A 208 -2.89 -5.66 -11.55
N LYS A 209 -3.84 -4.78 -11.30
CA LYS A 209 -5.14 -4.85 -11.97
C LYS A 209 -5.69 -6.27 -11.94
N ASN A 210 -5.08 -7.12 -11.10
CA ASN A 210 -5.51 -8.50 -10.99
C ASN A 210 -6.59 -8.64 -9.92
N GLU A 211 -7.85 -8.63 -10.34
CA GLU A 211 -8.96 -8.75 -9.40
C GLU A 211 -8.67 -9.86 -8.38
N ASN A 212 -8.32 -11.03 -8.88
CA ASN A 212 -8.01 -12.16 -8.02
C ASN A 212 -7.16 -11.70 -6.84
N LEU A 213 -6.19 -10.84 -7.10
CA LEU A 213 -5.32 -10.32 -6.05
C LEU A 213 -5.97 -9.14 -5.35
N ALA A 214 -6.48 -8.19 -6.13
CA ALA A 214 -7.12 -7.01 -5.57
C ALA A 214 -8.20 -7.42 -4.57
N ALA A 215 -8.81 -8.57 -4.80
CA ALA A 215 -9.86 -9.06 -3.91
C ALA A 215 -9.24 -9.72 -2.68
N ASN A 216 -8.08 -10.33 -2.87
CA ASN A 216 -7.39 -11.00 -1.76
C ASN A 216 -6.93 -9.97 -0.73
N PHE A 217 -6.33 -8.89 -1.21
CA PHE A 217 -5.84 -7.84 -0.31
C PHE A 217 -7.00 -7.18 0.41
N LEU A 218 -8.10 -6.96 -0.32
CA LEU A 218 -9.27 -6.32 0.26
C LEU A 218 -9.96 -7.27 1.24
N LEU A 219 -9.97 -8.56 0.89
CA LEU A 219 -10.59 -9.56 1.75
C LEU A 219 -9.65 -9.94 2.89
N SER A 220 -8.36 -9.73 2.66
CA SER A 220 -7.36 -10.04 3.68
C SER A 220 -6.81 -8.77 4.30
N GLN A 221 -7.45 -7.64 3.98
CA GLN A 221 -7.02 -6.35 4.50
C GLN A 221 -7.30 -6.23 6.00
N ASN A 222 -6.89 -7.25 6.76
CA ASN A 222 -7.10 -7.25 8.20
C ASN A 222 -8.57 -7.50 8.54
N PHE A 223 -9.19 -6.56 9.23
CA PHE A 223 -10.60 -6.68 9.61
C PHE A 223 -10.95 -8.16 9.85
ZN ZN B . -0.52 -4.31 10.79
N GLU A 13 22.65 -1.85 -13.34
CA GLU A 13 22.33 -1.45 -11.98
C GLU A 13 22.42 -2.62 -11.03
N PRO A 14 22.64 -2.36 -9.77
CA PRO A 14 22.74 -3.41 -8.72
C PRO A 14 21.39 -4.03 -8.39
N TYR A 15 20.33 -3.52 -9.02
CA TYR A 15 18.99 -4.01 -8.78
C TYR A 15 18.89 -5.52 -8.97
N ASN A 16 20.00 -6.15 -9.34
CA ASN A 16 20.01 -7.58 -9.56
C ASN A 16 19.99 -8.32 -8.21
N GLU A 17 21.12 -8.28 -7.51
CA GLU A 17 21.23 -8.94 -6.21
C GLU A 17 20.77 -7.99 -5.11
N TRP A 18 21.04 -6.70 -5.32
CA TRP A 18 20.68 -5.68 -4.35
C TRP A 18 19.19 -5.69 -4.06
N THR A 19 18.39 -5.57 -5.11
CA THR A 19 16.94 -5.54 -4.94
C THR A 19 16.49 -6.59 -3.93
N LEU A 20 17.24 -7.68 -3.84
CA LEU A 20 16.89 -8.75 -2.91
C LEU A 20 17.26 -8.35 -1.49
N GLU A 21 18.40 -7.69 -1.34
CA GLU A 21 18.86 -7.26 -0.03
C GLU A 21 17.88 -6.27 0.59
N LEU A 22 17.19 -5.52 -0.26
CA LEU A 22 16.22 -4.54 0.20
C LEU A 22 14.88 -5.21 0.50
N LEU A 23 14.40 -6.00 -0.45
CA LEU A 23 13.13 -6.69 -0.28
C LEU A 23 13.06 -7.36 1.09
N GLU A 24 14.18 -7.92 1.52
CA GLU A 24 14.24 -8.58 2.82
C GLU A 24 13.57 -7.73 3.89
N GLU A 25 13.72 -6.41 3.78
CA GLU A 25 13.12 -5.51 4.75
C GLU A 25 11.66 -5.23 4.38
N LEU A 26 11.44 -4.72 3.16
CA LEU A 26 10.10 -4.42 2.70
C LEU A 26 9.17 -5.59 2.97
N LYS A 27 9.57 -6.78 2.51
CA LYS A 27 8.76 -7.97 2.71
C LYS A 27 8.60 -8.28 4.20
N SER A 28 9.59 -7.86 4.99
CA SER A 28 9.54 -8.09 6.43
C SER A 28 8.44 -7.27 7.07
N GLU A 29 8.43 -5.97 6.80
CA GLU A 29 7.42 -5.08 7.36
C GLU A 29 6.03 -5.43 6.82
N ALA A 30 5.97 -5.77 5.53
CA ALA A 30 4.71 -6.13 4.91
C ALA A 30 4.24 -7.50 5.37
N VAL A 31 5.17 -8.46 5.40
CA VAL A 31 4.84 -9.81 5.82
C VAL A 31 4.02 -9.78 7.11
N ARG A 32 4.33 -8.82 7.98
CA ARG A 32 3.61 -8.69 9.24
C ARG A 32 2.41 -7.75 9.09
N HIS A 33 2.42 -6.98 8.00
CA HIS A 33 1.32 -6.05 7.74
C HIS A 33 0.54 -6.47 6.51
N PHE A 34 0.62 -7.76 6.18
CA PHE A 34 -0.10 -8.29 5.02
C PHE A 34 -0.51 -9.73 5.26
N PRO A 35 -1.63 -10.12 4.69
CA PRO A 35 -2.16 -11.50 4.83
C PRO A 35 -1.28 -12.53 4.10
N ARG A 36 -0.93 -13.60 4.80
CA ARG A 36 -0.09 -14.64 4.21
C ARG A 36 -0.56 -14.98 2.80
N ILE A 37 -1.86 -15.25 2.65
CA ILE A 37 -2.41 -15.59 1.35
C ILE A 37 -1.99 -14.57 0.30
N TRP A 38 -2.37 -13.32 0.50
CA TRP A 38 -2.03 -12.26 -0.44
C TRP A 38 -0.55 -12.32 -0.79
N LEU A 39 0.30 -12.22 0.22
CA LEU A 39 1.74 -12.27 -0.01
C LEU A 39 2.07 -13.43 -0.94
N HIS A 40 1.19 -14.42 -0.98
CA HIS A 40 1.39 -15.58 -1.84
C HIS A 40 0.97 -15.28 -3.28
N ASN A 41 -0.31 -14.95 -3.46
CA ASN A 41 -0.81 -14.63 -4.80
C ASN A 41 -0.08 -13.43 -5.38
N LEU A 42 0.43 -12.57 -4.49
CA LEU A 42 1.14 -11.38 -4.94
C LEU A 42 2.35 -11.78 -5.78
N GLY A 43 3.20 -12.63 -5.22
CA GLY A 43 4.38 -13.10 -5.93
C GLY A 43 4.01 -14.24 -6.88
N GLN A 44 2.88 -14.88 -6.59
CA GLN A 44 2.41 -15.98 -7.43
C GLN A 44 1.87 -15.44 -8.76
N HIS A 45 1.09 -14.37 -8.69
CA HIS A 45 0.52 -13.77 -9.88
C HIS A 45 1.59 -12.99 -10.64
N ILE A 46 2.15 -11.97 -10.00
CA ILE A 46 3.19 -11.17 -10.62
C ILE A 46 4.23 -12.07 -11.26
N TYR A 47 4.27 -13.33 -10.83
CA TYR A 47 5.23 -14.29 -11.37
C TYR A 47 4.70 -14.89 -12.67
N GLU A 48 3.41 -15.20 -12.69
CA GLU A 48 2.79 -15.78 -13.88
C GLU A 48 2.49 -14.69 -14.90
N THR A 49 2.34 -13.47 -14.43
CA THR A 49 2.05 -12.34 -15.33
C THR A 49 3.31 -11.92 -16.08
N TYR A 50 4.32 -11.48 -15.33
CA TYR A 50 5.57 -11.04 -15.94
C TYR A 50 6.51 -12.23 -16.14
N GLY A 51 6.21 -13.33 -15.48
CA GLY A 51 7.04 -14.52 -15.59
C GLY A 51 8.20 -14.48 -14.59
N ASP A 52 9.42 -14.58 -15.11
CA ASP A 52 10.60 -14.55 -14.25
C ASP A 52 11.42 -13.30 -14.51
N THR A 53 11.01 -12.52 -15.51
CA THR A 53 11.73 -11.29 -15.86
C THR A 53 12.05 -10.50 -14.60
N TRP A 54 13.09 -9.67 -14.69
CA TRP A 54 13.50 -8.86 -13.55
C TRP A 54 12.46 -7.77 -13.28
N ALA A 55 11.69 -7.42 -14.31
CA ALA A 55 10.67 -6.39 -14.15
C ALA A 55 9.70 -6.75 -13.03
N GLY A 56 9.32 -8.02 -12.98
CA GLY A 56 8.39 -8.49 -11.96
C GLY A 56 9.00 -8.35 -10.57
N VAL A 57 10.30 -8.60 -10.47
CA VAL A 57 11.00 -8.50 -9.19
C VAL A 57 11.14 -7.03 -8.77
N GLU A 58 11.37 -6.16 -9.74
CA GLU A 58 11.52 -4.74 -9.47
C GLU A 58 10.16 -4.08 -9.34
N ALA A 59 9.18 -4.61 -10.06
CA ALA A 59 7.83 -4.07 -10.02
C ALA A 59 7.06 -4.61 -8.84
N ILE A 60 7.18 -5.92 -8.60
CA ILE A 60 6.49 -6.57 -7.49
C ILE A 60 6.64 -5.74 -6.22
N ILE A 61 7.78 -5.08 -6.07
CA ILE A 61 8.04 -4.26 -4.88
C ILE A 61 7.11 -3.05 -4.88
N ARG A 62 6.96 -2.42 -6.04
CA ARG A 62 6.10 -1.24 -6.15
C ARG A 62 4.67 -1.60 -5.79
N ILE A 63 4.37 -2.89 -5.78
CA ILE A 63 3.03 -3.36 -5.45
C ILE A 63 2.81 -3.36 -3.94
N LEU A 64 3.76 -3.95 -3.21
CA LEU A 64 3.68 -4.01 -1.76
C LEU A 64 3.75 -2.60 -1.16
N GLN A 65 4.78 -1.86 -1.56
CA GLN A 65 4.95 -0.50 -1.05
C GLN A 65 3.66 0.29 -1.18
N GLN A 66 3.19 0.46 -2.40
CA GLN A 66 1.96 1.20 -2.65
C GLN A 66 0.80 0.59 -1.86
N LEU A 67 0.91 -0.70 -1.57
CA LEU A 67 -0.13 -1.40 -0.82
C LEU A 67 -0.08 -1.02 0.65
N LEU A 68 1.13 -0.87 1.18
CA LEU A 68 1.30 -0.51 2.58
C LEU A 68 0.46 0.72 2.93
N PHE A 69 0.35 1.62 1.96
CA PHE A 69 -0.43 2.84 2.16
C PHE A 69 -1.86 2.51 2.54
N ILE A 70 -2.51 1.67 1.72
CA ILE A 70 -3.88 1.29 1.98
C ILE A 70 -3.98 0.52 3.29
N HIS A 71 -2.86 -0.02 3.75
CA HIS A 71 -2.83 -0.77 4.99
C HIS A 71 -3.32 0.10 6.14
N PHE A 72 -3.12 1.40 6.01
CA PHE A 72 -3.56 2.35 7.05
C PHE A 72 -5.03 2.71 6.85
N ARG A 73 -5.42 2.93 5.60
CA ARG A 73 -6.78 3.32 5.27
C ARG A 73 -7.79 2.46 6.04
N ILE A 74 -7.77 1.16 5.80
CA ILE A 74 -8.69 0.25 6.46
C ILE A 74 -8.30 0.06 7.92
N GLY A 75 -7.01 0.14 8.20
CA GLY A 75 -6.51 -0.01 9.56
C GLY A 75 -5.59 -1.21 9.68
N CYS A 76 -4.59 -1.09 10.55
CA CYS A 76 -3.63 -2.17 10.76
C CYS A 76 -4.11 -3.12 11.85
N ARG A 77 -4.48 -4.33 11.47
CA ARG A 77 -4.96 -5.31 12.43
C ARG A 77 -3.83 -5.76 13.35
N HIS A 78 -2.59 -5.58 12.87
CA HIS A 78 -1.42 -5.96 13.67
C HIS A 78 -1.05 -4.85 14.64
N SER A 79 -0.78 -5.23 15.88
CA SER A 79 -0.40 -4.27 16.91
C SER A 79 -1.53 -3.25 17.12
N ASN A 93 16.18 13.00 4.83
CA ASN A 93 15.05 12.24 4.32
C ASN A 93 13.83 13.14 4.16
N PRO A 94 13.29 13.18 2.97
CA PRO A 94 12.09 14.02 2.68
C PRO A 94 10.93 13.66 3.59
N LEU A 95 11.13 12.60 4.36
CA LEU A 95 10.12 12.12 5.28
C LEU A 95 10.51 12.43 6.72
N GLU A 96 11.81 12.62 6.94
CA GLU A 96 12.31 12.91 8.28
C GLU A 96 11.78 14.25 8.77
N PHE A 97 11.91 15.29 7.94
CA PHE A 97 11.45 16.62 8.30
C PHE A 97 9.93 16.64 8.41
N LEU A 98 9.30 15.51 8.13
CA LEU A 98 7.84 15.43 8.19
C LEU A 98 7.36 15.73 9.60
N ARG A 99 7.78 14.90 10.55
CA ARG A 99 7.37 15.05 11.95
C ARG A 99 7.30 16.53 12.36
N ASP A 100 7.93 17.39 11.58
CA ASP A 100 7.93 18.82 11.87
C ASP A 100 6.51 19.39 11.83
N GLN A 101 5.55 18.60 11.34
CA GLN A 101 4.18 19.08 11.26
C GLN A 101 3.30 18.43 12.34
N PRO A 102 2.16 19.02 12.60
CA PRO A 102 1.20 18.50 13.62
C PRO A 102 0.45 17.25 13.13
N GLN A 103 -0.02 17.31 11.87
CA GLN A 103 -0.78 16.20 11.29
C GLN A 103 -0.12 14.85 11.55
N PHE A 104 1.13 14.69 11.10
CA PHE A 104 1.84 13.44 11.31
C PHE A 104 1.68 12.99 12.75
N GLN A 105 1.64 13.97 13.65
CA GLN A 105 1.49 13.68 15.08
C GLN A 105 0.02 13.46 15.43
N ASN A 106 -0.87 14.18 14.75
CA ASN A 106 -2.30 14.05 15.00
C ASN A 106 -2.87 12.84 14.27
N MET A 107 -2.76 12.85 12.94
CA MET A 107 -3.27 11.76 12.13
C MET A 107 -2.80 10.42 12.68
N ARG A 108 -1.59 10.40 13.23
CA ARG A 108 -1.04 9.17 13.79
C ARG A 108 -1.93 8.62 14.89
N GLN A 109 -2.10 9.41 15.95
CA GLN A 109 -2.93 8.99 17.06
C GLN A 109 -4.34 8.66 16.58
N VAL A 110 -4.71 9.23 15.44
CA VAL A 110 -6.03 9.01 14.88
C VAL A 110 -6.00 7.85 13.88
N ILE A 111 -4.82 7.60 13.31
CA ILE A 111 -4.68 6.52 12.34
C ILE A 111 -4.37 5.19 13.02
N GLN A 112 -3.35 5.19 13.88
CA GLN A 112 -2.96 3.96 14.57
C GLN A 112 -4.00 3.59 15.63
N GLN A 113 -4.81 4.56 16.02
CA GLN A 113 -5.85 4.31 17.03
C GLN A 113 -7.13 3.83 16.37
N ASN A 114 -7.65 4.63 15.44
CA ASN A 114 -8.87 4.28 14.72
C ASN A 114 -8.76 4.66 13.26
N PRO A 115 -8.02 3.90 12.49
CA PRO A 115 -7.82 4.17 11.05
C PRO A 115 -9.13 4.60 10.37
N ALA A 116 -10.25 4.35 11.03
CA ALA A 116 -11.55 4.72 10.50
C ALA A 116 -11.59 6.20 10.15
N LEU A 117 -10.68 6.97 10.76
CA LEU A 117 -10.62 8.40 10.52
C LEU A 117 -9.44 8.75 9.61
N LEU A 118 -8.71 7.73 9.17
CA LEU A 118 -7.56 7.96 8.30
C LEU A 118 -8.00 8.43 6.92
N PRO A 119 -8.85 7.67 6.27
CA PRO A 119 -9.35 7.99 4.91
C PRO A 119 -9.54 9.49 4.72
N ALA A 120 -9.92 10.18 5.80
CA ALA A 120 -10.14 11.62 5.74
C ALA A 120 -8.83 12.37 5.98
N LEU A 121 -7.99 11.82 6.86
CA LEU A 121 -6.71 12.44 7.18
C LEU A 121 -5.81 12.50 5.95
N LEU A 122 -5.45 11.33 5.44
CA LEU A 122 -4.59 11.25 4.26
C LEU A 122 -5.13 12.13 3.14
N GLN A 123 -6.40 12.48 3.23
CA GLN A 123 -7.03 13.33 2.21
C GLN A 123 -6.52 14.76 2.31
N GLN A 124 -6.37 15.24 3.54
CA GLN A 124 -5.89 16.60 3.76
C GLN A 124 -4.36 16.64 3.78
N LEU A 125 -3.75 15.49 4.02
CA LEU A 125 -2.30 15.40 4.06
C LEU A 125 -1.70 15.68 2.68
N GLY A 126 -2.07 14.85 1.70
CA GLY A 126 -1.58 15.02 0.34
C GLY A 126 -2.00 16.36 -0.24
N GLN A 127 -2.98 16.99 0.39
CA GLN A 127 -3.48 18.27 -0.08
C GLN A 127 -2.66 19.41 0.52
N GLU A 128 -2.10 19.18 1.70
CA GLU A 128 -1.31 20.19 2.37
C GLU A 128 0.18 20.01 2.04
N ASN A 129 0.67 18.80 2.21
CA ASN A 129 2.08 18.51 1.92
C ASN A 129 2.20 17.60 0.69
N PRO A 130 2.15 18.19 -0.47
CA PRO A 130 2.26 17.43 -1.75
C PRO A 130 3.67 16.90 -2.00
N GLN A 131 4.66 17.61 -1.48
CA GLN A 131 6.05 17.21 -1.66
C GLN A 131 6.35 15.97 -0.82
N LEU A 132 5.62 15.81 0.28
CA LEU A 132 5.81 14.67 1.17
C LEU A 132 5.01 13.47 0.65
N LEU A 133 3.77 13.72 0.25
CA LEU A 133 2.91 12.66 -0.26
C LEU A 133 3.69 11.79 -1.25
N GLN A 134 4.39 12.44 -2.17
CA GLN A 134 5.18 11.71 -3.16
C GLN A 134 6.23 10.85 -2.47
N GLN A 135 6.65 11.27 -1.28
CA GLN A 135 7.64 10.52 -0.52
C GLN A 135 6.99 9.41 0.29
N ILE A 136 5.85 9.73 0.90
CA ILE A 136 5.13 8.76 1.70
C ILE A 136 5.04 7.42 0.98
N SER A 137 4.66 7.46 -0.30
CA SER A 137 4.55 6.24 -1.09
C SER A 137 5.93 5.68 -1.39
N ARG A 138 6.94 6.53 -1.33
CA ARG A 138 8.31 6.12 -1.59
C ARG A 138 8.95 5.51 -0.34
N HIS A 139 8.59 6.03 0.82
CA HIS A 139 9.14 5.53 2.07
C HIS A 139 8.04 4.92 2.95
N GLN A 140 7.10 4.22 2.31
CA GLN A 140 6.01 3.60 3.05
C GLN A 140 6.54 2.92 4.31
N GLU A 141 7.55 2.07 4.15
CA GLU A 141 8.14 1.38 5.28
C GLU A 141 8.48 2.36 6.39
N GLN A 142 9.42 3.27 6.11
CA GLN A 142 9.83 4.26 7.10
C GLN A 142 8.59 4.96 7.67
N PHE A 143 7.71 5.40 6.78
CA PHE A 143 6.49 6.08 7.20
C PHE A 143 5.72 5.20 8.18
N ILE A 144 5.54 3.93 7.82
CA ILE A 144 4.81 3.00 8.67
C ILE A 144 5.46 2.89 10.04
N GLN A 145 6.79 2.81 10.06
CA GLN A 145 7.52 2.70 11.31
C GLN A 145 6.88 3.59 12.37
N MET A 146 6.75 4.87 12.04
CA MET A 146 6.15 5.83 12.96
C MET A 146 4.63 5.81 12.80
N LEU A 147 4.16 5.86 11.56
CA LEU A 147 2.72 5.84 11.31
C LEU A 147 2.10 4.63 11.99
N ASN A 148 2.95 3.73 12.47
CA ASN A 148 2.48 2.53 13.15
C ASN A 148 2.99 2.49 14.59
N GLU A 149 3.84 3.46 14.94
CA GLU A 149 4.40 3.52 16.29
C GLU A 149 4.68 4.96 16.70
N PRO A 150 5.21 5.16 17.86
CA PRO A 150 5.53 6.53 18.38
C PRO A 150 6.31 7.34 17.34
N PRO A 151 6.10 8.62 17.30
CA PRO A 151 6.80 9.52 16.33
C PRO A 151 8.30 9.35 16.37
N ILE A 177 -8.06 6.04 -14.28
CA ILE A 177 -7.84 6.23 -15.70
C ILE A 177 -7.21 5.00 -16.32
N GLN A 178 -6.10 4.57 -15.73
CA GLN A 178 -5.39 3.38 -16.22
C GLN A 178 -6.38 2.29 -16.62
N VAL A 179 -7.61 2.39 -16.14
CA VAL A 179 -8.63 1.39 -16.46
C VAL A 179 -9.47 1.83 -17.65
N THR A 180 -10.40 0.98 -18.05
CA THR A 180 -11.28 1.28 -19.17
C THR A 180 -12.67 0.72 -18.89
N PRO A 181 -13.56 0.85 -19.84
CA PRO A 181 -14.95 0.35 -19.71
C PRO A 181 -14.99 -1.16 -19.52
N GLN A 182 -13.86 -1.80 -19.84
CA GLN A 182 -13.75 -3.25 -19.71
C GLN A 182 -13.36 -3.65 -18.29
N GLU A 183 -12.30 -3.03 -17.77
CA GLU A 183 -11.83 -3.35 -16.43
C GLU A 183 -12.58 -2.53 -15.37
N LYS A 184 -13.01 -1.34 -15.76
CA LYS A 184 -13.74 -0.47 -14.85
C LYS A 184 -14.69 -1.25 -13.97
N GLU A 185 -15.69 -1.86 -14.61
CA GLU A 185 -16.67 -2.65 -13.88
C GLU A 185 -16.00 -3.43 -12.76
N ALA A 186 -14.84 -3.99 -13.04
CA ALA A 186 -14.10 -4.76 -12.04
C ALA A 186 -13.84 -3.90 -10.80
N ILE A 187 -13.28 -2.72 -11.01
CA ILE A 187 -12.99 -1.83 -9.90
C ILE A 187 -14.27 -1.46 -9.16
N GLU A 188 -15.29 -1.07 -9.91
CA GLU A 188 -16.56 -0.70 -9.31
C GLU A 188 -17.31 -1.92 -8.82
N ARG A 189 -16.96 -3.08 -9.36
CA ARG A 189 -17.60 -4.32 -8.97
C ARG A 189 -16.96 -4.85 -7.69
N LEU A 190 -15.65 -4.71 -7.60
CA LEU A 190 -14.92 -5.16 -6.42
C LEU A 190 -15.42 -4.42 -5.20
N LYS A 191 -15.56 -3.10 -5.33
CA LYS A 191 -16.05 -2.28 -4.24
C LYS A 191 -17.46 -2.72 -3.83
N ALA A 192 -18.10 -3.48 -4.71
CA ALA A 192 -19.45 -3.97 -4.43
C ALA A 192 -19.43 -5.04 -3.34
N LEU A 193 -18.23 -5.57 -3.07
CA LEU A 193 -18.08 -6.60 -2.05
C LEU A 193 -18.16 -5.99 -0.66
N GLY A 194 -18.53 -4.71 -0.60
CA GLY A 194 -18.63 -4.02 0.68
C GLY A 194 -17.47 -3.05 0.89
N PHE A 195 -16.99 -2.49 -0.22
CA PHE A 195 -15.87 -1.54 -0.15
C PHE A 195 -16.15 -0.32 -1.02
N PRO A 196 -15.45 0.75 -0.80
CA PRO A 196 -15.63 2.01 -1.59
C PRO A 196 -15.23 1.83 -3.04
N GLU A 197 -15.78 2.68 -3.91
CA GLU A 197 -15.48 2.61 -5.33
C GLU A 197 -14.04 3.02 -5.60
N SER A 198 -13.69 4.24 -5.17
CA SER A 198 -12.33 4.74 -5.38
C SER A 198 -11.31 3.86 -4.67
N LEU A 199 -11.69 3.34 -3.51
CA LEU A 199 -10.79 2.48 -2.74
C LEU A 199 -10.31 1.31 -3.58
N VAL A 200 -11.15 0.88 -4.53
CA VAL A 200 -10.79 -0.24 -5.40
C VAL A 200 -9.93 0.25 -6.56
N ILE A 201 -10.19 1.47 -7.01
CA ILE A 201 -9.44 2.05 -8.13
C ILE A 201 -7.94 1.95 -7.87
N GLN A 202 -7.52 2.36 -6.67
CA GLN A 202 -6.11 2.32 -6.32
C GLN A 202 -5.64 0.88 -6.12
N ALA A 203 -6.26 0.19 -5.18
CA ALA A 203 -5.91 -1.20 -4.90
C ALA A 203 -5.77 -1.99 -6.20
N TYR A 204 -6.70 -1.78 -7.13
CA TYR A 204 -6.67 -2.48 -8.40
C TYR A 204 -5.39 -2.16 -9.15
N PHE A 205 -5.02 -0.88 -9.17
CA PHE A 205 -3.81 -0.45 -9.87
C PHE A 205 -2.57 -0.76 -9.02
N ALA A 206 -2.78 -0.95 -7.73
CA ALA A 206 -1.68 -1.25 -6.82
C ALA A 206 -1.40 -2.75 -6.80
N CYS A 207 -2.34 -3.54 -7.29
CA CYS A 207 -2.19 -4.99 -7.31
C CYS A 207 -1.96 -5.49 -8.74
N GLU A 208 -1.47 -4.60 -9.60
CA GLU A 208 -1.21 -4.96 -10.99
C GLU A 208 -2.51 -5.10 -11.76
N LYS A 209 -3.57 -4.48 -11.26
CA LYS A 209 -4.86 -4.53 -11.92
C LYS A 209 -5.43 -5.95 -11.85
N ASN A 210 -5.07 -6.68 -10.81
CA ASN A 210 -5.56 -8.05 -10.64
C ASN A 210 -6.80 -8.08 -9.76
N GLU A 211 -7.96 -8.08 -10.40
CA GLU A 211 -9.23 -8.10 -9.66
C GLU A 211 -9.19 -9.18 -8.57
N ASN A 212 -8.44 -10.24 -8.84
CA ASN A 212 -8.32 -11.34 -7.88
C ASN A 212 -7.43 -10.93 -6.72
N LEU A 213 -6.18 -10.61 -7.04
CA LEU A 213 -5.22 -10.19 -6.01
C LEU A 213 -5.76 -9.00 -5.22
N ALA A 214 -6.22 -7.99 -5.94
CA ALA A 214 -6.75 -6.79 -5.29
C ALA A 214 -7.82 -7.17 -4.27
N ALA A 215 -8.74 -8.03 -4.67
CA ALA A 215 -9.81 -8.47 -3.79
C ALA A 215 -9.23 -9.08 -2.52
N ASN A 216 -8.45 -10.14 -2.68
CA ASN A 216 -7.84 -10.81 -1.54
C ASN A 216 -7.26 -9.79 -0.56
N PHE A 217 -6.39 -8.92 -1.07
CA PHE A 217 -5.77 -7.90 -0.24
C PHE A 217 -6.85 -7.02 0.39
N LEU A 218 -7.98 -6.91 -0.29
CA LEU A 218 -9.09 -6.09 0.21
C LEU A 218 -9.86 -6.84 1.28
N LEU A 219 -10.07 -8.14 1.07
CA LEU A 219 -10.80 -8.96 2.02
C LEU A 219 -9.89 -9.43 3.14
N SER A 220 -8.58 -9.43 2.88
CA SER A 220 -7.62 -9.86 3.89
C SER A 220 -6.85 -8.66 4.44
N GLN A 221 -7.32 -7.46 4.14
CA GLN A 221 -6.67 -6.25 4.61
C GLN A 221 -6.63 -6.20 6.14
N ASN A 222 -7.79 -6.36 6.78
CA ASN A 222 -7.87 -6.33 8.23
C ASN A 222 -9.29 -6.12 8.70
N PHE A 223 -9.80 -4.90 8.54
CA PHE A 223 -11.15 -4.57 8.97
C PHE A 223 -11.32 -4.83 10.46
ZN ZN B . -0.39 -4.14 10.04
N GLU A 13 23.77 -1.93 -11.85
CA GLU A 13 22.53 -2.70 -11.85
C GLU A 13 22.22 -3.23 -10.45
N PRO A 14 21.96 -2.34 -9.53
CA PRO A 14 21.64 -2.71 -8.12
C PRO A 14 20.24 -3.32 -7.99
N TYR A 15 19.30 -2.79 -8.76
CA TYR A 15 17.93 -3.29 -8.73
C TYR A 15 17.90 -4.81 -8.87
N ASN A 16 19.05 -5.40 -9.17
CA ASN A 16 19.14 -6.84 -9.34
C ASN A 16 19.49 -7.52 -8.01
N GLU A 17 20.71 -7.29 -7.52
CA GLU A 17 21.15 -7.89 -6.27
C GLU A 17 20.77 -7.00 -5.10
N TRP A 18 20.96 -5.70 -5.28
CA TRP A 18 20.66 -4.73 -4.24
C TRP A 18 19.17 -4.73 -3.91
N THR A 19 18.34 -4.67 -4.93
CA THR A 19 16.90 -4.64 -4.75
C THR A 19 16.45 -5.66 -3.69
N LEU A 20 17.22 -6.73 -3.56
CA LEU A 20 16.88 -7.76 -2.57
C LEU A 20 17.07 -7.23 -1.16
N GLU A 21 18.21 -6.59 -0.92
CA GLU A 21 18.51 -6.04 0.40
C GLU A 21 17.39 -5.10 0.86
N LEU A 22 16.82 -4.37 -0.09
CA LEU A 22 15.74 -3.44 0.22
C LEU A 22 14.41 -4.19 0.32
N LEU A 23 14.13 -5.05 -0.66
CA LEU A 23 12.90 -5.80 -0.68
C LEU A 23 12.77 -6.67 0.58
N GLU A 24 13.68 -7.62 0.72
CA GLU A 24 13.67 -8.51 1.87
C GLU A 24 13.28 -7.75 3.13
N GLU A 25 13.90 -6.59 3.33
CA GLU A 25 13.61 -5.78 4.51
C GLU A 25 12.24 -5.13 4.40
N LEU A 26 11.97 -4.51 3.26
CA LEU A 26 10.69 -3.84 3.03
C LEU A 26 9.54 -4.83 3.20
N LYS A 27 9.56 -5.89 2.41
CA LYS A 27 8.51 -6.91 2.47
C LYS A 27 8.44 -7.52 3.86
N SER A 28 9.52 -7.40 4.62
CA SER A 28 9.57 -7.96 5.97
C SER A 28 8.56 -7.26 6.88
N GLU A 29 8.71 -5.96 7.04
CA GLU A 29 7.82 -5.19 7.90
C GLU A 29 6.36 -5.50 7.58
N ALA A 30 6.05 -5.58 6.29
CA ALA A 30 4.68 -5.86 5.85
C ALA A 30 4.35 -7.34 6.05
N VAL A 31 5.16 -8.20 5.44
CA VAL A 31 4.93 -9.64 5.54
C VAL A 31 4.58 -10.05 6.97
N ARG A 32 5.14 -9.33 7.93
CA ARG A 32 4.87 -9.63 9.34
C ARG A 32 3.38 -9.46 9.65
N HIS A 33 2.79 -8.40 9.11
CA HIS A 33 1.38 -8.16 9.33
C HIS A 33 0.63 -8.20 8.00
N PHE A 34 1.20 -8.89 7.02
CA PHE A 34 0.56 -8.99 5.71
C PHE A 34 -0.02 -10.38 5.53
N PRO A 35 -1.18 -10.46 4.95
CA PRO A 35 -1.88 -11.76 4.70
C PRO A 35 -1.06 -12.65 3.75
N ARG A 36 -0.74 -13.86 4.23
CA ARG A 36 0.04 -14.79 3.43
C ARG A 36 -0.60 -15.02 2.07
N ILE A 37 -1.93 -15.08 2.04
CA ILE A 37 -2.64 -15.30 0.79
C ILE A 37 -2.22 -14.27 -0.25
N TRP A 38 -2.37 -12.99 0.09
CA TRP A 38 -2.00 -11.92 -0.82
C TRP A 38 -0.52 -12.01 -1.19
N LEU A 39 0.31 -12.24 -0.18
CA LEU A 39 1.75 -12.35 -0.40
C LEU A 39 2.06 -13.61 -1.22
N HIS A 40 1.20 -14.61 -1.11
CA HIS A 40 1.39 -15.86 -1.83
C HIS A 40 0.99 -15.69 -3.29
N ASN A 41 -0.05 -14.91 -3.53
CA ASN A 41 -0.53 -14.67 -4.89
C ASN A 41 0.28 -13.56 -5.55
N LEU A 42 0.57 -12.51 -4.80
CA LEU A 42 1.35 -11.40 -5.33
C LEU A 42 2.49 -11.90 -6.20
N GLY A 43 3.09 -13.01 -5.79
CA GLY A 43 4.20 -13.61 -6.53
C GLY A 43 3.67 -14.47 -7.68
N GLN A 44 2.44 -14.95 -7.53
CA GLN A 44 1.82 -15.78 -8.55
C GLN A 44 1.24 -14.92 -9.67
N HIS A 45 0.42 -13.95 -9.29
CA HIS A 45 -0.21 -13.06 -10.26
C HIS A 45 0.85 -12.24 -10.99
N ILE A 46 1.61 -11.45 -10.23
CA ILE A 46 2.66 -10.63 -10.83
C ILE A 46 3.61 -11.48 -11.66
N TYR A 47 3.67 -12.77 -11.34
CA TYR A 47 4.55 -13.68 -12.06
C TYR A 47 3.95 -14.02 -13.43
N GLU A 48 2.62 -14.05 -13.49
CA GLU A 48 1.94 -14.37 -14.74
C GLU A 48 1.88 -13.13 -15.64
N THR A 49 1.68 -11.97 -15.03
CA THR A 49 1.61 -10.72 -15.78
C THR A 49 3.00 -10.31 -16.26
N TYR A 50 3.92 -10.16 -15.32
CA TYR A 50 5.29 -9.75 -15.65
C TYR A 50 6.08 -10.96 -16.16
N GLY A 51 5.65 -12.15 -15.78
CA GLY A 51 6.34 -13.36 -16.21
C GLY A 51 7.49 -13.70 -15.27
N ASP A 52 8.67 -13.90 -15.85
CA ASP A 52 9.85 -14.23 -15.06
C ASP A 52 10.87 -13.09 -15.12
N THR A 53 10.53 -12.03 -15.86
CA THR A 53 11.41 -10.88 -16.00
C THR A 53 11.78 -10.33 -14.63
N TRP A 54 12.72 -9.39 -14.61
CA TRP A 54 13.16 -8.78 -13.35
C TRP A 54 12.16 -7.72 -12.90
N ALA A 55 11.58 -7.02 -13.86
CA ALA A 55 10.60 -5.97 -13.56
C ALA A 55 9.52 -6.52 -12.62
N GLY A 56 9.23 -7.81 -12.74
CA GLY A 56 8.21 -8.43 -11.91
C GLY A 56 8.60 -8.33 -10.42
N VAL A 57 9.81 -8.78 -10.12
CA VAL A 57 10.29 -8.73 -8.74
C VAL A 57 10.39 -7.31 -8.24
N GLU A 58 10.68 -6.38 -9.15
CA GLU A 58 10.80 -4.97 -8.80
C GLU A 58 9.44 -4.37 -8.51
N ALA A 59 8.51 -4.56 -9.44
CA ALA A 59 7.16 -4.02 -9.29
C ALA A 59 6.56 -4.48 -7.95
N ILE A 60 6.96 -5.66 -7.50
CA ILE A 60 6.46 -6.19 -6.24
C ILE A 60 6.73 -5.23 -5.10
N ILE A 61 7.79 -4.43 -5.24
CA ILE A 61 8.16 -3.47 -4.21
C ILE A 61 7.25 -2.24 -4.29
N ARG A 62 7.21 -1.62 -5.45
CA ARG A 62 6.38 -0.43 -5.64
C ARG A 62 4.96 -0.68 -5.13
N ILE A 63 4.40 -1.83 -5.50
CA ILE A 63 3.05 -2.19 -5.08
C ILE A 63 3.03 -2.50 -3.59
N LEU A 64 4.10 -3.12 -3.10
CA LEU A 64 4.19 -3.47 -1.69
C LEU A 64 3.77 -2.30 -0.81
N GLN A 65 4.29 -1.11 -1.13
CA GLN A 65 3.96 0.08 -0.36
C GLN A 65 2.55 0.56 -0.71
N GLN A 66 2.32 0.80 -2.00
CA GLN A 66 1.01 1.27 -2.46
C GLN A 66 -0.10 0.49 -1.76
N LEU A 67 0.20 -0.74 -1.35
CA LEU A 67 -0.78 -1.58 -0.68
C LEU A 67 -0.88 -1.19 0.79
N LEU A 68 0.25 -1.12 1.46
CA LEU A 68 0.28 -0.76 2.88
C LEU A 68 -0.43 0.57 3.11
N PHE A 69 -0.26 1.48 2.16
CA PHE A 69 -0.89 2.80 2.26
C PHE A 69 -2.38 2.65 2.53
N ILE A 70 -3.04 1.82 1.72
CA ILE A 70 -4.48 1.60 1.89
C ILE A 70 -4.75 0.82 3.18
N HIS A 71 -4.07 -0.31 3.32
CA HIS A 71 -4.23 -1.14 4.52
C HIS A 71 -4.28 -0.27 5.76
N PHE A 72 -3.71 0.93 5.66
CA PHE A 72 -3.68 1.87 6.77
C PHE A 72 -5.09 2.42 7.02
N ARG A 73 -5.67 3.03 6.00
CA ARG A 73 -7.00 3.59 6.11
C ARG A 73 -7.93 2.62 6.83
N ILE A 74 -8.06 1.42 6.28
CA ILE A 74 -8.92 0.40 6.88
C ILE A 74 -8.57 0.23 8.36
N GLY A 75 -7.28 0.14 8.65
CA GLY A 75 -6.82 -0.03 10.01
C GLY A 75 -6.06 -1.34 10.19
N CYS A 76 -4.88 -1.25 10.78
CA CYS A 76 -4.06 -2.44 11.00
C CYS A 76 -4.55 -3.21 12.23
N ARG A 77 -5.29 -4.29 11.99
CA ARG A 77 -5.80 -5.10 13.09
C ARG A 77 -4.70 -6.04 13.57
N HIS A 78 -3.63 -6.12 12.78
CA HIS A 78 -2.51 -6.99 13.11
C HIS A 78 -1.87 -6.56 14.43
N SER A 79 -1.32 -7.53 15.16
CA SER A 79 -0.68 -7.24 16.43
C SER A 79 0.83 -7.42 16.34
N ASN A 93 15.98 9.38 4.69
CA ASN A 93 14.71 9.28 4.01
C ASN A 93 14.21 10.66 3.62
N PRO A 94 13.30 10.72 2.69
CA PRO A 94 12.71 12.00 2.21
C PRO A 94 11.54 12.46 3.09
N LEU A 95 11.18 11.64 4.07
CA LEU A 95 10.07 11.97 4.95
C LEU A 95 10.50 11.92 6.42
N GLU A 96 11.78 12.15 6.67
CA GLU A 96 12.31 12.13 8.02
C GLU A 96 11.86 13.36 8.78
N PHE A 97 12.08 14.53 8.18
CA PHE A 97 11.68 15.79 8.82
C PHE A 97 10.19 15.76 9.15
N LEU A 98 9.43 14.98 8.39
CA LEU A 98 8.00 14.87 8.61
C LEU A 98 7.70 14.64 10.09
N ARG A 99 8.70 14.14 10.82
CA ARG A 99 8.54 13.90 12.24
C ARG A 99 7.98 15.13 12.94
N ASP A 100 8.40 16.30 12.46
CA ASP A 100 7.93 17.55 13.05
C ASP A 100 6.79 18.13 12.22
N GLN A 101 6.34 17.39 11.22
CA GLN A 101 5.25 17.84 10.38
C GLN A 101 3.91 17.63 11.10
N PRO A 102 2.96 18.47 10.84
CA PRO A 102 1.61 18.36 11.47
C PRO A 102 0.85 17.16 10.94
N GLN A 103 0.80 17.04 9.62
CA GLN A 103 0.09 15.92 8.99
C GLN A 103 0.50 14.61 9.65
N PHE A 104 1.77 14.49 10.00
CA PHE A 104 2.26 13.27 10.63
C PHE A 104 1.65 13.09 12.02
N GLN A 105 1.90 14.06 12.90
CA GLN A 105 1.39 13.99 14.26
C GLN A 105 -0.15 14.06 14.26
N ASN A 106 -0.72 14.60 13.17
CA ASN A 106 -2.16 14.71 13.07
C ASN A 106 -2.77 13.42 12.54
N MET A 107 -2.24 12.93 11.43
CA MET A 107 -2.74 11.69 10.84
C MET A 107 -2.27 10.49 11.63
N ARG A 108 -1.06 10.59 12.18
CA ARG A 108 -0.50 9.49 12.95
C ARG A 108 -1.28 9.28 14.25
N GLN A 109 -1.28 10.31 15.09
CA GLN A 109 -2.00 10.22 16.37
C GLN A 109 -3.45 9.84 16.15
N VAL A 110 -3.98 10.19 14.98
CA VAL A 110 -5.37 9.88 14.66
C VAL A 110 -5.50 8.48 14.06
N ILE A 111 -4.69 8.21 13.04
CA ILE A 111 -4.72 6.90 12.37
C ILE A 111 -4.46 5.78 13.37
N GLN A 112 -3.37 5.89 14.12
CA GLN A 112 -3.03 4.86 15.10
C GLN A 112 -4.14 4.73 16.14
N GLN A 113 -4.91 5.79 16.33
CA GLN A 113 -6.00 5.77 17.29
C GLN A 113 -7.27 5.26 16.63
N ASN A 114 -7.45 5.59 15.35
CA ASN A 114 -8.62 5.14 14.61
C ASN A 114 -8.40 5.33 13.11
N PRO A 115 -7.85 4.35 12.46
CA PRO A 115 -7.61 4.40 10.99
C PRO A 115 -8.87 4.81 10.23
N ALA A 116 -9.98 4.87 10.97
CA ALA A 116 -11.26 5.25 10.38
C ALA A 116 -11.24 6.71 9.98
N LEU A 117 -10.35 7.48 10.61
CA LEU A 117 -10.23 8.90 10.31
C LEU A 117 -9.09 9.14 9.33
N LEU A 118 -8.50 8.06 8.85
CA LEU A 118 -7.39 8.15 7.90
C LEU A 118 -7.89 8.59 6.52
N PRO A 119 -8.84 7.87 5.97
CA PRO A 119 -9.41 8.18 4.63
C PRO A 119 -9.48 9.69 4.39
N ALA A 120 -9.84 10.44 5.43
CA ALA A 120 -9.94 11.89 5.32
C ALA A 120 -8.59 12.54 5.57
N LEU A 121 -7.85 12.00 6.55
CA LEU A 121 -6.53 12.54 6.88
C LEU A 121 -5.65 12.63 5.63
N LEU A 122 -5.37 11.48 5.03
CA LEU A 122 -4.54 11.44 3.83
C LEU A 122 -4.98 12.52 2.84
N GLN A 123 -6.26 12.53 2.51
CA GLN A 123 -6.79 13.51 1.58
C GLN A 123 -6.31 14.90 1.92
N GLN A 124 -6.08 15.14 3.22
CA GLN A 124 -5.62 16.45 3.66
C GLN A 124 -4.10 16.54 3.58
N LEU A 125 -3.45 15.38 3.55
CA LEU A 125 -1.99 15.33 3.47
C LEU A 125 -1.53 15.55 2.03
N GLY A 126 -1.97 14.68 1.13
CA GLY A 126 -1.60 14.79 -0.27
C GLY A 126 -2.02 16.13 -0.85
N GLN A 127 -2.90 16.82 -0.13
CA GLN A 127 -3.39 18.12 -0.59
C GLN A 127 -2.45 19.23 -0.12
N GLU A 128 -2.12 19.22 1.17
CA GLU A 128 -1.24 20.24 1.73
C GLU A 128 0.23 19.87 1.47
N ASN A 129 0.46 18.62 1.11
CA ASN A 129 1.82 18.16 0.84
C ASN A 129 1.80 17.04 -0.19
N PRO A 130 1.31 17.32 -1.37
CA PRO A 130 1.23 16.32 -2.48
C PRO A 130 2.55 15.59 -2.68
N GLN A 131 3.65 16.31 -2.49
CA GLN A 131 4.98 15.72 -2.66
C GLN A 131 5.21 14.61 -1.64
N LEU A 132 4.78 14.86 -0.40
CA LEU A 132 4.94 13.86 0.65
C LEU A 132 4.10 12.63 0.36
N LEU A 133 2.81 12.85 0.10
CA LEU A 133 1.90 11.74 -0.20
C LEU A 133 2.55 10.76 -1.17
N GLN A 134 3.29 11.30 -2.14
CA GLN A 134 3.95 10.46 -3.12
C GLN A 134 5.09 9.66 -2.48
N GLN A 135 5.76 10.27 -1.51
CA GLN A 135 6.86 9.61 -0.82
C GLN A 135 6.32 8.62 0.21
N ILE A 136 5.39 9.08 1.03
CA ILE A 136 4.81 8.22 2.06
C ILE A 136 4.46 6.85 1.48
N SER A 137 3.77 6.85 0.35
CA SER A 137 3.38 5.60 -0.30
C SER A 137 4.60 4.89 -0.88
N ARG A 138 5.65 5.67 -1.14
CA ARG A 138 6.88 5.11 -1.70
C ARG A 138 7.65 4.33 -0.65
N HIS A 139 7.66 4.85 0.58
CA HIS A 139 8.38 4.19 1.66
C HIS A 139 7.42 3.82 2.79
N GLN A 140 6.31 3.19 2.44
CA GLN A 140 5.33 2.77 3.43
C GLN A 140 6.02 2.33 4.72
N GLU A 141 6.82 1.27 4.61
CA GLU A 141 7.53 0.76 5.78
C GLU A 141 8.08 1.90 6.63
N GLN A 142 8.97 2.70 6.05
CA GLN A 142 9.56 3.82 6.77
C GLN A 142 8.45 4.73 7.31
N PHE A 143 7.33 4.76 6.60
CA PHE A 143 6.20 5.60 7.02
C PHE A 143 5.35 4.87 8.05
N ILE A 144 5.40 3.55 8.03
CA ILE A 144 4.63 2.74 8.97
C ILE A 144 5.38 2.59 10.29
N GLN A 145 6.61 2.09 10.21
CA GLN A 145 7.41 1.90 11.41
C GLN A 145 7.22 3.07 12.37
N MET A 146 7.04 4.27 11.80
CA MET A 146 6.83 5.46 12.61
C MET A 146 5.36 5.59 12.98
N LEU A 147 4.50 5.41 12.00
CA LEU A 147 3.06 5.50 12.22
C LEU A 147 2.56 4.31 13.02
N ASN A 148 3.44 3.33 13.22
CA ASN A 148 3.09 2.14 13.97
C ASN A 148 3.35 2.34 15.46
N GLU A 149 4.10 3.39 15.78
CA GLU A 149 4.42 3.68 17.18
C GLU A 149 4.07 5.13 17.51
N PRO A 150 3.90 5.42 18.78
CA PRO A 150 3.55 6.79 19.25
C PRO A 150 4.71 7.76 19.05
N PRO A 151 4.42 9.00 18.78
CA PRO A 151 5.44 10.06 18.56
C PRO A 151 6.56 10.00 19.61
N ILE A 177 -8.34 6.44 -13.40
CA ILE A 177 -8.22 6.79 -14.79
C ILE A 177 -7.45 5.75 -15.60
N GLN A 178 -6.26 5.40 -15.10
CA GLN A 178 -5.43 4.43 -15.79
C GLN A 178 -6.26 3.25 -16.32
N VAL A 179 -7.48 3.13 -15.82
CA VAL A 179 -8.37 2.06 -16.27
C VAL A 179 -9.30 2.55 -17.36
N THR A 180 -10.13 1.64 -17.85
CA THR A 180 -11.09 1.97 -18.89
C THR A 180 -12.41 1.26 -18.62
N PRO A 181 -13.32 1.27 -19.54
CA PRO A 181 -14.66 0.62 -19.36
C PRO A 181 -14.55 -0.90 -19.30
N GLN A 182 -13.43 -1.44 -19.78
CA GLN A 182 -13.23 -2.87 -19.78
C GLN A 182 -12.62 -3.33 -18.46
N GLU A 183 -11.68 -2.56 -17.93
CA GLU A 183 -11.04 -2.91 -16.66
C GLU A 183 -11.86 -2.38 -15.49
N LYS A 184 -12.41 -1.18 -15.66
CA LYS A 184 -13.23 -0.58 -14.61
C LYS A 184 -14.15 -1.61 -13.97
N GLU A 185 -15.07 -2.13 -14.78
CA GLU A 185 -16.02 -3.12 -14.29
C GLU A 185 -15.31 -4.16 -13.42
N ALA A 186 -14.00 -4.27 -13.61
CA ALA A 186 -13.21 -5.22 -12.84
C ALA A 186 -12.79 -4.62 -11.50
N ILE A 187 -12.58 -3.30 -11.49
CA ILE A 187 -12.19 -2.62 -10.26
C ILE A 187 -13.32 -2.62 -9.25
N GLU A 188 -14.42 -1.98 -9.62
CA GLU A 188 -15.58 -1.91 -8.73
C GLU A 188 -15.99 -3.31 -8.27
N ARG A 189 -15.53 -4.33 -8.99
CA ARG A 189 -15.86 -5.70 -8.64
C ARG A 189 -15.21 -6.08 -7.30
N LEU A 190 -14.12 -5.40 -6.96
CA LEU A 190 -13.43 -5.66 -5.72
C LEU A 190 -14.10 -4.93 -4.57
N LYS A 191 -14.60 -3.73 -4.84
CA LYS A 191 -15.26 -2.94 -3.81
C LYS A 191 -16.72 -3.38 -3.66
N ALA A 192 -17.24 -4.04 -4.69
CA ALA A 192 -18.63 -4.50 -4.65
C ALA A 192 -18.92 -5.23 -3.35
N LEU A 193 -17.85 -5.60 -2.64
CA LEU A 193 -18.01 -6.32 -1.38
C LEU A 193 -18.33 -5.34 -0.25
N GLY A 194 -18.51 -4.07 -0.59
CA GLY A 194 -18.82 -3.06 0.41
C GLY A 194 -17.61 -2.17 0.70
N PHE A 195 -17.06 -1.57 -0.36
CA PHE A 195 -15.90 -0.70 -0.19
C PHE A 195 -16.03 0.54 -1.09
N PRO A 196 -15.36 1.60 -0.73
CA PRO A 196 -15.40 2.87 -1.50
C PRO A 196 -15.04 2.66 -2.97
N GLU A 197 -15.44 3.60 -3.81
CA GLU A 197 -15.15 3.51 -5.24
C GLU A 197 -13.67 3.68 -5.50
N SER A 198 -13.07 4.69 -4.87
CA SER A 198 -11.65 4.95 -5.05
C SER A 198 -10.81 4.01 -4.20
N LEU A 199 -11.30 3.70 -3.00
CA LEU A 199 -10.58 2.80 -2.11
C LEU A 199 -10.10 1.56 -2.85
N VAL A 200 -10.94 1.04 -3.73
CA VAL A 200 -10.59 -0.15 -4.49
C VAL A 200 -9.73 0.21 -5.70
N ILE A 201 -10.08 1.34 -6.34
CA ILE A 201 -9.33 1.79 -7.51
C ILE A 201 -7.83 1.81 -7.21
N GLN A 202 -7.48 2.17 -5.99
CA GLN A 202 -6.08 2.23 -5.59
C GLN A 202 -5.50 0.82 -5.49
N ALA A 203 -6.24 -0.08 -4.86
CA ALA A 203 -5.78 -1.46 -4.72
C ALA A 203 -5.55 -2.09 -6.09
N TYR A 204 -6.56 -2.00 -6.95
CA TYR A 204 -6.46 -2.57 -8.29
C TYR A 204 -5.13 -2.20 -8.93
N PHE A 205 -4.81 -0.92 -8.93
CA PHE A 205 -3.56 -0.44 -9.52
C PHE A 205 -2.39 -0.70 -8.57
N ALA A 206 -2.67 -0.70 -7.27
CA ALA A 206 -1.64 -0.93 -6.28
C ALA A 206 -1.21 -2.39 -6.28
N CYS A 207 -2.07 -3.25 -6.81
CA CYS A 207 -1.77 -4.68 -6.88
C CYS A 207 -1.48 -5.11 -8.31
N GLU A 208 -1.26 -4.14 -9.18
CA GLU A 208 -0.97 -4.42 -10.59
C GLU A 208 -2.24 -4.83 -11.32
N LYS A 209 -3.22 -3.93 -11.30
CA LYS A 209 -4.50 -4.19 -11.98
C LYS A 209 -4.95 -5.63 -11.74
N ASN A 210 -4.38 -6.28 -10.73
CA ASN A 210 -4.73 -7.65 -10.42
C ASN A 210 -6.00 -7.71 -9.57
N GLU A 211 -7.04 -8.33 -10.11
CA GLU A 211 -8.29 -8.46 -9.38
C GLU A 211 -8.15 -9.44 -8.23
N ASN A 212 -7.49 -10.57 -8.50
CA ASN A 212 -7.27 -11.57 -7.47
C ASN A 212 -6.52 -10.97 -6.30
N LEU A 213 -5.31 -10.48 -6.56
CA LEU A 213 -4.50 -9.87 -5.52
C LEU A 213 -5.31 -8.85 -4.74
N ALA A 214 -5.74 -7.80 -5.43
CA ALA A 214 -6.53 -6.75 -4.79
C ALA A 214 -7.67 -7.36 -3.99
N ALA A 215 -8.18 -8.49 -4.46
CA ALA A 215 -9.27 -9.17 -3.77
C ALA A 215 -8.74 -9.96 -2.58
N ASN A 216 -7.46 -10.31 -2.64
CA ASN A 216 -6.84 -11.07 -1.56
C ASN A 216 -6.38 -10.13 -0.44
N PHE A 217 -5.74 -9.04 -0.84
CA PHE A 217 -5.25 -8.06 0.13
C PHE A 217 -6.40 -7.23 0.68
N LEU A 218 -7.34 -6.87 -0.20
CA LEU A 218 -8.50 -6.08 0.21
C LEU A 218 -9.38 -6.89 1.16
N LEU A 219 -9.51 -8.18 0.88
CA LEU A 219 -10.34 -9.06 1.71
C LEU A 219 -9.55 -9.53 2.92
N SER A 220 -8.24 -9.34 2.89
CA SER A 220 -7.38 -9.76 3.99
C SER A 220 -6.94 -8.56 4.84
N GLN A 221 -7.54 -7.41 4.58
CA GLN A 221 -7.20 -6.18 5.32
C GLN A 221 -7.42 -6.36 6.82
N ASN A 222 -7.94 -7.53 7.21
CA ASN A 222 -8.18 -7.81 8.62
C ASN A 222 -9.58 -7.37 9.06
N PHE A 223 -9.92 -6.11 8.75
CA PHE A 223 -11.23 -5.56 9.12
C PHE A 223 -11.73 -6.17 10.43
ZN ZN B . -1.45 -4.64 9.42
N GLU A 13 24.97 -5.36 -11.12
CA GLU A 13 23.63 -5.94 -11.11
C GLU A 13 22.93 -5.68 -9.78
N PRO A 14 22.43 -4.49 -9.61
CA PRO A 14 21.72 -4.09 -8.36
C PRO A 14 20.35 -4.75 -8.24
N TYR A 15 19.43 -4.38 -9.15
CA TYR A 15 18.08 -4.94 -9.13
C TYR A 15 18.13 -6.45 -8.94
N ASN A 16 19.31 -7.04 -9.09
CA ASN A 16 19.47 -8.48 -8.93
C ASN A 16 19.72 -8.83 -7.47
N GLU A 17 20.92 -8.52 -6.98
CA GLU A 17 21.26 -8.81 -5.59
C GLU A 17 20.85 -7.67 -4.68
N TRP A 18 20.99 -6.45 -5.19
CA TRP A 18 20.64 -5.27 -4.41
C TRP A 18 19.14 -5.21 -4.12
N THR A 19 18.34 -5.18 -5.18
CA THR A 19 16.90 -5.12 -5.02
C THR A 19 16.43 -6.13 -3.98
N LEU A 20 16.91 -7.36 -4.10
CA LEU A 20 16.53 -8.41 -3.16
C LEU A 20 17.05 -8.10 -1.77
N GLU A 21 18.11 -7.30 -1.70
CA GLU A 21 18.70 -6.92 -0.42
C GLU A 21 17.81 -5.91 0.30
N LEU A 22 17.37 -4.89 -0.44
CA LEU A 22 16.51 -3.87 0.13
C LEU A 22 15.06 -4.33 0.15
N LEU A 23 14.73 -5.27 -0.74
CA LEU A 23 13.38 -5.80 -0.81
C LEU A 23 13.07 -6.67 0.40
N GLU A 24 13.85 -7.74 0.56
CA GLU A 24 13.66 -8.65 1.69
C GLU A 24 13.51 -7.87 3.00
N GLU A 25 14.24 -6.76 3.10
CA GLU A 25 14.17 -5.94 4.30
C GLU A 25 12.96 -5.00 4.25
N LEU A 26 12.59 -4.61 3.04
CA LEU A 26 11.46 -3.71 2.86
C LEU A 26 10.17 -4.36 3.38
N LYS A 27 9.80 -5.48 2.76
CA LYS A 27 8.59 -6.19 3.16
C LYS A 27 8.71 -6.69 4.59
N SER A 28 9.96 -6.85 5.06
CA SER A 28 10.20 -7.33 6.41
C SER A 28 9.24 -6.67 7.40
N GLU A 29 8.78 -5.47 7.06
CA GLU A 29 7.86 -4.74 7.92
C GLU A 29 6.41 -5.13 7.60
N ALA A 30 6.13 -5.34 6.33
CA ALA A 30 4.78 -5.70 5.90
C ALA A 30 4.56 -7.20 6.06
N VAL A 31 5.45 -7.99 5.46
CA VAL A 31 5.35 -9.44 5.54
C VAL A 31 5.03 -9.90 6.95
N ARG A 32 5.54 -9.17 7.94
CA ARG A 32 5.29 -9.55 9.33
C ARG A 32 3.81 -9.44 9.67
N HIS A 33 3.16 -8.38 9.18
CA HIS A 33 1.74 -8.19 9.42
C HIS A 33 0.97 -8.21 8.11
N PHE A 34 1.56 -8.83 7.09
CA PHE A 34 0.92 -8.90 5.78
C PHE A 34 0.18 -10.21 5.63
N PRO A 35 -1.03 -10.16 5.13
CA PRO A 35 -1.87 -11.38 4.92
C PRO A 35 -1.13 -12.46 4.13
N ARG A 36 -1.01 -13.64 4.71
CA ARG A 36 -0.33 -14.74 4.04
C ARG A 36 -0.97 -15.00 2.69
N ILE A 37 -2.19 -14.48 2.52
CA ILE A 37 -2.93 -14.65 1.27
C ILE A 37 -2.32 -13.79 0.17
N TRP A 38 -2.30 -12.48 0.38
CA TRP A 38 -1.73 -11.57 -0.62
C TRP A 38 -0.29 -11.95 -0.92
N LEU A 39 0.48 -12.24 0.12
CA LEU A 39 1.88 -12.62 -0.06
C LEU A 39 1.97 -13.90 -0.88
N HIS A 40 0.91 -14.71 -0.84
CA HIS A 40 0.89 -15.97 -1.58
C HIS A 40 0.43 -15.73 -3.01
N ASN A 41 -0.69 -15.04 -3.17
CA ASN A 41 -1.23 -14.75 -4.49
C ASN A 41 -0.40 -13.67 -5.18
N LEU A 42 0.30 -12.87 -4.39
CA LEU A 42 1.12 -11.80 -4.94
C LEU A 42 2.23 -12.37 -5.82
N GLY A 43 3.07 -13.21 -5.22
CA GLY A 43 4.17 -13.83 -5.95
C GLY A 43 3.65 -14.86 -6.94
N GLN A 44 2.44 -15.36 -6.70
CA GLN A 44 1.84 -16.36 -7.57
C GLN A 44 1.30 -15.70 -8.84
N HIS A 45 0.68 -14.54 -8.67
CA HIS A 45 0.13 -13.81 -9.81
C HIS A 45 1.20 -12.98 -10.50
N ILE A 46 1.86 -12.13 -9.73
CA ILE A 46 2.91 -11.28 -10.28
C ILE A 46 3.87 -12.10 -11.14
N TYR A 47 4.05 -13.37 -10.77
CA TYR A 47 4.94 -14.24 -11.51
C TYR A 47 4.27 -14.73 -12.80
N GLU A 48 2.98 -15.03 -12.71
CA GLU A 48 2.24 -15.51 -13.86
C GLU A 48 1.99 -14.37 -14.84
N THR A 49 1.99 -13.14 -14.34
CA THR A 49 1.76 -11.98 -15.19
C THR A 49 3.07 -11.47 -15.77
N TYR A 50 3.99 -11.07 -14.91
CA TYR A 50 5.28 -10.57 -15.37
C TYR A 50 6.17 -11.72 -15.83
N GLY A 51 5.92 -12.91 -15.31
CA GLY A 51 6.70 -14.09 -15.69
C GLY A 51 7.99 -14.15 -14.88
N ASP A 52 9.07 -14.58 -15.53
CA ASP A 52 10.37 -14.69 -14.88
C ASP A 52 11.11 -13.37 -14.95
N THR A 53 10.74 -12.53 -15.91
CA THR A 53 11.39 -11.24 -16.08
C THR A 53 11.55 -10.53 -14.74
N TRP A 54 12.55 -9.67 -14.65
CA TRP A 54 12.81 -8.94 -13.41
C TRP A 54 11.84 -7.77 -13.27
N ALA A 55 11.40 -7.23 -14.40
CA ALA A 55 10.47 -6.11 -14.39
C ALA A 55 9.30 -6.40 -13.46
N GLY A 56 9.01 -7.68 -13.25
CA GLY A 56 7.91 -8.08 -12.38
C GLY A 56 8.25 -7.81 -10.93
N VAL A 57 9.33 -8.41 -10.43
CA VAL A 57 9.74 -8.23 -9.06
C VAL A 57 9.98 -6.75 -8.76
N GLU A 58 10.55 -6.04 -9.74
CA GLU A 58 10.82 -4.61 -9.58
C GLU A 58 9.59 -3.89 -9.06
N ALA A 59 8.45 -4.14 -9.70
CA ALA A 59 7.20 -3.51 -9.30
C ALA A 59 6.77 -4.00 -7.92
N ILE A 60 7.19 -5.21 -7.57
CA ILE A 60 6.84 -5.79 -6.28
C ILE A 60 7.39 -4.95 -5.14
N ILE A 61 8.46 -4.21 -5.43
CA ILE A 61 9.08 -3.35 -4.42
C ILE A 61 8.22 -2.13 -4.14
N ARG A 62 7.79 -1.46 -5.21
CA ARG A 62 6.96 -0.27 -5.07
C ARG A 62 5.54 -0.66 -4.67
N ILE A 63 5.00 -1.69 -5.32
CA ILE A 63 3.65 -2.14 -5.02
C ILE A 63 3.55 -2.57 -3.55
N LEU A 64 4.53 -3.33 -3.09
CA LEU A 64 4.54 -3.80 -1.71
C LEU A 64 4.13 -2.67 -0.77
N GLN A 65 4.82 -1.54 -0.87
CA GLN A 65 4.52 -0.40 -0.01
C GLN A 65 3.15 0.19 -0.37
N GLN A 66 2.98 0.52 -1.65
CA GLN A 66 1.71 1.09 -2.10
C GLN A 66 0.53 0.34 -1.48
N LEU A 67 0.76 -0.93 -1.14
CA LEU A 67 -0.29 -1.75 -0.54
C LEU A 67 -0.38 -1.47 0.96
N LEU A 68 0.78 -1.33 1.61
CA LEU A 68 0.82 -1.07 3.04
C LEU A 68 -0.02 0.15 3.38
N PHE A 69 -0.15 1.07 2.42
CA PHE A 69 -0.92 2.28 2.64
C PHE A 69 -2.41 1.95 2.75
N ILE A 70 -2.96 1.36 1.69
CA ILE A 70 -4.38 1.00 1.69
C ILE A 70 -4.72 0.20 2.94
N HIS A 71 -3.74 -0.56 3.43
CA HIS A 71 -3.93 -1.37 4.63
C HIS A 71 -3.93 -0.49 5.87
N PHE A 72 -3.30 0.68 5.76
CA PHE A 72 -3.24 1.62 6.87
C PHE A 72 -4.63 2.17 7.20
N ARG A 73 -5.23 2.84 6.21
CA ARG A 73 -6.55 3.41 6.40
C ARG A 73 -7.52 2.39 6.98
N ILE A 74 -7.64 1.24 6.32
CA ILE A 74 -8.52 0.19 6.79
C ILE A 74 -8.31 -0.07 8.28
N GLY A 75 -7.05 -0.11 8.69
CA GLY A 75 -6.72 -0.33 10.09
C GLY A 75 -5.90 -1.61 10.24
N CYS A 76 -4.75 -1.50 10.90
CA CYS A 76 -3.89 -2.66 11.11
C CYS A 76 -4.37 -3.48 12.31
N ARG A 77 -5.07 -4.57 12.04
CA ARG A 77 -5.56 -5.43 13.09
C ARG A 77 -4.40 -6.27 13.64
N HIS A 78 -3.31 -6.29 12.91
CA HIS A 78 -2.13 -7.04 13.31
C HIS A 78 -1.51 -6.43 14.57
N SER A 79 -1.15 -7.29 15.51
CA SER A 79 -0.54 -6.83 16.76
C SER A 79 0.66 -7.70 17.13
N ASN A 93 16.27 11.99 4.24
CA ASN A 93 15.01 11.55 3.66
C ASN A 93 14.03 12.72 3.58
N PRO A 94 13.45 12.93 2.44
CA PRO A 94 12.46 14.03 2.22
C PRO A 94 11.16 13.78 2.99
N LEU A 95 11.15 12.70 3.75
CA LEU A 95 9.97 12.34 4.54
C LEU A 95 10.32 12.30 6.02
N GLU A 96 11.60 12.10 6.33
CA GLU A 96 12.03 12.04 7.72
C GLU A 96 11.58 13.28 8.49
N PHE A 97 11.50 14.42 7.79
CA PHE A 97 11.08 15.66 8.43
C PHE A 97 9.56 15.72 8.54
N LEU A 98 8.89 14.76 7.90
CA LEU A 98 7.44 14.71 7.93
C LEU A 98 6.93 14.72 9.36
N ARG A 99 7.82 14.44 10.32
CA ARG A 99 7.44 14.39 11.74
C ARG A 99 7.47 15.79 12.37
N ASP A 100 8.07 16.75 11.69
CA ASP A 100 8.16 18.12 12.21
C ASP A 100 6.89 18.93 11.95
N GLN A 101 6.06 18.46 11.03
CA GLN A 101 4.83 19.16 10.70
C GLN A 101 3.72 18.89 11.72
N PRO A 102 2.67 19.66 11.70
CA PRO A 102 1.52 19.48 12.62
C PRO A 102 0.64 18.27 12.25
N GLN A 103 0.42 18.10 10.94
CA GLN A 103 -0.43 17.02 10.43
C GLN A 103 0.03 15.64 10.90
N PHE A 104 1.27 15.29 10.59
CA PHE A 104 1.80 13.99 10.97
C PHE A 104 1.46 13.64 12.42
N GLN A 105 2.00 14.42 13.35
CA GLN A 105 1.76 14.18 14.77
C GLN A 105 0.28 14.27 15.11
N ASN A 106 -0.49 14.94 14.26
CA ASN A 106 -1.92 15.08 14.49
C ASN A 106 -2.68 13.87 13.95
N MET A 107 -2.22 13.36 12.81
CA MET A 107 -2.87 12.21 12.18
C MET A 107 -2.38 10.92 12.81
N ARG A 108 -1.17 10.94 13.37
CA ARG A 108 -0.60 9.76 13.98
C ARG A 108 -1.49 9.27 15.12
N GLN A 109 -1.68 10.11 16.13
CA GLN A 109 -2.52 9.75 17.27
C GLN A 109 -3.96 9.57 16.80
N VAL A 110 -4.25 10.12 15.63
CA VAL A 110 -5.60 10.03 15.07
C VAL A 110 -5.73 8.77 14.22
N ILE A 111 -4.62 8.34 13.64
CA ILE A 111 -4.61 7.16 12.79
C ILE A 111 -4.36 5.91 13.62
N GLN A 112 -3.29 5.93 14.42
CA GLN A 112 -2.94 4.80 15.26
C GLN A 112 -4.05 4.51 16.26
N GLN A 113 -4.90 5.51 16.50
CA GLN A 113 -6.00 5.35 17.43
C GLN A 113 -7.18 4.65 16.77
N ASN A 114 -7.46 5.05 15.52
CA ASN A 114 -8.57 4.45 14.78
C ASN A 114 -8.41 4.69 13.29
N PRO A 115 -7.58 3.92 12.64
CA PRO A 115 -7.33 4.05 11.17
C PRO A 115 -8.64 4.14 10.39
N ALA A 116 -9.75 3.86 11.07
CA ALA A 116 -11.06 3.91 10.43
C ALA A 116 -11.34 5.30 9.87
N LEU A 117 -10.79 6.31 10.53
CA LEU A 117 -10.99 7.69 10.10
C LEU A 117 -9.77 8.20 9.31
N LEU A 118 -8.83 7.29 9.05
CA LEU A 118 -7.63 7.64 8.31
C LEU A 118 -7.97 8.05 6.88
N PRO A 119 -8.79 7.28 6.21
CA PRO A 119 -9.20 7.58 4.81
C PRO A 119 -9.45 9.07 4.57
N ALA A 120 -9.78 9.78 5.64
CA ALA A 120 -10.05 11.21 5.54
C ALA A 120 -8.74 12.00 5.66
N LEU A 121 -7.92 11.64 6.64
CA LEU A 121 -6.65 12.31 6.86
C LEU A 121 -5.88 12.44 5.54
N LEU A 122 -5.51 11.31 4.97
CA LEU A 122 -4.77 11.30 3.71
C LEU A 122 -5.31 12.35 2.75
N GLN A 123 -6.63 12.37 2.59
CA GLN A 123 -7.26 13.33 1.69
C GLN A 123 -6.88 14.76 2.08
N GLN A 124 -6.68 14.99 3.37
CA GLN A 124 -6.30 16.31 3.85
C GLN A 124 -4.79 16.51 3.77
N LEU A 125 -4.04 15.43 4.05
CA LEU A 125 -2.59 15.50 4.00
C LEU A 125 -2.09 15.63 2.56
N GLY A 126 -2.42 14.63 1.74
CA GLY A 126 -2.01 14.64 0.35
C GLY A 126 -2.53 15.87 -0.37
N GLN A 127 -3.49 16.55 0.25
CA GLN A 127 -4.06 17.75 -0.35
C GLN A 127 -3.24 18.98 0.02
N GLU A 128 -2.66 18.96 1.21
CA GLU A 128 -1.84 20.09 1.66
C GLU A 128 -0.36 19.76 1.54
N ASN A 129 -0.06 18.60 0.95
CA ASN A 129 1.33 18.19 0.78
C ASN A 129 1.44 17.16 -0.35
N PRO A 130 0.95 17.49 -1.50
CA PRO A 130 0.99 16.59 -2.69
C PRO A 130 2.38 16.00 -2.91
N GLN A 131 3.41 16.79 -2.65
CA GLN A 131 4.78 16.34 -2.82
C GLN A 131 5.14 15.32 -1.75
N LEU A 132 4.53 15.46 -0.58
CA LEU A 132 4.79 14.54 0.52
C LEU A 132 4.05 13.22 0.32
N LEU A 133 2.77 13.33 -0.03
CA LEU A 133 1.95 12.14 -0.25
C LEU A 133 2.67 11.17 -1.19
N GLN A 134 3.15 11.68 -2.32
CA GLN A 134 3.86 10.85 -3.28
C GLN A 134 5.00 10.10 -2.61
N GLN A 135 5.61 10.73 -1.61
CA GLN A 135 6.72 10.11 -0.90
C GLN A 135 6.20 9.13 0.15
N ILE A 136 5.20 9.56 0.92
CA ILE A 136 4.63 8.71 1.95
C ILE A 136 4.33 7.32 1.41
N SER A 137 3.85 7.27 0.16
CA SER A 137 3.53 5.99 -0.47
C SER A 137 4.80 5.28 -0.92
N ARG A 138 5.83 6.05 -1.25
CA ARG A 138 7.10 5.49 -1.69
C ARG A 138 7.96 5.13 -0.48
N HIS A 139 7.54 5.54 0.70
CA HIS A 139 8.28 5.26 1.92
C HIS A 139 7.35 4.77 3.02
N GLN A 140 6.55 3.76 2.71
CA GLN A 140 5.61 3.21 3.68
C GLN A 140 6.35 2.80 4.95
N GLU A 141 7.24 1.82 4.84
CA GLU A 141 7.99 1.35 5.99
C GLU A 141 8.44 2.53 6.85
N GLN A 142 9.29 3.38 6.30
CA GLN A 142 9.77 4.54 7.03
C GLN A 142 8.61 5.39 7.50
N PHE A 143 7.49 5.31 6.79
CA PHE A 143 6.30 6.07 7.14
C PHE A 143 5.48 5.34 8.19
N ILE A 144 5.65 4.01 8.24
CA ILE A 144 4.92 3.20 9.20
C ILE A 144 5.64 3.18 10.54
N GLN A 145 6.91 2.78 10.53
CA GLN A 145 7.68 2.73 11.76
C GLN A 145 7.37 3.93 12.65
N MET A 146 7.11 5.07 12.01
CA MET A 146 6.79 6.28 12.75
C MET A 146 5.29 6.32 13.06
N LEU A 147 4.48 5.87 12.11
CA LEU A 147 3.04 5.86 12.29
C LEU A 147 2.62 4.65 13.12
N ASN A 148 3.58 3.76 13.39
CA ASN A 148 3.30 2.57 14.18
C ASN A 148 4.07 2.63 15.50
N GLU A 149 4.99 3.58 15.61
CA GLU A 149 5.78 3.73 16.82
C GLU A 149 5.77 5.19 17.28
N PRO A 150 6.24 5.44 18.46
CA PRO A 150 6.30 6.83 19.02
C PRO A 150 6.95 7.81 18.06
N PRO A 151 6.41 9.00 17.98
CA PRO A 151 6.95 10.06 17.06
C PRO A 151 8.46 10.19 17.17
N ILE A 177 -6.44 7.84 -14.49
CA ILE A 177 -5.38 7.39 -13.62
C ILE A 177 -4.58 6.28 -14.29
N GLN A 178 -5.28 5.21 -14.68
CA GLN A 178 -4.62 4.08 -15.33
C GLN A 178 -5.66 3.15 -15.97
N VAL A 179 -6.86 3.12 -15.40
CA VAL A 179 -7.92 2.26 -15.92
C VAL A 179 -8.82 3.04 -16.87
N THR A 180 -9.76 2.33 -17.49
CA THR A 180 -10.69 2.96 -18.41
C THR A 180 -12.05 2.30 -18.31
N PRO A 181 -12.98 2.68 -19.15
CA PRO A 181 -14.35 2.11 -19.16
C PRO A 181 -14.31 0.61 -19.38
N GLN A 182 -13.16 0.12 -19.85
CA GLN A 182 -12.98 -1.29 -20.11
C GLN A 182 -12.58 -2.04 -18.83
N GLU A 183 -11.47 -1.65 -18.23
CA GLU A 183 -11.01 -2.28 -17.00
C GLU A 183 -11.84 -1.80 -15.82
N LYS A 184 -12.19 -0.52 -15.83
CA LYS A 184 -12.98 0.05 -14.75
C LYS A 184 -14.07 -0.91 -14.29
N GLU A 185 -15.00 -1.21 -15.19
CA GLU A 185 -16.09 -2.12 -14.86
C GLU A 185 -15.59 -3.27 -13.99
N ALA A 186 -14.29 -3.54 -14.05
CA ALA A 186 -13.71 -4.62 -13.27
C ALA A 186 -13.38 -4.13 -11.87
N ILE A 187 -12.91 -2.89 -11.77
CA ILE A 187 -12.55 -2.30 -10.48
C ILE A 187 -13.78 -2.22 -9.57
N GLU A 188 -14.77 -1.46 -10.00
CA GLU A 188 -16.00 -1.31 -9.21
C GLU A 188 -16.51 -2.67 -8.75
N ARG A 189 -16.35 -3.67 -9.61
CA ARG A 189 -16.80 -5.02 -9.29
C ARG A 189 -16.47 -5.36 -7.85
N LEU A 190 -15.28 -4.97 -7.41
CA LEU A 190 -14.86 -5.23 -6.04
C LEU A 190 -15.54 -4.26 -5.08
N LYS A 191 -15.87 -3.07 -5.58
CA LYS A 191 -16.53 -2.06 -4.76
C LYS A 191 -17.85 -2.60 -4.21
N ALA A 192 -18.50 -3.47 -4.98
CA ALA A 192 -19.76 -4.05 -4.57
C ALA A 192 -19.59 -4.91 -3.32
N LEU A 193 -18.35 -5.31 -3.06
CA LEU A 193 -18.05 -6.14 -1.89
C LEU A 193 -18.16 -5.32 -0.61
N GLY A 194 -18.28 -4.01 -0.76
CA GLY A 194 -18.39 -3.13 0.39
C GLY A 194 -17.10 -2.35 0.61
N PHE A 195 -16.68 -1.61 -0.43
CA PHE A 195 -15.46 -0.82 -0.34
C PHE A 195 -15.59 0.46 -1.15
N PRO A 196 -15.01 1.53 -0.68
CA PRO A 196 -15.06 2.84 -1.37
C PRO A 196 -14.70 2.73 -2.85
N GLU A 197 -15.10 3.72 -3.64
CA GLU A 197 -14.82 3.71 -5.07
C GLU A 197 -13.33 3.91 -5.32
N SER A 198 -12.69 4.69 -4.46
CA SER A 198 -11.26 4.95 -4.60
C SER A 198 -10.44 3.78 -4.04
N LEU A 199 -10.97 3.14 -3.01
CA LEU A 199 -10.28 2.00 -2.40
C LEU A 199 -10.08 0.88 -3.42
N VAL A 200 -11.00 0.80 -4.38
CA VAL A 200 -10.90 -0.23 -5.41
C VAL A 200 -9.88 0.16 -6.47
N ILE A 201 -10.00 1.38 -6.98
CA ILE A 201 -9.08 1.87 -7.99
C ILE A 201 -7.63 1.68 -7.55
N GLN A 202 -7.40 1.84 -6.25
CA GLN A 202 -6.05 1.68 -5.71
C GLN A 202 -5.68 0.20 -5.64
N ALA A 203 -6.46 -0.58 -4.89
CA ALA A 203 -6.20 -2.00 -4.75
C ALA A 203 -5.94 -2.63 -6.12
N TYR A 204 -6.84 -2.38 -7.07
CA TYR A 204 -6.69 -2.92 -8.41
C TYR A 204 -5.32 -2.59 -8.97
N PHE A 205 -4.89 -1.34 -8.81
CA PHE A 205 -3.59 -0.91 -9.30
C PHE A 205 -2.49 -1.33 -8.34
N ALA A 206 -2.87 -1.62 -7.09
CA ALA A 206 -1.90 -2.03 -6.09
C ALA A 206 -1.61 -3.53 -6.21
N CYS A 207 -2.48 -4.25 -6.90
CA CYS A 207 -2.30 -5.69 -7.09
C CYS A 207 -1.97 -6.00 -8.55
N GLU A 208 -1.35 -5.04 -9.22
CA GLU A 208 -0.98 -5.23 -10.62
C GLU A 208 -2.22 -5.36 -11.50
N LYS A 209 -3.26 -4.59 -11.17
CA LYS A 209 -4.50 -4.63 -11.94
C LYS A 209 -5.07 -6.05 -11.96
N ASN A 210 -4.46 -6.94 -11.19
CA ASN A 210 -4.91 -8.32 -11.13
C ASN A 210 -6.22 -8.43 -10.37
N GLU A 211 -7.34 -8.35 -11.10
CA GLU A 211 -8.65 -8.43 -10.48
C GLU A 211 -8.73 -9.63 -9.53
N ASN A 212 -7.91 -10.65 -9.81
CA ASN A 212 -7.89 -11.85 -8.98
C ASN A 212 -7.14 -11.59 -7.69
N LEU A 213 -6.07 -10.80 -7.78
CA LEU A 213 -5.26 -10.49 -6.61
C LEU A 213 -5.91 -9.37 -5.80
N ALA A 214 -6.58 -8.46 -6.51
CA ALA A 214 -7.24 -7.33 -5.85
C ALA A 214 -8.26 -7.83 -4.84
N ALA A 215 -9.26 -8.57 -5.32
CA ALA A 215 -10.29 -9.10 -4.45
C ALA A 215 -9.67 -9.78 -3.23
N ASN A 216 -8.49 -10.33 -3.42
CA ASN A 216 -7.79 -11.03 -2.34
C ASN A 216 -7.23 -10.02 -1.34
N PHE A 217 -6.66 -8.93 -1.86
CA PHE A 217 -6.09 -7.90 -1.01
C PHE A 217 -7.18 -7.20 -0.21
N LEU A 218 -8.30 -6.91 -0.87
CA LEU A 218 -9.41 -6.23 -0.20
C LEU A 218 -10.01 -7.13 0.87
N LEU A 219 -10.17 -8.41 0.56
CA LEU A 219 -10.73 -9.36 1.51
C LEU A 219 -9.65 -9.85 2.47
N SER A 220 -8.39 -9.67 2.08
CA SER A 220 -7.29 -10.11 2.92
C SER A 220 -6.68 -8.91 3.65
N GLN A 221 -7.37 -7.78 3.59
CA GLN A 221 -6.88 -6.58 4.25
C GLN A 221 -6.76 -6.80 5.75
N ASN A 222 -7.83 -7.30 6.37
CA ASN A 222 -7.83 -7.56 7.80
C ASN A 222 -9.25 -7.52 8.34
N PHE A 223 -9.78 -6.32 8.52
CA PHE A 223 -11.13 -6.16 9.05
C PHE A 223 -11.48 -7.29 10.00
ZN ZN B . -1.17 -4.77 9.59
N GLU A 13 24.28 -3.62 -12.48
CA GLU A 13 23.31 -2.69 -11.94
C GLU A 13 22.83 -3.16 -10.56
N PRO A 14 22.30 -2.27 -9.78
CA PRO A 14 21.79 -2.58 -8.41
C PRO A 14 20.48 -3.35 -8.46
N TYR A 15 19.50 -2.81 -9.18
CA TYR A 15 18.20 -3.47 -9.30
C TYR A 15 18.36 -4.97 -9.45
N ASN A 16 19.56 -5.40 -9.81
CA ASN A 16 19.82 -6.84 -9.99
C ASN A 16 19.92 -7.52 -8.63
N GLU A 17 21.03 -7.29 -7.94
CA GLU A 17 21.24 -7.89 -6.62
C GLU A 17 20.68 -6.99 -5.53
N TRP A 18 20.83 -5.69 -5.72
CA TRP A 18 20.35 -4.71 -4.75
C TRP A 18 18.86 -4.88 -4.47
N THR A 19 18.05 -4.86 -5.52
CA THR A 19 16.61 -4.99 -5.36
C THR A 19 16.26 -6.08 -4.35
N LEU A 20 17.17 -7.03 -4.17
CA LEU A 20 16.95 -8.12 -3.22
C LEU A 20 17.32 -7.68 -1.81
N GLU A 21 18.45 -6.98 -1.69
CA GLU A 21 18.91 -6.50 -0.40
C GLU A 21 17.81 -5.73 0.31
N LEU A 22 17.15 -4.84 -0.43
CA LEU A 22 16.08 -4.03 0.13
C LEU A 22 14.77 -4.83 0.15
N LEU A 23 14.61 -5.71 -0.83
CA LEU A 23 13.40 -6.52 -0.91
C LEU A 23 13.17 -7.29 0.39
N GLU A 24 14.18 -8.05 0.80
CA GLU A 24 14.09 -8.84 2.03
C GLU A 24 13.48 -7.99 3.15
N GLU A 25 13.70 -6.69 3.09
CA GLU A 25 13.17 -5.78 4.10
C GLU A 25 11.70 -5.49 3.83
N LEU A 26 11.32 -5.45 2.56
CA LEU A 26 9.94 -5.19 2.20
C LEU A 26 9.00 -6.22 2.81
N LYS A 27 9.34 -7.49 2.63
CA LYS A 27 8.52 -8.57 3.18
C LYS A 27 8.54 -8.53 4.71
N SER A 28 9.72 -8.29 5.27
CA SER A 28 9.86 -8.24 6.72
C SER A 28 8.75 -7.39 7.34
N GLU A 29 8.61 -6.17 6.84
CA GLU A 29 7.58 -5.26 7.34
C GLU A 29 6.26 -5.48 6.61
N ALA A 30 6.32 -5.48 5.29
CA ALA A 30 5.13 -5.68 4.47
C ALA A 30 4.37 -6.91 4.94
N VAL A 31 5.03 -8.06 4.88
CA VAL A 31 4.40 -9.32 5.31
C VAL A 31 3.86 -9.20 6.73
N ARG A 32 4.47 -8.31 7.51
CA ARG A 32 4.05 -8.10 8.89
C ARG A 32 2.72 -7.35 8.93
N HIS A 33 2.49 -6.50 7.93
CA HIS A 33 1.26 -5.73 7.87
C HIS A 33 0.40 -6.18 6.69
N PHE A 34 0.84 -7.24 6.01
CA PHE A 34 0.10 -7.77 4.87
C PHE A 34 -0.40 -9.17 5.17
N PRO A 35 -1.55 -9.51 4.64
CA PRO A 35 -2.18 -10.84 4.84
C PRO A 35 -1.36 -11.96 4.20
N ARG A 36 -0.98 -12.95 5.01
CA ARG A 36 -0.19 -14.07 4.50
C ARG A 36 -0.75 -14.57 3.18
N ILE A 37 -2.05 -14.86 3.17
CA ILE A 37 -2.69 -15.35 1.95
C ILE A 37 -2.27 -14.52 0.75
N TRP A 38 -2.56 -13.22 0.81
CA TRP A 38 -2.21 -12.32 -0.29
C TRP A 38 -0.73 -12.46 -0.63
N LEU A 39 0.13 -12.23 0.36
CA LEU A 39 1.56 -12.32 0.14
C LEU A 39 1.90 -13.62 -0.59
N HIS A 40 1.02 -14.61 -0.46
CA HIS A 40 1.24 -15.90 -1.10
C HIS A 40 0.82 -15.84 -2.57
N ASN A 41 -0.25 -15.10 -2.85
CA ASN A 41 -0.74 -14.96 -4.21
C ASN A 41 0.04 -13.88 -4.96
N LEU A 42 0.55 -12.90 -4.22
CA LEU A 42 1.31 -11.83 -4.83
C LEU A 42 2.47 -12.39 -5.65
N GLY A 43 3.19 -13.35 -5.06
CA GLY A 43 4.31 -13.97 -5.74
C GLY A 43 3.83 -14.97 -6.79
N GLN A 44 2.60 -15.44 -6.62
CA GLN A 44 2.03 -16.40 -7.56
C GLN A 44 1.55 -15.69 -8.82
N HIS A 45 0.66 -14.72 -8.66
CA HIS A 45 0.13 -13.97 -9.78
C HIS A 45 1.23 -13.18 -10.47
N ILE A 46 1.83 -12.25 -9.74
CA ILE A 46 2.90 -11.43 -10.29
C ILE A 46 3.96 -12.30 -10.93
N TYR A 47 4.00 -13.58 -10.55
CA TYR A 47 4.97 -14.51 -11.11
C TYR A 47 4.48 -15.06 -12.45
N GLU A 48 3.17 -15.30 -12.54
CA GLU A 48 2.59 -15.84 -13.76
C GLU A 48 2.38 -14.72 -14.79
N THR A 49 2.24 -13.49 -14.28
CA THR A 49 2.04 -12.34 -15.17
C THR A 49 3.38 -11.82 -15.69
N TYR A 50 4.31 -11.57 -14.78
CA TYR A 50 5.63 -11.07 -15.16
C TYR A 50 6.60 -12.23 -15.36
N GLY A 51 6.13 -13.45 -15.11
CA GLY A 51 6.97 -14.63 -15.27
C GLY A 51 8.14 -14.60 -14.29
N ASP A 52 9.35 -14.76 -14.82
CA ASP A 52 10.54 -14.74 -13.98
C ASP A 52 11.40 -13.52 -14.29
N THR A 53 11.05 -12.81 -15.37
CA THR A 53 11.79 -11.63 -15.76
C THR A 53 12.08 -10.73 -14.56
N TRP A 54 12.90 -9.71 -14.76
CA TRP A 54 13.23 -8.79 -13.68
C TRP A 54 12.14 -7.76 -13.47
N ALA A 55 11.56 -7.28 -14.58
CA ALA A 55 10.50 -6.29 -14.50
C ALA A 55 9.49 -6.66 -13.42
N GLY A 56 9.27 -7.96 -13.25
CA GLY A 56 8.33 -8.44 -12.24
C GLY A 56 8.85 -8.18 -10.83
N VAL A 57 10.02 -8.75 -10.53
CA VAL A 57 10.62 -8.57 -9.21
C VAL A 57 10.67 -7.10 -8.83
N GLU A 58 10.65 -6.24 -9.84
CA GLU A 58 10.69 -4.79 -9.60
C GLU A 58 9.31 -4.28 -9.19
N ALA A 59 8.31 -4.56 -10.02
CA ALA A 59 6.95 -4.13 -9.73
C ALA A 59 6.54 -4.53 -8.32
N ILE A 60 6.62 -5.82 -8.03
CA ILE A 60 6.25 -6.33 -6.72
C ILE A 60 6.86 -5.45 -5.62
N ILE A 61 8.17 -5.24 -5.69
CA ILE A 61 8.85 -4.41 -4.70
C ILE A 61 8.17 -3.05 -4.58
N ARG A 62 7.97 -2.39 -5.71
CA ARG A 62 7.33 -1.08 -5.71
C ARG A 62 5.83 -1.22 -5.43
N ILE A 63 5.32 -2.43 -5.58
CA ILE A 63 3.90 -2.68 -5.36
C ILE A 63 3.61 -2.83 -3.87
N LEU A 64 4.35 -3.73 -3.21
CA LEU A 64 4.17 -3.96 -1.79
C LEU A 64 3.91 -2.65 -1.05
N GLN A 65 4.71 -1.64 -1.37
CA GLN A 65 4.56 -0.33 -0.73
C GLN A 65 3.16 0.21 -0.95
N GLN A 66 2.76 0.34 -2.21
CA GLN A 66 1.43 0.85 -2.54
C GLN A 66 0.38 0.18 -1.67
N LEU A 67 0.65 -1.04 -1.24
CA LEU A 67 -0.29 -1.78 -0.40
C LEU A 67 -0.25 -1.25 1.04
N LEU A 68 0.94 -0.91 1.51
CA LEU A 68 1.09 -0.40 2.87
C LEU A 68 0.34 0.93 3.03
N PHE A 69 0.41 1.76 2.00
CA PHE A 69 -0.28 3.05 2.03
C PHE A 69 -1.76 2.87 2.33
N ILE A 70 -2.40 1.96 1.60
CA ILE A 70 -3.83 1.70 1.79
C ILE A 70 -4.05 0.97 3.11
N HIS A 71 -3.00 0.37 3.64
CA HIS A 71 -3.09 -0.37 4.89
C HIS A 71 -3.88 0.43 5.93
N PHE A 72 -3.33 1.59 6.32
CA PHE A 72 -4.00 2.43 7.30
C PHE A 72 -5.37 2.86 6.80
N ARG A 73 -5.48 3.08 5.49
CA ARG A 73 -6.74 3.50 4.88
C ARG A 73 -7.91 2.69 5.44
N ILE A 74 -7.87 1.37 5.22
CA ILE A 74 -8.93 0.51 5.71
C ILE A 74 -8.74 0.23 7.20
N GLY A 75 -7.54 -0.20 7.57
CA GLY A 75 -7.25 -0.49 8.96
C GLY A 75 -6.16 -1.54 9.10
N CYS A 76 -5.35 -1.41 10.16
CA CYS A 76 -4.27 -2.35 10.40
C CYS A 76 -4.77 -3.56 11.19
N ARG A 77 -4.80 -4.72 10.54
CA ARG A 77 -5.26 -5.94 11.20
C ARG A 77 -4.24 -6.39 12.22
N HIS A 78 -3.11 -5.69 12.28
CA HIS A 78 -2.05 -6.04 13.22
C HIS A 78 -1.87 -4.93 14.26
N SER A 79 -1.06 -5.22 15.28
CA SER A 79 -0.81 -4.25 16.33
C SER A 79 0.69 -4.02 16.50
N ASN A 93 16.13 12.25 4.97
CA ASN A 93 14.92 11.69 4.37
C ASN A 93 13.86 12.78 4.21
N PRO A 94 13.29 12.90 3.04
CA PRO A 94 12.24 13.92 2.74
C PRO A 94 10.96 13.64 3.51
N LEU A 95 10.99 12.59 4.33
CA LEU A 95 9.84 12.21 5.12
C LEU A 95 10.18 12.24 6.61
N GLU A 96 11.46 12.21 6.92
CA GLU A 96 11.91 12.25 8.30
C GLU A 96 11.36 13.48 9.01
N PHE A 97 11.54 14.64 8.38
CA PHE A 97 11.05 15.89 8.97
C PHE A 97 9.53 15.88 9.07
N LEU A 98 8.92 14.81 8.59
CA LEU A 98 7.48 14.68 8.62
C LEU A 98 6.94 14.95 10.03
N ARG A 99 7.80 14.75 11.03
CA ARG A 99 7.39 14.97 12.41
C ARG A 99 7.09 16.44 12.65
N ASP A 100 7.81 17.31 11.94
CA ASP A 100 7.61 18.75 12.07
C ASP A 100 6.26 19.16 11.50
N GLN A 101 5.44 18.18 11.14
CA GLN A 101 4.13 18.48 10.58
C GLN A 101 3.03 17.88 11.45
N PRO A 102 2.08 18.68 11.85
CA PRO A 102 0.95 18.23 12.72
C PRO A 102 0.15 17.10 12.06
N GLN A 103 0.10 17.13 10.73
CA GLN A 103 -0.63 16.11 9.99
C GLN A 103 -0.05 14.73 10.27
N PHE A 104 1.22 14.69 10.68
CA PHE A 104 1.86 13.42 10.99
C PHE A 104 1.58 13.02 12.43
N GLN A 105 1.78 13.95 13.35
CA GLN A 105 1.55 13.70 14.76
C GLN A 105 0.05 13.53 15.02
N ASN A 106 -0.77 14.19 14.21
CA ASN A 106 -2.22 14.12 14.36
C ASN A 106 -2.76 12.85 13.69
N MET A 107 -2.22 12.53 12.51
CA MET A 107 -2.66 11.35 11.78
C MET A 107 -1.99 10.10 12.32
N ARG A 108 -0.74 10.23 12.74
CA ARG A 108 -0.03 9.09 13.29
C ARG A 108 -0.79 8.51 14.47
N GLN A 109 -1.37 9.40 15.27
CA GLN A 109 -2.15 8.98 16.43
C GLN A 109 -3.58 8.68 15.99
N VAL A 110 -4.18 9.59 15.24
CA VAL A 110 -5.54 9.41 14.76
C VAL A 110 -5.64 8.13 13.94
N ILE A 111 -4.54 7.78 13.27
CA ILE A 111 -4.51 6.57 12.45
C ILE A 111 -4.32 5.33 13.32
N GLN A 112 -3.30 5.36 14.17
CA GLN A 112 -3.03 4.24 15.05
C GLN A 112 -4.19 4.06 16.03
N GLN A 113 -4.82 5.17 16.38
CA GLN A 113 -5.96 5.16 17.29
C GLN A 113 -7.23 4.99 16.49
N ASN A 114 -7.13 5.25 15.19
CA ASN A 114 -8.29 5.11 14.32
C ASN A 114 -7.89 4.85 12.88
N PRO A 115 -7.38 3.70 12.60
CA PRO A 115 -7.01 3.33 11.21
C PRO A 115 -8.24 3.42 10.31
N ALA A 116 -9.39 3.68 10.94
CA ALA A 116 -10.66 3.78 10.24
C ALA A 116 -10.93 5.20 9.74
N LEU A 117 -10.76 6.19 10.62
CA LEU A 117 -11.01 7.57 10.26
C LEU A 117 -9.89 8.13 9.39
N LEU A 118 -8.78 7.40 9.28
CA LEU A 118 -7.65 7.83 8.48
C LEU A 118 -8.09 8.38 7.14
N PRO A 119 -8.83 7.61 6.37
CA PRO A 119 -9.34 8.04 5.04
C PRO A 119 -9.70 9.53 5.01
N ALA A 120 -9.94 10.11 6.18
CA ALA A 120 -10.29 11.53 6.25
C ALA A 120 -9.04 12.40 6.25
N LEU A 121 -7.99 11.92 6.92
CA LEU A 121 -6.74 12.69 6.99
C LEU A 121 -5.96 12.56 5.68
N LEU A 122 -5.55 11.33 5.36
CA LEU A 122 -4.79 11.09 4.14
C LEU A 122 -5.38 11.89 2.98
N GLN A 123 -6.63 12.31 3.12
CA GLN A 123 -7.30 13.08 2.08
C GLN A 123 -6.86 14.55 2.14
N GLN A 124 -6.71 15.05 3.36
CA GLN A 124 -6.29 16.44 3.55
C GLN A 124 -4.77 16.57 3.50
N LEU A 125 -4.08 15.48 3.81
CA LEU A 125 -2.62 15.48 3.79
C LEU A 125 -2.10 15.76 2.39
N GLY A 126 -2.65 15.07 1.40
CA GLY A 126 -2.22 15.24 0.02
C GLY A 126 -2.68 16.60 -0.51
N GLN A 127 -3.61 17.23 0.20
CA GLN A 127 -4.11 18.53 -0.21
C GLN A 127 -3.18 19.65 0.24
N GLU A 128 -2.72 19.55 1.48
CA GLU A 128 -1.81 20.56 2.03
C GLU A 128 -0.39 20.35 1.51
N ASN A 129 0.19 19.19 1.82
CA ASN A 129 1.54 18.89 1.37
C ASN A 129 1.53 17.75 0.36
N PRO A 130 1.28 18.05 -0.88
CA PRO A 130 1.23 17.04 -1.97
C PRO A 130 2.60 16.40 -2.23
N GLN A 131 3.65 17.16 -1.94
CA GLN A 131 5.02 16.66 -2.14
C GLN A 131 5.31 15.52 -1.18
N LEU A 132 4.78 15.63 0.03
CA LEU A 132 5.01 14.60 1.05
C LEU A 132 4.25 13.33 0.68
N LEU A 133 2.97 13.47 0.34
CA LEU A 133 2.16 12.32 -0.03
C LEU A 133 2.92 11.42 -0.99
N GLN A 134 3.69 12.02 -1.89
CA GLN A 134 4.47 11.26 -2.85
C GLN A 134 5.58 10.48 -2.15
N GLN A 135 6.20 11.10 -1.14
CA GLN A 135 7.27 10.46 -0.40
C GLN A 135 6.72 9.33 0.47
N ILE A 136 5.67 9.64 1.23
CA ILE A 136 5.06 8.65 2.09
C ILE A 136 4.73 7.38 1.33
N SER A 137 4.46 7.53 0.03
CA SER A 137 4.14 6.38 -0.81
C SER A 137 5.39 5.60 -1.16
N ARG A 138 6.52 6.30 -1.26
CA ARG A 138 7.78 5.65 -1.58
C ARG A 138 8.56 5.33 -0.31
N HIS A 139 7.92 5.53 0.84
CA HIS A 139 8.56 5.25 2.12
C HIS A 139 7.56 4.66 3.11
N GLN A 140 6.60 3.90 2.59
CA GLN A 140 5.59 3.28 3.45
C GLN A 140 6.24 2.66 4.67
N GLU A 141 7.08 1.65 4.45
CA GLU A 141 7.76 0.98 5.55
C GLU A 141 8.27 2.02 6.56
N GLN A 142 9.20 2.85 6.12
CA GLN A 142 9.75 3.88 7.00
C GLN A 142 8.64 4.81 7.46
N PHE A 143 7.53 4.83 6.72
CA PHE A 143 6.41 5.66 7.07
C PHE A 143 5.52 4.97 8.09
N ILE A 144 5.57 3.63 8.08
CA ILE A 144 4.76 2.83 9.00
C ILE A 144 5.48 2.71 10.35
N GLN A 145 6.74 2.32 10.30
CA GLN A 145 7.52 2.16 11.53
C GLN A 145 7.22 3.29 12.50
N MET A 146 7.13 4.51 11.98
CA MET A 146 6.84 5.66 12.82
C MET A 146 5.35 5.76 13.09
N LEU A 147 4.55 5.48 12.08
CA LEU A 147 3.09 5.53 12.22
C LEU A 147 2.58 4.33 12.99
N ASN A 148 3.48 3.37 13.24
CA ASN A 148 3.11 2.17 13.97
C ASN A 148 3.81 2.16 15.33
N GLU A 149 4.78 3.05 15.50
CA GLU A 149 5.53 3.13 16.75
C GLU A 149 5.52 4.55 17.28
N PRO A 150 5.97 4.74 18.50
CA PRO A 150 6.01 6.09 19.14
C PRO A 150 6.73 7.11 18.26
N PRO A 151 6.21 8.31 18.21
CA PRO A 151 6.80 9.40 17.38
C PRO A 151 8.31 9.51 17.57
N ILE A 177 -5.69 5.77 -12.24
CA ILE A 177 -6.58 6.21 -13.30
C ILE A 177 -6.20 5.57 -14.63
N GLN A 178 -5.19 4.71 -14.60
CA GLN A 178 -4.74 4.04 -15.80
C GLN A 178 -5.76 2.99 -16.25
N VAL A 179 -6.96 3.07 -15.67
CA VAL A 179 -8.02 2.14 -16.04
C VAL A 179 -8.91 2.75 -17.10
N THR A 180 -9.89 1.97 -17.55
CA THR A 180 -10.81 2.44 -18.57
C THR A 180 -12.22 1.89 -18.30
N PRO A 181 -13.17 2.21 -19.13
CA PRO A 181 -14.56 1.72 -18.95
C PRO A 181 -14.61 0.21 -19.13
N GLN A 182 -13.53 -0.32 -19.70
CA GLN A 182 -13.41 -1.75 -19.95
C GLN A 182 -12.91 -2.47 -18.70
N GLU A 183 -11.87 -1.91 -18.06
CA GLU A 183 -11.32 -2.52 -16.86
C GLU A 183 -12.09 -2.06 -15.63
N LYS A 184 -12.46 -0.78 -15.62
CA LYS A 184 -13.20 -0.23 -14.50
C LYS A 184 -14.26 -1.20 -14.01
N GLU A 185 -15.22 -1.49 -14.89
CA GLU A 185 -16.30 -2.41 -14.55
C GLU A 185 -15.77 -3.57 -13.71
N ALA A 186 -14.48 -3.82 -13.83
CA ALA A 186 -13.84 -4.91 -13.08
C ALA A 186 -13.49 -4.44 -11.66
N ILE A 187 -13.00 -3.20 -11.56
CA ILE A 187 -12.64 -2.65 -10.27
C ILE A 187 -13.84 -2.63 -9.32
N GLU A 188 -14.87 -1.89 -9.72
CA GLU A 188 -16.09 -1.81 -8.90
C GLU A 188 -16.46 -3.18 -8.35
N ARG A 189 -16.35 -4.20 -9.20
CA ARG A 189 -16.68 -5.56 -8.78
C ARG A 189 -16.13 -5.83 -7.38
N LEU A 190 -14.96 -5.26 -7.09
CA LEU A 190 -14.34 -5.44 -5.78
C LEU A 190 -14.91 -4.45 -4.77
N LYS A 191 -15.16 -3.23 -5.23
CA LYS A 191 -15.71 -2.20 -4.36
C LYS A 191 -17.08 -2.62 -3.84
N ALA A 192 -17.85 -3.29 -4.68
CA ALA A 192 -19.19 -3.74 -4.29
C ALA A 192 -19.13 -4.51 -2.98
N LEU A 193 -17.93 -4.92 -2.59
CA LEU A 193 -17.75 -5.67 -1.35
C LEU A 193 -17.88 -4.73 -0.15
N GLY A 194 -18.18 -3.47 -0.42
CA GLY A 194 -18.33 -2.49 0.66
C GLY A 194 -17.13 -1.57 0.73
N PHE A 195 -16.64 -1.15 -0.43
CA PHE A 195 -15.48 -0.26 -0.50
C PHE A 195 -15.69 0.84 -1.53
N PRO A 196 -15.15 1.99 -1.29
CA PRO A 196 -15.28 3.16 -2.22
C PRO A 196 -14.87 2.80 -3.65
N GLU A 197 -15.37 3.57 -4.60
CA GLU A 197 -15.04 3.33 -6.01
C GLU A 197 -13.56 3.57 -6.26
N SER A 198 -13.02 4.61 -5.62
CA SER A 198 -11.60 4.95 -5.78
C SER A 198 -10.75 4.03 -4.91
N LEU A 199 -11.24 3.72 -3.72
CA LEU A 199 -10.52 2.84 -2.80
C LEU A 199 -10.08 1.57 -3.51
N VAL A 200 -10.91 1.10 -4.44
CA VAL A 200 -10.59 -0.11 -5.18
C VAL A 200 -9.50 0.16 -6.21
N ILE A 201 -9.70 1.20 -7.02
CA ILE A 201 -8.72 1.56 -8.04
C ILE A 201 -7.30 1.42 -7.50
N GLN A 202 -7.09 1.89 -6.28
CA GLN A 202 -5.77 1.81 -5.65
C GLN A 202 -5.35 0.36 -5.49
N ALA A 203 -6.18 -0.42 -4.79
CA ALA A 203 -5.86 -1.83 -4.57
C ALA A 203 -5.69 -2.55 -5.90
N TYR A 204 -6.49 -2.17 -6.88
CA TYR A 204 -6.41 -2.79 -8.20
C TYR A 204 -5.02 -2.62 -8.80
N PHE A 205 -4.60 -1.37 -8.96
CA PHE A 205 -3.28 -1.08 -9.51
C PHE A 205 -2.19 -1.59 -8.58
N ALA A 206 -2.47 -1.59 -7.28
CA ALA A 206 -1.50 -2.05 -6.30
C ALA A 206 -1.27 -3.55 -6.43
N CYS A 207 -2.21 -4.23 -7.08
CA CYS A 207 -2.11 -5.67 -7.27
C CYS A 207 -1.90 -6.01 -8.74
N GLU A 208 -1.46 -5.02 -9.52
CA GLU A 208 -1.22 -5.22 -10.94
C GLU A 208 -2.55 -5.40 -11.68
N LYS A 209 -3.57 -4.69 -11.22
CA LYS A 209 -4.89 -4.77 -11.85
C LYS A 209 -5.43 -6.20 -11.77
N ASN A 210 -5.14 -6.88 -10.67
CA ASN A 210 -5.60 -8.24 -10.48
C ASN A 210 -6.85 -8.27 -9.60
N GLU A 211 -8.01 -8.24 -10.23
CA GLU A 211 -9.27 -8.26 -9.50
C GLU A 211 -9.26 -9.38 -8.46
N ASN A 212 -8.53 -10.45 -8.75
CA ASN A 212 -8.44 -11.58 -7.84
C ASN A 212 -7.53 -11.25 -6.67
N LEU A 213 -6.31 -10.83 -6.98
CA LEU A 213 -5.35 -10.49 -5.94
C LEU A 213 -5.81 -9.25 -5.17
N ALA A 214 -6.09 -8.17 -5.89
CA ALA A 214 -6.52 -6.94 -5.25
C ALA A 214 -7.62 -7.23 -4.24
N ALA A 215 -8.44 -8.24 -4.52
CA ALA A 215 -9.52 -8.61 -3.62
C ALA A 215 -8.98 -9.36 -2.40
N ASN A 216 -7.98 -10.20 -2.63
CA ASN A 216 -7.38 -10.97 -1.54
C ASN A 216 -6.81 -10.03 -0.48
N PHE A 217 -6.03 -9.05 -0.92
CA PHE A 217 -5.42 -8.09 0.00
C PHE A 217 -6.47 -7.13 0.54
N LEU A 218 -7.52 -6.91 -0.24
CA LEU A 218 -8.59 -6.01 0.16
C LEU A 218 -9.58 -6.72 1.07
N LEU A 219 -9.68 -8.05 0.90
CA LEU A 219 -10.59 -8.84 1.72
C LEU A 219 -9.97 -9.18 3.06
N SER A 220 -8.65 -9.09 3.13
CA SER A 220 -7.93 -9.38 4.38
C SER A 220 -7.40 -8.08 4.98
N GLN A 221 -7.79 -6.96 4.39
CA GLN A 221 -7.34 -5.65 4.85
C GLN A 221 -7.94 -5.29 6.21
N ASN A 222 -7.85 -6.20 7.16
CA ASN A 222 -8.39 -5.95 8.51
C ASN A 222 -9.83 -5.45 8.44
N PHE A 223 -10.75 -6.22 9.02
CA PHE A 223 -12.16 -5.86 9.02
C PHE A 223 -13.03 -7.10 9.09
ZN ZN B . -0.93 -3.88 10.01
N GLU A 13 24.14 -3.53 -12.21
CA GLU A 13 22.86 -3.01 -11.77
C GLU A 13 22.48 -3.61 -10.42
N PRO A 14 22.17 -2.78 -9.46
CA PRO A 14 21.77 -3.23 -8.10
C PRO A 14 20.35 -3.79 -8.06
N TYR A 15 19.44 -3.13 -8.76
CA TYR A 15 18.06 -3.58 -8.81
C TYR A 15 17.98 -5.08 -9.07
N ASN A 16 19.11 -5.68 -9.45
CA ASN A 16 19.15 -7.11 -9.73
C ASN A 16 19.45 -7.90 -8.45
N GLU A 17 20.70 -7.83 -7.98
CA GLU A 17 21.10 -8.55 -6.79
C GLU A 17 20.83 -7.70 -5.55
N TRP A 18 21.12 -6.41 -5.67
CA TRP A 18 20.93 -5.48 -4.57
C TRP A 18 19.46 -5.38 -4.16
N THR A 19 18.59 -5.17 -5.14
CA THR A 19 17.17 -5.05 -4.87
C THR A 19 16.70 -6.10 -3.88
N LEU A 20 17.38 -7.25 -3.86
CA LEU A 20 17.00 -8.32 -2.94
C LEU A 20 17.30 -7.92 -1.49
N GLU A 21 18.48 -7.35 -1.28
CA GLU A 21 18.89 -6.92 0.06
C GLU A 21 17.82 -6.00 0.67
N LEU A 22 17.48 -4.94 -0.06
CA LEU A 22 16.47 -4.00 0.43
C LEU A 22 15.07 -4.61 0.34
N LEU A 23 14.91 -5.56 -0.57
CA LEU A 23 13.62 -6.22 -0.76
C LEU A 23 13.21 -6.95 0.52
N GLU A 24 14.13 -7.74 1.06
CA GLU A 24 13.85 -8.49 2.28
C GLU A 24 13.61 -7.54 3.46
N GLU A 25 14.48 -6.55 3.60
CA GLU A 25 14.36 -5.58 4.68
C GLU A 25 13.15 -4.69 4.45
N LEU A 26 12.68 -4.62 3.22
CA LEU A 26 11.53 -3.80 2.88
C LEU A 26 10.24 -4.57 3.10
N LYS A 27 10.15 -5.76 2.51
CA LYS A 27 8.96 -6.59 2.65
C LYS A 27 8.87 -7.17 4.07
N SER A 28 10.03 -7.37 4.68
CA SER A 28 10.08 -7.92 6.03
C SER A 28 9.20 -7.09 6.97
N GLU A 29 8.96 -5.84 6.59
CA GLU A 29 8.14 -4.95 7.42
C GLU A 29 6.65 -5.23 7.18
N ALA A 30 6.27 -5.31 5.91
CA ALA A 30 4.87 -5.56 5.56
C ALA A 30 4.56 -7.06 5.62
N VAL A 31 5.33 -7.84 4.87
CA VAL A 31 5.12 -9.28 4.83
C VAL A 31 4.96 -9.84 6.24
N ARG A 32 5.45 -9.10 7.23
CA ARG A 32 5.34 -9.55 8.61
C ARG A 32 3.91 -9.44 9.11
N HIS A 33 3.23 -8.35 8.75
CA HIS A 33 1.85 -8.16 9.16
C HIS A 33 0.94 -8.11 7.94
N PHE A 34 1.38 -8.70 6.84
CA PHE A 34 0.60 -8.71 5.61
C PHE A 34 -0.14 -10.04 5.47
N PRO A 35 -1.37 -10.01 5.05
CA PRO A 35 -2.20 -11.23 4.87
C PRO A 35 -1.47 -12.30 4.06
N ARG A 36 -1.34 -13.48 4.64
CA ARG A 36 -0.65 -14.58 3.98
C ARG A 36 -1.19 -14.78 2.56
N ILE A 37 -2.50 -14.63 2.41
CA ILE A 37 -3.14 -14.79 1.11
C ILE A 37 -2.52 -13.87 0.08
N TRP A 38 -2.60 -12.57 0.34
CA TRP A 38 -2.04 -11.58 -0.57
C TRP A 38 -0.58 -11.90 -0.88
N LEU A 39 0.19 -12.20 0.16
CA LEU A 39 1.60 -12.54 -0.02
C LEU A 39 1.74 -13.76 -0.90
N HIS A 40 0.69 -14.59 -0.93
CA HIS A 40 0.69 -15.80 -1.74
C HIS A 40 0.26 -15.48 -3.16
N ASN A 41 -0.91 -14.90 -3.31
CA ASN A 41 -1.43 -14.55 -4.63
C ASN A 41 -0.58 -13.46 -5.26
N LEU A 42 0.06 -12.65 -4.42
CA LEU A 42 0.90 -11.57 -4.91
C LEU A 42 2.08 -12.13 -5.69
N GLY A 43 2.87 -12.96 -5.05
CA GLY A 43 4.03 -13.57 -5.70
C GLY A 43 3.60 -14.58 -6.75
N GLN A 44 2.37 -15.07 -6.61
CA GLN A 44 1.83 -16.06 -7.55
C GLN A 44 1.35 -15.37 -8.83
N HIS A 45 0.50 -14.37 -8.67
CA HIS A 45 -0.03 -13.64 -9.82
C HIS A 45 1.07 -12.81 -10.48
N ILE A 46 1.72 -11.96 -9.71
CA ILE A 46 2.79 -11.12 -10.24
C ILE A 46 3.87 -12.00 -10.87
N TYR A 47 3.91 -13.26 -10.47
CA TYR A 47 4.90 -14.18 -11.01
C TYR A 47 4.43 -14.76 -12.34
N GLU A 48 3.15 -15.06 -12.42
CA GLU A 48 2.58 -15.62 -13.65
C GLU A 48 2.36 -14.52 -14.68
N THR A 49 2.04 -13.32 -14.21
CA THR A 49 1.82 -12.20 -15.11
C THR A 49 3.13 -11.73 -15.74
N TYR A 50 4.07 -11.32 -14.90
CA TYR A 50 5.36 -10.87 -15.39
C TYR A 50 6.25 -12.06 -15.77
N GLY A 51 5.98 -13.20 -15.15
CA GLY A 51 6.75 -14.41 -15.43
C GLY A 51 8.01 -14.45 -14.58
N ASP A 52 9.17 -14.46 -15.23
CA ASP A 52 10.44 -14.51 -14.52
C ASP A 52 11.22 -13.22 -14.74
N THR A 53 10.75 -12.40 -15.66
CA THR A 53 11.41 -11.13 -15.96
C THR A 53 11.70 -10.37 -14.67
N TRP A 54 12.59 -9.38 -14.76
CA TRP A 54 12.96 -8.59 -13.59
C TRP A 54 11.87 -7.56 -13.29
N ALA A 55 11.09 -7.21 -14.31
CA ALA A 55 10.02 -6.24 -14.14
C ALA A 55 9.09 -6.66 -13.01
N GLY A 56 8.68 -7.91 -13.02
CA GLY A 56 7.79 -8.43 -11.98
C GLY A 56 8.37 -8.17 -10.59
N VAL A 57 9.60 -8.60 -10.39
CA VAL A 57 10.26 -8.42 -9.10
C VAL A 57 10.43 -6.94 -8.79
N GLU A 58 10.49 -6.12 -9.84
CA GLU A 58 10.65 -4.68 -9.67
C GLU A 58 9.33 -4.03 -9.32
N ALA A 59 8.24 -4.58 -9.86
CA ALA A 59 6.90 -4.04 -9.61
C ALA A 59 6.37 -4.56 -8.28
N ILE A 60 6.86 -5.73 -7.87
CA ILE A 60 6.42 -6.33 -6.61
C ILE A 60 6.82 -5.45 -5.42
N ILE A 61 7.90 -4.68 -5.60
CA ILE A 61 8.38 -3.81 -4.54
C ILE A 61 7.46 -2.60 -4.39
N ARG A 62 7.32 -1.83 -5.47
CA ARG A 62 6.48 -0.64 -5.44
C ARG A 62 5.10 -0.98 -4.87
N ILE A 63 4.41 -1.92 -5.52
CA ILE A 63 3.09 -2.32 -5.07
C ILE A 63 3.12 -2.75 -3.61
N LEU A 64 4.10 -3.57 -3.25
CA LEU A 64 4.23 -4.04 -1.88
C LEU A 64 4.38 -2.87 -0.93
N GLN A 65 5.41 -2.07 -1.15
CA GLN A 65 5.66 -0.90 -0.30
C GLN A 65 4.48 0.05 -0.33
N GLN A 66 3.85 0.17 -1.50
CA GLN A 66 2.70 1.06 -1.65
C GLN A 66 1.47 0.46 -1.00
N LEU A 67 1.38 -0.87 -1.00
CA LEU A 67 0.24 -1.56 -0.40
C LEU A 67 0.05 -1.10 1.04
N LEU A 68 1.14 -1.04 1.79
CA LEU A 68 1.08 -0.61 3.18
C LEU A 68 0.26 0.67 3.31
N PHE A 69 0.18 1.42 2.22
CA PHE A 69 -0.57 2.68 2.22
C PHE A 69 -2.04 2.41 2.51
N ILE A 70 -2.72 1.70 1.61
CA ILE A 70 -4.12 1.39 1.79
C ILE A 70 -4.34 0.60 3.08
N HIS A 71 -3.37 -0.24 3.42
CA HIS A 71 -3.47 -1.05 4.63
C HIS A 71 -3.57 -0.16 5.86
N PHE A 72 -3.08 1.07 5.73
CA PHE A 72 -3.12 2.02 6.84
C PHE A 72 -4.55 2.52 7.05
N ARG A 73 -5.13 3.09 6.01
CA ARG A 73 -6.50 3.61 6.09
C ARG A 73 -7.41 2.60 6.79
N ILE A 74 -7.53 1.42 6.20
CA ILE A 74 -8.39 0.38 6.78
C ILE A 74 -8.04 0.17 8.25
N GLY A 75 -6.75 0.12 8.55
CA GLY A 75 -6.31 -0.07 9.94
C GLY A 75 -5.47 -1.33 10.07
N CYS A 76 -4.32 -1.20 10.73
CA CYS A 76 -3.43 -2.34 10.93
C CYS A 76 -3.91 -3.20 12.09
N ARG A 77 -4.58 -4.30 11.76
CA ARG A 77 -5.07 -5.20 12.79
C ARG A 77 -3.93 -6.05 13.34
N HIS A 78 -2.71 -5.66 12.98
CA HIS A 78 -1.52 -6.38 13.42
C HIS A 78 -0.74 -5.57 14.46
N SER A 79 -0.46 -6.19 15.60
CA SER A 79 0.27 -5.51 16.66
C SER A 79 1.44 -6.37 17.14
N ASN A 93 16.48 10.36 4.99
CA ASN A 93 15.03 10.38 4.84
C ASN A 93 14.53 11.83 4.73
N PRO A 94 14.13 12.24 3.55
CA PRO A 94 13.63 13.61 3.30
C PRO A 94 12.23 13.82 3.88
N LEU A 95 11.72 12.79 4.55
CA LEU A 95 10.40 12.87 5.15
C LEU A 95 10.48 12.78 6.67
N GLU A 96 11.71 12.88 7.19
CA GLU A 96 11.91 12.80 8.63
C GLU A 96 11.16 13.92 9.33
N PHE A 97 11.40 15.16 8.90
CA PHE A 97 10.74 16.30 9.50
C PHE A 97 9.22 16.09 9.49
N LEU A 98 8.78 15.08 8.76
CA LEU A 98 7.36 14.76 8.68
C LEU A 98 6.75 14.66 10.07
N ARG A 99 7.55 14.25 11.03
CA ARG A 99 7.08 14.13 12.41
C ARG A 99 6.69 15.48 12.98
N ASP A 100 7.24 16.54 12.40
CA ASP A 100 6.95 17.89 12.85
C ASP A 100 5.78 18.50 12.07
N GLN A 101 5.12 17.67 11.27
CA GLN A 101 3.99 18.14 10.47
C GLN A 101 2.70 17.47 10.95
N PRO A 102 1.72 18.26 11.32
CA PRO A 102 0.41 17.73 11.80
C PRO A 102 -0.14 16.64 10.90
N GLN A 103 -0.13 16.89 9.60
CA GLN A 103 -0.64 15.91 8.65
C GLN A 103 -0.15 14.51 8.99
N PHE A 104 1.10 14.43 9.45
CA PHE A 104 1.68 13.14 9.82
C PHE A 104 1.33 12.77 11.26
N GLN A 105 1.68 13.66 12.19
CA GLN A 105 1.39 13.42 13.60
C GLN A 105 -0.12 13.44 13.84
N ASN A 106 -0.76 14.52 13.42
CA ASN A 106 -2.19 14.67 13.58
C ASN A 106 -2.91 13.37 13.19
N MET A 107 -2.53 12.82 12.05
CA MET A 107 -3.14 11.59 11.57
C MET A 107 -2.59 10.38 12.33
N ARG A 108 -1.38 10.52 12.85
CA ARG A 108 -0.75 9.43 13.60
C ARG A 108 -1.66 8.96 14.73
N GLN A 109 -2.41 9.89 15.32
CA GLN A 109 -3.31 9.55 16.41
C GLN A 109 -4.64 9.05 15.88
N VAL A 110 -4.96 9.43 14.65
CA VAL A 110 -6.21 9.02 14.03
C VAL A 110 -6.03 7.75 13.20
N ILE A 111 -4.79 7.47 12.82
CA ILE A 111 -4.49 6.30 12.01
C ILE A 111 -4.25 5.07 12.89
N GLN A 112 -3.40 5.23 13.90
CA GLN A 112 -3.08 4.12 14.80
C GLN A 112 -4.18 3.93 15.84
N GLN A 113 -5.02 4.94 16.01
CA GLN A 113 -6.12 4.86 16.98
C GLN A 113 -7.40 4.43 16.29
N ASN A 114 -7.75 5.12 15.20
CA ASN A 114 -8.96 4.80 14.46
C ASN A 114 -8.77 5.05 12.97
N PRO A 115 -8.02 4.20 12.32
CA PRO A 115 -7.75 4.31 10.86
C PRO A 115 -8.98 4.76 10.08
N ALA A 116 -10.15 4.61 10.70
CA ALA A 116 -11.40 5.00 10.06
C ALA A 116 -11.38 6.49 9.71
N LEU A 117 -10.32 7.17 10.10
CA LEU A 117 -10.20 8.60 9.80
C LEU A 117 -9.03 8.87 8.88
N LEU A 118 -8.06 7.96 8.85
CA LEU A 118 -6.89 8.12 8.00
C LEU A 118 -7.30 8.35 6.55
N PRO A 119 -8.24 7.57 6.05
CA PRO A 119 -8.72 7.70 4.65
C PRO A 119 -8.98 9.15 4.26
N ALA A 120 -9.42 9.95 5.23
CA ALA A 120 -9.71 11.36 4.97
C ALA A 120 -8.45 12.21 5.11
N LEU A 121 -7.84 12.15 6.29
CA LEU A 121 -6.62 12.93 6.55
C LEU A 121 -5.65 12.80 5.38
N LEU A 122 -5.36 11.57 4.98
CA LEU A 122 -4.43 11.33 3.88
C LEU A 122 -4.69 12.32 2.75
N GLN A 123 -5.95 12.63 2.51
CA GLN A 123 -6.31 13.55 1.45
C GLN A 123 -5.84 14.96 1.79
N GLN A 124 -5.84 15.28 3.09
CA GLN A 124 -5.40 16.60 3.53
C GLN A 124 -3.89 16.62 3.70
N LEU A 125 -3.29 15.45 3.87
CA LEU A 125 -1.85 15.35 4.04
C LEU A 125 -1.13 15.77 2.76
N GLY A 126 -1.54 15.20 1.63
CA GLY A 126 -0.93 15.53 0.35
C GLY A 126 -1.43 16.89 -0.15
N GLN A 127 -2.51 17.36 0.45
CA GLN A 127 -3.09 18.65 0.05
C GLN A 127 -2.26 19.79 0.62
N GLU A 128 -1.66 19.57 1.79
CA GLU A 128 -0.84 20.58 2.43
C GLU A 128 0.64 20.35 2.12
N ASN A 129 0.96 19.14 1.69
CA ASN A 129 2.34 18.80 1.36
C ASN A 129 2.39 17.73 0.28
N PRO A 130 2.32 18.12 -0.97
CA PRO A 130 2.36 17.18 -2.13
C PRO A 130 3.68 16.42 -2.20
N GLN A 131 4.79 17.16 -2.06
CA GLN A 131 6.11 16.54 -2.10
C GLN A 131 6.23 15.45 -1.05
N LEU A 132 5.42 15.56 0.00
CA LEU A 132 5.45 14.58 1.08
C LEU A 132 4.57 13.38 0.73
N LEU A 133 3.39 13.65 0.19
CA LEU A 133 2.47 12.58 -0.19
C LEU A 133 3.13 11.66 -1.21
N GLN A 134 3.62 12.24 -2.30
CA GLN A 134 4.29 11.46 -3.33
C GLN A 134 5.40 10.63 -2.74
N GLN A 135 5.99 11.12 -1.66
CA GLN A 135 7.07 10.42 -1.00
C GLN A 135 6.51 9.39 -0.01
N ILE A 136 5.40 9.75 0.62
CA ILE A 136 4.75 8.86 1.59
C ILE A 136 4.64 7.45 1.03
N SER A 137 3.90 7.30 -0.05
CA SER A 137 3.71 6.00 -0.67
C SER A 137 5.04 5.46 -1.20
N ARG A 138 5.97 6.36 -1.46
CA ARG A 138 7.28 5.98 -1.97
C ARG A 138 8.17 5.43 -0.85
N HIS A 139 7.86 5.81 0.39
CA HIS A 139 8.63 5.34 1.53
C HIS A 139 7.73 4.81 2.63
N GLN A 140 6.68 4.09 2.24
CA GLN A 140 5.74 3.52 3.20
C GLN A 140 6.48 2.94 4.39
N GLU A 141 7.30 1.93 4.14
CA GLU A 141 8.04 1.29 5.22
C GLU A 141 8.54 2.34 6.20
N GLN A 142 9.42 3.21 5.75
CA GLN A 142 9.94 4.26 6.63
C GLN A 142 8.78 5.07 7.20
N PHE A 143 7.66 5.06 6.49
CA PHE A 143 6.47 5.81 6.92
C PHE A 143 5.65 4.98 7.92
N ILE A 144 5.75 3.66 7.81
CA ILE A 144 4.98 2.79 8.70
C ILE A 144 5.61 2.72 10.08
N GLN A 145 6.83 2.20 10.14
CA GLN A 145 7.54 2.07 11.41
C GLN A 145 7.27 3.28 12.29
N MET A 146 7.13 4.45 11.66
CA MET A 146 6.86 5.68 12.40
C MET A 146 5.35 5.82 12.65
N LEU A 147 4.55 5.70 11.59
CA LEU A 147 3.11 5.82 11.73
C LEU A 147 2.54 4.62 12.49
N ASN A 148 3.40 3.63 12.75
CA ASN A 148 2.97 2.44 13.47
C ASN A 148 3.11 2.63 14.97
N GLU A 149 3.69 3.77 15.36
CA GLU A 149 3.88 4.07 16.77
C GLU A 149 3.34 5.46 17.10
N PRO A 150 2.53 5.56 18.12
CA PRO A 150 1.93 6.86 18.55
C PRO A 150 2.97 7.95 18.73
N PRO A 151 2.68 9.13 18.28
CA PRO A 151 3.62 10.29 18.39
C PRO A 151 4.12 10.49 19.82
N ILE A 177 -6.76 6.33 -10.57
CA ILE A 177 -7.68 6.29 -11.68
C ILE A 177 -7.08 5.53 -12.86
N GLN A 178 -6.63 6.25 -13.88
CA GLN A 178 -6.04 5.61 -15.05
C GLN A 178 -6.85 4.37 -15.42
N VAL A 179 -8.09 4.32 -14.95
CA VAL A 179 -8.96 3.18 -15.24
C VAL A 179 -9.92 3.52 -16.36
N THR A 180 -10.62 2.50 -16.84
CA THR A 180 -11.58 2.69 -17.91
C THR A 180 -12.77 1.75 -17.70
N PRO A 181 -13.86 2.02 -18.33
CA PRO A 181 -15.09 1.17 -18.19
C PRO A 181 -14.74 -0.29 -18.46
N GLN A 182 -13.55 -0.49 -19.02
CA GLN A 182 -13.08 -1.82 -19.36
C GLN A 182 -12.39 -2.48 -18.17
N GLU A 183 -11.41 -1.79 -17.58
CA GLU A 183 -10.69 -2.35 -16.44
C GLU A 183 -11.38 -2.00 -15.12
N LYS A 184 -12.11 -0.89 -15.13
CA LYS A 184 -12.81 -0.44 -13.95
C LYS A 184 -14.11 -1.22 -13.77
N GLU A 185 -14.81 -1.50 -14.87
CA GLU A 185 -16.06 -2.24 -14.79
C GLU A 185 -15.94 -3.33 -13.72
N ALA A 186 -14.74 -3.88 -13.59
CA ALA A 186 -14.48 -4.91 -12.60
C ALA A 186 -14.15 -4.28 -11.26
N ILE A 187 -13.40 -3.19 -11.30
CA ILE A 187 -13.00 -2.48 -10.10
C ILE A 187 -14.17 -2.35 -9.14
N GLU A 188 -15.23 -1.66 -9.58
CA GLU A 188 -16.40 -1.47 -8.74
C GLU A 188 -16.97 -2.81 -8.27
N ARG A 189 -16.68 -3.87 -9.01
CA ARG A 189 -17.17 -5.20 -8.64
C ARG A 189 -16.40 -5.72 -7.43
N LEU A 190 -15.15 -5.30 -7.30
CA LEU A 190 -14.34 -5.72 -6.17
C LEU A 190 -14.92 -5.13 -4.89
N LYS A 191 -15.38 -3.89 -4.98
CA LYS A 191 -15.96 -3.21 -3.83
C LYS A 191 -17.42 -3.61 -3.65
N ALA A 192 -18.03 -4.10 -4.73
CA ALA A 192 -19.42 -4.52 -4.68
C ALA A 192 -19.71 -5.30 -3.40
N LEU A 193 -18.66 -5.77 -2.75
CA LEU A 193 -18.80 -6.53 -1.51
C LEU A 193 -18.98 -5.60 -0.32
N GLY A 194 -19.15 -4.31 -0.58
CA GLY A 194 -19.33 -3.34 0.48
C GLY A 194 -18.05 -2.54 0.73
N PHE A 195 -17.59 -1.85 -0.30
CA PHE A 195 -16.37 -1.04 -0.18
C PHE A 195 -16.46 0.18 -1.09
N PRO A 196 -15.67 1.19 -0.83
CA PRO A 196 -15.65 2.43 -1.65
C PRO A 196 -15.05 2.20 -3.02
N GLU A 197 -15.51 2.99 -3.99
CA GLU A 197 -15.02 2.87 -5.36
C GLU A 197 -13.57 3.34 -5.45
N SER A 198 -13.17 4.22 -4.53
CA SER A 198 -11.82 4.74 -4.52
C SER A 198 -10.82 3.71 -4.01
N LEU A 199 -11.20 3.03 -2.93
CA LEU A 199 -10.32 2.01 -2.35
C LEU A 199 -10.07 0.87 -3.33
N VAL A 200 -10.95 0.74 -4.32
CA VAL A 200 -10.80 -0.32 -5.31
C VAL A 200 -9.69 0.01 -6.30
N ILE A 201 -9.86 1.10 -7.04
CA ILE A 201 -8.87 1.52 -8.02
C ILE A 201 -7.46 1.34 -7.47
N GLN A 202 -7.28 1.69 -6.20
CA GLN A 202 -5.97 1.57 -5.56
C GLN A 202 -5.63 0.11 -5.31
N ALA A 203 -6.56 -0.62 -4.70
CA ALA A 203 -6.34 -2.02 -4.41
C ALA A 203 -6.08 -2.81 -5.69
N TYR A 204 -6.71 -2.36 -6.78
CA TYR A 204 -6.54 -3.02 -8.07
C TYR A 204 -5.20 -2.62 -8.70
N PHE A 205 -4.87 -1.34 -8.61
CA PHE A 205 -3.63 -0.84 -9.16
C PHE A 205 -2.46 -1.13 -8.22
N ALA A 206 -2.79 -1.39 -6.96
CA ALA A 206 -1.78 -1.69 -5.96
C ALA A 206 -1.43 -3.18 -5.99
N CYS A 207 -2.27 -3.97 -6.63
CA CYS A 207 -2.05 -5.41 -6.73
C CYS A 207 -1.64 -5.79 -8.14
N GLU A 208 -1.23 -4.80 -8.92
CA GLU A 208 -0.81 -5.06 -10.30
C GLU A 208 -2.00 -5.35 -11.19
N LYS A 209 -2.99 -4.47 -11.17
CA LYS A 209 -4.19 -4.63 -11.97
C LYS A 209 -4.68 -6.08 -11.95
N ASN A 210 -4.19 -6.84 -10.98
CA ASN A 210 -4.58 -8.25 -10.86
C ASN A 210 -5.88 -8.37 -10.06
N GLU A 211 -6.99 -8.54 -10.76
CA GLU A 211 -8.28 -8.68 -10.11
C GLU A 211 -8.19 -9.71 -8.98
N ASN A 212 -7.74 -10.92 -9.33
CA ASN A 212 -7.61 -11.97 -8.33
C ASN A 212 -6.97 -11.43 -7.06
N LEU A 213 -5.79 -10.84 -7.20
CA LEU A 213 -5.09 -10.28 -6.06
C LEU A 213 -5.91 -9.16 -5.43
N ALA A 214 -6.57 -8.37 -6.28
CA ALA A 214 -7.39 -7.26 -5.79
C ALA A 214 -8.43 -7.78 -4.80
N ALA A 215 -9.17 -8.81 -5.21
CA ALA A 215 -10.20 -9.39 -4.34
C ALA A 215 -9.56 -9.87 -3.04
N ASN A 216 -8.34 -10.37 -3.13
CA ASN A 216 -7.63 -10.86 -1.96
C ASN A 216 -7.25 -9.70 -1.04
N PHE A 217 -6.49 -8.74 -1.57
CA PHE A 217 -6.08 -7.59 -0.80
C PHE A 217 -7.30 -6.88 -0.21
N LEU A 218 -8.44 -7.05 -0.85
CA LEU A 218 -9.67 -6.43 -0.38
C LEU A 218 -10.24 -7.21 0.81
N LEU A 219 -10.31 -8.53 0.66
CA LEU A 219 -10.83 -9.38 1.73
C LEU A 219 -9.74 -9.67 2.76
N SER A 220 -8.50 -9.38 2.40
CA SER A 220 -7.37 -9.61 3.30
C SER A 220 -6.89 -8.30 3.89
N GLN A 221 -7.66 -7.24 3.70
CA GLN A 221 -7.31 -5.92 4.21
C GLN A 221 -7.45 -5.87 5.74
N ASN A 222 -6.89 -6.87 6.41
CA ASN A 222 -6.93 -6.93 7.86
C ASN A 222 -8.36 -6.95 8.38
N PHE A 223 -8.95 -5.77 8.55
CA PHE A 223 -10.33 -5.64 9.06
C PHE A 223 -10.85 -6.98 9.57
ZN ZN B . -0.78 -4.51 9.57
#